data_6TUT
#
_entry.id   6TUT
#
loop_
_entity.id
_entity.type
_entity.pdbx_description
1 polymer 'DNA-directed RNA polymerase III subunit RPC1'
2 polymer 'DNA-directed RNA polymerase III subunit RPC2'
3 polymer 'DNA-directed RNA polymerases I and III subunit RPAC1'
4 polymer 'DNA-directed RNA polymerase III subunit RPC9'
5 polymer 'DNA-directed RNA polymerases I, II, and III subunit RPABC1'
6 polymer 'DNA-directed RNA polymerases I, II, and III subunit RPABC2'
7 polymer 'DNA-directed RNA polymerase III subunit RPC8'
8 polymer 'DNA-directed RNA polymerases I, II, and III subunit RPABC3'
9 polymer 'DNA-directed RNA polymerase III subunit RPC10'
10 polymer 'DNA-directed RNA polymerases I, II, and III subunit RPABC5'
11 polymer 'DNA-directed RNA polymerases I and III subunit RPAC2'
12 polymer 'DNA-directed RNA polymerases I, II, and III subunit RPABC4'
13 polymer 'DNA-directed RNA polymerase III subunit RPC5'
14 polymer 'DNA-directed RNA polymerase III subunit RPC4'
15 polymer 'DNA-directed RNA polymerase III subunit RPC3'
16 polymer 'DNA-directed RNA polymerase III subunit RPC6'
17 polymer 'DNA-directed RNA polymerase III subunit RPC7'
18 polymer 'Repressor of RNA polymerase III transcription MAF1,Repressor of RNA polymerase III transcription MAF1'
19 non-polymer 'ZINC ION'
#
loop_
_entity_poly.entity_id
_entity_poly.type
_entity_poly.pdbx_seq_one_letter_code
_entity_poly.pdbx_strand_id
1 'polypeptide(L)'
;MKEVVVSETPKRIKGLEFSALSAADIVAQSEVEVSTRDLFDLEKDRAPKANGALDPKMGVSSSSLECATCHGNLASCHGH
FGHLKLALPVFHIGYFKATIQILQGICKNCSAILLSETDKRQFLHELRRPGVDNLRRMGILKKILDQCKKQRRCLHCGAL
NGVVKKAAAGAGSAALKIIHDTFRWVGKKSAPEKDIWVGEWKEVLAHNPELERYVKRCMDDLNPLKTLNLFKQIKSADCE
LLGIDATVPSGRPETYIWRYLPAPPVCIRPSVMMQDSPASNEDDLTVKLTEIVWTSSLIKAGLDKGISINNMMEHWDYLQ
LTVAMYINSDSVNPAMLPGSSNGGGKVKPIRGFCQRLKGKQGRFRGNLSGKRVDFSGRTVISPDPNLSIDEVAVPDRVAK
VLTYPEKVTRYNRHKLQELIVNGPNVHPGANYLLKRNEDARRNLRYGDRMKLAKNLQIGDVVERHLEDGDVVLFNRQPSL
HRLSILSHYAKIRPWRTFRLNECVCTPYNADFDGDEMNLHVPQTEEARAEAINLMGVKNNLLTPKSGEPIIAATQDFITG
SYLISHKDSFYDRATLTQLLSMMSDGIEHFDIPPPAIMKPYYLWTGKQVFSLLIKPNHNSPVVINLDAKNKVFVPPKSKS
LPNEMSQNDGFVIIRGSQILSGVMDKSVLGDGKKHSVFYTILRDYGPQEAANAMNRMAKLCARFLGNRGFSIGINDVTPA
DDLKQKKEELVEIAYHKCDELITLFNKGELETQPGCNEEQTLEAKIGGLLSKVREEVGDVCINELDNWNAPLIMATCGSK
GSTLNVSQMVAVVGQQIISGNRVPDGFQDRSLPHFPKNSKTPQSKGFVRNSFFSGLSPPEFLFHAISGREGLVDTAVKTA
ETGYMSRRLMKSLEDLSCQYDNTVRTSANGIVQFTYGGDGLDPLEMEGNAQPVNFNRSWDHAYNITFNNQDKGLLPYAIM
ETANEILGPLEERLVRYDNSGCLVKREDLNKAEYVDQYDAERDFYHSLREYINGKATALANLRKSRGMLGLLEPPAKELQ
GIDPDETVPDNVKTSVSQLYRISEKSVRKFLEIALFKYRKARLEPGTAIGAIGAQSIGEPGTQMTLKTFHFAGVASMNVT
LGVPRIKEIINASKVISTPIINAVLVNDNDERAARVVKGRVEKTLLSDVAFYVQDVYKDNLSFIQVRIDLGTIDKLQLEL
TIEDIAVAITRASKLKIQASDVNIIGKDRIAINVFPEGYKAKSISTSAKEPSENDVFYRMQQLRRALPDVVVKGLPDISR
AVINIRDDGKRELLVEGYGLRDVMCTDGVIGSRTTTNHVLEVFSVLGIEAARYSIIREINYTMSNHGMSVDPRHIQLLGD
VMTYKGEVLGITRFGLSKMRDSVLQLASFEKTTDHLFDAAFYMKKDAVEGVSECIILGQTMSIGTGSFKVVKGTNISEKD
LVPKRCLFESLSNEAALKAN
;
A
2 'polypeptide(L)'
;MVAATKRRKTHIHKHVKDEAFDDLLKPVYKGKKLTDEINTAQDKWHLLPAFLKVKGLVKQHLDSFNYFVDTDLKKIIKAN
QLILSDVDPEFYLKYVDIRVGKKSSSSTKDYLTPPHECRLRDMTYSAPIYVDIEYTRGRNIIMHKDVEIGRMPIMLRSNK
CILYDADESKMAKLNECPLDPGGYFIVNGTEKVILVQEQLSKNRIIVEADEKKGIVQASVTSSTHERKSKTYVITKNGKI
YLKHNSIAEEIPIAIVLKACGILSDLEIMQLVCGNDSSYQDIFAVNLEESSKLDIYTQQQALEYIGAKVKTMRRQKLTIL
QEGIEAIATTVIAHLTVEALDFREKALYIAMMTRRVVMAMYNPKMIDDRDYVGNKRLELAGQLISLLFEDLFKKFNNDFK
LSIDKVLKKPNRAMEYDALLSINVHSNNITSGLNRAISTGNWSLKRFKMERAGVTHVLSRLSYISALGMMTRISSQFEKS
RKVSGPRALQPSQFGMLCTADTPEGEACGLVKNLALMTHITTDDEEEPIKKLCYVLGVEDITLIDSASLHLNYGVYLNGT
LIGSIRFPTKFVTQFRHLRRTGKVSEFISIYSNSHQMAVHIATDGGRICRPLIIVSDGQSRVKDIHLRKLLDGELDFDDF
LKLGLVEYLDVNEENDSYIALYEKDIVPSMTHLEIEPFTILGAVAGLIPYPHHNQSPRNTYQCAMGKQAIGAIAYNQFKR
IDTLLYLMTYPQQPMVKTKTIELIDYDKLPAGQNATVAVMSYSGYDIEDALVLNKSSIDRGFGRCETRRKTTTVLKRYAN
HTQDIIGGMRVDENGDPIWQHQSLGPDGLGEVGMKVQSGQIYINKSVPTNSADAPNPNNVNVQTQYREAPVIYRGPEPSH
IDQVMMSVSDNDQALIKVLLRQNRRPELGDKFSSRHGQKGVCGIIVKQEDMPFNDQGIVPDIIMNPHGFPSRMTVGKMIE
LISGKAGVLNGTLEYGTCFGGSKLEDMSKILVDQGFNYSGKDMLYSGITGECLQAYIFFGPIYYQKLKHMVLDKMHARAR
GPRAVLTRQPTEGRSRDGGLRLGEMERDCVIAYGASQLLLERLMISSDAFEVDVCDKCGLMGYSGWCTTCKSAENIIKMT
IPYAAKLLFQELLSMNIAPRLRLEDIFQQ
;
B
3 'polypeptide(L)'
;MSNIVGIEYNRVTNTTSTDFPGFSKDAENEWNVEKFKKDFEVNISSLDAREANFDLINIDTSIANAFRRIMISEVPSVAA
EYVYFFNNTSVIQDEVLAHRIGLVPLKVDPDMLTWVDSNLPDDEKFTDENTIVLSLNVKCTRNPDAPKGSTDPKELYNNA
HVYARDLKFEPQGRQSTTFADCPVVPADPDILLAKLRPGQEISLKAHCILGIGGDHAKFSPVSTASYRLLPQINILQPIK
GESARRFQKCFPPGVIGIDEGSDEAYVKDARKDTVSREVLRYEEFADKVKLGRVRNHFIFNVESAGAMTPEEIFFKSVRI
LKNKAEYLKNCPITQ
;
C
4 'polypeptide(L)'
;MKVLEERNAFLSDYEVLKFLTDLEKKHLWDQKSLAALKKSRSKGKQNRPYNHPELQGITRNVVNYLSINKNFINQEDEGE
ERESSGAKDAEKSGISKMSDESFAELMTKLNSFKLFKAEKLQIVNQLPANMVHLYSIVEECDARFDEKTIEEMLEIISGY
A
;
D
5 'polypeptide(L)'
;MDQENERNISRLWRAFRTVKEMVKDRGYFITQEEVELPLEDFKAKYCDSMGRPQRKMMSFQANPTEESISKFPDMGSLWV
EFCDEPSVGVKTMKTFVIHIQEKNFQTGIFVYQNNITPSAMKLVPSIPPATIETFNEAALVVNITHHELVPKHIRLSSDE
KRELLKRYRLKESQLPRIQRADPVALYLGLKRGEVVKIIRKSETSGRYASYRICM
;
E
6 'polypeptide(L)'
;MSDYEEAFNDGNENFEDFDVEHFSDEETYEEKPQFKDGETTDANGKTIVTGGNGPEDFQQHEQIRRKTLKEKAIPKDQRA
TTPYMTKYERARILGTRALQISMNAPVFVDLEGETDPLRIAMKELAEKKIPLVIRRYLPDGSFEDWSVEELIVDL
;
F
7 'polypeptide(L)'
;MFILSKIADLVRIPPDQFHRDTISAITHQLNNKFANKIIPNVGLCITIYDLLTVEEGQLKPGDGSSYINVTFRAVVFKPF
LGEIVTGWISKCTAEGIKVSLLGIFDDIFIPQNMLFEGCYYTPEESAWIWPMDEETKLYFDVNEKIRFRIEREVFVDVKP
KSPKERELEERAQLENEIEGKNEETPQNEKPPAYALLGSCQTDGMGLVSWWE
;
G
8 'polypeptide(L)'
;MSNTLFDDIFQVSEVDPGRYNKVCRIEAASTTQDQCKLTLDINVELFPVAAQDSLTVTIASSLNLEDTPANDSSATRSWR
PPQAGDRSLADDYDYVMYGTAYKFEEVSKDLIAVYYSFGGLLMRLEGNYRNLNNLKQENAYLLIRR
;
H
9 'polypeptide(L)'
;MLSFCPSCNNMLLITSGDSGVYTLACRSCPYEFPIEGIEIYDRKKLPRKEVDDVLGGGWDNVDQTKTQCPNYDTCGGESA
YFFQLQIRSADEPMTTFYKCVNCGHRWKEN
;
I
10 'polypeptide(L)' MIVPVRCFSCGKVVGDKWESYLNLLQEDELDEGTALSRLGLKRYCCRRMILTHVDLIEKFLRYNPLEKRD J
11 'polypeptide(L)'
;MTEDIEQKKTATEVTPQEPKHIQEEEEQDVDMTGDEEQEEEPDREKIKLLTQATSEDGTSASFQIVEEDHTLGNALRYVI
MKNPDVEFCGYSIPHPSENLLNIRIQTYGETTAVDALQKGLKDLMDLCDVVESKFTEKIKSM
;
K
12 'polypeptide(L)' MSREGFQIPTNLDAAAAGTSQARTATLKYICAECSSKLSLSRTDAVRCKDCGHRILLKARTKRLVQFEAR L
13 'polypeptide(L)'
;MSIDNKLFVTEEDEEDRTQDRADVEDESNDIDMIADENGTNSAIANEQEEKSEEVKAEDDTGEEEEDDPVIEEFPLKISG
EEESLHVFQYANRPRLVGRKPAEHPFISAARYKPKSHLWEIDIPLDEQAFYNKDKAESEWNGVNVQTLKGVGVENNGQYA
AFVKDMQVYLVPIERVAQLKPFFKYIDDANVTRKQEDARRNPNPSSQRAQVVTMSVKSVNDPSQNRLTGSLLAHKVADEE
ANIELTWAEGTFEQFKDTIVKEAEDKTLVALEKQEDYIDNLV
;
M
14 'polypeptide(L)'
;MSSNKGNGRLPSLKDSSSNGGGSAKPSLKFKPKAVARKSKEEREAAASKVKLEEESKRGNDKKHFNNKNKRVTGAGGQQR
RMAKYLNNTHVISSGPLAAGNFVSEKGDLRRGFIKSEGSGSSLVQKGLETIDNGAESSENEAEDDDNEGVASKSKKKFNM
GKEFEARNLIEDEDDGESEKSSDVDMDDEEWRSKRIEQLFPVRPVRVRHEDVETVKREIQEALSEKPTREPTPSVKTEPV
GTGLQSYLEERERQVNEKLADLGLEKEFQSVDGKEAAAELELLNADHQHILRKLKKMNNKPERFMVFQLPTRLPAFERPA
VKEEKEDMETQASDPSKKKKNIKKKDTKDALSTRELAGKVGSIRVHKSGKLSVKIGNVVMDIGKGAETTFLQDVIALSIA
DDASSAELLGRVDGKIVVTPQI
;
N
15 'polypeptide(L)'
;MDELLGEALSAENQTGESTVESEKLVTPEDVMTISSLEQRTLNPDLFLYKELVKAHLGERAASVIGMLVALGRLSVRELV
EKIDGMDVDSVKTTLVSLTQLRCVKYLQETAISGKKTTYYYYNEEGIHILLYSGLIIDEIITQMRVNDEEEHKQLVAEIV
QNVISLGSLTVEDYLSSVTSDSMKYTISSLFVQLCEMGYLIQISKLHYTPIEDLWQFLYEKHYKNIPRNSPLSDLKKRSQ
AKMNAKTDFAKIINKPNELSQILTVDPKTSLRIVKPTVSLTINLDRFMKGRRSKQLINLAKTRVGSVTAQVYKIALRLTE
QKSPKIRDPLTQTGLLQDLEEAKSFQDEAELVEEKTPGLTFNAIDLARHLPAELDLRGSLLSRKPSDNKKRSGSNAAASL
PSKKLKTEDGFVIPALPAAVSKSLQESGDTQEEDEEEEDLDADTEDPHSASLINSHLKILASSNFPFLNETKPGVYYVPY
SKLMPVLKSSVYEYVIASTLGPSAMRLSRCIRDNKLVSEKIINSTALMKEKDIRSTLASLIRYNSVEIQEVPRTADRSAS
RAVFLFRCKETHSYNFMRQNLEWNMANLLFKKEKLKQENSTLLKKANRDDVKGRENELLLPSELNQLKMVNERELNVFAR
LSRLLSLWEVFQMA
;
O
16 'polypeptide(L)'
;MSGMIENGLQLSDNAKTLHSQMMSKGIGALFTQQELQKQMGIGSLTDLMSIVQELLDKNLIKLVKQNDELKFQGVLESEA
QKKATMSAEEALVYSYIEASGREGIWSKTIKARTNLHQHVVLKCLKSLESQRYVKSVKSVKFPTRKIYMLYSLQPSVDIT
GGPWFTDGELDIEFINSLLTIVWRFISENTFPNGFKNFENGPKKNVFYAPNVKNYSTTQEILEFITAAQVANVELTPSNI
RSLCEVLVYDDKLEKVTHDCYRVTLESILQMNQGEGEPEAGNKALEDEEEFSIFNYFKMFPASKHDKEVVYFDEWTI
;
P
17 'polypeptide(L)'
;MSSYRGGSRGGGSNYMSNLPFGLGYGDVGKNHITEFPSIPLPINGPITNKERSLAVKYINFGKTVKDGPFYTGSMSLIID
QQENSKSGKRKPNIILDEDDTNDGIERYSDKYLKKRKIGISIDDHPYNLNLFPNELYNVMGINKKKLLAISKFNNADDVF
TGTGLQDENIGLSMLAKLKELAEDVDDASTGDGAAKGSKTGEGEDDDLADDDFEEDEDEEDDDDYNAEKYFNNGDDDDYG
DEEDPNEEAAF
;
Q
18 'polypeptide(L)'
;GAMGKFIDELDIERVNQTLNFETNDCKIVGSCDIFTTKAVASDRKLYKTIDQHLDTILQENENYNASSGTATNNVNKRRK
SSINERPSNLSLGPFGPINEPSSRKIFAYLIAILNASYPDHDFSSVEPTDFVKTSLKTFISKFENTLYSLGRQPEEWVWE
VINSHMTLSDCVLFQYSPSNSFLEDEPGYLWNLIGFLYNRKRKRVAYLYLICSRLNSSTGEVEDALAKKPQGKLIIDDGS
NEYEGEYDFTYDENVIDDKSDQEESLQ
;
R
#
# COMPACT_ATOMS: atom_id res chain seq x y z
N LYS A 2 -16.45 54.51 -17.79
CA LYS A 2 -17.33 54.12 -16.70
C LYS A 2 -16.79 52.88 -15.97
N GLU A 3 -16.74 51.74 -16.66
CA GLU A 3 -16.22 50.52 -16.08
C GLU A 3 -14.88 50.17 -16.69
N VAL A 4 -14.10 49.40 -15.95
CA VAL A 4 -12.70 49.16 -16.27
C VAL A 4 -12.61 47.91 -17.13
N VAL A 5 -11.69 47.92 -18.09
CA VAL A 5 -11.43 46.75 -18.94
C VAL A 5 -10.82 45.66 -18.07
N VAL A 6 -11.58 44.60 -17.83
CA VAL A 6 -11.08 43.45 -17.09
C VAL A 6 -10.59 42.41 -18.08
N SER A 7 -9.47 41.78 -17.75
CA SER A 7 -8.86 40.81 -18.65
C SER A 7 -8.44 39.59 -17.86
N GLU A 8 -8.40 38.45 -18.54
CA GLU A 8 -7.99 37.20 -17.92
C GLU A 8 -7.29 36.34 -18.94
N THR A 9 -6.24 35.68 -18.51
CA THR A 9 -5.52 34.75 -19.33
C THR A 9 -5.68 33.35 -18.76
N PRO A 10 -5.91 32.34 -19.59
CA PRO A 10 -5.92 30.97 -19.09
C PRO A 10 -4.51 30.56 -18.73
N LYS A 11 -4.33 30.09 -17.50
CA LYS A 11 -3.01 29.85 -16.98
C LYS A 11 -2.84 28.39 -16.61
N ARG A 12 -1.70 28.06 -16.02
CA ARG A 12 -1.29 26.67 -15.86
C ARG A 12 -0.21 26.58 -14.82
N ILE A 13 -0.30 25.58 -13.94
CA ILE A 13 0.70 25.37 -12.89
C ILE A 13 2.01 24.92 -13.51
N LYS A 14 3.11 25.60 -13.16
CA LYS A 14 4.41 25.20 -13.68
C LYS A 14 5.35 24.70 -12.61
N GLY A 15 4.95 24.70 -11.35
CA GLY A 15 5.83 24.26 -10.30
C GLY A 15 5.13 24.34 -8.97
N LEU A 16 5.65 23.58 -8.03
CA LEU A 16 5.31 23.75 -6.63
C LEU A 16 6.54 24.23 -5.87
N GLU A 17 6.31 25.17 -4.97
CA GLU A 17 7.36 25.62 -4.08
C GLU A 17 6.93 25.29 -2.66
N PHE A 18 7.89 24.81 -1.88
CA PHE A 18 7.63 24.30 -0.55
C PHE A 18 8.43 25.09 0.46
N SER A 19 7.78 25.53 1.52
CA SER A 19 8.44 26.22 2.61
C SER A 19 7.57 26.08 3.83
N ALA A 20 8.15 26.34 4.99
CA ALA A 20 7.29 26.50 6.15
C ALA A 20 6.65 27.88 6.11
N LEU A 21 5.69 28.09 6.99
CA LEU A 21 5.06 29.40 7.12
C LEU A 21 5.72 30.15 8.25
N SER A 22 5.63 31.48 8.19
CA SER A 22 6.15 32.34 9.25
C SER A 22 5.18 32.32 10.44
N ALA A 23 5.46 33.14 11.44
CA ALA A 23 4.38 33.49 12.35
C ALA A 23 3.50 34.58 11.77
N ALA A 24 3.97 35.25 10.71
CA ALA A 24 3.18 36.24 10.03
C ALA A 24 2.44 35.69 8.84
N ASP A 25 2.87 34.55 8.31
CA ASP A 25 2.13 33.91 7.25
C ASP A 25 0.92 33.16 7.79
N ILE A 26 1.01 32.67 9.03
CA ILE A 26 -0.11 31.98 9.65
C ILE A 26 -1.21 32.97 10.02
N VAL A 27 -0.83 34.14 10.50
CA VAL A 27 -1.82 35.16 10.86
C VAL A 27 -2.42 35.79 9.63
N ALA A 28 -1.64 35.92 8.54
CA ALA A 28 -2.13 36.60 7.35
C ALA A 28 -3.21 35.81 6.63
N GLN A 29 -3.24 34.50 6.79
CA GLN A 29 -4.27 33.68 6.18
C GLN A 29 -5.39 33.37 7.15
N SER A 30 -5.29 33.81 8.39
CA SER A 30 -6.24 33.46 9.42
C SER A 30 -7.50 34.29 9.30
N GLU A 31 -8.57 33.78 9.90
CA GLU A 31 -9.83 34.50 10.01
C GLU A 31 -10.28 34.70 11.44
N VAL A 32 -9.94 33.79 12.34
CA VAL A 32 -10.29 33.92 13.74
C VAL A 32 -9.08 33.43 14.54
N GLU A 33 -8.98 33.90 15.77
CA GLU A 33 -7.97 33.45 16.71
C GLU A 33 -8.67 32.52 17.69
N VAL A 34 -8.40 31.22 17.59
CA VAL A 34 -9.05 30.24 18.44
C VAL A 34 -8.51 30.38 19.85
N SER A 35 -9.38 30.76 20.79
CA SER A 35 -8.92 31.09 22.13
C SER A 35 -9.63 30.36 23.25
N THR A 36 -10.77 29.72 23.00
CA THR A 36 -11.48 28.99 24.04
C THR A 36 -11.53 27.52 23.68
N ARG A 37 -11.78 26.68 24.69
CA ARG A 37 -11.93 25.25 24.44
C ARG A 37 -13.42 24.92 24.36
N ASP A 38 -14.28 25.91 24.55
CA ASP A 38 -15.72 25.71 24.52
C ASP A 38 -16.14 25.62 23.06
N LEU A 39 -16.38 24.39 22.60
CA LEU A 39 -16.89 24.18 21.25
C LEU A 39 -18.28 24.79 21.09
N PHE A 40 -19.20 24.41 21.96
CA PHE A 40 -20.58 24.82 21.87
C PHE A 40 -20.99 25.55 23.14
N ASP A 41 -21.76 26.62 22.98
CA ASP A 41 -22.49 27.17 24.11
C ASP A 41 -23.80 26.42 24.26
N LEU A 42 -23.97 25.73 25.38
CA LEU A 42 -25.06 24.78 25.52
C LEU A 42 -26.40 25.43 25.73
N GLU A 43 -26.45 26.73 26.02
CA GLU A 43 -27.72 27.38 26.29
C GLU A 43 -28.45 27.76 25.00
N LYS A 44 -27.72 28.05 23.93
CA LYS A 44 -28.35 28.32 22.63
C LYS A 44 -28.35 27.07 21.76
N ASP A 45 -28.96 26.01 22.29
CA ASP A 45 -29.33 24.80 21.55
C ASP A 45 -28.11 24.09 20.96
N ARG A 46 -26.97 24.22 21.64
CA ARG A 46 -25.68 23.63 21.25
C ARG A 46 -25.28 24.12 19.85
N ALA A 47 -25.09 25.39 19.75
CA ALA A 47 -24.61 26.08 18.56
C ALA A 47 -23.09 26.25 18.66
N PRO A 48 -22.36 26.32 17.55
CA PRO A 48 -20.89 26.42 17.63
C PRO A 48 -20.46 27.80 18.15
N LYS A 49 -19.71 27.78 19.24
CA LYS A 49 -19.39 29.00 19.96
C LYS A 49 -18.27 29.76 19.27
N ALA A 50 -18.42 31.08 19.18
CA ALA A 50 -17.45 31.93 18.50
C ALA A 50 -16.14 31.97 19.28
N ASN A 51 -15.04 32.13 18.53
CA ASN A 51 -13.65 32.16 18.96
C ASN A 51 -13.14 30.85 19.56
N GLY A 52 -13.99 29.83 19.62
CA GLY A 52 -13.54 28.48 19.86
C GLY A 52 -13.30 27.79 18.54
N ALA A 53 -13.08 26.49 18.60
CA ALA A 53 -13.04 25.73 17.37
C ALA A 53 -14.44 25.63 16.80
N LEU A 54 -14.52 25.24 15.52
CA LEU A 54 -15.75 25.16 14.73
C LEU A 54 -16.47 26.50 14.65
N ASP A 55 -15.73 27.59 14.75
CA ASP A 55 -16.33 28.92 14.63
C ASP A 55 -16.72 29.13 13.17
N PRO A 56 -17.97 29.55 12.89
CA PRO A 56 -18.41 29.71 11.49
C PRO A 56 -17.64 30.66 10.59
N LYS A 57 -16.64 31.37 11.11
CA LYS A 57 -15.67 32.03 10.24
C LYS A 57 -14.64 31.06 9.68
N MET A 58 -14.60 29.83 10.18
CA MET A 58 -13.66 28.82 9.71
C MET A 58 -14.30 27.81 8.78
N GLY A 59 -15.58 27.95 8.48
CA GLY A 59 -16.28 27.03 7.63
C GLY A 59 -17.47 26.41 8.33
N VAL A 60 -18.11 25.49 7.63
CA VAL A 60 -19.36 24.92 8.10
C VAL A 60 -19.32 23.41 7.87
N SER A 61 -19.97 22.66 8.77
CA SER A 61 -19.99 21.21 8.70
C SER A 61 -21.32 20.66 8.17
N SER A 62 -22.40 21.40 8.33
CA SER A 62 -23.70 21.00 7.79
C SER A 62 -24.00 21.78 6.52
N SER A 63 -24.98 21.29 5.77
CA SER A 63 -25.47 22.00 4.60
C SER A 63 -26.61 22.95 4.95
N SER A 64 -27.06 22.96 6.20
CA SER A 64 -28.11 23.87 6.63
C SER A 64 -27.54 25.22 7.05
N LEU A 65 -26.54 25.23 7.90
CA LEU A 65 -25.89 26.47 8.31
C LEU A 65 -25.00 27.00 7.19
N GLU A 66 -24.63 28.27 7.31
CA GLU A 66 -23.76 28.90 6.33
C GLU A 66 -22.52 29.45 7.01
N CYS A 67 -21.49 29.68 6.20
CA CYS A 67 -20.25 30.24 6.69
C CYS A 67 -20.43 31.70 7.07
N ALA A 68 -19.46 32.23 7.82
CA ALA A 68 -19.52 33.62 8.24
C ALA A 68 -18.50 34.49 7.53
N THR A 69 -17.63 33.92 6.72
CA THR A 69 -16.69 34.69 5.91
C THR A 69 -17.17 34.83 4.48
N CYS A 70 -17.39 33.71 3.80
CA CYS A 70 -17.86 33.72 2.43
C CYS A 70 -19.37 33.63 2.33
N HIS A 71 -20.05 33.31 3.43
CA HIS A 71 -21.50 33.12 3.52
C HIS A 71 -22.00 32.08 2.51
N GLY A 72 -21.20 31.05 2.32
CA GLY A 72 -21.57 29.93 1.49
C GLY A 72 -21.85 28.72 2.37
N ASN A 73 -22.68 27.82 1.87
CA ASN A 73 -23.03 26.61 2.59
C ASN A 73 -21.95 25.57 2.37
N LEU A 74 -22.22 24.32 2.79
CA LEU A 74 -21.26 23.23 2.72
C LEU A 74 -20.87 22.89 1.29
N ALA A 75 -21.72 23.18 0.32
CA ALA A 75 -21.39 22.87 -1.06
C ALA A 75 -20.39 23.86 -1.65
N SER A 76 -20.48 25.13 -1.26
CA SER A 76 -19.69 26.17 -1.92
C SER A 76 -18.68 26.87 -1.04
N CYS A 77 -18.65 26.64 0.26
CA CYS A 77 -17.60 27.18 1.09
C CYS A 77 -16.29 26.43 0.85
N HIS A 78 -15.22 27.18 0.62
CA HIS A 78 -13.92 26.54 0.44
C HIS A 78 -13.24 26.23 1.75
N GLY A 79 -13.76 26.71 2.88
CA GLY A 79 -13.11 26.50 4.15
C GLY A 79 -12.06 27.55 4.42
N HIS A 80 -12.02 28.06 5.65
CA HIS A 80 -11.15 29.16 6.00
C HIS A 80 -10.33 28.78 7.22
N PHE A 81 -9.08 29.19 7.24
CA PHE A 81 -8.23 28.86 8.37
C PHE A 81 -8.53 29.77 9.55
N GLY A 82 -7.91 29.45 10.67
CA GLY A 82 -7.78 30.33 11.80
C GLY A 82 -6.36 30.21 12.30
N HIS A 83 -6.05 30.67 13.51
CA HIS A 83 -4.75 30.38 14.08
C HIS A 83 -4.90 30.22 15.58
N LEU A 84 -3.77 29.98 16.25
CA LEU A 84 -3.79 29.49 17.62
C LEU A 84 -2.45 29.87 18.25
N LYS A 85 -2.44 30.88 19.09
CA LYS A 85 -1.20 31.39 19.66
C LYS A 85 -0.79 30.57 20.87
N LEU A 86 0.35 29.90 20.78
CA LEU A 86 0.85 29.08 21.86
C LEU A 86 1.80 29.88 22.73
N ALA A 87 1.45 30.06 24.00
CA ALA A 87 2.45 30.47 24.96
C ALA A 87 3.40 29.31 25.19
N LEU A 88 4.69 29.63 25.38
CA LEU A 88 5.79 28.66 25.45
C LEU A 88 5.85 27.76 24.22
N PRO A 89 6.52 28.21 23.15
CA PRO A 89 6.61 27.42 21.92
C PRO A 89 7.19 26.03 22.13
N VAL A 90 6.92 25.15 21.16
CA VAL A 90 7.30 23.75 21.23
C VAL A 90 7.96 23.37 19.91
N PHE A 91 8.69 22.27 19.94
CA PHE A 91 9.35 21.80 18.71
C PHE A 91 8.31 21.21 17.77
N HIS A 92 8.48 21.47 16.49
CA HIS A 92 7.70 20.80 15.47
C HIS A 92 8.19 19.36 15.37
N ILE A 93 7.26 18.41 15.28
CA ILE A 93 7.69 17.02 15.27
C ILE A 93 8.25 16.60 13.90
N GLY A 94 7.80 17.23 12.82
CA GLY A 94 8.34 16.88 11.51
C GLY A 94 9.68 17.48 11.23
N TYR A 95 9.94 18.67 11.77
CA TYR A 95 11.23 19.32 11.64
C TYR A 95 12.14 19.02 12.82
N PHE A 96 11.77 18.08 13.68
CA PHE A 96 12.56 17.80 14.88
C PHE A 96 13.89 17.19 14.52
N LYS A 97 13.93 16.38 13.45
CA LYS A 97 15.19 15.85 12.95
C LYS A 97 16.06 16.98 12.39
N ALA A 98 15.43 17.98 11.79
CA ALA A 98 16.18 19.07 11.19
C ALA A 98 16.42 20.22 12.15
N THR A 99 15.67 20.28 13.26
CA THR A 99 16.06 21.14 14.36
C THR A 99 17.37 20.66 14.97
N ILE A 100 17.55 19.34 15.05
CA ILE A 100 18.80 18.75 15.51
C ILE A 100 19.95 19.14 14.59
N GLN A 101 19.75 19.00 13.28
CA GLN A 101 20.84 19.15 12.32
C GLN A 101 21.34 20.57 12.20
N ILE A 102 20.62 21.56 12.69
CA ILE A 102 21.18 22.91 12.72
C ILE A 102 21.67 23.29 14.11
N LEU A 103 21.22 22.60 15.16
CA LEU A 103 21.91 22.71 16.44
C LEU A 103 23.25 22.00 16.42
N GLN A 104 23.43 21.04 15.52
CA GLN A 104 24.73 20.45 15.26
C GLN A 104 25.59 21.31 14.34
N GLY A 105 25.19 22.54 14.08
CA GLY A 105 25.89 23.37 13.13
C GLY A 105 26.15 24.78 13.60
N ILE A 106 25.64 25.14 14.78
CA ILE A 106 25.79 26.49 15.30
C ILE A 106 26.57 26.45 16.60
N CYS A 107 26.89 27.65 17.10
CA CYS A 107 27.86 27.79 18.18
C CYS A 107 27.32 27.33 19.51
N LYS A 108 26.02 27.46 19.74
CA LYS A 108 25.32 27.20 21.00
C LYS A 108 25.76 28.10 22.15
N ASN A 109 26.58 29.12 21.87
CA ASN A 109 26.81 30.24 22.77
C ASN A 109 26.43 31.55 22.10
N CYS A 110 26.98 31.84 20.94
CA CYS A 110 26.62 33.02 20.17
C CYS A 110 25.85 32.67 18.92
N SER A 111 25.65 31.37 18.65
CA SER A 111 24.90 30.83 17.53
C SER A 111 25.47 31.27 16.19
N ALA A 112 26.78 31.39 16.11
CA ALA A 112 27.44 31.49 14.82
C ALA A 112 27.76 30.08 14.33
N ILE A 113 28.04 29.98 13.05
CA ILE A 113 28.27 28.67 12.47
C ILE A 113 29.68 28.19 12.86
N LEU A 114 29.83 26.88 13.02
CA LEU A 114 31.09 26.30 13.46
C LEU A 114 31.92 25.84 12.27
N LEU A 115 32.23 26.79 11.38
CA LEU A 115 33.08 26.54 10.24
C LEU A 115 34.04 27.70 10.04
N SER A 116 35.19 27.39 9.45
CA SER A 116 36.13 28.42 9.03
C SER A 116 35.65 29.04 7.73
N GLU A 117 36.32 30.09 7.28
CA GLU A 117 35.86 30.77 6.07
C GLU A 117 36.35 30.10 4.80
N THR A 118 37.57 29.55 4.82
CA THR A 118 38.21 29.10 3.59
C THR A 118 37.51 27.89 2.99
N ASP A 119 36.93 27.04 3.82
CA ASP A 119 36.08 25.99 3.31
C ASP A 119 34.62 26.43 3.17
N LYS A 120 34.22 27.49 3.87
CA LYS A 120 32.87 28.03 3.73
C LYS A 120 32.60 28.52 2.32
N ARG A 121 33.47 29.38 1.80
CA ARG A 121 33.31 29.83 0.42
C ARG A 121 33.64 28.73 -0.56
N GLN A 122 34.40 27.72 -0.13
CA GLN A 122 34.57 26.53 -0.95
C GLN A 122 33.28 25.73 -1.03
N PHE A 123 32.56 25.63 0.10
CA PHE A 123 31.29 24.91 0.13
C PHE A 123 30.21 25.63 -0.67
N LEU A 124 30.18 26.96 -0.56
CA LEU A 124 29.16 27.73 -1.27
C LEU A 124 29.39 27.68 -2.77
N HIS A 125 30.64 27.53 -3.20
CA HIS A 125 30.91 27.27 -4.61
C HIS A 125 30.38 25.91 -5.02
N GLU A 126 30.42 24.94 -4.12
CA GLU A 126 29.92 23.61 -4.44
C GLU A 126 28.40 23.57 -4.50
N LEU A 127 27.73 24.54 -3.87
CA LEU A 127 26.28 24.56 -3.86
C LEU A 127 25.70 25.52 -4.88
N ARG A 128 26.41 26.59 -5.22
CA ARG A 128 25.92 27.53 -6.22
C ARG A 128 26.34 27.17 -7.63
N ARG A 129 27.02 26.03 -7.80
CA ARG A 129 27.47 25.62 -9.11
C ARG A 129 26.28 25.13 -9.94
N PRO A 130 26.40 25.13 -11.27
CA PRO A 130 25.27 24.67 -12.10
C PRO A 130 24.98 23.18 -11.99
N GLY A 131 25.94 22.37 -11.56
CA GLY A 131 25.70 20.95 -11.41
C GLY A 131 25.25 20.56 -10.02
N VAL A 132 24.03 20.93 -9.64
CA VAL A 132 23.46 20.59 -8.33
C VAL A 132 22.14 19.86 -8.56
N ASP A 133 21.99 18.70 -7.93
CA ASP A 133 20.74 17.96 -7.90
C ASP A 133 20.26 17.87 -6.45
N ASN A 134 19.24 17.05 -6.22
CA ASN A 134 18.63 16.97 -4.90
C ASN A 134 19.55 16.22 -3.94
N LEU A 135 19.78 14.94 -4.18
CA LEU A 135 20.59 14.14 -3.29
C LEU A 135 22.06 14.48 -3.41
N ARG A 136 22.46 15.13 -4.52
CA ARG A 136 23.76 15.76 -4.59
C ARG A 136 23.90 16.83 -3.53
N ARG A 137 22.92 17.74 -3.45
CA ARG A 137 22.96 18.81 -2.47
C ARG A 137 22.77 18.28 -1.06
N MET A 138 21.92 17.26 -0.88
CA MET A 138 21.79 16.63 0.42
C MET A 138 23.04 15.85 0.79
N GLY A 139 23.81 15.42 -0.21
CA GLY A 139 25.10 14.81 0.08
C GLY A 139 26.14 15.82 0.50
N ILE A 140 26.15 16.99 -0.15
CA ILE A 140 27.05 18.06 0.27
C ILE A 140 26.66 18.57 1.65
N LEU A 141 25.35 18.73 1.89
CA LEU A 141 24.88 19.19 3.19
C LEU A 141 25.13 18.20 4.31
N LYS A 142 25.33 16.93 4.01
CA LYS A 142 25.85 16.01 5.01
C LYS A 142 27.36 16.16 5.15
N LYS A 143 28.05 16.36 4.02
CA LYS A 143 29.49 16.52 3.97
C LYS A 143 29.96 17.76 4.72
N ILE A 144 29.11 18.77 4.86
CA ILE A 144 29.46 19.98 5.60
C ILE A 144 28.86 19.99 6.97
N LEU A 145 28.19 18.92 7.38
CA LEU A 145 27.61 18.77 8.71
C LEU A 145 28.42 17.85 9.59
N ASP A 146 28.90 16.73 9.03
CA ASP A 146 29.83 15.88 9.77
C ASP A 146 31.18 16.56 9.94
N GLN A 147 31.57 17.40 8.98
CA GLN A 147 32.74 18.24 9.16
C GLN A 147 32.51 19.27 10.25
N CYS A 148 31.27 19.73 10.41
CA CYS A 148 30.97 20.73 11.42
C CYS A 148 30.95 20.12 12.81
N LYS A 149 30.60 18.83 12.92
CA LYS A 149 30.67 18.15 14.21
C LYS A 149 32.09 17.82 14.62
N LYS A 150 33.06 18.01 13.73
CA LYS A 150 34.46 17.73 14.04
C LYS A 150 35.08 18.84 14.87
N GLN A 151 34.72 20.09 14.61
CA GLN A 151 35.38 21.22 15.26
C GLN A 151 34.87 21.39 16.68
N ARG A 152 35.79 21.57 17.62
CA ARG A 152 35.50 21.52 19.04
C ARG A 152 35.36 22.88 19.71
N ARG A 153 35.68 23.97 19.02
CA ARG A 153 35.41 25.31 19.53
C ARG A 153 34.87 26.18 18.41
N CYS A 154 34.50 27.41 18.77
CA CYS A 154 33.99 28.34 17.79
C CYS A 154 35.11 29.23 17.26
N LEU A 155 34.79 29.97 16.20
CA LEU A 155 35.70 30.98 15.69
C LEU A 155 35.31 32.38 16.12
N HIS A 156 34.14 32.54 16.75
CA HIS A 156 33.65 33.85 17.13
C HIS A 156 33.75 34.10 18.62
N CYS A 157 33.49 33.09 19.44
CA CYS A 157 33.76 33.18 20.87
C CYS A 157 34.52 31.94 21.31
N GLY A 158 35.06 32.00 22.51
CA GLY A 158 35.92 30.93 22.99
C GLY A 158 35.18 29.79 23.65
N ALA A 159 33.91 29.62 23.30
CA ALA A 159 33.15 28.49 23.82
C ALA A 159 33.55 27.22 23.11
N LEU A 160 33.54 26.13 23.85
CA LEU A 160 33.75 24.80 23.28
C LEU A 160 32.41 24.08 23.20
N ASN A 161 32.31 23.16 22.24
CA ASN A 161 31.02 22.60 21.87
C ASN A 161 31.14 21.10 21.74
N GLY A 162 30.39 20.36 22.54
CA GLY A 162 30.39 18.91 22.47
C GLY A 162 29.49 18.41 21.37
N VAL A 163 28.63 17.46 21.68
CA VAL A 163 27.70 16.91 20.70
C VAL A 163 26.30 17.22 21.19
N VAL A 164 25.35 17.24 20.27
CA VAL A 164 23.95 17.51 20.62
C VAL A 164 23.07 16.53 19.87
N LYS A 165 22.13 15.92 20.59
CA LYS A 165 21.38 14.77 20.10
C LYS A 165 20.03 14.74 20.81
N LYS A 166 19.33 13.62 20.69
CA LYS A 166 18.05 13.43 21.37
C LYS A 166 18.29 13.10 22.84
N ALA A 167 17.24 12.67 23.52
CA ALA A 167 17.35 12.25 24.91
C ALA A 167 16.88 10.81 25.08
N ALA A 175 12.01 11.06 24.08
CA ALA A 175 10.80 11.63 23.51
C ALA A 175 11.11 12.89 22.72
N LEU A 176 10.81 14.04 23.30
CA LEU A 176 10.94 15.31 22.60
C LEU A 176 11.83 16.27 23.36
N LYS A 177 13.00 15.80 23.80
CA LYS A 177 14.02 16.65 24.41
C LYS A 177 15.28 16.64 23.57
N ILE A 178 16.03 17.74 23.64
CA ILE A 178 17.29 17.91 22.91
C ILE A 178 18.36 18.26 23.92
N ILE A 179 19.48 17.54 23.89
CA ILE A 179 20.46 17.57 24.96
C ILE A 179 21.85 17.84 24.41
N HIS A 180 22.48 18.89 24.91
CA HIS A 180 23.87 19.21 24.64
C HIS A 180 24.70 18.88 25.86
N ASP A 181 25.71 18.03 25.69
CA ASP A 181 26.78 17.94 26.67
C ASP A 181 27.94 18.79 26.18
N THR A 182 28.30 19.81 26.95
CA THR A 182 29.39 20.69 26.56
C THR A 182 30.70 19.92 26.52
N PHE A 183 30.86 19.00 27.45
CA PHE A 183 32.04 18.18 27.63
C PHE A 183 31.91 16.95 26.74
N ARG A 184 32.63 15.86 27.07
CA ARG A 184 32.78 14.55 26.39
C ARG A 184 33.83 14.71 25.27
N TRP A 185 34.34 15.92 25.04
CA TRP A 185 35.47 16.11 24.16
C TRP A 185 36.53 17.00 24.79
N VAL A 186 36.52 17.13 26.11
CA VAL A 186 37.52 17.91 26.82
C VAL A 186 38.65 16.99 27.27
N GLY A 187 38.33 15.72 27.53
CA GLY A 187 39.28 14.79 28.10
C GLY A 187 39.76 15.22 29.46
N LYS A 188 41.01 15.68 29.53
CA LYS A 188 41.60 16.23 30.75
C LYS A 188 41.93 17.71 30.63
N LYS A 189 41.91 18.27 29.43
CA LYS A 189 42.26 19.66 29.20
C LYS A 189 41.00 20.52 29.27
N SER A 190 41.07 21.75 28.75
CA SER A 190 39.96 22.69 28.60
C SER A 190 39.35 23.07 29.95
N ALA A 191 40.19 23.73 30.74
CA ALA A 191 39.91 24.15 32.10
C ALA A 191 38.70 25.09 32.29
N PRO A 192 38.65 26.31 31.72
CA PRO A 192 37.79 27.34 32.31
C PRO A 192 36.30 27.11 32.12
N GLU A 193 35.90 26.35 31.10
CA GLU A 193 34.51 25.94 31.00
C GLU A 193 34.20 24.90 32.06
N LYS A 194 35.11 23.94 32.26
CA LYS A 194 34.93 22.94 33.31
C LYS A 194 35.07 23.55 34.70
N ASP A 195 35.88 24.61 34.82
CA ASP A 195 36.12 25.21 36.14
C ASP A 195 34.89 25.93 36.65
N ILE A 196 34.18 26.65 35.78
CA ILE A 196 32.94 27.26 36.18
C ILE A 196 31.84 26.19 36.25
N TRP A 197 32.04 25.07 35.56
CA TRP A 197 31.10 23.96 35.68
C TRP A 197 31.22 23.30 37.04
N VAL A 198 32.40 22.78 37.38
CA VAL A 198 32.55 22.12 38.68
C VAL A 198 32.57 23.12 39.82
N GLY A 199 32.77 24.40 39.53
CA GLY A 199 32.64 25.41 40.56
C GLY A 199 31.19 25.65 40.95
N GLU A 200 30.28 25.58 39.98
CA GLU A 200 28.90 25.92 40.30
C GLU A 200 28.14 24.79 40.95
N TRP A 201 28.61 23.54 40.82
CA TRP A 201 27.95 22.45 41.55
C TRP A 201 28.23 22.53 43.04
N LYS A 202 29.35 23.14 43.42
CA LYS A 202 29.71 23.26 44.82
C LYS A 202 28.84 24.27 45.56
N GLU A 203 28.05 25.07 44.85
CA GLU A 203 27.02 25.86 45.52
C GLU A 203 25.83 24.99 45.92
N VAL A 204 25.62 23.89 45.21
CA VAL A 204 24.49 23.00 45.44
C VAL A 204 24.90 21.76 46.19
N LEU A 205 25.94 21.07 45.71
CA LEU A 205 26.35 19.80 46.30
C LEU A 205 26.92 19.95 47.69
N ALA A 206 27.44 21.13 48.03
CA ALA A 206 27.81 21.40 49.41
C ALA A 206 26.62 21.82 50.26
N HIS A 207 25.42 21.88 49.70
CA HIS A 207 24.23 22.06 50.51
C HIS A 207 23.43 20.78 50.67
N ASN A 208 23.07 20.12 49.57
CA ASN A 208 22.31 18.88 49.60
C ASN A 208 22.90 17.89 48.60
N PRO A 209 23.71 16.94 49.08
CA PRO A 209 24.41 16.02 48.16
C PRO A 209 23.55 14.91 47.59
N GLU A 210 22.22 14.99 47.70
CA GLU A 210 21.36 13.99 47.06
C GLU A 210 21.49 14.05 45.55
N LEU A 211 21.71 15.24 44.99
CA LEU A 211 21.85 15.42 43.56
C LEU A 211 23.22 15.02 43.03
N GLU A 212 24.14 14.63 43.90
CA GLU A 212 25.45 14.17 43.46
C GLU A 212 25.38 12.85 42.69
N ARG A 213 24.33 12.06 42.94
CA ARG A 213 24.13 10.82 42.22
C ARG A 213 23.76 11.06 40.75
N TYR A 214 23.30 12.25 40.39
CA TYR A 214 22.79 12.52 39.06
C TYR A 214 23.62 13.54 38.29
N VAL A 215 24.86 13.81 38.71
CA VAL A 215 25.65 14.86 38.07
C VAL A 215 26.10 14.42 36.68
N LYS A 216 26.41 13.14 36.50
CA LYS A 216 26.86 12.64 35.20
C LYS A 216 25.75 12.65 34.16
N ARG A 217 24.49 12.69 34.59
CA ARG A 217 23.37 12.74 33.67
C ARG A 217 22.90 14.16 33.38
N CYS A 218 23.21 15.13 34.24
CA CYS A 218 22.81 16.51 34.03
C CYS A 218 23.68 17.14 32.96
N MET A 219 23.07 17.43 31.80
CA MET A 219 23.74 18.08 30.69
C MET A 219 22.99 19.36 30.35
N ASP A 220 23.56 20.15 29.45
CA ASP A 220 22.96 21.45 29.10
C ASP A 220 21.76 21.20 28.18
N ASP A 221 20.56 21.30 28.74
CA ASP A 221 19.36 21.03 27.99
C ASP A 221 19.00 22.19 27.07
N LEU A 222 18.20 21.87 26.05
CA LEU A 222 17.81 22.85 25.03
C LEU A 222 16.29 22.80 24.89
N ASN A 223 15.59 23.52 25.76
CA ASN A 223 14.14 23.58 25.67
C ASN A 223 13.74 24.54 24.55
N PRO A 224 12.51 24.44 24.02
CA PRO A 224 12.16 25.28 22.88
C PRO A 224 12.03 26.76 23.18
N LEU A 225 12.09 27.19 24.43
CA LEU A 225 12.11 28.62 24.65
C LEU A 225 13.51 29.20 24.48
N LYS A 226 14.55 28.40 24.65
CA LYS A 226 15.88 28.90 24.33
C LYS A 226 16.45 28.32 23.04
N THR A 227 15.85 27.25 22.51
CA THR A 227 16.25 26.81 21.17
C THR A 227 15.73 27.78 20.13
N LEU A 228 14.54 28.32 20.36
CA LEU A 228 13.99 29.38 19.52
C LEU A 228 14.87 30.62 19.56
N ASN A 229 15.21 31.08 20.77
CA ASN A 229 16.04 32.27 20.92
C ASN A 229 17.47 32.06 20.42
N LEU A 230 17.93 30.82 20.38
CA LEU A 230 19.22 30.54 19.78
C LEU A 230 19.12 30.57 18.26
N PHE A 231 17.95 30.27 17.70
CA PHE A 231 17.80 30.30 16.25
C PHE A 231 17.68 31.71 15.72
N LYS A 232 17.36 32.67 16.55
CA LYS A 232 17.14 34.03 16.10
C LYS A 232 18.43 34.81 15.95
N GLN A 233 19.57 34.15 16.04
CA GLN A 233 20.86 34.84 16.02
C GLN A 233 21.80 34.21 15.00
N ILE A 234 21.30 33.39 14.09
CA ILE A 234 22.19 32.67 13.17
C ILE A 234 22.74 33.58 12.08
N LYS A 235 22.29 34.83 12.00
CA LYS A 235 22.79 35.91 11.14
C LYS A 235 22.86 35.47 9.68
N SER A 236 21.70 35.46 9.02
CA SER A 236 21.47 34.64 7.83
C SER A 236 22.30 35.03 6.61
N ALA A 237 23.61 34.92 6.73
CA ALA A 237 24.51 34.85 5.59
C ALA A 237 24.96 33.42 5.38
N ASP A 238 24.62 32.54 6.30
CA ASP A 238 25.06 31.15 6.28
C ASP A 238 23.91 30.17 6.46
N CYS A 239 22.66 30.64 6.39
CA CYS A 239 21.53 29.74 6.43
C CYS A 239 21.47 28.89 5.16
N GLU A 240 21.96 29.41 4.04
CA GLU A 240 22.04 28.59 2.84
C GLU A 240 23.06 27.48 2.99
N LEU A 241 24.04 27.68 3.87
CA LEU A 241 24.97 26.63 4.26
C LEU A 241 24.34 25.63 5.23
N LEU A 242 23.13 25.90 5.72
CA LEU A 242 22.33 24.92 6.43
C LEU A 242 21.20 24.39 5.57
N GLY A 243 21.16 24.73 4.29
CA GLY A 243 20.09 24.31 3.40
C GLY A 243 18.78 25.01 3.67
N ILE A 244 18.79 26.34 3.65
CA ILE A 244 17.62 27.14 3.94
C ILE A 244 17.31 28.15 2.85
N ASP A 245 18.32 28.89 2.37
CA ASP A 245 18.19 29.96 1.38
C ASP A 245 17.25 31.07 1.85
N ALA A 246 17.73 31.89 2.78
CA ALA A 246 16.95 32.87 3.54
C ALA A 246 16.66 34.15 2.78
N THR A 247 16.68 34.15 1.45
CA THR A 247 16.19 35.31 0.70
C THR A 247 14.69 35.50 0.92
N VAL A 248 13.93 34.41 0.94
CA VAL A 248 12.51 34.42 1.29
C VAL A 248 12.38 34.79 2.77
N PRO A 249 11.46 35.68 3.15
CA PRO A 249 11.38 36.10 4.56
C PRO A 249 10.86 35.04 5.51
N SER A 250 10.32 33.95 4.98
CA SER A 250 10.05 32.75 5.75
C SER A 250 11.19 31.76 5.64
N GLY A 251 12.36 32.21 5.18
CA GLY A 251 13.50 31.32 5.11
C GLY A 251 14.01 30.95 6.49
N ARG A 252 14.14 31.95 7.37
CA ARG A 252 14.75 31.99 8.70
C ARG A 252 14.50 30.74 9.55
N PRO A 253 15.52 30.25 10.25
CA PRO A 253 15.42 28.92 10.88
C PRO A 253 14.46 28.84 12.03
N GLU A 254 14.04 29.96 12.61
CA GLU A 254 13.11 29.92 13.72
C GLU A 254 11.67 29.83 13.28
N THR A 255 11.42 29.70 11.99
CA THR A 255 10.07 29.42 11.51
C THR A 255 9.72 27.94 11.62
N TYR A 256 10.62 27.12 12.14
CA TYR A 256 10.38 25.69 12.31
C TYR A 256 10.09 25.33 13.76
N ILE A 257 9.73 26.30 14.57
CA ILE A 257 9.33 26.10 15.95
C ILE A 257 7.90 26.59 16.06
N TRP A 258 7.04 25.80 16.69
CA TRP A 258 5.63 26.19 16.75
C TRP A 258 5.38 27.36 17.68
N ARG A 259 5.48 28.58 17.18
CA ARG A 259 4.96 29.71 17.95
C ARG A 259 3.46 29.84 17.71
N TYR A 260 3.07 29.99 16.46
CA TYR A 260 1.67 30.03 16.07
C TYR A 260 1.33 28.75 15.34
N LEU A 261 0.08 28.33 15.47
CA LEU A 261 -0.38 27.06 14.94
C LEU A 261 -1.65 27.34 14.14
N PRO A 262 -1.73 26.94 12.87
CA PRO A 262 -2.95 27.23 12.12
C PRO A 262 -4.05 26.25 12.50
N ALA A 263 -5.21 26.79 12.76
CA ALA A 263 -6.38 25.95 12.94
C ALA A 263 -6.91 25.60 11.56
N PRO A 264 -7.02 24.32 11.20
CA PRO A 264 -7.44 23.95 9.85
C PRO A 264 -8.91 24.26 9.63
N PRO A 265 -9.35 24.40 8.37
CA PRO A 265 -10.76 24.66 8.10
C PRO A 265 -11.63 23.51 8.53
N VAL A 266 -12.91 23.80 8.73
CA VAL A 266 -13.86 22.78 9.14
C VAL A 266 -14.17 21.84 7.99
N CYS A 267 -13.85 22.23 6.76
CA CYS A 267 -13.88 21.31 5.64
C CYS A 267 -12.83 20.21 5.80
N ILE A 268 -11.67 20.53 6.38
CA ILE A 268 -10.63 19.54 6.61
C ILE A 268 -11.05 18.57 7.69
N ARG A 269 -11.70 19.07 8.74
CA ARG A 269 -12.18 18.21 9.82
C ARG A 269 -13.65 18.50 10.10
N PRO A 270 -14.56 17.69 9.58
CA PRO A 270 -15.99 17.98 9.73
C PRO A 270 -16.52 17.44 11.04
N SER A 271 -17.83 17.49 11.25
CA SER A 271 -18.45 16.88 12.42
C SER A 271 -19.66 16.08 11.97
N VAL A 272 -19.59 14.76 12.12
CA VAL A 272 -20.69 13.90 11.74
C VAL A 272 -21.57 13.59 12.94
N ASN A 281 -21.11 14.11 16.63
CA ASN A 281 -19.84 13.39 16.64
C ASN A 281 -18.72 14.32 16.23
N GLU A 282 -17.88 14.70 17.20
CA GLU A 282 -16.73 15.53 16.95
C GLU A 282 -15.66 14.75 16.19
N ASP A 283 -14.74 15.47 15.58
CA ASP A 283 -13.71 14.80 14.80
C ASP A 283 -12.51 14.53 15.70
N ASP A 284 -11.57 13.73 15.19
CA ASP A 284 -10.34 13.50 15.92
C ASP A 284 -9.50 14.76 15.98
N LEU A 285 -9.47 15.55 14.91
CA LEU A 285 -8.64 16.74 14.93
C LEU A 285 -9.27 17.84 15.75
N THR A 286 -10.60 17.97 15.71
CA THR A 286 -11.30 18.99 16.48
C THR A 286 -11.13 18.77 17.97
N VAL A 287 -11.11 17.52 18.40
CA VAL A 287 -10.90 17.27 19.82
C VAL A 287 -9.43 17.43 20.18
N LYS A 288 -8.51 17.37 19.19
CA LYS A 288 -7.12 17.64 19.51
C LYS A 288 -6.83 19.13 19.60
N LEU A 289 -7.49 19.95 18.80
CA LEU A 289 -7.24 21.39 18.81
C LEU A 289 -7.66 22.02 20.13
N THR A 290 -8.81 21.60 20.65
CA THR A 290 -9.29 22.13 21.92
C THR A 290 -8.36 21.75 23.07
N GLU A 291 -7.84 20.53 23.03
CA GLU A 291 -6.90 20.09 24.06
C GLU A 291 -5.65 20.95 24.02
N ILE A 292 -5.17 21.28 22.83
CA ILE A 292 -4.01 22.14 22.70
C ILE A 292 -4.33 23.51 23.30
N VAL A 293 -5.51 24.03 23.01
CA VAL A 293 -5.92 25.32 23.55
C VAL A 293 -6.01 25.27 25.07
N TRP A 294 -6.56 24.17 25.60
CA TRP A 294 -6.72 24.07 27.05
C TRP A 294 -5.36 24.06 27.73
N THR A 295 -4.41 23.34 27.17
CA THR A 295 -3.07 23.32 27.75
C THR A 295 -2.41 24.69 27.67
N SER A 296 -2.61 25.39 26.56
CA SER A 296 -2.06 26.74 26.43
C SER A 296 -2.68 27.66 27.46
N SER A 297 -3.98 27.52 27.70
CA SER A 297 -4.65 28.33 28.71
C SER A 297 -4.09 28.04 30.09
N LEU A 298 -3.82 26.76 30.38
CA LEU A 298 -3.25 26.39 31.67
C LEU A 298 -1.88 27.02 31.80
N ILE A 299 -1.14 27.07 30.69
CA ILE A 299 0.19 27.64 30.69
C ILE A 299 0.17 29.17 30.81
N LYS A 300 -0.71 29.83 30.07
CA LYS A 300 -0.76 31.29 30.11
C LYS A 300 -1.37 31.82 31.40
N ALA A 301 -2.39 31.15 31.93
CA ALA A 301 -2.89 31.55 33.24
C ALA A 301 -1.93 31.15 34.34
N GLY A 302 -1.18 30.07 34.14
CA GLY A 302 -0.24 29.62 35.14
C GLY A 302 0.98 30.51 35.27
N LEU A 303 1.38 31.15 34.16
CA LEU A 303 2.53 32.03 34.20
C LEU A 303 2.27 33.35 34.92
N ASP A 304 1.03 33.63 35.30
CA ASP A 304 0.71 34.88 35.97
C ASP A 304 0.12 34.68 37.36
N LYS A 305 -0.61 33.60 37.60
CA LYS A 305 -1.04 33.29 38.96
C LYS A 305 0.11 32.78 39.80
N GLY A 306 1.15 32.25 39.18
CA GLY A 306 2.25 31.67 39.90
C GLY A 306 2.09 30.18 40.03
N ILE A 307 2.85 29.43 39.22
CA ILE A 307 2.91 27.98 39.32
C ILE A 307 4.36 27.60 39.45
N SER A 308 4.59 26.39 39.96
CA SER A 308 5.95 25.95 40.21
C SER A 308 6.67 25.64 38.91
N ILE A 309 7.99 25.56 38.99
CA ILE A 309 8.75 25.17 37.81
C ILE A 309 8.59 23.69 37.56
N ASN A 310 8.24 22.93 38.59
CA ASN A 310 8.10 21.49 38.40
C ASN A 310 6.81 21.15 37.66
N ASN A 311 5.76 21.97 37.77
CA ASN A 311 4.57 21.70 36.98
C ASN A 311 4.36 22.65 35.81
N MET A 312 5.13 23.74 35.73
CA MET A 312 5.20 24.45 34.45
C MET A 312 5.80 23.55 33.39
N MET A 313 6.88 22.85 33.74
CA MET A 313 7.49 21.92 32.81
C MET A 313 6.62 20.69 32.59
N GLU A 314 5.77 20.34 33.55
CA GLU A 314 4.90 19.20 33.35
C GLU A 314 3.81 19.51 32.34
N HIS A 315 3.25 20.72 32.40
CA HIS A 315 2.29 21.12 31.38
C HIS A 315 2.98 21.35 30.05
N TRP A 316 4.16 21.96 30.06
CA TRP A 316 4.78 22.33 28.81
C TRP A 316 5.43 21.14 28.13
N ASP A 317 5.73 20.06 28.86
CA ASP A 317 6.03 18.83 28.15
C ASP A 317 4.76 18.18 27.64
N TYR A 318 3.63 18.45 28.29
CA TYR A 318 2.37 17.85 27.84
C TYR A 318 1.82 18.58 26.63
N LEU A 319 1.98 19.91 26.59
CA LEU A 319 1.58 20.69 25.41
C LEU A 319 2.38 20.29 24.19
N GLN A 320 3.66 20.00 24.39
CA GLN A 320 4.48 19.52 23.29
C GLN A 320 4.08 18.11 22.90
N LEU A 321 3.57 17.33 23.85
CA LEU A 321 3.15 15.97 23.55
C LEU A 321 1.88 15.96 22.71
N THR A 322 0.98 16.91 22.95
CA THR A 322 -0.29 16.95 22.22
C THR A 322 -0.08 17.35 20.77
N VAL A 323 0.71 18.39 20.54
CA VAL A 323 1.02 18.82 19.18
C VAL A 323 1.84 17.76 18.46
N ALA A 324 2.64 17.00 19.19
CA ALA A 324 3.31 15.84 18.59
C ALA A 324 2.30 14.77 18.19
N MET A 325 1.27 14.57 18.99
CA MET A 325 0.18 13.66 18.61
C MET A 325 -0.74 14.29 17.57
N TYR A 326 -0.71 15.59 17.43
CA TYR A 326 -1.57 16.27 16.47
C TYR A 326 -1.11 16.01 15.04
N ILE A 327 0.20 15.96 14.82
CA ILE A 327 0.70 15.78 13.47
C ILE A 327 0.90 14.30 13.15
N ASN A 328 1.61 13.56 14.01
CA ASN A 328 1.88 12.14 13.72
C ASN A 328 0.90 11.21 14.40
N SER A 329 0.78 11.28 15.74
CA SER A 329 0.07 10.30 16.57
C SER A 329 0.58 8.89 16.35
N ASP A 330 1.90 8.73 16.30
CA ASP A 330 2.54 7.43 16.45
C ASP A 330 3.95 7.57 17.05
N PRO A 349 -5.30 5.50 19.58
CA PRO A 349 -4.63 5.50 18.28
C PRO A 349 -5.32 6.38 17.26
N ILE A 350 -5.48 7.67 17.61
CA ILE A 350 -6.25 8.56 16.76
C ILE A 350 -5.44 8.93 15.50
N ARG A 351 -6.16 9.37 14.48
CA ARG A 351 -5.52 9.83 13.27
C ARG A 351 -5.05 11.27 13.45
N GLY A 352 -3.83 11.53 13.06
CA GLY A 352 -3.29 12.87 13.07
C GLY A 352 -3.52 13.53 11.73
N PHE A 353 -2.58 14.37 11.32
CA PHE A 353 -2.57 14.72 9.91
C PHE A 353 -1.74 13.78 9.08
N CYS A 354 -0.70 13.19 9.64
CA CYS A 354 0.09 12.26 8.86
C CYS A 354 -0.66 10.96 8.66
N GLN A 355 -1.54 10.60 9.58
CA GLN A 355 -2.30 9.37 9.43
C GLN A 355 -3.38 9.49 8.39
N ARG A 356 -3.83 10.70 8.08
CA ARG A 356 -4.75 10.92 6.99
C ARG A 356 -4.08 10.85 5.63
N LEU A 357 -2.75 10.94 5.58
CA LEU A 357 -2.02 10.90 4.33
C LEU A 357 -1.34 9.56 4.07
N LYS A 358 -1.32 8.66 5.04
CA LYS A 358 -0.59 7.40 4.89
C LYS A 358 -1.55 6.25 4.64
N GLY A 359 -1.00 5.17 4.10
CA GLY A 359 -1.77 3.99 3.77
C GLY A 359 -2.42 4.08 2.42
N LYS A 360 -2.94 2.94 1.97
CA LYS A 360 -3.63 2.89 0.69
C LYS A 360 -5.09 3.27 0.79
N GLN A 361 -5.51 3.77 1.95
CA GLN A 361 -6.82 4.39 2.11
C GLN A 361 -6.71 5.88 2.38
N GLY A 362 -5.49 6.41 2.47
CA GLY A 362 -5.28 7.83 2.69
C GLY A 362 -5.40 8.66 1.44
N ARG A 363 -4.56 9.69 1.32
CA ARG A 363 -4.72 10.68 0.27
C ARG A 363 -4.00 10.30 -1.02
N PHE A 364 -2.76 9.85 -0.92
CA PHE A 364 -1.90 9.76 -2.09
C PHE A 364 -2.24 8.59 -3.00
N ARG A 365 -2.73 7.49 -2.42
CA ARG A 365 -3.27 6.37 -3.21
C ARG A 365 -4.57 6.01 -2.51
N GLY A 366 -5.66 6.61 -2.97
CA GLY A 366 -6.92 6.52 -2.26
C GLY A 366 -7.74 7.77 -2.37
N ASN A 367 -7.10 8.89 -2.69
CA ASN A 367 -7.82 10.07 -3.15
C ASN A 367 -7.19 10.76 -4.35
N LEU A 368 -5.90 10.62 -4.61
CA LEU A 368 -5.25 11.35 -5.69
C LEU A 368 -4.90 10.49 -6.89
N SER A 369 -4.44 9.26 -6.69
CA SER A 369 -4.21 8.38 -7.82
C SER A 369 -5.40 7.50 -8.13
N GLY A 370 -6.20 7.15 -7.13
CA GLY A 370 -7.35 6.32 -7.35
C GLY A 370 -8.55 6.82 -6.59
N LYS A 371 -9.71 6.78 -7.24
CA LYS A 371 -10.88 7.46 -6.71
C LYS A 371 -12.12 6.92 -7.39
N ARG A 372 -13.20 6.82 -6.62
CA ARG A 372 -14.49 6.43 -7.18
C ARG A 372 -14.94 7.47 -8.20
N VAL A 373 -15.42 7.01 -9.34
CA VAL A 373 -15.78 7.91 -10.43
C VAL A 373 -17.27 7.79 -10.68
N ASP A 374 -17.78 8.74 -11.45
CA ASP A 374 -19.18 8.83 -11.84
C ASP A 374 -19.37 8.29 -13.23
N PHE A 375 -20.65 8.09 -13.59
CA PHE A 375 -21.08 7.59 -14.89
C PHE A 375 -20.45 6.24 -15.20
N SER A 376 -20.52 5.37 -14.21
CA SER A 376 -19.96 4.04 -14.29
C SER A 376 -20.96 3.04 -13.72
N GLY A 377 -20.87 1.80 -14.17
CA GLY A 377 -21.66 0.73 -13.63
C GLY A 377 -20.84 -0.54 -13.52
N ARG A 378 -21.40 -1.52 -12.83
CA ARG A 378 -20.75 -2.80 -12.60
C ARG A 378 -21.78 -3.89 -12.61
N THR A 379 -21.56 -4.90 -13.44
CA THR A 379 -22.58 -5.91 -13.72
C THR A 379 -21.84 -7.23 -13.96
N VAL A 380 -22.52 -8.35 -13.69
CA VAL A 380 -22.03 -9.66 -14.07
C VAL A 380 -21.89 -9.73 -15.57
N ILE A 381 -20.86 -10.41 -16.05
CA ILE A 381 -20.65 -10.58 -17.46
C ILE A 381 -21.18 -11.93 -17.90
N SER A 382 -21.22 -12.13 -19.21
CA SER A 382 -22.00 -13.17 -19.86
C SER A 382 -21.60 -13.18 -21.34
N PRO A 383 -21.73 -14.30 -22.04
CA PRO A 383 -21.24 -14.33 -23.42
C PRO A 383 -22.29 -13.94 -24.44
N ASP A 384 -21.80 -13.53 -25.61
CA ASP A 384 -22.63 -13.24 -26.76
C ASP A 384 -21.79 -13.33 -28.04
N PRO A 385 -21.87 -14.42 -28.80
CA PRO A 385 -21.09 -14.51 -30.04
C PRO A 385 -21.64 -13.66 -31.16
N ASN A 386 -22.91 -13.27 -31.09
CA ASN A 386 -23.57 -12.56 -32.18
C ASN A 386 -23.15 -11.12 -32.30
N LEU A 387 -22.72 -10.48 -31.24
CA LEU A 387 -22.34 -9.10 -31.40
C LEU A 387 -20.84 -9.04 -31.66
N SER A 388 -20.42 -7.98 -32.34
CA SER A 388 -19.09 -7.91 -32.91
C SER A 388 -18.05 -7.79 -31.81
N ILE A 389 -16.78 -7.94 -32.19
CA ILE A 389 -15.72 -7.93 -31.20
C ILE A 389 -15.51 -6.56 -30.62
N ASP A 390 -15.91 -5.52 -31.33
CA ASP A 390 -15.78 -4.15 -30.85
C ASP A 390 -17.06 -3.65 -30.20
N GLU A 391 -18.06 -4.48 -30.01
CA GLU A 391 -19.28 -4.06 -29.34
C GLU A 391 -19.40 -4.74 -27.99
N VAL A 392 -20.22 -4.14 -27.15
CA VAL A 392 -20.56 -4.68 -25.84
C VAL A 392 -22.05 -4.48 -25.66
N ALA A 393 -22.72 -5.46 -25.09
CA ALA A 393 -24.15 -5.36 -24.88
C ALA A 393 -24.40 -4.80 -23.49
N VAL A 394 -25.02 -3.64 -23.44
CA VAL A 394 -25.31 -2.96 -22.18
C VAL A 394 -26.76 -3.27 -21.83
N PRO A 395 -27.07 -3.62 -20.59
CA PRO A 395 -28.47 -3.76 -20.18
C PRO A 395 -29.21 -2.44 -20.27
N ASP A 396 -30.42 -2.50 -20.82
CA ASP A 396 -31.23 -1.30 -21.00
C ASP A 396 -31.81 -0.74 -19.70
N ARG A 397 -31.48 -1.33 -18.55
CA ARG A 397 -31.76 -0.71 -17.26
C ARG A 397 -30.59 0.13 -16.78
N VAL A 398 -29.38 -0.21 -17.22
CA VAL A 398 -28.20 0.61 -16.99
C VAL A 398 -28.15 1.75 -17.98
N ALA A 399 -28.57 1.51 -19.23
CA ALA A 399 -28.57 2.55 -20.24
C ALA A 399 -29.55 3.67 -19.92
N LYS A 400 -30.57 3.39 -19.10
CA LYS A 400 -31.45 4.42 -18.62
C LYS A 400 -30.83 5.30 -17.56
N VAL A 401 -29.80 4.87 -16.87
CA VAL A 401 -29.23 5.69 -15.82
C VAL A 401 -27.88 6.27 -16.19
N LEU A 402 -27.16 5.69 -17.12
CA LEU A 402 -25.87 6.20 -17.58
C LEU A 402 -26.10 7.03 -18.83
N THR A 403 -25.87 8.33 -18.71
CA THR A 403 -26.25 9.26 -19.76
C THR A 403 -25.04 9.68 -20.57
N TYR A 404 -25.26 10.63 -21.49
CA TYR A 404 -24.19 11.29 -22.19
C TYR A 404 -24.60 12.74 -22.38
N PRO A 405 -23.75 13.70 -22.04
CA PRO A 405 -24.11 15.11 -22.22
C PRO A 405 -24.03 15.53 -23.68
N GLU A 406 -25.10 15.30 -24.41
CA GLU A 406 -25.14 15.64 -25.83
C GLU A 406 -25.51 17.09 -25.99
N LYS A 407 -24.54 17.91 -26.36
CA LYS A 407 -24.76 19.33 -26.61
C LYS A 407 -25.39 19.53 -27.97
N VAL A 408 -26.51 20.26 -28.00
CA VAL A 408 -27.32 20.37 -29.20
C VAL A 408 -26.65 21.31 -30.19
N THR A 409 -26.84 21.03 -31.47
CA THR A 409 -26.23 21.79 -32.55
C THR A 409 -27.28 22.00 -33.63
N ARG A 410 -26.83 22.40 -34.81
CA ARG A 410 -27.70 22.37 -35.97
C ARG A 410 -28.04 20.95 -36.37
N TYR A 411 -27.12 20.02 -36.13
CA TYR A 411 -27.18 18.71 -36.74
C TYR A 411 -27.94 17.70 -35.91
N ASN A 412 -28.03 17.90 -34.60
CA ASN A 412 -28.83 17.05 -33.75
C ASN A 412 -29.85 17.87 -33.00
N ARG A 413 -30.46 18.83 -33.67
CA ARG A 413 -31.53 19.53 -32.99
C ARG A 413 -32.83 18.75 -33.06
N HIS A 414 -33.12 18.14 -34.21
CA HIS A 414 -34.35 17.38 -34.34
C HIS A 414 -34.25 16.06 -33.60
N LYS A 415 -33.03 15.50 -33.49
CA LYS A 415 -32.86 14.22 -32.83
C LYS A 415 -33.07 14.35 -31.34
N LEU A 416 -32.52 15.40 -30.73
CA LEU A 416 -32.59 15.53 -29.29
C LEU A 416 -33.97 15.99 -28.84
N GLN A 417 -34.78 16.55 -29.73
CA GLN A 417 -36.15 16.88 -29.36
C GLN A 417 -36.98 15.63 -29.16
N GLU A 418 -36.67 14.57 -29.90
CA GLU A 418 -37.39 13.32 -29.73
C GLU A 418 -37.00 12.65 -28.43
N LEU A 419 -35.78 12.89 -27.96
CA LEU A 419 -35.34 12.30 -26.71
C LEU A 419 -35.91 13.05 -25.52
N ILE A 420 -36.22 14.33 -25.68
CA ILE A 420 -36.89 15.09 -24.62
C ILE A 420 -38.30 14.56 -24.41
N VAL A 421 -39.08 14.43 -25.49
CA VAL A 421 -40.47 14.04 -25.35
C VAL A 421 -40.63 12.58 -24.97
N ASN A 422 -39.61 11.75 -25.17
CA ASN A 422 -39.68 10.40 -24.64
C ASN A 422 -39.40 10.37 -23.15
N GLY A 423 -38.53 11.25 -22.68
CA GLY A 423 -38.36 11.43 -21.27
C GLY A 423 -37.49 10.36 -20.66
N PRO A 424 -37.45 10.30 -19.34
CA PRO A 424 -36.48 9.43 -18.68
C PRO A 424 -36.85 7.96 -18.63
N ASN A 425 -38.10 7.60 -18.90
CA ASN A 425 -38.57 6.26 -18.58
C ASN A 425 -38.75 5.35 -19.79
N VAL A 426 -38.44 5.81 -20.99
CA VAL A 426 -38.32 4.92 -22.15
C VAL A 426 -36.96 5.17 -22.77
N HIS A 427 -36.34 4.10 -23.30
CA HIS A 427 -34.89 4.14 -23.50
C HIS A 427 -34.40 5.08 -24.60
N PRO A 428 -35.05 5.22 -25.75
CA PRO A 428 -34.53 6.36 -26.56
C PRO A 428 -35.01 7.68 -25.97
N GLY A 429 -34.35 8.11 -24.90
CA GLY A 429 -34.84 9.16 -24.04
C GLY A 429 -33.73 9.96 -23.39
N ALA A 430 -34.04 10.62 -22.28
CA ALA A 430 -33.11 11.54 -21.65
C ALA A 430 -33.56 11.84 -20.24
N ASN A 431 -32.60 12.00 -19.34
CA ASN A 431 -32.88 12.24 -17.94
C ASN A 431 -32.89 13.71 -17.57
N TYR A 432 -31.95 14.50 -18.06
CA TYR A 432 -31.85 15.90 -17.67
C TYR A 432 -31.75 16.80 -18.88
N LEU A 433 -31.86 18.10 -18.60
CA LEU A 433 -31.68 19.16 -19.57
C LEU A 433 -31.02 20.31 -18.85
N LEU A 434 -29.92 20.81 -19.40
CA LEU A 434 -29.21 21.92 -18.81
C LEU A 434 -29.20 23.05 -19.83
N LYS A 435 -29.87 24.14 -19.52
CA LYS A 435 -30.03 25.24 -20.44
C LYS A 435 -28.70 25.98 -20.66
N ARG A 436 -28.72 26.92 -21.60
CA ARG A 436 -27.51 27.63 -21.98
C ARG A 436 -26.98 28.51 -20.87
N ASN A 437 -27.87 28.98 -19.99
CA ASN A 437 -27.52 29.96 -19.00
C ASN A 437 -28.03 29.68 -17.60
N GLU A 438 -28.93 28.73 -17.41
CA GLU A 438 -29.68 28.62 -16.16
C GLU A 438 -28.95 27.89 -15.06
N ASP A 439 -27.74 27.38 -15.34
CA ASP A 439 -26.76 26.71 -14.46
C ASP A 439 -27.35 25.80 -13.38
N ALA A 440 -28.44 25.11 -13.71
CA ALA A 440 -29.08 24.15 -12.83
C ALA A 440 -29.91 23.23 -13.72
N ARG A 441 -29.70 21.93 -13.58
CA ARG A 441 -30.25 20.97 -14.52
C ARG A 441 -31.74 20.84 -14.31
N ARG A 442 -32.50 21.15 -15.34
CA ARG A 442 -33.91 20.80 -15.36
C ARG A 442 -34.05 19.29 -15.41
N ASN A 443 -34.84 18.75 -14.51
CA ASN A 443 -35.05 17.32 -14.44
C ASN A 443 -36.26 16.97 -15.28
N LEU A 444 -36.05 16.16 -16.33
CA LEU A 444 -37.10 15.85 -17.28
C LEU A 444 -38.20 14.97 -16.72
N ARG A 445 -38.02 14.44 -15.50
CA ARG A 445 -39.07 13.71 -14.83
C ARG A 445 -40.29 14.58 -14.52
N TYR A 446 -40.11 15.89 -14.40
CA TYR A 446 -41.17 16.81 -14.05
C TYR A 446 -41.44 17.78 -15.18
N GLY A 447 -42.53 18.51 -15.06
CA GLY A 447 -42.87 19.54 -16.01
C GLY A 447 -43.41 18.99 -17.31
N ASP A 448 -43.68 19.90 -18.23
CA ASP A 448 -44.15 19.56 -19.56
C ASP A 448 -42.92 19.34 -20.45
N ARG A 449 -42.72 18.09 -20.87
CA ARG A 449 -41.57 17.80 -21.71
C ARG A 449 -41.79 18.23 -23.15
N MET A 450 -43.05 18.35 -23.57
CA MET A 450 -43.33 18.92 -24.88
C MET A 450 -43.01 20.41 -24.90
N LYS A 451 -43.14 21.09 -23.77
CA LYS A 451 -42.79 22.49 -23.69
C LYS A 451 -41.29 22.70 -23.80
N LEU A 452 -40.50 21.89 -23.10
CA LEU A 452 -39.05 22.01 -23.17
C LEU A 452 -38.49 21.56 -24.52
N ALA A 453 -39.21 20.72 -25.25
CA ALA A 453 -38.69 20.25 -26.53
C ALA A 453 -38.84 21.27 -27.65
N LYS A 454 -39.91 22.06 -27.64
CA LYS A 454 -40.02 23.15 -28.61
C LYS A 454 -39.03 24.25 -28.30
N ASN A 455 -38.71 24.46 -27.02
CA ASN A 455 -37.80 25.50 -26.59
C ASN A 455 -36.37 24.99 -26.43
N LEU A 456 -35.99 23.99 -27.20
CA LEU A 456 -34.62 23.49 -27.18
C LEU A 456 -33.76 24.42 -28.01
N GLN A 457 -32.78 25.06 -27.37
CA GLN A 457 -31.95 26.08 -28.00
C GLN A 457 -30.86 25.46 -28.85
N ILE A 458 -29.83 26.23 -29.21
CA ILE A 458 -28.76 25.69 -30.03
C ILE A 458 -27.46 25.59 -29.21
N GLY A 459 -27.55 25.62 -27.90
CA GLY A 459 -26.34 25.49 -27.12
C GLY A 459 -26.51 24.77 -25.81
N ASP A 460 -27.66 24.16 -25.58
CA ASP A 460 -27.98 23.60 -24.28
C ASP A 460 -27.94 22.09 -24.28
N VAL A 461 -27.59 21.54 -23.12
CA VAL A 461 -27.13 20.17 -22.99
C VAL A 461 -28.26 19.30 -22.49
N VAL A 462 -28.60 18.31 -23.24
CA VAL A 462 -29.45 17.24 -22.73
C VAL A 462 -28.55 16.16 -22.18
N GLU A 463 -29.04 15.39 -21.23
CA GLU A 463 -28.37 14.17 -20.82
C GLU A 463 -29.25 13.01 -21.26
N ARG A 464 -28.87 12.42 -22.37
CA ARG A 464 -29.65 11.44 -23.12
C ARG A 464 -29.18 10.04 -22.75
N HIS A 465 -30.04 9.05 -22.93
CA HIS A 465 -29.68 7.71 -22.49
C HIS A 465 -28.61 7.12 -23.38
N LEU A 466 -27.86 6.17 -22.82
CA LEU A 466 -26.77 5.51 -23.51
C LEU A 466 -27.32 4.77 -24.71
N GLU A 467 -26.77 5.05 -25.89
CA GLU A 467 -27.40 4.60 -27.13
C GLU A 467 -26.52 3.53 -27.76
N ASP A 468 -26.98 3.00 -28.88
CA ASP A 468 -26.14 2.11 -29.67
C ASP A 468 -24.97 2.89 -30.24
N GLY A 469 -23.77 2.38 -30.03
CA GLY A 469 -22.59 2.95 -30.62
C GLY A 469 -21.87 3.96 -29.77
N ASP A 470 -22.31 4.19 -28.54
CA ASP A 470 -21.57 5.05 -27.66
C ASP A 470 -20.28 4.40 -27.24
N VAL A 471 -19.23 5.19 -27.15
CA VAL A 471 -17.96 4.70 -26.66
C VAL A 471 -18.06 4.47 -25.16
N VAL A 472 -17.75 3.27 -24.73
CA VAL A 472 -17.66 2.96 -23.31
C VAL A 472 -16.28 2.38 -23.03
N LEU A 473 -15.88 2.44 -21.77
CA LEU A 473 -14.69 1.74 -21.31
C LEU A 473 -15.13 0.52 -20.54
N PHE A 474 -14.21 -0.41 -20.35
CA PHE A 474 -14.59 -1.74 -19.90
C PHE A 474 -13.34 -2.42 -19.38
N ASN A 475 -13.29 -2.75 -18.09
CA ASN A 475 -12.16 -3.50 -17.55
C ASN A 475 -12.63 -4.57 -16.59
N ARG A 476 -11.73 -5.49 -16.26
CA ARG A 476 -12.08 -6.62 -15.41
C ARG A 476 -11.79 -6.32 -13.95
N GLN A 477 -10.60 -5.73 -13.63
CA GLN A 477 -10.15 -5.42 -12.26
C GLN A 477 -10.04 -6.71 -11.46
N PRO A 478 -8.91 -7.44 -11.51
CA PRO A 478 -7.49 -7.05 -11.65
C PRO A 478 -6.95 -6.72 -13.02
N SER A 479 -6.37 -5.52 -13.13
CA SER A 479 -5.90 -4.98 -14.40
C SER A 479 -4.41 -5.23 -14.53
N LEU A 480 -4.06 -6.33 -15.20
CA LEU A 480 -2.67 -6.78 -15.19
C LEU A 480 -1.83 -6.09 -16.25
N HIS A 481 -2.41 -5.83 -17.42
CA HIS A 481 -1.67 -5.33 -18.56
C HIS A 481 -2.52 -4.27 -19.25
N ARG A 482 -2.02 -3.78 -20.39
CA ARG A 482 -2.64 -2.63 -21.03
C ARG A 482 -3.98 -2.99 -21.63
N LEU A 483 -4.09 -4.20 -22.17
CA LEU A 483 -5.28 -4.74 -22.79
C LEU A 483 -6.37 -5.10 -21.79
N SER A 484 -6.14 -4.86 -20.51
CA SER A 484 -7.13 -5.20 -19.50
C SER A 484 -8.24 -4.18 -19.39
N ILE A 485 -8.05 -2.99 -19.93
CA ILE A 485 -9.14 -2.04 -20.14
C ILE A 485 -9.16 -1.68 -21.62
N LEU A 486 -10.31 -1.86 -22.25
CA LEU A 486 -10.46 -1.56 -23.66
C LEU A 486 -11.69 -0.71 -23.85
N SER A 487 -12.00 -0.45 -25.10
CA SER A 487 -13.11 0.40 -25.44
C SER A 487 -13.95 -0.22 -26.53
N HIS A 488 -15.24 -0.07 -26.39
CA HIS A 488 -16.21 -0.74 -27.24
C HIS A 488 -17.22 0.27 -27.75
N TYR A 489 -18.19 -0.22 -28.50
CA TYR A 489 -19.40 0.53 -28.81
C TYR A 489 -20.54 -0.10 -28.03
N ALA A 490 -21.35 0.73 -27.38
CA ALA A 490 -22.47 0.19 -26.62
C ALA A 490 -23.51 -0.41 -27.54
N LYS A 491 -24.20 -1.42 -27.04
CA LYS A 491 -25.32 -2.03 -27.72
C LYS A 491 -26.35 -2.30 -26.64
N ILE A 492 -27.61 -1.97 -26.90
CA ILE A 492 -28.57 -1.89 -25.81
C ILE A 492 -29.56 -3.04 -25.95
N ARG A 493 -29.59 -3.89 -24.94
CA ARG A 493 -30.16 -5.23 -24.95
C ARG A 493 -30.98 -5.46 -23.69
N PRO A 494 -31.94 -6.38 -23.70
CA PRO A 494 -32.95 -6.42 -22.63
C PRO A 494 -32.63 -7.17 -21.35
N TRP A 495 -31.46 -7.74 -21.14
CA TRP A 495 -31.23 -8.50 -19.93
C TRP A 495 -30.57 -7.62 -18.88
N ARG A 496 -29.98 -8.20 -17.84
CA ARG A 496 -29.28 -7.44 -16.80
C ARG A 496 -27.82 -7.78 -16.73
N THR A 497 -27.14 -7.95 -17.86
CA THR A 497 -25.74 -8.34 -17.77
C THR A 497 -24.96 -7.83 -18.96
N PHE A 498 -23.66 -7.66 -18.76
CA PHE A 498 -22.77 -7.22 -19.81
C PHE A 498 -22.41 -8.39 -20.71
N ARG A 499 -22.52 -8.21 -22.02
CA ARG A 499 -22.25 -9.31 -22.94
C ARG A 499 -21.20 -8.90 -23.95
N LEU A 500 -19.95 -9.15 -23.61
CA LEU A 500 -18.89 -9.00 -24.59
C LEU A 500 -18.84 -10.22 -25.49
N ASN A 501 -18.06 -10.11 -26.55
CA ASN A 501 -17.86 -11.26 -27.40
C ASN A 501 -16.84 -12.18 -26.74
N GLU A 502 -16.86 -13.45 -27.13
CA GLU A 502 -15.97 -14.38 -26.47
C GLU A 502 -14.54 -14.31 -26.98
N CYS A 503 -14.30 -13.71 -28.13
CA CYS A 503 -12.93 -13.52 -28.55
C CYS A 503 -12.25 -12.41 -27.77
N VAL A 504 -13.02 -11.60 -27.04
CA VAL A 504 -12.52 -10.47 -26.28
C VAL A 504 -12.27 -10.85 -24.82
N CYS A 505 -12.68 -12.03 -24.39
CA CYS A 505 -12.45 -12.35 -22.98
C CYS A 505 -11.06 -12.87 -22.69
N THR A 506 -10.17 -12.92 -23.68
CA THR A 506 -8.78 -13.28 -23.44
C THR A 506 -7.93 -12.11 -22.92
N PRO A 507 -8.04 -10.85 -23.42
CA PRO A 507 -7.31 -9.78 -22.74
C PRO A 507 -7.81 -9.45 -21.36
N TYR A 508 -9.09 -9.65 -21.07
CA TYR A 508 -9.52 -9.41 -19.71
C TYR A 508 -9.17 -10.57 -18.80
N ASN A 509 -8.78 -11.71 -19.38
CA ASN A 509 -8.40 -12.93 -18.67
C ASN A 509 -9.54 -13.39 -17.77
N ALA A 510 -10.73 -13.38 -18.34
CA ALA A 510 -11.96 -13.66 -17.62
C ALA A 510 -12.72 -14.78 -18.29
N ASP A 511 -13.61 -15.39 -17.53
CA ASP A 511 -14.51 -16.41 -18.01
C ASP A 511 -15.88 -16.13 -17.42
N PHE A 512 -16.88 -16.87 -17.87
CA PHE A 512 -18.25 -16.57 -17.51
C PHE A 512 -18.66 -17.50 -16.37
N ASP A 513 -18.11 -17.20 -15.20
CA ASP A 513 -18.34 -18.02 -14.01
C ASP A 513 -18.84 -17.19 -12.82
N GLY A 514 -19.34 -15.99 -13.06
CA GLY A 514 -19.87 -15.16 -12.00
C GLY A 514 -19.13 -13.88 -11.74
N ASP A 515 -17.97 -13.68 -12.37
CA ASP A 515 -17.23 -12.44 -12.16
C ASP A 515 -17.90 -11.29 -12.89
N GLU A 516 -17.47 -10.08 -12.53
CA GLU A 516 -18.11 -8.87 -12.99
C GLU A 516 -17.09 -8.00 -13.68
N MET A 517 -17.57 -7.04 -14.45
CA MET A 517 -16.68 -6.03 -15.01
C MET A 517 -17.22 -4.64 -14.72
N ASN A 518 -16.43 -3.65 -15.10
CA ASN A 518 -16.71 -2.26 -14.79
C ASN A 518 -16.82 -1.51 -16.10
N LEU A 519 -17.95 -0.89 -16.33
CA LEU A 519 -18.15 -0.08 -17.51
C LEU A 519 -18.05 1.38 -17.11
N HIS A 520 -17.27 2.15 -17.85
CA HIS A 520 -17.13 3.58 -17.67
C HIS A 520 -17.60 4.26 -18.95
N VAL A 521 -18.50 5.22 -18.82
CA VAL A 521 -18.94 6.04 -19.95
C VAL A 521 -18.16 7.34 -19.91
N PRO A 522 -17.29 7.62 -20.88
CA PRO A 522 -16.66 8.94 -20.95
C PRO A 522 -17.66 10.03 -21.29
N GLN A 523 -17.32 11.25 -20.90
CA GLN A 523 -18.28 12.34 -20.89
C GLN A 523 -17.93 13.51 -21.80
N THR A 524 -16.73 13.60 -22.33
CA THR A 524 -16.38 14.71 -23.19
C THR A 524 -15.94 14.20 -24.54
N GLU A 525 -16.04 15.08 -25.55
CA GLU A 525 -15.77 14.70 -26.93
C GLU A 525 -14.31 14.37 -27.17
N GLU A 526 -13.42 14.99 -26.42
CA GLU A 526 -12.02 14.63 -26.54
C GLU A 526 -11.73 13.31 -25.86
N ALA A 527 -12.32 13.08 -24.69
CA ALA A 527 -12.16 11.82 -23.99
C ALA A 527 -12.96 10.70 -24.59
N ARG A 528 -13.93 10.99 -25.45
CA ARG A 528 -14.65 9.96 -26.15
C ARG A 528 -13.90 9.53 -27.39
N ALA A 529 -13.09 10.43 -27.95
CA ALA A 529 -12.41 10.13 -29.20
C ALA A 529 -11.04 9.53 -28.96
N GLU A 530 -10.41 9.85 -27.84
CA GLU A 530 -9.16 9.19 -27.50
C GLU A 530 -9.42 7.76 -27.09
N ALA A 531 -10.56 7.50 -26.46
CA ALA A 531 -10.85 6.15 -26.02
C ALA A 531 -11.19 5.25 -27.19
N ILE A 532 -11.86 5.74 -28.22
CA ILE A 532 -12.26 4.79 -29.25
C ILE A 532 -11.14 4.58 -30.25
N ASN A 533 -10.19 5.50 -30.32
CA ASN A 533 -9.16 5.41 -31.34
C ASN A 533 -7.88 4.81 -30.80
N LEU A 534 -7.52 5.15 -29.58
CA LEU A 534 -6.34 4.56 -28.98
C LEU A 534 -6.67 3.30 -28.20
N MET A 535 -7.79 3.30 -27.48
CA MET A 535 -8.15 2.16 -26.66
C MET A 535 -9.16 1.26 -27.33
N GLY A 536 -9.39 1.42 -28.63
CA GLY A 536 -10.38 0.63 -29.31
C GLY A 536 -9.96 -0.82 -29.41
N VAL A 537 -10.94 -1.69 -29.64
CA VAL A 537 -10.64 -3.12 -29.73
C VAL A 537 -9.88 -3.42 -31.01
N LYS A 538 -10.31 -2.83 -32.12
CA LYS A 538 -9.72 -3.17 -33.41
C LYS A 538 -8.28 -2.69 -33.52
N ASN A 539 -7.95 -1.61 -32.82
CA ASN A 539 -6.57 -1.16 -32.82
C ASN A 539 -5.73 -1.93 -31.81
N ASN A 540 -6.34 -2.42 -30.75
CA ASN A 540 -5.64 -3.22 -29.77
C ASN A 540 -5.90 -4.71 -30.00
N LEU A 541 -5.60 -5.19 -31.18
CA LEU A 541 -5.73 -6.63 -31.44
C LEU A 541 -4.42 -7.36 -31.24
N LEU A 542 -3.36 -6.65 -30.90
CA LEU A 542 -2.03 -7.19 -30.64
C LEU A 542 -1.54 -6.67 -29.32
N THR A 543 -0.85 -7.51 -28.59
CA THR A 543 -0.27 -7.04 -27.34
C THR A 543 1.01 -6.24 -27.65
N PRO A 544 1.30 -5.21 -26.86
CA PRO A 544 2.54 -4.47 -27.09
C PRO A 544 3.76 -5.19 -26.61
N LYS A 545 3.58 -6.21 -25.76
CA LYS A 545 4.65 -7.04 -25.22
C LYS A 545 5.53 -7.66 -26.31
N SER A 546 4.90 -8.27 -27.30
CA SER A 546 5.68 -8.85 -28.38
C SER A 546 5.10 -8.58 -29.76
N GLY A 547 3.96 -7.92 -29.86
CA GLY A 547 3.36 -7.71 -31.16
C GLY A 547 2.69 -8.95 -31.70
N GLU A 548 2.12 -9.76 -30.84
CA GLU A 548 1.46 -11.00 -31.12
C GLU A 548 -0.03 -10.84 -30.94
N PRO A 549 -0.85 -11.60 -31.67
CA PRO A 549 -2.31 -11.51 -31.51
C PRO A 549 -2.75 -11.93 -30.12
N ILE A 550 -3.57 -11.10 -29.49
CA ILE A 550 -4.15 -11.45 -28.21
C ILE A 550 -5.67 -11.60 -28.26
N ILE A 551 -6.35 -10.94 -29.20
CA ILE A 551 -7.76 -11.16 -29.43
C ILE A 551 -7.88 -12.07 -30.63
N ALA A 552 -8.25 -13.31 -30.39
CA ALA A 552 -8.36 -14.31 -31.44
C ALA A 552 -9.34 -15.37 -30.95
N ALA A 553 -9.40 -16.50 -31.65
CA ALA A 553 -10.43 -17.51 -31.40
C ALA A 553 -10.25 -18.17 -30.05
N THR A 554 -11.36 -18.26 -29.32
CA THR A 554 -11.37 -18.80 -27.97
C THR A 554 -11.57 -20.32 -28.05
N GLN A 555 -11.92 -20.95 -26.93
CA GLN A 555 -11.77 -22.39 -26.78
C GLN A 555 -12.73 -23.17 -27.68
N ASP A 556 -13.94 -22.68 -27.87
CA ASP A 556 -14.97 -23.46 -28.52
C ASP A 556 -15.14 -23.06 -29.97
N PHE A 557 -14.51 -21.98 -30.39
CA PHE A 557 -14.47 -21.51 -31.76
C PHE A 557 -13.26 -22.05 -32.50
N ILE A 558 -12.41 -22.83 -31.84
CA ILE A 558 -11.27 -23.51 -32.44
C ILE A 558 -11.69 -24.94 -32.72
N THR A 559 -12.55 -25.46 -31.85
CA THR A 559 -13.08 -26.81 -32.03
C THR A 559 -14.05 -26.88 -33.21
N GLY A 560 -15.03 -25.99 -33.26
CA GLY A 560 -15.97 -25.98 -34.36
C GLY A 560 -15.31 -25.62 -35.67
N SER A 561 -14.20 -24.92 -35.62
CA SER A 561 -13.44 -24.59 -36.80
C SER A 561 -12.58 -25.74 -37.28
N TYR A 562 -11.99 -26.49 -36.36
CA TYR A 562 -11.27 -27.70 -36.72
C TYR A 562 -12.20 -28.76 -37.28
N LEU A 563 -13.41 -28.86 -36.73
CA LEU A 563 -14.34 -29.89 -37.18
C LEU A 563 -14.92 -29.61 -38.55
N ILE A 564 -14.86 -28.37 -39.03
CA ILE A 564 -15.23 -28.11 -40.42
C ILE A 564 -14.07 -28.40 -41.34
N SER A 565 -12.93 -27.78 -41.10
CA SER A 565 -11.80 -27.93 -41.99
C SER A 565 -11.05 -29.23 -41.78
N HIS A 566 -11.56 -30.14 -40.96
CA HIS A 566 -11.11 -31.53 -40.91
C HIS A 566 -11.23 -32.15 -42.30
N LYS A 567 -10.36 -33.12 -42.59
CA LYS A 567 -10.14 -33.57 -43.97
C LYS A 567 -11.37 -34.22 -44.58
N ASP A 568 -12.25 -34.80 -43.78
CA ASP A 568 -13.36 -35.52 -44.38
C ASP A 568 -14.71 -34.86 -44.10
N SER A 569 -14.81 -33.55 -44.26
CA SER A 569 -16.07 -32.85 -44.22
C SER A 569 -16.40 -32.45 -45.64
N PHE A 570 -17.55 -32.89 -46.14
CA PHE A 570 -17.95 -32.62 -47.50
C PHE A 570 -19.37 -32.11 -47.48
N TYR A 571 -19.59 -30.98 -48.14
CA TYR A 571 -20.86 -30.28 -48.07
C TYR A 571 -21.43 -30.14 -49.47
N ASP A 572 -22.76 -30.19 -49.59
CA ASP A 572 -23.44 -29.92 -50.84
C ASP A 572 -23.97 -28.49 -50.85
N ARG A 573 -24.65 -28.08 -51.93
CA ARG A 573 -25.12 -26.69 -52.04
C ARG A 573 -26.14 -26.33 -50.97
N ALA A 574 -26.97 -27.28 -50.56
CA ALA A 574 -27.95 -26.95 -49.54
C ALA A 574 -27.30 -26.74 -48.19
N THR A 575 -26.26 -27.49 -47.88
CA THR A 575 -25.63 -27.34 -46.57
C THR A 575 -24.65 -26.19 -46.60
N LEU A 576 -23.91 -26.04 -47.69
CA LEU A 576 -22.89 -25.01 -47.81
C LEU A 576 -23.47 -23.62 -47.70
N THR A 577 -24.48 -23.31 -48.50
CA THR A 577 -25.03 -21.97 -48.53
C THR A 577 -25.82 -21.64 -47.27
N GLN A 578 -26.30 -22.65 -46.56
CA GLN A 578 -26.84 -22.41 -45.22
C GLN A 578 -25.72 -22.15 -44.23
N LEU A 579 -24.61 -22.84 -44.39
CA LEU A 579 -23.46 -22.64 -43.54
C LEU A 579 -22.79 -21.30 -43.81
N LEU A 580 -22.88 -20.81 -45.05
CA LEU A 580 -22.34 -19.50 -45.39
C LEU A 580 -23.26 -18.38 -44.95
N SER A 581 -24.54 -18.68 -44.74
CA SER A 581 -25.49 -17.72 -44.22
C SER A 581 -25.44 -17.62 -42.71
N MET A 582 -24.90 -18.63 -42.04
CA MET A 582 -24.69 -18.54 -40.60
C MET A 582 -23.67 -17.47 -40.26
N MET A 583 -22.60 -17.38 -41.04
CA MET A 583 -21.52 -16.46 -40.77
C MET A 583 -21.77 -15.06 -41.29
N SER A 584 -22.77 -14.89 -42.14
CA SER A 584 -22.98 -13.63 -42.81
C SER A 584 -24.23 -12.90 -42.35
N ASP A 585 -25.09 -13.57 -41.56
CA ASP A 585 -26.44 -13.14 -41.16
C ASP A 585 -27.40 -13.01 -42.32
N GLY A 586 -27.15 -13.65 -43.45
CA GLY A 586 -28.05 -13.50 -44.58
C GLY A 586 -27.96 -12.14 -45.23
N ILE A 587 -26.82 -11.48 -45.14
CA ILE A 587 -26.62 -10.15 -45.71
C ILE A 587 -25.46 -10.16 -46.69
N GLU A 588 -24.34 -10.77 -46.32
CA GLU A 588 -23.14 -10.73 -47.14
C GLU A 588 -23.31 -11.62 -48.37
N HIS A 589 -22.80 -11.15 -49.49
CA HIS A 589 -22.90 -11.84 -50.76
C HIS A 589 -21.72 -12.77 -50.99
N PHE A 590 -21.99 -13.93 -51.58
CA PHE A 590 -21.00 -14.99 -51.77
C PHE A 590 -20.91 -15.41 -53.23
N ASP A 591 -19.70 -15.71 -53.65
CA ASP A 591 -19.45 -16.28 -54.96
C ASP A 591 -19.04 -17.72 -54.75
N ILE A 592 -19.88 -18.64 -55.17
CA ILE A 592 -19.65 -20.06 -54.90
C ILE A 592 -18.56 -20.55 -55.85
N PRO A 593 -17.51 -21.16 -55.34
CA PRO A 593 -16.51 -21.72 -56.21
C PRO A 593 -17.02 -23.02 -56.79
N PRO A 594 -16.39 -23.53 -57.85
CA PRO A 594 -16.68 -24.88 -58.27
C PRO A 594 -16.29 -25.87 -57.21
N PRO A 595 -17.02 -26.96 -57.06
CA PRO A 595 -16.82 -27.86 -55.95
C PRO A 595 -15.53 -28.64 -56.07
N ALA A 596 -15.10 -29.18 -54.94
CA ALA A 596 -13.87 -29.95 -54.93
C ALA A 596 -14.06 -31.30 -55.61
N ILE A 597 -15.28 -31.84 -55.62
CA ILE A 597 -15.57 -33.17 -56.13
C ILE A 597 -16.75 -33.05 -57.06
N MET A 598 -16.65 -33.62 -58.26
CA MET A 598 -17.70 -33.36 -59.22
C MET A 598 -18.45 -34.58 -59.72
N LYS A 599 -17.80 -35.72 -59.91
CA LYS A 599 -18.48 -36.70 -60.75
C LYS A 599 -19.55 -37.52 -60.04
N PRO A 600 -19.33 -38.16 -58.85
CA PRO A 600 -20.48 -38.78 -58.21
C PRO A 600 -21.48 -37.73 -57.77
N TYR A 601 -21.08 -36.80 -56.89
CA TYR A 601 -21.96 -35.72 -56.50
C TYR A 601 -21.20 -34.41 -56.57
N TYR A 602 -21.80 -33.32 -56.12
CA TYR A 602 -21.14 -32.02 -56.07
C TYR A 602 -20.87 -31.71 -54.61
N LEU A 603 -19.61 -31.81 -54.20
CA LEU A 603 -19.27 -31.68 -52.80
C LEU A 603 -18.17 -30.66 -52.62
N TRP A 604 -18.27 -29.91 -51.54
CA TRP A 604 -17.33 -28.88 -51.15
C TRP A 604 -16.64 -29.33 -49.88
N THR A 605 -15.31 -29.30 -49.87
CA THR A 605 -14.61 -29.60 -48.64
C THR A 605 -14.83 -28.48 -47.63
N GLY A 606 -14.49 -28.78 -46.37
CA GLY A 606 -14.59 -27.77 -45.34
C GLY A 606 -13.52 -26.72 -45.43
N LYS A 607 -12.47 -26.97 -46.21
CA LYS A 607 -11.46 -25.95 -46.44
C LYS A 607 -11.91 -24.95 -47.48
N GLN A 608 -12.87 -25.31 -48.32
CA GLN A 608 -13.44 -24.31 -49.24
C GLN A 608 -14.42 -23.41 -48.52
N VAL A 609 -14.91 -23.82 -47.36
CA VAL A 609 -15.84 -22.99 -46.61
C VAL A 609 -15.11 -21.88 -45.86
N PHE A 610 -13.94 -22.19 -45.29
CA PHE A 610 -13.17 -21.16 -44.62
C PHE A 610 -12.49 -20.23 -45.58
N SER A 611 -12.28 -20.67 -46.80
CA SER A 611 -11.76 -19.76 -47.82
C SER A 611 -12.81 -18.75 -48.25
N LEU A 612 -14.08 -19.02 -47.97
CA LEU A 612 -15.13 -18.04 -48.20
C LEU A 612 -15.40 -17.21 -46.96
N LEU A 613 -14.84 -17.60 -45.83
CA LEU A 613 -14.91 -16.76 -44.64
C LEU A 613 -13.86 -15.67 -44.71
N ILE A 614 -12.76 -15.92 -45.41
CA ILE A 614 -11.71 -14.91 -45.51
C ILE A 614 -12.11 -13.85 -46.51
N LYS A 615 -12.26 -14.24 -47.78
CA LYS A 615 -12.88 -13.34 -48.74
C LYS A 615 -14.17 -13.97 -49.24
N PRO A 616 -15.32 -13.35 -48.99
CA PRO A 616 -16.58 -13.97 -49.42
C PRO A 616 -16.80 -13.92 -50.91
N ASN A 617 -16.49 -12.80 -51.56
CA ASN A 617 -16.69 -12.67 -53.00
C ASN A 617 -15.49 -11.96 -53.60
N HIS A 618 -15.59 -11.64 -54.89
CA HIS A 618 -14.49 -10.99 -55.59
C HIS A 618 -14.36 -9.53 -55.24
N ASN A 619 -15.40 -8.94 -54.66
CA ASN A 619 -15.33 -7.54 -54.24
C ASN A 619 -14.54 -7.38 -52.96
N SER A 620 -14.38 -8.44 -52.18
CA SER A 620 -13.63 -8.35 -50.94
C SER A 620 -12.13 -8.25 -51.25
N PRO A 621 -11.41 -7.40 -50.53
CA PRO A 621 -10.01 -7.14 -50.89
C PRO A 621 -9.03 -8.13 -50.30
N VAL A 622 -9.45 -8.85 -49.26
CA VAL A 622 -8.56 -9.66 -48.45
C VAL A 622 -8.06 -10.85 -49.26
N VAL A 623 -6.80 -10.81 -49.66
CA VAL A 623 -6.14 -11.86 -50.40
C VAL A 623 -4.88 -12.20 -49.63
N ILE A 624 -4.90 -13.29 -48.86
CA ILE A 624 -3.80 -13.59 -47.96
C ILE A 624 -3.04 -14.81 -48.44
N ASN A 625 -1.76 -14.85 -48.07
CA ASN A 625 -0.82 -15.86 -48.52
C ASN A 625 0.08 -16.16 -47.33
N LEU A 626 -0.32 -17.14 -46.53
CA LEU A 626 0.44 -17.50 -45.35
C LEU A 626 0.81 -18.97 -45.43
N ASP A 627 1.56 -19.43 -44.44
CA ASP A 627 2.12 -20.77 -44.49
C ASP A 627 2.53 -21.15 -43.09
N ALA A 628 1.99 -22.24 -42.57
CA ALA A 628 2.00 -22.42 -41.12
C ALA A 628 1.93 -23.90 -40.76
N LYS A 629 2.54 -24.23 -39.63
CA LYS A 629 2.41 -25.55 -39.02
C LYS A 629 1.35 -25.53 -37.93
N ASN A 630 0.61 -26.63 -37.80
CA ASN A 630 -0.38 -26.74 -36.76
C ASN A 630 0.27 -27.13 -35.44
N LYS A 631 -0.55 -27.35 -34.42
CA LYS A 631 -0.01 -27.79 -33.13
C LYS A 631 0.57 -29.19 -33.22
N VAL A 632 -0.28 -30.17 -33.49
CA VAL A 632 0.14 -31.55 -33.66
C VAL A 632 0.54 -31.68 -35.12
N PHE A 633 1.83 -31.64 -35.38
CA PHE A 633 2.38 -31.78 -36.70
C PHE A 633 3.13 -33.12 -36.77
N VAL A 634 2.49 -34.13 -37.33
CA VAL A 634 3.21 -35.33 -37.72
C VAL A 634 3.94 -35.05 -39.04
N PRO A 635 5.25 -35.20 -39.10
CA PRO A 635 5.98 -34.89 -40.33
C PRO A 635 5.68 -35.89 -41.43
N PRO A 636 6.06 -35.60 -42.69
CA PRO A 636 5.84 -36.57 -43.78
C PRO A 636 6.63 -37.85 -43.58
N LYS A 637 6.35 -38.82 -44.46
CA LYS A 637 7.01 -40.12 -44.39
C LYS A 637 8.49 -40.00 -44.71
N SER A 638 8.82 -39.57 -45.91
CA SER A 638 10.20 -39.26 -46.21
C SER A 638 10.48 -37.80 -45.88
N LYS A 639 11.75 -37.47 -45.74
CA LYS A 639 12.16 -36.10 -45.47
C LYS A 639 12.39 -35.29 -46.74
N SER A 640 12.01 -35.83 -47.90
CA SER A 640 12.08 -35.08 -49.14
C SER A 640 10.75 -34.42 -49.48
N LEU A 641 9.64 -35.04 -49.10
CA LEU A 641 8.33 -34.41 -49.26
C LEU A 641 8.26 -33.21 -48.34
N PRO A 642 7.87 -32.02 -48.84
CA PRO A 642 8.30 -30.77 -48.20
C PRO A 642 7.78 -30.53 -46.81
N ASN A 643 6.52 -30.14 -46.69
CA ASN A 643 6.01 -29.97 -45.35
C ASN A 643 4.53 -30.29 -45.31
N GLU A 644 3.85 -30.05 -46.43
CA GLU A 644 2.40 -30.19 -46.49
C GLU A 644 1.98 -31.57 -46.95
N MET A 645 2.93 -32.43 -47.29
CA MET A 645 2.69 -33.85 -47.50
C MET A 645 2.72 -34.62 -46.20
N SER A 646 2.47 -33.91 -45.10
CA SER A 646 2.54 -34.45 -43.76
C SER A 646 1.43 -35.43 -43.53
N GLN A 647 1.69 -36.37 -42.63
CA GLN A 647 0.61 -37.13 -42.06
C GLN A 647 -0.19 -36.23 -41.13
N ASN A 648 -1.43 -36.66 -40.87
CA ASN A 648 -2.51 -36.04 -40.09
C ASN A 648 -2.92 -34.65 -40.57
N ASP A 649 -2.42 -34.18 -41.71
CA ASP A 649 -2.83 -32.93 -42.36
C ASP A 649 -2.60 -31.74 -41.43
N GLY A 650 -1.34 -31.49 -41.15
CA GLY A 650 -0.99 -30.60 -40.06
C GLY A 650 -0.12 -29.44 -40.46
N PHE A 651 -0.14 -29.09 -41.75
CA PHE A 651 0.61 -27.96 -42.27
C PHE A 651 -0.32 -27.18 -43.18
N VAL A 652 -0.70 -25.99 -42.76
CA VAL A 652 -1.67 -25.19 -43.51
C VAL A 652 -0.95 -24.24 -44.45
N ILE A 653 -1.34 -24.30 -45.73
CA ILE A 653 -0.86 -23.41 -46.77
C ILE A 653 -2.05 -22.74 -47.41
N ILE A 654 -2.09 -21.41 -47.34
CA ILE A 654 -3.15 -20.59 -47.92
C ILE A 654 -2.53 -19.79 -49.04
N ARG A 655 -3.08 -19.90 -50.25
CA ARG A 655 -2.55 -19.15 -51.39
C ARG A 655 -3.68 -18.40 -52.07
N GLY A 656 -3.72 -17.10 -51.89
CA GLY A 656 -4.67 -16.28 -52.59
C GLY A 656 -5.99 -16.30 -51.87
N SER A 657 -5.89 -16.27 -50.53
CA SER A 657 -7.01 -16.31 -49.60
C SER A 657 -7.85 -17.57 -49.78
N GLN A 658 -7.20 -18.68 -50.07
CA GLN A 658 -7.90 -19.95 -50.14
C GLN A 658 -7.02 -21.07 -49.61
N ILE A 659 -7.62 -21.98 -48.87
CA ILE A 659 -6.90 -22.92 -48.03
C ILE A 659 -6.68 -24.20 -48.80
N LEU A 660 -5.43 -24.54 -49.04
CA LEU A 660 -5.12 -25.69 -49.86
C LEU A 660 -4.79 -26.91 -49.03
N SER A 661 -4.44 -26.73 -47.76
CA SER A 661 -4.12 -27.84 -46.88
C SER A 661 -4.26 -27.41 -45.43
N GLY A 662 -4.24 -28.39 -44.55
CA GLY A 662 -4.14 -28.16 -43.12
C GLY A 662 -5.41 -27.71 -42.43
N VAL A 663 -5.62 -28.16 -41.20
CA VAL A 663 -6.81 -27.81 -40.43
C VAL A 663 -6.71 -26.41 -39.86
N MET A 664 -7.80 -25.91 -39.31
CA MET A 664 -7.86 -24.60 -38.68
C MET A 664 -7.94 -24.78 -37.18
N ASP A 665 -6.92 -24.35 -36.46
CA ASP A 665 -6.79 -24.69 -35.05
C ASP A 665 -6.27 -23.48 -34.27
N LYS A 666 -5.75 -23.74 -33.06
CA LYS A 666 -5.16 -22.69 -32.24
C LYS A 666 -3.91 -22.11 -32.88
N SER A 667 -3.19 -22.91 -33.64
CA SER A 667 -1.96 -22.43 -34.28
C SER A 667 -2.24 -21.37 -35.32
N VAL A 668 -3.40 -21.42 -35.97
CA VAL A 668 -3.74 -20.48 -37.02
C VAL A 668 -5.00 -19.69 -36.73
N LEU A 669 -5.62 -19.88 -35.58
CA LEU A 669 -6.70 -18.99 -35.19
C LEU A 669 -6.59 -18.49 -33.77
N GLY A 670 -5.62 -18.94 -32.99
CA GLY A 670 -5.51 -18.58 -31.60
C GLY A 670 -4.59 -17.40 -31.38
N ASP A 671 -4.17 -17.24 -30.13
CA ASP A 671 -3.61 -15.99 -29.66
C ASP A 671 -2.11 -16.05 -29.36
N GLY A 672 -1.35 -16.77 -30.16
CA GLY A 672 0.07 -16.75 -29.87
C GLY A 672 1.02 -16.49 -31.02
N LYS A 673 0.56 -16.74 -32.23
CA LYS A 673 1.46 -16.90 -33.35
C LYS A 673 1.33 -15.74 -34.32
N LYS A 674 2.45 -15.33 -34.88
CA LYS A 674 2.52 -14.32 -35.92
C LYS A 674 2.30 -14.89 -37.30
N HIS A 675 1.93 -16.17 -37.39
CA HIS A 675 1.42 -16.74 -38.62
C HIS A 675 -0.05 -17.11 -38.53
N SER A 676 -0.78 -16.48 -37.62
CA SER A 676 -2.21 -16.69 -37.55
C SER A 676 -2.87 -16.12 -38.79
N VAL A 677 -4.04 -16.66 -39.10
CA VAL A 677 -4.81 -16.16 -40.24
C VAL A 677 -5.31 -14.76 -39.96
N PHE A 678 -5.75 -14.52 -38.74
CA PHE A 678 -6.25 -13.20 -38.37
C PHE A 678 -5.13 -12.18 -38.30
N TYR A 679 -3.93 -12.62 -37.93
CA TYR A 679 -2.79 -11.72 -37.89
C TYR A 679 -2.42 -11.25 -39.29
N THR A 680 -2.48 -12.14 -40.27
CA THR A 680 -2.09 -11.78 -41.64
C THR A 680 -3.11 -10.85 -42.27
N ILE A 681 -4.39 -11.00 -41.93
CA ILE A 681 -5.41 -10.10 -42.47
C ILE A 681 -5.25 -8.70 -41.88
N LEU A 682 -4.79 -8.62 -40.63
CA LEU A 682 -4.59 -7.33 -40.00
C LEU A 682 -3.37 -6.63 -40.56
N ARG A 683 -2.27 -7.36 -40.72
CA ARG A 683 -1.01 -6.77 -41.14
C ARG A 683 -0.97 -6.47 -42.61
N ASP A 684 -1.99 -6.86 -43.37
CA ASP A 684 -2.04 -6.56 -44.79
C ASP A 684 -3.23 -5.70 -45.17
N TYR A 685 -4.31 -5.72 -44.39
CA TYR A 685 -5.53 -5.04 -44.78
C TYR A 685 -6.17 -4.18 -43.70
N GLY A 686 -5.68 -4.22 -42.48
CA GLY A 686 -6.13 -3.26 -41.51
C GLY A 686 -7.02 -3.86 -40.47
N PRO A 687 -7.37 -3.06 -39.47
CA PRO A 687 -8.07 -3.61 -38.29
C PRO A 687 -9.52 -3.98 -38.55
N GLN A 688 -10.18 -3.41 -39.55
CA GLN A 688 -11.58 -3.76 -39.73
C GLN A 688 -11.74 -5.09 -40.46
N GLU A 689 -10.93 -5.34 -41.48
CA GLU A 689 -11.04 -6.58 -42.24
C GLU A 689 -10.66 -7.79 -41.39
N ALA A 690 -9.73 -7.61 -40.46
CA ALA A 690 -9.43 -8.67 -39.51
C ALA A 690 -10.55 -8.80 -38.48
N ALA A 691 -11.27 -7.71 -38.21
CA ALA A 691 -12.38 -7.81 -37.28
C ALA A 691 -13.60 -8.43 -37.95
N ASN A 692 -13.82 -8.11 -39.22
CA ASN A 692 -14.95 -8.69 -39.96
C ASN A 692 -14.81 -10.19 -40.14
N ALA A 693 -13.59 -10.66 -40.42
CA ALA A 693 -13.39 -12.09 -40.62
C ALA A 693 -13.51 -12.84 -39.31
N MET A 694 -13.24 -12.17 -38.21
CA MET A 694 -13.39 -12.80 -36.91
C MET A 694 -14.85 -12.84 -36.50
N ASN A 695 -15.64 -11.85 -36.92
CA ASN A 695 -17.05 -11.86 -36.60
C ASN A 695 -17.80 -12.86 -37.45
N ARG A 696 -17.31 -13.15 -38.65
CA ARG A 696 -17.88 -14.23 -39.43
C ARG A 696 -17.58 -15.59 -38.80
N MET A 697 -16.38 -15.77 -38.27
CA MET A 697 -16.03 -17.05 -37.69
C MET A 697 -16.72 -17.25 -36.34
N ALA A 698 -16.99 -16.18 -35.62
CA ALA A 698 -17.70 -16.31 -34.35
C ALA A 698 -19.15 -16.69 -34.55
N LYS A 699 -19.77 -16.20 -35.62
CA LYS A 699 -21.18 -16.47 -35.87
C LYS A 699 -21.40 -17.85 -36.47
N LEU A 700 -20.51 -18.28 -37.37
CA LEU A 700 -20.64 -19.61 -37.93
C LEU A 700 -20.44 -20.70 -36.89
N CYS A 701 -19.34 -20.62 -36.13
CA CYS A 701 -19.01 -21.63 -35.14
C CYS A 701 -19.94 -21.62 -33.93
N ALA A 702 -20.83 -20.63 -33.82
CA ALA A 702 -21.83 -20.60 -32.79
C ALA A 702 -23.18 -21.11 -33.27
N ARG A 703 -23.30 -21.35 -34.57
CA ARG A 703 -24.47 -21.96 -35.15
C ARG A 703 -24.20 -23.33 -35.73
N PHE A 704 -22.96 -23.58 -36.14
CA PHE A 704 -22.57 -24.88 -36.68
C PHE A 704 -22.62 -25.95 -35.61
N LEU A 705 -21.90 -25.74 -34.51
CA LEU A 705 -21.52 -26.80 -33.60
C LEU A 705 -22.69 -27.33 -32.78
N GLY A 706 -23.77 -26.56 -32.67
CA GLY A 706 -25.00 -27.04 -32.09
C GLY A 706 -25.88 -27.78 -33.04
N ASN A 707 -25.52 -27.81 -34.31
CA ASN A 707 -26.24 -28.55 -35.32
C ASN A 707 -25.40 -29.65 -35.92
N ARG A 708 -24.13 -29.72 -35.57
CA ARG A 708 -23.26 -30.83 -35.89
C ARG A 708 -23.19 -31.82 -34.74
N GLY A 709 -23.05 -31.33 -33.51
CA GLY A 709 -22.94 -32.18 -32.34
C GLY A 709 -21.50 -32.48 -31.97
N PHE A 710 -21.10 -32.15 -30.75
CA PHE A 710 -19.81 -32.52 -30.20
C PHE A 710 -19.98 -32.64 -28.70
N SER A 711 -19.41 -33.69 -28.11
CA SER A 711 -19.79 -34.08 -26.77
C SER A 711 -18.70 -34.95 -26.17
N ILE A 712 -18.71 -35.09 -24.85
CA ILE A 712 -17.70 -35.87 -24.14
C ILE A 712 -18.40 -36.85 -23.20
N GLY A 713 -17.93 -38.08 -23.19
CA GLY A 713 -18.60 -39.10 -22.41
C GLY A 713 -17.68 -39.90 -21.52
N ILE A 714 -18.17 -41.02 -21.00
CA ILE A 714 -17.30 -41.88 -20.22
C ILE A 714 -16.48 -42.79 -21.11
N ASN A 715 -16.86 -42.97 -22.37
CA ASN A 715 -16.07 -43.81 -23.24
C ASN A 715 -14.85 -43.10 -23.79
N ASP A 716 -14.81 -41.78 -23.67
CA ASP A 716 -13.61 -41.03 -24.01
C ASP A 716 -12.52 -41.25 -22.99
N VAL A 717 -12.89 -41.31 -21.72
CA VAL A 717 -11.96 -41.46 -20.61
C VAL A 717 -11.66 -42.92 -20.32
N THR A 718 -12.48 -43.84 -20.78
CA THR A 718 -12.32 -45.24 -20.43
C THR A 718 -11.16 -45.88 -21.20
N PRO A 719 -10.24 -46.55 -20.52
CA PRO A 719 -9.15 -47.24 -21.23
C PRO A 719 -9.60 -48.58 -21.80
N ALA A 720 -9.05 -48.92 -22.96
CA ALA A 720 -9.31 -50.23 -23.52
C ALA A 720 -8.52 -51.28 -22.75
N ASP A 721 -8.99 -52.53 -22.83
CA ASP A 721 -8.47 -53.58 -21.96
C ASP A 721 -7.08 -54.08 -22.36
N ASP A 722 -6.54 -53.64 -23.49
CA ASP A 722 -5.13 -53.87 -23.79
C ASP A 722 -4.23 -52.74 -23.34
N LEU A 723 -4.79 -51.59 -22.95
CA LEU A 723 -4.04 -50.65 -22.14
C LEU A 723 -3.98 -51.12 -20.69
N LYS A 724 -5.06 -51.74 -20.22
CA LYS A 724 -5.14 -52.18 -18.84
C LYS A 724 -4.23 -53.35 -18.54
N GLN A 725 -3.86 -54.13 -19.54
CA GLN A 725 -2.86 -55.17 -19.32
C GLN A 725 -1.45 -54.60 -19.45
N LYS A 726 -1.26 -53.67 -20.38
CA LYS A 726 0.07 -53.15 -20.63
C LYS A 726 0.45 -52.11 -19.57
N LYS A 727 -0.51 -51.56 -18.85
CA LYS A 727 -0.17 -50.62 -17.78
C LYS A 727 0.50 -51.34 -16.61
N GLU A 728 -0.09 -52.45 -16.18
CA GLU A 728 0.48 -53.26 -15.11
C GLU A 728 1.54 -54.23 -15.59
N GLU A 729 2.17 -53.96 -16.72
CA GLU A 729 3.45 -54.54 -17.07
C GLU A 729 4.57 -53.52 -16.96
N LEU A 730 4.32 -52.31 -17.47
CA LEU A 730 5.33 -51.26 -17.43
C LEU A 730 5.52 -50.74 -16.01
N VAL A 731 4.47 -50.79 -15.19
CA VAL A 731 4.58 -50.28 -13.85
C VAL A 731 5.24 -51.29 -12.92
N GLU A 732 4.90 -52.57 -13.05
CA GLU A 732 5.51 -53.58 -12.19
C GLU A 732 6.99 -53.76 -12.46
N ILE A 733 7.42 -53.48 -13.70
CA ILE A 733 8.85 -53.37 -13.97
C ILE A 733 9.45 -52.18 -13.23
N ALA A 734 8.76 -51.04 -13.26
CA ALA A 734 9.24 -49.88 -12.51
C ALA A 734 9.12 -50.09 -11.02
N TYR A 735 8.12 -50.84 -10.57
CA TYR A 735 8.07 -51.16 -9.15
C TYR A 735 9.12 -52.18 -8.77
N HIS A 736 9.53 -53.04 -9.70
CA HIS A 736 10.59 -53.99 -9.38
C HIS A 736 11.96 -53.36 -9.47
N LYS A 737 12.17 -52.43 -10.41
CA LYS A 737 13.45 -51.75 -10.49
C LYS A 737 13.66 -50.79 -9.33
N CYS A 738 12.57 -50.16 -8.86
CA CYS A 738 12.71 -49.30 -7.70
C CYS A 738 12.85 -50.08 -6.40
N ASP A 739 12.51 -51.37 -6.40
CA ASP A 739 12.74 -52.18 -5.22
C ASP A 739 14.04 -52.94 -5.26
N GLU A 740 14.67 -53.05 -6.44
CA GLU A 740 16.05 -53.46 -6.57
C GLU A 740 17.01 -52.28 -6.52
N LEU A 741 16.59 -51.18 -5.91
CA LEU A 741 17.41 -49.99 -5.85
C LEU A 741 17.43 -49.47 -4.42
N ILE A 742 16.38 -49.76 -3.67
CA ILE A 742 16.34 -49.44 -2.25
C ILE A 742 17.04 -50.52 -1.44
N THR A 743 16.97 -51.77 -1.91
CA THR A 743 17.73 -52.84 -1.26
C THR A 743 19.22 -52.70 -1.49
N LEU A 744 19.64 -51.92 -2.49
CA LEU A 744 21.02 -51.50 -2.64
C LEU A 744 21.31 -50.20 -1.90
N PHE A 745 20.34 -49.67 -1.17
CA PHE A 745 20.46 -48.44 -0.40
C PHE A 745 20.38 -48.66 1.09
N ASN A 746 19.57 -49.63 1.54
CA ASN A 746 19.51 -49.94 2.97
C ASN A 746 20.85 -50.48 3.46
N LYS A 747 21.51 -51.29 2.64
CA LYS A 747 22.94 -51.45 2.76
C LYS A 747 23.61 -50.37 1.92
N GLY A 748 24.64 -49.76 2.47
CA GLY A 748 25.23 -48.64 1.77
C GLY A 748 26.09 -49.10 0.61
N GLU A 749 25.55 -48.98 -0.60
CA GLU A 749 26.25 -49.46 -1.77
C GLU A 749 26.14 -48.53 -2.98
N LEU A 750 25.19 -47.60 -3.00
CA LEU A 750 24.90 -46.82 -4.20
C LEU A 750 25.97 -45.77 -4.44
N GLU A 751 26.59 -45.82 -5.61
CA GLU A 751 27.44 -44.73 -6.05
C GLU A 751 26.59 -43.50 -6.36
N THR A 752 27.20 -42.33 -6.19
CA THR A 752 26.48 -41.07 -6.27
C THR A 752 26.95 -40.26 -7.46
N GLN A 753 26.06 -39.41 -7.97
CA GLN A 753 26.47 -38.36 -8.88
C GLN A 753 27.33 -37.35 -8.11
N PRO A 754 28.22 -36.61 -8.80
CA PRO A 754 29.12 -35.71 -8.07
C PRO A 754 28.50 -34.45 -7.47
N GLY A 755 27.18 -34.35 -7.44
CA GLY A 755 26.54 -33.26 -6.74
C GLY A 755 25.72 -33.67 -5.54
N CYS A 756 25.58 -34.97 -5.30
CA CYS A 756 24.63 -35.48 -4.32
C CYS A 756 25.27 -36.53 -3.43
N ASN A 757 24.60 -36.82 -2.31
CA ASN A 757 24.96 -37.93 -1.45
C ASN A 757 24.10 -39.14 -1.80
N GLU A 758 24.15 -40.17 -0.95
CA GLU A 758 23.53 -41.45 -1.32
C GLU A 758 22.02 -41.41 -1.21
N GLU A 759 21.47 -40.62 -0.28
CA GLU A 759 20.02 -40.49 -0.21
C GLU A 759 19.48 -39.64 -1.36
N GLN A 760 20.15 -38.54 -1.68
CA GLN A 760 19.70 -37.69 -2.76
C GLN A 760 19.89 -38.36 -4.12
N THR A 761 20.91 -39.19 -4.28
CA THR A 761 21.06 -39.88 -5.55
C THR A 761 20.07 -41.04 -5.68
N LEU A 762 19.51 -41.51 -4.57
CA LEU A 762 18.38 -42.42 -4.66
C LEU A 762 17.17 -41.71 -5.25
N GLU A 763 16.91 -40.50 -4.76
CA GLU A 763 15.71 -39.75 -5.15
C GLU A 763 15.75 -39.31 -6.60
N ALA A 764 16.94 -39.25 -7.21
CA ALA A 764 17.01 -38.96 -8.63
C ALA A 764 16.87 -40.22 -9.46
N LYS A 765 17.40 -41.35 -8.98
CA LYS A 765 17.21 -42.61 -9.69
C LYS A 765 15.81 -43.16 -9.52
N ILE A 766 15.12 -42.80 -8.44
CA ILE A 766 13.79 -43.33 -8.18
C ILE A 766 12.71 -42.34 -8.62
N GLY A 767 13.05 -41.08 -8.85
CA GLY A 767 12.10 -40.11 -9.35
C GLY A 767 12.19 -40.00 -10.84
N GLY A 768 13.40 -40.17 -11.38
CA GLY A 768 13.59 -40.21 -12.81
C GLY A 768 13.19 -41.50 -13.47
N LEU A 769 12.84 -42.51 -12.68
CA LEU A 769 12.32 -43.77 -13.20
C LEU A 769 10.81 -43.85 -13.11
N LEU A 770 10.21 -43.17 -12.13
CA LEU A 770 8.76 -43.01 -12.12
C LEU A 770 8.29 -41.97 -13.12
N SER A 771 9.16 -41.03 -13.49
CA SER A 771 8.78 -40.03 -14.47
C SER A 771 8.85 -40.55 -15.89
N LYS A 772 9.50 -41.69 -16.12
CA LYS A 772 9.53 -42.29 -17.43
C LYS A 772 8.40 -43.28 -17.65
N VAL A 773 7.68 -43.68 -16.60
CA VAL A 773 6.53 -44.56 -16.82
C VAL A 773 5.23 -43.80 -16.89
N ARG A 774 5.23 -42.50 -16.64
CA ARG A 774 4.16 -41.67 -17.19
C ARG A 774 4.34 -41.51 -18.68
N GLU A 775 5.59 -41.57 -19.15
CA GLU A 775 5.86 -41.43 -20.58
C GLU A 775 5.60 -42.73 -21.33
N GLU A 776 5.96 -43.86 -20.73
CA GLU A 776 5.69 -45.15 -21.36
C GLU A 776 4.20 -45.42 -21.42
N VAL A 777 3.52 -45.37 -20.28
CA VAL A 777 2.10 -45.69 -20.21
C VAL A 777 1.26 -44.57 -20.81
N GLY A 778 1.75 -43.33 -20.78
CA GLY A 778 1.05 -42.25 -21.44
C GLY A 778 1.05 -42.37 -22.96
N ASP A 779 2.17 -42.81 -23.54
CA ASP A 779 2.22 -42.97 -24.99
C ASP A 779 1.40 -44.16 -25.45
N VAL A 780 1.29 -45.21 -24.64
CA VAL A 780 0.40 -46.32 -24.97
C VAL A 780 -1.05 -45.86 -24.94
N CYS A 781 -1.37 -44.87 -24.09
CA CYS A 781 -2.72 -44.32 -24.05
C CYS A 781 -3.06 -43.53 -25.30
N ILE A 782 -2.31 -42.46 -25.56
CA ILE A 782 -2.67 -41.46 -26.57
C ILE A 782 -2.60 -42.03 -27.98
N ASN A 783 -1.73 -43.01 -28.20
CA ASN A 783 -1.68 -43.65 -29.52
C ASN A 783 -2.81 -44.65 -29.74
N GLU A 784 -3.61 -44.93 -28.71
CA GLU A 784 -4.62 -45.98 -28.74
C GLU A 784 -6.05 -45.45 -28.82
N LEU A 785 -6.27 -44.23 -28.34
CA LEU A 785 -7.60 -43.64 -28.38
C LEU A 785 -7.97 -43.32 -29.83
N ASP A 786 -9.19 -43.69 -30.24
CA ASP A 786 -9.55 -43.66 -31.64
C ASP A 786 -9.75 -42.22 -32.11
N ASN A 787 -9.89 -42.06 -33.42
CA ASN A 787 -10.39 -40.80 -33.92
C ASN A 787 -11.83 -40.63 -33.49
N TRP A 788 -12.26 -39.38 -33.43
CA TRP A 788 -13.48 -38.89 -32.80
C TRP A 788 -13.51 -39.19 -31.31
N ASN A 789 -12.35 -39.37 -30.69
CA ASN A 789 -12.26 -39.20 -29.26
C ASN A 789 -12.40 -37.73 -28.94
N ALA A 790 -13.19 -37.40 -27.94
CA ALA A 790 -13.45 -35.99 -27.67
C ALA A 790 -12.27 -35.24 -27.06
N PRO A 791 -11.59 -35.72 -26.00
CA PRO A 791 -10.46 -34.92 -25.50
C PRO A 791 -9.23 -35.00 -26.38
N LEU A 792 -9.18 -35.95 -27.30
CA LEU A 792 -8.08 -35.97 -28.25
C LEU A 792 -8.27 -34.90 -29.32
N ILE A 793 -9.52 -34.60 -29.68
CA ILE A 793 -9.78 -33.50 -30.61
C ILE A 793 -9.51 -32.17 -29.92
N MET A 794 -9.95 -32.02 -28.68
CA MET A 794 -9.76 -30.76 -27.95
C MET A 794 -8.33 -30.53 -27.51
N ALA A 795 -7.41 -31.45 -27.76
CA ALA A 795 -5.99 -31.20 -27.60
C ALA A 795 -5.26 -31.12 -28.94
N THR A 796 -5.82 -31.70 -29.99
CA THR A 796 -5.29 -31.47 -31.33
C THR A 796 -5.64 -30.08 -31.82
N CYS A 797 -6.84 -29.59 -31.48
CA CYS A 797 -7.25 -28.22 -31.75
C CYS A 797 -6.34 -27.25 -31.03
N GLY A 798 -6.40 -27.27 -29.71
CA GLY A 798 -5.82 -26.21 -28.93
C GLY A 798 -6.93 -25.53 -28.17
N SER A 799 -8.03 -26.28 -28.01
CA SER A 799 -9.10 -25.95 -27.09
C SER A 799 -8.67 -26.37 -25.69
N LYS A 800 -9.61 -26.46 -24.76
CA LYS A 800 -9.25 -26.91 -23.43
C LYS A 800 -8.78 -28.35 -23.48
N GLY A 801 -7.52 -28.56 -23.12
CA GLY A 801 -7.00 -29.90 -22.97
C GLY A 801 -5.54 -29.99 -23.33
N SER A 802 -4.79 -30.74 -22.53
CA SER A 802 -3.44 -31.14 -22.90
C SER A 802 -3.42 -32.64 -23.10
N THR A 803 -2.33 -33.14 -23.67
CA THR A 803 -2.17 -34.58 -23.80
C THR A 803 -1.77 -35.22 -22.49
N LEU A 804 -1.38 -34.41 -21.49
CA LEU A 804 -1.12 -34.92 -20.16
C LEU A 804 -2.41 -35.06 -19.38
N ASN A 805 -3.33 -34.12 -19.55
CA ASN A 805 -4.63 -34.18 -18.89
C ASN A 805 -5.43 -35.39 -19.34
N VAL A 806 -5.29 -35.77 -20.61
CA VAL A 806 -5.98 -36.94 -21.12
C VAL A 806 -5.34 -38.19 -20.55
N SER A 807 -4.01 -38.19 -20.45
CA SER A 807 -3.26 -39.32 -19.93
C SER A 807 -3.63 -39.61 -18.48
N GLN A 808 -3.75 -38.58 -17.66
CA GLN A 808 -4.09 -38.79 -16.26
C GLN A 808 -5.51 -39.27 -16.07
N MET A 809 -6.39 -38.97 -17.01
CA MET A 809 -7.76 -39.45 -16.90
C MET A 809 -7.88 -40.90 -17.35
N VAL A 810 -6.95 -41.38 -18.14
CA VAL A 810 -7.00 -42.72 -18.72
C VAL A 810 -5.90 -43.61 -18.15
N ALA A 811 -4.64 -43.23 -18.35
CA ALA A 811 -3.45 -43.94 -17.90
C ALA A 811 -3.04 -43.42 -16.53
N VAL A 812 -1.79 -43.65 -16.13
CA VAL A 812 -1.30 -43.28 -14.80
C VAL A 812 -1.38 -41.77 -14.58
N VAL A 813 -1.87 -41.38 -13.39
CA VAL A 813 -1.82 -39.99 -12.98
C VAL A 813 -0.39 -39.57 -12.66
N GLY A 814 0.35 -40.42 -11.96
CA GLY A 814 1.79 -40.25 -11.85
C GLY A 814 2.24 -39.66 -10.53
N GLN A 815 3.48 -39.20 -10.53
CA GLN A 815 4.11 -38.72 -9.30
C GLN A 815 3.52 -37.39 -8.86
N GLN A 816 3.11 -37.32 -7.60
CA GLN A 816 2.62 -36.09 -6.99
C GLN A 816 3.82 -35.34 -6.44
N ILE A 817 4.34 -34.42 -7.24
CA ILE A 817 5.50 -33.64 -6.84
C ILE A 817 5.06 -32.52 -5.91
N ILE A 818 5.70 -32.42 -4.75
CA ILE A 818 5.44 -31.38 -3.77
C ILE A 818 6.74 -30.64 -3.54
N SER A 819 6.75 -29.35 -3.92
CA SER A 819 7.90 -28.44 -3.75
C SER A 819 9.15 -28.95 -4.46
N GLY A 820 8.99 -29.61 -5.60
CA GLY A 820 10.08 -30.20 -6.31
C GLY A 820 10.44 -31.61 -5.86
N ASN A 821 10.27 -31.89 -4.57
CA ASN A 821 10.62 -33.19 -4.02
C ASN A 821 9.41 -34.11 -4.13
N ARG A 822 9.48 -35.27 -3.49
CA ARG A 822 8.34 -36.17 -3.42
C ARG A 822 7.51 -35.75 -2.20
N VAL A 823 6.59 -36.60 -1.76
CA VAL A 823 5.81 -36.26 -0.56
C VAL A 823 6.72 -36.32 0.65
N PRO A 824 6.77 -35.29 1.49
CA PRO A 824 7.65 -35.34 2.65
C PRO A 824 7.14 -36.29 3.72
N ASP A 825 8.03 -36.63 4.65
CA ASP A 825 7.67 -37.52 5.75
C ASP A 825 6.82 -36.74 6.74
N GLY A 826 5.50 -36.85 6.59
CA GLY A 826 4.56 -36.20 7.48
C GLY A 826 4.44 -36.82 8.86
N PHE A 827 5.09 -37.95 9.08
CA PHE A 827 5.16 -38.60 10.38
C PHE A 827 6.61 -38.82 10.75
N GLN A 828 6.85 -39.63 11.77
CA GLN A 828 8.20 -39.98 12.18
C GLN A 828 8.61 -41.15 11.30
N ASP A 829 9.40 -40.84 10.27
CA ASP A 829 10.19 -41.72 9.41
C ASP A 829 9.33 -42.46 8.38
N ARG A 830 8.10 -42.02 8.17
CA ARG A 830 7.33 -42.40 6.99
C ARG A 830 6.40 -41.26 6.65
N SER A 831 5.76 -41.35 5.49
CA SER A 831 4.87 -40.28 5.07
C SER A 831 3.47 -40.41 5.63
N LEU A 832 3.07 -41.60 6.03
CA LEU A 832 1.67 -41.89 6.31
C LEU A 832 1.62 -43.20 7.07
N PRO A 833 0.74 -43.38 8.05
CA PRO A 833 0.79 -44.58 8.90
C PRO A 833 0.35 -45.87 8.23
N HIS A 834 -0.07 -45.82 6.97
CA HIS A 834 -0.56 -46.98 6.26
C HIS A 834 0.53 -47.71 5.53
N PHE A 835 1.71 -47.16 5.56
CA PHE A 835 2.91 -47.69 4.99
C PHE A 835 3.88 -48.02 6.11
N PRO A 836 4.77 -49.00 5.93
CA PRO A 836 5.72 -49.34 6.99
C PRO A 836 6.70 -48.22 7.24
N LYS A 837 7.19 -48.15 8.47
CA LYS A 837 8.19 -47.17 8.82
C LYS A 837 9.49 -47.51 8.08
N ASN A 838 10.21 -46.47 7.65
CA ASN A 838 11.36 -46.57 6.74
C ASN A 838 10.99 -47.29 5.45
N SER A 839 10.12 -46.64 4.68
CA SER A 839 9.77 -47.12 3.35
C SER A 839 9.99 -45.99 2.37
N LYS A 840 10.77 -46.26 1.32
CA LYS A 840 10.92 -45.33 0.21
C LYS A 840 10.28 -45.87 -1.07
N THR A 841 9.35 -46.82 -0.92
CA THR A 841 8.67 -47.41 -2.06
C THR A 841 7.83 -46.35 -2.76
N PRO A 842 7.63 -46.47 -4.07
CA PRO A 842 6.88 -45.43 -4.79
C PRO A 842 5.43 -45.30 -4.39
N GLN A 843 4.79 -46.39 -3.94
CA GLN A 843 3.43 -46.29 -3.41
C GLN A 843 3.38 -45.39 -2.19
N SER A 844 4.43 -45.41 -1.38
CA SER A 844 4.44 -44.74 -0.09
C SER A 844 4.85 -43.28 -0.17
N LYS A 845 5.63 -42.89 -1.17
CA LYS A 845 6.13 -41.52 -1.24
C LYS A 845 5.43 -40.67 -2.28
N GLY A 846 4.39 -41.16 -2.92
CA GLY A 846 3.51 -40.25 -3.62
C GLY A 846 3.07 -40.60 -5.02
N PHE A 847 3.47 -41.76 -5.53
CA PHE A 847 3.17 -42.13 -6.90
C PHE A 847 1.78 -42.72 -6.96
N VAL A 848 0.82 -41.97 -7.47
CA VAL A 848 -0.54 -42.47 -7.62
C VAL A 848 -0.64 -43.18 -8.96
N ARG A 849 -1.25 -44.35 -8.96
CA ARG A 849 -1.24 -45.24 -10.11
C ARG A 849 -2.61 -45.38 -10.76
N ASN A 850 -3.66 -45.35 -9.96
CA ASN A 850 -5.00 -45.30 -10.48
C ASN A 850 -5.20 -44.02 -11.29
N SER A 851 -5.92 -44.15 -12.40
CA SER A 851 -6.31 -42.97 -13.17
C SER A 851 -7.44 -42.25 -12.47
N PHE A 852 -7.93 -41.19 -13.10
CA PHE A 852 -9.13 -40.58 -12.57
C PHE A 852 -10.36 -41.39 -12.93
N PHE A 853 -10.31 -42.14 -14.03
CA PHE A 853 -11.37 -43.09 -14.30
C PHE A 853 -11.33 -44.26 -13.33
N SER A 854 -10.12 -44.70 -12.96
CA SER A 854 -9.99 -45.83 -12.05
C SER A 854 -10.43 -45.45 -10.64
N GLY A 855 -10.12 -44.23 -10.22
CA GLY A 855 -10.49 -43.76 -8.90
C GLY A 855 -9.36 -43.93 -7.91
N LEU A 856 -9.01 -42.87 -7.21
CA LEU A 856 -7.81 -42.86 -6.40
C LEU A 856 -8.00 -43.61 -5.08
N SER A 857 -7.01 -44.44 -4.75
CA SER A 857 -6.91 -45.15 -3.48
C SER A 857 -6.79 -44.16 -2.31
N PRO A 858 -7.16 -44.57 -1.10
CA PRO A 858 -7.13 -43.63 0.06
C PRO A 858 -5.77 -43.01 0.38
N PRO A 859 -4.60 -43.70 0.19
CA PRO A 859 -3.36 -42.95 0.32
C PRO A 859 -3.01 -42.20 -0.95
N GLU A 860 -3.50 -42.70 -2.10
CA GLU A 860 -3.34 -41.97 -3.34
C GLU A 860 -4.17 -40.70 -3.34
N PHE A 861 -5.29 -40.71 -2.63
CA PHE A 861 -6.18 -39.56 -2.57
C PHE A 861 -5.55 -38.43 -1.78
N LEU A 862 -4.95 -38.76 -0.63
CA LEU A 862 -4.34 -37.73 0.21
C LEU A 862 -3.07 -37.19 -0.42
N PHE A 863 -2.28 -38.03 -1.08
CA PHE A 863 -1.06 -37.57 -1.70
C PHE A 863 -1.33 -36.64 -2.88
N HIS A 864 -2.42 -36.88 -3.59
CA HIS A 864 -2.81 -35.97 -4.66
C HIS A 864 -3.44 -34.70 -4.09
N ALA A 865 -4.06 -34.80 -2.92
CA ALA A 865 -4.71 -33.63 -2.34
C ALA A 865 -3.71 -32.67 -1.73
N ILE A 866 -2.52 -33.13 -1.38
CA ILE A 866 -1.51 -32.25 -0.82
C ILE A 866 -0.88 -31.41 -1.92
N SER A 867 -0.60 -32.02 -3.06
CA SER A 867 -0.03 -31.28 -4.18
C SER A 867 -1.05 -30.36 -4.81
N GLY A 868 -2.33 -30.63 -4.62
CA GLY A 868 -3.36 -29.73 -5.12
C GLY A 868 -3.36 -28.40 -4.40
N ARG A 869 -3.35 -28.43 -3.06
CA ARG A 869 -3.38 -27.20 -2.29
C ARG A 869 -2.05 -26.48 -2.38
N GLU A 870 -0.95 -27.21 -2.61
CA GLU A 870 0.35 -26.60 -2.75
C GLU A 870 0.44 -25.76 -4.02
N GLY A 871 -0.38 -26.08 -5.01
CA GLY A 871 -0.52 -25.26 -6.19
C GLY A 871 -1.74 -24.37 -6.12
N LEU A 872 -2.67 -24.66 -5.22
CA LEU A 872 -3.83 -23.80 -5.03
C LEU A 872 -3.51 -22.57 -4.21
N VAL A 873 -2.46 -22.62 -3.39
CA VAL A 873 -1.98 -21.44 -2.70
C VAL A 873 -0.79 -20.83 -3.40
N ASP A 874 -0.29 -21.46 -4.44
CA ASP A 874 0.74 -20.87 -5.28
C ASP A 874 0.12 -20.01 -6.37
N THR A 875 -1.20 -20.00 -6.47
CA THR A 875 -1.88 -19.06 -7.36
C THR A 875 -2.42 -17.85 -6.62
N ALA A 876 -2.43 -17.87 -5.29
CA ALA A 876 -2.80 -16.70 -4.51
C ALA A 876 -1.59 -15.83 -4.18
N VAL A 877 -0.43 -16.46 -3.99
CA VAL A 877 0.83 -15.71 -3.88
C VAL A 877 1.27 -15.19 -5.24
N LYS A 878 0.80 -15.82 -6.32
CA LYS A 878 1.09 -15.35 -7.67
C LYS A 878 0.30 -14.09 -8.03
N THR A 879 -0.91 -13.94 -7.49
CA THR A 879 -1.72 -12.76 -7.83
C THR A 879 -1.16 -11.49 -7.23
N ALA A 880 -0.54 -11.57 -6.05
CA ALA A 880 0.02 -10.38 -5.43
C ALA A 880 1.28 -9.92 -6.16
N GLU A 881 2.22 -10.83 -6.40
CA GLU A 881 3.51 -10.46 -6.95
C GLU A 881 3.43 -10.08 -8.43
N THR A 882 2.35 -10.46 -9.11
CA THR A 882 2.16 -10.02 -10.49
C THR A 882 1.81 -8.54 -10.55
N GLY A 883 0.86 -8.11 -9.72
CA GLY A 883 0.51 -6.70 -9.68
C GLY A 883 1.60 -5.86 -9.06
N TYR A 884 2.26 -6.38 -8.02
CA TYR A 884 3.28 -5.63 -7.30
C TYR A 884 4.52 -5.39 -8.16
N MET A 885 4.73 -6.20 -9.18
CA MET A 885 5.97 -6.09 -9.94
C MET A 885 5.90 -4.95 -10.96
N SER A 886 4.82 -4.91 -11.74
CA SER A 886 4.71 -3.84 -12.72
C SER A 886 4.22 -2.55 -12.09
N ARG A 887 3.81 -2.57 -10.82
CA ARG A 887 3.42 -1.33 -10.17
C ARG A 887 4.63 -0.58 -9.64
N ARG A 888 5.73 -1.28 -9.38
CA ARG A 888 6.97 -0.61 -9.00
C ARG A 888 7.89 -0.35 -10.18
N LEU A 889 7.80 -1.15 -11.24
CA LEU A 889 8.49 -0.79 -12.48
C LEU A 889 7.85 0.39 -13.15
N MET A 890 6.58 0.67 -12.81
CA MET A 890 5.90 1.83 -13.37
C MET A 890 6.50 3.12 -12.84
N LYS A 891 6.67 3.21 -11.53
CA LYS A 891 7.07 4.44 -10.85
C LYS A 891 8.43 4.97 -11.28
N SER A 892 9.25 4.14 -11.91
CA SER A 892 10.45 4.64 -12.58
C SER A 892 10.24 4.92 -14.05
N LEU A 893 9.24 4.30 -14.67
CA LEU A 893 9.08 4.29 -16.11
C LEU A 893 7.77 4.92 -16.56
N GLU A 894 7.16 5.76 -15.74
CA GLU A 894 5.96 6.45 -16.16
C GLU A 894 6.27 7.44 -17.26
N ASP A 895 7.18 8.37 -16.99
CA ASP A 895 7.37 9.58 -17.78
C ASP A 895 8.54 9.49 -18.75
N LEU A 896 8.77 8.32 -19.31
CA LEU A 896 9.70 8.14 -20.42
C LEU A 896 8.90 8.01 -21.70
N SER A 897 9.30 8.74 -22.74
CA SER A 897 8.56 8.74 -23.98
C SER A 897 9.49 8.96 -25.15
N CYS A 898 9.04 8.57 -26.33
CA CYS A 898 9.78 8.81 -27.56
C CYS A 898 9.45 10.21 -28.06
N GLN A 899 10.48 11.02 -28.23
CA GLN A 899 10.31 12.40 -28.65
C GLN A 899 10.37 12.47 -30.17
N TYR A 900 10.04 13.65 -30.71
CA TYR A 900 10.14 13.90 -32.14
C TYR A 900 11.58 14.00 -32.61
N ASP A 901 12.52 14.14 -31.69
CA ASP A 901 13.95 14.09 -31.93
C ASP A 901 14.44 12.67 -32.16
N ASN A 902 13.56 11.68 -31.98
CA ASN A 902 13.72 10.22 -32.00
C ASN A 902 14.44 9.68 -30.78
N THR A 903 14.88 10.53 -29.85
CA THR A 903 15.45 10.03 -28.62
C THR A 903 14.34 9.70 -27.64
N VAL A 904 14.67 8.88 -26.65
CA VAL A 904 13.78 8.60 -25.53
C VAL A 904 14.26 9.45 -24.36
N ARG A 905 13.42 10.37 -23.90
CA ARG A 905 13.82 11.28 -22.86
C ARG A 905 12.92 11.14 -21.66
N THR A 906 13.32 11.76 -20.57
CA THR A 906 12.60 11.76 -19.31
C THR A 906 11.74 13.02 -19.21
N SER A 907 11.26 13.31 -18.00
CA SER A 907 10.56 14.57 -17.74
C SER A 907 11.47 15.77 -17.96
N ALA A 908 12.70 15.69 -17.46
CA ALA A 908 13.64 16.80 -17.47
C ALA A 908 14.49 16.83 -18.73
N ASN A 909 14.04 16.18 -19.80
CA ASN A 909 14.67 16.13 -21.12
C ASN A 909 16.08 15.56 -21.10
N GLY A 910 16.41 14.76 -20.09
CA GLY A 910 17.66 14.04 -20.13
C GLY A 910 17.54 12.77 -20.94
N ILE A 911 18.52 12.53 -21.80
CA ILE A 911 18.49 11.37 -22.68
C ILE A 911 18.66 10.08 -21.90
N VAL A 912 17.71 9.17 -22.05
CA VAL A 912 17.92 7.78 -21.69
C VAL A 912 18.51 7.01 -22.87
N GLN A 913 17.88 7.11 -24.03
CA GLN A 913 18.32 6.43 -25.24
C GLN A 913 18.37 7.39 -26.41
N PHE A 914 19.49 7.36 -27.14
CA PHE A 914 19.60 8.19 -28.34
C PHE A 914 18.66 7.74 -29.43
N THR A 915 18.41 6.44 -29.52
CA THR A 915 17.30 5.92 -30.30
C THR A 915 16.84 4.64 -29.63
N TYR A 916 15.55 4.35 -29.73
CA TYR A 916 14.95 3.27 -28.97
C TYR A 916 15.40 1.94 -29.50
N GLY A 917 16.02 1.13 -28.65
CA GLY A 917 16.44 -0.20 -29.04
C GLY A 917 17.64 -0.25 -29.96
N GLY A 918 18.20 0.88 -30.33
CA GLY A 918 19.31 0.90 -31.25
C GLY A 918 18.92 0.89 -32.70
N ASP A 919 17.64 0.70 -32.98
CA ASP A 919 17.13 0.74 -34.33
C ASP A 919 15.91 1.62 -34.50
N GLY A 920 15.31 2.08 -33.40
CA GLY A 920 14.17 2.97 -33.47
C GLY A 920 12.85 2.31 -33.69
N LEU A 921 12.79 0.98 -33.64
CA LEU A 921 11.61 0.24 -34.06
C LEU A 921 10.70 -0.08 -32.88
N ASP A 922 9.48 -0.47 -33.20
CA ASP A 922 8.40 -0.60 -32.25
C ASP A 922 8.07 -2.06 -32.05
N PRO A 923 8.11 -2.60 -30.83
CA PRO A 923 7.85 -4.03 -30.62
C PRO A 923 6.46 -4.51 -31.03
N LEU A 924 5.46 -3.64 -31.06
CA LEU A 924 4.14 -4.05 -31.49
C LEU A 924 4.03 -4.23 -33.00
N GLU A 925 5.04 -3.83 -33.76
CA GLU A 925 4.96 -3.77 -35.21
C GLU A 925 5.90 -4.75 -35.89
N MET A 926 6.39 -5.74 -35.16
CA MET A 926 7.47 -6.59 -35.64
C MET A 926 6.88 -7.89 -36.14
N GLU A 927 7.02 -8.15 -37.44
CA GLU A 927 6.43 -9.32 -38.05
C GLU A 927 7.38 -10.50 -38.12
N GLY A 928 8.54 -10.41 -37.49
CA GLY A 928 9.44 -11.54 -37.42
C GLY A 928 9.92 -11.78 -36.00
N ASN A 929 11.03 -12.49 -35.84
CA ASN A 929 11.64 -12.68 -34.53
C ASN A 929 12.36 -11.39 -34.16
N ALA A 930 11.58 -10.44 -33.62
CA ALA A 930 11.99 -9.05 -33.36
C ALA A 930 12.61 -8.42 -34.60
N GLN A 931 12.02 -8.70 -35.76
CA GLN A 931 12.38 -8.11 -37.03
C GLN A 931 11.12 -7.51 -37.64
N PRO A 932 11.24 -6.45 -38.46
CA PRO A 932 10.03 -5.80 -38.95
C PRO A 932 9.30 -6.51 -40.07
N VAL A 933 9.96 -7.36 -40.85
CA VAL A 933 9.62 -7.55 -42.25
C VAL A 933 9.04 -8.93 -42.55
N ASN A 934 9.69 -10.02 -42.09
CA ASN A 934 9.33 -11.42 -42.42
C ASN A 934 9.39 -11.65 -43.93
N PHE A 935 10.63 -11.73 -44.44
CA PHE A 935 10.88 -11.78 -45.89
C PHE A 935 10.20 -12.94 -46.58
N ASN A 936 10.05 -14.07 -45.90
CA ASN A 936 9.52 -15.26 -46.57
C ASN A 936 8.05 -15.12 -46.89
N ARG A 937 7.25 -14.65 -45.93
CA ARG A 937 5.84 -14.45 -46.20
C ARG A 937 5.62 -13.28 -47.15
N SER A 938 6.47 -12.26 -47.10
CA SER A 938 6.32 -11.13 -48.00
C SER A 938 6.91 -11.40 -49.37
N TRP A 939 7.74 -12.43 -49.51
CA TRP A 939 8.04 -12.88 -50.87
C TRP A 939 6.89 -13.71 -51.42
N ASP A 940 6.28 -14.54 -50.58
CA ASP A 940 5.16 -15.38 -51.01
C ASP A 940 3.92 -14.54 -51.29
N HIS A 941 3.74 -13.46 -50.54
CA HIS A 941 2.59 -12.60 -50.79
C HIS A 941 2.78 -11.79 -52.07
N ALA A 942 3.99 -11.30 -52.30
CA ALA A 942 4.22 -10.49 -53.49
C ALA A 942 4.27 -11.32 -54.76
N TYR A 943 4.59 -12.60 -54.63
CA TYR A 943 4.62 -13.48 -55.80
C TYR A 943 3.21 -13.82 -56.25
N ASN A 944 2.26 -13.88 -55.32
CA ASN A 944 0.93 -14.36 -55.63
C ASN A 944 0.01 -13.24 -56.09
N ILE A 945 0.12 -12.07 -55.45
CA ILE A 945 -0.64 -10.89 -55.88
C ILE A 945 -0.32 -10.54 -57.33
N THR A 946 0.96 -10.53 -57.67
CA THR A 946 1.42 -10.16 -59.01
C THR A 946 1.69 -11.38 -59.86
N PHE A 947 0.91 -12.43 -59.71
CA PHE A 947 1.13 -13.64 -60.49
C PHE A 947 0.36 -13.57 -61.79
N ASN A 948 0.97 -14.11 -62.84
CA ASN A 948 0.40 -14.15 -64.18
C ASN A 948 1.19 -15.18 -64.97
N ASN A 949 0.51 -16.03 -65.71
CA ASN A 949 1.20 -16.98 -66.57
C ASN A 949 1.74 -16.36 -67.84
N GLN A 950 1.50 -15.07 -68.08
CA GLN A 950 1.98 -14.40 -69.28
C GLN A 950 3.18 -13.51 -69.02
N ASP A 951 3.52 -13.25 -67.76
CA ASP A 951 4.66 -12.39 -67.46
C ASP A 951 5.97 -13.13 -67.71
N LYS A 952 6.86 -12.49 -68.44
CA LYS A 952 8.15 -13.08 -68.78
C LYS A 952 9.06 -13.01 -67.57
N GLY A 953 9.66 -14.14 -67.22
CA GLY A 953 10.49 -14.20 -66.04
C GLY A 953 11.85 -13.55 -66.26
N LEU A 954 12.42 -13.04 -65.18
CA LEU A 954 13.69 -12.34 -65.27
C LEU A 954 14.86 -13.28 -65.33
N LEU A 955 15.93 -12.81 -65.95
CA LEU A 955 17.21 -13.46 -65.83
C LEU A 955 17.75 -13.16 -64.44
N PRO A 956 18.65 -14.00 -63.90
CA PRO A 956 19.11 -13.79 -62.51
C PRO A 956 19.88 -12.51 -62.28
N TYR A 957 20.53 -11.95 -63.29
CA TYR A 957 21.12 -10.63 -63.10
C TYR A 957 20.07 -9.55 -63.14
N ALA A 958 19.01 -9.73 -63.92
CA ALA A 958 17.98 -8.72 -64.06
C ALA A 958 17.15 -8.60 -62.79
N ILE A 959 17.13 -9.65 -61.98
CA ILE A 959 16.53 -9.56 -60.65
C ILE A 959 17.36 -8.64 -59.77
N MET A 960 18.68 -8.75 -59.86
CA MET A 960 19.55 -8.01 -58.95
C MET A 960 19.62 -6.54 -59.32
N GLU A 961 19.64 -6.22 -60.62
CA GLU A 961 19.70 -4.81 -61.00
C GLU A 961 18.36 -4.13 -60.79
N THR A 962 17.27 -4.89 -60.76
CA THR A 962 15.99 -4.35 -60.32
C THR A 962 15.97 -4.15 -58.81
N ALA A 963 16.73 -4.97 -58.09
CA ALA A 963 16.84 -4.76 -56.65
C ALA A 963 17.74 -3.58 -56.33
N ASN A 964 18.78 -3.37 -57.15
CA ASN A 964 19.69 -2.24 -56.97
C ASN A 964 19.16 -0.98 -57.63
N GLU A 965 18.01 -1.04 -58.28
CA GLU A 965 17.37 0.16 -58.79
C GLU A 965 16.53 0.84 -57.71
N ILE A 966 16.05 0.06 -56.74
CA ILE A 966 15.27 0.58 -55.63
C ILE A 966 16.12 0.75 -54.38
N LEU A 967 16.87 -0.27 -54.02
CA LEU A 967 17.80 -0.22 -52.91
C LEU A 967 19.14 0.42 -53.27
N GLY A 968 19.32 0.86 -54.49
CA GLY A 968 20.48 1.66 -54.82
C GLY A 968 20.43 3.06 -54.23
N PRO A 969 19.54 3.91 -54.75
CA PRO A 969 19.50 5.30 -54.27
C PRO A 969 18.89 5.45 -52.90
N LEU A 970 18.07 4.51 -52.45
CA LEU A 970 17.51 4.62 -51.11
C LEU A 970 18.57 4.37 -50.05
N GLU A 971 19.57 3.56 -50.36
CA GLU A 971 20.58 3.18 -49.39
C GLU A 971 21.72 4.19 -49.29
N GLU A 972 22.18 4.72 -50.42
CA GLU A 972 23.29 5.67 -50.41
C GLU A 972 22.85 7.08 -50.06
N ARG A 973 21.56 7.31 -49.84
CA ARG A 973 21.10 8.58 -49.29
C ARG A 973 21.57 8.74 -47.85
N LEU A 974 21.76 7.63 -47.15
CA LEU A 974 22.26 7.62 -45.77
C LEU A 974 23.77 7.75 -45.81
N VAL A 975 24.26 8.98 -45.80
CA VAL A 975 25.70 9.19 -45.87
C VAL A 975 26.32 8.99 -44.50
N ARG A 976 27.54 8.47 -44.49
CA ARG A 976 28.27 8.19 -43.26
C ARG A 976 29.28 9.29 -43.04
N TYR A 977 29.06 10.10 -42.01
CA TYR A 977 30.00 11.13 -41.63
C TYR A 977 31.07 10.53 -40.72
N ASP A 978 31.99 11.36 -40.26
CA ASP A 978 32.88 10.97 -39.18
C ASP A 978 32.25 11.42 -37.87
N ASN A 979 33.04 11.43 -36.79
CA ASN A 979 32.51 11.97 -35.53
C ASN A 979 32.43 13.48 -35.55
N SER A 980 33.12 14.14 -36.48
CA SER A 980 33.15 15.59 -36.51
C SER A 980 32.27 16.21 -37.59
N GLY A 981 31.70 15.40 -38.47
CA GLY A 981 30.87 15.91 -39.54
C GLY A 981 31.53 15.99 -40.89
N CYS A 982 32.52 15.15 -41.15
CA CYS A 982 33.18 15.06 -42.45
C CYS A 982 32.95 13.67 -43.02
N LEU A 983 32.74 13.61 -44.33
CA LEU A 983 32.39 12.35 -44.97
C LEU A 983 33.59 11.42 -44.99
N VAL A 984 33.39 10.19 -44.48
CA VAL A 984 34.49 9.26 -44.38
C VAL A 984 34.86 8.73 -45.77
N LYS A 985 36.05 8.17 -45.86
CA LYS A 985 36.57 7.65 -47.13
C LYS A 985 35.92 6.30 -47.43
N ARG A 986 36.29 5.73 -48.57
CA ARG A 986 35.76 4.42 -48.95
C ARG A 986 36.34 3.30 -48.12
N GLU A 987 37.46 3.53 -47.44
CA GLU A 987 38.10 2.52 -46.61
C GLU A 987 37.69 2.62 -45.15
N ASP A 988 37.38 3.82 -44.67
CA ASP A 988 36.96 4.03 -43.29
C ASP A 988 35.46 3.88 -43.11
N LEU A 989 34.79 3.16 -44.00
CA LEU A 989 33.35 2.97 -43.86
C LEU A 989 33.03 2.00 -42.73
N ASN A 990 33.60 0.81 -42.78
CA ASN A 990 33.29 -0.25 -41.85
C ASN A 990 34.16 -0.21 -40.60
N LYS A 991 34.89 0.88 -40.37
CA LYS A 991 35.59 1.04 -39.11
C LYS A 991 34.58 1.18 -37.99
N ALA A 992 34.94 0.65 -36.82
CA ALA A 992 34.02 0.64 -35.70
C ALA A 992 33.74 2.05 -35.20
N GLU A 993 34.73 2.93 -35.21
CA GLU A 993 34.56 4.26 -34.64
C GLU A 993 33.62 5.16 -35.42
N TYR A 994 33.23 4.78 -36.64
CA TYR A 994 32.33 5.59 -37.44
C TYR A 994 30.93 5.00 -37.53
N VAL A 995 30.52 4.24 -36.51
CA VAL A 995 29.16 3.71 -36.45
C VAL A 995 28.19 4.85 -36.20
N ASP A 996 27.21 4.97 -37.09
CA ASP A 996 26.23 6.03 -37.08
C ASP A 996 24.87 5.49 -36.63
N GLN A 997 23.93 6.40 -36.40
CA GLN A 997 22.56 6.03 -36.08
C GLN A 997 21.84 5.34 -37.23
N TYR A 998 22.34 5.48 -38.45
CA TYR A 998 21.69 4.94 -39.63
C TYR A 998 22.13 3.53 -39.94
N ASP A 999 22.86 2.87 -39.04
CA ASP A 999 23.46 1.59 -39.38
C ASP A 999 22.41 0.48 -39.35
N ALA A 1000 21.34 0.67 -38.59
CA ALA A 1000 20.26 -0.32 -38.57
C ALA A 1000 19.52 -0.35 -39.89
N GLU A 1001 19.32 0.81 -40.52
CA GLU A 1001 18.64 0.84 -41.81
C GLU A 1001 19.52 0.29 -42.90
N ARG A 1002 20.84 0.42 -42.76
CA ARG A 1002 21.73 -0.16 -43.75
C ARG A 1002 21.81 -1.67 -43.58
N ASP A 1003 21.74 -2.14 -42.34
CA ASP A 1003 21.67 -3.57 -42.10
C ASP A 1003 20.39 -4.19 -42.63
N PHE A 1004 19.29 -3.44 -42.59
CA PHE A 1004 18.06 -3.92 -43.22
C PHE A 1004 18.22 -3.98 -44.74
N TYR A 1005 18.85 -2.97 -45.34
CA TYR A 1005 18.96 -2.93 -46.79
C TYR A 1005 19.99 -3.92 -47.30
N HIS A 1006 21.00 -4.26 -46.52
CA HIS A 1006 21.90 -5.33 -46.95
C HIS A 1006 21.27 -6.69 -46.74
N SER A 1007 20.45 -6.85 -45.69
CA SER A 1007 19.74 -8.10 -45.48
C SER A 1007 18.62 -8.29 -46.48
N LEU A 1008 18.19 -7.23 -47.14
CA LEU A 1008 17.15 -7.31 -48.14
C LEU A 1008 17.71 -7.50 -49.53
N ARG A 1009 18.96 -7.10 -49.77
CA ARG A 1009 19.62 -7.45 -51.02
C ARG A 1009 20.09 -8.89 -50.99
N GLU A 1010 20.52 -9.38 -49.82
CA GLU A 1010 20.99 -10.75 -49.73
C GLU A 1010 19.85 -11.74 -49.70
N TYR A 1011 18.63 -11.30 -49.40
CA TYR A 1011 17.47 -12.18 -49.58
C TYR A 1011 17.20 -12.40 -51.05
N ILE A 1012 17.15 -11.31 -51.82
CA ILE A 1012 16.91 -11.38 -53.25
C ILE A 1012 18.08 -12.06 -53.96
N ASN A 1013 19.28 -11.92 -53.41
CA ASN A 1013 20.43 -12.66 -53.94
C ASN A 1013 20.34 -14.15 -53.65
N GLY A 1014 19.45 -14.58 -52.77
CA GLY A 1014 19.18 -15.99 -52.62
C GLY A 1014 18.23 -16.46 -53.70
N LYS A 1015 17.16 -15.68 -53.93
CA LYS A 1015 16.21 -16.02 -54.97
C LYS A 1015 16.79 -15.86 -56.36
N ALA A 1016 17.82 -15.04 -56.51
CA ALA A 1016 18.50 -14.95 -57.80
C ALA A 1016 19.55 -16.04 -57.97
N THR A 1017 20.11 -16.53 -56.88
CA THR A 1017 21.08 -17.62 -56.97
C THR A 1017 20.40 -18.92 -57.34
N ALA A 1018 19.27 -19.23 -56.69
CA ALA A 1018 18.56 -20.48 -56.92
C ALA A 1018 18.00 -20.58 -58.33
N LEU A 1019 17.69 -19.44 -58.96
CA LEU A 1019 17.36 -19.49 -60.38
C LEU A 1019 18.61 -19.74 -61.22
N ALA A 1020 19.73 -19.12 -60.84
CA ALA A 1020 20.94 -19.26 -61.64
C ALA A 1020 21.53 -20.65 -61.50
N ASN A 1021 21.39 -21.29 -60.34
CA ASN A 1021 21.80 -22.67 -60.21
C ASN A 1021 20.86 -23.62 -60.93
N LEU A 1022 19.59 -23.25 -61.08
CA LEU A 1022 18.65 -24.14 -61.74
C LEU A 1022 18.76 -24.03 -63.25
N ARG A 1023 19.20 -22.89 -63.76
CA ARG A 1023 19.40 -22.73 -65.19
C ARG A 1023 20.59 -23.56 -65.66
N LYS A 1024 21.68 -23.55 -64.89
CA LYS A 1024 22.81 -24.42 -65.19
C LYS A 1024 22.56 -25.86 -64.78
N SER A 1025 21.53 -26.10 -63.96
CA SER A 1025 21.11 -27.47 -63.70
C SER A 1025 20.45 -28.11 -64.91
N ARG A 1026 19.98 -27.31 -65.86
CA ARG A 1026 19.31 -27.82 -67.04
C ARG A 1026 20.07 -27.49 -68.32
N GLY A 1027 21.36 -27.20 -68.21
CA GLY A 1027 22.18 -26.92 -69.37
C GLY A 1027 22.12 -25.51 -69.90
N MET A 1028 21.12 -24.72 -69.49
CA MET A 1028 21.06 -23.33 -69.87
C MET A 1028 22.17 -22.55 -69.19
N LEU A 1029 22.52 -21.41 -69.77
CA LEU A 1029 23.60 -20.60 -69.23
C LEU A 1029 23.05 -19.77 -68.08
N GLY A 1030 23.23 -20.26 -66.85
CA GLY A 1030 22.82 -19.50 -65.69
C GLY A 1030 23.82 -18.38 -65.43
N LEU A 1031 23.31 -17.16 -65.32
CA LEU A 1031 24.16 -15.99 -65.20
C LEU A 1031 23.61 -15.06 -64.11
N LEU A 1032 24.26 -15.08 -62.95
CA LEU A 1032 23.88 -14.17 -61.89
C LEU A 1032 24.54 -12.81 -62.09
N GLU A 1033 25.75 -12.80 -62.62
CA GLU A 1033 26.36 -11.57 -63.08
C GLU A 1033 25.69 -11.14 -64.38
N PRO A 1034 25.73 -9.84 -64.69
CA PRO A 1034 25.32 -9.42 -66.04
C PRO A 1034 26.28 -9.99 -67.07
N PRO A 1035 25.82 -10.18 -68.32
CA PRO A 1035 26.66 -10.86 -69.32
C PRO A 1035 27.86 -10.05 -69.76
N ALA A 1036 28.66 -10.60 -70.67
CA ALA A 1036 29.91 -9.95 -71.05
C ALA A 1036 29.71 -8.83 -72.08
N LYS A 1037 28.76 -7.94 -71.80
CA LYS A 1037 28.54 -6.68 -72.53
C LYS A 1037 28.27 -6.90 -74.01
N GLU A 1038 27.58 -8.00 -74.31
CA GLU A 1038 27.12 -8.23 -75.68
C GLU A 1038 26.01 -7.26 -76.05
N LEU A 1039 25.12 -6.98 -75.09
CA LEU A 1039 23.95 -6.10 -75.25
C LEU A 1039 23.04 -6.58 -76.39
N GLN A 1040 22.94 -7.89 -76.54
CA GLN A 1040 22.09 -8.48 -77.57
C GLN A 1040 20.64 -8.52 -77.09
N GLY A 1041 19.76 -8.96 -77.99
CA GLY A 1041 18.36 -9.06 -77.65
C GLY A 1041 18.02 -10.32 -76.89
N ILE A 1042 18.26 -11.46 -77.50
CA ILE A 1042 17.83 -12.75 -76.97
C ILE A 1042 18.89 -13.33 -76.07
N ASP A 1043 18.46 -14.12 -75.12
CA ASP A 1043 19.33 -14.92 -74.28
C ASP A 1043 19.16 -16.39 -74.64
N PRO A 1044 20.28 -17.17 -74.72
CA PRO A 1044 20.51 -18.14 -75.81
C PRO A 1044 19.32 -18.95 -76.31
N ASP A 1045 19.10 -18.87 -77.62
CA ASP A 1045 18.02 -19.61 -78.28
C ASP A 1045 18.50 -20.97 -78.79
N GLU A 1046 19.73 -21.37 -78.47
CA GLU A 1046 20.19 -22.70 -78.82
C GLU A 1046 19.51 -23.78 -78.00
N THR A 1047 18.96 -23.43 -76.84
CA THR A 1047 18.18 -24.36 -76.05
C THR A 1047 16.82 -24.59 -76.70
N VAL A 1048 16.30 -25.80 -76.53
CA VAL A 1048 15.02 -26.15 -77.14
C VAL A 1048 13.87 -25.49 -76.38
N PRO A 1049 12.96 -24.81 -77.08
CA PRO A 1049 12.00 -23.91 -76.39
C PRO A 1049 10.93 -24.61 -75.56
N ASP A 1050 10.22 -25.56 -76.13
CA ASP A 1050 9.13 -26.19 -75.39
C ASP A 1050 9.64 -27.21 -74.38
N ASN A 1051 10.88 -27.68 -74.53
CA ASN A 1051 11.39 -28.72 -73.66
C ASN A 1051 12.04 -28.11 -72.41
N VAL A 1052 13.05 -27.26 -72.59
CA VAL A 1052 13.89 -26.86 -71.47
C VAL A 1052 13.75 -25.38 -71.13
N LYS A 1053 13.33 -24.52 -72.06
CA LYS A 1053 13.05 -23.14 -71.70
C LYS A 1053 11.80 -23.04 -70.83
N THR A 1054 10.84 -23.94 -71.01
CA THR A 1054 9.64 -23.93 -70.20
C THR A 1054 9.76 -24.81 -68.97
N SER A 1055 10.75 -25.70 -68.93
CA SER A 1055 10.96 -26.51 -67.73
C SER A 1055 11.46 -25.64 -66.59
N VAL A 1056 12.33 -24.67 -66.90
CA VAL A 1056 12.75 -23.72 -65.88
C VAL A 1056 11.70 -22.63 -65.68
N SER A 1057 10.77 -22.49 -66.61
CA SER A 1057 9.69 -21.52 -66.44
C SER A 1057 8.59 -22.06 -65.55
N GLN A 1058 8.35 -23.37 -65.59
CA GLN A 1058 7.43 -23.99 -64.64
C GLN A 1058 7.94 -23.89 -63.22
N LEU A 1059 9.19 -24.29 -63.01
CA LEU A 1059 9.68 -24.49 -61.66
C LEU A 1059 9.95 -23.19 -60.94
N TYR A 1060 10.51 -22.20 -61.65
CA TYR A 1060 11.06 -21.04 -60.94
C TYR A 1060 11.08 -19.86 -61.90
N ARG A 1061 10.11 -18.95 -61.75
CA ARG A 1061 9.89 -17.88 -62.71
C ARG A 1061 9.56 -16.61 -61.94
N ILE A 1062 10.46 -15.62 -62.01
CA ILE A 1062 10.37 -14.39 -61.25
C ILE A 1062 10.36 -13.23 -62.23
N SER A 1063 9.36 -12.35 -62.15
CA SER A 1063 8.94 -11.63 -63.34
C SER A 1063 8.81 -10.13 -63.16
N GLU A 1064 9.62 -9.51 -62.28
CA GLU A 1064 9.91 -8.08 -62.23
C GLU A 1064 8.74 -7.22 -61.76
N LYS A 1065 7.55 -7.79 -61.72
CA LYS A 1065 6.42 -7.14 -61.11
C LYS A 1065 6.21 -7.67 -59.71
N SER A 1066 6.87 -8.79 -59.38
CA SER A 1066 6.90 -9.34 -58.04
C SER A 1066 8.13 -8.91 -57.25
N VAL A 1067 9.27 -8.68 -57.90
CA VAL A 1067 10.42 -8.11 -57.20
C VAL A 1067 10.11 -6.69 -56.80
N ARG A 1068 9.50 -5.93 -57.70
CA ARG A 1068 9.19 -4.55 -57.39
C ARG A 1068 8.04 -4.44 -56.41
N LYS A 1069 7.16 -5.45 -56.39
CA LYS A 1069 6.14 -5.49 -55.38
C LYS A 1069 6.69 -5.97 -54.05
N PHE A 1070 7.72 -6.84 -54.08
CA PHE A 1070 8.34 -7.28 -52.83
C PHE A 1070 9.06 -6.15 -52.13
N LEU A 1071 9.79 -5.33 -52.87
CA LEU A 1071 10.46 -4.21 -52.23
C LEU A 1071 9.48 -3.11 -51.85
N GLU A 1072 8.34 -3.05 -52.53
CA GLU A 1072 7.28 -2.14 -52.10
C GLU A 1072 6.67 -2.60 -50.78
N ILE A 1073 6.42 -3.91 -50.66
CA ILE A 1073 5.84 -4.46 -49.43
C ILE A 1073 6.81 -4.32 -48.27
N ALA A 1074 8.07 -4.71 -48.49
CA ALA A 1074 9.02 -4.80 -47.39
C ALA A 1074 9.43 -3.42 -46.90
N LEU A 1075 9.52 -2.45 -47.80
CA LEU A 1075 9.85 -1.09 -47.39
C LEU A 1075 8.69 -0.44 -46.66
N PHE A 1076 7.46 -0.70 -47.11
CA PHE A 1076 6.30 -0.14 -46.42
C PHE A 1076 6.13 -0.73 -45.03
N LYS A 1077 6.55 -1.98 -44.85
CA LYS A 1077 6.52 -2.56 -43.51
C LYS A 1077 7.60 -1.97 -42.61
N TYR A 1078 8.67 -1.43 -43.19
CA TYR A 1078 9.73 -0.90 -42.36
C TYR A 1078 9.44 0.49 -41.85
N ARG A 1079 8.72 1.33 -42.61
CA ARG A 1079 8.36 2.63 -42.08
C ARG A 1079 7.23 2.53 -41.07
N LYS A 1080 6.33 1.56 -41.25
CA LYS A 1080 5.31 1.27 -40.25
C LYS A 1080 5.92 0.85 -38.91
N ALA A 1081 7.06 0.19 -38.94
CA ALA A 1081 7.62 -0.44 -37.76
C ALA A 1081 8.36 0.52 -36.86
N ARG A 1082 8.51 1.78 -37.24
CA ARG A 1082 9.26 2.71 -36.41
C ARG A 1082 8.41 3.22 -35.27
N LEU A 1083 9.09 3.53 -34.17
CA LEU A 1083 8.40 3.98 -32.97
C LEU A 1083 7.86 5.38 -33.19
N GLU A 1084 6.56 5.55 -32.99
CA GLU A 1084 5.95 6.83 -33.24
C GLU A 1084 6.24 7.78 -32.08
N PRO A 1085 6.46 9.07 -32.35
CA PRO A 1085 6.75 10.00 -31.26
C PRO A 1085 5.56 10.24 -30.38
N GLY A 1086 5.83 10.49 -29.12
CA GLY A 1086 4.79 10.72 -28.17
C GLY A 1086 4.32 9.49 -27.45
N THR A 1087 4.73 8.32 -27.88
CA THR A 1087 4.27 7.08 -27.27
C THR A 1087 4.87 6.93 -25.88
N ALA A 1088 4.12 6.27 -25.01
CA ALA A 1088 4.56 6.07 -23.63
C ALA A 1088 5.33 4.77 -23.55
N ILE A 1089 6.52 4.79 -24.17
CA ILE A 1089 7.27 3.57 -24.40
C ILE A 1089 7.89 3.04 -23.11
N GLY A 1090 7.99 3.85 -22.08
CA GLY A 1090 8.49 3.36 -20.83
C GLY A 1090 7.36 2.73 -20.04
N ALA A 1091 6.18 3.32 -20.15
CA ALA A 1091 4.99 2.76 -19.52
C ALA A 1091 4.61 1.43 -20.14
N ILE A 1092 4.78 1.33 -21.45
CA ILE A 1092 4.52 0.09 -22.16
C ILE A 1092 5.54 -0.98 -21.79
N GLY A 1093 6.80 -0.58 -21.64
CA GLY A 1093 7.82 -1.53 -21.26
C GLY A 1093 7.74 -1.97 -19.82
N ALA A 1094 7.12 -1.16 -18.96
CA ALA A 1094 7.00 -1.53 -17.56
C ALA A 1094 5.84 -2.47 -17.32
N GLN A 1095 4.92 -2.59 -18.25
CA GLN A 1095 3.86 -3.57 -18.19
C GLN A 1095 4.17 -4.81 -18.99
N SER A 1096 5.17 -4.77 -19.86
CA SER A 1096 5.56 -5.95 -20.59
C SER A 1096 6.38 -6.90 -19.76
N ILE A 1097 6.95 -6.42 -18.68
CA ILE A 1097 7.90 -7.16 -17.87
C ILE A 1097 7.25 -7.68 -16.60
N GLY A 1098 6.57 -6.80 -15.87
CA GLY A 1098 5.99 -7.21 -14.62
C GLY A 1098 4.73 -8.02 -14.72
N GLU A 1099 4.09 -8.04 -15.88
CA GLU A 1099 2.83 -8.75 -16.03
C GLU A 1099 2.89 -10.27 -16.20
N PRO A 1100 3.65 -10.86 -17.14
CA PRO A 1100 3.48 -12.30 -17.38
C PRO A 1100 4.07 -13.16 -16.27
N GLY A 1101 3.63 -14.41 -16.25
CA GLY A 1101 4.07 -15.35 -15.24
C GLY A 1101 5.21 -16.24 -15.68
N SER A 1116 22.46 -24.27 -12.41
CA SER A 1116 21.48 -25.34 -12.32
C SER A 1116 21.32 -25.83 -10.89
N MET A 1117 22.44 -26.20 -10.27
CA MET A 1117 22.43 -26.62 -8.88
C MET A 1117 22.19 -25.41 -7.98
N ASN A 1118 21.23 -25.56 -7.07
CA ASN A 1118 20.76 -24.64 -6.01
C ASN A 1118 20.80 -23.15 -6.42
N VAL A 1119 20.07 -22.86 -7.49
CA VAL A 1119 20.08 -21.54 -8.11
C VAL A 1119 18.68 -20.95 -8.04
N THR A 1120 18.60 -19.62 -7.98
CA THR A 1120 17.34 -18.88 -7.97
C THR A 1120 17.04 -18.37 -9.37
N LEU A 1121 15.86 -18.70 -9.90
CA LEU A 1121 15.43 -18.18 -11.19
C LEU A 1121 14.01 -17.62 -11.17
N GLY A 1122 13.40 -17.47 -10.00
CA GLY A 1122 12.00 -17.10 -9.93
C GLY A 1122 11.74 -15.64 -10.23
N VAL A 1123 10.56 -15.19 -9.85
CA VAL A 1123 10.31 -13.75 -9.79
C VAL A 1123 11.13 -13.06 -8.68
N PRO A 1124 11.59 -13.68 -7.57
CA PRO A 1124 12.58 -12.94 -6.77
C PRO A 1124 13.96 -12.86 -7.39
N ARG A 1125 14.23 -13.60 -8.46
CA ARG A 1125 15.44 -13.34 -9.23
C ARG A 1125 15.31 -12.03 -9.98
N ILE A 1126 14.14 -11.78 -10.57
CA ILE A 1126 13.85 -10.48 -11.16
C ILE A 1126 13.86 -9.40 -10.09
N LYS A 1127 13.21 -9.65 -8.96
CA LYS A 1127 13.07 -8.66 -7.90
C LYS A 1127 14.38 -8.27 -7.24
N GLU A 1128 15.45 -9.06 -7.41
CA GLU A 1128 16.75 -8.67 -6.89
C GLU A 1128 17.63 -8.05 -7.96
N ILE A 1129 17.24 -8.15 -9.23
CA ILE A 1129 17.91 -7.36 -10.25
C ILE A 1129 17.27 -5.99 -10.34
N ILE A 1130 15.95 -5.93 -10.17
CA ILE A 1130 15.18 -4.70 -10.33
C ILE A 1130 15.62 -3.66 -9.32
N ASN A 1131 15.77 -4.03 -8.07
CA ASN A 1131 16.46 -3.13 -7.16
C ASN A 1131 17.92 -3.56 -7.04
N ALA A 1132 18.79 -2.60 -6.77
CA ALA A 1132 20.22 -2.87 -6.73
C ALA A 1132 20.53 -3.56 -5.40
N SER A 1133 20.32 -4.87 -5.39
CA SER A 1133 20.58 -5.67 -4.21
C SER A 1133 22.08 -5.90 -4.09
N LYS A 1134 22.68 -5.37 -3.01
CA LYS A 1134 24.10 -5.58 -2.76
C LYS A 1134 24.39 -7.03 -2.40
N VAL A 1135 23.50 -7.65 -1.63
CA VAL A 1135 23.66 -9.02 -1.20
C VAL A 1135 22.50 -9.84 -1.78
N ILE A 1136 22.80 -10.65 -2.78
CA ILE A 1136 21.81 -11.49 -3.37
C ILE A 1136 22.03 -12.91 -2.86
N SER A 1137 21.02 -13.75 -3.05
CA SER A 1137 21.17 -15.16 -2.75
C SER A 1137 21.64 -15.88 -4.00
N THR A 1138 22.45 -16.92 -3.79
CA THR A 1138 23.11 -17.76 -4.78
C THR A 1138 23.87 -16.97 -5.86
N PRO A 1139 24.98 -16.29 -5.52
CA PRO A 1139 25.69 -15.51 -6.55
C PRO A 1139 26.77 -16.28 -7.29
N ILE A 1140 26.37 -17.18 -8.16
CA ILE A 1140 27.34 -18.07 -8.80
C ILE A 1140 28.10 -17.33 -9.89
N ILE A 1141 29.32 -17.77 -10.12
CA ILE A 1141 30.32 -17.07 -10.92
C ILE A 1141 30.86 -18.08 -11.93
N ASN A 1142 30.59 -17.85 -13.21
CA ASN A 1142 31.20 -18.72 -14.19
C ASN A 1142 32.67 -18.36 -14.35
N ALA A 1143 33.41 -19.30 -14.91
CA ALA A 1143 34.84 -19.10 -15.12
C ALA A 1143 35.25 -19.98 -16.28
N VAL A 1144 36.04 -19.42 -17.18
CA VAL A 1144 36.48 -20.13 -18.38
C VAL A 1144 37.94 -20.49 -18.18
N LEU A 1145 38.30 -21.72 -18.47
CA LEU A 1145 39.63 -22.24 -18.21
C LEU A 1145 40.45 -22.31 -19.49
N VAL A 1146 41.76 -22.17 -19.34
CA VAL A 1146 42.64 -22.37 -20.48
C VAL A 1146 42.93 -23.85 -20.71
N ASN A 1147 42.68 -24.69 -19.71
CA ASN A 1147 42.81 -26.14 -19.84
C ASN A 1147 41.40 -26.71 -19.77
N ASP A 1148 40.78 -26.83 -20.93
CA ASP A 1148 39.43 -27.39 -21.01
C ASP A 1148 39.41 -28.88 -21.28
N ASN A 1149 40.58 -29.51 -21.37
CA ASN A 1149 40.66 -30.93 -21.65
C ASN A 1149 41.29 -31.74 -20.53
N ASP A 1150 42.35 -31.21 -19.90
CA ASP A 1150 43.00 -31.92 -18.81
C ASP A 1150 42.14 -31.85 -17.56
N GLU A 1151 41.69 -33.01 -17.08
CA GLU A 1151 40.86 -33.06 -15.89
C GLU A 1151 41.67 -32.71 -14.64
N ARG A 1152 42.93 -33.13 -14.59
CA ARG A 1152 43.78 -32.84 -13.45
C ARG A 1152 44.09 -31.35 -13.36
N ALA A 1153 44.32 -30.69 -14.51
CA ALA A 1153 44.57 -29.26 -14.51
C ALA A 1153 43.33 -28.47 -14.12
N ALA A 1154 42.14 -29.02 -14.40
CA ALA A 1154 40.91 -28.43 -13.87
C ALA A 1154 40.87 -28.53 -12.36
N ARG A 1155 41.40 -29.63 -11.80
CA ARG A 1155 41.41 -29.79 -10.36
C ARG A 1155 42.48 -28.92 -9.70
N VAL A 1156 43.52 -28.56 -10.45
CA VAL A 1156 44.55 -27.66 -9.92
C VAL A 1156 43.97 -26.27 -9.71
N VAL A 1157 43.32 -25.74 -10.75
CA VAL A 1157 42.79 -24.39 -10.70
C VAL A 1157 41.54 -24.32 -9.82
N LYS A 1158 40.86 -25.46 -9.62
CA LYS A 1158 39.71 -25.50 -8.74
C LYS A 1158 40.13 -25.27 -7.30
N GLY A 1159 41.20 -25.94 -6.86
CA GLY A 1159 41.71 -25.73 -5.52
C GLY A 1159 42.35 -24.37 -5.32
N ARG A 1160 42.75 -23.70 -6.40
CA ARG A 1160 43.38 -22.40 -6.25
C ARG A 1160 42.35 -21.31 -5.98
N VAL A 1161 41.13 -21.47 -6.47
CA VAL A 1161 40.07 -20.52 -6.15
C VAL A 1161 39.24 -20.95 -4.94
N GLU A 1162 39.09 -22.25 -4.71
CA GLU A 1162 38.36 -22.73 -3.55
C GLU A 1162 39.13 -22.43 -2.28
N LYS A 1163 38.44 -21.92 -1.28
CA LYS A 1163 39.10 -21.75 0.00
C LYS A 1163 39.22 -23.10 0.69
N THR A 1164 40.37 -23.34 1.31
CA THR A 1164 40.64 -24.57 2.02
C THR A 1164 40.76 -24.23 3.50
N LEU A 1165 39.86 -24.77 4.30
CA LEU A 1165 39.98 -24.57 5.73
C LEU A 1165 41.10 -25.46 6.28
N LEU A 1166 41.53 -25.15 7.50
CA LEU A 1166 42.60 -25.90 8.14
C LEU A 1166 42.15 -27.30 8.54
N SER A 1167 40.84 -27.53 8.68
CA SER A 1167 40.35 -28.83 9.12
C SER A 1167 40.55 -29.88 8.05
N ASP A 1168 40.40 -29.52 6.78
CA ASP A 1168 40.51 -30.51 5.72
C ASP A 1168 41.96 -30.83 5.39
N VAL A 1169 42.91 -30.05 5.89
CA VAL A 1169 44.32 -30.28 5.57
C VAL A 1169 45.08 -30.92 6.73
N ALA A 1170 44.55 -30.86 7.95
CA ALA A 1170 45.28 -31.35 9.10
C ALA A 1170 44.84 -32.77 9.46
N PHE A 1171 45.67 -33.43 10.27
CA PHE A 1171 45.21 -34.62 10.99
C PHE A 1171 44.45 -34.24 12.24
N TYR A 1172 45.07 -33.46 13.12
CA TYR A 1172 44.49 -33.15 14.41
C TYR A 1172 44.99 -31.80 14.89
N VAL A 1173 44.24 -31.23 15.82
CA VAL A 1173 44.64 -30.02 16.55
C VAL A 1173 44.70 -30.37 18.01
N GLN A 1174 45.88 -30.26 18.60
CA GLN A 1174 46.06 -30.61 20.00
C GLN A 1174 46.80 -29.50 20.72
N ASP A 1175 47.00 -29.70 22.02
CA ASP A 1175 47.84 -28.82 22.81
C ASP A 1175 48.51 -29.61 23.93
N VAL A 1176 49.79 -29.33 24.13
CA VAL A 1176 50.60 -30.01 25.13
C VAL A 1176 51.01 -28.97 26.16
N TYR A 1177 51.07 -29.38 27.43
CA TYR A 1177 51.21 -28.46 28.56
C TYR A 1177 52.40 -28.81 29.42
N LYS A 1178 53.58 -28.90 28.81
CA LYS A 1178 54.82 -29.09 29.55
C LYS A 1178 55.12 -27.89 30.44
N ASP A 1179 56.21 -28.02 31.22
CA ASP A 1179 56.35 -27.38 32.53
C ASP A 1179 56.25 -25.85 32.48
N ASN A 1180 56.77 -25.23 31.43
CA ASN A 1180 56.60 -23.80 31.28
C ASN A 1180 56.17 -23.42 29.87
N LEU A 1181 56.22 -24.35 28.92
CA LEU A 1181 55.83 -24.08 27.54
C LEU A 1181 54.48 -24.71 27.25
N SER A 1182 53.58 -23.92 26.69
CA SER A 1182 52.26 -24.37 26.27
C SER A 1182 52.06 -24.00 24.81
N PHE A 1183 51.69 -24.97 23.99
CA PHE A 1183 51.67 -24.73 22.55
C PHE A 1183 50.59 -25.56 21.89
N ILE A 1184 49.93 -24.95 20.92
CA ILE A 1184 49.02 -25.69 20.05
C ILE A 1184 49.87 -26.44 19.02
N GLN A 1185 49.64 -27.74 18.90
CA GLN A 1185 50.44 -28.59 18.03
C GLN A 1185 49.53 -29.12 16.94
N VAL A 1186 49.79 -28.72 15.71
CA VAL A 1186 48.96 -29.07 14.56
C VAL A 1186 49.77 -29.97 13.66
N ARG A 1187 49.24 -31.15 13.34
CA ARG A 1187 49.86 -32.04 12.39
C ARG A 1187 49.02 -32.08 11.13
N ILE A 1188 49.67 -31.90 9.98
CA ILE A 1188 49.00 -31.93 8.69
C ILE A 1188 49.59 -33.08 7.89
N ASP A 1189 49.12 -33.28 6.66
CA ASP A 1189 49.64 -34.35 5.83
C ASP A 1189 50.16 -33.80 4.52
N LEU A 1190 50.69 -34.71 3.70
CA LEU A 1190 50.97 -34.44 2.31
C LEU A 1190 50.23 -35.38 1.38
N GLY A 1191 49.61 -36.43 1.92
CA GLY A 1191 48.77 -37.30 1.11
C GLY A 1191 47.45 -36.67 0.71
N THR A 1192 47.05 -35.59 1.37
CA THR A 1192 45.93 -34.79 0.87
C THR A 1192 46.40 -33.83 -0.20
N ILE A 1193 47.64 -33.34 -0.09
CA ILE A 1193 48.15 -32.30 -0.96
C ILE A 1193 48.35 -32.81 -2.39
N ASP A 1194 48.68 -34.08 -2.56
CA ASP A 1194 48.81 -34.60 -3.91
C ASP A 1194 47.52 -35.16 -4.48
N LYS A 1195 46.55 -35.52 -3.63
CA LYS A 1195 45.24 -35.93 -4.13
C LYS A 1195 44.48 -34.74 -4.68
N LEU A 1196 44.18 -33.77 -3.83
CA LEU A 1196 43.67 -32.48 -4.26
C LEU A 1196 44.89 -31.59 -4.46
N GLN A 1197 45.29 -31.39 -5.71
CA GLN A 1197 46.63 -30.94 -6.05
C GLN A 1197 46.85 -29.48 -5.74
N LEU A 1198 46.98 -29.15 -4.45
CA LEU A 1198 47.27 -27.79 -4.06
C LEU A 1198 48.76 -27.50 -4.23
N GLU A 1199 49.07 -26.25 -4.52
CA GLU A 1199 50.45 -25.76 -4.52
C GLU A 1199 50.82 -25.18 -3.16
N LEU A 1200 50.54 -25.97 -2.12
CA LEU A 1200 50.60 -25.52 -0.74
C LEU A 1200 51.66 -26.30 0.01
N THR A 1201 52.61 -25.60 0.64
CA THR A 1201 53.62 -26.22 1.46
C THR A 1201 53.27 -26.03 2.92
N ILE A 1202 54.15 -26.51 3.82
CA ILE A 1202 53.90 -26.37 5.24
C ILE A 1202 54.29 -25.00 5.77
N GLU A 1203 54.94 -24.18 4.97
CA GLU A 1203 55.44 -22.90 5.46
C GLU A 1203 54.42 -21.79 5.27
N ASP A 1204 53.80 -21.71 4.10
CA ASP A 1204 52.83 -20.64 3.86
C ASP A 1204 51.51 -20.89 4.57
N ILE A 1205 51.27 -22.11 5.04
CA ILE A 1205 50.18 -22.34 5.99
C ILE A 1205 50.45 -21.57 7.27
N ALA A 1206 51.69 -21.63 7.76
CA ALA A 1206 52.07 -20.87 8.95
C ALA A 1206 52.04 -19.38 8.69
N VAL A 1207 52.29 -18.97 7.44
CA VAL A 1207 52.07 -17.59 7.06
C VAL A 1207 50.58 -17.25 7.10
N ALA A 1208 49.75 -18.16 6.58
CA ALA A 1208 48.32 -17.91 6.48
C ALA A 1208 47.64 -17.91 7.85
N ILE A 1209 48.20 -18.63 8.82
CA ILE A 1209 47.71 -18.55 10.19
C ILE A 1209 47.96 -17.16 10.74
N THR A 1210 49.20 -16.67 10.60
CA THR A 1210 49.55 -15.33 11.03
C THR A 1210 48.84 -14.26 10.23
N ARG A 1211 48.45 -14.58 8.99
CA ARG A 1211 47.72 -13.66 8.15
C ARG A 1211 46.31 -13.41 8.66
N ALA A 1212 45.74 -14.39 9.38
CA ALA A 1212 44.32 -14.36 9.73
C ALA A 1212 44.00 -13.25 10.72
N SER A 1213 44.71 -13.22 11.85
CA SER A 1213 44.67 -12.17 12.88
C SER A 1213 43.28 -11.96 13.48
N LYS A 1214 42.40 -12.94 13.37
CA LYS A 1214 41.13 -12.94 14.07
C LYS A 1214 41.25 -13.60 15.43
N LEU A 1215 42.47 -13.95 15.84
CA LEU A 1215 42.69 -14.74 17.04
C LEU A 1215 43.90 -14.29 17.84
N LYS A 1216 44.55 -13.18 17.46
CA LYS A 1216 45.51 -12.43 18.28
C LYS A 1216 46.73 -13.29 18.66
N ILE A 1217 47.51 -13.62 17.64
CA ILE A 1217 48.54 -14.64 17.78
C ILE A 1217 49.84 -14.11 18.40
N GLN A 1218 50.10 -12.80 18.30
CA GLN A 1218 51.42 -12.16 18.47
C GLN A 1218 52.47 -12.96 17.70
N ALA A 1219 52.35 -12.82 16.39
CA ALA A 1219 52.74 -13.82 15.38
C ALA A 1219 54.21 -14.23 15.31
N SER A 1220 55.07 -13.66 16.14
CA SER A 1220 56.48 -14.03 16.13
C SER A 1220 56.78 -15.34 16.84
N ASP A 1221 55.77 -16.01 17.41
CA ASP A 1221 55.97 -17.19 18.24
C ASP A 1221 55.72 -18.50 17.53
N VAL A 1222 55.29 -18.47 16.26
CA VAL A 1222 55.00 -19.71 15.54
C VAL A 1222 56.31 -20.44 15.20
N ASN A 1223 56.35 -21.72 15.50
CA ASN A 1223 57.47 -22.58 15.16
C ASN A 1223 56.97 -23.67 14.21
N ILE A 1224 57.89 -24.23 13.43
CA ILE A 1224 57.58 -25.25 12.45
C ILE A 1224 58.47 -26.46 12.73
N ILE A 1225 57.85 -27.58 13.04
CA ILE A 1225 58.54 -28.84 13.26
C ILE A 1225 58.59 -29.57 11.92
N GLY A 1226 59.59 -30.42 11.73
CA GLY A 1226 59.97 -30.95 10.43
C GLY A 1226 58.94 -31.69 9.60
N LYS A 1227 58.51 -31.01 8.53
CA LYS A 1227 57.85 -31.56 7.34
C LYS A 1227 56.41 -32.00 7.53
N ASP A 1228 55.92 -32.07 8.78
CA ASP A 1228 54.56 -32.54 9.01
C ASP A 1228 53.82 -31.80 10.11
N ARG A 1229 54.39 -30.73 10.67
CA ARG A 1229 53.87 -30.28 11.95
C ARG A 1229 54.16 -28.80 12.14
N ILE A 1230 53.21 -28.11 12.77
CA ILE A 1230 53.33 -26.68 13.07
C ILE A 1230 52.98 -26.49 14.54
N ALA A 1231 53.91 -25.94 15.31
CA ALA A 1231 53.71 -25.71 16.73
C ALA A 1231 53.41 -24.24 16.95
N ILE A 1232 52.17 -23.94 17.33
CA ILE A 1232 51.76 -22.57 17.65
C ILE A 1232 52.00 -22.37 19.13
N ASN A 1233 53.13 -21.76 19.47
CA ASN A 1233 53.42 -21.46 20.86
C ASN A 1233 52.52 -20.34 21.37
N VAL A 1234 52.38 -20.27 22.70
CA VAL A 1234 51.68 -19.18 23.36
C VAL A 1234 52.22 -19.06 24.78
N PHE A 1235 52.27 -17.83 25.28
CA PHE A 1235 52.79 -17.49 26.61
C PHE A 1235 52.32 -16.08 26.92
N PRO A 1236 51.97 -15.76 28.18
CA PRO A 1236 51.45 -14.44 28.53
C PRO A 1236 52.51 -13.35 28.44
N ASP A 1255 43.63 -14.96 32.12
CA ASP A 1255 44.20 -16.26 32.39
C ASP A 1255 44.77 -16.81 31.10
N VAL A 1256 45.78 -17.67 31.21
CA VAL A 1256 46.39 -18.24 30.01
C VAL A 1256 45.52 -19.35 29.44
N PHE A 1257 44.69 -19.99 30.26
CA PHE A 1257 43.93 -21.14 29.79
C PHE A 1257 42.70 -20.71 28.99
N TYR A 1258 42.08 -19.59 29.36
CA TYR A 1258 40.87 -19.13 28.68
C TYR A 1258 41.16 -18.77 27.23
N ARG A 1259 42.22 -17.99 27.00
CA ARG A 1259 42.54 -17.59 25.64
C ARG A 1259 43.11 -18.75 24.84
N MET A 1260 43.75 -19.72 25.50
CA MET A 1260 44.26 -20.87 24.76
C MET A 1260 43.15 -21.85 24.44
N GLN A 1261 42.09 -21.87 25.25
CA GLN A 1261 40.92 -22.65 24.90
C GLN A 1261 40.18 -22.03 23.73
N GLN A 1262 40.03 -20.70 23.72
CA GLN A 1262 39.37 -20.03 22.61
C GLN A 1262 40.20 -20.11 21.34
N LEU A 1263 41.52 -20.15 21.46
CA LEU A 1263 42.38 -20.32 20.29
C LEU A 1263 42.42 -21.76 19.83
N ARG A 1264 41.94 -22.70 20.65
CA ARG A 1264 41.92 -24.09 20.24
C ARG A 1264 40.84 -24.35 19.20
N ARG A 1265 39.68 -23.71 19.35
CA ARG A 1265 38.56 -23.94 18.44
C ARG A 1265 38.48 -22.92 17.31
N ALA A 1266 39.06 -21.74 17.49
CA ALA A 1266 39.09 -20.75 16.41
C ALA A 1266 40.23 -21.00 15.44
N LEU A 1267 41.12 -21.92 15.74
CA LEU A 1267 42.20 -22.27 14.83
C LEU A 1267 41.80 -23.19 13.68
N PRO A 1268 41.17 -24.37 13.84
CA PRO A 1268 41.10 -25.32 12.73
C PRO A 1268 40.08 -24.99 11.65
N ASP A 1269 39.52 -23.79 11.63
CA ASP A 1269 38.59 -23.38 10.59
C ASP A 1269 39.07 -22.17 9.81
N VAL A 1270 40.31 -21.72 10.01
CA VAL A 1270 40.80 -20.57 9.26
C VAL A 1270 41.16 -21.00 7.84
N VAL A 1271 41.17 -20.03 6.94
CA VAL A 1271 41.41 -20.28 5.52
C VAL A 1271 42.90 -20.24 5.27
N VAL A 1272 43.45 -21.35 4.77
CA VAL A 1272 44.88 -21.42 4.55
C VAL A 1272 45.27 -21.24 3.08
N LYS A 1273 44.34 -21.45 2.15
CA LYS A 1273 44.63 -21.31 0.72
C LYS A 1273 43.32 -21.16 -0.02
N GLY A 1274 43.23 -20.10 -0.82
CA GLY A 1274 42.04 -19.81 -1.59
C GLY A 1274 41.43 -18.47 -1.24
N LEU A 1275 40.30 -18.19 -1.88
CA LEU A 1275 39.72 -16.88 -1.64
C LEU A 1275 38.64 -16.97 -0.56
N PRO A 1276 38.58 -15.99 0.34
CA PRO A 1276 37.74 -16.17 1.54
C PRO A 1276 36.25 -16.10 1.28
N ASP A 1277 35.80 -15.34 0.29
CA ASP A 1277 34.37 -15.21 0.04
C ASP A 1277 33.81 -16.28 -0.88
N ILE A 1278 34.66 -17.09 -1.50
CA ILE A 1278 34.18 -18.20 -2.31
C ILE A 1278 33.79 -19.34 -1.38
N SER A 1279 32.49 -19.65 -1.34
CA SER A 1279 32.03 -20.73 -0.48
C SER A 1279 32.39 -22.09 -1.06
N ARG A 1280 32.09 -22.30 -2.33
CA ARG A 1280 32.30 -23.60 -2.96
C ARG A 1280 32.50 -23.40 -4.45
N ALA A 1281 32.98 -24.45 -5.10
CA ALA A 1281 33.20 -24.44 -6.54
C ALA A 1281 32.90 -25.82 -7.09
N VAL A 1282 32.41 -25.86 -8.33
CA VAL A 1282 32.04 -27.11 -8.99
C VAL A 1282 32.63 -27.12 -10.38
N ILE A 1283 33.52 -28.08 -10.66
CA ILE A 1283 33.97 -28.30 -12.02
C ILE A 1283 32.79 -28.83 -12.83
N ASN A 1284 32.39 -28.09 -13.85
CA ASN A 1284 31.23 -28.44 -14.65
C ASN A 1284 31.65 -28.77 -16.06
N ILE A 1285 31.08 -29.84 -16.60
CA ILE A 1285 31.29 -30.22 -18.00
C ILE A 1285 30.24 -29.51 -18.83
N ARG A 1286 30.69 -28.71 -19.80
CA ARG A 1286 29.76 -28.11 -20.72
C ARG A 1286 29.24 -29.15 -21.71
N ASP A 1287 28.21 -28.78 -22.45
CA ASP A 1287 27.53 -29.76 -23.30
C ASP A 1287 28.29 -30.06 -24.60
N ASP A 1288 29.40 -29.38 -24.85
CA ASP A 1288 30.36 -29.82 -25.85
C ASP A 1288 31.53 -30.58 -25.23
N GLY A 1289 31.53 -30.73 -23.90
CA GLY A 1289 32.58 -31.43 -23.20
C GLY A 1289 33.57 -30.53 -22.49
N LYS A 1290 33.50 -29.22 -22.70
CA LYS A 1290 34.46 -28.31 -22.13
C LYS A 1290 34.24 -28.14 -20.63
N ARG A 1291 35.28 -27.70 -19.94
CA ARG A 1291 35.29 -27.59 -18.49
C ARG A 1291 35.29 -26.12 -18.09
N GLU A 1292 34.16 -25.67 -17.56
CA GLU A 1292 34.00 -24.29 -17.11
C GLU A 1292 33.41 -24.35 -15.71
N LEU A 1293 34.21 -24.04 -14.69
CA LEU A 1293 33.80 -24.28 -13.33
C LEU A 1293 32.88 -23.19 -12.80
N LEU A 1294 31.96 -23.58 -11.93
CA LEU A 1294 30.97 -22.68 -11.35
C LEU A 1294 31.38 -22.33 -9.93
N VAL A 1295 32.26 -21.33 -9.82
CA VAL A 1295 32.58 -20.71 -8.54
C VAL A 1295 31.32 -20.05 -8.00
N GLU A 1296 31.11 -20.12 -6.68
CA GLU A 1296 29.84 -19.67 -6.11
C GLU A 1296 30.05 -18.68 -4.98
N GLY A 1297 30.92 -17.71 -5.16
CA GLY A 1297 31.19 -16.74 -4.11
C GLY A 1297 30.82 -15.32 -4.45
N TYR A 1298 31.68 -14.35 -4.10
CA TYR A 1298 31.45 -12.93 -4.33
C TYR A 1298 32.48 -12.29 -5.23
N GLY A 1299 33.76 -12.61 -5.07
CA GLY A 1299 34.80 -11.86 -5.74
C GLY A 1299 34.94 -12.25 -7.19
N LEU A 1300 35.01 -11.24 -8.07
CA LEU A 1300 35.27 -11.48 -9.48
C LEU A 1300 36.67 -11.06 -9.90
N ARG A 1301 37.22 -9.99 -9.31
CA ARG A 1301 38.59 -9.58 -9.60
C ARG A 1301 39.57 -10.67 -9.24
N ASP A 1302 39.32 -11.36 -8.15
CA ASP A 1302 40.23 -12.40 -7.69
C ASP A 1302 40.14 -13.63 -8.56
N VAL A 1303 38.94 -13.99 -9.02
CA VAL A 1303 38.78 -15.16 -9.86
C VAL A 1303 39.31 -14.89 -11.26
N MET A 1304 39.11 -13.68 -11.77
CA MET A 1304 39.56 -13.39 -13.13
C MET A 1304 41.05 -13.16 -13.22
N CYS A 1305 41.72 -12.94 -12.09
CA CYS A 1305 43.17 -12.84 -12.06
C CYS A 1305 43.86 -14.14 -11.69
N THR A 1306 43.11 -15.14 -11.24
CA THR A 1306 43.69 -16.44 -10.92
C THR A 1306 44.19 -17.14 -12.19
N ASP A 1307 45.42 -17.63 -12.13
CA ASP A 1307 46.05 -18.29 -13.27
C ASP A 1307 45.29 -19.55 -13.67
N GLY A 1308 45.21 -19.78 -14.97
CA GLY A 1308 44.41 -20.87 -15.50
C GLY A 1308 43.04 -20.38 -15.95
N VAL A 1309 42.47 -19.48 -15.15
CA VAL A 1309 41.20 -18.84 -15.51
C VAL A 1309 41.50 -17.69 -16.47
N ILE A 1310 40.90 -17.73 -17.66
CA ILE A 1310 41.03 -16.61 -18.57
C ILE A 1310 40.02 -15.53 -18.18
N GLY A 1311 40.51 -14.33 -17.97
CA GLY A 1311 39.75 -13.26 -17.39
C GLY A 1311 38.97 -12.42 -18.36
N SER A 1312 39.01 -12.76 -19.64
CA SER A 1312 38.20 -12.03 -20.61
C SER A 1312 36.79 -12.58 -20.70
N ARG A 1313 36.56 -13.83 -20.33
CA ARG A 1313 35.29 -14.48 -20.60
C ARG A 1313 34.57 -14.98 -19.35
N THR A 1314 35.03 -14.58 -18.17
CA THR A 1314 34.36 -14.96 -16.93
C THR A 1314 33.29 -13.94 -16.55
N THR A 1315 32.21 -14.42 -15.95
CA THR A 1315 31.01 -13.62 -15.71
C THR A 1315 30.57 -13.74 -14.27
N THR A 1316 29.45 -13.08 -13.92
CA THR A 1316 28.89 -13.11 -12.57
C THR A 1316 27.39 -12.84 -12.67
N ASN A 1317 26.61 -13.50 -11.81
CA ASN A 1317 25.20 -13.11 -11.67
C ASN A 1317 25.05 -11.73 -11.05
N HIS A 1318 25.93 -11.35 -10.14
CA HIS A 1318 25.73 -10.17 -9.32
C HIS A 1318 26.02 -8.93 -10.14
N VAL A 1319 24.99 -8.14 -10.40
CA VAL A 1319 25.15 -7.01 -11.32
C VAL A 1319 25.87 -5.84 -10.67
N LEU A 1320 25.74 -5.64 -9.35
CA LEU A 1320 26.47 -4.57 -8.70
C LEU A 1320 27.94 -4.90 -8.57
N GLU A 1321 28.28 -6.19 -8.55
CA GLU A 1321 29.68 -6.58 -8.40
C GLU A 1321 30.38 -6.57 -9.74
N VAL A 1322 29.64 -6.78 -10.84
CA VAL A 1322 30.16 -6.51 -12.18
C VAL A 1322 30.40 -5.02 -12.35
N PHE A 1323 29.57 -4.19 -11.73
CA PHE A 1323 29.72 -2.75 -11.83
C PHE A 1323 31.01 -2.25 -11.18
N SER A 1324 31.46 -2.90 -10.11
CA SER A 1324 32.64 -2.43 -9.40
C SER A 1324 33.92 -2.73 -10.15
N VAL A 1325 33.94 -3.80 -10.95
CA VAL A 1325 35.14 -4.20 -11.66
C VAL A 1325 35.07 -3.84 -13.14
N LEU A 1326 33.91 -3.96 -13.77
CA LEU A 1326 33.82 -3.80 -15.22
C LEU A 1326 33.18 -2.50 -15.66
N GLY A 1327 32.80 -1.62 -14.76
CA GLY A 1327 32.26 -0.34 -15.15
C GLY A 1327 30.76 -0.35 -15.21
N ILE A 1328 30.21 0.73 -15.75
CA ILE A 1328 28.75 0.84 -15.88
C ILE A 1328 28.27 0.22 -17.18
N GLU A 1329 29.05 0.27 -18.24
CA GLU A 1329 28.51 -0.17 -19.52
C GLU A 1329 28.52 -1.69 -19.63
N ALA A 1330 29.40 -2.35 -18.88
CA ALA A 1330 29.28 -3.79 -18.74
C ALA A 1330 28.33 -4.19 -17.63
N ALA A 1331 27.74 -3.24 -16.92
CA ALA A 1331 26.67 -3.56 -15.99
C ALA A 1331 25.31 -3.37 -16.65
N ARG A 1332 25.21 -2.42 -17.56
CA ARG A 1332 24.02 -2.28 -18.40
C ARG A 1332 23.84 -3.51 -19.26
N TYR A 1333 24.93 -3.98 -19.86
CA TYR A 1333 24.88 -5.15 -20.73
C TYR A 1333 24.67 -6.43 -19.94
N SER A 1334 24.85 -6.39 -18.63
CA SER A 1334 24.61 -7.55 -17.79
C SER A 1334 23.24 -7.54 -17.14
N ILE A 1335 22.61 -6.38 -16.97
CA ILE A 1335 21.23 -6.34 -16.49
C ILE A 1335 20.30 -6.91 -17.54
N ILE A 1336 20.50 -6.52 -18.80
CA ILE A 1336 19.62 -7.00 -19.86
C ILE A 1336 19.90 -8.45 -20.23
N ARG A 1337 20.99 -9.02 -19.76
CA ARG A 1337 21.27 -10.42 -20.06
C ARG A 1337 20.85 -11.34 -18.93
N GLU A 1338 20.75 -10.82 -17.71
CA GLU A 1338 20.19 -11.60 -16.62
C GLU A 1338 18.67 -11.54 -16.60
N ILE A 1339 18.06 -10.64 -17.36
CA ILE A 1339 16.60 -10.59 -17.44
C ILE A 1339 16.12 -11.25 -18.72
N ASN A 1340 16.90 -11.18 -19.80
CA ASN A 1340 16.63 -12.04 -20.95
C ASN A 1340 16.93 -13.51 -20.68
N TYR A 1341 17.50 -13.85 -19.53
CA TYR A 1341 17.72 -15.24 -19.14
C TYR A 1341 16.82 -15.71 -18.01
N THR A 1342 16.39 -14.81 -17.13
CA THR A 1342 15.48 -15.22 -16.07
C THR A 1342 14.08 -15.44 -16.61
N MET A 1343 13.58 -14.51 -17.42
CA MET A 1343 12.25 -14.68 -17.97
C MET A 1343 12.21 -15.78 -19.02
N SER A 1344 13.30 -15.99 -19.75
CA SER A 1344 13.27 -16.98 -20.83
C SER A 1344 13.27 -18.42 -20.33
N ASN A 1345 13.49 -18.65 -19.04
CA ASN A 1345 13.31 -19.96 -18.44
C ASN A 1345 11.88 -20.19 -17.98
N HIS A 1346 10.94 -19.32 -18.35
CA HIS A 1346 9.55 -19.48 -17.92
C HIS A 1346 8.58 -19.14 -19.04
N GLY A 1347 8.96 -19.40 -20.28
CA GLY A 1347 8.18 -18.85 -21.37
C GLY A 1347 8.50 -17.37 -21.45
N MET A 1348 7.45 -16.54 -21.42
CA MET A 1348 7.54 -15.08 -21.31
C MET A 1348 8.40 -14.47 -22.42
N SER A 1349 7.89 -14.58 -23.64
CA SER A 1349 8.61 -14.08 -24.82
C SER A 1349 8.36 -12.59 -25.00
N VAL A 1350 8.89 -11.82 -24.04
CA VAL A 1350 8.92 -10.38 -24.12
C VAL A 1350 9.87 -9.97 -25.23
N ASP A 1351 9.56 -8.88 -25.92
CA ASP A 1351 10.48 -8.32 -26.89
C ASP A 1351 11.74 -7.85 -26.17
N PRO A 1352 12.93 -8.00 -26.77
CA PRO A 1352 14.15 -7.58 -26.08
C PRO A 1352 14.29 -6.08 -25.92
N ARG A 1353 13.58 -5.28 -26.71
CA ARG A 1353 13.70 -3.83 -26.59
C ARG A 1353 13.02 -3.30 -25.35
N HIS A 1354 12.16 -4.10 -24.73
CA HIS A 1354 11.56 -3.76 -23.46
C HIS A 1354 12.51 -4.02 -22.31
N ILE A 1355 13.55 -4.81 -22.55
CA ILE A 1355 14.55 -5.07 -21.55
C ILE A 1355 15.71 -4.10 -21.67
N GLN A 1356 16.07 -3.76 -22.90
CA GLN A 1356 17.14 -2.79 -23.13
C GLN A 1356 16.80 -1.42 -22.56
N LEU A 1357 15.54 -1.03 -22.63
CA LEU A 1357 15.14 0.22 -22.00
C LEU A 1357 15.14 0.10 -20.49
N LEU A 1358 14.90 -1.09 -19.96
CA LEU A 1358 15.00 -1.27 -18.52
C LEU A 1358 16.45 -1.28 -18.06
N GLY A 1359 17.35 -1.78 -18.90
CA GLY A 1359 18.77 -1.69 -18.60
C GLY A 1359 19.27 -0.26 -18.56
N ASP A 1360 18.70 0.62 -19.36
CA ASP A 1360 19.20 1.97 -19.49
C ASP A 1360 18.65 2.93 -18.45
N VAL A 1361 17.50 2.63 -17.87
CA VAL A 1361 17.03 3.46 -16.77
C VAL A 1361 17.90 3.23 -15.55
N MET A 1362 18.38 2.01 -15.38
CA MET A 1362 19.31 1.65 -14.33
C MET A 1362 20.75 2.01 -14.66
N THR A 1363 20.98 2.87 -15.65
CA THR A 1363 22.34 3.12 -16.12
C THR A 1363 22.66 4.59 -16.39
N TYR A 1364 21.69 5.41 -16.78
CA TYR A 1364 21.99 6.70 -17.40
C TYR A 1364 22.48 7.76 -16.42
N LYS A 1365 22.47 7.48 -15.13
CA LYS A 1365 23.10 8.35 -14.14
C LYS A 1365 24.52 7.92 -13.80
N GLY A 1366 25.06 6.93 -14.49
CA GLY A 1366 26.41 6.50 -14.29
C GLY A 1366 26.58 5.27 -13.43
N GLU A 1367 25.58 4.89 -12.64
CA GLU A 1367 25.68 3.70 -11.81
C GLU A 1367 24.40 2.90 -11.91
N VAL A 1368 24.44 1.70 -11.34
CA VAL A 1368 23.26 0.85 -11.27
C VAL A 1368 22.41 1.34 -10.10
N LEU A 1369 21.25 1.93 -10.40
CA LEU A 1369 20.49 2.54 -9.32
C LEU A 1369 19.50 1.58 -8.68
N GLY A 1370 18.67 0.93 -9.47
CA GLY A 1370 17.64 0.09 -8.92
C GLY A 1370 16.35 0.85 -8.65
N ILE A 1371 15.26 0.09 -8.55
CA ILE A 1371 13.93 0.68 -8.60
C ILE A 1371 13.37 0.64 -7.18
N THR A 1372 14.26 0.78 -6.21
CA THR A 1372 13.86 0.92 -4.82
C THR A 1372 13.92 2.40 -4.43
N ARG A 1373 13.79 2.68 -3.13
CA ARG A 1373 13.57 4.03 -2.66
C ARG A 1373 14.80 4.93 -2.84
N PHE A 1374 16.01 4.38 -2.71
CA PHE A 1374 17.18 5.21 -2.94
C PHE A 1374 17.43 5.46 -4.41
N GLY A 1375 17.09 4.49 -5.27
CA GLY A 1375 17.34 4.63 -6.69
C GLY A 1375 16.41 5.64 -7.34
N LEU A 1376 15.17 5.72 -6.87
CA LEU A 1376 14.25 6.72 -7.42
C LEU A 1376 14.58 8.12 -6.96
N SER A 1377 15.16 8.25 -5.76
CA SER A 1377 15.60 9.55 -5.27
C SER A 1377 16.73 10.12 -6.12
N LYS A 1378 17.62 9.25 -6.62
CA LYS A 1378 18.63 9.68 -7.58
C LYS A 1378 17.98 10.07 -8.90
N MET A 1379 16.94 9.35 -9.31
CA MET A 1379 16.28 9.61 -10.58
C MET A 1379 15.34 10.80 -10.48
N ARG A 1380 14.48 10.81 -9.48
CA ARG A 1380 13.38 11.76 -9.42
C ARG A 1380 13.72 12.84 -8.40
N ASP A 1381 13.98 14.05 -8.89
CA ASP A 1381 14.29 15.19 -8.05
C ASP A 1381 13.05 15.86 -7.47
N SER A 1382 11.88 15.27 -7.65
CA SER A 1382 10.61 15.87 -7.27
C SER A 1382 10.10 15.30 -5.96
N VAL A 1383 9.03 15.89 -5.46
CA VAL A 1383 8.50 15.60 -4.14
C VAL A 1383 7.21 14.80 -4.21
N LEU A 1384 6.25 15.26 -5.00
CA LEU A 1384 4.96 14.56 -5.03
C LEU A 1384 5.03 13.25 -5.80
N GLN A 1385 5.99 13.09 -6.71
CA GLN A 1385 6.14 11.80 -7.36
C GLN A 1385 6.68 10.75 -6.40
N LEU A 1386 7.66 11.13 -5.59
CA LEU A 1386 8.16 10.22 -4.57
C LEU A 1386 7.22 10.11 -3.38
N ALA A 1387 6.27 11.03 -3.22
CA ALA A 1387 5.38 10.97 -2.07
C ALA A 1387 4.34 9.87 -2.21
N SER A 1388 3.85 9.62 -3.42
CA SER A 1388 2.95 8.50 -3.62
C SER A 1388 3.69 7.16 -3.59
N PHE A 1389 5.00 7.18 -3.81
CA PHE A 1389 5.82 5.99 -3.63
C PHE A 1389 5.86 5.56 -2.17
N GLU A 1390 6.13 6.50 -1.27
CA GLU A 1390 6.56 6.19 0.09
C GLU A 1390 5.44 5.57 0.91
N LYS A 1391 5.81 5.09 2.09
CA LYS A 1391 4.87 4.62 3.09
C LYS A 1391 4.92 5.41 4.38
N THR A 1392 5.87 6.34 4.53
CA THR A 1392 5.94 7.26 5.64
C THR A 1392 5.79 8.69 5.11
N THR A 1393 5.98 9.68 5.99
CA THR A 1393 5.56 11.04 5.72
C THR A 1393 6.67 12.08 5.79
N ASP A 1394 7.87 11.74 6.24
CA ASP A 1394 8.91 12.75 6.43
C ASP A 1394 9.70 13.04 5.16
N HIS A 1395 9.31 12.43 4.03
CA HIS A 1395 9.89 12.85 2.76
C HIS A 1395 9.43 14.24 2.35
N LEU A 1396 8.27 14.68 2.83
CA LEU A 1396 7.80 16.01 2.50
C LEU A 1396 8.01 17.02 3.61
N PHE A 1397 8.59 16.62 4.75
CA PHE A 1397 8.98 17.67 5.69
C PHE A 1397 10.34 18.24 5.37
N ASP A 1398 11.29 17.43 4.94
CA ASP A 1398 12.53 18.02 4.47
C ASP A 1398 12.41 18.58 3.06
N ALA A 1399 11.31 18.31 2.36
CA ALA A 1399 10.98 19.10 1.19
C ALA A 1399 10.68 20.54 1.58
N ALA A 1400 9.99 20.71 2.70
CA ALA A 1400 9.71 22.05 3.19
C ALA A 1400 10.90 22.65 3.88
N PHE A 1401 11.73 21.85 4.54
CA PHE A 1401 12.87 22.40 5.26
C PHE A 1401 13.93 22.90 4.30
N TYR A 1402 14.37 22.04 3.39
CA TYR A 1402 15.38 22.44 2.43
C TYR A 1402 14.81 23.21 1.26
N MET A 1403 13.50 23.44 1.26
CA MET A 1403 12.79 24.36 0.37
C MET A 1403 13.01 24.01 -1.11
N LYS A 1404 12.69 22.78 -1.43
CA LYS A 1404 12.81 22.30 -2.79
C LYS A 1404 11.67 22.83 -3.63
N LYS A 1405 11.92 22.92 -4.93
CA LYS A 1405 11.00 23.55 -5.88
C LYS A 1405 10.98 22.68 -7.13
N ASP A 1406 10.00 21.79 -7.22
CA ASP A 1406 9.95 20.85 -8.33
C ASP A 1406 8.94 21.30 -9.38
N ALA A 1407 9.13 20.80 -10.60
CA ALA A 1407 8.21 21.10 -11.67
C ALA A 1407 7.04 20.13 -11.64
N VAL A 1408 6.12 20.28 -12.58
CA VAL A 1408 4.90 19.48 -12.62
C VAL A 1408 4.99 18.68 -13.92
N GLU A 1409 6.19 18.24 -14.27
CA GLU A 1409 6.33 17.65 -15.59
C GLU A 1409 5.97 16.17 -15.63
N GLY A 1410 6.30 15.41 -14.58
CA GLY A 1410 6.05 13.98 -14.61
C GLY A 1410 4.57 13.65 -14.52
N VAL A 1411 4.20 12.50 -15.11
CA VAL A 1411 2.78 12.20 -15.30
C VAL A 1411 2.09 11.78 -14.02
N SER A 1412 2.85 11.53 -12.95
CA SER A 1412 2.22 11.26 -11.67
C SER A 1412 1.66 12.55 -11.08
N GLU A 1413 2.45 13.61 -11.04
CA GLU A 1413 1.98 14.88 -10.50
C GLU A 1413 1.20 15.71 -11.51
N CYS A 1414 1.15 15.30 -12.78
CA CYS A 1414 0.23 15.94 -13.70
C CYS A 1414 -1.20 15.59 -13.35
N ILE A 1415 -1.46 14.33 -13.00
CA ILE A 1415 -2.82 13.94 -12.69
C ILE A 1415 -3.18 14.17 -11.22
N ILE A 1416 -2.19 14.38 -10.36
CA ILE A 1416 -2.48 14.85 -9.01
C ILE A 1416 -3.03 16.26 -9.08
N LEU A 1417 -2.31 17.15 -9.74
CA LEU A 1417 -2.74 18.54 -9.86
C LEU A 1417 -3.77 18.75 -10.95
N GLY A 1418 -4.05 17.73 -11.76
CA GLY A 1418 -5.11 17.81 -12.73
C GLY A 1418 -4.79 18.68 -13.92
N GLN A 1419 -3.71 18.36 -14.61
CA GLN A 1419 -3.41 19.02 -15.86
C GLN A 1419 -2.72 18.02 -16.77
N THR A 1420 -2.80 18.28 -18.07
CA THR A 1420 -2.58 17.24 -19.05
C THR A 1420 -1.11 16.86 -19.14
N MET A 1421 -0.85 15.56 -19.11
CA MET A 1421 0.50 15.05 -19.26
C MET A 1421 0.98 15.28 -20.68
N SER A 1422 2.30 15.24 -20.85
CA SER A 1422 2.91 15.57 -22.13
C SER A 1422 3.40 14.34 -22.87
N ILE A 1423 2.68 13.23 -22.74
CA ILE A 1423 2.93 12.04 -23.54
C ILE A 1423 1.63 11.63 -24.20
N GLY A 1424 1.75 10.92 -25.31
CA GLY A 1424 0.56 10.51 -26.01
C GLY A 1424 -0.04 11.63 -26.81
N THR A 1425 -1.28 11.99 -26.49
CA THR A 1425 -1.93 13.04 -27.24
C THR A 1425 -1.57 14.42 -26.72
N GLY A 1426 -1.01 14.51 -25.53
CA GLY A 1426 -0.47 15.75 -25.04
C GLY A 1426 0.94 16.05 -25.47
N SER A 1427 1.52 15.21 -26.33
CA SER A 1427 2.90 15.34 -26.75
C SER A 1427 3.15 16.48 -27.71
N PHE A 1428 2.11 17.01 -28.34
CA PHE A 1428 2.20 18.03 -29.36
C PHE A 1428 1.17 19.10 -29.03
N LYS A 1429 1.06 20.10 -29.88
CA LYS A 1429 -0.02 21.06 -29.74
C LYS A 1429 -0.71 21.24 -31.07
N VAL A 1430 -2.01 21.49 -31.00
CA VAL A 1430 -2.84 21.69 -32.17
C VAL A 1430 -3.14 23.17 -32.28
N VAL A 1431 -3.10 23.68 -33.51
CA VAL A 1431 -3.14 25.10 -33.80
C VAL A 1431 -4.13 25.31 -34.93
N LYS A 1432 -5.04 26.26 -34.76
CA LYS A 1432 -6.00 26.57 -35.81
C LYS A 1432 -5.42 27.69 -36.67
N GLY A 1433 -5.04 27.36 -37.89
CA GLY A 1433 -4.43 28.35 -38.76
C GLY A 1433 -5.44 29.37 -39.24
N THR A 1434 -5.04 30.63 -39.19
CA THR A 1434 -5.88 31.72 -39.66
C THR A 1434 -5.60 32.00 -41.14
N ASN A 1435 -6.60 32.54 -41.83
CA ASN A 1435 -6.55 32.75 -43.27
C ASN A 1435 -6.40 34.23 -43.62
N ILE A 1436 -5.52 34.91 -42.88
CA ILE A 1436 -5.23 36.31 -43.16
C ILE A 1436 -4.40 36.46 -44.42
N SER A 1437 -3.21 35.84 -44.42
CA SER A 1437 -2.24 35.88 -45.52
C SER A 1437 -1.81 37.31 -45.87
N GLU A 1438 -1.68 38.16 -44.84
CA GLU A 1438 -1.14 39.52 -44.93
C GLU A 1438 -1.94 40.42 -45.86
N LYS A 1439 -3.22 40.12 -46.03
CA LYS A 1439 -4.03 40.87 -47.00
C LYS A 1439 -4.51 42.19 -46.42
N ASP A 1440 -5.32 42.12 -45.37
CA ASP A 1440 -5.91 43.31 -44.76
C ASP A 1440 -5.17 43.75 -43.51
N LEU A 1441 -3.97 43.22 -43.29
CA LEU A 1441 -3.10 43.69 -42.22
C LEU A 1441 -2.15 44.78 -42.67
N VAL A 1442 -2.51 45.51 -43.71
CA VAL A 1442 -1.92 46.83 -43.95
C VAL A 1442 -2.54 47.83 -42.98
N PRO A 1443 -1.76 48.70 -42.34
CA PRO A 1443 -2.34 49.66 -41.41
C PRO A 1443 -3.13 50.73 -42.15
N LYS A 1444 -3.96 51.46 -41.40
CA LYS A 1444 -4.87 52.43 -41.98
C LYS A 1444 -4.14 53.74 -42.30
N ARG A 1445 -4.91 54.78 -42.61
CA ARG A 1445 -4.37 55.98 -43.20
C ARG A 1445 -3.60 56.83 -42.21
N CYS A 1446 -4.31 57.38 -41.21
CA CYS A 1446 -3.78 58.31 -40.21
C CYS A 1446 -3.06 59.50 -40.89
N LEU A 1447 -3.83 60.28 -41.64
CA LEU A 1447 -3.25 61.35 -42.44
C LEU A 1447 -2.96 62.62 -41.65
N PHE A 1448 -3.14 62.61 -40.33
CA PHE A 1448 -2.62 63.72 -39.53
C PHE A 1448 -1.11 63.70 -39.46
N GLU A 1449 -0.51 62.52 -39.59
CA GLU A 1449 0.96 62.47 -39.61
C GLU A 1449 1.50 62.93 -40.96
N SER A 1450 0.67 62.90 -42.00
CA SER A 1450 1.03 63.61 -43.23
C SER A 1450 0.91 65.11 -43.06
N LEU A 1451 -0.04 65.56 -42.24
CA LEU A 1451 -0.14 66.98 -41.90
C LEU A 1451 1.05 67.41 -41.03
N SER A 1452 1.31 66.68 -39.95
CA SER A 1452 2.29 67.11 -38.96
C SER A 1452 3.72 66.96 -39.46
N ASN A 1453 3.95 66.18 -40.52
CA ASN A 1453 5.27 66.14 -41.15
C ASN A 1453 5.59 67.49 -41.80
N GLU A 1454 4.57 68.14 -42.37
CA GLU A 1454 4.74 69.47 -42.93
C GLU A 1454 4.80 70.54 -41.83
N ALA A 1455 4.30 70.22 -40.64
CA ALA A 1455 4.32 71.19 -39.54
C ALA A 1455 5.72 71.39 -39.00
N ALA A 1456 6.33 70.33 -38.48
CA ALA A 1456 7.66 70.42 -37.90
C ALA A 1456 8.74 70.50 -38.98
N ILE B 38 -24.05 -63.07 5.45
CA ILE B 38 -24.90 -61.95 5.84
C ILE B 38 -24.03 -60.78 6.32
N ASN B 39 -22.87 -61.09 6.90
CA ASN B 39 -21.91 -60.08 7.34
C ASN B 39 -20.53 -60.46 6.83
N THR B 40 -19.74 -59.44 6.51
CA THR B 40 -18.48 -59.63 5.82
C THR B 40 -17.60 -58.40 6.05
N ALA B 41 -16.59 -58.23 5.19
CA ALA B 41 -15.62 -57.15 5.34
C ALA B 41 -16.24 -55.78 5.06
N GLN B 42 -17.30 -55.72 4.25
CA GLN B 42 -17.90 -54.45 3.85
C GLN B 42 -19.02 -54.00 4.81
N ASP B 43 -19.00 -54.46 6.05
CA ASP B 43 -20.07 -54.14 6.98
C ASP B 43 -19.56 -53.45 8.23
N LYS B 44 -18.25 -53.25 8.36
CA LYS B 44 -17.68 -52.55 9.50
C LYS B 44 -17.91 -51.05 9.45
N TRP B 45 -18.46 -50.53 8.36
CA TRP B 45 -18.78 -49.11 8.32
C TRP B 45 -20.00 -48.78 9.16
N HIS B 46 -20.73 -49.77 9.68
CA HIS B 46 -21.86 -49.50 10.55
C HIS B 46 -21.46 -48.99 11.92
N LEU B 47 -20.18 -48.98 12.24
CA LEU B 47 -19.70 -48.31 13.44
C LEU B 47 -19.79 -46.80 13.30
N LEU B 48 -19.76 -46.30 12.08
CA LEU B 48 -19.84 -44.86 11.83
C LEU B 48 -21.24 -44.29 12.11
N PRO B 49 -22.36 -44.94 11.79
CA PRO B 49 -23.62 -44.50 12.40
C PRO B 49 -23.69 -44.80 13.88
N ALA B 50 -22.91 -45.74 14.40
CA ALA B 50 -22.92 -46.00 15.83
C ALA B 50 -22.10 -44.97 16.59
N PHE B 51 -21.03 -44.47 15.98
CA PHE B 51 -20.26 -43.39 16.58
C PHE B 51 -21.07 -42.11 16.62
N LEU B 52 -21.57 -41.68 15.46
CA LEU B 52 -22.28 -40.41 15.33
C LEU B 52 -23.63 -40.38 16.02
N LYS B 53 -24.18 -41.53 16.40
CA LYS B 53 -25.48 -41.56 17.07
C LYS B 53 -25.40 -40.95 18.45
N VAL B 54 -24.55 -41.53 19.32
CA VAL B 54 -24.47 -41.05 20.68
C VAL B 54 -23.56 -39.85 20.82
N LYS B 55 -22.71 -39.58 19.82
CA LYS B 55 -21.84 -38.41 19.82
C LYS B 55 -22.45 -37.24 19.07
N GLY B 56 -22.65 -37.39 17.76
CA GLY B 56 -23.02 -36.28 16.91
C GLY B 56 -21.81 -35.61 16.29
N LEU B 57 -22.07 -34.51 15.57
CA LEU B 57 -21.01 -33.72 14.96
C LEU B 57 -20.74 -32.41 15.65
N VAL B 58 -21.63 -31.96 16.53
CA VAL B 58 -21.40 -30.71 17.23
C VAL B 58 -21.04 -31.01 18.68
N LYS B 59 -20.46 -32.19 18.93
CA LYS B 59 -20.09 -32.52 20.30
C LYS B 59 -18.92 -31.70 20.80
N GLN B 60 -18.05 -31.22 19.91
CA GLN B 60 -16.93 -30.39 20.34
C GLN B 60 -17.38 -29.02 20.80
N HIS B 61 -18.61 -28.61 20.46
CA HIS B 61 -19.21 -27.47 21.10
C HIS B 61 -20.07 -27.86 22.29
N LEU B 62 -20.76 -29.00 22.20
CA LEU B 62 -21.75 -29.33 23.20
C LEU B 62 -21.13 -29.91 24.45
N ASP B 63 -20.10 -30.75 24.30
CA ASP B 63 -19.49 -31.37 25.47
C ASP B 63 -18.68 -30.38 26.27
N SER B 64 -18.05 -29.44 25.57
CA SER B 64 -17.25 -28.40 26.23
C SER B 64 -18.12 -27.49 27.05
N PHE B 65 -19.27 -27.09 26.52
CA PHE B 65 -20.16 -26.24 27.29
C PHE B 65 -20.82 -27.03 28.42
N ASN B 66 -21.02 -28.33 28.24
CA ASN B 66 -21.55 -29.13 29.34
C ASN B 66 -20.51 -29.36 30.40
N TYR B 67 -19.23 -29.40 30.02
CA TYR B 67 -18.17 -29.51 30.99
C TYR B 67 -18.05 -28.24 31.82
N PHE B 68 -18.25 -27.10 31.18
CA PHE B 68 -18.12 -25.80 31.86
C PHE B 68 -19.21 -25.60 32.91
N VAL B 69 -20.46 -25.89 32.56
CA VAL B 69 -21.54 -25.61 33.49
C VAL B 69 -21.72 -26.69 34.54
N ASP B 70 -20.94 -27.75 34.49
CA ASP B 70 -21.06 -28.84 35.43
C ASP B 70 -19.77 -29.15 36.17
N THR B 71 -18.61 -28.86 35.61
CA THR B 71 -17.37 -29.00 36.35
C THR B 71 -16.66 -27.67 36.53
N ASP B 72 -16.44 -26.91 35.47
CA ASP B 72 -15.58 -25.75 35.57
C ASP B 72 -16.21 -24.57 36.26
N LEU B 73 -17.53 -24.57 36.50
CA LEU B 73 -18.08 -23.51 37.34
C LEU B 73 -17.63 -23.65 38.77
N LYS B 74 -17.47 -24.89 39.24
CA LYS B 74 -16.96 -25.11 40.58
C LYS B 74 -15.48 -24.72 40.69
N LYS B 75 -14.67 -25.10 39.70
CA LYS B 75 -13.25 -24.80 39.76
C LYS B 75 -12.92 -23.34 39.46
N ILE B 76 -13.92 -22.49 39.26
CA ILE B 76 -13.73 -21.05 39.29
C ILE B 76 -14.13 -20.47 40.64
N ILE B 77 -15.22 -20.96 41.23
CA ILE B 77 -15.65 -20.48 42.55
C ILE B 77 -14.65 -20.88 43.62
N LYS B 78 -14.10 -22.09 43.52
CA LYS B 78 -13.13 -22.52 44.51
C LYS B 78 -11.77 -21.82 44.36
N ALA B 79 -11.47 -21.28 43.18
CA ALA B 79 -10.20 -20.59 43.01
C ALA B 79 -10.19 -19.25 43.72
N ASN B 80 -11.33 -18.58 43.80
CA ASN B 80 -11.49 -17.37 44.61
C ASN B 80 -12.85 -17.45 45.32
N GLN B 81 -12.83 -18.03 46.50
CA GLN B 81 -14.06 -18.29 47.23
C GLN B 81 -14.41 -17.14 48.17
N LEU B 82 -13.42 -16.56 48.82
CA LEU B 82 -13.61 -15.72 49.98
C LEU B 82 -13.43 -14.25 49.61
N ILE B 83 -14.21 -13.39 50.23
CA ILE B 83 -14.06 -11.95 50.11
C ILE B 83 -13.58 -11.40 51.45
N LEU B 84 -12.42 -10.76 51.43
CA LEU B 84 -11.77 -10.28 52.64
C LEU B 84 -11.91 -8.76 52.70
N SER B 85 -12.63 -8.28 53.71
CA SER B 85 -12.77 -6.84 53.93
C SER B 85 -11.57 -6.35 54.71
N ASP B 86 -10.79 -5.45 54.09
CA ASP B 86 -9.61 -4.89 54.75
C ASP B 86 -9.98 -4.00 55.93
N VAL B 87 -11.01 -3.17 55.78
CA VAL B 87 -11.61 -2.51 56.92
C VAL B 87 -12.41 -3.53 57.70
N ASP B 88 -12.11 -3.65 59.01
CA ASP B 88 -12.64 -4.65 59.93
C ASP B 88 -12.45 -6.05 59.39
N PRO B 89 -11.23 -6.64 59.49
CA PRO B 89 -11.02 -8.00 58.96
C PRO B 89 -11.75 -9.10 59.74
N GLU B 90 -13.09 -9.00 59.78
CA GLU B 90 -13.98 -10.04 60.24
C GLU B 90 -15.19 -10.23 59.33
N PHE B 91 -15.58 -9.19 58.58
CA PHE B 91 -16.73 -9.26 57.68
C PHE B 91 -16.34 -9.94 56.38
N TYR B 92 -16.18 -11.26 56.47
CA TYR B 92 -15.84 -12.03 55.29
C TYR B 92 -17.09 -12.39 54.52
N LEU B 93 -16.88 -13.01 53.36
CA LEU B 93 -17.97 -13.43 52.48
C LEU B 93 -17.44 -14.52 51.56
N LYS B 94 -18.01 -15.71 51.66
CA LYS B 94 -17.56 -16.84 50.87
C LYS B 94 -18.73 -17.50 50.15
N TYR B 95 -18.44 -18.01 48.95
CA TYR B 95 -19.45 -18.63 48.10
C TYR B 95 -19.36 -20.15 48.27
N VAL B 96 -20.47 -20.77 48.70
CA VAL B 96 -20.44 -22.20 48.97
C VAL B 96 -20.38 -23.01 47.67
N ASP B 97 -21.39 -22.88 46.81
CA ASP B 97 -21.34 -23.50 45.49
C ASP B 97 -22.13 -22.65 44.51
N ILE B 98 -22.31 -23.19 43.31
CA ILE B 98 -22.90 -22.46 42.20
C ILE B 98 -23.66 -23.46 41.32
N ARG B 99 -24.76 -23.01 40.73
CA ARG B 99 -25.46 -23.79 39.73
C ARG B 99 -26.24 -22.82 38.87
N VAL B 100 -26.42 -23.18 37.60
CA VAL B 100 -27.13 -22.32 36.66
C VAL B 100 -28.50 -22.90 36.39
N GLY B 101 -29.48 -22.02 36.25
CA GLY B 101 -30.78 -22.40 35.78
C GLY B 101 -31.66 -23.16 36.74
N LYS B 102 -31.28 -23.27 38.01
CA LYS B 102 -32.11 -23.99 38.95
C LYS B 102 -31.92 -23.43 40.35
N LYS B 103 -33.02 -23.15 41.03
CA LYS B 103 -32.95 -22.86 42.46
C LYS B 103 -32.88 -24.16 43.22
N SER B 104 -32.14 -24.15 44.34
CA SER B 104 -31.96 -25.36 45.13
C SER B 104 -33.26 -25.79 45.79
N SER B 105 -34.09 -24.83 46.21
CA SER B 105 -35.38 -25.17 46.79
C SER B 105 -36.38 -25.62 45.75
N SER B 106 -36.17 -25.29 44.48
CA SER B 106 -37.04 -25.74 43.42
C SER B 106 -36.68 -27.16 43.01
N SER B 107 -37.68 -28.02 42.89
CA SER B 107 -37.47 -29.37 42.37
C SER B 107 -37.53 -29.43 40.86
N THR B 108 -37.85 -28.31 40.19
CA THR B 108 -37.92 -28.21 38.75
C THR B 108 -36.99 -27.11 38.26
N LYS B 109 -36.50 -27.28 37.03
CA LYS B 109 -35.70 -26.25 36.40
C LYS B 109 -36.57 -25.04 36.08
N ASP B 110 -35.96 -23.86 36.06
CA ASP B 110 -36.70 -22.63 35.81
C ASP B 110 -37.24 -22.57 34.39
N TYR B 111 -38.28 -21.76 34.21
CA TYR B 111 -38.80 -21.53 32.88
C TYR B 111 -37.90 -20.55 32.15
N LEU B 112 -37.44 -20.96 30.98
CA LEU B 112 -36.67 -20.13 30.08
C LEU B 112 -37.57 -19.74 28.91
N THR B 113 -37.37 -18.55 28.38
CA THR B 113 -38.02 -18.21 27.13
C THR B 113 -37.40 -19.06 26.04
N PRO B 114 -38.21 -19.69 25.19
CA PRO B 114 -37.70 -20.69 24.24
C PRO B 114 -36.77 -20.06 23.22
N PRO B 115 -35.91 -20.84 22.57
CA PRO B 115 -34.88 -20.25 21.71
C PRO B 115 -35.42 -19.53 20.49
N HIS B 116 -36.60 -19.88 20.02
CA HIS B 116 -37.10 -19.19 18.84
C HIS B 116 -37.71 -17.84 19.20
N GLU B 117 -38.35 -17.76 20.37
CA GLU B 117 -38.88 -16.50 20.86
C GLU B 117 -37.75 -15.52 21.16
N CYS B 118 -36.60 -16.02 21.58
CA CYS B 118 -35.43 -15.19 21.78
C CYS B 118 -34.79 -14.76 20.47
N ARG B 119 -35.09 -15.44 19.36
CA ARG B 119 -34.66 -14.93 18.06
C ARG B 119 -35.58 -13.81 17.59
N LEU B 120 -36.88 -13.96 17.84
CA LEU B 120 -37.85 -12.99 17.35
C LEU B 120 -37.81 -11.71 18.17
N ARG B 121 -37.84 -11.83 19.48
CA ARG B 121 -37.85 -10.67 20.36
C ARG B 121 -36.49 -10.05 20.54
N ASP B 122 -35.47 -10.51 19.81
CA ASP B 122 -34.09 -10.04 19.88
C ASP B 122 -33.52 -10.11 21.30
N MET B 123 -33.92 -11.12 22.06
CA MET B 123 -33.40 -11.29 23.39
C MET B 123 -32.17 -12.17 23.35
N THR B 124 -31.63 -12.48 24.53
CA THR B 124 -30.51 -13.39 24.67
C THR B 124 -30.99 -14.64 25.36
N TYR B 125 -30.79 -15.79 24.72
CA TYR B 125 -31.20 -17.05 25.30
C TYR B 125 -30.23 -17.42 26.39
N SER B 126 -30.67 -17.29 27.64
CA SER B 126 -29.77 -17.35 28.79
C SER B 126 -30.45 -18.08 29.93
N ALA B 127 -29.75 -18.16 31.06
CA ALA B 127 -30.22 -18.85 32.24
C ALA B 127 -29.62 -18.19 33.46
N PRO B 128 -30.36 -18.12 34.57
CA PRO B 128 -29.85 -17.43 35.76
C PRO B 128 -28.81 -18.23 36.50
N ILE B 129 -27.75 -17.54 36.91
CA ILE B 129 -26.67 -18.15 37.67
C ILE B 129 -27.01 -18.00 39.15
N TYR B 130 -27.52 -19.06 39.76
CA TYR B 130 -27.83 -19.04 41.18
C TYR B 130 -26.60 -19.46 41.96
N VAL B 131 -25.91 -18.49 42.52
CA VAL B 131 -24.94 -18.77 43.56
C VAL B 131 -25.68 -18.70 44.88
N ASP B 132 -25.16 -19.38 45.88
CA ASP B 132 -25.60 -19.15 47.25
C ASP B 132 -24.39 -18.79 48.09
N ILE B 133 -24.62 -18.05 49.15
CA ILE B 133 -23.59 -17.22 49.71
C ILE B 133 -23.52 -17.42 51.22
N GLU B 134 -22.31 -17.37 51.76
CA GLU B 134 -22.07 -17.35 53.19
C GLU B 134 -21.41 -16.03 53.55
N TYR B 135 -22.06 -15.28 54.43
CA TYR B 135 -21.62 -13.92 54.74
C TYR B 135 -21.85 -13.67 56.22
N THR B 136 -21.39 -12.51 56.67
CA THR B 136 -21.55 -12.08 58.05
C THR B 136 -22.50 -10.88 58.09
N ARG B 137 -23.43 -10.91 59.03
CA ARG B 137 -24.36 -9.80 59.20
C ARG B 137 -24.54 -9.52 60.68
N GLY B 138 -24.24 -8.30 61.09
CA GLY B 138 -24.33 -7.95 62.50
C GLY B 138 -23.26 -8.63 63.32
N ARG B 139 -23.65 -9.62 64.12
CA ARG B 139 -22.73 -10.35 64.98
C ARG B 139 -22.79 -11.86 64.76
N ASN B 140 -23.50 -12.33 63.74
CA ASN B 140 -23.56 -13.74 63.42
C ASN B 140 -23.42 -13.94 61.92
N ILE B 141 -23.04 -15.14 61.54
CA ILE B 141 -22.88 -15.49 60.14
C ILE B 141 -24.18 -16.09 59.63
N ILE B 142 -24.49 -15.82 58.36
CA ILE B 142 -25.75 -16.23 57.75
C ILE B 142 -25.44 -16.80 56.37
N MET B 143 -25.97 -17.99 56.10
CA MET B 143 -26.06 -18.48 54.73
C MET B 143 -27.32 -17.93 54.08
N HIS B 144 -27.16 -17.41 52.87
CA HIS B 144 -28.31 -17.05 52.05
C HIS B 144 -28.28 -17.88 50.79
N LYS B 145 -29.46 -18.31 50.36
CA LYS B 145 -29.61 -19.29 49.30
C LYS B 145 -30.11 -18.61 48.04
N ASP B 146 -29.55 -19.02 46.89
CA ASP B 146 -29.99 -18.66 45.55
C ASP B 146 -29.92 -17.15 45.29
N VAL B 147 -28.70 -16.63 45.39
CA VAL B 147 -28.38 -15.30 44.91
C VAL B 147 -28.14 -15.38 43.41
N GLU B 148 -28.86 -14.57 42.64
CA GLU B 148 -28.67 -14.55 41.19
C GLU B 148 -27.59 -13.55 40.86
N ILE B 149 -26.44 -14.03 40.38
CA ILE B 149 -25.38 -13.12 39.96
C ILE B 149 -25.26 -13.13 38.44
N GLY B 150 -26.00 -12.28 37.79
CA GLY B 150 -26.00 -12.26 36.36
C GLY B 150 -26.81 -13.39 35.75
N ARG B 151 -26.63 -13.56 34.44
CA ARG B 151 -27.28 -14.62 33.68
C ARG B 151 -26.29 -15.17 32.66
N MET B 152 -26.32 -16.47 32.47
CA MET B 152 -25.36 -17.14 31.61
C MET B 152 -25.98 -17.44 30.26
N PRO B 153 -25.45 -16.92 29.16
CA PRO B 153 -26.01 -17.25 27.84
C PRO B 153 -25.74 -18.70 27.46
N ILE B 154 -26.75 -19.53 27.52
CA ILE B 154 -26.51 -20.96 27.34
C ILE B 154 -26.58 -21.31 25.86
N MET B 155 -25.84 -22.35 25.54
CA MET B 155 -25.75 -22.93 24.22
C MET B 155 -26.98 -23.78 23.95
N LEU B 156 -27.40 -23.81 22.68
CA LEU B 156 -28.50 -24.68 22.28
C LEU B 156 -28.03 -26.13 22.25
N ARG B 157 -28.96 -27.03 22.60
CA ARG B 157 -28.83 -28.48 22.68
C ARG B 157 -27.90 -28.96 23.79
N SER B 158 -27.45 -28.08 24.68
CA SER B 158 -26.66 -28.50 25.83
C SER B 158 -27.60 -28.95 26.94
N ASN B 159 -27.06 -29.15 28.15
CA ASN B 159 -27.84 -29.72 29.25
C ASN B 159 -28.93 -28.79 29.71
N LYS B 160 -28.63 -27.51 29.83
CA LYS B 160 -29.55 -26.54 30.40
C LYS B 160 -30.48 -25.95 29.36
N CYS B 161 -30.29 -26.30 28.10
CA CYS B 161 -31.20 -25.90 27.05
C CYS B 161 -32.46 -26.77 27.10
N ILE B 162 -33.60 -26.16 26.81
CA ILE B 162 -34.86 -26.89 26.84
C ILE B 162 -35.06 -27.80 25.63
N LEU B 163 -34.19 -27.71 24.64
CA LEU B 163 -34.21 -28.60 23.50
C LEU B 163 -33.54 -29.93 23.80
N TYR B 164 -32.93 -30.07 24.97
CA TYR B 164 -32.27 -31.32 25.34
C TYR B 164 -33.31 -32.40 25.59
N ASP B 165 -33.21 -33.46 24.80
CA ASP B 165 -34.17 -34.56 24.75
C ASP B 165 -35.59 -34.06 24.47
N ALA B 166 -35.73 -33.42 23.30
CA ALA B 166 -37.03 -33.02 22.78
C ALA B 166 -37.39 -33.95 21.64
N ASP B 167 -38.58 -34.53 21.70
CA ASP B 167 -38.95 -35.70 20.89
C ASP B 167 -39.58 -35.33 19.56
N GLU B 168 -39.21 -34.17 18.98
CA GLU B 168 -39.52 -33.71 17.63
C GLU B 168 -40.98 -33.29 17.47
N SER B 169 -41.81 -33.59 18.47
CA SER B 169 -43.11 -32.98 18.62
C SER B 169 -43.10 -31.85 19.62
N LYS B 170 -42.10 -31.83 20.49
CA LYS B 170 -41.85 -30.69 21.35
C LYS B 170 -41.01 -29.65 20.63
N MET B 171 -40.20 -30.06 19.65
CA MET B 171 -39.54 -29.11 18.77
C MET B 171 -40.55 -28.27 18.01
N ALA B 172 -41.66 -28.88 17.59
CA ALA B 172 -42.67 -28.17 16.82
C ALA B 172 -43.45 -27.19 17.68
N LYS B 173 -43.68 -27.54 18.95
CA LYS B 173 -44.37 -26.62 19.85
C LYS B 173 -43.51 -25.41 20.17
N LEU B 174 -42.21 -25.64 20.31
CA LEU B 174 -41.26 -24.57 20.57
C LEU B 174 -40.71 -23.96 19.30
N ASN B 175 -41.29 -24.32 18.14
CA ASN B 175 -40.97 -23.78 16.82
C ASN B 175 -39.51 -23.98 16.45
N GLU B 176 -38.98 -25.16 16.75
CA GLU B 176 -37.57 -25.44 16.55
C GLU B 176 -37.41 -26.56 15.52
N CYS B 177 -36.38 -26.47 14.71
CA CYS B 177 -36.08 -27.51 13.74
C CYS B 177 -35.29 -28.62 14.41
N PRO B 178 -35.76 -29.87 14.39
CA PRO B 178 -35.00 -30.96 14.99
C PRO B 178 -33.73 -31.30 14.24
N LEU B 179 -33.59 -30.87 13.00
CA LEU B 179 -32.40 -31.06 12.21
C LEU B 179 -31.37 -29.96 12.41
N ASP B 180 -31.72 -28.95 13.20
CA ASP B 180 -30.75 -27.93 13.57
C ASP B 180 -29.66 -28.55 14.42
N PRO B 181 -28.42 -28.16 14.24
CA PRO B 181 -27.34 -28.80 14.99
C PRO B 181 -27.27 -28.39 16.44
N GLY B 182 -27.64 -27.17 16.76
CA GLY B 182 -27.35 -26.65 18.07
C GLY B 182 -25.90 -26.21 18.13
N GLY B 183 -25.37 -26.10 19.33
CA GLY B 183 -23.98 -25.77 19.48
C GLY B 183 -23.67 -24.29 19.36
N TYR B 184 -24.67 -23.44 19.35
CA TYR B 184 -24.45 -22.02 19.21
C TYR B 184 -25.29 -21.28 20.23
N PHE B 185 -25.06 -19.98 20.33
CA PHE B 185 -25.69 -19.11 21.31
C PHE B 185 -26.59 -18.15 20.58
N ILE B 186 -27.67 -17.72 21.23
CA ILE B 186 -28.50 -16.65 20.72
C ILE B 186 -28.26 -15.45 21.62
N VAL B 187 -27.58 -14.44 21.10
CA VAL B 187 -27.22 -13.25 21.86
C VAL B 187 -27.75 -12.05 21.10
N ASN B 188 -28.74 -11.37 21.69
CA ASN B 188 -29.46 -10.24 21.10
C ASN B 188 -30.13 -10.63 19.78
N GLY B 189 -30.72 -11.81 19.76
CA GLY B 189 -31.39 -12.31 18.57
C GLY B 189 -30.48 -12.96 17.55
N THR B 190 -29.32 -12.37 17.34
CA THR B 190 -28.34 -12.91 16.40
C THR B 190 -27.74 -14.18 16.98
N GLU B 191 -27.73 -15.24 16.18
CA GLU B 191 -27.20 -16.52 16.64
C GLU B 191 -25.71 -16.59 16.30
N LYS B 192 -24.90 -16.84 17.32
CA LYS B 192 -23.45 -16.69 17.27
C LYS B 192 -22.79 -18.01 17.61
N VAL B 193 -21.73 -18.36 16.91
CA VAL B 193 -21.00 -19.59 17.14
C VAL B 193 -19.59 -19.25 17.59
N ILE B 194 -19.11 -19.92 18.63
CA ILE B 194 -17.72 -19.79 19.05
C ILE B 194 -16.90 -20.82 18.27
N LEU B 195 -16.02 -20.35 17.41
CA LEU B 195 -15.29 -21.26 16.54
C LEU B 195 -14.24 -22.04 17.32
N VAL B 196 -13.86 -23.18 16.77
CA VAL B 196 -12.80 -23.97 17.38
C VAL B 196 -11.48 -23.29 17.11
N GLN B 197 -10.82 -22.82 18.16
CA GLN B 197 -9.52 -22.22 18.03
C GLN B 197 -8.48 -23.31 18.12
N GLU B 198 -7.39 -23.17 17.37
CA GLU B 198 -6.25 -24.04 17.62
C GLU B 198 -5.02 -23.21 17.94
N GLN B 199 -4.32 -23.63 18.99
CA GLN B 199 -3.07 -23.03 19.40
C GLN B 199 -1.96 -24.04 19.18
N LEU B 200 -0.73 -23.57 19.37
CA LEU B 200 0.37 -24.49 19.48
C LEU B 200 0.26 -25.22 20.82
N SER B 201 0.88 -26.39 20.90
CA SER B 201 0.85 -27.21 22.10
C SER B 201 1.46 -26.45 23.25
N LYS B 202 0.77 -26.43 24.38
CA LYS B 202 1.03 -25.41 25.39
C LYS B 202 2.29 -25.72 26.19
N ASN B 203 2.26 -26.79 26.99
CA ASN B 203 3.32 -27.04 27.94
C ASN B 203 4.37 -27.99 27.41
N ARG B 204 4.67 -27.93 26.13
CA ARG B 204 5.69 -28.81 25.58
C ARG B 204 6.73 -27.99 24.84
N ILE B 205 7.83 -28.64 24.52
CA ILE B 205 9.05 -28.02 24.02
C ILE B 205 9.03 -28.10 22.51
N ILE B 206 9.44 -27.03 21.84
CA ILE B 206 9.47 -27.00 20.38
C ILE B 206 10.77 -26.34 19.92
N VAL B 207 11.47 -27.01 19.01
CA VAL B 207 12.81 -26.64 18.58
C VAL B 207 12.74 -25.99 17.21
N GLU B 208 13.20 -24.74 17.12
CA GLU B 208 13.30 -24.02 15.86
C GLU B 208 14.76 -23.81 15.53
N ALA B 209 15.04 -23.52 14.26
CA ALA B 209 16.40 -23.25 13.79
C ALA B 209 16.32 -22.55 12.45
N ASP B 210 17.36 -21.80 12.13
CA ASP B 210 17.57 -21.29 10.78
C ASP B 210 19.06 -21.05 10.58
N GLU B 211 19.42 -20.59 9.38
CA GLU B 211 20.71 -19.98 9.19
C GLU B 211 20.78 -18.67 9.98
N LYS B 212 22.02 -18.27 10.31
CA LYS B 212 22.46 -17.24 11.29
C LYS B 212 22.29 -17.73 12.72
N LYS B 213 21.93 -19.01 12.91
CA LYS B 213 21.97 -19.72 14.20
C LYS B 213 21.05 -19.06 15.24
N GLY B 214 19.78 -18.99 14.90
CA GLY B 214 18.77 -18.67 15.88
C GLY B 214 18.07 -19.88 16.44
N ILE B 215 18.79 -20.84 17.04
CA ILE B 215 18.14 -22.05 17.52
C ILE B 215 17.45 -21.71 18.84
N VAL B 216 16.15 -21.43 18.78
CA VAL B 216 15.39 -21.01 19.95
C VAL B 216 14.50 -22.18 20.37
N GLN B 217 14.19 -22.23 21.65
CA GLN B 217 13.34 -23.27 22.22
C GLN B 217 12.23 -22.69 23.08
N ALA B 218 11.04 -22.64 22.53
CA ALA B 218 9.90 -22.18 23.28
C ALA B 218 9.48 -23.22 24.31
N SER B 219 8.82 -22.74 25.36
CA SER B 219 7.93 -23.57 26.17
C SER B 219 6.95 -22.59 26.81
N VAL B 220 5.75 -22.48 26.24
CA VAL B 220 4.77 -21.51 26.70
C VAL B 220 4.07 -22.12 27.91
N THR B 221 4.61 -21.87 29.08
CA THR B 221 4.08 -22.47 30.29
C THR B 221 2.76 -21.80 30.68
N SER B 222 1.77 -22.61 31.05
CA SER B 222 0.47 -22.03 31.42
C SER B 222 -0.19 -22.93 32.45
N SER B 223 0.01 -22.60 33.72
CA SER B 223 -0.88 -23.01 34.79
C SER B 223 -1.81 -21.84 35.05
N THR B 224 -3.11 -22.13 35.19
CA THR B 224 -4.21 -21.40 34.55
C THR B 224 -4.00 -19.90 34.41
N HIS B 225 -3.89 -19.18 35.52
CA HIS B 225 -3.08 -17.97 35.54
C HIS B 225 -2.42 -17.83 36.89
N GLU B 226 -2.05 -18.96 37.50
CA GLU B 226 -1.09 -18.92 38.58
C GLU B 226 0.18 -18.25 38.11
N ARG B 227 0.74 -18.73 37.00
CA ARG B 227 1.61 -17.95 36.13
C ARG B 227 1.38 -18.34 34.67
N LYS B 228 1.48 -17.35 33.80
CA LYS B 228 1.46 -17.53 32.34
C LYS B 228 2.79 -17.00 31.83
N SER B 229 3.74 -17.89 31.57
CA SER B 229 5.11 -17.50 31.27
C SER B 229 5.61 -18.27 30.06
N LYS B 230 6.80 -17.90 29.58
CA LYS B 230 7.27 -18.40 28.29
C LYS B 230 8.79 -18.24 28.19
N THR B 231 9.54 -19.33 28.36
CA THR B 231 11.00 -19.25 28.28
C THR B 231 11.53 -19.53 26.89
N TYR B 232 12.77 -19.15 26.68
CA TYR B 232 13.56 -19.44 25.50
C TYR B 232 14.89 -20.06 25.90
N VAL B 233 15.55 -20.66 24.92
CA VAL B 233 16.94 -21.09 25.01
C VAL B 233 17.58 -20.81 23.65
N ILE B 234 18.56 -19.90 23.60
CA ILE B 234 19.14 -19.47 22.33
C ILE B 234 20.63 -19.70 22.39
N THR B 235 21.23 -20.09 21.26
CA THR B 235 22.67 -20.13 21.12
C THR B 235 23.14 -18.86 20.43
N LYS B 236 23.88 -18.03 21.17
CA LYS B 236 24.60 -16.91 20.61
C LYS B 236 26.08 -17.22 20.62
N ASN B 237 26.73 -17.06 19.47
CA ASN B 237 28.18 -17.24 19.30
C ASN B 237 28.64 -18.65 19.70
N GLY B 238 27.79 -19.64 19.51
CA GLY B 238 28.09 -20.98 19.97
C GLY B 238 28.03 -21.14 21.47
N LYS B 239 27.19 -20.34 22.14
CA LYS B 239 27.12 -20.35 23.59
C LYS B 239 25.66 -20.31 23.98
N ILE B 240 25.22 -21.29 24.76
CA ILE B 240 23.80 -21.47 25.06
C ILE B 240 23.41 -20.55 26.21
N TYR B 241 22.32 -19.82 26.03
CA TYR B 241 21.82 -18.83 26.98
C TYR B 241 20.44 -19.24 27.47
N LEU B 242 19.79 -18.33 28.20
CA LEU B 242 18.45 -18.56 28.72
C LEU B 242 17.76 -17.20 28.77
N LYS B 243 16.95 -16.90 27.77
CA LYS B 243 16.17 -15.67 27.79
C LYS B 243 14.84 -15.93 28.46
N HIS B 244 14.37 -14.95 29.21
CA HIS B 244 13.03 -14.97 29.76
C HIS B 244 12.56 -13.53 29.87
N ASN B 245 11.28 -13.31 29.61
CA ASN B 245 10.75 -11.96 29.53
C ASN B 245 10.59 -11.27 30.88
N SER B 246 10.94 -11.93 31.98
CA SER B 246 11.03 -11.30 33.30
C SER B 246 12.46 -11.15 33.77
N ILE B 247 13.43 -11.22 32.86
CA ILE B 247 14.84 -11.09 33.18
C ILE B 247 15.36 -9.89 32.41
N ALA B 248 16.26 -9.12 33.03
CA ALA B 248 16.87 -7.98 32.36
C ALA B 248 17.74 -8.43 31.19
N GLU B 249 18.74 -9.26 31.44
CA GLU B 249 19.58 -9.78 30.38
C GLU B 249 19.80 -11.27 30.62
N GLU B 250 19.95 -12.00 29.51
CA GLU B 250 19.85 -13.45 29.51
C GLU B 250 21.04 -14.12 30.21
N ILE B 251 20.76 -15.27 30.81
CA ILE B 251 21.70 -15.99 31.66
C ILE B 251 22.31 -17.12 30.86
N PRO B 252 23.61 -17.40 30.96
CA PRO B 252 24.16 -18.61 30.36
C PRO B 252 23.67 -19.86 31.08
N ILE B 253 23.98 -21.00 30.46
CA ILE B 253 23.26 -22.23 30.79
C ILE B 253 23.93 -23.05 31.88
N ALA B 254 25.23 -22.86 32.12
CA ALA B 254 25.84 -23.63 33.19
C ALA B 254 25.53 -23.04 34.55
N ILE B 255 25.30 -21.74 34.61
CA ILE B 255 25.07 -21.05 35.87
C ILE B 255 23.56 -20.91 36.11
N VAL B 256 22.77 -21.69 35.39
CA VAL B 256 21.37 -21.85 35.72
C VAL B 256 21.03 -23.29 36.09
N LEU B 257 21.82 -24.27 35.67
CA LEU B 257 21.69 -25.59 36.27
C LEU B 257 22.30 -25.61 37.65
N LYS B 258 23.38 -24.87 37.86
CA LYS B 258 23.90 -24.65 39.22
C LYS B 258 22.95 -23.84 40.08
N ALA B 259 22.07 -23.05 39.46
CA ALA B 259 21.00 -22.42 40.22
C ALA B 259 20.00 -23.44 40.71
N CYS B 260 19.86 -24.53 39.99
CA CYS B 260 19.14 -25.70 40.48
C CYS B 260 20.13 -26.58 41.22
N GLY B 261 19.73 -27.80 41.56
CA GLY B 261 20.58 -28.65 42.36
C GLY B 261 21.77 -29.23 41.63
N ILE B 262 21.72 -29.28 40.31
CA ILE B 262 22.75 -29.94 39.50
C ILE B 262 23.95 -29.01 39.45
N LEU B 263 24.97 -29.28 40.26
CA LEU B 263 26.12 -28.39 40.35
C LEU B 263 27.45 -29.13 40.28
N SER B 264 27.43 -30.44 40.03
CA SER B 264 28.66 -31.21 40.06
C SER B 264 29.57 -30.93 38.87
N ASP B 265 29.02 -30.39 37.78
CA ASP B 265 29.72 -29.87 36.59
C ASP B 265 30.38 -30.97 35.76
N LEU B 266 30.34 -32.21 36.22
CA LEU B 266 30.56 -33.37 35.37
C LEU B 266 29.24 -33.93 34.89
N GLU B 267 28.23 -33.92 35.76
CA GLU B 267 26.92 -34.40 35.37
C GLU B 267 26.21 -33.45 34.43
N ILE B 268 26.60 -32.18 34.40
CA ILE B 268 26.10 -31.29 33.36
C ILE B 268 26.62 -31.74 32.00
N MET B 269 27.85 -32.25 31.96
CA MET B 269 28.34 -32.93 30.77
C MET B 269 27.80 -34.34 30.62
N GLN B 270 26.96 -34.80 31.53
CA GLN B 270 26.32 -36.09 31.42
C GLN B 270 24.81 -35.99 31.33
N LEU B 271 24.24 -34.81 31.57
CA LEU B 271 22.83 -34.58 31.33
C LEU B 271 22.54 -34.02 29.95
N VAL B 272 23.49 -33.34 29.31
CA VAL B 272 23.24 -32.75 28.01
C VAL B 272 24.11 -33.34 26.93
N CYS B 273 25.10 -34.14 27.27
CA CYS B 273 25.95 -34.75 26.26
C CYS B 273 25.89 -36.26 26.27
N GLY B 274 25.90 -36.88 27.45
CA GLY B 274 26.02 -38.31 27.50
C GLY B 274 27.43 -38.72 27.13
N ASN B 275 27.55 -39.95 26.63
CA ASN B 275 28.84 -40.44 26.17
C ASN B 275 29.12 -40.09 24.71
N ASP B 276 28.28 -39.25 24.10
CA ASP B 276 28.46 -38.91 22.70
C ASP B 276 29.56 -37.87 22.58
N SER B 277 30.67 -38.25 21.94
CA SER B 277 31.80 -37.36 21.81
C SER B 277 31.53 -36.19 20.88
N SER B 278 30.58 -36.34 19.96
CA SER B 278 30.24 -35.25 19.05
C SER B 278 29.53 -34.11 19.79
N TYR B 279 28.78 -34.44 20.83
CA TYR B 279 28.03 -33.43 21.57
C TYR B 279 28.87 -32.82 22.68
N GLN B 280 29.92 -33.50 23.12
CA GLN B 280 30.76 -32.97 24.18
C GLN B 280 31.60 -31.80 23.70
N ASP B 281 31.89 -31.76 22.41
CA ASP B 281 32.59 -30.60 21.86
C ASP B 281 31.68 -29.39 21.79
N ILE B 282 30.39 -29.61 21.54
CA ILE B 282 29.47 -28.49 21.30
C ILE B 282 29.13 -27.80 22.59
N PHE B 283 29.09 -28.53 23.69
CA PHE B 283 28.67 -27.94 24.95
C PHE B 283 29.83 -27.42 25.78
N ALA B 284 31.07 -27.82 25.45
CA ALA B 284 32.22 -27.54 26.29
C ALA B 284 32.53 -26.05 26.44
N VAL B 285 32.06 -25.22 25.51
CA VAL B 285 32.23 -23.78 25.63
C VAL B 285 31.41 -23.24 26.79
N ASN B 286 30.26 -23.85 27.06
CA ASN B 286 29.36 -23.39 28.11
C ASN B 286 29.85 -23.73 29.50
N LEU B 287 30.79 -24.67 29.61
CA LEU B 287 31.32 -25.04 30.92
C LEU B 287 32.22 -23.96 31.48
N GLU B 288 33.24 -23.57 30.70
CA GLU B 288 34.25 -22.65 31.16
C GLU B 288 33.71 -21.25 31.39
N GLU B 289 32.55 -20.92 30.82
CA GLU B 289 31.93 -19.64 31.10
C GLU B 289 31.44 -19.57 32.53
N SER B 290 31.08 -20.71 33.11
CA SER B 290 30.71 -20.73 34.52
C SER B 290 31.93 -20.45 35.41
N SER B 291 33.08 -20.98 35.03
CA SER B 291 34.31 -20.67 35.76
C SER B 291 34.78 -19.25 35.47
N LYS B 292 34.42 -18.71 34.30
CA LYS B 292 34.89 -17.38 33.94
C LYS B 292 34.17 -16.30 34.74
N LEU B 293 32.93 -16.54 35.14
CA LEU B 293 32.27 -15.68 36.09
C LEU B 293 32.57 -16.06 37.53
N ASP B 294 33.40 -17.10 37.73
CA ASP B 294 33.77 -17.63 39.04
C ASP B 294 32.55 -18.00 39.87
N ILE B 295 31.60 -18.68 39.21
CA ILE B 295 30.41 -19.21 39.86
C ILE B 295 30.68 -20.66 40.17
N TYR B 296 30.59 -21.04 41.44
CA TYR B 296 30.90 -22.42 41.81
C TYR B 296 29.93 -23.08 42.76
N THR B 297 29.05 -22.35 43.43
CA THR B 297 28.08 -22.97 44.32
C THR B 297 26.69 -22.45 44.02
N GLN B 298 25.70 -23.19 44.51
CA GLN B 298 24.30 -22.83 44.30
C GLN B 298 23.94 -21.52 44.98
N GLN B 299 24.58 -21.23 46.11
CA GLN B 299 24.46 -19.92 46.75
C GLN B 299 24.90 -18.81 45.80
N GLN B 300 26.07 -18.98 45.18
CA GLN B 300 26.59 -17.97 44.27
C GLN B 300 25.87 -18.00 42.93
N ALA B 301 25.30 -19.15 42.55
CA ALA B 301 24.60 -19.26 41.29
C ALA B 301 23.25 -18.57 41.34
N LEU B 302 22.54 -18.68 42.47
CA LEU B 302 21.25 -18.02 42.61
C LEU B 302 21.40 -16.51 42.70
N GLU B 303 22.50 -16.05 43.29
CA GLU B 303 22.72 -14.62 43.44
C GLU B 303 23.06 -13.94 42.13
N TYR B 304 23.44 -14.70 41.10
CA TYR B 304 23.66 -14.09 39.79
C TYR B 304 22.35 -13.61 39.20
N ILE B 305 21.34 -14.48 39.15
CA ILE B 305 20.06 -14.12 38.57
C ILE B 305 19.19 -13.31 39.50
N GLY B 306 19.57 -13.19 40.78
CA GLY B 306 18.80 -12.36 41.69
C GLY B 306 18.91 -10.89 41.37
N ALA B 307 20.00 -10.49 40.72
CA ALA B 307 20.20 -9.11 40.30
C ALA B 307 19.93 -8.91 38.81
N LYS B 308 19.13 -9.79 38.21
CA LYS B 308 18.81 -9.67 36.79
C LYS B 308 17.33 -9.59 36.52
N VAL B 309 16.50 -9.43 37.55
CA VAL B 309 15.07 -9.51 37.40
C VAL B 309 14.51 -8.11 37.21
N LYS B 310 13.31 -8.04 36.65
CA LYS B 310 12.46 -6.87 36.71
C LYS B 310 11.38 -7.11 37.76
N THR B 311 10.36 -6.24 37.77
CA THR B 311 9.16 -6.22 38.63
C THR B 311 9.39 -6.59 40.11
N MET B 312 10.47 -6.08 40.69
CA MET B 312 10.62 -6.08 42.14
C MET B 312 9.62 -5.09 42.74
N ARG B 313 8.60 -5.60 43.42
CA ARG B 313 7.49 -4.76 43.83
C ARG B 313 7.32 -4.66 45.35
N ARG B 314 7.17 -5.79 46.04
CA ARG B 314 6.37 -5.82 47.26
C ARG B 314 7.10 -6.24 48.53
N GLN B 315 8.10 -7.12 48.46
CA GLN B 315 8.58 -7.78 49.67
C GLN B 315 9.93 -7.27 50.14
N LYS B 316 10.73 -6.66 49.24
CA LYS B 316 12.10 -6.20 49.51
C LYS B 316 12.98 -7.33 50.01
N LEU B 317 12.77 -8.52 49.45
CA LEU B 317 13.60 -9.67 49.76
C LEU B 317 14.92 -9.62 49.00
N THR B 318 15.87 -10.43 49.44
CA THR B 318 17.24 -10.37 48.96
C THR B 318 17.36 -10.98 47.57
N ILE B 319 18.55 -10.89 46.99
CA ILE B 319 18.79 -11.49 45.69
C ILE B 319 18.89 -13.01 45.79
N LEU B 320 19.26 -13.54 46.96
CA LEU B 320 19.13 -14.97 47.16
C LEU B 320 17.66 -15.35 47.23
N GLN B 321 16.87 -14.61 48.00
CA GLN B 321 15.43 -14.87 48.10
C GLN B 321 14.70 -14.59 46.80
N GLU B 322 15.31 -13.84 45.89
CA GLU B 322 14.68 -13.61 44.59
C GLU B 322 15.13 -14.65 43.56
N GLY B 323 16.43 -14.95 43.53
CA GLY B 323 16.93 -15.92 42.57
C GLY B 323 16.44 -17.33 42.85
N ILE B 324 16.15 -17.63 44.11
CA ILE B 324 15.55 -18.91 44.46
C ILE B 324 14.04 -18.87 44.25
N GLU B 325 13.48 -17.69 44.02
CA GLU B 325 12.08 -17.56 43.64
C GLU B 325 11.91 -17.58 42.13
N ALA B 326 12.93 -17.15 41.39
CA ALA B 326 12.86 -17.18 39.94
C ALA B 326 12.85 -18.59 39.39
N ILE B 327 13.49 -19.53 40.11
CA ILE B 327 13.36 -20.93 39.75
C ILE B 327 12.09 -21.53 40.36
N ALA B 328 11.49 -20.88 41.34
CA ALA B 328 10.31 -21.44 41.98
C ALA B 328 9.10 -21.40 41.06
N THR B 329 8.60 -20.21 40.74
CA THR B 329 7.41 -20.09 39.90
C THR B 329 7.60 -18.93 38.92
N THR B 330 8.75 -18.88 38.28
CA THR B 330 8.87 -17.77 37.33
C THR B 330 9.34 -18.22 35.96
N VAL B 331 10.29 -19.16 35.87
CA VAL B 331 10.75 -19.49 34.54
C VAL B 331 9.83 -20.53 33.87
N ILE B 332 9.79 -21.75 34.37
CA ILE B 332 8.99 -22.77 33.69
C ILE B 332 7.84 -23.11 34.62
N ALA B 333 6.73 -22.41 34.43
CA ALA B 333 5.75 -22.21 35.49
C ALA B 333 4.86 -23.42 35.74
N HIS B 334 4.78 -24.34 34.78
CA HIS B 334 4.02 -25.55 35.05
C HIS B 334 4.80 -26.50 35.95
N LEU B 335 6.11 -26.34 36.05
CA LEU B 335 6.93 -27.11 36.97
C LEU B 335 7.23 -26.25 38.18
N THR B 336 6.24 -26.10 39.03
CA THR B 336 6.44 -25.42 40.30
C THR B 336 7.21 -26.34 41.24
N VAL B 337 8.22 -25.80 41.89
CA VAL B 337 8.91 -26.52 42.94
C VAL B 337 8.33 -26.07 44.27
N GLU B 338 8.36 -26.97 45.25
CA GLU B 338 7.76 -26.70 46.54
C GLU B 338 8.71 -26.85 47.71
N ALA B 339 9.93 -27.32 47.48
CA ALA B 339 10.83 -27.67 48.56
C ALA B 339 12.26 -27.46 48.09
N LEU B 340 13.20 -28.08 48.78
CA LEU B 340 14.62 -27.91 48.47
C LEU B 340 15.01 -28.61 47.18
N ASP B 341 14.27 -29.63 46.75
CA ASP B 341 14.69 -30.53 45.68
C ASP B 341 14.39 -29.91 44.34
N PHE B 342 15.44 -29.39 43.68
CA PHE B 342 15.35 -28.81 42.34
C PHE B 342 15.66 -29.82 41.24
N ARG B 343 15.47 -31.12 41.48
CA ARG B 343 16.06 -32.13 40.60
C ARG B 343 15.31 -32.24 39.28
N GLU B 344 14.00 -32.47 39.32
CA GLU B 344 13.27 -32.72 38.09
C GLU B 344 13.13 -31.48 37.23
N LYS B 345 13.19 -30.29 37.85
CA LYS B 345 13.19 -29.08 37.06
C LYS B 345 14.56 -28.84 36.42
N ALA B 346 15.62 -29.25 37.11
CA ALA B 346 16.95 -29.21 36.50
C ALA B 346 17.06 -30.20 35.36
N LEU B 347 16.43 -31.37 35.53
CA LEU B 347 16.37 -32.33 34.44
C LEU B 347 15.50 -31.85 33.31
N TYR B 348 14.61 -30.90 33.56
CA TYR B 348 13.81 -30.36 32.48
C TYR B 348 14.64 -29.46 31.59
N ILE B 349 15.38 -28.52 32.19
CA ILE B 349 16.17 -27.57 31.42
C ILE B 349 17.35 -28.29 30.78
N ALA B 350 17.83 -29.37 31.38
CA ALA B 350 18.88 -30.16 30.75
C ALA B 350 18.37 -30.89 29.52
N MET B 351 17.13 -31.38 29.55
CA MET B 351 16.59 -32.04 28.37
C MET B 351 16.06 -31.06 27.34
N MET B 352 15.87 -29.80 27.70
CA MET B 352 15.72 -28.78 26.68
C MET B 352 17.02 -28.56 25.93
N THR B 353 18.11 -28.38 26.67
CA THR B 353 19.38 -28.03 26.05
C THR B 353 20.08 -29.23 25.45
N ARG B 354 19.61 -30.45 25.70
CA ARG B 354 20.08 -31.56 24.89
C ARG B 354 19.48 -31.50 23.50
N ARG B 355 18.23 -31.05 23.39
CA ARG B 355 17.61 -30.92 22.08
C ARG B 355 18.17 -29.75 21.30
N VAL B 356 18.84 -28.81 21.98
CA VAL B 356 19.53 -27.73 21.30
C VAL B 356 20.84 -28.24 20.70
N VAL B 357 21.58 -29.01 21.49
CA VAL B 357 22.87 -29.51 21.06
C VAL B 357 22.71 -30.54 19.95
N MET B 358 21.62 -31.31 19.98
CA MET B 358 21.32 -32.17 18.85
C MET B 358 20.91 -31.37 17.64
N ALA B 359 20.35 -30.17 17.83
CA ALA B 359 20.00 -29.33 16.70
C ALA B 359 21.20 -28.57 16.16
N MET B 360 22.20 -28.29 17.00
CA MET B 360 23.41 -27.66 16.50
C MET B 360 24.24 -28.64 15.70
N TYR B 361 24.31 -29.89 16.16
CA TYR B 361 25.08 -30.91 15.45
C TYR B 361 24.39 -31.28 14.14
N ASN B 362 23.18 -31.79 14.22
CA ASN B 362 22.36 -32.05 13.03
C ASN B 362 21.30 -30.97 12.95
N PRO B 363 21.30 -30.13 11.92
CA PRO B 363 20.31 -29.05 11.84
C PRO B 363 18.91 -29.50 11.43
N LYS B 364 18.71 -30.79 11.19
CA LYS B 364 17.42 -31.31 10.78
C LYS B 364 16.65 -31.91 11.94
N MET B 365 17.22 -31.92 13.14
CA MET B 365 16.50 -32.35 14.33
C MET B 365 15.72 -31.17 14.93
N ILE B 366 14.77 -30.67 14.14
CA ILE B 366 13.91 -29.59 14.55
C ILE B 366 12.48 -30.08 14.56
N ASP B 367 11.60 -29.31 15.21
CA ASP B 367 10.21 -29.70 15.34
C ASP B 367 9.37 -28.92 14.35
N ASP B 368 8.47 -29.63 13.67
CA ASP B 368 7.49 -28.98 12.79
C ASP B 368 6.50 -28.19 13.63
N ARG B 369 6.36 -26.91 13.31
CA ARG B 369 5.36 -26.11 13.99
C ARG B 369 3.96 -26.39 13.48
N ASP B 370 3.84 -26.97 12.29
CA ASP B 370 2.57 -27.20 11.63
C ASP B 370 2.06 -28.62 11.78
N TYR B 371 2.81 -29.49 12.45
CA TYR B 371 2.39 -30.87 12.69
C TYR B 371 1.18 -30.90 13.59
N VAL B 372 0.24 -31.80 13.31
CA VAL B 372 -1.05 -31.77 13.99
C VAL B 372 -0.93 -32.27 15.43
N GLY B 373 0.05 -33.12 15.71
CA GLY B 373 0.34 -33.51 17.07
C GLY B 373 0.83 -32.36 17.94
N ASN B 374 1.41 -31.32 17.34
CA ASN B 374 1.88 -30.16 18.07
C ASN B 374 0.80 -29.11 18.28
N LYS B 375 -0.46 -29.44 18.06
CA LYS B 375 -1.55 -28.49 18.17
C LYS B 375 -2.45 -28.86 19.33
N ARG B 376 -3.16 -27.87 19.85
CA ARG B 376 -4.23 -28.10 20.80
C ARG B 376 -5.45 -27.34 20.30
N LEU B 377 -6.60 -27.97 20.33
CA LEU B 377 -7.84 -27.35 19.88
C LEU B 377 -8.58 -26.81 21.09
N GLU B 378 -8.68 -25.49 21.17
CA GLU B 378 -9.36 -24.84 22.29
C GLU B 378 -10.83 -24.67 21.93
N LEU B 379 -11.69 -25.30 22.70
CA LEU B 379 -13.10 -25.37 22.40
C LEU B 379 -13.86 -24.30 23.17
N ALA B 380 -15.19 -24.35 23.13
CA ALA B 380 -15.99 -23.24 23.63
C ALA B 380 -16.10 -23.21 25.14
N GLY B 381 -15.99 -24.37 25.80
CA GLY B 381 -15.99 -24.35 27.26
C GLY B 381 -14.70 -23.82 27.83
N GLN B 382 -13.58 -24.05 27.13
CA GLN B 382 -12.30 -23.50 27.56
C GLN B 382 -12.28 -21.99 27.45
N LEU B 383 -12.87 -21.45 26.37
CA LEU B 383 -12.87 -20.00 26.19
C LEU B 383 -13.77 -19.31 27.19
N ILE B 384 -14.97 -19.85 27.42
CA ILE B 384 -15.88 -19.21 28.35
C ILE B 384 -15.38 -19.34 29.79
N SER B 385 -14.63 -20.40 30.10
CA SER B 385 -13.99 -20.47 31.41
C SER B 385 -12.87 -19.45 31.55
N LEU B 386 -12.24 -19.03 30.45
CA LEU B 386 -11.35 -17.87 30.54
C LEU B 386 -12.15 -16.60 30.72
N LEU B 387 -13.29 -16.50 30.05
CA LEU B 387 -14.06 -15.27 30.07
C LEU B 387 -14.83 -15.11 31.36
N PHE B 388 -15.51 -16.16 31.81
CA PHE B 388 -16.34 -16.04 33.00
C PHE B 388 -15.51 -15.87 34.25
N GLU B 389 -14.26 -16.34 34.25
CA GLU B 389 -13.43 -16.17 35.43
C GLU B 389 -13.04 -14.71 35.63
N ASP B 390 -12.67 -14.02 34.55
CA ASP B 390 -12.17 -12.65 34.68
C ASP B 390 -13.29 -11.70 35.02
N LEU B 391 -14.50 -11.97 34.56
CA LEU B 391 -15.63 -11.19 35.00
C LEU B 391 -15.98 -11.50 36.44
N PHE B 392 -15.61 -12.66 36.94
CA PHE B 392 -15.88 -12.97 38.33
C PHE B 392 -14.72 -12.51 39.21
N LYS B 393 -13.54 -12.33 38.63
CA LYS B 393 -12.51 -11.53 39.27
C LYS B 393 -12.99 -10.09 39.43
N LYS B 394 -13.35 -9.45 38.32
CA LYS B 394 -13.74 -8.05 38.33
C LYS B 394 -15.07 -7.82 39.04
N PHE B 395 -15.89 -8.86 39.19
CA PHE B 395 -17.02 -8.75 40.09
C PHE B 395 -16.55 -8.63 41.54
N ASN B 396 -15.63 -9.51 41.94
CA ASN B 396 -15.22 -9.55 43.34
C ASN B 396 -14.34 -8.37 43.72
N ASN B 397 -13.57 -7.84 42.78
CA ASN B 397 -12.81 -6.62 43.05
C ASN B 397 -13.73 -5.43 43.22
N ASP B 398 -14.69 -5.27 42.31
CA ASP B 398 -15.62 -4.15 42.40
C ASP B 398 -16.65 -4.33 43.49
N PHE B 399 -16.76 -5.51 44.07
CA PHE B 399 -17.58 -5.74 45.24
C PHE B 399 -16.82 -5.55 46.53
N LYS B 400 -15.50 -5.74 46.49
CA LYS B 400 -14.69 -5.48 47.69
C LYS B 400 -14.45 -3.99 47.87
N LEU B 401 -14.24 -3.25 46.80
CA LEU B 401 -14.06 -1.81 46.92
C LEU B 401 -15.37 -1.06 47.09
N SER B 402 -16.49 -1.76 47.24
CA SER B 402 -17.72 -1.14 47.70
C SER B 402 -18.26 -1.76 48.96
N ILE B 403 -17.66 -2.85 49.44
CA ILE B 403 -18.07 -3.40 50.72
C ILE B 403 -17.39 -2.66 51.87
N ASP B 404 -16.31 -1.91 51.57
CA ASP B 404 -15.67 -1.05 52.55
C ASP B 404 -16.17 0.38 52.52
N LYS B 405 -16.93 0.76 51.50
CA LYS B 405 -17.54 2.08 51.44
C LYS B 405 -18.74 2.23 52.35
N VAL B 406 -19.11 1.19 53.09
CA VAL B 406 -20.08 1.30 54.15
C VAL B 406 -19.44 1.08 55.52
N LEU B 407 -18.35 0.32 55.59
CA LEU B 407 -17.75 -0.03 56.87
C LEU B 407 -17.02 1.16 57.50
N LYS B 408 -16.25 1.90 56.71
CA LYS B 408 -15.49 3.02 57.23
C LYS B 408 -16.30 4.32 57.28
N LYS B 409 -17.60 4.25 57.06
CA LYS B 409 -18.52 5.37 57.11
C LYS B 409 -19.38 5.25 58.37
N PRO B 410 -20.06 6.36 58.82
CA PRO B 410 -20.85 6.27 60.05
C PRO B 410 -22.11 5.41 59.96
N ASN B 411 -22.91 5.45 61.03
CA ASN B 411 -23.86 4.40 61.41
C ASN B 411 -23.12 3.07 61.59
N ARG B 412 -22.18 3.10 62.54
CA ARG B 412 -21.42 1.91 62.90
C ARG B 412 -22.32 0.83 63.50
N ALA B 413 -23.19 1.23 64.42
CA ALA B 413 -24.09 0.27 65.06
C ALA B 413 -25.19 -0.22 64.12
N MET B 414 -25.48 0.54 63.06
CA MET B 414 -26.44 0.10 62.04
C MET B 414 -25.71 -0.80 61.05
N GLU B 415 -25.82 -2.11 61.26
CA GLU B 415 -25.21 -3.06 60.35
C GLU B 415 -26.01 -3.16 59.06
N TYR B 416 -25.39 -3.75 58.05
CA TYR B 416 -26.00 -3.92 56.75
C TYR B 416 -25.75 -5.34 56.27
N ASP B 417 -26.66 -5.85 55.46
CA ASP B 417 -26.67 -7.28 55.13
C ASP B 417 -25.65 -7.67 54.08
N ALA B 418 -24.98 -6.70 53.43
CA ALA B 418 -23.95 -6.88 52.41
C ALA B 418 -24.45 -7.58 51.15
N LEU B 419 -25.76 -7.75 51.00
CA LEU B 419 -26.34 -8.44 49.85
C LEU B 419 -27.31 -7.55 49.10
N LEU B 420 -27.17 -6.24 49.25
CA LEU B 420 -27.96 -5.30 48.48
C LEU B 420 -27.14 -4.56 47.44
N SER B 421 -25.82 -4.75 47.43
CA SER B 421 -24.96 -4.18 46.41
C SER B 421 -24.51 -5.22 45.40
N ILE B 422 -25.03 -6.45 45.50
CA ILE B 422 -24.67 -7.50 44.55
C ILE B 422 -25.25 -7.20 43.17
N ASN B 423 -26.45 -6.64 43.12
CA ASN B 423 -27.07 -6.34 41.83
C ASN B 423 -26.56 -5.05 41.23
N VAL B 424 -25.76 -4.29 41.97
CA VAL B 424 -25.08 -3.14 41.39
C VAL B 424 -24.09 -3.59 40.34
N HIS B 425 -23.42 -4.72 40.59
CA HIS B 425 -22.41 -5.23 39.68
C HIS B 425 -22.83 -6.49 38.96
N SER B 426 -24.00 -7.04 39.27
CA SER B 426 -24.44 -8.26 38.59
C SER B 426 -24.84 -8.00 37.15
N ASN B 427 -25.11 -6.75 36.79
CA ASN B 427 -25.33 -6.39 35.39
C ASN B 427 -24.02 -6.16 34.65
N ASN B 428 -22.89 -6.52 35.23
CA ASN B 428 -21.63 -6.58 34.49
C ASN B 428 -21.26 -8.01 34.15
N ILE B 429 -21.72 -8.97 34.94
CA ILE B 429 -21.60 -10.37 34.56
C ILE B 429 -22.42 -10.65 33.32
N THR B 430 -23.68 -10.21 33.32
CA THR B 430 -24.56 -10.40 32.17
C THR B 430 -24.06 -9.63 30.97
N SER B 431 -23.76 -8.35 31.14
CA SER B 431 -23.42 -7.52 30.00
C SER B 431 -22.02 -7.77 29.49
N GLY B 432 -21.17 -8.44 30.25
CA GLY B 432 -19.83 -8.70 29.79
C GLY B 432 -19.72 -10.05 29.12
N LEU B 433 -20.55 -11.00 29.56
CA LEU B 433 -20.70 -12.25 28.82
C LEU B 433 -21.37 -12.00 27.47
N ASN B 434 -22.45 -11.20 27.48
CA ASN B 434 -23.20 -10.98 26.24
C ASN B 434 -22.40 -10.17 25.25
N ARG B 435 -21.61 -9.21 25.70
CA ARG B 435 -20.88 -8.37 24.78
C ARG B 435 -19.73 -9.13 24.13
N ALA B 436 -19.06 -9.98 24.89
CA ALA B 436 -17.89 -10.66 24.35
C ALA B 436 -18.26 -11.75 23.37
N ILE B 437 -19.43 -12.36 23.53
CA ILE B 437 -19.90 -13.31 22.53
C ILE B 437 -20.40 -12.58 21.30
N SER B 438 -21.14 -11.49 21.48
CA SER B 438 -21.75 -10.78 20.36
C SER B 438 -20.71 -10.04 19.55
N THR B 439 -19.85 -9.27 20.20
CA THR B 439 -18.80 -8.57 19.47
C THR B 439 -17.73 -9.52 18.98
N GLY B 440 -17.54 -10.63 19.65
CA GLY B 440 -16.43 -11.50 19.37
C GLY B 440 -15.12 -11.05 19.96
N ASN B 441 -15.06 -9.86 20.54
CA ASN B 441 -13.83 -9.35 21.11
C ASN B 441 -13.54 -10.04 22.41
N TRP B 442 -12.26 -10.14 22.73
CA TRP B 442 -11.80 -10.98 23.82
C TRP B 442 -10.80 -10.17 24.63
N SER B 443 -11.31 -9.37 25.55
CA SER B 443 -10.50 -8.44 26.32
C SER B 443 -10.43 -8.98 27.74
N LEU B 444 -9.37 -9.72 28.03
CA LEU B 444 -9.15 -10.30 29.35
C LEU B 444 -7.98 -9.57 29.98
N LYS B 445 -8.28 -8.75 30.98
CA LYS B 445 -7.26 -7.93 31.62
C LYS B 445 -6.31 -8.79 32.46
N ARG B 446 -6.87 -9.76 33.18
CA ARG B 446 -6.04 -10.61 34.03
C ARG B 446 -5.17 -11.54 33.21
N PHE B 447 -5.70 -12.13 32.15
CA PHE B 447 -4.98 -13.18 31.45
C PHE B 447 -4.05 -12.64 30.37
N LYS B 448 -4.23 -11.37 29.99
CA LYS B 448 -3.48 -10.67 28.95
C LYS B 448 -3.56 -11.42 27.61
N MET B 449 -4.78 -11.42 27.07
CA MET B 449 -4.99 -11.81 25.69
C MET B 449 -6.04 -10.88 25.08
N GLU B 450 -5.83 -10.54 23.82
CA GLU B 450 -6.65 -9.57 23.11
C GLU B 450 -7.05 -10.15 21.75
N ARG B 451 -7.65 -11.33 21.78
CA ARG B 451 -7.98 -12.04 20.56
C ARG B 451 -9.17 -11.39 19.87
N ALA B 452 -9.14 -11.33 18.54
CA ALA B 452 -10.24 -10.84 17.75
C ALA B 452 -10.79 -11.98 16.90
N GLY B 453 -12.06 -11.86 16.53
CA GLY B 453 -12.67 -12.88 15.70
C GLY B 453 -12.91 -14.20 16.40
N VAL B 454 -13.29 -14.15 17.67
CA VAL B 454 -13.54 -15.38 18.41
C VAL B 454 -14.87 -16.00 17.98
N THR B 455 -15.89 -15.17 17.77
CA THR B 455 -17.17 -15.69 17.31
C THR B 455 -17.41 -15.34 15.86
N HIS B 456 -18.53 -15.85 15.35
CA HIS B 456 -19.05 -15.52 14.04
C HIS B 456 -20.55 -15.70 14.07
N VAL B 457 -21.23 -14.97 13.19
CA VAL B 457 -22.64 -15.20 13.00
C VAL B 457 -22.80 -16.52 12.28
N LEU B 458 -23.72 -17.36 12.77
CA LEU B 458 -24.03 -18.61 12.12
C LEU B 458 -24.59 -18.36 10.73
N SER B 459 -24.14 -19.15 9.76
CA SER B 459 -24.59 -19.00 8.39
C SER B 459 -25.89 -19.75 8.16
N ARG B 460 -26.85 -19.06 7.57
CA ARG B 460 -28.14 -19.63 7.23
C ARG B 460 -28.39 -19.55 5.73
N LEU B 461 -27.32 -19.76 4.96
CA LEU B 461 -27.45 -19.84 3.52
C LEU B 461 -28.03 -21.17 3.11
N SER B 462 -27.50 -22.25 3.67
CA SER B 462 -28.00 -23.58 3.38
C SER B 462 -28.30 -24.31 4.68
N TYR B 463 -28.60 -25.60 4.57
CA TYR B 463 -28.46 -26.50 5.70
C TYR B 463 -27.00 -26.85 5.93
N ILE B 464 -26.20 -26.82 4.86
CA ILE B 464 -24.79 -27.16 4.89
C ILE B 464 -23.97 -26.04 5.52
N SER B 465 -24.42 -24.80 5.35
CA SER B 465 -23.74 -23.66 5.95
C SER B 465 -23.84 -23.69 7.47
N ALA B 466 -24.99 -24.07 8.01
CA ALA B 466 -25.16 -24.18 9.44
C ALA B 466 -24.34 -25.31 10.04
N LEU B 467 -24.00 -26.33 9.25
CA LEU B 467 -23.21 -27.44 9.72
C LEU B 467 -21.75 -27.30 9.34
N GLY B 468 -21.45 -26.55 8.30
CA GLY B 468 -20.09 -26.18 7.95
C GLY B 468 -19.52 -25.05 8.76
N MET B 469 -20.36 -24.24 9.38
CA MET B 469 -19.85 -23.23 10.31
C MET B 469 -19.54 -23.85 11.65
N MET B 470 -20.28 -24.87 12.06
CA MET B 470 -19.74 -25.82 13.01
C MET B 470 -18.69 -26.68 12.33
N THR B 471 -17.96 -27.44 13.14
CA THR B 471 -16.80 -28.22 12.74
C THR B 471 -15.72 -27.38 12.03
N ARG B 472 -15.68 -26.07 12.25
CA ARG B 472 -14.73 -25.19 11.58
C ARG B 472 -13.68 -24.74 12.58
N ILE B 473 -12.43 -24.64 12.13
CA ILE B 473 -11.28 -24.45 13.00
C ILE B 473 -10.54 -23.19 12.57
N SER B 474 -10.31 -22.28 13.51
CA SER B 474 -9.53 -21.10 13.24
C SER B 474 -8.07 -21.31 13.63
N SER B 475 -7.22 -20.36 13.24
CA SER B 475 -5.79 -20.49 13.46
C SER B 475 -5.19 -19.16 13.87
N GLN B 476 -3.96 -19.25 14.39
CA GLN B 476 -3.22 -18.10 14.88
C GLN B 476 -2.42 -17.37 13.81
N PHE B 477 -2.28 -17.93 12.61
CA PHE B 477 -1.43 -17.33 11.61
C PHE B 477 -2.05 -16.10 10.95
N GLU B 478 -3.32 -15.78 11.24
CA GLU B 478 -3.99 -14.68 10.56
C GLU B 478 -3.68 -13.31 11.16
N LYS B 479 -2.40 -13.03 11.43
CA LYS B 479 -1.91 -11.67 11.66
C LYS B 479 -0.61 -11.34 10.92
N SER B 480 0.29 -12.30 10.70
CA SER B 480 1.57 -12.08 10.02
C SER B 480 1.72 -13.11 8.92
N ARG B 481 2.42 -12.72 7.85
CA ARG B 481 2.43 -13.48 6.61
C ARG B 481 3.75 -14.18 6.37
N LYS B 482 3.66 -15.35 5.75
CA LYS B 482 4.78 -16.17 5.29
C LYS B 482 4.36 -16.79 3.96
N VAL B 483 5.17 -17.70 3.45
CA VAL B 483 4.86 -18.47 2.25
C VAL B 483 5.09 -19.95 2.55
N SER B 484 4.11 -20.78 2.19
CA SER B 484 4.23 -22.25 2.15
C SER B 484 4.48 -22.88 3.51
N GLY B 485 3.92 -22.29 4.56
CA GLY B 485 4.08 -22.80 5.89
C GLY B 485 2.81 -23.47 6.37
N PRO B 486 2.02 -22.72 7.15
CA PRO B 486 0.76 -23.28 7.69
C PRO B 486 -0.33 -23.45 6.66
N ARG B 487 -0.14 -23.02 5.41
CA ARG B 487 -1.17 -23.14 4.40
C ARG B 487 -1.11 -24.45 3.64
N ALA B 488 -0.01 -25.18 3.71
CA ALA B 488 0.06 -26.50 3.13
C ALA B 488 -0.50 -27.51 4.11
N LEU B 489 -1.35 -28.40 3.63
CA LEU B 489 -1.86 -29.46 4.49
C LEU B 489 -0.79 -30.51 4.71
N GLN B 490 -0.82 -31.04 5.76
CA GLN B 490 0.11 -32.01 6.28
C GLN B 490 -0.45 -33.42 6.08
N PRO B 491 0.41 -34.43 5.95
CA PRO B 491 -0.10 -35.80 5.89
C PRO B 491 -0.60 -36.31 7.22
N SER B 492 -0.40 -35.56 8.29
CA SER B 492 -0.78 -35.95 9.64
C SER B 492 -2.22 -35.59 9.96
N GLN B 493 -2.98 -35.10 8.99
CA GLN B 493 -4.40 -34.86 9.21
C GLN B 493 -5.26 -35.90 8.51
N PHE B 494 -4.70 -37.08 8.22
CA PHE B 494 -5.48 -38.19 7.69
C PHE B 494 -6.53 -38.58 8.71
N GLY B 495 -7.80 -38.34 8.40
CA GLY B 495 -8.86 -38.72 9.29
C GLY B 495 -9.13 -37.75 10.41
N MET B 496 -8.16 -36.90 10.76
CA MET B 496 -8.38 -35.89 11.77
C MET B 496 -9.05 -34.65 11.20
N LEU B 497 -8.49 -34.08 10.14
CA LEU B 497 -9.07 -32.90 9.51
C LEU B 497 -9.50 -33.24 8.10
N CYS B 498 -10.52 -32.53 7.60
CA CYS B 498 -10.99 -32.75 6.24
C CYS B 498 -9.97 -32.24 5.24
N THR B 499 -9.65 -33.07 4.25
CA THR B 499 -8.57 -32.78 3.34
C THR B 499 -8.97 -31.93 2.15
N ALA B 500 -10.22 -31.48 2.08
CA ALA B 500 -10.62 -30.58 1.02
C ALA B 500 -11.43 -29.37 1.47
N ASP B 501 -12.11 -29.41 2.60
CA ASP B 501 -12.98 -28.31 3.02
C ASP B 501 -12.07 -27.21 3.57
N THR B 502 -11.81 -26.22 2.72
CA THR B 502 -11.04 -25.03 3.08
C THR B 502 -11.44 -23.95 2.09
N PRO B 503 -11.42 -22.69 2.48
CA PRO B 503 -11.75 -21.63 1.52
C PRO B 503 -10.64 -21.48 0.50
N GLU B 504 -10.97 -20.86 -0.63
CA GLU B 504 -9.96 -20.50 -1.61
C GLU B 504 -9.79 -18.98 -1.62
N GLY B 505 -8.54 -18.55 -1.71
CA GLY B 505 -8.23 -17.14 -1.67
C GLY B 505 -7.34 -16.77 -0.50
N GLU B 506 -7.79 -15.81 0.31
CA GLU B 506 -6.96 -15.25 1.38
C GLU B 506 -6.89 -16.12 2.62
N ALA B 507 -7.59 -17.25 2.67
CA ALA B 507 -7.60 -18.06 3.88
C ALA B 507 -7.40 -19.53 3.59
N CYS B 508 -6.73 -19.85 2.49
CA CYS B 508 -6.64 -21.23 2.01
C CYS B 508 -5.61 -21.97 2.85
N GLY B 509 -6.07 -22.84 3.74
CA GLY B 509 -5.20 -23.56 4.64
C GLY B 509 -5.05 -22.94 6.00
N LEU B 510 -5.69 -21.81 6.25
CA LEU B 510 -5.71 -21.21 7.58
C LEU B 510 -7.06 -21.38 8.27
N VAL B 511 -8.10 -21.66 7.52
CA VAL B 511 -9.36 -22.17 8.04
C VAL B 511 -9.42 -23.64 7.63
N LYS B 512 -9.84 -24.49 8.56
CA LYS B 512 -9.86 -25.91 8.30
C LYS B 512 -11.01 -26.54 9.07
N ASN B 513 -11.25 -27.81 8.78
CA ASN B 513 -12.49 -28.47 9.13
C ASN B 513 -12.20 -29.87 9.63
N LEU B 514 -12.92 -30.29 10.65
CA LEU B 514 -12.69 -31.60 11.23
C LEU B 514 -13.57 -32.65 10.57
N ALA B 515 -13.08 -33.88 10.55
CA ALA B 515 -13.69 -34.97 9.80
C ALA B 515 -14.88 -35.54 10.55
N LEU B 516 -15.38 -36.70 10.12
CA LEU B 516 -16.56 -37.25 10.79
C LEU B 516 -16.19 -37.98 12.08
N MET B 517 -15.37 -39.02 11.97
CA MET B 517 -15.02 -39.81 13.15
C MET B 517 -13.81 -39.17 13.79
N THR B 518 -14.03 -38.07 14.48
CA THR B 518 -13.01 -37.50 15.32
C THR B 518 -13.59 -37.27 16.69
N HIS B 519 -12.69 -37.00 17.62
CA HIS B 519 -13.09 -36.66 18.96
C HIS B 519 -11.99 -35.79 19.50
N ILE B 520 -12.35 -34.83 20.34
CA ILE B 520 -11.37 -33.96 20.98
C ILE B 520 -11.20 -34.45 22.41
N THR B 521 -9.96 -34.57 22.85
CA THR B 521 -9.67 -35.22 24.11
C THR B 521 -10.09 -34.35 25.28
N THR B 522 -10.55 -35.00 26.33
CA THR B 522 -10.88 -34.34 27.57
C THR B 522 -9.65 -34.35 28.47
N ASP B 523 -9.31 -33.18 29.00
CA ASP B 523 -8.19 -33.06 29.91
C ASP B 523 -8.54 -33.72 31.24
N ASP B 524 -7.64 -34.54 31.77
CA ASP B 524 -7.91 -35.26 33.00
C ASP B 524 -6.69 -35.24 33.90
N GLU B 525 -6.86 -35.78 35.11
CA GLU B 525 -5.80 -35.73 36.11
C GLU B 525 -4.65 -36.66 35.74
N GLU B 526 -3.44 -36.23 36.09
CA GLU B 526 -2.25 -36.96 35.69
C GLU B 526 -1.47 -37.59 36.83
N GLU B 527 -1.66 -37.12 38.06
CA GLU B 527 -1.02 -37.81 39.17
C GLU B 527 -1.58 -39.21 39.48
N PRO B 528 -2.83 -39.59 39.13
CA PRO B 528 -3.08 -41.04 39.08
C PRO B 528 -2.35 -41.73 37.96
N ILE B 529 -2.08 -41.03 36.86
CA ILE B 529 -1.39 -41.66 35.74
C ILE B 529 0.10 -41.71 36.02
N LYS B 530 0.60 -40.74 36.78
CA LYS B 530 1.99 -40.77 37.22
C LYS B 530 2.25 -41.91 38.19
N LYS B 531 1.35 -42.08 39.17
CA LYS B 531 1.51 -43.16 40.13
C LYS B 531 1.30 -44.54 39.53
N LEU B 532 0.65 -44.62 38.37
CA LEU B 532 0.58 -45.88 37.65
C LEU B 532 1.91 -46.21 36.99
N CYS B 533 2.72 -45.20 36.70
CA CYS B 533 3.98 -45.45 35.99
C CYS B 533 5.01 -46.09 36.88
N TYR B 534 5.04 -45.75 38.17
CA TYR B 534 6.01 -46.36 39.06
C TYR B 534 5.65 -47.80 39.36
N VAL B 535 4.34 -48.09 39.43
CA VAL B 535 3.88 -49.45 39.63
C VAL B 535 4.21 -50.31 38.43
N LEU B 536 4.14 -49.74 37.23
CA LEU B 536 4.45 -50.49 36.03
C LEU B 536 5.94 -50.63 35.79
N GLY B 537 6.79 -49.96 36.55
CA GLY B 537 8.20 -50.27 36.48
C GLY B 537 9.20 -49.18 36.16
N VAL B 538 8.76 -47.91 36.05
CA VAL B 538 9.75 -46.86 35.99
C VAL B 538 10.33 -46.67 37.39
N GLU B 539 11.53 -46.12 37.46
CA GLU B 539 12.09 -45.72 38.74
C GLU B 539 12.40 -44.24 38.67
N ASP B 540 12.18 -43.55 39.80
CA ASP B 540 11.95 -42.12 39.81
C ASP B 540 13.21 -41.34 39.44
N ILE B 541 13.00 -40.09 39.02
CA ILE B 541 14.10 -39.24 38.58
C ILE B 541 14.99 -38.83 39.75
N THR B 542 14.46 -38.86 40.97
CA THR B 542 15.27 -38.63 42.16
C THR B 542 16.00 -39.88 42.62
N LEU B 543 15.79 -41.01 41.94
CA LEU B 543 16.44 -42.26 42.26
C LEU B 543 17.50 -42.65 41.25
N ILE B 544 17.56 -41.99 40.11
CA ILE B 544 18.35 -42.45 38.98
C ILE B 544 19.63 -41.63 38.92
N ASP B 545 20.72 -42.27 38.51
CA ASP B 545 21.97 -41.57 38.32
C ASP B 545 21.95 -40.75 37.05
N SER B 546 22.46 -39.53 37.13
CA SER B 546 22.49 -38.66 35.97
C SER B 546 23.55 -39.04 34.96
N ALA B 547 24.46 -39.94 35.31
CA ALA B 547 25.44 -40.43 34.34
C ALA B 547 24.78 -41.37 33.35
N SER B 548 24.06 -42.37 33.86
CA SER B 548 23.47 -43.41 33.03
C SER B 548 22.02 -43.11 32.69
N LEU B 549 21.67 -41.84 32.53
CA LEU B 549 20.30 -41.48 32.21
C LEU B 549 20.01 -41.57 30.72
N HIS B 550 21.02 -41.36 29.87
CA HIS B 550 20.84 -41.43 28.43
C HIS B 550 21.27 -42.77 27.86
N LEU B 551 21.12 -43.82 28.65
CA LEU B 551 21.28 -45.18 28.17
C LEU B 551 19.97 -45.94 28.17
N ASN B 552 18.97 -45.46 28.89
CA ASN B 552 17.67 -46.09 29.00
C ASN B 552 16.61 -45.12 28.56
N TYR B 553 15.48 -45.63 28.08
CA TYR B 553 14.40 -44.74 27.68
C TYR B 553 13.78 -44.12 28.93
N GLY B 554 13.59 -42.81 28.92
CA GLY B 554 12.95 -42.12 30.02
C GLY B 554 11.50 -41.82 29.67
N VAL B 555 10.62 -42.01 30.61
CA VAL B 555 9.23 -41.73 30.33
C VAL B 555 8.97 -40.24 30.51
N TYR B 556 7.97 -39.73 29.81
CA TYR B 556 7.66 -38.30 29.80
C TYR B 556 6.17 -38.11 29.97
N LEU B 557 5.71 -37.94 31.21
CA LEU B 557 4.30 -37.64 31.43
C LEU B 557 4.10 -36.16 31.11
N ASN B 558 3.57 -35.91 29.91
CA ASN B 558 3.29 -34.57 29.38
C ASN B 558 4.55 -33.73 29.24
N GLY B 559 5.56 -34.30 28.59
CA GLY B 559 6.81 -33.59 28.36
C GLY B 559 7.77 -33.56 29.52
N THR B 560 7.27 -33.68 30.75
CA THR B 560 8.11 -33.69 31.93
C THR B 560 8.72 -35.06 32.13
N LEU B 561 10.05 -35.12 32.23
CA LEU B 561 10.73 -36.38 32.48
C LEU B 561 10.39 -36.89 33.87
N ILE B 562 10.08 -38.17 33.96
CA ILE B 562 9.58 -38.79 35.18
C ILE B 562 10.51 -39.88 35.68
N GLY B 563 10.85 -40.83 34.83
CA GLY B 563 11.65 -41.96 35.24
C GLY B 563 12.56 -42.44 34.16
N SER B 564 12.88 -43.73 34.20
CA SER B 564 13.68 -44.36 33.16
C SER B 564 13.39 -45.85 33.19
N ILE B 565 12.69 -46.34 32.19
CA ILE B 565 12.41 -47.76 32.07
C ILE B 565 13.57 -48.49 31.43
N ARG B 566 13.77 -49.72 31.89
CA ARG B 566 14.74 -50.61 31.28
C ARG B 566 14.17 -51.28 30.04
N PHE B 567 12.94 -51.77 30.13
CA PHE B 567 12.28 -52.46 29.02
C PHE B 567 11.09 -51.64 28.55
N PRO B 568 11.23 -50.83 27.53
CA PRO B 568 10.14 -49.94 27.14
C PRO B 568 8.96 -50.56 26.41
N THR B 569 9.21 -51.46 25.46
CA THR B 569 8.11 -52.01 24.68
C THR B 569 7.28 -52.98 25.50
N LYS B 570 7.84 -53.50 26.60
CA LYS B 570 7.02 -54.25 27.54
C LYS B 570 6.23 -53.31 28.42
N PHE B 571 6.77 -52.11 28.66
CA PHE B 571 6.03 -51.11 29.43
C PHE B 571 4.89 -50.52 28.63
N VAL B 572 5.11 -50.25 27.35
CA VAL B 572 4.07 -49.64 26.52
C VAL B 572 2.95 -50.64 26.29
N THR B 573 3.29 -51.90 26.03
CA THR B 573 2.30 -52.94 25.78
C THR B 573 1.41 -53.17 26.99
N GLN B 574 1.97 -53.08 28.19
CA GLN B 574 1.18 -53.18 29.40
C GLN B 574 0.45 -51.89 29.76
N PHE B 575 0.63 -50.82 29.00
CA PHE B 575 -0.14 -49.63 29.27
C PHE B 575 -1.31 -49.49 28.30
N ARG B 576 -1.14 -49.94 27.04
CA ARG B 576 -2.28 -50.10 26.16
C ARG B 576 -3.24 -51.12 26.72
N HIS B 577 -2.71 -52.20 27.30
CA HIS B 577 -3.55 -53.26 27.84
C HIS B 577 -4.34 -52.81 29.05
N LEU B 578 -3.81 -51.88 29.82
CA LEU B 578 -4.64 -51.26 30.86
C LEU B 578 -5.63 -50.28 30.29
N ARG B 579 -5.40 -49.76 29.09
CA ARG B 579 -6.36 -48.84 28.52
C ARG B 579 -7.45 -49.59 27.75
N ARG B 580 -7.09 -50.67 27.07
CA ARG B 580 -8.07 -51.46 26.35
C ARG B 580 -8.97 -52.25 27.26
N THR B 581 -8.56 -52.49 28.50
CA THR B 581 -9.44 -52.99 29.52
C THR B 581 -10.14 -51.88 30.27
N GLY B 582 -9.84 -50.63 29.95
CA GLY B 582 -10.54 -49.52 30.54
C GLY B 582 -10.22 -49.25 31.99
N LYS B 583 -9.07 -49.69 32.48
CA LYS B 583 -8.67 -49.34 33.83
C LYS B 583 -8.21 -47.89 33.89
N VAL B 584 -7.17 -47.59 33.15
CA VAL B 584 -6.82 -46.21 32.82
C VAL B 584 -7.68 -45.77 31.66
N SER B 585 -8.00 -44.49 31.60
CA SER B 585 -8.98 -43.96 30.66
C SER B 585 -8.50 -44.06 29.22
N GLU B 586 -9.45 -44.05 28.29
CA GLU B 586 -9.13 -43.72 26.91
C GLU B 586 -8.89 -42.22 26.82
N PHE B 587 -8.50 -41.77 25.64
CA PHE B 587 -7.92 -40.44 25.39
C PHE B 587 -6.67 -40.22 26.24
N ILE B 588 -5.95 -41.29 26.55
CA ILE B 588 -4.65 -41.23 27.21
C ILE B 588 -3.70 -42.01 26.32
N SER B 589 -2.80 -41.31 25.65
CA SER B 589 -2.05 -41.88 24.56
C SER B 589 -0.60 -42.07 24.98
N ILE B 590 -0.04 -43.22 24.62
CA ILE B 590 1.34 -43.55 24.90
C ILE B 590 1.99 -43.98 23.60
N TYR B 591 3.20 -43.47 23.35
CA TYR B 591 3.91 -43.80 22.12
C TYR B 591 5.39 -43.77 22.40
N SER B 592 6.10 -44.75 21.86
CA SER B 592 7.51 -44.96 22.15
C SER B 592 8.33 -44.42 20.98
N ASN B 593 8.86 -43.22 21.14
CA ASN B 593 9.80 -42.70 20.17
C ASN B 593 11.11 -43.48 20.26
N SER B 594 11.91 -43.40 19.21
CA SER B 594 13.16 -44.16 19.17
C SER B 594 14.38 -43.29 18.98
N HIS B 595 14.32 -42.27 18.15
CA HIS B 595 15.47 -41.40 17.94
C HIS B 595 15.70 -40.50 19.15
N GLN B 596 14.61 -40.04 19.76
CA GLN B 596 14.68 -39.37 21.05
C GLN B 596 14.92 -40.37 22.18
N MET B 597 14.73 -41.65 21.90
CA MET B 597 14.72 -42.76 22.85
C MET B 597 13.92 -42.43 24.11
N ALA B 598 12.64 -42.16 23.88
CA ALA B 598 11.72 -41.67 24.88
C ALA B 598 10.46 -42.51 24.85
N VAL B 599 9.69 -42.44 25.93
CA VAL B 599 8.35 -43.03 25.97
C VAL B 599 7.42 -41.93 26.48
N HIS B 600 6.72 -41.28 25.56
CA HIS B 600 5.88 -40.16 25.93
C HIS B 600 4.50 -40.66 26.31
N ILE B 601 3.89 -40.00 27.29
CA ILE B 601 2.54 -40.29 27.74
C ILE B 601 1.82 -38.96 27.84
N ALA B 602 0.87 -38.71 26.95
CA ALA B 602 0.11 -37.48 26.96
C ALA B 602 -1.29 -37.75 27.48
N THR B 603 -1.79 -36.83 28.28
CA THR B 603 -3.13 -36.95 28.82
C THR B 603 -3.90 -35.64 28.82
N ASP B 604 -3.31 -34.54 28.37
CA ASP B 604 -4.00 -33.26 28.38
C ASP B 604 -5.03 -33.17 27.27
N GLY B 605 -5.92 -32.20 27.41
CA GLY B 605 -7.02 -32.05 26.49
C GLY B 605 -6.66 -31.26 25.26
N GLY B 606 -7.57 -31.27 24.29
CA GLY B 606 -7.37 -30.55 23.06
C GLY B 606 -6.61 -31.29 21.98
N ARG B 607 -6.34 -32.57 22.16
CA ARG B 607 -5.80 -33.41 21.11
C ARG B 607 -6.96 -33.97 20.31
N ILE B 608 -6.69 -34.34 19.06
CA ILE B 608 -7.73 -34.84 18.19
C ILE B 608 -7.52 -36.34 18.08
N CYS B 609 -8.49 -37.10 18.58
CA CYS B 609 -8.47 -38.55 18.42
C CYS B 609 -9.25 -38.94 17.18
N ARG B 610 -9.24 -40.23 16.89
CA ARG B 610 -9.85 -40.83 15.73
C ARG B 610 -10.00 -42.30 16.04
N PRO B 611 -11.20 -42.86 15.97
CA PRO B 611 -11.39 -44.27 16.33
C PRO B 611 -10.87 -45.20 15.26
N LEU B 612 -10.20 -46.26 15.70
CA LEU B 612 -9.73 -47.31 14.82
C LEU B 612 -10.04 -48.66 15.42
N ILE B 613 -10.13 -49.66 14.56
CA ILE B 613 -10.32 -51.05 14.99
C ILE B 613 -8.96 -51.65 15.29
N ILE B 614 -8.82 -52.24 16.47
CA ILE B 614 -7.59 -52.93 16.84
C ILE B 614 -7.51 -54.23 16.07
N VAL B 615 -6.37 -54.50 15.47
CA VAL B 615 -6.09 -55.84 14.98
C VAL B 615 -5.00 -56.44 15.84
N SER B 616 -5.00 -57.77 15.89
CA SER B 616 -4.02 -58.53 16.65
C SER B 616 -3.68 -59.74 15.84
N ASP B 617 -2.41 -60.15 15.93
CA ASP B 617 -1.70 -61.24 15.22
C ASP B 617 -2.18 -61.47 13.79
N GLY B 618 -2.31 -60.38 13.04
CA GLY B 618 -2.75 -60.44 11.66
C GLY B 618 -4.22 -60.69 11.46
N GLN B 619 -5.06 -60.25 12.38
CA GLN B 619 -6.48 -60.60 12.33
C GLN B 619 -7.28 -59.51 13.00
N SER B 620 -8.28 -58.99 12.30
CA SER B 620 -9.11 -57.93 12.85
C SER B 620 -9.94 -58.45 14.01
N ARG B 621 -9.92 -57.71 15.11
CA ARG B 621 -10.50 -58.22 16.34
C ARG B 621 -12.02 -58.11 16.34
N VAL B 622 -12.58 -57.19 15.56
CA VAL B 622 -14.03 -57.05 15.45
C VAL B 622 -14.50 -58.13 14.48
N LYS B 623 -15.06 -59.22 15.02
CA LYS B 623 -15.55 -60.30 14.20
C LYS B 623 -17.00 -60.03 13.79
N ASP B 624 -17.54 -60.93 12.96
CA ASP B 624 -18.88 -60.72 12.41
C ASP B 624 -19.98 -60.99 13.43
N ILE B 625 -19.64 -61.59 14.58
CA ILE B 625 -20.62 -61.70 15.65
C ILE B 625 -20.86 -60.34 16.28
N HIS B 626 -19.87 -59.46 16.28
CA HIS B 626 -20.05 -58.15 16.88
C HIS B 626 -20.85 -57.23 15.98
N LEU B 627 -20.65 -57.33 14.66
CA LEU B 627 -21.47 -56.54 13.75
C LEU B 627 -22.90 -57.05 13.72
N ARG B 628 -23.09 -58.35 13.95
CA ARG B 628 -24.42 -58.89 14.07
C ARG B 628 -25.12 -58.37 15.32
N LYS B 629 -24.37 -58.14 16.38
CA LYS B 629 -24.97 -57.59 17.59
C LYS B 629 -25.18 -56.09 17.45
N LEU B 630 -24.27 -55.39 16.76
CA LEU B 630 -24.36 -53.95 16.61
C LEU B 630 -25.57 -53.54 15.78
N LEU B 631 -25.97 -54.38 14.84
CA LEU B 631 -27.12 -54.05 13.99
C LEU B 631 -28.44 -54.17 14.74
N ASP B 632 -28.62 -55.26 15.48
CA ASP B 632 -29.95 -55.54 16.03
C ASP B 632 -30.15 -54.98 17.42
N GLY B 633 -29.51 -53.86 17.74
CA GLY B 633 -29.92 -53.04 18.87
C GLY B 633 -28.95 -53.01 20.03
N GLU B 634 -28.40 -54.15 20.40
CA GLU B 634 -27.52 -54.22 21.54
C GLU B 634 -26.10 -53.82 21.14
N LEU B 635 -25.25 -53.64 22.15
CA LEU B 635 -23.79 -53.58 22.02
C LEU B 635 -23.38 -52.44 21.08
N ASP B 636 -23.65 -51.23 21.53
CA ASP B 636 -23.42 -50.04 20.71
C ASP B 636 -21.94 -49.68 20.65
N PHE B 637 -21.64 -48.57 20.01
CA PHE B 637 -20.33 -47.96 20.16
C PHE B 637 -20.23 -47.44 21.58
N ASP B 638 -19.06 -47.60 22.18
CA ASP B 638 -18.56 -47.57 23.56
C ASP B 638 -18.80 -48.89 24.28
N ASP B 639 -19.49 -49.86 23.68
CA ASP B 639 -19.27 -51.25 24.04
C ASP B 639 -18.17 -51.87 23.20
N PHE B 640 -17.87 -51.28 22.04
CA PHE B 640 -16.68 -51.66 21.31
C PHE B 640 -15.42 -51.10 21.95
N LEU B 641 -15.55 -50.08 22.80
CA LEU B 641 -14.40 -49.59 23.56
C LEU B 641 -14.19 -50.40 24.82
N LYS B 642 -15.27 -50.71 25.55
CA LYS B 642 -15.14 -51.38 26.84
C LYS B 642 -14.74 -52.84 26.66
N LEU B 643 -15.22 -53.48 25.60
CA LEU B 643 -14.85 -54.86 25.32
C LEU B 643 -13.55 -54.96 24.54
N GLY B 644 -12.87 -53.84 24.31
CA GLY B 644 -11.53 -53.88 23.76
C GLY B 644 -11.43 -54.00 22.26
N LEU B 645 -12.51 -53.72 21.53
CA LEU B 645 -12.53 -53.93 20.10
C LEU B 645 -11.98 -52.75 19.32
N VAL B 646 -12.39 -51.53 19.66
CA VAL B 646 -11.92 -50.35 18.94
C VAL B 646 -11.12 -49.48 19.89
N GLU B 647 -10.54 -48.41 19.36
CA GLU B 647 -9.56 -47.65 20.13
C GLU B 647 -9.43 -46.27 19.52
N TYR B 648 -9.33 -45.24 20.36
CA TYR B 648 -9.01 -43.92 19.87
C TYR B 648 -7.51 -43.80 19.72
N LEU B 649 -7.06 -43.26 18.59
CA LEU B 649 -5.65 -42.98 18.42
C LEU B 649 -5.44 -41.48 18.24
N ASP B 650 -4.48 -40.96 18.98
CA ASP B 650 -3.96 -39.61 18.84
C ASP B 650 -3.17 -39.52 17.53
N VAL B 651 -2.75 -38.31 17.18
CA VAL B 651 -1.86 -38.14 16.03
C VAL B 651 -0.50 -38.71 16.36
N ASN B 652 -0.02 -38.48 17.58
CA ASN B 652 1.29 -38.94 18.00
C ASN B 652 1.32 -40.46 18.12
N GLU B 653 0.26 -41.06 18.63
CA GLU B 653 0.22 -42.51 18.81
C GLU B 653 0.12 -43.24 17.49
N GLU B 654 -0.27 -42.55 16.41
CA GLU B 654 -0.22 -43.12 15.07
C GLU B 654 1.19 -43.29 14.55
N ASN B 655 2.19 -42.65 15.17
CA ASN B 655 3.58 -42.99 14.84
C ASN B 655 3.91 -44.41 15.27
N ASP B 656 3.47 -44.79 16.47
CA ASP B 656 3.72 -46.11 17.02
C ASP B 656 2.64 -47.10 16.58
N SER B 657 2.41 -47.16 15.28
CA SER B 657 1.34 -47.98 14.72
C SER B 657 1.63 -48.28 13.27
N TYR B 658 0.78 -49.11 12.68
CA TYR B 658 0.86 -49.46 11.28
C TYR B 658 -0.53 -49.93 10.88
N ILE B 659 -1.23 -49.12 10.11
CA ILE B 659 -2.68 -49.14 10.01
C ILE B 659 -3.09 -49.71 8.67
N ALA B 660 -3.94 -50.73 8.69
CA ALA B 660 -4.50 -51.24 7.46
C ALA B 660 -5.70 -50.43 7.02
N LEU B 661 -5.90 -50.35 5.71
CA LEU B 661 -7.03 -49.65 5.14
C LEU B 661 -8.22 -50.57 4.92
N TYR B 662 -7.99 -51.77 4.42
CA TYR B 662 -9.03 -52.74 4.18
C TYR B 662 -8.64 -54.04 4.85
N GLU B 663 -9.62 -54.91 5.07
CA GLU B 663 -9.33 -56.19 5.71
C GLU B 663 -8.49 -57.11 4.84
N LYS B 664 -8.51 -56.94 3.52
CA LYS B 664 -7.66 -57.77 2.68
C LYS B 664 -6.19 -57.37 2.77
N ASP B 665 -5.87 -56.23 3.36
CA ASP B 665 -4.51 -55.74 3.44
C ASP B 665 -3.85 -56.04 4.78
N ILE B 666 -4.52 -56.77 5.67
CA ILE B 666 -3.96 -56.99 7.01
C ILE B 666 -2.83 -58.01 6.90
N VAL B 667 -1.60 -57.54 7.08
CA VAL B 667 -0.41 -58.37 7.19
C VAL B 667 -0.19 -58.56 8.69
N PRO B 668 0.64 -59.51 9.14
CA PRO B 668 0.78 -59.72 10.60
C PRO B 668 1.44 -58.57 11.35
N SER B 669 2.16 -57.68 10.70
CA SER B 669 2.77 -56.56 11.40
C SER B 669 1.83 -55.37 11.53
N MET B 670 0.60 -55.45 11.02
CA MET B 670 -0.41 -54.42 11.27
C MET B 670 -0.78 -54.38 12.74
N THR B 671 -1.28 -53.23 13.17
CA THR B 671 -1.81 -53.12 14.51
C THR B 671 -3.14 -52.38 14.60
N HIS B 672 -3.63 -51.80 13.51
CA HIS B 672 -4.96 -51.20 13.48
C HIS B 672 -5.59 -51.40 12.12
N LEU B 673 -6.87 -51.07 12.04
CA LEU B 673 -7.65 -51.17 10.81
C LEU B 673 -8.61 -50.00 10.75
N GLU B 674 -8.77 -49.43 9.55
CA GLU B 674 -9.72 -48.35 9.35
C GLU B 674 -11.14 -48.85 9.54
N ILE B 675 -11.93 -48.13 10.34
CA ILE B 675 -13.35 -48.40 10.37
C ILE B 675 -13.97 -48.06 9.03
N GLU B 676 -13.75 -46.84 8.54
CA GLU B 676 -14.19 -46.52 7.23
C GLU B 676 -13.37 -45.44 6.54
N PRO B 677 -12.81 -45.72 5.37
CA PRO B 677 -11.92 -44.76 4.73
C PRO B 677 -12.59 -43.50 4.21
N PHE B 678 -13.91 -43.45 4.01
CA PHE B 678 -14.38 -42.19 3.44
C PHE B 678 -14.49 -41.08 4.46
N THR B 679 -14.20 -41.31 5.73
CA THR B 679 -14.21 -40.24 6.71
C THR B 679 -12.93 -39.43 6.68
N ILE B 680 -12.12 -39.54 5.64
CA ILE B 680 -11.02 -38.61 5.42
C ILE B 680 -11.57 -37.23 5.09
N LEU B 681 -12.79 -37.17 4.54
CA LEU B 681 -13.49 -35.95 4.17
C LEU B 681 -14.48 -35.60 5.26
N GLY B 682 -14.79 -34.32 5.37
CA GLY B 682 -15.63 -33.88 6.46
C GLY B 682 -17.11 -33.99 6.18
N ALA B 683 -17.87 -33.03 6.69
CA ALA B 683 -19.32 -33.03 6.50
C ALA B 683 -19.71 -32.41 5.17
N VAL B 684 -19.03 -31.34 4.76
CA VAL B 684 -19.38 -30.62 3.54
C VAL B 684 -18.81 -31.33 2.32
N ALA B 685 -17.62 -31.89 2.44
CA ALA B 685 -17.02 -32.58 1.31
C ALA B 685 -17.62 -33.95 1.07
N GLY B 686 -18.54 -34.40 1.90
CA GLY B 686 -19.30 -35.58 1.59
C GLY B 686 -20.47 -35.36 0.66
N LEU B 687 -20.76 -34.12 0.28
CA LEU B 687 -21.81 -33.88 -0.69
C LEU B 687 -21.38 -34.24 -2.10
N ILE B 688 -20.09 -34.26 -2.37
CA ILE B 688 -19.55 -34.51 -3.70
C ILE B 688 -19.79 -35.96 -4.08
N PRO B 689 -20.32 -36.24 -5.26
CA PRO B 689 -20.44 -37.62 -5.70
C PRO B 689 -19.17 -38.07 -6.42
N TYR B 690 -18.61 -39.19 -5.99
CA TYR B 690 -17.35 -39.78 -6.46
C TYR B 690 -16.19 -38.80 -6.37
N PRO B 691 -15.70 -38.45 -5.17
CA PRO B 691 -14.64 -37.45 -5.09
C PRO B 691 -13.31 -37.97 -5.55
N HIS B 692 -13.10 -39.28 -5.46
CA HIS B 692 -11.85 -39.92 -5.80
C HIS B 692 -11.62 -39.99 -7.30
N HIS B 693 -12.63 -39.71 -8.11
CA HIS B 693 -12.47 -39.65 -9.55
C HIS B 693 -12.17 -38.25 -10.05
N ASN B 694 -12.46 -37.23 -9.25
CA ASN B 694 -12.20 -35.86 -9.63
C ASN B 694 -10.74 -35.51 -9.43
N GLN B 695 -10.37 -34.33 -9.87
CA GLN B 695 -9.11 -33.73 -9.50
C GLN B 695 -9.29 -33.00 -8.17
N SER B 696 -8.24 -32.94 -7.38
CA SER B 696 -8.35 -32.39 -6.02
C SER B 696 -8.62 -30.89 -5.87
N PRO B 697 -8.21 -29.97 -6.76
CA PRO B 697 -8.70 -28.59 -6.59
C PRO B 697 -10.18 -28.45 -6.84
N ARG B 698 -10.76 -29.37 -7.59
CA ARG B 698 -12.18 -29.33 -7.89
C ARG B 698 -13.02 -29.68 -6.67
N ASN B 699 -12.55 -30.61 -5.84
CA ASN B 699 -13.31 -31.01 -4.67
C ASN B 699 -13.24 -29.97 -3.57
N THR B 700 -12.32 -29.02 -3.66
CA THR B 700 -12.21 -27.92 -2.72
C THR B 700 -13.14 -26.78 -3.11
N TYR B 701 -13.34 -26.55 -4.40
CA TYR B 701 -14.27 -25.51 -4.83
C TYR B 701 -15.69 -25.88 -4.52
N GLN B 702 -15.99 -27.18 -4.40
CA GLN B 702 -17.35 -27.57 -4.07
C GLN B 702 -17.65 -27.26 -2.62
N CYS B 703 -16.65 -27.36 -1.76
CA CYS B 703 -16.87 -27.15 -0.33
C CYS B 703 -17.24 -25.70 -0.05
N ALA B 704 -16.64 -24.77 -0.80
CA ALA B 704 -17.01 -23.38 -0.70
C ALA B 704 -18.35 -23.10 -1.33
N MET B 705 -18.75 -23.91 -2.30
CA MET B 705 -19.95 -23.66 -3.09
C MET B 705 -21.12 -24.54 -2.71
N GLY B 706 -20.91 -25.56 -1.89
CA GLY B 706 -22.04 -26.19 -1.28
C GLY B 706 -22.66 -25.35 -0.19
N LYS B 707 -21.87 -24.52 0.46
CA LYS B 707 -22.35 -23.60 1.47
C LYS B 707 -23.08 -22.41 0.86
N GLN B 708 -22.84 -22.14 -0.43
CA GLN B 708 -23.44 -21.02 -1.12
C GLN B 708 -24.69 -21.38 -1.90
N ALA B 709 -24.89 -22.65 -2.22
CA ALA B 709 -26.08 -23.10 -2.91
C ALA B 709 -27.29 -23.03 -1.99
N ILE B 710 -28.46 -22.81 -2.58
CA ILE B 710 -29.65 -22.52 -1.79
C ILE B 710 -30.70 -23.60 -2.01
N GLY B 711 -31.53 -23.79 -0.99
CA GLY B 711 -32.51 -24.85 -0.94
C GLY B 711 -33.33 -24.71 0.31
N ALA B 712 -33.52 -25.78 1.05
CA ALA B 712 -34.26 -25.70 2.31
C ALA B 712 -33.31 -25.53 3.48
N ILE B 713 -33.75 -24.76 4.46
CA ILE B 713 -32.96 -24.40 5.63
C ILE B 713 -33.33 -25.23 6.84
N ALA B 714 -34.63 -25.30 7.12
CA ALA B 714 -35.12 -25.79 8.39
C ALA B 714 -36.59 -26.12 8.21
N TYR B 715 -37.22 -26.59 9.28
CA TYR B 715 -38.66 -26.80 9.22
C TYR B 715 -39.42 -25.61 9.75
N ASN B 716 -38.78 -24.75 10.55
CA ASN B 716 -39.34 -23.46 10.90
C ASN B 716 -38.85 -22.35 10.01
N GLN B 717 -38.54 -22.63 8.76
CA GLN B 717 -38.00 -21.57 7.92
C GLN B 717 -39.06 -20.60 7.46
N PHE B 718 -40.34 -20.93 7.66
CA PHE B 718 -41.43 -20.01 7.43
C PHE B 718 -41.92 -19.38 8.72
N LYS B 719 -41.39 -19.80 9.86
CA LYS B 719 -41.70 -19.19 11.14
C LYS B 719 -40.61 -18.27 11.63
N ARG B 720 -39.56 -18.06 10.85
CA ARG B 720 -38.43 -17.27 11.30
C ARG B 720 -38.31 -16.00 10.47
N ILE B 721 -37.78 -14.96 11.08
CA ILE B 721 -37.66 -13.64 10.47
C ILE B 721 -36.18 -13.31 10.48
N ASP B 722 -35.47 -13.66 9.41
CA ASP B 722 -34.03 -13.49 9.33
C ASP B 722 -33.64 -12.44 8.31
N THR B 723 -32.37 -12.04 8.41
CA THR B 723 -31.86 -10.86 7.72
C THR B 723 -31.85 -11.05 6.21
N LEU B 724 -31.51 -12.25 5.75
CA LEU B 724 -31.50 -12.58 4.32
C LEU B 724 -31.57 -14.08 4.19
N LEU B 725 -32.61 -14.57 3.55
CA LEU B 725 -32.97 -15.98 3.59
C LEU B 725 -33.36 -16.40 2.18
N TYR B 726 -32.47 -17.09 1.50
CA TYR B 726 -32.71 -17.56 0.14
C TYR B 726 -33.23 -18.98 0.19
N LEU B 727 -34.44 -19.20 -0.33
CA LEU B 727 -35.08 -20.51 -0.31
C LEU B 727 -35.32 -20.99 -1.73
N MET B 728 -35.60 -22.27 -1.90
CA MET B 728 -35.94 -22.85 -3.20
C MET B 728 -37.34 -23.42 -3.13
N THR B 729 -38.08 -23.31 -4.23
CA THR B 729 -39.48 -23.71 -4.24
C THR B 729 -39.63 -25.22 -4.26
N TYR B 730 -38.96 -25.91 -5.18
CA TYR B 730 -39.06 -27.37 -5.29
C TYR B 730 -37.68 -28.01 -5.23
N PRO B 731 -37.11 -28.15 -4.04
CA PRO B 731 -35.80 -28.80 -3.96
C PRO B 731 -35.94 -30.31 -4.04
N GLN B 732 -34.97 -30.93 -4.69
CA GLN B 732 -34.96 -32.36 -4.89
C GLN B 732 -33.73 -32.95 -4.22
N GLN B 733 -33.86 -34.17 -3.75
CA GLN B 733 -32.70 -34.84 -3.23
C GLN B 733 -31.87 -35.40 -4.39
N PRO B 734 -30.55 -35.54 -4.20
CA PRO B 734 -29.71 -35.98 -5.31
C PRO B 734 -30.03 -37.40 -5.73
N MET B 735 -29.96 -37.64 -7.04
CA MET B 735 -30.12 -39.00 -7.53
C MET B 735 -28.94 -39.86 -7.12
N VAL B 736 -27.74 -39.33 -7.29
CA VAL B 736 -26.52 -39.95 -6.80
C VAL B 736 -26.21 -39.32 -5.47
N LYS B 737 -26.31 -40.10 -4.41
CA LYS B 737 -26.07 -39.59 -3.09
C LYS B 737 -24.84 -40.28 -2.51
N THR B 738 -24.63 -40.06 -1.23
CA THR B 738 -23.41 -40.46 -0.55
C THR B 738 -23.84 -40.97 0.81
N LYS B 739 -23.06 -41.88 1.40
CA LYS B 739 -23.30 -42.27 2.79
C LYS B 739 -23.17 -41.08 3.72
N THR B 740 -22.25 -40.17 3.40
CA THR B 740 -21.96 -39.02 4.24
C THR B 740 -23.11 -38.02 4.30
N ILE B 741 -24.00 -38.02 3.30
CA ILE B 741 -25.16 -37.13 3.34
C ILE B 741 -26.41 -37.84 3.82
N GLU B 742 -26.40 -39.16 3.87
CA GLU B 742 -27.38 -39.87 4.69
C GLU B 742 -27.17 -39.55 6.15
N LEU B 743 -25.91 -39.56 6.59
CA LEU B 743 -25.59 -39.41 8.01
C LEU B 743 -25.93 -38.03 8.54
N ILE B 744 -25.71 -36.99 7.75
CA ILE B 744 -25.90 -35.63 8.23
C ILE B 744 -27.30 -35.13 7.90
N ASP B 745 -28.15 -36.04 7.42
CA ASP B 745 -29.55 -35.78 7.06
C ASP B 745 -29.69 -34.69 6.01
N TYR B 746 -28.84 -34.72 4.99
CA TYR B 746 -28.89 -33.73 3.94
C TYR B 746 -30.03 -33.97 2.98
N ASP B 747 -30.43 -35.21 2.79
CA ASP B 747 -31.48 -35.49 1.83
C ASP B 747 -32.88 -35.26 2.38
N LYS B 748 -33.01 -34.72 3.59
CA LYS B 748 -34.28 -34.23 4.09
C LYS B 748 -34.39 -32.72 4.05
N LEU B 749 -33.28 -32.00 3.87
CA LEU B 749 -33.31 -30.57 3.57
C LEU B 749 -32.31 -30.29 2.46
N PRO B 750 -32.59 -30.74 1.25
CA PRO B 750 -31.59 -30.64 0.17
C PRO B 750 -31.57 -29.26 -0.45
N ALA B 751 -30.52 -29.00 -1.21
CA ALA B 751 -30.37 -27.71 -1.88
C ALA B 751 -29.94 -27.92 -3.32
N GLY B 752 -30.92 -28.11 -4.20
CA GLY B 752 -30.62 -28.29 -5.61
C GLY B 752 -31.74 -29.07 -6.27
N GLN B 753 -31.62 -29.21 -7.57
CA GLN B 753 -32.59 -29.96 -8.36
C GLN B 753 -31.84 -30.80 -9.37
N ASN B 754 -32.43 -31.91 -9.76
CA ASN B 754 -31.85 -32.78 -10.77
C ASN B 754 -32.19 -32.22 -12.13
N ALA B 755 -31.20 -31.72 -12.83
CA ALA B 755 -31.44 -31.22 -14.16
C ALA B 755 -31.15 -32.33 -15.15
N THR B 756 -31.88 -32.34 -16.25
CA THR B 756 -31.54 -33.20 -17.36
C THR B 756 -30.47 -32.49 -18.17
N VAL B 757 -29.28 -33.06 -18.23
CA VAL B 757 -28.12 -32.34 -18.75
C VAL B 757 -27.61 -33.05 -19.98
N ALA B 758 -27.62 -32.35 -21.10
CA ALA B 758 -26.97 -32.82 -22.32
C ALA B 758 -25.60 -32.16 -22.39
N VAL B 759 -24.55 -32.95 -22.25
CA VAL B 759 -23.20 -32.43 -22.32
C VAL B 759 -22.87 -32.27 -23.80
N MET B 760 -23.00 -31.07 -24.32
CA MET B 760 -22.75 -30.80 -25.71
C MET B 760 -22.49 -29.32 -25.88
N SER B 761 -21.93 -28.97 -27.02
CA SER B 761 -21.66 -27.59 -27.35
C SER B 761 -22.77 -27.08 -28.26
N TYR B 762 -23.35 -25.96 -27.88
CA TYR B 762 -24.63 -25.52 -28.39
C TYR B 762 -24.73 -24.01 -28.26
N SER B 763 -25.12 -23.35 -29.35
CA SER B 763 -25.50 -21.94 -29.49
C SER B 763 -24.35 -20.95 -29.42
N GLY B 764 -23.16 -21.39 -29.02
CA GLY B 764 -22.06 -20.46 -28.82
C GLY B 764 -22.24 -19.49 -27.67
N TYR B 765 -23.23 -19.69 -26.81
CA TYR B 765 -23.44 -18.91 -25.61
C TYR B 765 -23.06 -19.68 -24.36
N ASP B 766 -22.28 -20.75 -24.51
CA ASP B 766 -21.85 -21.56 -23.40
C ASP B 766 -20.36 -21.78 -23.46
N ILE B 767 -19.61 -20.75 -23.84
CA ILE B 767 -18.24 -20.96 -24.27
C ILE B 767 -17.31 -21.23 -23.10
N GLU B 768 -17.15 -20.27 -22.19
CA GLU B 768 -16.24 -20.44 -21.06
C GLU B 768 -17.07 -20.36 -19.81
N ASP B 769 -17.62 -21.50 -19.40
CA ASP B 769 -18.37 -21.80 -18.18
C ASP B 769 -19.80 -21.29 -18.20
N ALA B 770 -20.24 -20.62 -19.26
CA ALA B 770 -21.67 -20.35 -19.35
C ALA B 770 -22.41 -21.63 -19.66
N LEU B 771 -23.67 -21.67 -19.29
CA LEU B 771 -24.47 -22.85 -19.52
C LEU B 771 -25.79 -22.47 -20.16
N VAL B 772 -26.23 -23.30 -21.07
CA VAL B 772 -27.43 -23.07 -21.85
C VAL B 772 -28.61 -23.59 -21.07
N LEU B 773 -29.68 -22.82 -21.02
CA LEU B 773 -30.78 -23.14 -20.14
C LEU B 773 -32.06 -23.25 -20.95
N ASN B 774 -33.03 -23.98 -20.40
CA ASN B 774 -34.31 -24.23 -21.05
C ASN B 774 -35.32 -23.21 -20.56
N LYS B 775 -36.13 -22.67 -21.47
CA LYS B 775 -37.16 -21.73 -21.08
C LYS B 775 -38.37 -22.42 -20.47
N SER B 776 -38.73 -23.58 -20.99
CA SER B 776 -39.91 -24.26 -20.49
C SER B 776 -39.63 -24.98 -19.20
N SER B 777 -38.36 -25.19 -18.86
CA SER B 777 -38.04 -25.68 -17.53
C SER B 777 -38.24 -24.59 -16.50
N ILE B 778 -37.78 -23.38 -16.80
CA ILE B 778 -37.92 -22.26 -15.87
C ILE B 778 -39.38 -21.91 -15.67
N ASP B 779 -40.20 -22.10 -16.69
CA ASP B 779 -41.63 -21.81 -16.57
C ASP B 779 -42.34 -22.79 -15.67
N ARG B 780 -41.79 -23.98 -15.49
CA ARG B 780 -42.38 -25.00 -14.65
C ARG B 780 -41.78 -25.04 -13.26
N GLY B 781 -40.68 -24.35 -13.03
CA GLY B 781 -40.20 -24.18 -11.68
C GLY B 781 -38.81 -24.73 -11.49
N PHE B 782 -38.12 -25.00 -12.58
CA PHE B 782 -36.73 -25.39 -12.48
C PHE B 782 -35.88 -24.22 -12.03
N GLY B 783 -35.17 -24.41 -10.91
CA GLY B 783 -34.26 -23.41 -10.42
C GLY B 783 -34.89 -22.15 -9.89
N ARG B 784 -36.18 -22.17 -9.57
CA ARG B 784 -36.86 -20.97 -9.11
C ARG B 784 -36.76 -20.83 -7.61
N CYS B 785 -36.29 -19.68 -7.17
CA CYS B 785 -35.94 -19.46 -5.78
C CYS B 785 -36.81 -18.35 -5.19
N GLU B 786 -36.46 -17.90 -3.99
CA GLU B 786 -37.25 -16.94 -3.23
C GLU B 786 -36.37 -16.31 -2.17
N THR B 787 -36.45 -14.99 -2.05
CA THR B 787 -35.65 -14.22 -1.12
C THR B 787 -36.55 -13.68 -0.01
N ARG B 788 -36.04 -13.65 1.22
CA ARG B 788 -36.76 -13.11 2.36
C ARG B 788 -35.84 -12.17 3.11
N ARG B 789 -36.34 -10.99 3.49
CA ARG B 789 -35.51 -9.99 4.16
C ARG B 789 -36.28 -9.36 5.31
N LYS B 790 -35.59 -9.22 6.44
CA LYS B 790 -36.14 -8.64 7.66
C LYS B 790 -35.84 -7.15 7.72
N THR B 791 -36.72 -6.40 8.39
CA THR B 791 -36.52 -4.98 8.60
C THR B 791 -37.03 -4.62 9.98
N THR B 792 -36.12 -4.25 10.89
CA THR B 792 -36.45 -3.95 12.28
C THR B 792 -36.42 -2.46 12.52
N THR B 793 -37.51 -1.92 13.06
CA THR B 793 -37.49 -0.62 13.70
C THR B 793 -37.86 -0.78 15.16
N VAL B 794 -37.24 0.02 16.01
CA VAL B 794 -37.53 0.05 17.43
C VAL B 794 -38.13 1.41 17.74
N LEU B 795 -39.39 1.41 18.17
CA LEU B 795 -40.07 2.64 18.56
C LEU B 795 -39.59 3.03 19.94
N LYS B 796 -38.42 3.67 19.99
CA LYS B 796 -37.80 3.96 21.26
C LYS B 796 -38.49 5.11 21.96
N ARG B 797 -38.69 4.97 23.25
CA ARG B 797 -39.15 6.07 24.07
C ARG B 797 -37.93 6.80 24.63
N TYR B 798 -38.12 8.08 24.90
CA TYR B 798 -37.00 8.96 25.21
C TYR B 798 -37.06 9.41 26.66
N ALA B 799 -35.98 10.08 27.06
CA ALA B 799 -35.88 10.63 28.41
C ALA B 799 -36.78 11.83 28.62
N ASN B 800 -37.28 12.43 27.54
CA ASN B 800 -38.21 13.55 27.59
C ASN B 800 -39.64 13.11 27.81
N HIS B 801 -39.86 11.82 28.11
CA HIS B 801 -41.18 11.19 28.26
C HIS B 801 -42.02 11.31 27.00
N THR B 802 -41.36 11.40 25.86
CA THR B 802 -42.00 11.39 24.56
C THR B 802 -41.47 10.20 23.77
N GLN B 803 -42.33 9.61 22.97
CA GLN B 803 -42.11 8.30 22.41
C GLN B 803 -42.23 8.37 20.89
N ASP B 804 -41.49 7.51 20.20
CA ASP B 804 -41.72 7.33 18.78
C ASP B 804 -43.10 6.75 18.55
N ILE B 805 -43.74 7.20 17.48
CA ILE B 805 -45.11 6.79 17.21
C ILE B 805 -45.17 6.26 15.79
N ILE B 806 -46.04 5.29 15.58
CA ILE B 806 -46.37 4.85 14.23
C ILE B 806 -47.49 5.73 13.70
N GLY B 807 -47.35 6.20 12.49
CA GLY B 807 -48.28 7.14 11.91
C GLY B 807 -49.57 6.50 11.47
N GLY B 808 -50.23 7.14 10.50
CA GLY B 808 -51.50 6.67 10.01
C GLY B 808 -51.52 6.68 8.49
N MET B 809 -52.55 6.05 7.94
CA MET B 809 -52.82 6.11 6.52
C MET B 809 -53.14 7.56 6.13
N ARG B 810 -52.53 8.03 5.05
CA ARG B 810 -52.74 9.40 4.58
C ARG B 810 -53.55 9.33 3.30
N VAL B 811 -54.84 9.64 3.40
CA VAL B 811 -55.73 9.61 2.25
C VAL B 811 -55.71 10.95 1.54
N ASP B 812 -56.24 10.99 0.31
CA ASP B 812 -56.40 12.24 -0.41
C ASP B 812 -57.71 12.23 -1.20
N GLU B 813 -58.44 13.35 -1.11
CA GLU B 813 -59.58 13.75 -1.95
C GLU B 813 -60.85 12.91 -1.72
N ASN B 814 -60.69 11.75 -1.07
CA ASN B 814 -61.71 10.83 -0.59
C ASN B 814 -60.99 9.73 0.16
N GLY B 815 -61.71 8.68 0.56
CA GLY B 815 -61.08 7.59 1.29
C GLY B 815 -60.25 6.61 0.48
N ASP B 816 -59.25 7.10 -0.25
CA ASP B 816 -58.24 6.22 -0.81
C ASP B 816 -56.86 6.77 -0.49
N PRO B 817 -55.87 5.90 -0.29
CA PRO B 817 -54.55 6.38 0.10
C PRO B 817 -53.83 7.05 -1.06
N ILE B 818 -52.75 7.74 -0.72
CA ILE B 818 -51.82 8.27 -1.70
C ILE B 818 -50.88 7.15 -2.09
N TRP B 819 -50.00 7.41 -3.08
CA TRP B 819 -49.13 6.37 -3.63
C TRP B 819 -48.25 5.72 -2.56
N GLN B 820 -47.63 6.52 -1.70
CA GLN B 820 -46.73 5.94 -0.71
C GLN B 820 -47.45 5.22 0.41
N HIS B 821 -48.77 5.31 0.50
CA HIS B 821 -49.51 4.62 1.55
C HIS B 821 -50.47 3.60 0.98
N GLN B 822 -50.28 3.17 -0.28
CA GLN B 822 -51.16 2.18 -0.90
C GLN B 822 -51.04 0.84 -0.20
N SER B 823 -49.83 0.48 0.21
CA SER B 823 -49.54 -0.79 0.88
C SER B 823 -49.38 -0.62 2.37
N LEU B 824 -50.18 0.25 3.00
CA LEU B 824 -49.91 0.64 4.37
C LEU B 824 -50.92 0.09 5.36
N GLY B 825 -52.21 0.24 5.13
CA GLY B 825 -53.16 -0.20 6.12
C GLY B 825 -53.37 0.84 7.20
N PRO B 826 -54.36 0.61 8.07
CA PRO B 826 -54.80 1.69 8.96
C PRO B 826 -53.86 2.00 10.11
N ASP B 827 -53.07 1.04 10.59
CA ASP B 827 -52.24 1.26 11.75
C ASP B 827 -50.80 1.60 11.40
N GLY B 828 -50.53 2.02 10.18
CA GLY B 828 -49.21 2.47 9.81
C GLY B 828 -48.20 1.39 9.53
N LEU B 829 -48.51 0.13 9.81
CA LEU B 829 -47.65 -0.99 9.50
C LEU B 829 -48.27 -1.74 8.33
N GLY B 830 -47.46 -2.06 7.33
CA GLY B 830 -47.98 -2.49 6.04
C GLY B 830 -48.75 -3.80 6.12
N GLU B 831 -49.68 -3.96 5.19
CA GLU B 831 -50.59 -5.09 5.23
C GLU B 831 -49.92 -6.33 4.68
N VAL B 832 -50.21 -7.46 5.31
CA VAL B 832 -49.57 -8.73 4.94
C VAL B 832 -50.20 -9.25 3.66
N GLY B 833 -49.37 -9.49 2.65
CA GLY B 833 -49.84 -9.92 1.36
C GLY B 833 -49.83 -8.84 0.30
N MET B 834 -49.61 -7.58 0.69
CA MET B 834 -49.63 -6.48 -0.26
C MET B 834 -48.28 -6.29 -0.91
N LYS B 835 -48.30 -5.75 -2.12
CA LYS B 835 -47.10 -5.58 -2.93
C LYS B 835 -46.48 -4.22 -2.68
N VAL B 836 -45.24 -4.20 -2.24
CA VAL B 836 -44.51 -2.96 -2.04
C VAL B 836 -43.55 -2.80 -3.21
N GLN B 837 -43.41 -1.59 -3.73
CA GLN B 837 -42.54 -1.36 -4.86
C GLN B 837 -41.88 0.01 -4.79
N SER B 838 -40.55 -0.01 -4.70
CA SER B 838 -39.57 1.03 -4.99
C SER B 838 -39.99 2.45 -4.62
N GLY B 839 -40.34 2.68 -3.37
CA GLY B 839 -40.71 4.02 -2.98
C GLY B 839 -41.86 4.08 -2.01
N GLN B 840 -42.60 2.99 -1.85
CA GLN B 840 -43.72 3.03 -0.95
C GLN B 840 -43.25 2.88 0.49
N ILE B 841 -44.18 3.08 1.41
CA ILE B 841 -43.90 3.05 2.84
C ILE B 841 -44.61 1.85 3.42
N TYR B 842 -43.91 1.07 4.23
CA TYR B 842 -44.51 -0.08 4.90
C TYR B 842 -44.39 -0.06 6.40
N ILE B 843 -43.52 0.77 6.98
CA ILE B 843 -43.60 1.17 8.37
C ILE B 843 -43.59 2.69 8.40
N ASN B 844 -44.65 3.29 8.90
CA ASN B 844 -44.77 4.75 8.94
C ASN B 844 -44.51 5.22 10.37
N LYS B 845 -43.24 5.33 10.73
CA LYS B 845 -42.91 5.76 12.08
C LYS B 845 -42.57 7.25 12.08
N SER B 846 -42.68 7.85 13.25
CA SER B 846 -42.50 9.28 13.42
C SER B 846 -41.74 9.51 14.71
N VAL B 847 -40.69 10.32 14.66
CA VAL B 847 -39.93 10.64 15.85
C VAL B 847 -40.39 12.00 16.37
N PRO B 848 -40.36 12.24 17.68
CA PRO B 848 -40.58 13.58 18.22
C PRO B 848 -39.28 14.34 18.37
N THR B 864 -46.38 18.70 20.95
CA THR B 864 -45.47 17.63 20.58
C THR B 864 -45.44 17.44 19.06
N GLN B 865 -44.39 17.97 18.44
CA GLN B 865 -44.21 17.76 17.02
C GLN B 865 -43.75 16.34 16.74
N TYR B 866 -44.08 15.85 15.55
CA TYR B 866 -43.61 14.55 15.10
C TYR B 866 -42.91 14.71 13.76
N ARG B 867 -41.63 14.40 13.73
CA ARG B 867 -40.84 14.48 12.50
C ARG B 867 -40.98 13.15 11.79
N GLU B 868 -41.61 13.17 10.62
CA GLU B 868 -41.93 11.94 9.90
C GLU B 868 -40.66 11.30 9.35
N ALA B 869 -40.34 10.10 9.83
CA ALA B 869 -39.19 9.34 9.34
C ALA B 869 -39.58 7.91 9.03
N PRO B 870 -40.40 7.68 8.00
CA PRO B 870 -40.87 6.33 7.73
C PRO B 870 -39.78 5.54 7.03
N VAL B 871 -40.01 4.24 6.93
CA VAL B 871 -39.09 3.43 6.15
C VAL B 871 -39.63 3.35 4.74
N ILE B 872 -38.74 3.32 3.76
CA ILE B 872 -39.12 3.36 2.37
C ILE B 872 -38.45 2.19 1.69
N TYR B 873 -39.24 1.31 1.08
CA TYR B 873 -38.69 0.21 0.32
C TYR B 873 -38.00 0.75 -0.92
N ARG B 874 -36.69 0.69 -0.92
CA ARG B 874 -35.89 1.11 -2.07
C ARG B 874 -35.23 -0.15 -2.60
N GLY B 875 -35.97 -0.86 -3.44
CA GLY B 875 -35.41 -1.99 -4.14
C GLY B 875 -35.69 -1.83 -5.62
N PRO B 876 -34.87 -2.46 -6.45
CA PRO B 876 -35.10 -2.35 -7.91
C PRO B 876 -36.29 -3.15 -8.40
N GLU B 877 -36.80 -4.08 -7.61
CA GLU B 877 -37.93 -4.92 -7.97
C GLU B 877 -38.92 -4.93 -6.81
N PRO B 878 -40.20 -5.14 -7.08
CA PRO B 878 -41.18 -5.19 -5.99
C PRO B 878 -41.08 -6.47 -5.16
N SER B 879 -41.85 -6.49 -4.08
CA SER B 879 -41.73 -7.54 -3.08
C SER B 879 -42.94 -7.48 -2.16
N HIS B 880 -43.50 -8.64 -1.86
CA HIS B 880 -44.73 -8.76 -1.10
C HIS B 880 -44.44 -8.90 0.39
N ILE B 881 -45.18 -8.16 1.20
CA ILE B 881 -45.12 -8.31 2.65
C ILE B 881 -45.72 -9.66 3.01
N ASP B 882 -44.96 -10.49 3.71
CA ASP B 882 -45.46 -11.78 4.13
C ASP B 882 -45.62 -11.95 5.62
N GLN B 883 -44.97 -11.12 6.42
CA GLN B 883 -44.99 -11.34 7.87
C GLN B 883 -44.67 -10.02 8.55
N VAL B 884 -45.60 -9.53 9.36
CA VAL B 884 -45.42 -8.33 10.16
C VAL B 884 -45.57 -8.75 11.60
N MET B 885 -44.55 -8.49 12.41
CA MET B 885 -44.47 -9.02 13.76
C MET B 885 -44.34 -7.86 14.74
N MET B 886 -45.32 -7.73 15.61
CA MET B 886 -45.43 -6.64 16.57
C MET B 886 -45.13 -7.21 17.95
N SER B 887 -43.99 -6.86 18.52
CA SER B 887 -43.59 -7.35 19.82
C SER B 887 -42.84 -6.27 20.58
N VAL B 888 -42.42 -6.61 21.79
CA VAL B 888 -41.74 -5.71 22.70
C VAL B 888 -40.52 -6.42 23.26
N SER B 889 -39.36 -5.76 23.20
CA SER B 889 -38.12 -6.37 23.66
C SER B 889 -38.01 -6.37 25.18
N ASP B 890 -36.81 -6.62 25.70
CA ASP B 890 -36.68 -6.81 27.14
C ASP B 890 -36.87 -5.52 27.93
N ASN B 891 -36.40 -4.39 27.39
CA ASN B 891 -36.44 -3.14 28.12
C ASN B 891 -37.74 -2.37 27.95
N ASP B 892 -38.81 -3.06 27.56
CA ASP B 892 -40.18 -2.53 27.47
C ASP B 892 -40.26 -1.36 26.49
N GLN B 893 -39.89 -1.64 25.25
CA GLN B 893 -40.12 -0.72 24.15
C GLN B 893 -40.47 -1.55 22.92
N ALA B 894 -41.20 -0.93 22.00
CA ALA B 894 -41.77 -1.66 20.88
C ALA B 894 -40.69 -2.11 19.90
N LEU B 895 -40.96 -3.23 19.24
CA LEU B 895 -40.06 -3.81 18.25
C LEU B 895 -40.90 -4.36 17.11
N ILE B 896 -40.85 -3.71 15.97
CA ILE B 896 -41.53 -4.17 14.77
C ILE B 896 -40.49 -4.82 13.88
N LYS B 897 -40.72 -6.07 13.51
CA LYS B 897 -39.97 -6.71 12.45
C LYS B 897 -40.94 -6.98 11.33
N VAL B 898 -40.63 -6.48 10.14
CA VAL B 898 -41.39 -6.76 8.94
C VAL B 898 -40.51 -7.60 8.05
N LEU B 899 -41.02 -8.75 7.64
CA LEU B 899 -40.34 -9.60 6.68
C LEU B 899 -40.89 -9.28 5.30
N LEU B 900 -40.02 -9.26 4.29
CA LEU B 900 -40.45 -9.00 2.92
C LEU B 900 -40.03 -10.14 2.02
N ARG B 901 -40.98 -10.64 1.25
CA ARG B 901 -40.81 -11.81 0.39
C ARG B 901 -40.62 -11.37 -1.04
N GLN B 902 -39.77 -12.05 -1.79
CA GLN B 902 -39.64 -11.79 -3.21
C GLN B 902 -39.39 -13.08 -3.96
N ASN B 903 -40.21 -13.36 -4.96
CA ASN B 903 -40.01 -14.50 -5.85
C ASN B 903 -39.13 -14.06 -7.01
N ARG B 904 -38.24 -14.95 -7.43
CA ARG B 904 -37.38 -14.64 -8.57
C ARG B 904 -37.00 -15.92 -9.30
N ARG B 905 -36.94 -15.83 -10.62
CA ARG B 905 -36.64 -16.95 -11.50
C ARG B 905 -35.29 -16.74 -12.19
N PRO B 906 -34.66 -17.82 -12.70
CA PRO B 906 -33.40 -17.68 -13.45
C PRO B 906 -33.40 -16.73 -14.64
N GLU B 907 -32.60 -15.70 -14.47
CA GLU B 907 -32.32 -14.70 -15.47
C GLU B 907 -31.01 -15.08 -16.14
N LEU B 908 -30.68 -14.40 -17.25
CA LEU B 908 -29.31 -14.43 -17.72
C LEU B 908 -28.36 -13.84 -16.69
N GLY B 909 -27.50 -14.67 -16.10
CA GLY B 909 -26.50 -14.19 -15.18
C GLY B 909 -26.56 -14.77 -13.79
N ASP B 910 -27.51 -15.63 -13.46
CA ASP B 910 -27.47 -16.33 -12.19
C ASP B 910 -26.46 -17.47 -12.23
N LYS B 911 -25.87 -17.78 -11.08
CA LYS B 911 -24.89 -18.85 -10.99
C LYS B 911 -25.54 -20.17 -10.63
N PHE B 912 -25.34 -21.16 -11.48
CA PHE B 912 -25.65 -22.54 -11.14
C PHE B 912 -24.32 -23.27 -10.95
N SER B 913 -24.39 -24.41 -10.29
CA SER B 913 -23.23 -25.29 -10.25
C SER B 913 -23.67 -26.72 -10.10
N SER B 914 -22.85 -27.61 -10.61
CA SER B 914 -22.91 -29.01 -10.24
C SER B 914 -22.18 -29.20 -8.92
N ARG B 915 -22.07 -30.44 -8.47
CA ARG B 915 -21.33 -30.69 -7.23
C ARG B 915 -19.90 -31.10 -7.51
N HIS B 916 -19.29 -30.52 -8.53
CA HIS B 916 -17.94 -30.88 -8.92
C HIS B 916 -17.07 -29.66 -9.14
N GLY B 917 -17.39 -28.56 -8.46
CA GLY B 917 -16.60 -27.35 -8.55
C GLY B 917 -16.74 -26.57 -9.83
N GLN B 918 -17.60 -27.00 -10.75
CA GLN B 918 -17.80 -26.32 -12.02
C GLN B 918 -18.92 -25.31 -11.87
N LYS B 919 -18.56 -24.16 -11.33
CA LYS B 919 -19.43 -22.99 -11.31
C LYS B 919 -19.72 -22.54 -12.73
N GLY B 920 -20.90 -22.00 -12.91
CA GLY B 920 -21.24 -21.50 -14.22
C GLY B 920 -22.34 -20.47 -14.16
N VAL B 921 -22.44 -19.68 -15.20
CA VAL B 921 -23.44 -18.64 -15.23
C VAL B 921 -24.42 -18.98 -16.33
N CYS B 922 -25.62 -18.42 -16.25
CA CYS B 922 -26.62 -18.65 -17.28
C CYS B 922 -26.34 -17.71 -18.45
N GLY B 923 -26.09 -18.27 -19.62
CA GLY B 923 -25.71 -17.48 -20.76
C GLY B 923 -26.83 -17.17 -21.72
N ILE B 924 -27.81 -18.07 -21.84
CA ILE B 924 -28.93 -17.88 -22.75
C ILE B 924 -30.05 -18.78 -22.25
N ILE B 925 -31.29 -18.39 -22.53
CA ILE B 925 -32.48 -19.17 -22.22
C ILE B 925 -33.19 -19.48 -23.52
N VAL B 926 -33.44 -20.77 -23.78
CA VAL B 926 -33.73 -21.29 -25.11
C VAL B 926 -35.12 -21.93 -25.10
N LYS B 927 -35.85 -21.80 -26.20
CA LYS B 927 -37.31 -21.81 -26.26
C LYS B 927 -37.99 -23.17 -26.11
N GLN B 928 -37.25 -24.28 -26.03
CA GLN B 928 -37.64 -25.69 -25.83
C GLN B 928 -38.17 -26.36 -27.08
N GLU B 929 -38.51 -25.65 -28.14
CA GLU B 929 -38.57 -26.32 -29.41
C GLU B 929 -37.26 -26.18 -30.16
N ASP B 930 -36.33 -25.46 -29.56
CA ASP B 930 -34.98 -25.31 -30.06
C ASP B 930 -33.99 -26.19 -29.34
N MET B 931 -34.39 -26.91 -28.41
CA MET B 931 -33.49 -27.79 -27.70
C MET B 931 -33.42 -29.13 -28.41
N PRO B 932 -32.33 -29.87 -28.28
CA PRO B 932 -32.27 -31.20 -28.87
C PRO B 932 -33.08 -32.21 -28.07
N PHE B 933 -33.50 -33.26 -28.76
CA PHE B 933 -34.49 -34.18 -28.21
C PHE B 933 -34.16 -35.59 -28.64
N ASN B 934 -34.49 -36.55 -27.79
CA ASN B 934 -34.24 -37.95 -28.11
C ASN B 934 -35.47 -38.58 -28.76
N ASP B 935 -35.46 -39.90 -28.84
CA ASP B 935 -36.56 -40.64 -29.44
C ASP B 935 -37.81 -40.59 -28.56
N GLN B 936 -37.62 -40.60 -27.25
CA GLN B 936 -38.72 -40.45 -26.32
C GLN B 936 -39.24 -39.02 -26.24
N GLY B 937 -38.43 -38.04 -26.63
CA GLY B 937 -38.82 -36.66 -26.64
C GLY B 937 -38.28 -35.82 -25.52
N ILE B 938 -37.33 -36.32 -24.76
CA ILE B 938 -36.81 -35.60 -23.60
C ILE B 938 -35.88 -34.52 -24.10
N VAL B 939 -36.00 -33.32 -23.55
CA VAL B 939 -35.08 -32.23 -23.90
C VAL B 939 -34.30 -31.89 -22.64
N PRO B 940 -33.07 -31.39 -22.76
CA PRO B 940 -32.31 -31.03 -21.57
C PRO B 940 -32.88 -29.81 -20.86
N ASP B 941 -32.64 -29.76 -19.55
CA ASP B 941 -32.86 -28.54 -18.79
C ASP B 941 -31.63 -27.65 -18.81
N ILE B 942 -30.45 -28.25 -18.86
CA ILE B 942 -29.19 -27.55 -18.96
C ILE B 942 -28.40 -28.20 -20.09
N ILE B 943 -27.72 -27.42 -20.88
CA ILE B 943 -26.69 -27.92 -21.79
C ILE B 943 -25.35 -27.43 -21.27
N MET B 944 -24.39 -28.34 -21.15
CA MET B 944 -23.10 -28.04 -20.56
C MET B 944 -22.00 -28.30 -21.59
N ASN B 945 -21.01 -27.42 -21.64
CA ASN B 945 -19.99 -27.47 -22.68
C ASN B 945 -19.02 -28.63 -22.43
N PRO B 946 -18.61 -29.37 -23.46
CA PRO B 946 -17.57 -30.40 -23.28
C PRO B 946 -16.19 -29.87 -22.99
N HIS B 947 -15.99 -28.57 -22.93
CA HIS B 947 -14.69 -27.97 -22.72
C HIS B 947 -14.41 -27.70 -21.26
N GLY B 948 -15.37 -27.93 -20.39
CA GLY B 948 -15.09 -27.83 -18.98
C GLY B 948 -14.62 -29.10 -18.34
N PHE B 949 -14.63 -30.19 -19.08
CA PHE B 949 -14.09 -31.46 -18.61
C PHE B 949 -12.58 -31.70 -18.79
N PRO B 950 -11.93 -31.44 -19.94
CA PRO B 950 -10.54 -31.92 -20.07
C PRO B 950 -9.52 -31.17 -19.26
N SER B 951 -9.65 -29.86 -19.13
CA SER B 951 -8.71 -29.10 -18.31
C SER B 951 -8.96 -29.30 -16.84
N ARG B 952 -10.20 -29.58 -16.44
CA ARG B 952 -10.55 -29.68 -15.04
C ARG B 952 -10.56 -31.11 -14.52
N MET B 953 -10.68 -32.09 -15.41
CA MET B 953 -10.53 -33.51 -15.12
C MET B 953 -11.51 -33.99 -14.06
N THR B 954 -12.77 -33.62 -14.23
CA THR B 954 -13.83 -34.09 -13.36
C THR B 954 -14.48 -35.31 -14.01
N VAL B 955 -13.83 -36.45 -13.79
CA VAL B 955 -14.35 -37.72 -14.26
C VAL B 955 -15.44 -38.23 -13.34
N GLY B 956 -15.50 -37.74 -12.11
CA GLY B 956 -16.57 -38.14 -11.22
C GLY B 956 -17.89 -37.49 -11.49
N LYS B 957 -17.94 -36.57 -12.44
CA LYS B 957 -19.18 -35.99 -12.94
C LYS B 957 -19.72 -36.82 -14.10
N MET B 958 -18.80 -37.44 -14.84
CA MET B 958 -19.14 -38.39 -15.89
C MET B 958 -19.64 -39.70 -15.32
N ILE B 959 -19.45 -39.95 -14.03
CA ILE B 959 -20.00 -41.14 -13.40
C ILE B 959 -21.26 -40.79 -12.61
N GLU B 960 -21.42 -39.53 -12.21
CA GLU B 960 -22.66 -39.09 -11.58
C GLU B 960 -23.82 -39.15 -12.57
N LEU B 961 -23.52 -38.93 -13.86
CA LEU B 961 -24.59 -38.91 -14.85
C LEU B 961 -25.08 -40.30 -15.16
N ILE B 962 -24.18 -41.27 -15.26
CA ILE B 962 -24.59 -42.65 -15.55
C ILE B 962 -25.26 -43.28 -14.35
N SER B 963 -24.66 -43.12 -13.17
CA SER B 963 -25.29 -43.61 -11.95
C SER B 963 -26.60 -42.91 -11.67
N GLY B 964 -26.68 -41.64 -12.03
CA GLY B 964 -27.95 -40.94 -11.97
C GLY B 964 -28.94 -41.46 -12.99
N LYS B 965 -28.46 -41.83 -14.17
CA LYS B 965 -29.36 -42.27 -15.22
C LYS B 965 -29.80 -43.71 -15.00
N ALA B 966 -28.86 -44.57 -14.66
CA ALA B 966 -29.21 -45.97 -14.41
C ALA B 966 -30.04 -46.12 -13.15
N GLY B 967 -29.86 -45.24 -12.18
CA GLY B 967 -30.65 -45.33 -10.98
C GLY B 967 -32.09 -44.90 -11.18
N VAL B 968 -32.31 -43.88 -12.00
CA VAL B 968 -33.69 -43.40 -12.19
C VAL B 968 -34.44 -44.31 -13.14
N LEU B 969 -33.74 -45.03 -14.02
CA LEU B 969 -34.39 -46.03 -14.84
C LEU B 969 -34.69 -47.28 -14.05
N ASN B 970 -33.92 -47.53 -13.00
CA ASN B 970 -34.15 -48.69 -12.16
C ASN B 970 -35.16 -48.38 -11.06
N GLY B 971 -35.25 -47.13 -10.64
CA GLY B 971 -36.11 -46.75 -9.56
C GLY B 971 -35.43 -46.64 -8.21
N THR B 972 -34.11 -46.70 -8.18
CA THR B 972 -33.36 -46.69 -6.95
C THR B 972 -32.39 -45.53 -6.96
N LEU B 973 -32.19 -44.89 -5.82
CA LEU B 973 -31.11 -43.93 -5.71
C LEU B 973 -29.80 -44.67 -5.58
N GLU B 974 -28.77 -44.14 -6.23
CA GLU B 974 -27.47 -44.77 -6.22
C GLU B 974 -26.53 -44.02 -5.30
N TYR B 975 -25.31 -44.51 -5.21
CA TYR B 975 -24.33 -44.00 -4.27
C TYR B 975 -23.05 -43.64 -4.99
N GLY B 976 -22.49 -42.51 -4.63
CA GLY B 976 -21.25 -42.07 -5.21
C GLY B 976 -20.32 -41.70 -4.08
N THR B 977 -20.38 -42.47 -3.01
CA THR B 977 -19.57 -42.22 -1.83
C THR B 977 -18.09 -42.42 -2.14
N CYS B 978 -17.25 -41.81 -1.32
CA CYS B 978 -15.84 -41.78 -1.63
C CYS B 978 -15.22 -43.14 -1.36
N PHE B 979 -14.30 -43.52 -2.25
CA PHE B 979 -13.59 -44.79 -2.28
C PHE B 979 -14.54 -45.97 -2.43
N GLY B 980 -15.65 -45.77 -3.12
CA GLY B 980 -16.67 -46.78 -3.19
C GLY B 980 -17.83 -46.35 -4.05
N GLY B 981 -19.04 -46.56 -3.57
CA GLY B 981 -20.20 -46.19 -4.32
C GLY B 981 -20.60 -47.26 -5.31
N SER B 982 -21.54 -46.88 -6.17
CA SER B 982 -21.99 -47.77 -7.23
C SER B 982 -20.91 -47.88 -8.30
N LYS B 983 -20.94 -48.99 -9.01
CA LYS B 983 -19.88 -49.30 -9.96
C LYS B 983 -20.34 -49.02 -11.38
N LEU B 984 -19.40 -48.56 -12.20
CA LEU B 984 -19.72 -48.15 -13.55
C LEU B 984 -20.03 -49.36 -14.43
N GLU B 985 -19.50 -50.53 -14.07
CA GLU B 985 -19.72 -51.69 -14.92
C GLU B 985 -21.05 -52.38 -14.67
N ASP B 986 -21.77 -52.03 -13.59
CA ASP B 986 -23.13 -52.52 -13.45
C ASP B 986 -24.15 -51.38 -13.29
N MET B 987 -23.72 -50.12 -13.35
CA MET B 987 -24.64 -49.09 -13.79
C MET B 987 -24.85 -49.19 -15.29
N SER B 988 -23.82 -49.62 -16.02
CA SER B 988 -23.96 -49.88 -17.43
C SER B 988 -24.62 -51.20 -17.75
N LYS B 989 -25.03 -51.97 -16.74
CA LYS B 989 -25.82 -53.17 -16.91
C LYS B 989 -27.30 -52.85 -16.87
N ILE B 990 -27.68 -51.96 -15.96
CA ILE B 990 -29.05 -51.46 -15.89
C ILE B 990 -29.38 -50.66 -17.13
N LEU B 991 -28.37 -50.05 -17.71
CA LEU B 991 -28.60 -49.07 -18.74
C LEU B 991 -28.77 -49.73 -20.10
N VAL B 992 -28.22 -50.92 -20.28
CA VAL B 992 -28.49 -51.72 -21.47
C VAL B 992 -29.76 -52.55 -21.30
N ASP B 993 -30.07 -52.92 -20.05
CA ASP B 993 -31.33 -53.58 -19.67
C ASP B 993 -32.56 -52.85 -20.21
N GLN B 994 -32.55 -51.52 -20.17
CA GLN B 994 -33.68 -50.81 -20.74
C GLN B 994 -33.60 -50.80 -22.26
N GLY B 995 -32.45 -50.39 -22.78
CA GLY B 995 -32.34 -50.19 -24.21
C GLY B 995 -31.63 -48.89 -24.51
N PHE B 996 -31.09 -48.28 -23.46
CA PHE B 996 -30.17 -47.17 -23.58
C PHE B 996 -28.76 -47.67 -23.83
N ASN B 997 -27.88 -46.77 -24.23
CA ASN B 997 -26.49 -47.14 -24.44
C ASN B 997 -25.82 -47.31 -23.10
N TYR B 998 -24.76 -48.11 -23.07
CA TYR B 998 -24.06 -48.37 -21.81
C TYR B 998 -23.31 -47.14 -21.33
N SER B 999 -22.88 -46.29 -22.24
CA SER B 999 -21.99 -45.19 -21.92
C SER B 999 -22.72 -43.91 -21.64
N GLY B 1000 -24.05 -43.93 -21.65
CA GLY B 1000 -24.82 -42.74 -21.43
C GLY B 1000 -24.88 -41.78 -22.59
N LYS B 1001 -24.39 -42.18 -23.76
CA LYS B 1001 -24.41 -41.31 -24.92
C LYS B 1001 -25.58 -41.70 -25.80
N ASP B 1002 -26.49 -40.75 -26.02
CA ASP B 1002 -27.68 -40.97 -26.81
C ASP B 1002 -27.55 -40.28 -28.14
N MET B 1003 -28.35 -40.73 -29.10
CA MET B 1003 -28.41 -40.09 -30.40
C MET B 1003 -29.53 -39.08 -30.33
N LEU B 1004 -29.19 -37.81 -30.10
CA LEU B 1004 -30.18 -36.75 -30.05
C LEU B 1004 -30.39 -36.17 -31.44
N TYR B 1005 -31.64 -35.79 -31.72
CA TYR B 1005 -31.95 -35.00 -32.90
C TYR B 1005 -31.70 -33.53 -32.62
N SER B 1006 -31.68 -32.73 -33.67
CA SER B 1006 -31.47 -31.30 -33.53
C SER B 1006 -32.82 -30.59 -33.51
N GLY B 1007 -33.02 -29.71 -32.52
CA GLY B 1007 -34.31 -29.03 -32.43
C GLY B 1007 -34.46 -27.94 -33.46
N ILE B 1008 -33.37 -27.36 -33.92
CA ILE B 1008 -33.41 -26.27 -34.89
C ILE B 1008 -33.61 -26.81 -36.29
N THR B 1009 -32.83 -27.79 -36.70
CA THR B 1009 -32.92 -28.26 -38.07
C THR B 1009 -33.55 -29.62 -38.23
N GLY B 1010 -33.83 -30.35 -37.17
CA GLY B 1010 -34.56 -31.58 -37.29
C GLY B 1010 -33.72 -32.81 -37.48
N GLU B 1011 -32.45 -32.66 -37.79
CA GLU B 1011 -31.64 -33.76 -38.22
C GLU B 1011 -31.01 -34.49 -37.05
N CYS B 1012 -30.50 -35.67 -37.32
CA CYS B 1012 -29.67 -36.38 -36.36
C CYS B 1012 -28.39 -35.60 -36.14
N LEU B 1013 -27.97 -35.48 -34.90
CA LEU B 1013 -26.68 -34.89 -34.65
C LEU B 1013 -25.61 -35.92 -34.95
N GLN B 1014 -24.46 -35.45 -35.42
CA GLN B 1014 -23.43 -36.35 -35.94
C GLN B 1014 -22.55 -36.91 -34.86
N ALA B 1015 -22.91 -36.72 -33.61
CA ALA B 1015 -22.23 -37.31 -32.48
C ALA B 1015 -23.30 -37.84 -31.54
N TYR B 1016 -22.91 -38.81 -30.75
CA TYR B 1016 -23.80 -39.26 -29.70
C TYR B 1016 -23.64 -38.34 -28.50
N ILE B 1017 -24.74 -37.98 -27.87
CA ILE B 1017 -24.73 -36.94 -26.87
C ILE B 1017 -24.84 -37.58 -25.51
N PHE B 1018 -23.86 -37.31 -24.66
CA PHE B 1018 -23.80 -37.78 -23.30
C PHE B 1018 -24.89 -37.08 -22.49
N PHE B 1019 -25.87 -37.84 -22.02
CA PHE B 1019 -27.19 -37.29 -21.76
C PHE B 1019 -27.81 -38.01 -20.57
N GLY B 1020 -28.19 -37.26 -19.54
CA GLY B 1020 -28.78 -37.82 -18.36
C GLY B 1020 -28.90 -36.84 -17.22
N PRO B 1021 -29.27 -37.30 -16.03
CA PRO B 1021 -29.47 -36.36 -14.92
C PRO B 1021 -28.25 -36.06 -14.06
N ILE B 1022 -27.90 -34.79 -13.97
CA ILE B 1022 -26.90 -34.28 -13.03
C ILE B 1022 -27.66 -33.45 -12.01
N TYR B 1023 -27.19 -33.46 -10.77
CA TYR B 1023 -27.79 -32.64 -9.73
C TYR B 1023 -27.17 -31.26 -9.76
N TYR B 1024 -27.94 -30.27 -10.16
CA TYR B 1024 -27.51 -28.89 -10.15
C TYR B 1024 -28.07 -28.14 -8.97
N GLN B 1025 -27.25 -27.24 -8.44
CA GLN B 1025 -27.59 -26.42 -7.31
C GLN B 1025 -27.40 -24.96 -7.72
N LYS B 1026 -28.31 -24.13 -7.26
CA LYS B 1026 -28.37 -22.72 -7.63
C LYS B 1026 -27.77 -21.87 -6.52
N LEU B 1027 -26.83 -21.02 -6.85
CA LEU B 1027 -26.10 -20.27 -5.86
C LEU B 1027 -26.75 -18.94 -5.57
N LYS B 1028 -26.34 -18.33 -4.45
CA LYS B 1028 -26.92 -17.08 -4.00
C LYS B 1028 -26.47 -15.87 -4.81
N HIS B 1029 -25.43 -16.01 -5.62
CA HIS B 1029 -24.88 -14.90 -6.39
C HIS B 1029 -25.77 -14.68 -7.60
N MET B 1030 -26.72 -13.75 -7.48
CA MET B 1030 -27.71 -13.50 -8.52
C MET B 1030 -27.53 -12.09 -9.08
N VAL B 1031 -27.76 -11.97 -10.39
CA VAL B 1031 -27.39 -10.77 -11.12
C VAL B 1031 -28.32 -9.59 -10.80
N LEU B 1032 -29.50 -9.85 -10.25
CA LEU B 1032 -30.36 -8.78 -9.77
C LEU B 1032 -29.76 -8.06 -8.57
N ASP B 1033 -29.04 -8.78 -7.72
CA ASP B 1033 -28.38 -8.18 -6.58
C ASP B 1033 -26.96 -7.73 -6.89
N LYS B 1034 -26.57 -7.70 -8.15
CA LYS B 1034 -25.20 -7.38 -8.51
C LYS B 1034 -25.13 -6.29 -9.56
N MET B 1035 -26.13 -6.20 -10.44
CA MET B 1035 -26.19 -5.10 -11.40
C MET B 1035 -26.48 -3.81 -10.66
N HIS B 1036 -25.55 -2.88 -10.73
CA HIS B 1036 -25.79 -1.54 -10.24
C HIS B 1036 -25.01 -0.58 -11.12
N ALA B 1037 -25.42 0.68 -11.08
CA ALA B 1037 -24.89 1.68 -11.97
C ALA B 1037 -25.18 3.05 -11.38
N ARG B 1038 -24.25 3.98 -11.56
CA ARG B 1038 -24.35 5.31 -11.00
C ARG B 1038 -24.01 6.34 -12.06
N ALA B 1039 -24.85 7.37 -12.21
CA ALA B 1039 -24.46 8.56 -12.94
C ALA B 1039 -23.95 9.67 -12.01
N ARG B 1040 -24.81 10.18 -11.14
CA ARG B 1040 -24.41 11.13 -10.11
C ARG B 1040 -25.18 10.81 -8.86
N GLY B 1041 -24.59 11.11 -7.72
CA GLY B 1041 -25.25 10.79 -6.48
C GLY B 1041 -24.61 11.46 -5.29
N PRO B 1042 -24.76 10.84 -4.12
CA PRO B 1042 -24.18 11.41 -2.90
C PRO B 1042 -22.67 11.36 -2.96
N ARG B 1043 -22.06 12.31 -2.27
CA ARG B 1043 -20.62 12.42 -2.24
C ARG B 1043 -20.15 12.41 -0.79
N ALA B 1044 -18.96 11.87 -0.57
CA ALA B 1044 -18.40 11.85 0.77
C ALA B 1044 -18.01 13.26 1.16
N VAL B 1045 -18.45 13.69 2.35
CA VAL B 1045 -18.39 15.10 2.72
C VAL B 1045 -16.94 15.60 2.89
N LEU B 1046 -15.99 14.70 3.08
CA LEU B 1046 -14.59 15.12 3.23
C LEU B 1046 -13.88 15.23 1.89
N THR B 1047 -13.92 14.18 1.09
CA THR B 1047 -13.17 14.14 -0.16
C THR B 1047 -13.93 14.72 -1.33
N ARG B 1048 -15.24 14.93 -1.19
CA ARG B 1048 -16.20 15.32 -2.23
C ARG B 1048 -16.01 14.63 -3.56
N GLN B 1049 -15.76 13.34 -3.50
CA GLN B 1049 -15.76 12.33 -4.51
C GLN B 1049 -17.01 11.48 -4.36
N PRO B 1050 -17.39 10.70 -5.38
CA PRO B 1050 -18.53 9.78 -5.21
C PRO B 1050 -18.30 8.78 -4.10
N THR B 1051 -19.39 8.30 -3.51
CA THR B 1051 -19.30 7.54 -2.28
C THR B 1051 -18.74 6.13 -2.53
N GLU B 1052 -18.72 5.35 -1.47
CA GLU B 1052 -18.15 4.02 -1.49
C GLU B 1052 -19.28 3.00 -1.56
N GLY B 1053 -18.90 1.73 -1.64
CA GLY B 1053 -19.84 0.64 -1.53
C GLY B 1053 -20.81 0.45 -2.68
N ARG B 1054 -21.54 -0.65 -2.64
CA ARG B 1054 -22.57 -0.95 -3.62
C ARG B 1054 -23.96 -0.48 -3.19
N SER B 1055 -24.28 -0.63 -1.90
CA SER B 1055 -25.60 -0.33 -1.36
C SER B 1055 -25.84 1.16 -1.15
N ARG B 1056 -24.88 2.00 -1.52
CA ARG B 1056 -25.04 3.44 -1.71
C ARG B 1056 -25.66 3.65 -3.08
N ASP B 1057 -25.58 4.87 -3.62
CA ASP B 1057 -25.80 4.97 -5.06
C ASP B 1057 -24.66 4.30 -5.81
N GLY B 1058 -23.42 4.52 -5.36
CA GLY B 1058 -22.31 3.75 -5.89
C GLY B 1058 -21.04 4.53 -6.09
N GLY B 1059 -20.45 4.39 -7.26
CA GLY B 1059 -19.12 4.88 -7.50
C GLY B 1059 -18.19 3.70 -7.65
N LEU B 1060 -17.61 3.55 -8.82
CA LEU B 1060 -16.68 2.46 -9.10
C LEU B 1060 -15.29 3.03 -9.09
N ARG B 1061 -14.41 2.43 -8.31
CA ARG B 1061 -13.09 2.98 -8.12
C ARG B 1061 -12.23 2.69 -9.33
N LEU B 1062 -11.54 3.72 -9.80
CA LEU B 1062 -10.58 3.63 -10.89
C LEU B 1062 -9.23 3.91 -10.26
N GLY B 1063 -8.49 2.87 -9.91
CA GLY B 1063 -7.40 3.09 -9.01
C GLY B 1063 -6.07 2.47 -9.36
N GLU B 1064 -5.06 3.32 -9.54
CA GLU B 1064 -3.62 3.10 -9.39
C GLU B 1064 -3.03 2.01 -10.28
N MET B 1065 -3.86 1.33 -11.04
CA MET B 1065 -3.45 0.20 -11.85
C MET B 1065 -4.07 0.23 -13.23
N GLU B 1066 -5.19 0.93 -13.39
CA GLU B 1066 -5.80 1.26 -14.66
C GLU B 1066 -5.42 2.65 -15.12
N ARG B 1067 -5.10 3.53 -14.17
CA ARG B 1067 -4.36 4.74 -14.45
C ARG B 1067 -3.08 4.43 -15.22
N ASP B 1068 -2.35 3.42 -14.76
CA ASP B 1068 -1.19 2.88 -15.45
C ASP B 1068 -1.55 2.43 -16.85
N CYS B 1069 -2.73 1.83 -17.02
CA CYS B 1069 -3.10 1.29 -18.32
C CYS B 1069 -3.39 2.38 -19.33
N VAL B 1070 -4.04 3.48 -18.93
CA VAL B 1070 -4.37 4.51 -19.89
C VAL B 1070 -3.22 5.48 -20.12
N ILE B 1071 -2.23 5.52 -19.22
CA ILE B 1071 -0.99 6.22 -19.54
C ILE B 1071 -0.28 5.50 -20.67
N ALA B 1072 -0.32 4.17 -20.65
CA ALA B 1072 0.35 3.37 -21.66
C ALA B 1072 -0.33 3.50 -23.02
N TYR B 1073 -1.62 3.81 -23.06
CA TYR B 1073 -2.24 4.16 -24.32
C TYR B 1073 -1.94 5.58 -24.76
N GLY B 1074 -1.37 6.40 -23.89
CA GLY B 1074 -1.17 7.80 -24.20
C GLY B 1074 -2.41 8.65 -24.19
N ALA B 1075 -3.57 8.08 -23.89
CA ALA B 1075 -4.83 8.82 -23.90
C ALA B 1075 -4.81 9.79 -22.74
N SER B 1076 -4.57 11.05 -23.04
CA SER B 1076 -4.33 12.04 -22.00
C SER B 1076 -5.57 12.81 -21.60
N GLN B 1077 -6.54 12.95 -22.48
CA GLN B 1077 -7.74 13.67 -22.12
C GLN B 1077 -8.78 12.76 -21.52
N LEU B 1078 -8.74 11.47 -21.83
CA LEU B 1078 -9.50 10.51 -21.07
C LEU B 1078 -9.04 10.48 -19.63
N LEU B 1079 -7.73 10.40 -19.42
CA LEU B 1079 -7.16 10.40 -18.09
C LEU B 1079 -7.46 11.70 -17.34
N LEU B 1080 -7.53 12.81 -18.07
CA LEU B 1080 -7.96 14.07 -17.46
C LEU B 1080 -9.43 14.04 -17.12
N GLU B 1081 -10.23 13.42 -17.98
CA GLU B 1081 -11.67 13.41 -17.77
C GLU B 1081 -12.11 12.33 -16.79
N ARG B 1082 -11.50 11.17 -16.85
CA ARG B 1082 -11.98 10.06 -16.04
C ARG B 1082 -11.52 10.19 -14.59
N LEU B 1083 -10.46 10.96 -14.35
CA LEU B 1083 -9.91 11.18 -13.02
C LEU B 1083 -10.32 12.50 -12.40
N MET B 1084 -10.48 13.56 -13.18
CA MET B 1084 -10.74 14.87 -12.59
C MET B 1084 -12.09 15.45 -12.99
N ILE B 1085 -12.41 15.44 -14.28
CA ILE B 1085 -13.58 16.16 -14.77
C ILE B 1085 -14.86 15.48 -14.31
N SER B 1086 -14.85 14.16 -14.23
CA SER B 1086 -16.05 13.42 -13.84
C SER B 1086 -15.84 12.61 -12.57
N SER B 1087 -14.86 12.96 -11.76
CA SER B 1087 -14.77 12.43 -10.41
C SER B 1087 -14.85 13.52 -9.35
N ASP B 1088 -13.93 14.48 -9.34
CA ASP B 1088 -13.99 15.62 -8.42
C ASP B 1088 -13.34 16.82 -9.09
N ALA B 1089 -14.14 17.61 -9.79
CA ALA B 1089 -13.64 18.84 -10.39
C ALA B 1089 -13.99 19.98 -9.46
N PHE B 1090 -13.10 20.97 -9.38
CA PHE B 1090 -13.24 21.98 -8.36
C PHE B 1090 -12.66 23.28 -8.88
N GLU B 1091 -13.52 24.25 -9.11
CA GLU B 1091 -13.13 25.58 -9.55
C GLU B 1091 -12.55 26.33 -8.36
N VAL B 1092 -11.25 26.60 -8.41
CA VAL B 1092 -10.59 27.19 -7.25
C VAL B 1092 -9.94 28.50 -7.69
N ASP B 1093 -9.68 29.37 -6.71
CA ASP B 1093 -9.10 30.69 -6.95
C ASP B 1093 -7.70 30.70 -6.34
N VAL B 1094 -6.69 30.60 -7.16
CA VAL B 1094 -5.32 30.70 -6.68
C VAL B 1094 -4.94 32.17 -6.68
N CYS B 1095 -3.87 32.49 -5.96
CA CYS B 1095 -3.23 33.78 -6.05
C CYS B 1095 -1.94 33.62 -6.82
N ASP B 1096 -1.57 34.64 -7.58
CA ASP B 1096 -0.42 34.49 -8.44
C ASP B 1096 0.88 34.89 -7.75
N LYS B 1097 0.83 35.85 -6.82
CA LYS B 1097 2.05 36.25 -6.15
C LYS B 1097 2.36 35.41 -4.92
N CYS B 1098 1.34 34.82 -4.30
CA CYS B 1098 1.53 33.96 -3.14
C CYS B 1098 1.54 32.49 -3.52
N GLY B 1099 0.60 32.07 -4.35
CA GLY B 1099 0.49 30.69 -4.68
C GLY B 1099 -0.46 29.92 -3.81
N LEU B 1100 -1.14 30.59 -2.90
CA LEU B 1100 -2.15 29.97 -2.06
C LEU B 1100 -3.54 30.21 -2.63
N MET B 1101 -4.50 29.48 -2.10
CA MET B 1101 -5.85 29.47 -2.65
C MET B 1101 -6.73 30.43 -1.86
N GLY B 1102 -7.36 31.37 -2.56
CA GLY B 1102 -8.27 32.31 -1.96
C GLY B 1102 -9.73 31.98 -2.22
N TYR B 1103 -10.60 32.60 -1.43
CA TYR B 1103 -12.03 32.43 -1.55
C TYR B 1103 -12.61 33.61 -2.30
N SER B 1104 -13.61 33.35 -3.14
CA SER B 1104 -14.46 34.37 -3.76
C SER B 1104 -13.69 35.37 -4.58
N GLY B 1105 -12.68 34.90 -5.29
CA GLY B 1105 -11.84 35.79 -6.08
C GLY B 1105 -10.96 36.71 -5.27
N TRP B 1106 -10.76 36.42 -3.98
CA TRP B 1106 -10.09 37.32 -3.04
C TRP B 1106 -9.00 36.57 -2.33
N CYS B 1107 -7.81 37.13 -2.30
CA CYS B 1107 -6.72 36.54 -1.54
C CYS B 1107 -6.75 37.06 -0.12
N THR B 1108 -6.36 36.21 0.81
CA THR B 1108 -6.39 36.59 2.22
C THR B 1108 -5.02 36.97 2.75
N THR B 1109 -3.97 36.24 2.35
CA THR B 1109 -2.64 36.56 2.85
C THR B 1109 -2.08 37.84 2.23
N CYS B 1110 -2.65 38.29 1.13
CA CYS B 1110 -2.48 39.66 0.66
C CYS B 1110 -3.86 40.18 0.33
N LYS B 1111 -4.31 41.19 1.07
CA LYS B 1111 -5.72 41.59 1.06
C LYS B 1111 -6.03 42.31 -0.24
N SER B 1112 -6.17 41.54 -1.32
CA SER B 1112 -6.44 42.09 -2.63
C SER B 1112 -7.03 41.01 -3.51
N ALA B 1113 -7.98 41.41 -4.34
CA ALA B 1113 -8.55 40.57 -5.38
C ALA B 1113 -7.84 40.76 -6.71
N GLU B 1114 -6.58 41.17 -6.68
CA GLU B 1114 -5.96 41.76 -7.86
C GLU B 1114 -5.48 40.69 -8.83
N ASN B 1115 -4.54 39.85 -8.40
CA ASN B 1115 -3.95 38.86 -9.30
C ASN B 1115 -4.46 37.45 -9.04
N ILE B 1116 -5.74 37.33 -8.71
CA ILE B 1116 -6.38 36.05 -8.48
C ILE B 1116 -6.71 35.37 -9.80
N ILE B 1117 -6.25 34.14 -9.97
CA ILE B 1117 -6.51 33.34 -11.15
C ILE B 1117 -7.47 32.24 -10.77
N LYS B 1118 -8.35 31.86 -11.70
CA LYS B 1118 -9.38 30.85 -11.46
C LYS B 1118 -9.03 29.60 -12.24
N MET B 1119 -8.88 28.48 -11.53
CA MET B 1119 -8.44 27.24 -12.13
C MET B 1119 -9.33 26.10 -11.67
N THR B 1120 -9.33 25.02 -12.45
CA THR B 1120 -10.02 23.79 -12.09
C THR B 1120 -8.98 22.78 -11.63
N ILE B 1121 -9.31 22.06 -10.57
CA ILE B 1121 -8.33 21.24 -9.86
C ILE B 1121 -9.09 20.08 -9.25
N PRO B 1122 -8.42 18.94 -9.03
CA PRO B 1122 -9.06 17.88 -8.25
C PRO B 1122 -9.30 18.37 -6.84
N TYR B 1123 -10.46 18.02 -6.28
CA TYR B 1123 -10.75 18.46 -4.92
C TYR B 1123 -9.84 17.77 -3.91
N ALA B 1124 -9.36 16.58 -4.24
CA ALA B 1124 -8.42 15.91 -3.37
C ALA B 1124 -7.08 16.63 -3.35
N ALA B 1125 -6.75 17.37 -4.40
CA ALA B 1125 -5.56 18.20 -4.37
C ALA B 1125 -5.81 19.49 -3.62
N LYS B 1126 -7.03 20.00 -3.64
CA LYS B 1126 -7.41 21.08 -2.74
C LYS B 1126 -7.38 20.62 -1.30
N LEU B 1127 -7.87 19.41 -1.04
CA LEU B 1127 -7.88 18.88 0.32
C LEU B 1127 -6.47 18.57 0.77
N LEU B 1128 -5.58 18.27 -0.17
CA LEU B 1128 -4.19 18.02 0.16
C LEU B 1128 -3.50 19.28 0.64
N PHE B 1129 -3.69 20.38 -0.10
CA PHE B 1129 -2.97 21.61 0.20
C PHE B 1129 -3.40 22.19 1.54
N GLN B 1130 -4.69 22.17 1.82
CA GLN B 1130 -5.14 22.67 3.10
C GLN B 1130 -4.84 21.75 4.27
N GLU B 1131 -4.42 20.52 4.01
CA GLU B 1131 -3.85 19.68 5.04
C GLU B 1131 -2.35 19.85 5.15
N LEU B 1132 -1.71 20.41 4.14
CA LEU B 1132 -0.29 20.71 4.24
C LEU B 1132 -0.06 22.04 4.93
N LEU B 1133 -0.91 23.04 4.69
CA LEU B 1133 -0.85 24.30 5.41
C LEU B 1133 -1.10 24.13 6.89
N SER B 1134 -1.78 23.08 7.30
CA SER B 1134 -2.01 22.83 8.71
C SER B 1134 -0.86 22.11 9.37
N MET B 1135 -0.05 21.38 8.59
CA MET B 1135 1.16 20.74 9.07
C MET B 1135 2.35 21.68 9.02
N ASN B 1136 2.11 22.96 8.70
CA ASN B 1136 3.11 24.00 8.54
C ASN B 1136 4.13 23.63 7.46
N ILE B 1137 3.63 23.21 6.31
CA ILE B 1137 4.39 23.37 5.09
C ILE B 1137 3.50 24.17 4.15
N ALA B 1138 4.11 24.88 3.22
CA ALA B 1138 3.34 25.73 2.32
C ALA B 1138 3.58 25.33 0.89
N PRO B 1139 2.66 24.63 0.25
CA PRO B 1139 2.74 24.40 -1.19
C PRO B 1139 2.26 25.64 -1.93
N ARG B 1140 3.21 26.39 -2.49
CA ARG B 1140 2.90 27.61 -3.20
C ARG B 1140 2.88 27.30 -4.69
N LEU B 1141 1.73 27.47 -5.30
CA LEU B 1141 1.59 27.18 -6.72
C LEU B 1141 2.26 28.26 -7.55
N ARG B 1142 3.18 27.85 -8.42
CA ARG B 1142 3.77 28.76 -9.39
C ARG B 1142 3.09 28.54 -10.73
N LEU B 1143 2.44 29.57 -11.22
CA LEU B 1143 1.62 29.50 -12.43
C LEU B 1143 2.34 30.17 -13.59
N GLU B 1144 1.80 29.96 -14.78
CA GLU B 1144 2.29 30.60 -15.99
C GLU B 1144 1.21 30.50 -17.05
N ASP B 1145 1.40 31.25 -18.13
CA ASP B 1145 0.44 31.28 -19.21
C ASP B 1145 0.58 30.05 -20.09
N ILE B 1146 -0.51 29.68 -20.77
CA ILE B 1146 -0.45 28.51 -21.64
C ILE B 1146 0.07 28.89 -23.03
N PHE B 1147 0.05 30.16 -23.39
CA PHE B 1147 0.14 30.55 -24.80
C PHE B 1147 1.37 31.40 -25.10
N GLN B 1148 2.12 30.98 -26.10
CA GLN B 1148 3.33 31.65 -26.58
C GLN B 1148 2.99 33.01 -27.20
N GLN B 1149 3.93 33.95 -27.10
CA GLN B 1149 3.70 35.33 -27.52
C GLN B 1149 4.61 35.73 -28.69
N SER C 2 -28.65 -42.17 -51.15
CA SER C 2 -29.01 -43.03 -50.02
C SER C 2 -29.70 -42.23 -48.95
N ASN C 3 -30.89 -42.66 -48.54
CA ASN C 3 -31.62 -41.96 -47.50
C ASN C 3 -31.42 -42.59 -46.14
N ILE C 4 -30.46 -43.49 -45.99
CA ILE C 4 -30.24 -44.17 -44.73
C ILE C 4 -29.14 -43.43 -43.99
N VAL C 5 -29.47 -42.94 -42.81
CA VAL C 5 -28.48 -42.42 -41.89
C VAL C 5 -27.61 -43.58 -41.44
N GLY C 6 -26.29 -43.38 -41.47
CA GLY C 6 -25.39 -44.45 -41.07
C GLY C 6 -24.99 -44.38 -39.63
N ILE C 7 -25.41 -45.34 -38.82
CA ILE C 7 -25.08 -45.41 -37.40
C ILE C 7 -23.83 -46.25 -37.24
N GLU C 8 -22.79 -45.67 -36.68
CA GLU C 8 -21.59 -46.41 -36.32
C GLU C 8 -21.33 -46.26 -34.82
N TYR C 9 -20.20 -46.78 -34.37
CA TYR C 9 -19.92 -46.85 -32.95
C TYR C 9 -19.56 -45.50 -32.36
N ASN C 10 -18.81 -44.68 -33.10
CA ASN C 10 -18.38 -43.38 -32.62
C ASN C 10 -19.07 -42.20 -33.28
N ARG C 11 -19.53 -42.33 -34.51
CA ARG C 11 -20.15 -41.19 -35.17
C ARG C 11 -21.39 -41.62 -35.93
N VAL C 12 -22.17 -40.62 -36.33
CA VAL C 12 -23.35 -40.76 -37.16
C VAL C 12 -23.05 -40.12 -38.50
N THR C 13 -23.36 -40.81 -39.59
CA THR C 13 -23.07 -40.33 -40.93
C THR C 13 -24.35 -40.17 -41.75
N ASN C 14 -24.25 -39.34 -42.79
CA ASN C 14 -25.26 -39.20 -43.85
C ASN C 14 -26.59 -38.70 -43.30
N THR C 15 -26.58 -37.51 -42.74
CA THR C 15 -27.72 -36.99 -42.00
C THR C 15 -28.47 -35.87 -42.71
N THR C 16 -28.06 -35.45 -43.89
CA THR C 16 -28.61 -34.29 -44.55
C THR C 16 -29.48 -34.67 -45.75
N SER C 17 -30.16 -33.65 -46.29
CA SER C 17 -31.38 -33.85 -47.06
C SER C 17 -31.12 -34.52 -48.40
N THR C 18 -30.07 -34.09 -49.12
CA THR C 18 -29.65 -34.54 -50.47
C THR C 18 -30.79 -34.83 -51.46
N ASP C 19 -31.75 -33.93 -51.55
CA ASP C 19 -32.84 -34.12 -52.52
C ASP C 19 -33.20 -32.82 -53.22
N PHE C 20 -32.21 -32.08 -53.64
CA PHE C 20 -32.39 -30.82 -54.33
C PHE C 20 -31.71 -30.94 -55.69
N PRO C 21 -32.13 -30.16 -56.68
CA PRO C 21 -31.41 -30.17 -57.95
C PRO C 21 -30.09 -29.44 -57.80
N GLY C 22 -29.07 -29.95 -58.47
CA GLY C 22 -27.74 -29.46 -58.20
C GLY C 22 -27.06 -30.16 -57.04
N PHE C 23 -27.56 -31.32 -56.63
CA PHE C 23 -26.77 -32.21 -55.81
C PHE C 23 -25.81 -33.02 -56.66
N SER C 24 -26.18 -33.30 -57.90
CA SER C 24 -25.33 -34.06 -58.81
C SER C 24 -25.46 -33.47 -60.20
N LYS C 25 -24.72 -34.06 -61.15
CA LYS C 25 -24.80 -33.68 -62.55
C LYS C 25 -26.20 -33.92 -63.11
N ASP C 26 -26.79 -35.06 -62.76
CA ASP C 26 -28.16 -35.36 -63.12
C ASP C 26 -29.08 -34.52 -62.27
N ALA C 27 -29.43 -33.32 -62.74
CA ALA C 27 -30.12 -32.34 -61.91
C ALA C 27 -31.57 -32.72 -61.69
N GLU C 28 -31.80 -33.75 -60.90
CA GLU C 28 -33.11 -34.31 -60.64
C GLU C 28 -33.59 -33.83 -59.28
N ASN C 29 -34.74 -34.37 -58.84
CA ASN C 29 -35.41 -34.01 -57.59
C ASN C 29 -35.75 -32.51 -57.54
N GLU C 30 -36.55 -32.06 -58.51
CA GLU C 30 -37.12 -30.72 -58.50
C GLU C 30 -38.31 -30.67 -57.55
N TRP C 31 -39.17 -29.66 -57.63
CA TRP C 31 -40.22 -29.64 -56.64
C TRP C 31 -41.34 -30.64 -56.92
N ASN C 32 -42.12 -30.43 -57.99
CA ASN C 32 -43.05 -31.42 -58.56
C ASN C 32 -44.08 -31.92 -57.53
N VAL C 33 -45.02 -31.03 -57.20
CA VAL C 33 -45.97 -31.31 -56.11
C VAL C 33 -46.89 -32.49 -56.43
N GLU C 34 -47.11 -32.80 -57.70
CA GLU C 34 -47.88 -33.99 -58.02
C GLU C 34 -47.04 -35.26 -57.94
N LYS C 35 -45.73 -35.12 -57.74
CA LYS C 35 -44.89 -36.28 -57.47
C LYS C 35 -44.69 -36.47 -55.98
N PHE C 36 -44.68 -35.38 -55.21
CA PHE C 36 -44.72 -35.47 -53.75
C PHE C 36 -46.02 -36.11 -53.29
N LYS C 37 -47.11 -35.83 -53.98
CA LYS C 37 -48.40 -36.39 -53.60
C LYS C 37 -48.45 -37.89 -53.85
N LYS C 38 -47.73 -38.36 -54.85
CA LYS C 38 -47.64 -39.79 -55.09
C LYS C 38 -46.79 -40.48 -54.03
N ASP C 39 -45.77 -39.79 -53.53
CA ASP C 39 -44.79 -40.42 -52.64
C ASP C 39 -45.22 -40.39 -51.18
N PHE C 40 -45.88 -39.31 -50.76
CA PHE C 40 -46.20 -39.08 -49.36
C PHE C 40 -47.21 -40.10 -48.87
N GLU C 41 -47.05 -40.53 -47.61
CA GLU C 41 -47.92 -41.54 -47.06
C GLU C 41 -47.97 -41.43 -45.54
N VAL C 42 -49.17 -41.57 -44.98
CA VAL C 42 -49.41 -41.50 -43.54
C VAL C 42 -49.99 -42.84 -43.10
N ASN C 43 -49.37 -43.45 -42.09
CA ASN C 43 -49.90 -44.64 -41.44
C ASN C 43 -50.23 -44.30 -40.00
N ILE C 44 -51.35 -44.83 -39.49
CA ILE C 44 -51.80 -44.54 -38.15
C ILE C 44 -51.60 -45.78 -37.31
N SER C 45 -50.64 -45.73 -36.38
CA SER C 45 -50.34 -46.90 -35.57
C SER C 45 -51.35 -47.07 -34.44
N SER C 46 -51.62 -46.01 -33.70
CA SER C 46 -52.58 -46.06 -32.61
C SER C 46 -53.11 -44.67 -32.39
N LEU C 47 -54.32 -44.57 -31.83
CA LEU C 47 -54.94 -43.28 -31.63
C LEU C 47 -55.80 -43.34 -30.38
N ASP C 48 -55.42 -42.61 -29.36
CA ASP C 48 -56.12 -42.59 -28.09
C ASP C 48 -56.76 -41.22 -27.91
N ALA C 49 -57.52 -41.08 -26.82
CA ALA C 49 -58.06 -39.77 -26.50
C ALA C 49 -57.00 -38.82 -25.96
N ARG C 50 -55.83 -39.34 -25.59
CA ARG C 50 -54.73 -38.53 -25.11
C ARG C 50 -53.44 -38.72 -25.87
N GLU C 51 -53.34 -39.66 -26.80
CA GLU C 51 -52.05 -39.94 -27.44
C GLU C 51 -52.25 -40.52 -28.83
N ALA C 52 -51.70 -39.84 -29.81
CA ALA C 52 -51.65 -40.29 -31.18
C ALA C 52 -50.27 -40.87 -31.48
N ASN C 53 -50.24 -41.81 -32.42
CA ASN C 53 -49.00 -42.41 -32.88
C ASN C 53 -49.17 -42.67 -34.36
N PHE C 54 -48.35 -42.04 -35.18
CA PHE C 54 -48.55 -42.11 -36.62
C PHE C 54 -47.23 -41.84 -37.32
N ASP C 55 -47.15 -42.30 -38.56
CA ASP C 55 -45.95 -42.08 -39.35
C ASP C 55 -46.19 -40.99 -40.38
N LEU C 56 -45.11 -40.34 -40.78
CA LEU C 56 -45.10 -39.41 -41.89
C LEU C 56 -43.99 -39.86 -42.83
N ILE C 57 -44.36 -40.59 -43.87
CA ILE C 57 -43.36 -41.21 -44.71
C ILE C 57 -43.07 -40.32 -45.91
N ASN C 58 -41.79 -40.28 -46.30
CA ASN C 58 -41.30 -39.62 -47.53
C ASN C 58 -41.48 -38.11 -47.50
N ILE C 59 -40.97 -37.47 -46.45
CA ILE C 59 -40.88 -36.02 -46.35
C ILE C 59 -39.48 -35.64 -45.92
N ASP C 60 -39.23 -34.34 -45.90
CA ASP C 60 -37.95 -33.87 -45.41
C ASP C 60 -38.05 -33.48 -43.95
N THR C 61 -36.93 -33.60 -43.25
CA THR C 61 -36.87 -33.25 -41.85
C THR C 61 -36.92 -31.76 -41.60
N SER C 62 -36.89 -30.93 -42.63
CA SER C 62 -37.20 -29.52 -42.46
C SER C 62 -38.69 -29.34 -42.24
N ILE C 63 -39.50 -30.13 -42.92
CA ILE C 63 -40.95 -30.01 -42.81
C ILE C 63 -41.44 -30.76 -41.59
N ALA C 64 -40.83 -31.90 -41.29
CA ALA C 64 -41.28 -32.71 -40.17
C ALA C 64 -40.93 -32.08 -38.84
N ASN C 65 -39.75 -31.47 -38.74
CA ASN C 65 -39.41 -30.71 -37.54
C ASN C 65 -40.29 -29.48 -37.41
N ALA C 66 -40.72 -28.92 -38.54
CA ALA C 66 -41.59 -27.76 -38.50
C ALA C 66 -42.91 -28.09 -37.85
N PHE C 67 -43.48 -29.25 -38.18
CA PHE C 67 -44.73 -29.69 -37.56
C PHE C 67 -44.54 -29.96 -36.08
N ARG C 68 -43.35 -30.42 -35.68
CA ARG C 68 -43.08 -30.65 -34.28
C ARG C 68 -42.93 -29.34 -33.53
N ARG C 69 -42.30 -28.35 -34.16
CA ARG C 69 -42.10 -27.05 -33.53
C ARG C 69 -43.40 -26.23 -33.48
N ILE C 70 -44.37 -26.48 -34.37
CA ILE C 70 -45.66 -25.81 -34.22
C ILE C 70 -46.38 -26.36 -33.01
N MET C 71 -46.42 -27.70 -32.88
CA MET C 71 -47.21 -28.35 -31.84
C MET C 71 -46.69 -28.03 -30.45
N ILE C 72 -45.38 -27.90 -30.30
CA ILE C 72 -44.85 -27.55 -29.00
C ILE C 72 -45.04 -26.08 -28.71
N SER C 73 -44.70 -25.22 -29.66
CA SER C 73 -44.52 -23.82 -29.35
C SER C 73 -45.64 -22.91 -29.80
N GLU C 74 -46.44 -23.26 -30.80
CA GLU C 74 -47.31 -22.30 -31.42
C GLU C 74 -48.77 -22.69 -31.55
N VAL C 75 -49.15 -23.92 -31.25
CA VAL C 75 -50.56 -24.29 -31.22
C VAL C 75 -51.17 -23.77 -29.92
N PRO C 76 -52.25 -23.00 -29.97
CA PRO C 76 -52.73 -22.32 -28.77
C PRO C 76 -53.57 -23.23 -27.87
N SER C 77 -53.68 -22.80 -26.62
CA SER C 77 -54.48 -23.51 -25.63
C SER C 77 -54.80 -22.56 -24.48
N VAL C 78 -55.75 -22.95 -23.65
CA VAL C 78 -56.27 -22.12 -22.57
C VAL C 78 -55.60 -22.53 -21.27
N ALA C 79 -55.08 -21.55 -20.54
CA ALA C 79 -54.50 -21.79 -19.23
C ALA C 79 -54.75 -20.56 -18.37
N ALA C 80 -54.71 -20.76 -17.06
CA ALA C 80 -55.02 -19.67 -16.14
C ALA C 80 -53.90 -18.65 -16.16
N GLU C 81 -54.26 -17.39 -16.16
CA GLU C 81 -53.28 -16.35 -16.38
C GLU C 81 -53.18 -15.35 -15.25
N TYR C 82 -54.29 -14.94 -14.66
CA TYR C 82 -54.28 -14.02 -13.54
C TYR C 82 -55.05 -14.63 -12.39
N VAL C 83 -54.48 -14.57 -11.19
CA VAL C 83 -55.11 -15.14 -10.01
C VAL C 83 -55.37 -14.02 -9.03
N TYR C 84 -56.55 -13.98 -8.45
CA TYR C 84 -56.96 -12.93 -7.55
C TYR C 84 -57.25 -13.57 -6.20
N PHE C 85 -56.34 -13.41 -5.26
CA PHE C 85 -56.42 -14.09 -3.97
C PHE C 85 -57.30 -13.33 -2.98
N PHE C 86 -58.21 -14.06 -2.36
CA PHE C 86 -58.96 -13.62 -1.18
C PHE C 86 -58.59 -14.57 -0.05
N ASN C 87 -57.85 -14.10 0.95
CA ASN C 87 -57.60 -14.84 2.19
C ASN C 87 -56.89 -16.18 1.94
N ASN C 88 -55.64 -16.08 1.48
CA ASN C 88 -54.75 -17.23 1.46
C ASN C 88 -53.95 -17.24 2.75
N THR C 89 -54.34 -18.07 3.69
CA THR C 89 -53.57 -18.26 4.92
C THR C 89 -52.97 -19.66 5.00
N SER C 90 -52.47 -20.17 3.89
CA SER C 90 -51.79 -21.46 3.88
C SER C 90 -50.28 -21.28 3.83
N VAL C 91 -49.57 -22.40 3.89
CA VAL C 91 -48.11 -22.38 3.94
C VAL C 91 -47.52 -22.08 2.56
N ILE C 92 -48.17 -22.54 1.50
CA ILE C 92 -47.74 -22.23 0.15
C ILE C 92 -47.97 -20.76 -0.10
N GLN C 93 -46.92 -20.07 -0.57
CA GLN C 93 -47.03 -18.65 -0.84
C GLN C 93 -47.96 -18.40 -2.00
N ASP C 94 -48.40 -17.16 -2.14
CA ASP C 94 -49.46 -16.88 -3.08
C ASP C 94 -48.96 -16.91 -4.50
N GLU C 95 -47.75 -16.41 -4.74
CA GLU C 95 -47.18 -16.46 -6.08
C GLU C 95 -46.71 -17.85 -6.44
N VAL C 96 -46.50 -18.72 -5.45
CA VAL C 96 -46.19 -20.12 -5.74
C VAL C 96 -47.47 -20.87 -6.08
N LEU C 97 -48.52 -20.63 -5.31
CA LEU C 97 -49.80 -21.27 -5.58
C LEU C 97 -50.43 -20.75 -6.86
N ALA C 98 -50.17 -19.50 -7.22
CA ALA C 98 -50.65 -19.00 -8.50
C ALA C 98 -49.90 -19.60 -9.66
N HIS C 99 -48.64 -19.99 -9.46
CA HIS C 99 -47.90 -20.69 -10.48
C HIS C 99 -48.34 -22.15 -10.58
N ARG C 100 -48.81 -22.74 -9.49
CA ARG C 100 -49.32 -24.09 -9.55
C ARG C 100 -50.70 -24.15 -10.19
N ILE C 101 -51.44 -23.05 -10.17
CA ILE C 101 -52.80 -23.05 -10.72
C ILE C 101 -52.79 -22.67 -12.20
N GLY C 102 -51.84 -21.85 -12.63
CA GLY C 102 -51.74 -21.60 -14.05
C GLY C 102 -51.14 -22.74 -14.84
N LEU C 103 -50.63 -23.75 -14.15
CA LEU C 103 -49.89 -24.81 -14.77
C LEU C 103 -50.70 -26.09 -14.89
N VAL C 104 -51.94 -26.09 -14.40
CA VAL C 104 -52.82 -27.23 -14.54
C VAL C 104 -53.50 -27.14 -15.91
N PRO C 105 -53.77 -28.26 -16.57
CA PRO C 105 -54.44 -28.21 -17.86
C PRO C 105 -55.92 -27.98 -17.69
N LEU C 106 -56.57 -27.55 -18.77
CA LEU C 106 -57.99 -27.27 -18.75
C LEU C 106 -58.66 -27.87 -19.97
N LYS C 107 -59.92 -28.28 -19.82
CA LYS C 107 -60.69 -28.88 -20.91
C LYS C 107 -61.45 -27.87 -21.72
N VAL C 108 -60.96 -26.66 -21.81
CA VAL C 108 -61.56 -25.68 -22.70
C VAL C 108 -61.17 -26.01 -24.13
N ASP C 109 -62.13 -25.93 -25.04
CA ASP C 109 -61.78 -25.93 -26.45
C ASP C 109 -61.34 -24.54 -26.85
N PRO C 110 -60.13 -24.36 -27.39
CA PRO C 110 -59.62 -23.01 -27.64
C PRO C 110 -60.29 -22.29 -28.80
N ASP C 111 -61.12 -22.97 -29.59
CA ASP C 111 -61.84 -22.32 -30.66
C ASP C 111 -63.08 -21.61 -30.17
N MET C 112 -63.42 -21.73 -28.89
CA MET C 112 -64.55 -21.05 -28.32
C MET C 112 -64.19 -19.72 -27.70
N LEU C 113 -62.93 -19.32 -27.80
CA LEU C 113 -62.46 -18.08 -27.19
C LEU C 113 -61.64 -17.30 -28.20
N THR C 114 -61.58 -15.99 -27.96
CA THR C 114 -60.79 -15.09 -28.77
C THR C 114 -59.58 -14.63 -27.98
N TRP C 115 -58.61 -14.09 -28.71
CA TRP C 115 -57.37 -13.64 -28.10
C TRP C 115 -57.61 -12.34 -27.34
N VAL C 116 -57.12 -12.28 -26.11
CA VAL C 116 -57.19 -11.05 -25.35
C VAL C 116 -56.19 -10.05 -25.91
N ASP C 117 -56.38 -8.79 -25.56
CA ASP C 117 -55.50 -7.73 -26.02
C ASP C 117 -54.52 -7.30 -24.94
N SER C 118 -53.62 -6.41 -25.31
CA SER C 118 -52.72 -5.75 -24.39
C SER C 118 -52.83 -4.24 -24.45
N ASN C 119 -53.02 -3.69 -25.65
CA ASN C 119 -53.12 -2.24 -25.82
C ASN C 119 -54.57 -1.76 -25.77
N LEU C 120 -55.29 -2.23 -24.77
CA LEU C 120 -56.63 -1.81 -24.39
C LEU C 120 -56.61 -1.64 -22.88
N PRO C 121 -57.51 -0.83 -22.33
CA PRO C 121 -57.54 -0.64 -20.87
C PRO C 121 -57.94 -1.91 -20.13
N ASP C 122 -57.64 -1.90 -18.83
CA ASP C 122 -57.73 -3.07 -17.98
C ASP C 122 -59.16 -3.36 -17.52
N ASP C 123 -60.14 -2.59 -17.97
CA ASP C 123 -61.52 -2.76 -17.55
C ASP C 123 -62.37 -3.52 -18.54
N GLU C 124 -62.31 -3.15 -19.82
CA GLU C 124 -62.94 -3.90 -20.89
C GLU C 124 -61.99 -4.89 -21.53
N LYS C 125 -60.92 -5.24 -20.82
CA LYS C 125 -59.95 -6.20 -21.31
C LYS C 125 -60.54 -7.60 -21.39
N PHE C 126 -61.16 -8.04 -20.31
CA PHE C 126 -61.59 -9.43 -20.16
C PHE C 126 -63.09 -9.50 -20.39
N THR C 127 -63.47 -9.72 -21.64
CA THR C 127 -64.85 -9.89 -22.06
C THR C 127 -65.22 -11.37 -21.86
N ASP C 128 -66.50 -11.70 -21.96
CA ASP C 128 -66.88 -13.09 -21.81
C ASP C 128 -66.55 -13.95 -23.03
N GLU C 129 -65.99 -13.38 -24.09
CA GLU C 129 -65.50 -14.18 -25.20
C GLU C 129 -64.00 -14.43 -25.15
N ASN C 130 -63.28 -13.81 -24.21
CA ASN C 130 -61.85 -14.03 -24.16
C ASN C 130 -61.31 -14.43 -22.80
N THR C 131 -62.16 -14.58 -21.79
CA THR C 131 -61.70 -15.01 -20.48
C THR C 131 -62.62 -16.11 -19.98
N ILE C 132 -62.12 -16.84 -18.99
CA ILE C 132 -62.87 -17.86 -18.27
C ILE C 132 -62.51 -17.75 -16.80
N VAL C 133 -63.52 -17.61 -15.94
CA VAL C 133 -63.29 -17.41 -14.52
C VAL C 133 -63.44 -18.76 -13.82
N LEU C 134 -62.35 -19.22 -13.22
CA LEU C 134 -62.35 -20.39 -12.35
C LEU C 134 -62.11 -19.91 -10.93
N SER C 135 -62.93 -20.35 -9.99
CA SER C 135 -62.73 -20.03 -8.60
C SER C 135 -62.38 -21.28 -7.81
N LEU C 136 -61.43 -21.15 -6.90
CA LEU C 136 -61.14 -22.14 -5.89
C LEU C 136 -61.55 -21.57 -4.55
N ASN C 137 -62.21 -22.37 -3.72
CA ASN C 137 -62.67 -21.88 -2.44
C ASN C 137 -62.76 -23.08 -1.49
N VAL C 138 -61.75 -23.26 -0.66
CA VAL C 138 -61.71 -24.36 0.29
C VAL C 138 -61.38 -23.83 1.67
N LYS C 139 -61.74 -24.60 2.69
CA LYS C 139 -61.51 -24.25 4.08
C LYS C 139 -61.24 -25.54 4.84
N CYS C 140 -60.08 -25.63 5.48
CA CYS C 140 -59.71 -26.84 6.20
C CYS C 140 -60.20 -26.74 7.64
N THR C 141 -60.98 -27.74 8.05
CA THR C 141 -61.51 -27.84 9.39
C THR C 141 -61.06 -29.15 10.00
N ARG C 142 -60.97 -29.16 11.33
CA ARG C 142 -60.61 -30.38 12.05
C ARG C 142 -61.84 -31.28 12.14
N ASN C 143 -61.74 -32.48 11.60
CA ASN C 143 -62.86 -33.41 11.61
C ASN C 143 -63.06 -33.95 13.02
N PRO C 144 -64.22 -33.76 13.64
CA PRO C 144 -64.43 -34.27 14.99
C PRO C 144 -64.60 -35.78 15.06
N ASP C 145 -65.02 -36.40 13.97
CA ASP C 145 -65.31 -37.84 13.97
C ASP C 145 -64.10 -38.59 13.43
N ALA C 146 -63.03 -38.57 14.21
CA ALA C 146 -61.82 -39.20 13.71
C ALA C 146 -61.57 -40.53 14.40
N PRO C 147 -61.10 -41.53 13.66
CA PRO C 147 -60.66 -42.77 14.32
C PRO C 147 -59.38 -42.55 15.09
N LYS C 148 -59.26 -43.23 16.22
CA LYS C 148 -58.27 -42.90 17.24
C LYS C 148 -56.86 -43.37 16.92
N GLY C 149 -56.67 -44.12 15.84
CA GLY C 149 -55.31 -44.29 15.33
C GLY C 149 -54.72 -42.98 14.88
N SER C 150 -55.44 -42.27 14.00
CA SER C 150 -55.31 -40.83 13.78
C SER C 150 -53.94 -40.44 13.23
N THR C 151 -53.62 -40.93 12.06
CA THR C 151 -52.40 -40.44 11.43
C THR C 151 -52.59 -39.97 10.01
N ASP C 152 -53.39 -40.66 9.22
CA ASP C 152 -53.59 -40.27 7.83
C ASP C 152 -54.49 -39.05 7.76
N PRO C 153 -54.04 -37.93 7.19
CA PRO C 153 -54.77 -36.67 7.32
C PRO C 153 -56.06 -36.58 6.51
N LYS C 154 -56.48 -37.64 5.83
CA LYS C 154 -57.75 -37.61 5.13
C LYS C 154 -58.92 -37.82 6.08
N GLU C 155 -58.72 -38.60 7.15
CA GLU C 155 -59.73 -38.77 8.18
C GLU C 155 -59.40 -37.97 9.42
N LEU C 156 -58.33 -37.18 9.40
CA LEU C 156 -58.08 -36.19 10.45
C LEU C 156 -58.82 -34.90 10.19
N TYR C 157 -58.84 -34.44 8.94
CA TYR C 157 -59.38 -33.13 8.61
C TYR C 157 -60.35 -33.28 7.46
N ASN C 158 -61.25 -32.31 7.31
CA ASN C 158 -62.27 -32.41 6.29
C ASN C 158 -61.70 -32.18 4.90
N ASN C 159 -60.97 -31.08 4.73
CA ASN C 159 -60.45 -30.65 3.44
C ASN C 159 -58.97 -30.44 3.52
N ALA C 160 -58.26 -31.45 4.02
CA ALA C 160 -56.83 -31.32 4.26
C ALA C 160 -56.03 -31.19 2.97
N HIS C 161 -56.53 -31.73 1.86
CA HIS C 161 -55.89 -31.57 0.57
C HIS C 161 -56.85 -30.82 -0.35
N VAL C 162 -56.34 -29.82 -1.05
CA VAL C 162 -57.11 -29.16 -2.10
C VAL C 162 -56.58 -29.62 -3.44
N TYR C 163 -57.45 -30.20 -4.25
CA TYR C 163 -57.08 -30.77 -5.53
C TYR C 163 -57.51 -29.85 -6.65
N ALA C 164 -57.21 -30.26 -7.88
CA ALA C 164 -57.61 -29.44 -9.01
C ALA C 164 -59.09 -29.53 -9.32
N ARG C 165 -59.78 -30.59 -8.90
CA ARG C 165 -61.22 -30.62 -9.11
C ARG C 165 -61.98 -29.75 -8.12
N ASP C 166 -61.30 -29.06 -7.22
CA ASP C 166 -61.90 -28.00 -6.42
C ASP C 166 -61.91 -26.66 -7.15
N LEU C 167 -61.38 -26.60 -8.36
CA LEU C 167 -61.47 -25.40 -9.19
C LEU C 167 -62.82 -25.42 -9.88
N LYS C 168 -63.79 -24.74 -9.29
CA LYS C 168 -65.10 -24.66 -9.91
C LYS C 168 -65.06 -23.67 -11.07
N PHE C 169 -66.16 -23.60 -11.79
CA PHE C 169 -66.29 -22.80 -13.00
C PHE C 169 -67.49 -21.87 -12.88
N GLU C 170 -67.22 -20.57 -12.91
CA GLU C 170 -68.27 -19.56 -12.93
C GLU C 170 -68.47 -19.06 -14.34
N PRO C 171 -69.55 -19.42 -15.02
CA PRO C 171 -69.77 -18.94 -16.39
C PRO C 171 -70.21 -17.47 -16.38
N GLN C 172 -69.44 -16.63 -17.05
CA GLN C 172 -69.67 -15.20 -17.11
C GLN C 172 -70.42 -14.86 -18.40
N GLY C 173 -71.50 -14.10 -18.26
CA GLY C 173 -72.22 -13.62 -19.43
C GLY C 173 -72.94 -14.70 -20.20
N ARG C 174 -72.61 -14.87 -21.47
CA ARG C 174 -73.24 -15.88 -22.31
C ARG C 174 -72.57 -17.24 -22.18
N GLN C 175 -71.59 -17.37 -21.29
CA GLN C 175 -70.94 -18.66 -21.07
C GLN C 175 -71.82 -19.64 -20.32
N SER C 176 -72.94 -19.19 -19.75
CA SER C 176 -73.89 -20.10 -19.15
C SER C 176 -74.77 -20.80 -20.18
N THR C 177 -74.73 -20.36 -21.43
CA THR C 177 -75.39 -21.05 -22.54
C THR C 177 -74.40 -21.67 -23.51
N THR C 178 -73.29 -20.96 -23.79
CA THR C 178 -72.29 -21.47 -24.71
C THR C 178 -71.54 -22.66 -24.10
N PHE C 179 -71.06 -22.50 -22.87
CA PHE C 179 -70.43 -23.57 -22.13
C PHE C 179 -71.42 -24.34 -21.28
N ALA C 180 -72.70 -24.35 -21.66
CA ALA C 180 -73.68 -25.13 -20.92
C ALA C 180 -73.54 -26.62 -21.19
N ASP C 181 -72.94 -27.00 -22.31
CA ASP C 181 -72.75 -28.39 -22.65
C ASP C 181 -71.40 -28.91 -22.18
N CYS C 182 -70.37 -28.08 -22.26
CA CYS C 182 -69.01 -28.48 -21.90
C CYS C 182 -68.48 -27.58 -20.79
N PRO C 183 -68.69 -27.94 -19.52
CA PRO C 183 -68.12 -27.14 -18.44
C PRO C 183 -66.62 -27.37 -18.35
N VAL C 184 -65.94 -26.36 -17.83
CA VAL C 184 -64.49 -26.36 -17.74
C VAL C 184 -64.09 -27.24 -16.57
N VAL C 185 -63.49 -28.38 -16.87
CA VAL C 185 -62.97 -29.29 -15.85
C VAL C 185 -61.46 -29.40 -16.10
N PRO C 186 -60.65 -29.69 -15.08
CA PRO C 186 -59.21 -29.48 -15.23
C PRO C 186 -58.40 -30.58 -15.88
N ALA C 187 -59.03 -31.52 -16.61
CA ALA C 187 -58.37 -32.43 -17.55
C ALA C 187 -57.43 -33.46 -16.93
N ASP C 188 -57.17 -33.33 -15.64
CA ASP C 188 -56.37 -34.12 -14.71
C ASP C 188 -56.83 -33.65 -13.34
N PRO C 189 -58.01 -34.06 -12.88
CA PRO C 189 -58.62 -33.37 -11.75
C PRO C 189 -58.00 -33.66 -10.40
N ASP C 190 -57.20 -34.72 -10.26
CA ASP C 190 -56.56 -35.02 -8.99
C ASP C 190 -55.16 -34.46 -8.87
N ILE C 191 -54.87 -33.36 -9.59
CA ILE C 191 -53.64 -32.63 -9.35
C ILE C 191 -53.69 -32.02 -7.96
N LEU C 192 -52.75 -32.42 -7.13
CA LEU C 192 -52.62 -31.88 -5.79
C LEU C 192 -52.11 -30.45 -5.90
N LEU C 193 -52.98 -29.48 -5.67
CA LEU C 193 -52.55 -28.11 -5.71
C LEU C 193 -51.85 -27.71 -4.42
N ALA C 194 -52.50 -27.94 -3.30
CA ALA C 194 -51.96 -27.56 -2.01
C ALA C 194 -52.51 -28.51 -0.97
N LYS C 195 -52.01 -28.39 0.25
CA LYS C 195 -52.61 -29.13 1.36
C LYS C 195 -52.53 -28.30 2.62
N LEU C 196 -53.52 -28.51 3.48
CA LEU C 196 -53.90 -27.54 4.50
C LEU C 196 -53.96 -28.21 5.87
N ARG C 197 -54.20 -27.39 6.89
CA ARG C 197 -54.36 -27.74 8.28
C ARG C 197 -55.42 -26.80 8.83
N PRO C 198 -56.09 -27.14 9.95
CA PRO C 198 -57.25 -26.34 10.38
C PRO C 198 -56.94 -24.90 10.71
N GLY C 199 -57.79 -24.01 10.19
CA GLY C 199 -57.56 -22.60 10.31
C GLY C 199 -57.09 -22.01 9.00
N GLN C 200 -56.22 -22.74 8.31
CA GLN C 200 -55.72 -22.31 7.02
C GLN C 200 -56.83 -22.38 5.99
N GLU C 201 -56.78 -21.48 5.01
CA GLU C 201 -57.88 -21.31 4.08
C GLU C 201 -57.35 -20.73 2.78
N ILE C 202 -57.90 -21.19 1.66
CA ILE C 202 -57.58 -20.65 0.35
C ILE C 202 -58.87 -20.27 -0.34
N SER C 203 -58.95 -19.04 -0.85
CA SER C 203 -60.02 -18.64 -1.76
C SER C 203 -59.42 -17.74 -2.82
N LEU C 204 -59.92 -17.88 -4.05
CA LEU C 204 -59.32 -17.19 -5.18
C LEU C 204 -60.26 -17.29 -6.37
N LYS C 205 -59.99 -16.44 -7.36
CA LYS C 205 -60.54 -16.59 -8.70
C LYS C 205 -59.38 -16.52 -9.68
N ALA C 206 -59.49 -17.29 -10.76
CA ALA C 206 -58.44 -17.32 -11.77
C ALA C 206 -59.06 -17.01 -13.12
N HIS C 207 -58.44 -16.12 -13.87
CA HIS C 207 -58.92 -15.76 -15.20
C HIS C 207 -58.05 -16.44 -16.25
N CYS C 208 -58.69 -17.14 -17.17
CA CYS C 208 -58.06 -18.13 -18.03
C CYS C 208 -58.16 -17.69 -19.48
N ILE C 209 -57.09 -17.13 -20.01
CA ILE C 209 -57.04 -16.67 -21.38
C ILE C 209 -56.27 -17.71 -22.18
N LEU C 210 -56.22 -17.55 -23.48
CA LEU C 210 -55.46 -18.50 -24.29
C LEU C 210 -54.23 -17.84 -24.90
N GLY C 211 -53.14 -18.59 -24.96
CA GLY C 211 -51.89 -18.14 -25.52
C GLY C 211 -51.17 -19.30 -26.17
N ILE C 212 -49.91 -19.14 -26.54
CA ILE C 212 -49.14 -20.20 -27.17
C ILE C 212 -47.95 -20.56 -26.30
N GLY C 213 -47.31 -21.67 -26.66
CA GLY C 213 -46.27 -22.25 -25.84
C GLY C 213 -44.96 -21.50 -25.83
N GLY C 214 -44.70 -20.67 -26.85
CA GLY C 214 -43.49 -19.88 -26.85
C GLY C 214 -43.53 -18.71 -25.89
N ASP C 215 -44.72 -18.35 -25.43
CA ASP C 215 -44.90 -17.33 -24.40
C ASP C 215 -44.57 -17.88 -23.02
N HIS C 216 -45.35 -18.85 -22.58
CA HIS C 216 -45.10 -19.58 -21.35
C HIS C 216 -45.27 -21.05 -21.68
N ALA C 217 -44.66 -21.91 -20.87
CA ALA C 217 -44.81 -23.34 -21.12
C ALA C 217 -46.14 -23.87 -20.67
N LYS C 218 -46.93 -23.08 -19.95
CA LYS C 218 -48.21 -23.54 -19.48
C LYS C 218 -49.24 -23.58 -20.58
N PHE C 219 -48.99 -22.88 -21.68
CA PHE C 219 -49.91 -22.86 -22.81
C PHE C 219 -49.59 -23.92 -23.83
N SER C 220 -48.58 -24.73 -23.60
CA SER C 220 -48.22 -25.76 -24.57
C SER C 220 -49.26 -26.86 -24.54
N PRO C 221 -49.82 -27.26 -25.68
CA PRO C 221 -50.93 -28.22 -25.65
C PRO C 221 -50.50 -29.66 -25.48
N VAL C 222 -49.27 -30.03 -25.81
CA VAL C 222 -48.83 -31.42 -25.77
C VAL C 222 -48.05 -31.68 -24.49
N SER C 223 -48.03 -32.94 -24.06
CA SER C 223 -47.15 -33.36 -22.98
C SER C 223 -45.80 -33.80 -23.47
N THR C 224 -45.74 -34.35 -24.69
CA THR C 224 -44.59 -34.24 -25.59
C THR C 224 -45.06 -34.63 -26.98
N ALA C 225 -44.85 -33.74 -27.95
CA ALA C 225 -44.99 -34.06 -29.36
C ALA C 225 -43.59 -34.19 -29.91
N SER C 226 -43.18 -35.41 -30.22
CA SER C 226 -41.85 -35.66 -30.73
C SER C 226 -41.94 -36.64 -31.87
N TYR C 227 -40.83 -36.88 -32.55
CA TYR C 227 -40.78 -37.89 -33.58
C TYR C 227 -39.55 -38.74 -33.38
N ARG C 228 -39.43 -39.78 -34.21
CA ARG C 228 -38.20 -40.51 -34.39
C ARG C 228 -38.21 -41.16 -35.76
N LEU C 229 -37.02 -41.46 -36.26
CA LEU C 229 -36.90 -42.13 -37.53
C LEU C 229 -36.90 -43.63 -37.30
N LEU C 230 -37.32 -44.45 -38.40
CA LEU C 230 -37.27 -45.84 -37.93
C LEU C 230 -35.87 -46.41 -38.11
N PRO C 231 -35.47 -47.30 -37.21
CA PRO C 231 -34.19 -47.98 -37.37
C PRO C 231 -34.36 -49.15 -38.33
N GLN C 232 -33.45 -49.28 -39.27
CA GLN C 232 -33.40 -50.51 -40.03
C GLN C 232 -32.18 -51.30 -39.58
N ILE C 233 -32.37 -52.61 -39.43
CA ILE C 233 -31.31 -53.49 -38.96
C ILE C 233 -31.02 -54.45 -40.09
N ASN C 234 -29.88 -54.27 -40.73
CA ASN C 234 -29.49 -55.10 -41.85
C ASN C 234 -28.52 -56.16 -41.36
N ILE C 235 -28.98 -57.40 -41.31
CA ILE C 235 -28.15 -58.53 -40.91
C ILE C 235 -27.43 -59.00 -42.16
N LEU C 236 -26.28 -58.42 -42.41
CA LEU C 236 -25.37 -58.94 -43.42
C LEU C 236 -24.80 -60.26 -42.92
N GLN C 237 -24.63 -61.24 -43.83
CA GLN C 237 -23.81 -62.44 -43.60
C GLN C 237 -24.30 -63.27 -42.41
N PRO C 238 -25.36 -64.06 -42.59
CA PRO C 238 -26.29 -64.40 -41.49
C PRO C 238 -25.67 -65.10 -40.29
N ILE C 239 -26.32 -64.93 -39.15
CA ILE C 239 -25.79 -65.28 -37.84
C ILE C 239 -26.65 -66.40 -37.27
N LYS C 240 -26.00 -67.50 -36.86
CA LYS C 240 -26.73 -68.67 -36.39
C LYS C 240 -26.09 -69.23 -35.14
N GLY C 241 -26.76 -70.20 -34.55
CA GLY C 241 -26.20 -70.90 -33.40
C GLY C 241 -26.35 -70.12 -32.11
N GLU C 242 -25.36 -70.29 -31.23
CA GLU C 242 -25.36 -69.56 -29.97
C GLU C 242 -24.99 -68.10 -30.18
N SER C 243 -24.28 -67.79 -31.26
CA SER C 243 -24.02 -66.39 -31.60
C SER C 243 -25.30 -65.67 -31.94
N ALA C 244 -26.27 -66.35 -32.54
CA ALA C 244 -27.57 -65.74 -32.77
C ALA C 244 -28.36 -65.61 -31.48
N ARG C 245 -28.03 -66.40 -30.46
CA ARG C 245 -28.70 -66.24 -29.17
C ARG C 245 -28.23 -64.98 -28.47
N ARG C 246 -26.95 -64.65 -28.59
CA ARG C 246 -26.46 -63.42 -28.00
C ARG C 246 -26.59 -62.22 -28.93
N PHE C 247 -26.80 -62.45 -30.22
CA PHE C 247 -27.18 -61.37 -31.12
C PHE C 247 -28.62 -60.95 -30.88
N GLN C 248 -29.44 -61.86 -30.38
CA GLN C 248 -30.80 -61.48 -29.99
C GLN C 248 -30.78 -60.59 -28.77
N LYS C 249 -29.88 -60.87 -27.82
CA LYS C 249 -29.87 -60.15 -26.55
C LYS C 249 -29.31 -58.75 -26.67
N CYS C 250 -28.56 -58.46 -27.74
CA CYS C 250 -28.00 -57.13 -27.93
C CYS C 250 -29.05 -56.09 -28.28
N PHE C 251 -30.26 -56.51 -28.62
CA PHE C 251 -31.37 -55.64 -28.95
C PHE C 251 -32.42 -55.69 -27.86
N PRO C 252 -33.38 -54.77 -27.86
CA PRO C 252 -34.59 -54.93 -27.05
C PRO C 252 -35.33 -56.20 -27.42
N PRO C 253 -36.12 -56.78 -26.51
CA PRO C 253 -36.47 -58.22 -26.65
C PRO C 253 -37.39 -58.55 -27.80
N GLY C 254 -38.34 -57.70 -28.14
CA GLY C 254 -39.22 -58.08 -29.23
C GLY C 254 -38.68 -57.83 -30.61
N VAL C 255 -37.49 -57.24 -30.72
CA VAL C 255 -37.03 -56.68 -31.98
C VAL C 255 -36.58 -57.76 -32.92
N ILE C 256 -35.91 -58.78 -32.41
CA ILE C 256 -35.23 -59.75 -33.26
C ILE C 256 -35.59 -61.16 -32.83
N GLY C 257 -36.00 -61.98 -33.80
CA GLY C 257 -36.39 -63.35 -33.56
C GLY C 257 -35.39 -64.34 -34.14
N ILE C 258 -35.58 -65.59 -33.76
CA ILE C 258 -34.80 -66.71 -34.28
C ILE C 258 -35.78 -67.75 -34.78
N ASP C 259 -35.59 -68.22 -36.02
CA ASP C 259 -36.65 -68.95 -36.70
C ASP C 259 -36.79 -70.40 -36.20
N GLU C 260 -35.77 -71.22 -36.36
CA GLU C 260 -35.83 -72.61 -35.92
C GLU C 260 -34.56 -72.99 -35.18
N GLY C 261 -34.18 -72.14 -34.23
CA GLY C 261 -33.08 -72.46 -33.33
C GLY C 261 -31.73 -72.01 -33.82
N SER C 262 -31.22 -72.62 -34.88
CA SER C 262 -29.88 -72.27 -35.35
C SER C 262 -29.83 -72.21 -36.86
N ASP C 263 -30.96 -71.91 -37.52
CA ASP C 263 -30.90 -71.67 -38.95
C ASP C 263 -30.27 -70.31 -39.24
N GLU C 264 -30.91 -69.23 -38.80
CA GLU C 264 -30.31 -67.91 -38.84
C GLU C 264 -31.04 -67.02 -37.85
N ALA C 265 -30.45 -65.85 -37.61
CA ALA C 265 -31.11 -64.78 -36.88
C ALA C 265 -31.71 -63.82 -37.90
N TYR C 266 -33.00 -63.57 -37.79
CA TYR C 266 -33.69 -62.62 -38.66
C TYR C 266 -34.26 -61.51 -37.81
N VAL C 267 -34.35 -60.32 -38.38
CA VAL C 267 -34.91 -59.17 -37.69
C VAL C 267 -36.43 -59.25 -37.77
N LYS C 268 -37.09 -59.13 -36.62
CA LYS C 268 -38.53 -59.30 -36.53
C LYS C 268 -39.29 -57.97 -36.61
N ASP C 269 -39.07 -57.08 -35.66
CA ASP C 269 -39.77 -55.79 -35.58
C ASP C 269 -38.73 -54.72 -35.35
N ALA C 270 -38.13 -54.21 -36.42
CA ALA C 270 -37.11 -53.19 -36.29
C ALA C 270 -37.67 -51.82 -35.96
N ARG C 271 -38.99 -51.68 -35.87
CA ARG C 271 -39.59 -50.47 -35.33
C ARG C 271 -39.33 -50.36 -33.83
N LYS C 272 -39.15 -51.48 -33.17
CA LYS C 272 -39.30 -51.54 -31.72
C LYS C 272 -38.03 -51.14 -30.97
N ASP C 273 -36.87 -51.15 -31.62
CA ASP C 273 -35.64 -50.93 -30.86
C ASP C 273 -35.37 -49.45 -30.62
N THR C 274 -35.16 -49.11 -29.36
CA THR C 274 -34.36 -47.98 -28.98
C THR C 274 -32.96 -48.20 -29.50
N VAL C 275 -32.46 -47.32 -30.36
CA VAL C 275 -31.13 -47.47 -30.92
C VAL C 275 -30.11 -47.20 -29.82
N SER C 276 -29.43 -48.25 -29.37
CA SER C 276 -28.40 -48.14 -28.38
C SER C 276 -27.06 -48.64 -28.88
N ARG C 277 -27.01 -49.16 -30.12
CA ARG C 277 -25.85 -49.70 -30.83
C ARG C 277 -24.94 -50.53 -29.94
N GLU C 278 -25.56 -51.37 -29.12
CA GLU C 278 -24.85 -52.31 -28.26
C GLU C 278 -24.25 -53.48 -29.03
N VAL C 279 -24.57 -53.60 -30.32
CA VAL C 279 -23.99 -54.62 -31.15
C VAL C 279 -22.60 -54.20 -31.60
N LEU C 280 -22.36 -52.90 -31.70
CA LEU C 280 -21.14 -52.40 -32.27
C LEU C 280 -19.99 -52.38 -31.29
N ARG C 281 -20.23 -52.74 -30.04
CA ARG C 281 -19.16 -52.86 -29.06
C ARG C 281 -18.64 -54.28 -28.96
N TYR C 282 -19.15 -55.18 -29.79
CA TYR C 282 -18.67 -56.56 -29.87
C TYR C 282 -18.07 -56.78 -31.24
N GLU C 283 -16.80 -57.14 -31.28
CA GLU C 283 -16.08 -57.25 -32.55
C GLU C 283 -16.46 -58.50 -33.33
N GLU C 284 -17.20 -59.43 -32.73
CA GLU C 284 -17.66 -60.58 -33.49
C GLU C 284 -18.75 -60.20 -34.49
N PHE C 285 -19.75 -59.45 -34.04
CA PHE C 285 -20.85 -59.09 -34.92
C PHE C 285 -20.52 -57.96 -35.86
N ALA C 286 -19.51 -57.16 -35.56
CA ALA C 286 -19.08 -56.13 -36.50
C ALA C 286 -18.33 -56.80 -37.64
N ASP C 287 -18.75 -56.48 -38.87
CA ASP C 287 -18.70 -57.12 -40.20
C ASP C 287 -19.85 -58.08 -40.46
N LYS C 288 -20.76 -58.31 -39.50
CA LYS C 288 -21.93 -59.15 -39.77
C LYS C 288 -23.22 -58.45 -39.40
N VAL C 289 -23.20 -57.12 -39.29
CA VAL C 289 -24.41 -56.34 -39.09
C VAL C 289 -24.11 -54.92 -39.56
N LYS C 290 -25.12 -54.24 -40.07
CA LYS C 290 -24.98 -52.84 -40.43
C LYS C 290 -26.30 -52.16 -40.13
N LEU C 291 -26.41 -51.59 -38.95
CA LEU C 291 -27.65 -51.00 -38.49
C LEU C 291 -27.66 -49.52 -38.83
N GLY C 292 -28.82 -49.04 -39.25
CA GLY C 292 -28.93 -47.70 -39.75
C GLY C 292 -30.23 -47.10 -39.30
N ARG C 293 -30.73 -46.17 -40.09
CA ARG C 293 -31.89 -45.37 -39.73
C ARG C 293 -32.40 -44.63 -40.96
N VAL C 294 -33.70 -44.74 -41.20
CA VAL C 294 -34.30 -44.26 -42.44
C VAL C 294 -34.70 -42.81 -42.28
N ARG C 295 -34.10 -41.93 -43.07
CA ARG C 295 -34.25 -40.49 -42.81
C ARG C 295 -35.57 -39.97 -43.36
N ASN C 296 -36.20 -40.69 -44.27
CA ASN C 296 -37.52 -40.28 -44.74
C ASN C 296 -38.61 -40.63 -43.76
N HIS C 297 -38.48 -41.75 -43.08
CA HIS C 297 -39.59 -42.34 -42.35
C HIS C 297 -39.64 -41.79 -40.94
N PHE C 298 -40.61 -40.94 -40.65
CA PHE C 298 -40.75 -40.36 -39.32
C PHE C 298 -41.83 -41.12 -38.57
N ILE C 299 -41.70 -41.19 -37.26
CA ILE C 299 -42.71 -41.83 -36.44
C ILE C 299 -43.14 -40.83 -35.38
N PHE C 300 -44.27 -40.15 -35.59
CA PHE C 300 -44.66 -39.20 -34.58
C PHE C 300 -45.36 -39.89 -33.43
N ASN C 301 -45.09 -39.41 -32.23
CA ASN C 301 -45.86 -39.69 -31.03
C ASN C 301 -46.28 -38.35 -30.48
N VAL C 302 -47.57 -38.09 -30.48
CA VAL C 302 -48.11 -36.83 -30.01
C VAL C 302 -49.07 -37.14 -28.88
N GLU C 303 -48.68 -36.81 -27.66
CA GLU C 303 -49.56 -37.01 -26.51
C GLU C 303 -49.98 -35.66 -25.93
N SER C 304 -51.27 -35.54 -25.67
CA SER C 304 -51.91 -34.28 -25.32
C SER C 304 -51.81 -34.02 -23.82
N ALA C 305 -52.12 -32.78 -23.44
CA ALA C 305 -52.26 -32.45 -22.04
C ALA C 305 -53.70 -32.55 -21.56
N GLY C 306 -54.64 -32.73 -22.47
CA GLY C 306 -56.02 -32.94 -22.09
C GLY C 306 -57.02 -32.13 -22.89
N ALA C 307 -56.61 -30.94 -23.34
CA ALA C 307 -57.56 -29.95 -23.84
C ALA C 307 -58.19 -30.37 -25.15
N MET C 308 -57.44 -30.95 -26.06
CA MET C 308 -57.97 -31.31 -27.36
C MET C 308 -57.29 -32.59 -27.83
N THR C 309 -57.96 -33.29 -28.73
CA THR C 309 -57.54 -34.63 -29.13
C THR C 309 -56.25 -34.55 -29.94
N PRO C 310 -55.32 -35.50 -29.78
CA PRO C 310 -53.97 -35.32 -30.32
C PRO C 310 -53.85 -35.44 -31.83
N GLU C 311 -54.92 -35.76 -32.55
CA GLU C 311 -54.88 -35.59 -34.00
C GLU C 311 -55.43 -34.25 -34.42
N GLU C 312 -56.10 -33.53 -33.51
CA GLU C 312 -56.48 -32.17 -33.82
C GLU C 312 -55.33 -31.21 -33.54
N ILE C 313 -54.43 -31.58 -32.62
CA ILE C 313 -53.19 -30.84 -32.45
C ILE C 313 -52.35 -30.91 -33.71
N PHE C 314 -52.33 -32.07 -34.38
CA PHE C 314 -51.54 -32.17 -35.59
C PHE C 314 -52.22 -31.48 -36.75
N PHE C 315 -53.55 -31.55 -36.84
CA PHE C 315 -54.25 -30.89 -37.94
C PHE C 315 -54.18 -29.38 -37.80
N LYS C 316 -54.19 -28.87 -36.58
CA LYS C 316 -54.00 -27.44 -36.40
C LYS C 316 -52.58 -27.02 -36.74
N SER C 317 -51.60 -27.87 -36.46
CA SER C 317 -50.22 -27.46 -36.64
C SER C 317 -49.81 -27.45 -38.10
N VAL C 318 -50.40 -28.31 -38.91
CA VAL C 318 -50.17 -28.22 -40.35
C VAL C 318 -50.88 -26.99 -40.89
N ARG C 319 -52.05 -26.69 -40.34
CA ARG C 319 -52.81 -25.53 -40.75
C ARG C 319 -52.12 -24.23 -40.36
N ILE C 320 -51.36 -24.23 -39.26
CA ILE C 320 -50.65 -23.02 -38.85
C ILE C 320 -49.44 -22.78 -39.74
N LEU C 321 -48.69 -23.84 -40.08
CA LEU C 321 -47.53 -23.68 -40.95
C LEU C 321 -47.95 -23.33 -42.37
N LYS C 322 -49.15 -23.77 -42.78
CA LYS C 322 -49.70 -23.33 -44.06
C LYS C 322 -50.06 -21.85 -44.01
N ASN C 323 -50.66 -21.39 -42.93
CA ASN C 323 -51.08 -20.01 -42.86
C ASN C 323 -49.93 -19.05 -42.63
N LYS C 324 -48.75 -19.57 -42.27
CA LYS C 324 -47.56 -18.72 -42.22
C LYS C 324 -47.03 -18.43 -43.61
N ALA C 325 -46.99 -19.44 -44.47
CA ALA C 325 -46.56 -19.23 -45.83
C ALA C 325 -47.61 -18.47 -46.64
N GLU C 326 -48.88 -18.57 -46.24
CA GLU C 326 -49.92 -17.86 -46.95
C GLU C 326 -49.92 -16.38 -46.61
N TYR C 327 -49.77 -16.06 -45.32
CA TYR C 327 -49.71 -14.67 -44.88
C TYR C 327 -48.54 -13.95 -45.51
N LEU C 328 -47.39 -14.61 -45.54
CA LEU C 328 -46.16 -13.98 -46.01
C LEU C 328 -46.16 -13.82 -47.51
N LYS C 329 -46.92 -14.63 -48.23
CA LYS C 329 -47.01 -14.47 -49.67
C LYS C 329 -47.91 -13.28 -50.03
N ASN C 330 -48.90 -13.00 -49.20
CA ASN C 330 -49.81 -11.90 -49.47
C ASN C 330 -49.40 -10.59 -48.82
N CYS C 331 -48.20 -10.52 -48.27
CA CYS C 331 -47.62 -9.30 -47.72
C CYS C 331 -46.76 -8.60 -48.75
N PRO C 332 -46.83 -7.27 -48.84
CA PRO C 332 -45.98 -6.55 -49.77
C PRO C 332 -44.56 -6.45 -49.23
N ILE C 333 -43.59 -6.54 -50.13
CA ILE C 333 -42.19 -6.49 -49.75
C ILE C 333 -41.75 -5.04 -49.77
N THR C 334 -41.45 -4.51 -48.60
CA THR C 334 -41.11 -3.10 -48.41
C THR C 334 -39.69 -2.88 -48.92
N GLN C 335 -39.58 -2.37 -50.13
CA GLN C 335 -38.27 -2.16 -50.74
C GLN C 335 -37.57 -0.95 -50.14
N MET D 1 -3.26 40.97 -21.63
CA MET D 1 -3.41 42.34 -22.09
C MET D 1 -2.17 43.17 -21.83
N LYS D 2 -1.65 43.80 -22.87
CA LYS D 2 -0.56 44.75 -22.72
C LYS D 2 -0.73 45.85 -23.74
N VAL D 3 -0.65 47.10 -23.29
CA VAL D 3 -0.54 48.24 -24.20
C VAL D 3 0.93 48.52 -24.45
N LEU D 4 1.31 48.51 -25.72
CA LEU D 4 2.73 48.59 -26.06
C LEU D 4 3.22 50.03 -26.02
N GLU D 5 2.45 50.94 -26.61
CA GLU D 5 2.74 52.36 -26.56
C GLU D 5 1.45 53.12 -26.42
N GLU D 6 1.45 54.12 -25.55
CA GLU D 6 0.19 54.77 -25.19
C GLU D 6 -0.31 55.71 -26.27
N ARG D 7 0.58 56.27 -27.08
CA ARG D 7 0.17 57.20 -28.13
C ARG D 7 1.01 56.91 -29.37
N ASN D 8 0.42 56.13 -30.29
CA ASN D 8 1.05 55.90 -31.57
C ASN D 8 1.07 57.18 -32.39
N ALA D 9 -0.09 57.83 -32.51
CA ALA D 9 -0.22 59.10 -33.22
C ALA D 9 -1.48 59.79 -32.73
N PHE D 10 -1.55 61.09 -33.02
CA PHE D 10 -2.77 61.83 -32.75
C PHE D 10 -3.79 61.54 -33.84
N LEU D 11 -5.00 62.03 -33.63
CA LEU D 11 -6.05 61.91 -34.63
C LEU D 11 -6.80 63.23 -34.72
N SER D 12 -6.75 63.88 -35.87
CA SER D 12 -7.68 64.96 -36.15
C SER D 12 -9.09 64.39 -36.23
N ASP D 13 -10.07 65.13 -35.70
CA ASP D 13 -11.41 64.60 -35.53
C ASP D 13 -12.17 64.40 -36.84
N TYR D 14 -11.68 64.95 -37.95
CA TYR D 14 -12.28 64.60 -39.23
C TYR D 14 -11.98 63.15 -39.60
N GLU D 15 -10.81 62.67 -39.20
CA GLU D 15 -10.46 61.26 -39.46
C GLU D 15 -11.34 60.34 -38.63
N VAL D 16 -11.62 60.73 -37.39
CA VAL D 16 -12.46 59.93 -36.51
C VAL D 16 -13.90 59.93 -37.00
N LEU D 17 -14.38 61.09 -37.45
CA LEU D 17 -15.75 61.18 -37.94
C LEU D 17 -15.90 60.46 -39.27
N LYS D 18 -14.86 60.48 -40.11
CA LYS D 18 -14.90 59.72 -41.35
C LYS D 18 -14.85 58.22 -41.08
N PHE D 19 -14.14 57.82 -40.02
CA PHE D 19 -14.09 56.42 -39.64
C PHE D 19 -15.44 55.93 -39.14
N LEU D 20 -16.10 56.71 -38.29
CA LEU D 20 -17.33 56.24 -37.65
C LEU D 20 -18.54 56.36 -38.57
N THR D 21 -18.48 57.22 -39.59
CA THR D 21 -19.53 57.19 -40.61
C THR D 21 -19.42 55.93 -41.46
N ASP D 22 -18.20 55.47 -41.72
CA ASP D 22 -18.04 54.20 -42.41
C ASP D 22 -18.45 53.03 -41.54
N LEU D 23 -18.30 53.16 -40.22
CA LEU D 23 -18.73 52.12 -39.30
C LEU D 23 -20.25 52.03 -39.25
N GLU D 24 -20.94 53.16 -39.35
CA GLU D 24 -22.40 53.13 -39.36
C GLU D 24 -22.94 52.54 -40.65
N LYS D 25 -22.26 52.76 -41.77
CA LYS D 25 -22.66 52.12 -43.01
C LYS D 25 -22.35 50.63 -43.00
N LYS D 26 -21.23 50.25 -42.39
CA LYS D 26 -20.85 48.84 -42.35
C LYS D 26 -21.72 48.06 -41.37
N HIS D 27 -22.07 48.67 -40.25
CA HIS D 27 -22.94 48.03 -39.26
C HIS D 27 -24.38 48.50 -39.37
N LEU D 28 -24.81 48.82 -40.60
CA LEU D 28 -26.19 49.18 -40.95
C LEU D 28 -26.72 50.41 -40.19
N PRO D 49 -29.04 40.81 -37.41
CA PRO D 49 -28.62 42.15 -36.97
C PRO D 49 -27.42 42.11 -36.04
N TYR D 50 -26.65 43.18 -36.02
CA TYR D 50 -25.45 43.30 -35.20
C TYR D 50 -25.72 44.37 -34.15
N ASN D 51 -26.33 43.95 -33.03
CA ASN D 51 -26.73 44.86 -31.97
C ASN D 51 -25.74 44.72 -30.82
N HIS D 52 -25.06 45.81 -30.49
CA HIS D 52 -24.23 45.85 -29.30
C HIS D 52 -24.83 46.83 -28.32
N PRO D 53 -25.02 46.47 -27.05
CA PRO D 53 -25.56 47.43 -26.08
C PRO D 53 -24.58 48.53 -25.73
N GLU D 54 -23.28 48.29 -25.90
CA GLU D 54 -22.26 49.25 -25.51
C GLU D 54 -21.64 49.95 -26.71
N LEU D 55 -21.28 49.20 -27.76
CA LEU D 55 -20.63 49.80 -28.91
C LEU D 55 -21.59 50.69 -29.69
N GLN D 56 -22.74 50.14 -30.07
CA GLN D 56 -23.68 50.83 -30.95
C GLN D 56 -24.27 52.08 -30.30
N GLY D 57 -24.36 52.08 -28.96
CA GLY D 57 -24.80 53.29 -28.28
C GLY D 57 -23.75 54.39 -28.30
N ILE D 58 -22.51 54.04 -27.97
CA ILE D 58 -21.49 55.07 -27.78
C ILE D 58 -20.98 55.60 -29.12
N THR D 59 -20.93 54.76 -30.16
CA THR D 59 -20.56 55.29 -31.47
C THR D 59 -21.65 56.16 -32.09
N ARG D 60 -22.85 56.16 -31.51
CA ARG D 60 -23.91 57.10 -31.85
C ARG D 60 -23.81 58.38 -31.02
N ASN D 61 -23.41 58.27 -29.75
CA ASN D 61 -23.30 59.43 -28.89
C ASN D 61 -22.03 60.24 -29.10
N VAL D 62 -21.10 59.76 -29.93
CA VAL D 62 -19.85 60.49 -30.12
C VAL D 62 -19.90 61.22 -31.44
N VAL D 63 -20.71 60.74 -32.39
CA VAL D 63 -20.73 61.39 -33.69
C VAL D 63 -21.63 62.62 -33.69
N ASN D 64 -22.73 62.59 -32.94
CA ASN D 64 -23.53 63.80 -32.80
C ASN D 64 -22.85 64.80 -31.87
N TYR D 65 -22.06 64.31 -30.91
CA TYR D 65 -21.23 65.19 -30.09
C TYR D 65 -20.18 65.89 -30.92
N LEU D 66 -19.58 65.18 -31.88
CA LEU D 66 -18.51 65.77 -32.67
C LEU D 66 -19.05 66.75 -33.71
N SER D 67 -20.32 66.64 -34.06
CA SER D 67 -20.96 67.60 -34.96
C SER D 67 -21.14 68.96 -34.29
N PHE D 103 -10.83 69.15 -46.08
CA PHE D 103 -9.74 69.03 -45.11
C PHE D 103 -8.39 69.02 -45.82
N ALA D 104 -8.38 68.55 -47.07
CA ALA D 104 -7.14 68.42 -47.82
C ALA D 104 -6.56 69.77 -48.22
N GLU D 105 -7.37 70.83 -48.20
CA GLU D 105 -6.90 72.16 -48.52
C GLU D 105 -6.45 72.95 -47.30
N LEU D 106 -6.95 72.62 -46.12
CA LEU D 106 -6.58 73.32 -44.90
C LEU D 106 -5.35 72.72 -44.25
N MET D 107 -4.94 71.52 -44.65
CA MET D 107 -3.82 70.83 -44.03
C MET D 107 -2.47 71.38 -44.48
N THR D 108 -2.44 72.28 -45.44
CA THR D 108 -1.20 72.88 -45.93
C THR D 108 -0.91 74.24 -45.32
N LYS D 109 -1.93 75.10 -45.26
CA LYS D 109 -1.71 76.49 -44.86
C LYS D 109 -1.45 76.63 -43.36
N LEU D 110 -1.97 75.71 -42.55
CA LEU D 110 -1.64 75.72 -41.13
C LEU D 110 -0.19 75.30 -40.89
N ASN D 111 0.31 74.37 -41.71
CA ASN D 111 1.68 73.89 -41.53
C ASN D 111 2.70 74.92 -42.00
N SER D 112 2.31 75.79 -42.93
CA SER D 112 3.22 76.83 -43.41
C SER D 112 3.39 77.94 -42.39
N PHE D 113 2.50 78.03 -41.39
CA PHE D 113 2.56 79.10 -40.40
C PHE D 113 3.59 78.85 -39.32
N LYS D 114 4.22 77.67 -39.31
CA LYS D 114 5.23 77.24 -38.34
C LYS D 114 4.71 77.29 -36.90
N LEU D 115 3.42 76.96 -36.74
CA LEU D 115 2.84 76.72 -35.44
C LEU D 115 3.13 75.27 -35.03
N PHE D 116 3.07 75.01 -33.73
CA PHE D 116 3.50 73.72 -33.22
C PHE D 116 2.40 72.68 -33.32
N LYS D 117 2.78 71.45 -33.67
CA LYS D 117 1.85 70.37 -34.00
C LYS D 117 1.03 69.91 -32.81
N ALA D 118 1.45 70.22 -31.58
CA ALA D 118 0.68 69.81 -30.41
C ALA D 118 -0.66 70.53 -30.34
N GLU D 119 -0.64 71.85 -30.46
CA GLU D 119 -1.85 72.65 -30.43
C GLU D 119 -2.44 72.87 -31.81
N LYS D 120 -1.77 72.40 -32.87
CA LYS D 120 -2.26 72.61 -34.22
C LYS D 120 -3.50 71.76 -34.50
N LEU D 121 -3.57 70.57 -33.90
CA LEU D 121 -4.67 69.65 -34.17
C LEU D 121 -6.00 70.18 -33.68
N GLN D 122 -6.01 70.98 -32.62
CA GLN D 122 -7.26 71.47 -32.08
C GLN D 122 -7.88 72.54 -32.95
N ILE D 123 -7.07 73.18 -33.81
CA ILE D 123 -7.60 74.12 -34.79
C ILE D 123 -8.49 73.40 -35.80
N VAL D 124 -8.03 72.26 -36.31
CA VAL D 124 -8.82 71.51 -37.28
C VAL D 124 -9.79 70.54 -36.62
N ASN D 125 -9.71 70.35 -35.31
CA ASN D 125 -10.72 69.54 -34.62
C ASN D 125 -12.01 70.34 -34.41
N GLN D 126 -11.91 71.41 -33.63
CA GLN D 126 -13.03 72.33 -33.45
C GLN D 126 -12.63 73.68 -34.03
N LEU D 127 -13.58 74.36 -34.63
CA LEU D 127 -13.20 75.57 -35.34
C LEU D 127 -13.47 76.77 -34.46
N PRO D 128 -12.51 77.68 -34.31
CA PRO D 128 -12.69 78.86 -33.46
C PRO D 128 -13.72 79.82 -34.03
N ALA D 129 -14.80 80.05 -33.28
CA ALA D 129 -15.82 81.00 -33.65
C ALA D 129 -15.51 82.41 -33.18
N ASN D 130 -14.40 82.60 -32.47
CA ASN D 130 -14.04 83.92 -31.96
C ASN D 130 -12.54 84.03 -31.89
N MET D 131 -12.06 85.28 -31.88
CA MET D 131 -10.63 85.55 -31.78
C MET D 131 -10.08 85.14 -30.43
N VAL D 132 -10.86 85.27 -29.36
CA VAL D 132 -10.38 84.90 -28.03
C VAL D 132 -10.32 83.38 -27.91
N HIS D 133 -11.11 82.65 -28.68
CA HIS D 133 -10.94 81.20 -28.75
C HIS D 133 -9.68 80.84 -29.52
N LEU D 134 -9.39 81.60 -30.58
CA LEU D 134 -8.12 81.44 -31.28
C LEU D 134 -6.96 81.88 -30.40
N TYR D 135 -7.18 82.89 -29.55
CA TYR D 135 -6.20 83.22 -28.52
C TYR D 135 -6.07 82.11 -27.49
N SER D 136 -7.15 81.38 -27.25
CA SER D 136 -7.14 80.36 -26.20
C SER D 136 -6.36 79.12 -26.62
N ILE D 137 -6.29 78.83 -27.92
CA ILE D 137 -5.57 77.66 -28.38
C ILE D 137 -4.07 77.89 -28.27
N VAL D 138 -3.56 78.88 -28.99
CA VAL D 138 -2.12 79.13 -29.02
C VAL D 138 -1.71 79.91 -27.77
N GLU D 139 -0.79 79.34 -27.01
CA GLU D 139 -0.16 80.05 -25.92
C GLU D 139 0.92 80.99 -26.47
N GLU D 140 1.10 82.12 -25.78
CA GLU D 140 1.92 83.25 -26.23
C GLU D 140 1.50 83.70 -27.63
N CYS D 141 0.19 83.97 -27.78
CA CYS D 141 -0.34 84.38 -29.07
C CYS D 141 0.14 85.76 -29.46
N ASP D 142 0.43 86.62 -28.49
CA ASP D 142 0.90 87.97 -28.77
C ASP D 142 2.42 88.10 -28.68
N ALA D 143 3.08 87.21 -27.94
CA ALA D 143 4.51 87.33 -27.67
C ALA D 143 5.38 86.45 -28.57
N ARG D 144 4.97 85.19 -28.80
CA ARG D 144 5.81 84.29 -29.58
C ARG D 144 5.80 84.66 -31.07
N PHE D 145 4.70 85.22 -31.54
CA PHE D 145 4.64 85.73 -32.91
C PHE D 145 3.73 86.96 -32.94
N ASP D 146 3.66 87.58 -34.10
CA ASP D 146 3.03 88.89 -34.23
C ASP D 146 1.50 88.80 -34.22
N GLU D 147 0.86 89.95 -34.39
CA GLU D 147 -0.58 90.06 -34.29
C GLU D 147 -1.28 89.96 -35.64
N LYS D 148 -0.63 90.45 -36.71
CA LYS D 148 -1.30 90.62 -38.00
C LYS D 148 -1.66 89.28 -38.65
N THR D 149 -0.94 88.22 -38.32
CA THR D 149 -1.25 86.91 -38.90
C THR D 149 -2.34 86.17 -38.14
N ILE D 150 -2.78 86.70 -37.00
CA ILE D 150 -3.77 85.99 -36.19
C ILE D 150 -5.15 86.11 -36.82
N GLU D 151 -5.52 87.31 -37.28
CA GLU D 151 -6.75 87.46 -38.05
C GLU D 151 -6.60 86.92 -39.46
N GLU D 152 -5.36 86.74 -39.94
CA GLU D 152 -5.11 86.06 -41.21
C GLU D 152 -5.39 84.57 -41.11
N MET D 153 -5.37 84.01 -39.90
CA MET D 153 -5.79 82.63 -39.71
C MET D 153 -7.30 82.49 -39.64
N LEU D 154 -8.04 83.60 -39.53
CA LEU D 154 -9.48 83.51 -39.31
C LEU D 154 -10.25 83.19 -40.59
N GLU D 155 -9.80 83.68 -41.75
CA GLU D 155 -10.45 83.29 -42.99
C GLU D 155 -10.07 81.88 -43.41
N ILE D 156 -9.00 81.33 -42.84
CA ILE D 156 -8.70 79.92 -43.00
C ILE D 156 -9.74 79.09 -42.26
N ILE D 157 -10.25 79.61 -41.14
CA ILE D 157 -11.28 78.91 -40.37
C ILE D 157 -12.61 78.92 -41.12
N SER D 158 -12.98 80.08 -41.68
CA SER D 158 -14.19 80.16 -42.48
C SER D 158 -14.04 79.44 -43.82
N GLY D 159 -12.81 79.28 -44.31
CA GLY D 159 -12.57 78.56 -45.54
C GLY D 159 -12.23 77.10 -45.30
N MET E 1 59.24 -21.59 -2.55
CA MET E 1 59.30 -20.16 -2.84
C MET E 1 59.60 -19.97 -4.32
N ASP E 2 60.14 -21.03 -4.94
CA ASP E 2 60.35 -21.00 -6.39
C ASP E 2 59.03 -20.99 -7.13
N GLN E 3 58.02 -21.67 -6.60
CA GLN E 3 56.67 -21.54 -7.15
C GLN E 3 56.06 -20.20 -6.78
N GLU E 4 56.51 -19.61 -5.67
CA GLU E 4 56.09 -18.25 -5.33
C GLU E 4 56.80 -17.24 -6.22
N ASN E 5 58.04 -17.54 -6.61
CA ASN E 5 58.79 -16.67 -7.52
C ASN E 5 58.13 -16.65 -8.89
N GLU E 6 57.58 -17.77 -9.33
CA GLU E 6 56.90 -17.81 -10.61
C GLU E 6 55.59 -17.03 -10.57
N ARG E 7 54.91 -17.02 -9.43
CA ARG E 7 53.66 -16.28 -9.33
C ARG E 7 53.91 -14.78 -9.22
N ASN E 8 55.11 -14.39 -8.80
CA ASN E 8 55.43 -12.96 -8.76
C ASN E 8 55.80 -12.45 -10.15
N ILE E 9 56.59 -13.22 -10.89
CA ILE E 9 57.06 -12.76 -12.19
C ILE E 9 55.93 -12.81 -13.22
N SER E 10 55.00 -13.75 -13.06
CA SER E 10 53.89 -13.85 -14.00
C SER E 10 52.87 -12.75 -13.77
N ARG E 11 52.57 -12.46 -12.50
CA ARG E 11 51.64 -11.40 -12.18
C ARG E 11 52.21 -10.04 -12.55
N LEU E 12 53.52 -9.86 -12.41
CA LEU E 12 54.12 -8.58 -12.76
C LEU E 12 54.23 -8.42 -14.26
N TRP E 13 54.44 -9.51 -14.99
CA TRP E 13 54.49 -9.43 -16.44
C TRP E 13 53.12 -9.13 -17.03
N ARG E 14 52.07 -9.70 -16.44
CA ARG E 14 50.71 -9.35 -16.87
C ARG E 14 50.38 -7.91 -16.54
N ALA E 15 50.75 -7.45 -15.34
CA ALA E 15 50.44 -6.09 -14.95
C ALA E 15 51.27 -5.08 -15.72
N PHE E 16 52.43 -5.52 -16.24
CA PHE E 16 53.20 -4.68 -17.12
C PHE E 16 52.64 -4.64 -18.54
N ARG E 17 52.02 -5.74 -18.98
CA ARG E 17 51.49 -5.79 -20.33
C ARG E 17 50.22 -4.96 -20.47
N THR E 18 49.39 -4.92 -19.43
CA THR E 18 48.14 -4.17 -19.47
C THR E 18 48.31 -2.72 -19.05
N VAL E 19 49.54 -2.25 -18.90
CA VAL E 19 49.79 -0.84 -18.76
C VAL E 19 50.54 -0.29 -19.97
N LYS E 20 51.18 -1.15 -20.76
CA LYS E 20 51.48 -0.80 -22.14
C LYS E 20 50.20 -0.55 -22.92
N GLU E 21 49.24 -1.46 -22.80
CA GLU E 21 48.01 -1.38 -23.58
C GLU E 21 47.12 -0.24 -23.13
N MET E 22 47.23 0.19 -21.87
CA MET E 22 46.37 1.26 -21.39
C MET E 22 46.77 2.60 -21.98
N VAL E 23 48.06 2.91 -22.00
CA VAL E 23 48.50 4.13 -22.67
C VAL E 23 48.66 3.95 -24.16
N LYS E 24 48.59 2.71 -24.65
CA LYS E 24 48.40 2.50 -26.09
C LYS E 24 47.07 3.06 -26.54
N ASP E 25 46.01 2.74 -25.82
CA ASP E 25 44.66 3.19 -26.15
C ASP E 25 44.42 4.64 -25.76
N ARG E 26 45.30 5.24 -24.96
CA ARG E 26 45.21 6.66 -24.72
C ARG E 26 45.76 7.48 -25.88
N GLY E 27 46.50 6.86 -26.80
CA GLY E 27 46.99 7.53 -27.98
C GLY E 27 48.49 7.71 -28.05
N TYR E 28 49.23 7.27 -27.03
CA TYR E 28 50.67 7.47 -27.03
C TYR E 28 51.36 6.47 -27.94
N PHE E 29 52.53 6.85 -28.44
CA PHE E 29 53.22 6.06 -29.45
C PHE E 29 53.83 4.82 -28.80
N ILE E 30 53.17 3.69 -28.97
CA ILE E 30 53.69 2.39 -28.58
C ILE E 30 53.41 1.43 -29.72
N THR E 31 54.45 0.81 -30.24
CA THR E 31 54.24 -0.19 -31.28
C THR E 31 54.09 -1.57 -30.65
N GLN E 32 53.80 -2.55 -31.51
CA GLN E 32 53.31 -3.85 -31.07
C GLN E 32 54.38 -4.68 -30.36
N GLU E 33 55.66 -4.35 -30.57
CA GLU E 33 56.75 -5.18 -30.04
C GLU E 33 56.86 -5.06 -28.53
N GLU E 34 56.81 -3.85 -27.98
CA GLU E 34 56.91 -3.70 -26.54
C GLU E 34 55.60 -3.92 -25.82
N VAL E 35 54.55 -4.36 -26.51
CA VAL E 35 53.37 -4.90 -25.86
C VAL E 35 53.55 -6.40 -25.58
N GLU E 36 54.19 -7.10 -26.51
CA GLU E 36 54.37 -8.55 -26.40
C GLU E 36 55.80 -8.83 -25.95
N LEU E 37 55.96 -9.17 -24.67
CA LEU E 37 57.23 -9.58 -24.09
C LEU E 37 57.07 -11.03 -23.66
N PRO E 38 56.99 -11.96 -24.63
CA PRO E 38 56.24 -13.22 -24.41
C PRO E 38 56.80 -14.20 -23.40
N LEU E 39 58.02 -14.66 -23.57
CA LEU E 39 58.37 -15.89 -22.85
C LEU E 39 59.65 -15.80 -22.06
N GLU E 40 60.69 -15.16 -22.60
CA GLU E 40 61.98 -15.10 -21.93
C GLU E 40 62.62 -13.72 -21.94
N ASP E 41 62.19 -12.81 -22.81
CA ASP E 41 62.85 -11.51 -22.92
C ASP E 41 62.58 -10.66 -21.67
N PHE E 42 61.32 -10.51 -21.29
CA PHE E 42 61.01 -9.87 -20.01
C PHE E 42 61.46 -10.74 -18.84
N LYS E 43 61.44 -12.05 -19.03
CA LYS E 43 61.63 -13.01 -17.96
C LYS E 43 63.09 -13.26 -17.61
N ALA E 44 64.03 -12.60 -18.28
CA ALA E 44 65.44 -12.79 -17.98
C ALA E 44 66.10 -11.54 -17.43
N LYS E 45 66.07 -10.42 -18.17
CA LYS E 45 66.90 -9.28 -17.83
C LYS E 45 66.12 -8.00 -17.52
N TYR E 46 64.87 -7.88 -17.97
CA TYR E 46 64.07 -6.75 -17.53
C TYR E 46 63.64 -6.93 -16.07
N CYS E 47 63.56 -8.17 -15.61
CA CYS E 47 63.49 -8.49 -14.21
C CYS E 47 64.89 -8.80 -13.70
N ASP E 48 65.01 -9.10 -12.42
CA ASP E 48 66.28 -9.47 -11.85
C ASP E 48 66.46 -10.99 -11.93
N SER E 49 67.72 -11.42 -12.04
CA SER E 49 68.04 -12.84 -12.04
C SER E 49 67.92 -13.45 -10.65
N MET E 50 67.82 -12.64 -9.60
CA MET E 50 67.63 -13.11 -8.23
C MET E 50 66.16 -13.28 -7.87
N GLY E 51 65.27 -13.34 -8.86
CA GLY E 51 63.86 -13.45 -8.58
C GLY E 51 63.25 -12.19 -8.02
N ARG E 52 63.73 -11.03 -8.47
CA ARG E 52 63.27 -9.77 -7.91
C ARG E 52 62.67 -8.89 -9.01
N PRO E 53 61.63 -8.12 -8.69
CA PRO E 53 61.09 -7.17 -9.66
C PRO E 53 62.00 -5.94 -9.78
N GLN E 54 62.45 -5.68 -11.01
CA GLN E 54 63.23 -4.49 -11.30
C GLN E 54 62.27 -3.36 -11.71
N ARG E 55 61.57 -2.85 -10.70
CA ARG E 55 60.48 -1.92 -10.93
C ARG E 55 60.95 -0.53 -11.31
N LYS E 56 62.11 -0.11 -10.78
CA LYS E 56 62.70 1.15 -11.24
C LYS E 56 63.36 1.00 -12.60
N MET E 57 63.65 -0.22 -13.04
CA MET E 57 64.20 -0.42 -14.37
C MET E 57 63.11 -0.25 -15.43
N MET E 58 61.90 -0.74 -15.15
CA MET E 58 60.82 -0.71 -16.13
C MET E 58 60.01 0.56 -15.91
N SER E 59 60.54 1.66 -16.46
CA SER E 59 59.94 2.99 -16.28
C SER E 59 60.25 3.78 -17.55
N PHE E 60 59.30 3.77 -18.49
CA PHE E 60 59.60 4.21 -19.84
C PHE E 60 58.91 5.53 -20.15
N GLN E 61 59.54 6.29 -21.05
CA GLN E 61 58.96 7.49 -21.60
C GLN E 61 57.89 7.14 -22.62
N ALA E 62 56.80 7.89 -22.62
CA ALA E 62 55.72 7.69 -23.57
C ALA E 62 55.37 9.01 -24.23
N ASN E 63 55.42 9.03 -25.56
CA ASN E 63 55.11 10.23 -26.30
C ASN E 63 53.85 10.01 -27.14
N PRO E 64 53.01 11.03 -27.32
CA PRO E 64 51.83 10.86 -28.18
C PRO E 64 52.22 10.76 -29.63
N THR E 65 51.40 10.04 -30.39
CA THR E 65 51.65 9.88 -31.80
C THR E 65 51.28 11.16 -32.56
N GLU E 66 51.61 11.17 -33.85
CA GLU E 66 51.33 12.33 -34.68
C GLU E 66 49.84 12.51 -34.92
N GLU E 67 49.07 11.43 -34.87
CA GLU E 67 47.62 11.55 -35.04
C GLU E 67 46.97 12.15 -33.81
N SER E 68 47.41 11.74 -32.61
CA SER E 68 46.78 12.20 -31.39
C SER E 68 47.07 13.66 -31.13
N ILE E 69 48.27 14.13 -31.49
CA ILE E 69 48.58 15.54 -31.32
C ILE E 69 47.91 16.38 -32.40
N SER E 70 47.58 15.78 -33.55
CA SER E 70 46.81 16.49 -34.55
C SER E 70 45.35 16.61 -34.14
N LYS E 71 44.87 15.69 -33.30
CA LYS E 71 43.48 15.67 -32.89
C LYS E 71 43.27 16.20 -31.48
N PHE E 72 44.27 16.07 -30.61
CA PHE E 72 44.27 16.72 -29.31
C PHE E 72 45.39 17.73 -29.24
N PRO E 73 45.10 18.99 -28.90
CA PRO E 73 46.18 19.99 -28.86
C PRO E 73 47.10 19.84 -27.66
N ASP E 74 46.55 19.58 -26.48
CA ASP E 74 47.32 19.68 -25.24
C ASP E 74 48.13 18.44 -24.91
N MET E 75 47.99 17.35 -25.65
CA MET E 75 48.53 16.06 -25.25
C MET E 75 50.05 16.05 -25.42
N GLY E 76 50.75 16.15 -24.30
CA GLY E 76 52.20 16.05 -24.27
C GLY E 76 52.66 14.67 -23.82
N SER E 77 53.87 14.64 -23.28
CA SER E 77 54.54 13.37 -23.02
C SER E 77 54.04 12.72 -21.74
N LEU E 78 54.06 11.39 -21.72
CA LEU E 78 53.63 10.59 -20.59
C LEU E 78 54.81 9.80 -20.04
N TRP E 79 54.79 9.55 -18.74
CA TRP E 79 55.86 8.79 -18.13
C TRP E 79 55.32 8.04 -16.93
N VAL E 80 55.60 6.73 -16.89
CA VAL E 80 55.06 5.83 -15.90
C VAL E 80 56.22 5.14 -15.19
N GLU E 81 56.04 4.87 -13.89
CA GLU E 81 57.01 4.06 -13.17
C GLU E 81 56.29 3.25 -12.11
N PHE E 82 56.95 2.20 -11.65
CA PHE E 82 56.42 1.25 -10.68
C PHE E 82 57.17 1.43 -9.37
N CYS E 83 56.44 1.72 -8.30
CA CYS E 83 57.09 1.89 -7.00
C CYS E 83 57.50 0.54 -6.43
N ASP E 84 58.62 0.53 -5.71
CA ASP E 84 59.21 -0.71 -5.23
C ASP E 84 58.71 -1.08 -3.83
N GLU E 85 58.52 -0.10 -2.96
CA GLU E 85 58.06 -0.40 -1.61
C GLU E 85 56.57 -0.74 -1.65
N PRO E 86 56.14 -1.80 -0.94
CA PRO E 86 54.71 -2.15 -0.90
C PRO E 86 53.86 -1.10 -0.21
N SER E 87 54.17 -0.81 1.04
CA SER E 87 53.43 0.19 1.80
C SER E 87 54.16 1.52 1.69
N VAL E 88 53.50 2.50 1.09
CA VAL E 88 54.14 3.75 0.73
C VAL E 88 53.36 4.92 1.33
N GLY E 89 54.11 5.90 1.85
CA GLY E 89 53.53 7.02 2.54
C GLY E 89 53.83 8.36 1.88
N VAL E 90 53.85 9.42 2.67
CA VAL E 90 54.03 10.75 2.11
C VAL E 90 55.48 11.01 1.74
N LYS E 91 56.44 10.39 2.43
CA LYS E 91 57.83 10.57 2.08
C LYS E 91 58.19 9.76 0.84
N THR E 92 57.51 8.63 0.64
CA THR E 92 57.77 7.77 -0.50
C THR E 92 57.37 8.42 -1.82
N MET E 93 56.36 9.29 -1.80
CA MET E 93 55.86 9.88 -3.02
C MET E 93 55.90 11.39 -3.04
N LYS E 94 56.49 12.04 -2.05
CA LYS E 94 56.89 13.43 -2.27
C LYS E 94 58.06 13.48 -3.23
N THR E 95 58.84 12.39 -3.31
CA THR E 95 59.77 12.22 -4.42
C THR E 95 59.03 12.16 -5.74
N PHE E 96 57.85 11.53 -5.74
CA PHE E 96 57.09 11.34 -6.98
C PHE E 96 56.54 12.66 -7.51
N VAL E 97 55.90 13.45 -6.64
CA VAL E 97 55.22 14.66 -7.07
C VAL E 97 56.20 15.75 -7.48
N ILE E 98 57.45 15.70 -7.00
CA ILE E 98 58.39 16.77 -7.30
C ILE E 98 59.10 16.50 -8.63
N HIS E 99 59.56 15.27 -8.86
CA HIS E 99 60.27 15.06 -10.11
C HIS E 99 59.33 14.85 -11.29
N ILE E 100 58.02 14.98 -11.08
CA ILE E 100 57.13 15.37 -12.18
C ILE E 100 57.47 16.78 -12.64
N GLN E 101 57.66 17.70 -11.68
CA GLN E 101 57.77 19.12 -12.01
C GLN E 101 59.09 19.45 -12.68
N GLU E 102 60.20 18.90 -12.18
CA GLU E 102 61.50 19.22 -12.76
C GLU E 102 61.71 18.55 -14.11
N LYS E 103 60.90 17.55 -14.44
CA LYS E 103 60.88 16.99 -15.79
C LYS E 103 59.77 17.57 -16.65
N ASN E 104 58.69 18.03 -16.01
CA ASN E 104 57.56 18.74 -16.62
C ASN E 104 56.89 17.91 -17.71
N PHE E 105 56.29 16.81 -17.28
CA PHE E 105 55.52 15.98 -18.18
C PHE E 105 54.10 16.51 -18.31
N GLN E 106 53.33 15.89 -19.21
CA GLN E 106 51.94 16.28 -19.38
C GLN E 106 51.07 15.75 -18.25
N THR E 107 51.27 14.49 -17.87
CA THR E 107 50.60 13.93 -16.70
C THR E 107 51.44 12.78 -16.16
N GLY E 108 51.18 12.45 -14.91
CA GLY E 108 51.91 11.40 -14.23
C GLY E 108 50.99 10.27 -13.85
N ILE E 109 51.57 9.09 -13.66
CA ILE E 109 50.80 7.89 -13.41
C ILE E 109 51.58 6.93 -12.51
N PHE E 110 50.99 6.58 -11.38
CA PHE E 110 51.72 5.97 -10.27
C PHE E 110 51.10 4.63 -9.94
N VAL E 111 51.88 3.57 -10.06
CA VAL E 111 51.41 2.20 -9.85
C VAL E 111 52.08 1.66 -8.59
N TYR E 112 51.31 1.54 -7.51
CA TYR E 112 51.86 0.99 -6.29
C TYR E 112 51.52 -0.49 -6.18
N GLN E 113 52.17 -1.16 -5.22
CA GLN E 113 52.10 -2.61 -5.17
C GLN E 113 50.83 -3.10 -4.49
N ASN E 114 50.67 -2.80 -3.22
CA ASN E 114 49.49 -3.38 -2.58
C ASN E 114 48.63 -2.39 -1.83
N ASN E 115 49.22 -1.40 -1.14
CA ASN E 115 48.40 -0.48 -0.35
C ASN E 115 49.07 0.88 -0.25
N ILE E 116 48.32 1.82 0.35
CA ILE E 116 48.70 3.23 0.40
C ILE E 116 48.39 3.73 1.81
N THR E 117 49.05 4.83 2.21
CA THR E 117 48.61 5.54 3.39
C THR E 117 47.58 6.59 3.00
N PRO E 118 46.57 6.85 3.84
CA PRO E 118 45.54 7.83 3.47
C PRO E 118 46.02 9.27 3.43
N SER E 119 47.15 9.57 4.07
CA SER E 119 47.73 10.90 3.98
C SER E 119 48.47 11.13 2.67
N ALA E 120 48.76 10.07 1.91
CA ALA E 120 49.55 10.19 0.70
C ALA E 120 48.77 10.71 -0.49
N MET E 121 47.44 10.87 -0.39
CA MET E 121 46.66 11.39 -1.49
C MET E 121 46.40 12.88 -1.40
N LYS E 122 46.79 13.52 -0.30
CA LYS E 122 46.61 14.97 -0.19
C LYS E 122 47.56 15.73 -1.11
N LEU E 123 48.67 15.12 -1.49
CA LEU E 123 49.65 15.73 -2.38
C LEU E 123 49.55 15.21 -3.81
N VAL E 124 48.47 14.49 -4.12
CA VAL E 124 48.18 14.05 -5.49
C VAL E 124 47.52 15.16 -6.32
N PRO E 125 46.43 15.88 -5.89
CA PRO E 125 45.86 16.88 -6.80
C PRO E 125 46.53 18.25 -6.69
N SER E 126 47.71 18.31 -6.08
CA SER E 126 48.40 19.57 -5.84
C SER E 126 49.00 20.18 -7.09
N ILE E 127 48.94 19.51 -8.23
CA ILE E 127 49.52 20.00 -9.48
C ILE E 127 48.40 20.49 -10.37
N PRO E 128 48.35 21.78 -10.71
CA PRO E 128 47.31 22.26 -11.65
C PRO E 128 47.54 21.90 -13.11
N PRO E 129 48.75 22.00 -13.71
CA PRO E 129 48.80 21.66 -15.15
C PRO E 129 48.74 20.16 -15.43
N ALA E 130 49.50 19.37 -14.68
CA ALA E 130 49.50 17.93 -14.85
C ALA E 130 48.54 17.29 -13.85
N THR E 131 48.39 15.97 -13.94
CA THR E 131 47.60 15.25 -12.96
C THR E 131 48.19 13.87 -12.76
N ILE E 132 47.79 13.24 -11.65
CA ILE E 132 48.42 12.03 -11.16
C ILE E 132 47.35 10.94 -11.08
N GLU E 133 47.60 9.83 -11.76
CA GLU E 133 46.67 8.71 -11.82
C GLU E 133 47.25 7.57 -11.02
N THR E 134 46.55 7.17 -9.96
CA THR E 134 47.01 6.09 -9.09
C THR E 134 46.37 4.76 -9.51
N PHE E 135 47.11 3.69 -9.29
CA PHE E 135 46.67 2.36 -9.70
C PHE E 135 47.23 1.33 -8.75
N ASN E 136 46.49 0.24 -8.59
CA ASN E 136 46.95 -0.92 -7.86
C ASN E 136 47.69 -1.85 -8.81
N GLU E 137 48.62 -2.62 -8.28
CA GLU E 137 49.29 -3.60 -9.12
C GLU E 137 48.39 -4.80 -9.38
N ALA E 138 47.52 -5.14 -8.44
CA ALA E 138 46.61 -6.26 -8.64
C ALA E 138 45.46 -5.91 -9.57
N ALA E 139 45.07 -4.64 -9.60
CA ALA E 139 43.94 -4.21 -10.42
C ALA E 139 44.29 -4.09 -11.89
N LEU E 140 45.55 -4.33 -12.27
CA LEU E 140 45.98 -4.22 -13.65
C LEU E 140 46.52 -5.54 -14.19
N VAL E 141 46.21 -6.65 -13.53
CA VAL E 141 46.68 -7.95 -14.02
C VAL E 141 46.03 -8.28 -15.35
N VAL E 142 44.72 -8.19 -15.43
CA VAL E 142 43.99 -8.21 -16.68
C VAL E 142 43.42 -6.82 -16.91
N ASN E 143 43.37 -6.39 -18.16
CA ASN E 143 42.67 -5.17 -18.50
C ASN E 143 41.22 -5.51 -18.83
N ILE E 144 40.31 -4.70 -18.29
CA ILE E 144 38.90 -4.98 -18.43
C ILE E 144 38.42 -4.69 -19.85
N THR E 145 39.17 -3.91 -20.62
CA THR E 145 38.78 -3.56 -21.97
C THR E 145 39.01 -4.68 -22.98
N HIS E 146 39.31 -5.90 -22.55
CA HIS E 146 39.24 -7.06 -23.42
C HIS E 146 38.20 -8.05 -22.96
N HIS E 147 37.36 -7.67 -22.00
CA HIS E 147 36.30 -8.54 -21.55
C HIS E 147 35.18 -8.56 -22.60
N GLU E 148 34.33 -9.57 -22.54
CA GLU E 148 33.22 -9.65 -23.47
C GLU E 148 32.18 -8.57 -23.19
N LEU E 149 31.93 -8.30 -21.91
CA LEU E 149 30.86 -7.39 -21.55
C LEU E 149 31.22 -5.92 -21.70
N VAL E 150 32.49 -5.57 -21.83
CA VAL E 150 32.91 -4.19 -21.98
C VAL E 150 33.00 -3.87 -23.47
N PRO E 151 32.25 -2.91 -23.98
CA PRO E 151 32.33 -2.57 -25.40
C PRO E 151 33.39 -1.54 -25.70
N LYS E 152 33.49 -1.12 -26.95
CA LYS E 152 34.55 -0.22 -27.38
C LYS E 152 34.25 1.20 -26.93
N HIS E 153 35.06 1.73 -26.03
CA HIS E 153 34.98 3.11 -25.57
C HIS E 153 35.95 3.96 -26.38
N ILE E 154 35.49 5.14 -26.78
CA ILE E 154 36.28 6.07 -27.60
C ILE E 154 36.16 7.46 -27.02
N ARG E 155 37.29 8.06 -26.67
CA ARG E 155 37.28 9.45 -26.25
C ARG E 155 37.17 10.34 -27.48
N LEU E 156 36.22 11.27 -27.46
CA LEU E 156 36.04 12.19 -28.57
C LEU E 156 36.74 13.51 -28.28
N SER E 157 37.35 14.08 -29.32
CA SER E 157 37.94 15.40 -29.24
C SER E 157 36.89 16.46 -28.95
N SER E 158 37.34 17.62 -28.49
CA SER E 158 36.41 18.60 -27.96
C SER E 158 35.64 19.32 -29.07
N ASP E 159 36.14 19.31 -30.30
CA ASP E 159 35.30 19.78 -31.40
C ASP E 159 34.24 18.75 -31.76
N GLU E 160 34.59 17.46 -31.66
CA GLU E 160 33.65 16.39 -31.92
C GLU E 160 32.57 16.33 -30.85
N LYS E 161 32.90 16.75 -29.64
CA LYS E 161 31.88 16.90 -28.61
C LYS E 161 30.97 18.07 -28.92
N ARG E 162 31.51 19.14 -29.52
CA ARG E 162 30.67 20.25 -29.93
C ARG E 162 29.83 19.89 -31.15
N GLU E 163 30.33 18.99 -31.99
CA GLU E 163 29.55 18.50 -33.11
C GLU E 163 28.38 17.66 -32.63
N LEU E 164 28.61 16.87 -31.59
CA LEU E 164 27.55 16.03 -31.03
C LEU E 164 26.47 16.86 -30.37
N LEU E 165 26.84 17.94 -29.69
CA LEU E 165 25.85 18.71 -28.95
C LEU E 165 25.02 19.62 -29.82
N LYS E 166 25.28 19.69 -31.13
CA LYS E 166 24.40 20.40 -32.03
C LYS E 166 23.76 19.50 -33.06
N ARG E 167 24.32 18.30 -33.27
CA ARG E 167 23.64 17.27 -34.05
C ARG E 167 22.35 16.84 -33.35
N TYR E 168 22.38 16.78 -32.03
CA TYR E 168 21.22 16.43 -31.25
C TYR E 168 20.62 17.61 -30.50
N ARG E 169 21.30 18.77 -30.53
CA ARG E 169 20.86 20.01 -29.90
C ARG E 169 20.65 19.83 -28.40
N LEU E 170 21.76 19.53 -27.73
CA LEU E 170 21.80 19.15 -26.34
C LEU E 170 22.63 20.14 -25.54
N LYS E 171 22.64 19.92 -24.24
CA LYS E 171 23.62 20.49 -23.35
C LYS E 171 24.61 19.41 -22.98
N GLU E 172 25.58 19.74 -22.14
CA GLU E 172 26.42 18.69 -21.60
C GLU E 172 25.87 18.14 -20.30
N SER E 173 24.80 18.73 -19.79
CA SER E 173 23.81 18.02 -19.00
C SER E 173 22.87 17.35 -19.98
N GLN E 174 21.78 16.76 -19.49
CA GLN E 174 20.76 16.05 -20.28
C GLN E 174 21.33 15.01 -21.25
N LEU E 175 22.48 14.46 -20.90
CA LEU E 175 23.26 13.50 -21.64
C LEU E 175 23.60 12.40 -20.64
N PRO E 176 23.64 11.14 -21.07
CA PRO E 176 23.84 10.05 -20.10
C PRO E 176 25.22 10.08 -19.49
N ARG E 177 25.29 9.83 -18.19
CA ARG E 177 26.52 10.12 -17.46
C ARG E 177 27.36 8.87 -17.29
N ILE E 178 28.65 9.09 -17.11
CA ILE E 178 29.58 8.12 -16.56
C ILE E 178 30.28 8.83 -15.43
N GLN E 179 30.76 8.08 -14.45
CA GLN E 179 31.36 8.68 -13.27
C GLN E 179 32.85 8.86 -13.45
N ARG E 180 33.39 9.91 -12.82
CA ARG E 180 34.80 9.92 -12.50
C ARG E 180 35.06 8.82 -11.50
N ALA E 181 36.19 8.12 -11.67
CA ALA E 181 36.60 6.95 -10.90
C ALA E 181 35.57 5.83 -11.02
N ASP E 182 35.24 5.49 -12.25
CA ASP E 182 34.59 4.39 -12.95
C ASP E 182 35.66 3.52 -13.57
N PRO E 183 35.51 2.19 -13.56
CA PRO E 183 36.58 1.30 -14.03
C PRO E 183 37.02 1.42 -15.48
N VAL E 184 36.34 2.24 -16.28
CA VAL E 184 36.84 2.61 -17.59
C VAL E 184 37.26 4.07 -17.65
N ALA E 185 36.63 4.94 -16.87
CA ALA E 185 37.09 6.32 -16.78
C ALA E 185 38.42 6.44 -16.06
N LEU E 186 38.79 5.45 -15.25
CA LEU E 186 40.16 5.36 -14.79
C LEU E 186 41.07 4.84 -15.87
N TYR E 187 40.56 3.96 -16.74
CA TYR E 187 41.39 3.38 -17.79
C TYR E 187 41.69 4.40 -18.88
N LEU E 188 40.65 5.03 -19.41
CA LEU E 188 40.85 6.03 -20.46
C LEU E 188 41.41 7.32 -19.92
N GLY E 189 41.22 7.60 -18.63
CA GLY E 189 41.65 8.86 -18.07
C GLY E 189 40.80 10.00 -18.56
N LEU E 190 39.53 9.98 -18.18
CA LEU E 190 38.55 10.96 -18.63
C LEU E 190 38.35 12.01 -17.55
N LYS E 191 38.61 13.26 -17.89
CA LYS E 191 38.35 14.34 -16.96
C LYS E 191 36.91 14.81 -17.13
N ARG E 192 36.44 15.58 -16.14
CA ARG E 192 35.02 15.92 -16.01
C ARG E 192 34.61 16.87 -17.12
N GLY E 193 33.92 16.33 -18.12
CA GLY E 193 33.44 17.14 -19.22
C GLY E 193 33.70 16.50 -20.56
N GLU E 194 34.41 15.39 -20.58
CA GLU E 194 34.73 14.72 -21.83
C GLU E 194 33.69 13.65 -22.14
N VAL E 195 33.34 13.56 -23.41
CA VAL E 195 32.32 12.64 -23.87
C VAL E 195 33.01 11.39 -24.40
N VAL E 196 32.37 10.24 -24.22
CA VAL E 196 32.92 8.97 -24.69
C VAL E 196 31.85 8.29 -25.55
N LYS E 197 32.28 7.74 -26.68
CA LYS E 197 31.39 7.08 -27.62
C LYS E 197 31.45 5.58 -27.40
N ILE E 198 30.35 5.00 -26.97
CA ILE E 198 30.25 3.58 -26.70
C ILE E 198 29.63 2.89 -27.89
N ILE E 199 30.31 1.90 -28.43
CA ILE E 199 29.81 1.13 -29.56
C ILE E 199 29.22 -0.14 -28.97
N ARG E 200 27.90 -0.14 -28.73
CA ARG E 200 27.24 -1.33 -28.25
C ARG E 200 27.14 -2.39 -29.36
N LYS E 201 26.69 -3.58 -28.97
CA LYS E 201 26.46 -4.64 -29.94
C LYS E 201 25.33 -5.51 -29.40
N SER E 202 24.11 -5.21 -29.85
CA SER E 202 22.92 -5.91 -29.37
C SER E 202 22.73 -7.20 -30.15
N GLU E 203 21.56 -7.82 -29.98
CA GLU E 203 21.19 -8.99 -30.75
C GLU E 203 20.16 -8.69 -31.82
N THR E 204 19.51 -7.52 -31.76
CA THR E 204 18.49 -7.15 -32.71
C THR E 204 18.84 -5.96 -33.59
N SER E 205 19.70 -5.06 -33.11
CA SER E 205 20.13 -3.93 -33.91
C SER E 205 21.56 -4.06 -34.40
N GLY E 206 22.17 -5.24 -34.25
CA GLY E 206 23.52 -5.45 -34.74
C GLY E 206 24.54 -4.68 -33.94
N ARG E 207 25.08 -3.63 -34.54
CA ARG E 207 26.10 -2.79 -33.92
C ARG E 207 25.65 -1.35 -33.98
N TYR E 208 25.58 -0.69 -32.83
CA TYR E 208 25.14 0.69 -32.80
C TYR E 208 25.91 1.41 -31.71
N ALA E 209 25.64 2.71 -31.57
CA ALA E 209 26.45 3.56 -30.73
C ALA E 209 25.60 4.44 -29.84
N SER E 210 26.12 4.72 -28.65
CA SER E 210 25.54 5.78 -27.83
C SER E 210 26.69 6.46 -27.10
N TYR E 211 26.37 7.49 -26.33
CA TYR E 211 27.36 8.43 -25.84
C TYR E 211 27.18 8.65 -24.35
N ARG E 212 28.30 8.76 -23.64
CA ARG E 212 28.29 9.05 -22.21
C ARG E 212 29.20 10.24 -21.93
N ILE E 213 28.88 10.99 -20.89
CA ILE E 213 29.73 12.10 -20.50
C ILE E 213 30.21 11.86 -19.09
N CYS E 214 31.37 12.43 -18.76
CA CYS E 214 32.01 12.15 -17.48
C CYS E 214 31.70 13.26 -16.50
N MET E 215 31.13 12.88 -15.36
CA MET E 215 30.91 13.83 -14.28
C MET E 215 31.73 13.43 -13.08
N GLU F 71 11.64 34.15 -32.81
CA GLU F 71 12.81 33.32 -32.53
C GLU F 71 12.62 31.89 -33.04
N LYS F 72 11.79 31.13 -32.33
CA LYS F 72 11.60 29.72 -32.63
C LYS F 72 10.56 29.56 -33.73
N ALA F 73 10.91 28.76 -34.74
CA ALA F 73 10.09 28.34 -35.87
C ALA F 73 10.95 27.38 -36.68
N ILE F 74 10.30 26.62 -37.57
CA ILE F 74 10.99 25.78 -38.52
C ILE F 74 10.36 26.02 -39.89
N PRO F 75 11.13 26.45 -40.89
CA PRO F 75 10.54 26.66 -42.22
C PRO F 75 10.28 25.32 -42.91
N LYS F 76 9.19 25.29 -43.69
CA LYS F 76 8.62 24.01 -44.14
C LYS F 76 9.39 23.38 -45.31
N ASP F 77 10.58 23.86 -45.62
CA ASP F 77 11.50 23.16 -46.50
C ASP F 77 12.60 22.44 -45.75
N GLN F 78 12.67 22.60 -44.43
CA GLN F 78 13.58 21.83 -43.59
C GLN F 78 12.86 21.28 -42.36
N ARG F 79 11.70 20.66 -42.58
CA ARG F 79 11.01 19.96 -41.51
C ARG F 79 11.55 18.55 -41.42
N ALA F 80 12.20 18.23 -40.30
CA ALA F 80 12.95 17.00 -40.18
C ALA F 80 12.09 15.80 -39.89
N THR F 81 10.96 16.00 -39.21
CA THR F 81 10.22 14.90 -38.61
C THR F 81 9.41 14.13 -39.65
N THR F 82 8.59 13.20 -39.18
CA THR F 82 7.93 12.25 -40.06
C THR F 82 6.75 12.90 -40.76
N PRO F 83 6.53 12.62 -42.04
CA PRO F 83 5.33 13.11 -42.72
C PRO F 83 4.09 12.29 -42.47
N TYR F 84 4.16 11.30 -41.59
CA TYR F 84 3.06 10.40 -41.29
C TYR F 84 2.36 10.88 -40.04
N MET F 85 1.05 10.77 -40.01
CA MET F 85 0.31 11.18 -38.83
C MET F 85 0.47 10.12 -37.75
N THR F 86 1.04 10.53 -36.62
CA THR F 86 1.11 9.68 -35.45
C THR F 86 -0.30 9.34 -35.00
N LYS F 87 -0.51 8.11 -34.51
CA LYS F 87 -1.83 7.70 -34.05
C LYS F 87 -2.27 8.45 -32.81
N TYR F 88 -1.35 9.09 -32.11
CA TYR F 88 -1.69 9.99 -31.03
C TYR F 88 -2.13 11.33 -31.56
N GLU F 89 -1.60 11.73 -32.72
CA GLU F 89 -2.07 12.93 -33.37
C GLU F 89 -3.43 12.72 -33.99
N ARG F 90 -3.73 11.50 -34.42
CA ARG F 90 -4.98 11.25 -35.10
C ARG F 90 -6.15 11.25 -34.11
N ALA F 91 -5.87 10.99 -32.84
CA ALA F 91 -6.92 10.93 -31.84
C ALA F 91 -7.23 12.30 -31.27
N ARG F 92 -6.23 13.16 -31.19
CA ARG F 92 -6.50 14.51 -30.69
C ARG F 92 -7.10 15.38 -31.79
N ILE F 93 -6.72 15.15 -33.05
CA ILE F 93 -7.32 15.88 -34.16
C ILE F 93 -8.79 15.54 -34.29
N LEU F 94 -9.14 14.27 -34.19
CA LEU F 94 -10.55 13.90 -34.23
C LEU F 94 -11.27 14.29 -32.96
N GLY F 95 -10.57 14.41 -31.83
CA GLY F 95 -11.23 14.79 -30.61
C GLY F 95 -11.42 16.29 -30.50
N THR F 96 -10.48 17.05 -31.03
CA THR F 96 -10.65 18.49 -31.13
C THR F 96 -11.74 18.85 -32.12
N ARG F 97 -11.67 18.28 -33.33
CA ARG F 97 -12.61 18.66 -34.37
C ARG F 97 -14.03 18.25 -34.02
N ALA F 98 -14.19 17.12 -33.33
CA ALA F 98 -15.51 16.76 -32.82
C ALA F 98 -15.95 17.66 -31.69
N LEU F 99 -15.01 18.26 -30.97
CA LEU F 99 -15.38 19.18 -29.90
C LEU F 99 -15.85 20.50 -30.47
N GLN F 100 -15.23 20.94 -31.56
CA GLN F 100 -15.68 22.16 -32.23
C GLN F 100 -17.04 21.96 -32.85
N ILE F 101 -17.26 20.82 -33.50
CA ILE F 101 -18.52 20.54 -34.19
C ILE F 101 -19.66 20.46 -33.19
N SER F 102 -19.41 19.95 -31.98
CA SER F 102 -20.47 19.97 -30.98
C SER F 102 -20.70 21.36 -30.42
N MET F 103 -19.74 22.27 -30.54
CA MET F 103 -20.00 23.67 -30.23
C MET F 103 -20.39 24.44 -31.48
N ASN F 104 -21.30 23.88 -32.27
CA ASN F 104 -21.98 24.52 -33.41
C ASN F 104 -21.01 25.06 -34.47
N ALA F 105 -19.85 24.46 -34.62
CA ALA F 105 -18.97 24.95 -35.67
C ALA F 105 -19.43 24.44 -37.04
N PRO F 106 -19.14 25.17 -38.11
CA PRO F 106 -19.54 24.70 -39.44
C PRO F 106 -18.67 23.57 -39.94
N VAL F 107 -19.30 22.58 -40.55
CA VAL F 107 -18.61 21.43 -41.10
C VAL F 107 -18.38 21.67 -42.59
N PHE F 108 -17.44 20.90 -43.14
CA PHE F 108 -17.02 21.09 -44.51
C PHE F 108 -17.35 19.91 -45.41
N VAL F 109 -17.95 18.86 -44.85
CA VAL F 109 -18.27 17.66 -45.62
C VAL F 109 -19.78 17.57 -45.74
N ASP F 110 -20.23 16.95 -46.83
CA ASP F 110 -21.66 16.68 -47.01
C ASP F 110 -22.06 15.54 -46.09
N LEU F 111 -22.57 15.85 -44.92
CA LEU F 111 -22.98 14.81 -43.98
C LEU F 111 -24.32 14.23 -44.41
N GLU F 112 -24.38 12.90 -44.51
CA GLU F 112 -25.58 12.24 -45.02
C GLU F 112 -26.51 11.91 -43.86
N GLY F 113 -27.07 12.96 -43.28
CA GLY F 113 -28.11 12.81 -42.28
C GLY F 113 -27.66 12.25 -40.96
N GLU F 114 -26.37 12.34 -40.63
CA GLU F 114 -25.92 11.87 -39.33
C GLU F 114 -25.73 13.04 -38.37
N THR F 115 -25.85 12.73 -37.08
CA THR F 115 -25.92 13.75 -36.06
C THR F 115 -24.74 13.75 -35.11
N ASP F 116 -23.99 12.68 -35.05
CA ASP F 116 -23.01 12.55 -33.99
C ASP F 116 -21.75 13.32 -34.36
N PRO F 117 -21.23 14.16 -33.45
CA PRO F 117 -20.07 14.99 -33.79
C PRO F 117 -18.78 14.22 -34.01
N LEU F 118 -18.62 13.01 -33.46
CA LEU F 118 -17.45 12.22 -33.83
C LEU F 118 -17.50 11.72 -35.24
N ARG F 119 -18.62 11.13 -35.66
CA ARG F 119 -18.65 10.49 -36.96
C ARG F 119 -18.67 11.52 -38.09
N ILE F 120 -19.09 12.75 -37.81
CA ILE F 120 -18.88 13.83 -38.76
C ILE F 120 -17.40 14.15 -38.88
N ALA F 121 -16.70 14.18 -37.74
CA ALA F 121 -15.27 14.49 -37.75
C ALA F 121 -14.46 13.40 -38.40
N MET F 122 -14.92 12.16 -38.35
CA MET F 122 -14.26 11.10 -39.09
C MET F 122 -14.48 11.24 -40.58
N LYS F 123 -15.60 11.85 -40.99
CA LYS F 123 -15.83 12.09 -42.41
C LYS F 123 -14.87 13.14 -42.95
N GLU F 124 -14.60 14.18 -42.16
CA GLU F 124 -13.77 15.27 -42.65
C GLU F 124 -12.31 14.86 -42.79
N LEU F 125 -11.84 13.95 -41.94
CA LEU F 125 -10.49 13.44 -42.06
C LEU F 125 -10.33 12.52 -43.27
N ALA F 126 -11.42 11.93 -43.76
CA ALA F 126 -11.31 11.08 -44.94
C ALA F 126 -11.11 11.91 -46.20
N GLU F 127 -11.85 13.00 -46.34
CA GLU F 127 -11.69 13.88 -47.50
C GLU F 127 -10.67 14.99 -47.27
N LYS F 128 -9.93 14.94 -46.16
CA LYS F 128 -8.87 15.90 -45.84
C LYS F 128 -9.40 17.33 -45.76
N LYS F 129 -10.58 17.49 -45.17
CA LYS F 129 -11.28 18.76 -45.16
C LYS F 129 -11.35 19.32 -43.75
N ILE F 130 -10.23 19.27 -43.05
CA ILE F 130 -10.22 19.57 -41.62
C ILE F 130 -9.17 20.65 -41.33
N PRO F 131 -9.61 21.84 -40.92
CA PRO F 131 -8.78 23.06 -41.03
C PRO F 131 -7.90 23.33 -39.81
N LEU F 132 -7.07 22.37 -39.45
CA LEU F 132 -6.19 22.49 -38.30
C LEU F 132 -4.77 22.18 -38.75
N VAL F 133 -3.79 22.65 -37.97
CA VAL F 133 -2.40 22.28 -38.18
C VAL F 133 -1.86 21.77 -36.86
N ILE F 134 -0.76 21.03 -36.93
CA ILE F 134 -0.20 20.35 -35.79
C ILE F 134 1.19 20.89 -35.52
N ARG F 135 1.39 21.40 -34.31
CA ARG F 135 2.64 22.03 -33.94
C ARG F 135 3.52 21.00 -33.26
N ARG F 136 4.35 20.33 -34.04
CA ARG F 136 5.23 19.29 -33.51
C ARG F 136 6.41 19.92 -32.80
N TYR F 137 6.38 19.94 -31.48
CA TYR F 137 7.48 20.51 -30.71
C TYR F 137 8.66 19.56 -30.62
N LEU F 138 9.76 20.08 -30.76
CA LEU F 138 11.04 19.41 -30.62
C LEU F 138 11.62 19.70 -29.24
N PRO F 139 12.45 18.82 -28.68
CA PRO F 139 12.80 18.95 -27.25
C PRO F 139 13.73 20.09 -26.92
N ASP F 140 14.28 20.77 -27.92
CA ASP F 140 15.11 21.93 -27.67
C ASP F 140 14.28 23.19 -27.46
N GLY F 141 13.15 23.28 -28.14
CA GLY F 141 12.31 24.46 -28.09
C GLY F 141 11.69 24.76 -29.42
N SER F 142 12.25 24.19 -30.48
CA SER F 142 11.74 24.41 -31.83
C SER F 142 10.37 23.77 -32.01
N PHE F 143 9.70 24.14 -33.09
CA PHE F 143 8.43 23.51 -33.43
C PHE F 143 8.23 23.51 -34.94
N GLU F 144 7.81 22.39 -35.47
CA GLU F 144 7.39 22.31 -36.86
C GLU F 144 5.87 22.36 -36.93
N ASP F 145 5.36 23.00 -37.98
CA ASP F 145 3.93 23.05 -38.20
C ASP F 145 3.57 22.21 -39.42
N TRP F 146 2.59 21.35 -39.25
CA TRP F 146 2.19 20.38 -40.26
C TRP F 146 0.68 20.49 -40.40
N SER F 147 0.20 20.78 -41.60
CA SER F 147 -1.24 20.83 -41.80
C SER F 147 -1.78 19.40 -41.92
N VAL F 148 -3.04 19.23 -41.48
CA VAL F 148 -3.61 17.90 -41.36
C VAL F 148 -3.90 17.32 -42.74
N GLU F 149 -4.16 18.17 -43.73
CA GLU F 149 -4.28 17.68 -45.10
C GLU F 149 -2.95 17.36 -45.75
N GLU F 150 -1.83 17.68 -45.10
CA GLU F 150 -0.51 17.36 -45.63
C GLU F 150 -0.01 16.02 -45.14
N LEU F 151 -0.37 15.65 -43.92
CA LEU F 151 0.06 14.42 -43.29
C LEU F 151 -0.52 13.21 -44.02
N ILE F 152 0.00 12.05 -43.69
CA ILE F 152 -0.33 10.82 -44.40
C ILE F 152 -1.03 9.88 -43.43
N VAL F 153 -2.26 9.52 -43.72
CA VAL F 153 -3.04 8.68 -42.81
C VAL F 153 -3.43 7.38 -43.49
N MET G 1 -6.57 64.69 -27.93
CA MET G 1 -7.90 64.25 -27.57
C MET G 1 -8.09 62.79 -27.97
N PHE G 2 -8.25 62.56 -29.27
CA PHE G 2 -8.36 61.22 -29.80
C PHE G 2 -6.99 60.76 -30.29
N ILE G 3 -6.47 59.70 -29.69
CA ILE G 3 -5.19 59.13 -30.08
C ILE G 3 -5.35 57.63 -30.32
N LEU G 4 -4.30 57.02 -30.86
CA LEU G 4 -4.24 55.60 -31.09
C LEU G 4 -3.22 54.96 -30.16
N SER G 5 -3.41 53.67 -29.88
CA SER G 5 -2.57 52.99 -28.90
C SER G 5 -2.34 51.56 -29.34
N LYS G 6 -1.08 51.20 -29.53
CA LYS G 6 -0.71 49.84 -29.92
C LYS G 6 -0.87 48.93 -28.72
N ILE G 7 -1.85 48.02 -28.78
CA ILE G 7 -2.22 47.17 -27.65
C ILE G 7 -2.15 45.72 -28.09
N ALA G 8 -1.44 44.89 -27.32
CA ALA G 8 -1.35 43.47 -27.57
C ALA G 8 -2.29 42.73 -26.63
N ASP G 9 -2.98 41.71 -27.15
CA ASP G 9 -4.03 41.07 -26.38
C ASP G 9 -4.26 39.66 -26.89
N LEU G 10 -4.94 38.87 -26.06
CA LEU G 10 -5.28 37.47 -26.34
C LEU G 10 -6.79 37.34 -26.41
N VAL G 11 -7.31 37.09 -27.61
CA VAL G 11 -8.75 37.05 -27.82
C VAL G 11 -9.22 35.60 -27.88
N ARG G 12 -10.50 35.41 -27.65
CA ARG G 12 -11.15 34.11 -27.66
C ARG G 12 -12.26 34.11 -28.69
N ILE G 13 -12.11 33.30 -29.73
CA ILE G 13 -13.14 33.17 -30.76
C ILE G 13 -13.91 31.88 -30.50
N PRO G 14 -15.18 31.95 -30.10
CA PRO G 14 -15.95 30.73 -29.95
C PRO G 14 -16.19 30.07 -31.28
N PRO G 15 -16.21 28.73 -31.34
CA PRO G 15 -16.19 28.05 -32.62
C PRO G 15 -17.48 28.13 -33.41
N ASP G 16 -18.57 28.62 -32.83
CA ASP G 16 -19.73 28.92 -33.66
C ASP G 16 -19.50 30.16 -34.51
N GLN G 17 -18.56 31.02 -34.15
CA GLN G 17 -18.23 32.21 -34.91
C GLN G 17 -17.09 31.98 -35.89
N PHE G 18 -16.82 30.73 -36.24
CA PHE G 18 -15.83 30.45 -37.26
C PHE G 18 -16.37 30.70 -38.66
N HIS G 19 -17.68 30.84 -38.82
CA HIS G 19 -18.26 31.12 -40.12
C HIS G 19 -17.95 32.53 -40.60
N ARG G 20 -17.67 33.45 -39.68
CA ARG G 20 -17.35 34.81 -40.06
C ARG G 20 -15.97 34.88 -40.71
N ASP G 21 -15.71 36.03 -41.33
CA ASP G 21 -14.34 36.35 -41.71
C ASP G 21 -13.53 36.59 -40.45
N THR G 22 -12.33 36.03 -40.40
CA THR G 22 -11.54 36.03 -39.18
C THR G 22 -11.04 37.41 -38.78
N ILE G 23 -11.10 38.40 -39.67
CA ILE G 23 -10.83 39.77 -39.26
C ILE G 23 -12.00 40.29 -38.44
N SER G 24 -13.22 40.12 -38.95
CA SER G 24 -14.40 40.63 -38.27
C SER G 24 -14.71 39.83 -37.02
N ALA G 25 -14.29 38.56 -36.97
CA ALA G 25 -14.52 37.75 -35.80
C ALA G 25 -13.63 38.19 -34.64
N ILE G 26 -12.42 38.66 -34.93
CA ILE G 26 -11.55 39.17 -33.89
C ILE G 26 -12.05 40.51 -33.39
N THR G 27 -12.38 41.43 -34.30
CA THR G 27 -12.78 42.77 -33.93
C THR G 27 -14.11 42.80 -33.19
N HIS G 28 -14.97 41.82 -33.41
CA HIS G 28 -16.18 41.71 -32.62
C HIS G 28 -15.86 41.38 -31.18
N GLN G 29 -14.85 40.54 -30.95
CA GLN G 29 -14.47 40.21 -29.58
C GLN G 29 -13.76 41.37 -28.91
N LEU G 30 -12.97 42.11 -29.69
CA LEU G 30 -12.27 43.27 -29.15
C LEU G 30 -13.23 44.39 -28.82
N ASN G 31 -14.30 44.55 -29.61
CA ASN G 31 -15.31 45.55 -29.28
C ASN G 31 -16.15 45.12 -28.08
N ASN G 32 -16.23 43.81 -27.83
CA ASN G 32 -16.88 43.33 -26.62
C ASN G 32 -16.06 43.67 -25.38
N LYS G 33 -14.76 43.85 -25.56
CA LYS G 33 -13.86 44.01 -24.44
C LYS G 33 -13.51 45.46 -24.17
N PHE G 34 -13.57 46.33 -25.19
CA PHE G 34 -13.02 47.66 -25.06
C PHE G 34 -14.00 48.81 -25.29
N ALA G 35 -15.16 48.57 -25.89
CA ALA G 35 -16.09 49.66 -26.15
C ALA G 35 -16.75 50.13 -24.87
N ASN G 36 -16.80 51.46 -24.70
CA ASN G 36 -17.37 52.16 -23.53
C ASN G 36 -16.69 51.71 -22.24
N LYS G 37 -15.39 51.47 -22.30
CA LYS G 37 -14.71 50.93 -21.13
C LYS G 37 -13.37 51.61 -20.94
N ILE G 38 -13.07 51.92 -19.68
CA ILE G 38 -11.83 52.60 -19.34
C ILE G 38 -10.70 51.59 -19.44
N ILE G 39 -9.78 51.82 -20.36
CA ILE G 39 -8.50 51.12 -20.26
C ILE G 39 -7.76 51.66 -19.04
N PRO G 40 -7.18 50.80 -18.19
CA PRO G 40 -6.42 51.30 -17.05
C PRO G 40 -5.21 52.12 -17.48
N ASN G 41 -5.15 53.35 -16.95
CA ASN G 41 -4.04 54.29 -17.02
C ASN G 41 -3.75 54.81 -18.43
N VAL G 42 -4.69 54.73 -19.37
CA VAL G 42 -4.50 55.47 -20.61
C VAL G 42 -5.80 56.17 -21.02
N GLY G 43 -6.92 55.78 -20.40
CA GLY G 43 -8.16 56.47 -20.64
C GLY G 43 -9.24 55.60 -21.28
N LEU G 44 -10.20 56.28 -21.90
CA LEU G 44 -11.44 55.66 -22.35
C LEU G 44 -11.33 55.26 -23.82
N CYS G 45 -11.34 53.96 -24.07
CA CYS G 45 -11.41 53.45 -25.43
C CYS G 45 -12.82 53.58 -25.98
N ILE G 46 -12.92 53.67 -27.31
CA ILE G 46 -14.22 53.83 -27.94
C ILE G 46 -14.48 52.64 -28.86
N THR G 47 -13.69 52.53 -29.93
CA THR G 47 -13.81 51.39 -30.84
C THR G 47 -12.44 50.77 -31.04
N ILE G 48 -12.35 49.84 -31.99
CA ILE G 48 -11.09 49.24 -32.38
C ILE G 48 -10.80 49.69 -33.79
N TYR G 49 -9.68 50.38 -33.96
CA TYR G 49 -9.44 51.10 -35.21
C TYR G 49 -9.01 50.17 -36.33
N ASP G 50 -8.01 49.34 -36.11
CA ASP G 50 -7.60 48.37 -37.12
C ASP G 50 -7.00 47.16 -36.43
N LEU G 51 -6.30 46.34 -37.20
CA LEU G 51 -5.50 45.23 -36.68
C LEU G 51 -4.11 45.33 -37.28
N LEU G 52 -3.10 45.00 -36.48
CA LEU G 52 -1.72 45.08 -36.92
C LEU G 52 -1.10 43.72 -37.16
N THR G 53 -1.20 42.81 -36.18
CA THR G 53 -0.55 41.51 -36.30
C THR G 53 -1.39 40.48 -35.57
N VAL G 54 -1.72 39.40 -36.27
CA VAL G 54 -2.32 38.24 -35.64
C VAL G 54 -1.31 37.10 -35.68
N GLU G 55 -1.42 36.20 -34.72
CA GLU G 55 -0.65 34.97 -34.73
C GLU G 55 -1.49 33.89 -35.39
N GLU G 56 -1.09 32.63 -35.24
CA GLU G 56 -2.00 31.55 -35.53
C GLU G 56 -2.78 31.18 -34.29
N GLY G 57 -4.04 30.79 -34.50
CA GLY G 57 -4.93 30.54 -33.39
C GLY G 57 -4.54 29.30 -32.64
N GLN G 58 -4.33 29.43 -31.35
CA GLN G 58 -3.82 28.34 -30.53
C GLN G 58 -4.94 27.77 -29.69
N LEU G 59 -4.81 26.51 -29.32
CA LEU G 59 -5.89 25.76 -28.71
C LEU G 59 -5.47 25.14 -27.38
N LYS G 60 -6.39 25.17 -26.44
CA LYS G 60 -6.26 24.41 -25.22
C LYS G 60 -6.72 22.97 -25.45
N PRO G 61 -6.31 22.05 -24.59
CA PRO G 61 -7.05 20.79 -24.47
C PRO G 61 -8.40 20.94 -23.78
N GLY G 62 -8.73 22.09 -23.22
CA GLY G 62 -10.05 22.27 -22.63
C GLY G 62 -11.19 22.33 -23.63
N ASP G 63 -11.25 23.40 -24.41
CA ASP G 63 -12.34 23.64 -25.35
C ASP G 63 -11.80 23.76 -26.77
N GLY G 64 -12.71 24.01 -27.71
CA GLY G 64 -12.35 24.08 -29.10
C GLY G 64 -12.17 25.50 -29.62
N SER G 65 -12.51 26.47 -28.79
CA SER G 65 -12.41 27.88 -29.17
C SER G 65 -10.96 28.30 -29.30
N SER G 66 -10.60 28.85 -30.47
CA SER G 66 -9.22 29.20 -30.77
C SER G 66 -8.83 30.51 -30.10
N TYR G 67 -7.61 30.58 -29.59
CA TYR G 67 -7.14 31.74 -28.84
C TYR G 67 -6.03 32.41 -29.62
N ILE G 68 -6.28 33.63 -30.10
CA ILE G 68 -5.37 34.35 -30.98
C ILE G 68 -4.71 35.48 -30.22
N ASN G 69 -3.38 35.51 -30.23
CA ASN G 69 -2.65 36.70 -29.80
C ASN G 69 -2.73 37.74 -30.91
N VAL G 70 -3.27 38.91 -30.61
CA VAL G 70 -3.47 39.96 -31.59
C VAL G 70 -2.92 41.27 -31.06
N THR G 71 -2.29 42.05 -31.94
CA THR G 71 -1.89 43.41 -31.65
C THR G 71 -2.63 44.35 -32.59
N PHE G 72 -3.13 45.45 -32.06
CA PHE G 72 -4.04 46.31 -32.79
C PHE G 72 -3.80 47.75 -32.39
N ARG G 73 -4.66 48.64 -32.89
CA ARG G 73 -4.71 50.03 -32.47
C ARG G 73 -6.16 50.39 -32.25
N ALA G 74 -6.43 51.18 -31.22
CA ALA G 74 -7.78 51.56 -30.87
C ALA G 74 -7.85 53.07 -30.68
N VAL G 75 -8.98 53.66 -31.06
CA VAL G 75 -9.20 55.06 -30.74
C VAL G 75 -9.50 55.15 -29.25
N VAL G 76 -8.98 56.19 -28.61
CA VAL G 76 -9.07 56.30 -27.16
C VAL G 76 -9.09 57.78 -26.79
N PHE G 77 -10.02 58.14 -25.92
CA PHE G 77 -10.26 59.53 -25.53
C PHE G 77 -9.28 59.92 -24.44
N LYS G 78 -8.11 60.39 -24.85
CA LYS G 78 -7.09 60.86 -23.92
C LYS G 78 -6.72 62.29 -24.27
N PRO G 79 -7.39 63.28 -23.67
CA PRO G 79 -7.04 64.67 -23.95
C PRO G 79 -5.75 65.06 -23.24
N PHE G 80 -4.89 65.78 -23.96
CA PHE G 80 -3.56 66.12 -23.47
C PHE G 80 -3.65 67.30 -22.50
N LEU G 81 -2.48 67.77 -22.05
CA LEU G 81 -2.42 68.79 -21.02
C LEU G 81 -2.79 70.16 -21.59
N GLY G 82 -3.72 70.84 -20.91
CA GLY G 82 -4.13 72.16 -21.31
C GLY G 82 -4.87 72.21 -22.64
N GLU G 83 -6.08 71.67 -22.68
CA GLU G 83 -6.84 71.59 -23.91
C GLU G 83 -8.21 72.22 -23.69
N ILE G 84 -8.62 73.06 -24.65
CA ILE G 84 -9.89 73.77 -24.58
C ILE G 84 -10.98 72.82 -25.05
N VAL G 85 -11.85 72.41 -24.14
CA VAL G 85 -12.89 71.44 -24.45
C VAL G 85 -14.24 72.04 -24.13
N THR G 86 -15.26 71.64 -24.88
CA THR G 86 -16.63 72.11 -24.71
C THR G 86 -17.41 71.11 -23.85
N GLY G 87 -18.71 71.33 -23.74
CA GLY G 87 -19.57 70.45 -22.98
C GLY G 87 -20.90 71.10 -22.69
N TRP G 88 -21.70 70.42 -21.86
CA TRP G 88 -23.01 70.90 -21.44
C TRP G 88 -23.19 70.65 -19.96
N ILE G 89 -23.58 71.70 -19.23
CA ILE G 89 -23.54 71.70 -17.77
C ILE G 89 -24.63 70.76 -17.24
N SER G 90 -24.21 69.80 -16.41
CA SER G 90 -25.13 68.85 -15.81
C SER G 90 -25.71 69.37 -14.50
N LYS G 91 -24.85 69.74 -13.55
CA LYS G 91 -25.30 70.23 -12.26
C LYS G 91 -24.20 71.08 -11.64
N CYS G 92 -24.61 72.14 -10.96
CA CYS G 92 -23.68 73.02 -10.23
C CYS G 92 -23.72 72.63 -8.76
N THR G 93 -22.71 71.90 -8.31
CA THR G 93 -22.66 71.50 -6.91
C THR G 93 -22.08 72.63 -6.06
N ALA G 94 -22.04 72.41 -4.75
CA ALA G 94 -21.65 73.48 -3.84
C ALA G 94 -20.14 73.74 -3.84
N GLU G 95 -19.34 72.71 -4.07
CA GLU G 95 -17.89 72.83 -4.03
C GLU G 95 -17.26 73.05 -5.39
N GLY G 96 -18.00 72.81 -6.48
CA GLY G 96 -17.47 72.98 -7.81
C GLY G 96 -18.56 72.88 -8.86
N ILE G 97 -18.24 72.35 -10.03
CA ILE G 97 -19.26 72.12 -11.04
C ILE G 97 -18.93 70.83 -11.76
N LYS G 98 -19.96 70.05 -12.04
CA LYS G 98 -19.84 68.89 -12.91
C LYS G 98 -20.58 69.16 -14.21
N VAL G 99 -19.91 68.90 -15.32
CA VAL G 99 -20.41 69.24 -16.65
C VAL G 99 -20.46 67.95 -17.48
N SER G 100 -21.62 67.69 -18.07
CA SER G 100 -21.78 66.53 -18.92
C SER G 100 -21.12 66.75 -20.27
N LEU G 101 -20.97 65.67 -21.02
CA LEU G 101 -20.31 65.73 -22.32
C LEU G 101 -21.10 64.88 -23.32
N LEU G 102 -22.44 64.98 -23.22
CA LEU G 102 -23.41 64.24 -24.02
C LEU G 102 -23.20 62.73 -23.89
N GLY G 103 -23.23 62.27 -22.63
CA GLY G 103 -23.17 60.86 -22.31
C GLY G 103 -21.86 60.15 -22.58
N ILE G 104 -20.87 60.80 -23.20
CA ILE G 104 -19.61 60.16 -23.48
C ILE G 104 -18.79 59.99 -22.21
N PHE G 105 -18.54 61.10 -21.53
CA PHE G 105 -17.67 61.07 -20.35
C PHE G 105 -18.10 62.21 -19.45
N ASP G 106 -18.90 61.90 -18.43
CA ASP G 106 -19.58 62.90 -17.63
C ASP G 106 -18.89 63.16 -16.30
N ASP G 107 -17.70 62.62 -16.09
CA ASP G 107 -17.00 62.77 -14.82
C ASP G 107 -15.95 63.88 -14.93
N ILE G 108 -16.46 65.11 -14.91
CA ILE G 108 -15.63 66.31 -14.98
C ILE G 108 -15.88 67.12 -13.72
N PHE G 109 -14.82 67.67 -13.13
CA PHE G 109 -14.95 68.49 -11.95
C PHE G 109 -14.04 69.70 -12.04
N ILE G 110 -14.57 70.86 -11.66
CA ILE G 110 -13.80 72.10 -11.64
C ILE G 110 -13.83 72.67 -10.23
N PRO G 111 -12.72 72.58 -9.49
CA PRO G 111 -12.72 73.05 -8.08
C PRO G 111 -12.63 74.56 -7.95
N GLN G 112 -12.46 75.01 -6.70
CA GLN G 112 -12.44 76.45 -6.39
C GLN G 112 -11.26 77.14 -7.03
N ASN G 113 -10.10 76.50 -7.04
CA ASN G 113 -8.88 77.09 -7.58
C ASN G 113 -8.83 77.05 -9.10
N MET G 114 -9.82 76.45 -9.75
CA MET G 114 -9.88 76.38 -11.20
C MET G 114 -11.01 77.21 -11.79
N LEU G 115 -11.79 77.90 -10.96
CA LEU G 115 -12.88 78.73 -11.43
C LEU G 115 -12.34 80.08 -11.93
N PHE G 116 -13.23 81.04 -12.14
CA PHE G 116 -12.82 82.41 -12.41
C PHE G 116 -12.43 83.10 -11.10
N GLU G 117 -12.23 84.41 -11.16
CA GLU G 117 -11.72 85.17 -10.04
C GLU G 117 -12.90 85.67 -9.21
N GLY G 118 -13.28 84.88 -8.22
CA GLY G 118 -14.32 85.27 -7.29
C GLY G 118 -15.65 84.58 -7.42
N CYS G 119 -15.70 83.39 -8.01
CA CYS G 119 -16.96 82.67 -8.16
C CYS G 119 -17.46 82.18 -6.81
N TYR G 120 -18.74 82.42 -6.53
CA TYR G 120 -19.37 81.97 -5.30
C TYR G 120 -20.60 81.15 -5.64
N TYR G 121 -20.87 80.15 -4.80
CA TYR G 121 -22.00 79.27 -5.01
C TYR G 121 -23.26 79.85 -4.37
N THR G 122 -24.37 79.70 -5.06
CA THR G 122 -25.67 80.14 -4.56
C THR G 122 -26.51 78.93 -4.19
N PRO G 123 -26.67 78.61 -2.91
CA PRO G 123 -27.50 77.45 -2.52
C PRO G 123 -28.98 77.66 -2.75
N GLU G 124 -29.43 78.90 -2.92
CA GLU G 124 -30.85 79.16 -3.13
C GLU G 124 -31.31 78.77 -4.52
N GLU G 125 -30.41 78.65 -5.49
CA GLU G 125 -30.79 78.29 -6.84
C GLU G 125 -29.84 77.31 -7.51
N SER G 126 -28.81 76.83 -6.80
CA SER G 126 -27.80 75.87 -7.29
C SER G 126 -27.11 76.38 -8.56
N ALA G 127 -26.51 77.56 -8.43
CA ALA G 127 -25.85 78.20 -9.56
C ALA G 127 -24.60 78.91 -9.10
N TRP G 128 -23.56 78.83 -9.93
CA TRP G 128 -22.35 79.59 -9.70
C TRP G 128 -22.49 80.97 -10.32
N ILE G 129 -22.00 81.97 -9.60
CA ILE G 129 -22.11 83.37 -10.01
C ILE G 129 -20.72 83.99 -9.97
N TRP G 130 -20.32 84.63 -11.06
CA TRP G 130 -19.01 85.28 -11.11
C TRP G 130 -19.19 86.78 -11.25
N PRO G 131 -18.73 87.58 -10.27
CA PRO G 131 -18.80 89.04 -10.38
C PRO G 131 -17.76 89.63 -11.32
N MET G 132 -18.11 89.75 -12.61
CA MET G 132 -17.15 90.11 -13.65
C MET G 132 -16.68 91.57 -13.52
N ASP G 133 -17.61 92.51 -13.50
CA ASP G 133 -17.28 93.90 -13.80
C ASP G 133 -18.19 94.80 -12.97
N GLU G 134 -18.37 96.05 -13.43
CA GLU G 134 -19.45 96.88 -12.90
C GLU G 134 -20.80 96.19 -13.10
N GLU G 135 -21.03 95.66 -14.30
CA GLU G 135 -22.08 94.66 -14.51
C GLU G 135 -21.50 93.33 -14.07
N THR G 136 -21.62 93.05 -12.77
CA THR G 136 -20.82 92.01 -12.13
C THR G 136 -21.35 90.61 -12.41
N LYS G 137 -22.57 90.32 -11.93
CA LYS G 137 -22.99 88.95 -11.65
C LYS G 137 -23.35 88.23 -12.95
N LEU G 138 -22.44 87.39 -13.41
CA LEU G 138 -22.72 86.52 -14.54
C LEU G 138 -23.31 85.20 -14.03
N TYR G 139 -23.83 84.38 -14.95
CA TYR G 139 -24.66 83.24 -14.58
C TYR G 139 -24.10 81.98 -15.19
N PHE G 140 -23.75 81.01 -14.34
CA PHE G 140 -23.36 79.67 -14.77
C PHE G 140 -24.61 78.79 -14.68
N ASP G 141 -25.40 78.80 -15.75
CA ASP G 141 -26.65 78.04 -15.78
C ASP G 141 -26.38 76.58 -16.18
N VAL G 142 -27.45 75.85 -16.46
CA VAL G 142 -27.40 74.40 -16.63
C VAL G 142 -27.79 74.07 -18.08
N ASN G 143 -27.09 73.10 -18.67
CA ASN G 143 -27.35 72.55 -20.00
C ASN G 143 -27.24 73.62 -21.10
N GLU G 144 -26.03 74.13 -21.26
CA GLU G 144 -25.70 75.00 -22.37
C GLU G 144 -24.24 74.74 -22.75
N LYS G 145 -23.83 75.25 -23.91
CA LYS G 145 -22.49 75.00 -24.41
C LYS G 145 -21.47 75.73 -23.55
N ILE G 146 -20.60 74.97 -22.90
CA ILE G 146 -19.57 75.51 -22.02
C ILE G 146 -18.26 75.50 -22.80
N ARG G 147 -17.28 76.26 -22.29
CA ARG G 147 -15.94 76.25 -22.84
C ARG G 147 -14.96 76.30 -21.67
N PHE G 148 -14.14 75.26 -21.52
CA PHE G 148 -13.21 75.25 -20.41
C PHE G 148 -11.96 74.46 -20.78
N ARG G 149 -10.86 74.82 -20.13
CA ARG G 149 -9.56 74.20 -20.31
C ARG G 149 -9.33 73.16 -19.23
N ILE G 150 -8.97 71.95 -19.62
CA ILE G 150 -8.62 70.95 -18.61
C ILE G 150 -7.20 71.20 -18.13
N GLU G 151 -6.91 70.70 -16.93
CA GLU G 151 -5.58 70.86 -16.35
C GLU G 151 -4.89 69.53 -16.12
N ARG G 152 -5.53 68.60 -15.41
CA ARG G 152 -4.88 67.35 -15.06
C ARG G 152 -5.89 66.22 -15.10
N GLU G 153 -5.51 65.12 -15.72
CA GLU G 153 -6.28 63.89 -15.66
C GLU G 153 -5.95 63.15 -14.37
N VAL G 154 -6.93 62.39 -13.88
CA VAL G 154 -6.72 61.60 -12.68
C VAL G 154 -7.00 60.15 -13.01
N PHE G 155 -6.23 59.26 -12.40
CA PHE G 155 -6.37 57.83 -12.58
C PHE G 155 -6.68 57.22 -11.23
N VAL G 156 -7.96 57.21 -10.87
CA VAL G 156 -8.39 56.59 -9.63
C VAL G 156 -8.35 55.08 -9.86
N ASP G 157 -7.33 54.42 -9.30
CA ASP G 157 -7.26 52.98 -9.39
C ASP G 157 -8.32 52.41 -8.46
N VAL G 158 -9.49 52.11 -9.02
CA VAL G 158 -10.58 51.53 -8.23
C VAL G 158 -10.20 50.13 -7.80
N LYS G 159 -10.62 49.76 -6.61
CA LYS G 159 -10.12 48.54 -6.00
C LYS G 159 -11.27 47.81 -5.35
N PRO G 160 -11.56 46.57 -5.76
CA PRO G 160 -12.68 45.83 -5.19
C PRO G 160 -12.40 45.42 -3.75
N LYS G 161 -13.35 45.70 -2.88
CA LYS G 161 -13.17 45.43 -1.47
C LYS G 161 -13.35 43.93 -1.18
N SER G 162 -13.21 43.57 0.09
CA SER G 162 -13.31 42.18 0.48
C SER G 162 -14.75 41.69 0.36
N PRO G 163 -14.94 40.41 0.07
CA PRO G 163 -16.31 39.89 -0.07
C PRO G 163 -17.11 39.89 1.22
N LYS G 164 -16.46 40.00 2.39
CA LYS G 164 -17.26 40.26 3.58
C LYS G 164 -17.72 41.70 3.64
N GLU G 165 -16.91 42.64 3.12
CA GLU G 165 -17.32 44.04 3.08
C GLU G 165 -18.12 44.38 1.84
N ARG G 166 -17.98 43.62 0.76
CA ARG G 166 -18.75 43.90 -0.45
C ARG G 166 -20.21 43.51 -0.28
N GLU G 167 -20.51 42.57 0.61
CA GLU G 167 -21.89 42.12 0.78
C GLU G 167 -22.63 42.88 1.87
N LEU G 168 -21.94 43.38 2.89
CA LEU G 168 -22.63 44.13 3.94
C LEU G 168 -23.10 45.49 3.44
N GLU G 169 -22.30 46.14 2.58
CA GLU G 169 -22.76 47.39 1.97
C GLU G 169 -23.85 47.13 0.95
N GLU G 170 -23.82 45.97 0.29
CA GLU G 170 -24.89 45.60 -0.62
C GLU G 170 -26.17 45.28 0.15
N ARG G 171 -26.04 44.80 1.38
CA ARG G 171 -27.21 44.43 2.17
C ARG G 171 -27.97 45.67 2.65
N ALA G 172 -27.24 46.70 3.11
CA ALA G 172 -27.88 47.92 3.58
C ALA G 172 -28.22 48.88 2.44
N GLN G 173 -27.75 48.62 1.21
CA GLN G 173 -28.08 49.46 0.09
C GLN G 173 -29.52 49.26 -0.35
N LEU G 174 -30.08 48.08 -0.10
CA LEU G 174 -31.44 47.76 -0.55
C LEU G 174 -32.50 48.55 0.19
N GLU G 175 -32.18 49.11 1.35
CA GLU G 175 -33.14 49.88 2.12
C GLU G 175 -32.72 51.35 2.19
N GLU G 189 -22.08 56.54 -2.95
CA GLU G 189 -21.57 56.78 -4.30
C GLU G 189 -20.31 55.95 -4.57
N LYS G 190 -20.11 55.58 -5.82
CA LYS G 190 -18.86 54.90 -6.14
C LYS G 190 -17.88 55.88 -6.78
N PRO G 191 -16.58 55.71 -6.54
CA PRO G 191 -15.60 56.62 -7.13
C PRO G 191 -15.41 56.34 -8.61
N PRO G 192 -15.43 57.36 -9.45
CA PRO G 192 -15.14 57.15 -10.87
C PRO G 192 -13.65 56.87 -11.08
N ALA G 193 -13.37 55.87 -11.92
CA ALA G 193 -12.00 55.40 -12.09
C ALA G 193 -11.13 56.37 -12.87
N TYR G 194 -11.73 57.29 -13.62
CA TYR G 194 -10.99 58.18 -14.50
C TYR G 194 -11.79 59.47 -14.64
N ALA G 195 -11.14 60.61 -14.40
CA ALA G 195 -11.81 61.89 -14.42
C ALA G 195 -10.82 62.98 -14.80
N LEU G 196 -11.34 64.20 -14.97
CA LEU G 196 -10.57 65.33 -15.48
C LEU G 196 -10.75 66.54 -14.59
N LEU G 197 -9.70 67.36 -14.51
CA LEU G 197 -9.71 68.60 -13.74
C LEU G 197 -9.81 69.76 -14.72
N GLY G 198 -11.03 70.16 -15.04
CA GLY G 198 -11.24 71.31 -15.89
C GLY G 198 -10.99 72.62 -15.16
N SER G 199 -10.85 73.69 -15.93
CA SER G 199 -10.54 74.98 -15.35
C SER G 199 -11.14 76.09 -16.20
N CYS G 200 -11.40 77.22 -15.56
CA CYS G 200 -11.87 78.44 -16.19
C CYS G 200 -11.06 79.63 -15.70
N GLN G 201 -9.73 79.47 -15.73
CA GLN G 201 -8.84 80.54 -15.28
C GLN G 201 -8.88 81.73 -16.23
N THR G 202 -8.53 81.50 -17.49
CA THR G 202 -8.39 82.57 -18.45
C THR G 202 -9.75 83.06 -18.93
N ASP G 203 -9.76 84.26 -19.50
CA ASP G 203 -10.95 84.79 -20.13
C ASP G 203 -11.20 84.09 -21.46
N GLY G 204 -12.43 84.17 -21.93
CA GLY G 204 -12.89 83.36 -23.02
C GLY G 204 -13.48 82.03 -22.60
N MET G 205 -13.17 81.57 -21.39
CA MET G 205 -13.62 80.28 -20.91
C MET G 205 -15.02 80.41 -20.31
N GLY G 206 -15.48 79.35 -19.67
CA GLY G 206 -16.81 79.38 -19.08
C GLY G 206 -17.88 79.26 -20.15
N LEU G 207 -18.81 80.21 -20.13
CA LEU G 207 -19.90 80.21 -21.11
C LEU G 207 -19.37 80.61 -22.49
N VAL G 208 -19.94 79.99 -23.52
CA VAL G 208 -19.61 80.42 -24.87
C VAL G 208 -20.43 81.63 -25.28
N SER G 209 -21.53 81.91 -24.58
CA SER G 209 -22.37 83.06 -24.90
C SER G 209 -21.72 84.37 -24.50
N TRP G 210 -20.70 84.32 -23.63
CA TRP G 210 -19.95 85.52 -23.29
C TRP G 210 -19.09 85.99 -24.46
N TRP G 211 -18.76 85.09 -25.40
CA TRP G 211 -17.82 85.41 -26.45
C TRP G 211 -18.26 84.90 -27.83
N GLU G 212 -19.52 84.50 -27.99
CA GLU G 212 -19.98 83.99 -29.27
C GLU G 212 -20.15 85.11 -30.29
N MET H 1 -12.00 -31.15 -79.77
CA MET H 1 -10.68 -30.86 -79.25
C MET H 1 -10.32 -31.76 -78.08
N SER H 2 -9.02 -31.87 -77.78
CA SER H 2 -8.54 -32.64 -76.65
C SER H 2 -7.56 -31.80 -75.86
N ASN H 3 -7.78 -31.73 -74.55
CA ASN H 3 -6.97 -30.91 -73.67
C ASN H 3 -6.59 -31.66 -72.40
N THR H 4 -6.43 -32.97 -72.48
CA THR H 4 -5.90 -33.73 -71.35
C THR H 4 -4.42 -33.42 -71.22
N LEU H 5 -4.05 -32.79 -70.12
CA LEU H 5 -2.67 -32.36 -69.94
C LEU H 5 -1.78 -33.53 -69.56
N PHE H 6 -2.35 -34.55 -68.94
CA PHE H 6 -1.62 -35.74 -68.51
C PHE H 6 -2.61 -36.89 -68.57
N ASP H 7 -2.10 -38.09 -68.88
CA ASP H 7 -2.94 -39.29 -68.96
C ASP H 7 -2.07 -40.53 -68.83
N ASP H 8 -2.28 -41.31 -67.78
CA ASP H 8 -1.46 -42.50 -67.61
C ASP H 8 -2.23 -43.51 -66.77
N ILE H 9 -1.89 -44.79 -66.95
CA ILE H 9 -2.53 -45.90 -66.27
C ILE H 9 -1.68 -46.26 -65.05
N PHE H 10 -2.26 -46.16 -63.87
CA PHE H 10 -1.51 -46.36 -62.64
C PHE H 10 -1.92 -47.66 -61.96
N GLN H 11 -1.14 -48.08 -60.97
CA GLN H 11 -1.39 -49.28 -60.20
C GLN H 11 -1.15 -49.00 -58.73
N VAL H 12 -2.20 -49.09 -57.93
CA VAL H 12 -2.14 -48.72 -56.52
C VAL H 12 -1.28 -49.71 -55.75
N SER H 13 -0.34 -49.19 -54.97
CA SER H 13 0.53 -50.05 -54.18
C SER H 13 0.28 -49.96 -52.69
N GLU H 14 -0.40 -48.92 -52.21
CA GLU H 14 -0.61 -48.74 -50.79
C GLU H 14 -1.81 -47.84 -50.56
N VAL H 15 -2.60 -48.15 -49.54
CA VAL H 15 -3.78 -47.39 -49.15
C VAL H 15 -3.82 -47.33 -47.63
N ASP H 16 -3.88 -46.13 -47.05
CA ASP H 16 -4.02 -46.03 -45.60
C ASP H 16 -5.09 -45.04 -45.18
N PRO H 17 -6.04 -45.45 -44.35
CA PRO H 17 -6.95 -44.50 -43.71
C PRO H 17 -6.39 -44.01 -42.38
N GLY H 18 -5.35 -43.19 -42.46
CA GLY H 18 -4.70 -42.77 -41.23
C GLY H 18 -5.52 -41.72 -40.53
N ARG H 19 -6.19 -42.15 -39.47
CA ARG H 19 -7.03 -41.35 -38.58
C ARG H 19 -8.25 -40.77 -39.28
N TYR H 20 -8.62 -41.28 -40.45
CA TYR H 20 -9.82 -40.82 -41.14
C TYR H 20 -10.76 -41.98 -41.37
N ASN H 21 -11.96 -41.65 -41.82
CA ASN H 21 -13.00 -42.62 -42.10
C ASN H 21 -13.53 -42.54 -43.51
N LYS H 22 -13.27 -41.44 -44.23
CA LYS H 22 -13.75 -41.29 -45.60
C LYS H 22 -12.67 -40.94 -46.59
N VAL H 23 -11.43 -40.71 -46.15
CA VAL H 23 -10.35 -40.28 -47.04
C VAL H 23 -9.15 -41.18 -46.79
N CYS H 24 -8.53 -41.65 -47.88
CA CYS H 24 -7.34 -42.50 -47.80
C CYS H 24 -6.28 -41.98 -48.77
N ARG H 25 -5.05 -41.85 -48.28
CA ARG H 25 -3.95 -41.33 -49.10
C ARG H 25 -3.31 -42.48 -49.86
N ILE H 26 -3.79 -42.73 -51.07
CA ILE H 26 -3.28 -43.85 -51.81
C ILE H 26 -1.91 -43.51 -52.39
N GLU H 27 -1.17 -44.53 -52.77
CA GLU H 27 0.06 -44.37 -53.53
C GLU H 27 0.03 -45.35 -54.68
N ALA H 28 0.74 -45.01 -55.74
CA ALA H 28 0.60 -45.75 -56.99
C ALA H 28 1.78 -45.45 -57.89
N ALA H 29 2.50 -46.49 -58.29
CA ALA H 29 3.46 -46.33 -59.36
C ALA H 29 2.74 -46.38 -60.69
N SER H 30 3.48 -46.21 -61.78
CA SER H 30 2.88 -46.15 -63.09
C SER H 30 3.21 -47.39 -63.90
N THR H 31 2.30 -47.72 -64.80
CA THR H 31 2.61 -48.60 -65.90
C THR H 31 2.94 -47.73 -67.11
N THR H 32 3.86 -48.22 -67.95
CA THR H 32 4.37 -47.70 -69.22
C THR H 32 5.33 -46.51 -68.99
N GLN H 33 5.47 -46.02 -67.77
CA GLN H 33 6.47 -44.99 -67.47
C GLN H 33 7.05 -45.31 -66.11
N ASP H 34 8.32 -45.69 -66.07
CA ASP H 34 8.95 -46.15 -64.84
C ASP H 34 9.20 -45.04 -63.82
N GLN H 35 9.07 -43.77 -64.23
CA GLN H 35 9.43 -42.65 -63.36
C GLN H 35 8.26 -42.16 -62.52
N CYS H 36 7.03 -42.28 -63.00
CA CYS H 36 5.90 -41.60 -62.39
C CYS H 36 5.47 -42.27 -61.10
N LYS H 37 5.15 -41.44 -60.11
CA LYS H 37 4.58 -41.86 -58.85
C LYS H 37 3.29 -41.09 -58.64
N LEU H 38 2.65 -41.31 -57.51
CA LEU H 38 1.38 -40.68 -57.19
C LEU H 38 1.18 -40.81 -55.70
N THR H 39 0.66 -39.76 -55.07
CA THR H 39 0.36 -39.81 -53.64
C THR H 39 -1.00 -39.15 -53.42
N LEU H 40 -1.99 -39.61 -54.17
CA LEU H 40 -3.31 -39.02 -54.18
C LEU H 40 -4.07 -39.40 -52.92
N ASP H 41 -4.99 -38.55 -52.48
CA ASP H 41 -5.99 -38.96 -51.50
C ASP H 41 -7.41 -38.73 -52.01
N ILE H 42 -8.24 -39.74 -51.85
CA ILE H 42 -9.54 -39.90 -52.47
C ILE H 42 -10.59 -39.87 -51.36
N ASN H 43 -11.78 -39.37 -51.68
CA ASN H 43 -12.95 -39.72 -50.87
C ASN H 43 -13.33 -41.16 -51.19
N VAL H 44 -13.08 -42.07 -50.25
CA VAL H 44 -13.23 -43.49 -50.55
C VAL H 44 -14.61 -44.03 -50.23
N GLU H 45 -15.52 -43.21 -49.73
CA GLU H 45 -16.91 -43.64 -49.73
C GLU H 45 -17.56 -43.39 -51.09
N LEU H 46 -16.94 -42.55 -51.92
CA LEU H 46 -17.44 -42.26 -53.26
C LEU H 46 -16.67 -42.97 -54.35
N PHE H 47 -15.43 -43.37 -54.08
CA PHE H 47 -14.62 -44.12 -55.05
C PHE H 47 -13.76 -45.08 -54.25
N PRO H 48 -14.29 -46.26 -53.94
CA PRO H 48 -13.56 -47.18 -53.05
C PRO H 48 -12.43 -47.88 -53.80
N VAL H 49 -11.21 -47.64 -53.36
CA VAL H 49 -10.02 -48.23 -53.96
C VAL H 49 -9.42 -49.23 -52.99
N ALA H 50 -9.04 -50.39 -53.49
CA ALA H 50 -8.28 -51.38 -52.75
C ALA H 50 -6.84 -51.36 -53.22
N ALA H 51 -5.99 -52.13 -52.54
CA ALA H 51 -4.63 -52.27 -53.01
C ALA H 51 -4.59 -53.15 -54.25
N GLN H 52 -3.59 -52.88 -55.10
CA GLN H 52 -3.29 -53.66 -56.31
C GLN H 52 -4.46 -53.66 -57.30
N ASP H 53 -4.78 -52.47 -57.81
CA ASP H 53 -5.78 -52.35 -58.86
C ASP H 53 -5.37 -51.23 -59.81
N SER H 54 -5.79 -51.37 -61.07
CA SER H 54 -5.35 -50.47 -62.12
C SER H 54 -6.28 -49.27 -62.21
N LEU H 55 -5.72 -48.07 -62.05
CA LEU H 55 -6.45 -46.83 -62.19
C LEU H 55 -6.12 -46.17 -63.52
N THR H 56 -7.00 -45.28 -63.95
CA THR H 56 -6.76 -44.42 -65.09
C THR H 56 -6.81 -42.98 -64.59
N VAL H 57 -5.64 -42.38 -64.40
CA VAL H 57 -5.53 -41.01 -63.93
C VAL H 57 -5.28 -40.12 -65.14
N THR H 58 -6.16 -39.16 -65.36
CA THR H 58 -5.91 -38.12 -66.34
C THR H 58 -6.13 -36.76 -65.69
N ILE H 59 -5.42 -35.78 -66.22
CA ILE H 59 -5.51 -34.41 -65.74
C ILE H 59 -5.92 -33.54 -66.92
N ALA H 60 -7.16 -33.08 -66.89
CA ALA H 60 -7.70 -32.25 -67.94
C ALA H 60 -7.96 -30.87 -67.37
N SER H 61 -8.14 -29.93 -68.28
CA SER H 61 -8.68 -28.62 -67.97
C SER H 61 -9.91 -28.43 -68.84
N SER H 62 -10.97 -27.87 -68.26
CA SER H 62 -12.22 -27.57 -68.97
C SER H 62 -12.87 -28.82 -69.57
N LEU H 63 -13.54 -29.62 -68.74
CA LEU H 63 -14.17 -30.91 -69.08
C LEU H 63 -14.94 -31.01 -70.39
N ASN H 64 -15.43 -29.89 -70.92
CA ASN H 64 -16.24 -29.94 -72.13
C ASN H 64 -15.42 -30.34 -73.35
N LEU H 65 -16.13 -30.86 -74.35
CA LEU H 65 -15.48 -31.39 -75.55
C LEU H 65 -15.28 -30.34 -76.62
N GLU H 66 -16.00 -29.21 -76.54
CA GLU H 66 -15.89 -28.15 -77.54
C GLU H 66 -15.62 -26.82 -76.85
N ASP H 67 -15.68 -25.73 -77.62
CA ASP H 67 -15.81 -24.41 -77.01
C ASP H 67 -17.22 -24.24 -76.44
N THR H 68 -17.34 -23.34 -75.47
CA THR H 68 -18.61 -23.12 -74.83
C THR H 68 -18.88 -21.62 -74.69
N PRO H 69 -20.15 -21.22 -74.62
CA PRO H 69 -20.49 -19.88 -74.13
C PRO H 69 -20.79 -19.82 -72.64
N ALA H 70 -20.62 -20.92 -71.92
CA ALA H 70 -20.94 -21.02 -70.51
C ALA H 70 -19.84 -20.48 -69.60
N ASN H 71 -18.80 -19.84 -70.17
CA ASN H 71 -17.81 -19.17 -69.35
C ASN H 71 -18.34 -17.88 -68.75
N ASP H 72 -19.41 -17.34 -69.31
CA ASP H 72 -20.12 -16.19 -68.75
C ASP H 72 -21.54 -16.62 -68.45
N SER H 73 -22.00 -16.31 -67.24
CA SER H 73 -23.34 -16.67 -66.79
C SER H 73 -24.16 -15.41 -66.54
N SER H 74 -24.08 -14.48 -67.50
CA SER H 74 -24.53 -13.08 -67.35
C SER H 74 -23.86 -12.42 -66.15
N ALA H 75 -22.54 -12.63 -66.03
CA ALA H 75 -21.68 -12.07 -64.99
C ALA H 75 -22.17 -12.43 -63.58
N THR H 76 -22.61 -13.67 -63.41
CA THR H 76 -23.09 -14.12 -62.11
C THR H 76 -21.92 -14.33 -61.15
N ARG H 77 -20.81 -14.90 -61.67
CA ARG H 77 -19.49 -15.05 -61.04
C ARG H 77 -19.52 -16.14 -59.96
N SER H 78 -20.70 -16.64 -59.62
CA SER H 78 -20.88 -17.88 -58.89
C SER H 78 -20.81 -19.06 -59.85
N TRP H 79 -20.69 -20.26 -59.29
CA TRP H 79 -20.54 -21.45 -60.11
C TRP H 79 -21.91 -22.01 -60.46
N ARG H 80 -22.09 -22.34 -61.72
CA ARG H 80 -23.30 -22.99 -62.17
C ARG H 80 -22.94 -24.37 -62.69
N PRO H 81 -23.64 -25.42 -62.25
CA PRO H 81 -23.36 -26.74 -62.77
C PRO H 81 -23.73 -26.83 -64.23
N PRO H 82 -23.08 -27.70 -65.00
CA PRO H 82 -23.50 -27.94 -66.37
C PRO H 82 -24.89 -28.55 -66.43
N GLN H 83 -25.53 -28.36 -67.58
CA GLN H 83 -26.91 -28.78 -67.74
C GLN H 83 -26.99 -30.30 -67.74
N ALA H 84 -28.07 -30.83 -67.15
CA ALA H 84 -28.24 -32.26 -66.99
C ALA H 84 -28.48 -32.93 -68.33
N GLY H 85 -27.40 -33.40 -68.95
CA GLY H 85 -27.50 -33.94 -70.29
C GLY H 85 -26.59 -33.21 -71.25
N ASP H 86 -25.55 -32.58 -70.73
CA ASP H 86 -24.49 -32.07 -71.58
C ASP H 86 -23.48 -33.16 -71.86
N ARG H 87 -22.99 -33.19 -73.09
CA ARG H 87 -21.96 -34.15 -73.48
C ARG H 87 -20.60 -33.56 -73.20
N SER H 88 -19.78 -34.28 -72.45
CA SER H 88 -18.48 -33.78 -72.05
C SER H 88 -17.59 -34.96 -71.68
N LEU H 89 -16.50 -34.67 -71.00
CA LEU H 89 -15.85 -35.64 -70.12
C LEU H 89 -16.70 -35.76 -68.85
N ALA H 90 -16.17 -36.50 -67.88
CA ALA H 90 -16.93 -36.98 -66.71
C ALA H 90 -18.18 -37.73 -67.16
N ASP H 91 -18.03 -38.53 -68.18
CA ASP H 91 -19.01 -39.48 -68.63
C ASP H 91 -18.42 -40.86 -68.75
N ASP H 92 -17.18 -40.96 -69.20
CA ASP H 92 -16.41 -42.19 -69.17
C ASP H 92 -15.42 -42.23 -68.02
N TYR H 93 -15.74 -41.58 -66.91
CA TYR H 93 -14.90 -41.59 -65.72
C TYR H 93 -15.79 -41.80 -64.50
N ASP H 94 -15.16 -42.19 -63.40
CA ASP H 94 -15.87 -42.51 -62.18
C ASP H 94 -15.71 -41.47 -61.09
N TYR H 95 -14.75 -40.57 -61.20
CA TYR H 95 -14.39 -39.71 -60.08
C TYR H 95 -13.68 -38.48 -60.62
N VAL H 96 -14.31 -37.32 -60.48
CA VAL H 96 -13.76 -36.06 -60.93
C VAL H 96 -13.57 -35.16 -59.73
N MET H 97 -12.35 -34.70 -59.52
CA MET H 97 -12.08 -33.62 -58.58
C MET H 97 -11.60 -32.39 -59.35
N TYR H 98 -11.76 -31.23 -58.71
CA TYR H 98 -11.35 -29.95 -59.25
C TYR H 98 -10.36 -29.30 -58.29
N GLY H 99 -9.25 -28.80 -58.81
CA GLY H 99 -8.29 -28.19 -57.93
C GLY H 99 -7.25 -27.39 -58.67
N THR H 100 -6.09 -27.24 -58.03
CA THR H 100 -5.11 -26.26 -58.48
C THR H 100 -3.69 -26.72 -58.19
N ALA H 101 -2.78 -26.33 -59.08
CA ALA H 101 -1.35 -26.45 -58.83
C ALA H 101 -0.90 -25.29 -57.98
N TYR H 102 -0.25 -25.58 -56.86
CA TYR H 102 0.27 -24.50 -56.06
C TYR H 102 1.78 -24.44 -56.00
N LYS H 103 2.48 -25.53 -56.29
CA LYS H 103 3.92 -25.48 -56.43
C LYS H 103 4.40 -26.59 -57.33
N PHE H 104 5.45 -26.30 -58.09
CA PHE H 104 6.19 -27.30 -58.85
C PHE H 104 7.58 -27.31 -58.27
N GLU H 105 7.98 -28.40 -57.62
CA GLU H 105 9.34 -28.45 -57.13
C GLU H 105 10.15 -29.40 -58.00
N GLU H 106 11.47 -29.33 -57.83
CA GLU H 106 12.39 -30.21 -58.53
C GLU H 106 12.97 -31.17 -57.51
N VAL H 107 12.89 -32.47 -57.80
CA VAL H 107 13.32 -33.48 -56.85
C VAL H 107 14.66 -34.11 -57.20
N SER H 108 15.08 -34.07 -58.46
CA SER H 108 16.35 -34.62 -58.87
C SER H 108 16.77 -33.93 -60.16
N LYS H 109 17.85 -34.40 -60.77
CA LYS H 109 18.07 -34.08 -62.17
C LYS H 109 16.95 -34.72 -62.98
N ASP H 110 16.39 -33.92 -63.89
CA ASP H 110 15.22 -34.13 -64.75
C ASP H 110 14.11 -34.97 -64.13
N LEU H 111 13.73 -34.64 -62.90
CA LEU H 111 12.48 -35.11 -62.32
C LEU H 111 11.85 -33.97 -61.55
N ILE H 112 10.59 -33.65 -61.87
CA ILE H 112 9.89 -32.62 -61.13
C ILE H 112 8.74 -33.25 -60.35
N ALA H 113 8.02 -32.44 -59.60
CA ALA H 113 6.95 -32.96 -58.75
C ALA H 113 5.82 -31.95 -58.72
N VAL H 114 4.83 -32.15 -59.57
CA VAL H 114 3.66 -31.28 -59.63
C VAL H 114 2.77 -31.56 -58.43
N TYR H 115 2.39 -30.53 -57.68
CA TYR H 115 1.54 -30.73 -56.51
C TYR H 115 0.18 -30.12 -56.79
N TYR H 116 -0.85 -30.92 -56.73
CA TYR H 116 -2.21 -30.39 -56.76
C TYR H 116 -2.83 -30.51 -55.38
N SER H 117 -3.87 -29.73 -55.16
CA SER H 117 -4.66 -29.87 -53.94
C SER H 117 -6.10 -29.61 -54.31
N PHE H 118 -6.93 -30.63 -54.10
CA PHE H 118 -8.29 -30.63 -54.58
C PHE H 118 -9.24 -30.29 -53.44
N GLY H 119 -9.19 -29.02 -53.05
CA GLY H 119 -9.96 -28.54 -51.93
C GLY H 119 -9.37 -28.84 -50.58
N GLY H 120 -8.17 -29.41 -50.53
CA GLY H 120 -7.58 -29.86 -49.29
C GLY H 120 -7.05 -31.27 -49.46
N LEU H 121 -7.55 -31.95 -50.48
CA LEU H 121 -7.13 -33.30 -50.81
C LEU H 121 -5.97 -33.19 -51.77
N LEU H 122 -4.82 -33.67 -51.37
CA LEU H 122 -3.58 -33.39 -52.08
C LEU H 122 -3.35 -34.35 -53.23
N MET H 123 -2.32 -34.05 -54.01
CA MET H 123 -1.86 -34.96 -55.05
C MET H 123 -0.40 -34.63 -55.30
N ARG H 124 0.36 -35.60 -55.76
CA ARG H 124 1.77 -35.39 -56.04
C ARG H 124 2.21 -36.42 -57.06
N LEU H 125 2.53 -36.00 -58.26
CA LEU H 125 3.07 -36.92 -59.25
C LEU H 125 4.46 -36.47 -59.66
N GLU H 126 5.29 -37.42 -60.08
CA GLU H 126 6.61 -37.14 -60.59
C GLU H 126 6.72 -37.58 -62.04
N GLY H 127 7.83 -37.24 -62.65
CA GLY H 127 8.09 -37.56 -64.04
C GLY H 127 9.17 -36.66 -64.57
N ASN H 128 9.61 -36.95 -65.79
CA ASN H 128 10.72 -36.16 -66.31
C ASN H 128 10.30 -35.00 -67.20
N TYR H 129 9.70 -35.29 -68.35
CA TYR H 129 9.26 -34.27 -69.26
C TYR H 129 7.93 -34.65 -69.88
N ARG H 130 7.30 -35.72 -69.37
CA ARG H 130 5.89 -35.95 -69.64
C ARG H 130 5.03 -34.92 -68.93
N ASN H 131 5.54 -34.34 -67.84
CA ASN H 131 4.80 -33.37 -67.05
C ASN H 131 4.86 -31.96 -67.63
N LEU H 132 5.16 -31.80 -68.90
CA LEU H 132 4.79 -30.58 -69.58
C LEU H 132 3.28 -30.52 -69.73
N ASN H 133 2.80 -29.32 -70.10
CA ASN H 133 1.41 -28.90 -70.24
C ASN H 133 0.66 -28.82 -68.91
N ASN H 134 1.28 -29.17 -67.79
CA ASN H 134 0.72 -28.86 -66.49
C ASN H 134 1.23 -27.50 -66.09
N LEU H 135 0.37 -26.50 -66.14
CA LEU H 135 0.73 -25.16 -65.71
C LEU H 135 0.26 -24.94 -64.27
N LYS H 136 0.89 -23.97 -63.62
CA LYS H 136 0.41 -23.54 -62.32
C LYS H 136 -0.86 -22.73 -62.52
N GLN H 137 -2.01 -23.41 -62.49
CA GLN H 137 -3.28 -22.78 -62.73
C GLN H 137 -4.34 -23.50 -61.92
N GLU H 138 -5.45 -22.79 -61.67
CA GLU H 138 -6.54 -23.30 -60.85
C GLU H 138 -7.55 -24.05 -61.67
N ASN H 139 -7.09 -24.64 -62.77
CA ASN H 139 -7.89 -25.27 -63.80
C ASN H 139 -7.44 -26.71 -63.95
N ALA H 140 -7.31 -27.39 -62.83
CA ALA H 140 -7.03 -28.81 -62.83
C ALA H 140 -8.34 -29.55 -62.63
N TYR H 141 -8.63 -30.46 -63.54
CA TYR H 141 -9.61 -31.52 -63.31
C TYR H 141 -8.84 -32.82 -63.20
N LEU H 142 -9.06 -33.56 -62.14
CA LEU H 142 -8.50 -34.88 -62.01
C LEU H 142 -9.61 -35.89 -62.22
N LEU H 143 -9.48 -36.72 -63.24
CA LEU H 143 -10.53 -37.66 -63.58
C LEU H 143 -9.95 -39.06 -63.39
N ILE H 144 -10.49 -39.80 -62.42
CA ILE H 144 -10.03 -41.14 -62.11
C ILE H 144 -11.07 -42.13 -62.59
N ARG H 145 -10.62 -43.17 -63.28
CA ARG H 145 -11.46 -44.30 -63.65
C ARG H 145 -10.75 -45.57 -63.24
N ARG H 146 -11.44 -46.46 -62.52
CA ARG H 146 -10.85 -47.73 -62.17
C ARG H 146 -10.91 -48.67 -63.37
N MET I 1 40.80 -28.49 28.79
CA MET I 1 41.14 -29.72 28.11
C MET I 1 40.05 -30.75 28.27
N LEU I 2 38.99 -30.36 28.99
CA LEU I 2 37.85 -31.19 29.35
C LEU I 2 38.32 -32.43 30.12
N SER I 3 38.87 -32.14 31.29
CA SER I 3 39.19 -33.16 32.28
C SER I 3 38.80 -32.63 33.64
N PHE I 4 38.09 -33.43 34.40
CA PHE I 4 37.45 -32.98 35.63
C PHE I 4 38.15 -33.58 36.83
N CYS I 5 38.28 -32.78 37.88
CA CYS I 5 39.01 -33.21 39.07
C CYS I 5 38.21 -34.27 39.81
N PRO I 6 38.89 -35.08 40.62
CA PRO I 6 38.17 -35.84 41.62
C PRO I 6 37.65 -34.93 42.73
N SER I 7 36.65 -35.46 43.43
CA SER I 7 36.08 -35.00 44.70
C SER I 7 35.23 -33.74 44.62
N CYS I 8 35.22 -33.01 43.50
CA CYS I 8 34.08 -32.11 43.27
C CYS I 8 33.66 -32.05 41.82
N ASN I 9 34.45 -32.61 40.90
CA ASN I 9 34.12 -32.81 39.49
C ASN I 9 33.91 -31.52 38.72
N ASN I 10 34.43 -30.40 39.20
CA ASN I 10 34.43 -29.18 38.39
C ASN I 10 35.51 -29.26 37.32
N MET I 11 35.69 -28.18 36.56
CA MET I 11 36.60 -28.23 35.43
C MET I 11 37.99 -27.82 35.86
N LEU I 12 38.97 -28.67 35.57
CA LEU I 12 40.37 -28.41 35.88
C LEU I 12 40.92 -27.42 34.88
N LEU I 13 40.74 -26.14 35.18
CA LEU I 13 41.37 -25.10 34.39
C LEU I 13 42.84 -24.99 34.79
N ILE I 14 43.72 -25.00 33.80
CA ILE I 14 45.15 -24.96 34.08
C ILE I 14 45.55 -23.52 34.42
N THR I 15 46.64 -23.38 35.16
CA THR I 15 47.07 -22.05 35.56
C THR I 15 48.58 -22.01 35.64
N SER I 16 49.11 -20.79 35.55
CA SER I 16 50.53 -20.54 35.73
C SER I 16 50.78 -20.45 37.23
N GLY I 17 51.19 -21.56 37.82
CA GLY I 17 51.46 -21.61 39.25
C GLY I 17 52.62 -20.73 39.64
N ASP I 18 52.31 -19.66 40.39
CA ASP I 18 53.16 -18.60 40.97
C ASP I 18 54.37 -18.22 40.10
N SER I 19 54.10 -17.99 38.80
CA SER I 19 55.12 -17.71 37.77
C SER I 19 56.19 -18.80 37.72
N GLY I 20 55.73 -20.04 37.75
CA GLY I 20 56.63 -21.18 37.66
C GLY I 20 56.08 -22.29 36.80
N VAL I 21 56.00 -23.49 37.37
CA VAL I 21 55.50 -24.65 36.65
C VAL I 21 54.00 -24.51 36.43
N TYR I 22 53.56 -24.82 35.20
CA TYR I 22 52.14 -24.94 34.94
C TYR I 22 51.54 -26.09 35.73
N THR I 23 50.43 -25.81 36.41
CA THR I 23 49.68 -26.84 37.10
C THR I 23 48.20 -26.65 36.78
N LEU I 24 47.48 -27.76 36.65
CA LEU I 24 46.04 -27.72 36.47
C LEU I 24 45.40 -28.01 37.82
N ALA I 25 44.68 -27.02 38.34
CA ALA I 25 44.13 -27.07 39.67
C ALA I 25 42.71 -26.53 39.65
N CYS I 26 41.83 -27.21 40.37
CA CYS I 26 40.43 -26.81 40.41
C CYS I 26 40.28 -25.52 41.20
N ARG I 27 39.27 -24.75 40.85
CA ARG I 27 38.90 -23.59 41.64
C ARG I 27 37.70 -23.95 42.51
N SER I 28 37.66 -23.35 43.70
CA SER I 28 36.76 -23.72 44.80
C SER I 28 36.93 -25.18 45.21
N CYS I 29 38.14 -25.70 45.05
CA CYS I 29 38.59 -27.02 45.50
C CYS I 29 40.11 -27.04 45.50
N PRO I 30 40.75 -27.40 46.60
CA PRO I 30 42.21 -27.32 46.66
C PRO I 30 42.95 -28.49 45.99
N TYR I 31 42.28 -29.23 45.12
CA TYR I 31 42.96 -30.23 44.31
C TYR I 31 43.92 -29.56 43.33
N GLU I 32 44.97 -30.28 42.96
CA GLU I 32 45.95 -29.79 41.98
C GLU I 32 46.64 -30.97 41.32
N PHE I 33 47.44 -30.68 40.30
CA PHE I 33 48.17 -31.70 39.55
C PHE I 33 49.44 -31.06 38.98
N PRO I 34 50.60 -31.29 39.61
CA PRO I 34 51.77 -30.43 39.37
C PRO I 34 52.50 -30.49 38.03
N ILE I 35 52.90 -31.69 37.59
CA ILE I 35 54.03 -31.82 36.65
C ILE I 35 53.57 -32.56 35.39
N GLU I 36 52.34 -32.26 34.96
CA GLU I 36 51.49 -33.06 34.08
C GLU I 36 52.15 -33.69 32.83
N GLY I 37 52.68 -32.90 31.91
CA GLY I 37 53.09 -33.43 30.62
C GLY I 37 51.98 -33.97 29.75
N ILE I 38 50.73 -33.54 29.99
CA ILE I 38 49.53 -34.11 29.38
C ILE I 38 49.24 -33.51 28.02
N GLU I 39 48.30 -34.11 27.29
CA GLU I 39 47.95 -33.71 25.93
C GLU I 39 46.52 -34.15 25.65
N ILE I 40 46.09 -33.97 24.39
CA ILE I 40 44.72 -34.28 23.96
C ILE I 40 44.79 -34.63 22.47
N TYR I 41 43.71 -35.20 21.94
CA TYR I 41 43.52 -35.34 20.50
C TYR I 41 42.22 -34.66 20.10
N ASP I 42 42.20 -34.12 18.88
CA ASP I 42 40.96 -33.59 18.30
C ASP I 42 41.12 -33.62 16.79
N ARG I 43 40.48 -34.60 16.15
CA ARG I 43 40.66 -34.78 14.71
C ARG I 43 39.80 -33.80 13.92
N MET J 1 -41.30 -28.10 -1.97
CA MET J 1 -41.98 -28.36 -0.72
C MET J 1 -43.19 -29.27 -0.93
N ILE J 2 -43.81 -29.16 -2.10
CA ILE J 2 -44.93 -29.99 -2.51
C ILE J 2 -44.59 -30.41 -3.94
N VAL J 3 -45.31 -31.39 -4.46
CA VAL J 3 -44.92 -32.01 -5.74
C VAL J 3 -45.09 -31.00 -6.87
N PRO J 4 -44.15 -30.91 -7.79
CA PRO J 4 -44.38 -30.13 -9.00
C PRO J 4 -45.55 -30.69 -9.79
N VAL J 5 -46.31 -29.80 -10.42
CA VAL J 5 -47.48 -30.20 -11.19
C VAL J 5 -47.05 -30.94 -12.44
N ARG J 6 -46.03 -30.44 -13.12
CA ARG J 6 -45.58 -30.96 -14.39
C ARG J 6 -44.13 -31.36 -14.28
N CYS J 7 -43.74 -32.37 -15.07
CA CYS J 7 -42.33 -32.63 -15.31
C CYS J 7 -41.69 -31.42 -15.95
N PHE J 8 -40.48 -31.09 -15.50
CA PHE J 8 -39.78 -29.91 -16.00
C PHE J 8 -39.38 -30.08 -17.46
N SER J 9 -38.98 -31.27 -17.86
CA SER J 9 -38.40 -31.44 -19.18
C SER J 9 -39.42 -31.82 -20.25
N CYS J 10 -40.62 -32.20 -19.88
CA CYS J 10 -41.65 -32.50 -20.83
C CYS J 10 -42.92 -31.70 -20.63
N GLY J 11 -43.27 -31.38 -19.40
CA GLY J 11 -44.58 -30.85 -19.16
C GLY J 11 -45.62 -31.90 -18.95
N LYS J 12 -45.22 -33.16 -18.86
CA LYS J 12 -46.14 -34.21 -18.49
C LYS J 12 -46.58 -33.98 -17.06
N VAL J 13 -47.89 -34.04 -16.82
CA VAL J 13 -48.44 -33.74 -15.51
C VAL J 13 -48.16 -34.88 -14.56
N VAL J 14 -47.36 -34.60 -13.53
CA VAL J 14 -46.96 -35.58 -12.54
C VAL J 14 -47.45 -35.23 -11.14
N GLY J 15 -48.25 -34.18 -11.01
CA GLY J 15 -48.72 -33.80 -9.69
C GLY J 15 -49.86 -34.62 -9.19
N ASP J 16 -50.54 -35.34 -10.06
CA ASP J 16 -51.63 -36.21 -9.67
C ASP J 16 -51.16 -37.61 -9.37
N LYS J 17 -49.86 -37.86 -9.49
CA LYS J 17 -49.27 -39.18 -9.31
C LYS J 17 -48.31 -39.19 -8.14
N TRP J 18 -48.53 -38.33 -7.15
CA TRP J 18 -47.84 -38.42 -5.88
C TRP J 18 -48.70 -39.04 -4.80
N GLU J 19 -49.97 -38.68 -4.77
CA GLU J 19 -50.91 -39.30 -3.86
C GLU J 19 -51.07 -40.78 -4.16
N SER J 20 -50.98 -41.15 -5.43
CA SER J 20 -51.10 -42.54 -5.86
C SER J 20 -49.78 -43.27 -5.83
N TYR J 21 -48.66 -42.55 -5.88
CA TYR J 21 -47.36 -43.19 -5.76
C TYR J 21 -47.14 -43.73 -4.36
N LEU J 22 -47.58 -42.99 -3.36
CA LEU J 22 -47.37 -43.43 -1.99
C LEU J 22 -48.27 -44.58 -1.62
N ASN J 23 -49.43 -44.70 -2.27
CA ASN J 23 -50.29 -45.85 -1.99
C ASN J 23 -49.75 -47.13 -2.62
N LEU J 24 -49.07 -47.02 -3.77
CA LEU J 24 -48.46 -48.20 -4.35
C LEU J 24 -47.26 -48.68 -3.54
N LEU J 25 -46.61 -47.79 -2.81
CA LEU J 25 -45.50 -48.23 -1.98
C LEU J 25 -45.96 -48.68 -0.60
N GLN J 26 -46.95 -48.00 -0.02
CA GLN J 26 -47.29 -48.29 1.38
C GLN J 26 -48.13 -49.56 1.48
N GLU J 27 -49.33 -49.56 0.93
CA GLU J 27 -49.98 -50.84 0.71
C GLU J 27 -49.50 -51.40 -0.62
N ASP J 28 -49.91 -52.65 -0.89
CA ASP J 28 -49.63 -53.53 -2.04
C ASP J 28 -48.23 -53.32 -2.62
N GLU J 29 -47.22 -53.44 -1.74
CA GLU J 29 -45.96 -52.73 -1.90
C GLU J 29 -45.17 -53.19 -3.12
N LEU J 30 -44.52 -52.23 -3.75
CA LEU J 30 -43.74 -52.40 -4.96
C LEU J 30 -42.36 -51.84 -4.71
N ASP J 31 -41.44 -52.08 -5.64
CA ASP J 31 -40.02 -51.75 -5.40
C ASP J 31 -39.63 -50.42 -6.01
N GLU J 32 -40.53 -49.44 -6.01
CA GLU J 32 -40.28 -48.03 -6.29
C GLU J 32 -39.93 -47.74 -7.74
N GLY J 33 -39.82 -48.77 -8.57
CA GLY J 33 -39.43 -48.62 -9.95
C GLY J 33 -40.41 -49.32 -10.84
N THR J 34 -41.15 -50.28 -10.30
CA THR J 34 -42.35 -50.76 -10.95
C THR J 34 -43.59 -50.07 -10.41
N ALA J 35 -43.47 -49.33 -9.32
CA ALA J 35 -44.53 -48.42 -8.92
C ALA J 35 -44.50 -47.14 -9.73
N LEU J 36 -43.35 -46.80 -10.30
CA LEU J 36 -43.28 -45.69 -11.25
C LEU J 36 -43.89 -46.09 -12.59
N SER J 37 -43.49 -47.26 -13.11
CA SER J 37 -43.99 -47.72 -14.39
C SER J 37 -45.47 -48.05 -14.37
N ARG J 38 -46.00 -48.43 -13.21
CA ARG J 38 -47.42 -48.68 -13.10
C ARG J 38 -48.22 -47.39 -13.16
N LEU J 39 -47.66 -46.31 -12.61
CA LEU J 39 -48.24 -44.99 -12.81
C LEU J 39 -48.03 -44.46 -14.20
N GLY J 40 -47.13 -45.04 -14.98
CA GLY J 40 -46.96 -44.63 -16.34
C GLY J 40 -46.02 -43.47 -16.45
N LEU J 41 -44.81 -43.65 -15.94
CA LEU J 41 -43.73 -42.68 -16.08
C LEU J 41 -42.63 -43.40 -16.83
N LYS J 42 -42.63 -43.30 -18.16
CA LYS J 42 -41.63 -44.00 -18.95
C LYS J 42 -40.33 -43.23 -18.99
N ARG J 43 -40.41 -41.94 -19.31
CA ARG J 43 -39.22 -41.13 -19.54
C ARG J 43 -38.53 -40.85 -18.23
N TYR J 44 -37.20 -40.84 -18.25
CA TYR J 44 -36.49 -40.72 -16.98
C TYR J 44 -36.57 -39.30 -16.43
N CYS J 45 -36.85 -38.32 -17.28
CA CYS J 45 -37.07 -36.96 -16.82
C CYS J 45 -38.31 -36.88 -15.95
N CYS J 46 -39.28 -37.76 -16.19
CA CYS J 46 -40.54 -37.76 -15.45
C CYS J 46 -40.49 -38.65 -14.24
N ARG J 47 -39.62 -39.67 -14.24
CA ARG J 47 -39.47 -40.52 -13.07
C ARG J 47 -38.74 -39.80 -11.96
N ARG J 48 -37.74 -39.00 -12.31
CA ARG J 48 -37.00 -38.22 -11.34
C ARG J 48 -37.80 -37.09 -10.72
N MET J 49 -39.00 -36.80 -11.22
CA MET J 49 -39.83 -35.76 -10.62
C MET J 49 -40.37 -36.19 -9.28
N ILE J 50 -40.80 -37.44 -9.18
CA ILE J 50 -41.42 -37.92 -7.94
C ILE J 50 -40.54 -38.90 -7.19
N LEU J 51 -39.50 -39.45 -7.82
CA LEU J 51 -38.59 -40.31 -7.10
C LEU J 51 -37.69 -39.49 -6.18
N THR J 52 -37.10 -38.43 -6.70
CA THR J 52 -36.29 -37.55 -5.90
C THR J 52 -37.07 -36.37 -5.35
N HIS J 53 -38.37 -36.47 -5.26
CA HIS J 53 -39.14 -35.43 -4.61
C HIS J 53 -39.12 -35.67 -3.11
N VAL J 54 -38.61 -34.69 -2.38
CA VAL J 54 -38.69 -34.66 -0.93
C VAL J 54 -39.85 -33.75 -0.55
N ASP J 55 -40.79 -34.29 0.21
CA ASP J 55 -42.05 -33.63 0.49
C ASP J 55 -41.92 -32.89 1.81
N LEU J 56 -41.78 -31.58 1.73
CA LEU J 56 -41.53 -30.75 2.88
C LEU J 56 -42.77 -30.02 3.37
N ILE J 57 -43.87 -30.12 2.62
CA ILE J 57 -45.11 -29.49 3.05
C ILE J 57 -45.65 -30.20 4.28
N GLU J 58 -45.35 -31.49 4.44
CA GLU J 58 -45.85 -32.21 5.61
C GLU J 58 -45.12 -31.79 6.87
N LYS J 59 -43.87 -31.40 6.77
CA LYS J 59 -43.13 -30.95 7.94
C LYS J 59 -43.36 -29.47 8.22
N PHE J 60 -43.55 -28.67 7.18
CA PHE J 60 -43.83 -27.25 7.36
C PHE J 60 -45.19 -27.04 8.02
N LEU J 61 -46.16 -27.91 7.72
CA LEU J 61 -47.49 -27.82 8.29
C LEU J 61 -47.55 -28.29 9.73
N ARG J 62 -46.45 -28.73 10.32
CA ARG J 62 -46.46 -29.04 11.74
C ARG J 62 -46.23 -27.81 12.59
N TYR J 63 -45.83 -26.69 12.00
CA TYR J 63 -45.37 -25.55 12.77
C TYR J 63 -46.27 -24.34 12.61
N ASN J 64 -47.49 -24.52 12.13
CA ASN J 64 -48.39 -23.38 11.97
C ASN J 64 -48.94 -22.96 13.32
N PRO J 65 -49.52 -21.77 13.42
CA PRO J 65 -50.46 -21.51 14.51
C PRO J 65 -51.59 -22.53 14.47
N LEU J 66 -51.94 -23.06 15.65
CA LEU J 66 -52.85 -24.21 15.73
C LEU J 66 -54.24 -23.85 15.21
N GLU J 67 -54.65 -22.60 15.38
CA GLU J 67 -55.79 -21.97 14.70
C GLU J 67 -57.13 -22.71 14.81
N GLU K 41 -55.84 -3.59 -47.28
CA GLU K 41 -55.09 -3.65 -46.02
C GLU K 41 -53.86 -4.55 -46.16
N PRO K 42 -52.73 -3.98 -46.56
CA PRO K 42 -51.50 -4.78 -46.62
C PRO K 42 -50.68 -4.65 -45.35
N ASP K 43 -49.85 -5.64 -45.04
CA ASP K 43 -48.97 -5.56 -43.87
C ASP K 43 -47.63 -5.01 -44.32
N ARG K 44 -47.36 -3.77 -43.95
CA ARG K 44 -46.20 -3.06 -44.47
C ARG K 44 -44.91 -3.41 -43.74
N GLU K 45 -44.98 -4.06 -42.58
CA GLU K 45 -43.81 -4.22 -41.74
C GLU K 45 -43.46 -5.67 -41.44
N LYS K 46 -44.15 -6.63 -42.06
CA LYS K 46 -43.81 -8.04 -41.87
C LYS K 46 -42.50 -8.37 -42.57
N ILE K 47 -42.44 -8.16 -43.87
CA ILE K 47 -41.29 -8.51 -44.68
C ILE K 47 -40.75 -7.24 -45.33
N LYS K 48 -39.43 -7.15 -45.38
CA LYS K 48 -38.72 -6.06 -46.01
C LYS K 48 -37.88 -6.60 -47.15
N LEU K 49 -37.08 -5.72 -47.71
CA LEU K 49 -36.01 -6.07 -48.63
C LEU K 49 -34.80 -5.29 -48.16
N LEU K 50 -33.79 -6.00 -47.66
CA LEU K 50 -32.58 -5.32 -47.21
C LEU K 50 -31.84 -4.84 -48.44
N THR K 51 -32.05 -3.57 -48.82
CA THR K 51 -31.49 -3.01 -50.04
C THR K 51 -29.98 -2.89 -49.99
N GLN K 52 -29.39 -2.87 -48.79
CA GLN K 52 -27.95 -2.85 -48.64
C GLN K 52 -27.29 -4.17 -49.02
N ALA K 53 -28.07 -5.22 -49.26
CA ALA K 53 -27.53 -6.53 -49.58
C ALA K 53 -27.82 -6.99 -50.99
N THR K 54 -28.78 -6.39 -51.66
CA THR K 54 -29.24 -6.90 -52.95
C THR K 54 -28.30 -6.49 -54.07
N SER K 55 -28.49 -7.10 -55.23
CA SER K 55 -27.87 -6.63 -56.45
C SER K 55 -28.87 -5.71 -57.16
N GLU K 56 -28.54 -5.30 -58.38
CA GLU K 56 -29.42 -4.46 -59.17
C GLU K 56 -30.19 -5.24 -60.23
N ASP K 57 -29.77 -6.47 -60.51
CA ASP K 57 -30.57 -7.38 -61.33
C ASP K 57 -31.75 -7.96 -60.59
N GLY K 58 -31.75 -7.87 -59.26
CA GLY K 58 -32.73 -8.60 -58.47
C GLY K 58 -32.46 -10.07 -58.32
N THR K 59 -31.33 -10.56 -58.84
CA THR K 59 -31.01 -11.97 -58.71
C THR K 59 -30.57 -12.33 -57.31
N SER K 60 -30.02 -11.39 -56.57
CA SER K 60 -29.71 -11.57 -55.16
C SER K 60 -30.60 -10.67 -54.34
N ALA K 61 -30.95 -11.12 -53.14
CA ALA K 61 -31.84 -10.37 -52.28
C ALA K 61 -31.71 -10.90 -50.87
N SER K 62 -31.80 -10.00 -49.90
CA SER K 62 -32.01 -10.39 -48.52
C SER K 62 -33.35 -9.85 -48.06
N PHE K 63 -34.02 -10.60 -47.19
CA PHE K 63 -35.35 -10.25 -46.73
C PHE K 63 -35.42 -10.35 -45.22
N GLN K 64 -35.78 -9.27 -44.57
CA GLN K 64 -35.89 -9.23 -43.12
C GLN K 64 -37.33 -9.51 -42.76
N ILE K 65 -37.63 -10.76 -42.44
CA ILE K 65 -38.97 -11.18 -42.07
C ILE K 65 -39.06 -11.21 -40.56
N VAL K 66 -40.04 -10.52 -40.00
CA VAL K 66 -40.15 -10.41 -38.56
C VAL K 66 -41.21 -11.38 -38.06
N GLU K 67 -41.15 -11.66 -36.76
CA GLU K 67 -42.04 -12.57 -36.04
C GLU K 67 -41.97 -14.01 -36.56
N GLU K 68 -40.83 -14.39 -37.14
CA GLU K 68 -40.60 -15.75 -37.59
C GLU K 68 -39.35 -16.31 -36.93
N ASP K 69 -39.15 -17.60 -37.14
CA ASP K 69 -38.22 -18.37 -36.33
C ASP K 69 -37.64 -19.47 -37.21
N HIS K 70 -37.08 -20.50 -36.60
CA HIS K 70 -36.55 -21.62 -37.36
C HIS K 70 -37.65 -22.48 -37.96
N THR K 71 -38.87 -22.39 -37.44
CA THR K 71 -39.94 -23.23 -37.94
C THR K 71 -40.41 -22.80 -39.31
N LEU K 72 -40.32 -21.52 -39.64
CA LEU K 72 -40.72 -21.09 -40.97
C LEU K 72 -39.55 -20.84 -41.89
N GLY K 73 -38.37 -20.53 -41.34
CA GLY K 73 -37.21 -20.31 -42.18
C GLY K 73 -36.67 -21.59 -42.77
N ASN K 74 -36.63 -22.66 -42.00
CA ASN K 74 -36.07 -23.92 -42.47
C ASN K 74 -36.99 -24.61 -43.45
N ALA K 75 -38.29 -24.44 -43.31
CA ALA K 75 -39.20 -25.01 -44.28
C ALA K 75 -39.08 -24.32 -45.62
N LEU K 76 -38.94 -22.99 -45.64
CA LEU K 76 -38.69 -22.26 -46.89
C LEU K 76 -37.39 -22.62 -47.52
N ARG K 77 -36.34 -22.74 -46.72
CA ARG K 77 -35.00 -22.95 -47.24
C ARG K 77 -34.88 -24.33 -47.88
N TYR K 78 -35.70 -25.28 -47.45
CA TYR K 78 -35.81 -26.54 -48.16
C TYR K 78 -36.51 -26.37 -49.49
N VAL K 79 -37.64 -25.66 -49.49
CA VAL K 79 -38.48 -25.56 -50.68
C VAL K 79 -37.84 -24.66 -51.73
N ILE K 80 -37.27 -23.52 -51.30
CA ILE K 80 -36.63 -22.60 -52.25
C ILE K 80 -35.40 -23.24 -52.88
N MET K 81 -34.65 -24.03 -52.12
CA MET K 81 -33.47 -24.67 -52.67
C MET K 81 -33.81 -25.82 -53.60
N LYS K 82 -35.08 -26.20 -53.70
CA LYS K 82 -35.54 -27.13 -54.71
C LYS K 82 -36.01 -26.45 -55.98
N ASN K 83 -35.60 -25.20 -56.22
CA ASN K 83 -35.79 -24.70 -57.57
C ASN K 83 -34.59 -25.05 -58.42
N PRO K 84 -34.77 -25.16 -59.73
CA PRO K 84 -33.61 -25.31 -60.61
C PRO K 84 -32.79 -24.04 -60.73
N ASP K 85 -33.33 -22.90 -60.34
CA ASP K 85 -32.67 -21.63 -60.60
C ASP K 85 -32.06 -21.00 -59.35
N VAL K 86 -32.45 -21.43 -58.18
CA VAL K 86 -31.90 -20.91 -56.93
C VAL K 86 -30.51 -21.48 -56.71
N GLU K 87 -29.53 -20.60 -56.53
CA GLU K 87 -28.15 -21.02 -56.37
C GLU K 87 -27.61 -20.77 -54.97
N PHE K 88 -28.40 -20.17 -54.10
CA PHE K 88 -28.03 -19.88 -52.73
C PHE K 88 -29.34 -19.73 -52.01
N CYS K 89 -29.47 -20.36 -50.86
CA CYS K 89 -30.56 -20.03 -49.96
C CYS K 89 -30.07 -20.37 -48.58
N GLY K 90 -30.25 -19.46 -47.64
CA GLY K 90 -29.95 -19.74 -46.26
C GLY K 90 -30.50 -18.66 -45.40
N TYR K 91 -31.26 -19.02 -44.38
CA TYR K 91 -31.75 -18.05 -43.43
C TYR K 91 -30.73 -17.90 -42.32
N SER K 92 -30.98 -16.93 -41.44
CA SER K 92 -30.17 -16.71 -40.25
C SER K 92 -30.94 -15.82 -39.31
N ILE K 93 -31.00 -16.19 -38.04
CA ILE K 93 -31.56 -15.34 -37.00
C ILE K 93 -30.41 -14.60 -36.34
N PRO K 94 -30.21 -13.31 -36.61
CA PRO K 94 -28.93 -12.67 -36.29
C PRO K 94 -28.73 -12.38 -34.82
N HIS K 95 -29.79 -12.25 -34.02
CA HIS K 95 -29.62 -12.17 -32.61
C HIS K 95 -30.88 -12.78 -32.04
N PRO K 96 -30.76 -13.57 -30.97
CA PRO K 96 -31.94 -14.26 -30.43
C PRO K 96 -32.90 -13.37 -29.67
N SER K 97 -32.51 -12.17 -29.27
CA SER K 97 -33.40 -11.25 -28.60
C SER K 97 -34.16 -10.36 -29.58
N GLU K 98 -34.13 -10.70 -30.85
CA GLU K 98 -34.87 -10.00 -31.89
C GLU K 98 -35.77 -11.02 -32.57
N ASN K 99 -37.07 -10.81 -32.50
CA ASN K 99 -38.02 -11.70 -33.15
C ASN K 99 -38.02 -11.32 -34.62
N LEU K 100 -37.10 -11.92 -35.37
CA LEU K 100 -36.71 -11.41 -36.67
C LEU K 100 -35.88 -12.49 -37.33
N LEU K 101 -35.72 -12.39 -38.65
CA LEU K 101 -35.05 -13.41 -39.43
C LEU K 101 -34.68 -12.82 -40.78
N ASN K 102 -33.51 -13.18 -41.29
CA ASN K 102 -33.06 -12.74 -42.60
C ASN K 102 -32.95 -13.96 -43.49
N ILE K 103 -33.74 -14.01 -44.54
CA ILE K 103 -33.55 -15.02 -45.54
C ILE K 103 -32.76 -14.39 -46.68
N ARG K 104 -31.90 -15.18 -47.29
CA ARG K 104 -31.04 -14.75 -48.39
C ARG K 104 -31.32 -15.68 -49.54
N ILE K 105 -31.55 -15.12 -50.72
CA ILE K 105 -31.77 -15.89 -51.93
C ILE K 105 -30.89 -15.30 -53.00
N GLN K 106 -30.07 -16.12 -53.65
CA GLN K 106 -29.39 -15.71 -54.86
C GLN K 106 -29.76 -16.70 -55.94
N THR K 107 -30.15 -16.22 -57.10
CA THR K 107 -30.53 -17.10 -58.19
C THR K 107 -29.44 -17.06 -59.25
N TYR K 108 -29.67 -17.80 -60.32
CA TYR K 108 -28.96 -17.50 -61.55
C TYR K 108 -29.73 -16.41 -62.28
N GLY K 109 -29.21 -15.96 -63.41
CA GLY K 109 -29.79 -14.80 -64.06
C GLY K 109 -31.04 -15.06 -64.90
N GLU K 110 -31.98 -15.84 -64.37
CA GLU K 110 -33.21 -16.11 -65.08
C GLU K 110 -34.45 -15.88 -64.23
N THR K 111 -34.30 -15.49 -62.97
CA THR K 111 -35.43 -15.28 -62.08
C THR K 111 -35.01 -14.27 -61.02
N THR K 112 -35.82 -13.25 -60.81
CA THR K 112 -35.63 -12.32 -59.71
C THR K 112 -35.77 -13.06 -58.39
N ALA K 113 -34.94 -12.71 -57.41
CA ALA K 113 -34.96 -13.42 -56.15
C ALA K 113 -36.20 -13.11 -55.30
N VAL K 114 -37.00 -12.11 -55.67
CA VAL K 114 -38.34 -12.01 -55.11
C VAL K 114 -39.23 -13.09 -55.69
N ASP K 115 -39.11 -13.34 -56.99
CA ASP K 115 -39.93 -14.35 -57.66
C ASP K 115 -39.61 -15.75 -57.19
N ALA K 116 -38.38 -15.99 -56.73
CA ALA K 116 -38.05 -17.30 -56.19
C ALA K 116 -38.51 -17.43 -54.75
N LEU K 117 -38.55 -16.34 -54.00
CA LEU K 117 -39.23 -16.31 -52.72
C LEU K 117 -40.71 -16.58 -52.88
N GLN K 118 -41.38 -15.83 -53.76
CA GLN K 118 -42.81 -15.97 -53.98
C GLN K 118 -43.19 -17.30 -54.61
N LYS K 119 -42.27 -17.95 -55.33
CA LYS K 119 -42.51 -19.31 -55.76
C LYS K 119 -42.43 -20.27 -54.59
N GLY K 120 -41.35 -20.17 -53.81
CA GLY K 120 -41.11 -21.06 -52.68
C GLY K 120 -42.07 -20.90 -51.54
N LEU K 121 -42.81 -19.79 -51.48
CA LEU K 121 -43.89 -19.66 -50.52
C LEU K 121 -45.13 -20.40 -50.99
N LYS K 122 -45.32 -20.48 -52.30
CA LYS K 122 -46.49 -21.17 -52.84
C LYS K 122 -46.33 -22.67 -52.74
N ASP K 123 -45.14 -23.19 -53.00
CA ASP K 123 -44.90 -24.62 -52.93
C ASP K 123 -44.94 -25.13 -51.50
N LEU K 124 -44.69 -24.26 -50.52
CA LEU K 124 -44.82 -24.67 -49.14
C LEU K 124 -46.28 -24.78 -48.73
N MET K 125 -47.15 -23.96 -49.33
CA MET K 125 -48.58 -24.09 -49.10
C MET K 125 -49.13 -25.31 -49.80
N ASP K 126 -48.56 -25.66 -50.95
CA ASP K 126 -48.98 -26.85 -51.67
C ASP K 126 -48.55 -28.11 -50.94
N LEU K 127 -47.46 -28.03 -50.19
CA LEU K 127 -46.99 -29.17 -49.42
C LEU K 127 -47.99 -29.49 -48.31
N CYS K 128 -48.43 -28.46 -47.60
CA CYS K 128 -49.29 -28.69 -46.45
C CYS K 128 -50.70 -29.05 -46.87
N ASP K 129 -51.07 -28.76 -48.12
CA ASP K 129 -52.37 -29.22 -48.63
C ASP K 129 -52.36 -30.72 -48.87
N VAL K 130 -51.22 -31.27 -49.27
CA VAL K 130 -51.08 -32.72 -49.40
C VAL K 130 -51.10 -33.36 -48.02
N VAL K 131 -50.39 -32.75 -47.06
CA VAL K 131 -50.24 -33.34 -45.74
C VAL K 131 -51.54 -33.26 -44.96
N GLU K 132 -52.30 -32.18 -45.12
CA GLU K 132 -53.65 -32.13 -44.54
C GLU K 132 -54.57 -33.16 -45.18
N SER K 133 -54.32 -33.48 -46.45
CA SER K 133 -55.22 -34.37 -47.16
C SER K 133 -55.03 -35.82 -46.72
N LYS K 134 -53.80 -36.31 -46.79
CA LYS K 134 -53.58 -37.72 -46.45
C LYS K 134 -53.67 -37.97 -44.95
N PHE K 135 -53.54 -36.94 -44.13
CA PHE K 135 -53.72 -37.16 -42.71
C PHE K 135 -55.20 -37.33 -42.38
N THR K 136 -56.07 -36.54 -43.01
CA THR K 136 -57.50 -36.69 -42.74
C THR K 136 -58.07 -37.94 -43.41
N GLU K 137 -57.53 -38.34 -44.55
CA GLU K 137 -58.06 -39.52 -45.24
C GLU K 137 -57.61 -40.81 -44.59
N LYS K 138 -56.67 -40.77 -43.65
CA LYS K 138 -56.31 -41.94 -42.86
C LYS K 138 -56.89 -41.90 -41.46
N ILE K 139 -57.28 -40.73 -40.96
CA ILE K 139 -58.01 -40.67 -39.71
C ILE K 139 -59.45 -41.12 -39.92
N LYS K 140 -60.12 -40.58 -40.95
CA LYS K 140 -61.51 -40.91 -41.14
C LYS K 140 -61.71 -42.26 -41.84
N SER K 141 -60.65 -42.89 -42.31
CA SER K 141 -60.73 -44.28 -42.73
C SER K 141 -60.48 -45.25 -41.59
N MET K 142 -60.04 -44.74 -40.44
CA MET K 142 -59.73 -45.58 -39.30
C MET K 142 -60.99 -45.90 -38.51
N THR L 26 -62.17 -3.83 12.27
CA THR L 26 -61.83 -5.21 11.98
C THR L 26 -61.01 -5.82 13.12
N LEU L 27 -60.82 -7.14 13.06
CA LEU L 27 -60.10 -7.89 14.08
C LEU L 27 -58.86 -8.50 13.45
N LYS L 28 -57.71 -8.33 14.10
CA LYS L 28 -56.44 -8.68 13.52
C LYS L 28 -55.50 -9.12 14.65
N TYR L 29 -54.20 -9.14 14.36
CA TYR L 29 -53.12 -9.50 15.30
C TYR L 29 -53.33 -10.90 15.90
N ILE L 30 -53.13 -11.90 15.03
CA ILE L 30 -53.01 -13.28 15.47
C ILE L 30 -51.88 -13.39 16.47
N CYS L 31 -52.13 -14.07 17.59
CA CYS L 31 -51.09 -14.35 18.56
C CYS L 31 -50.05 -15.32 18.01
N ALA L 32 -48.96 -15.48 18.75
CA ALA L 32 -47.84 -16.25 18.24
C ALA L 32 -48.09 -17.76 18.35
N GLU L 33 -48.37 -18.25 19.55
CA GLU L 33 -48.64 -19.68 19.70
C GLU L 33 -50.05 -19.99 20.19
N CYS L 34 -50.70 -19.08 20.91
CA CYS L 34 -52.09 -19.31 21.28
C CYS L 34 -53.02 -19.23 20.07
N SER L 35 -52.59 -18.53 19.02
CA SER L 35 -53.35 -18.26 17.81
C SER L 35 -54.70 -17.59 18.08
N SER L 36 -54.79 -16.83 19.15
CA SER L 36 -56.00 -16.07 19.42
C SER L 36 -55.99 -14.80 18.60
N LYS L 37 -57.08 -14.06 18.66
CA LYS L 37 -57.28 -12.87 17.86
C LYS L 37 -57.60 -11.70 18.78
N LEU L 38 -56.94 -10.57 18.53
CA LEU L 38 -57.09 -9.43 19.43
C LEU L 38 -56.72 -8.15 18.71
N SER L 39 -57.64 -7.20 18.66
CA SER L 39 -57.25 -5.89 18.18
C SER L 39 -56.54 -5.13 19.29
N LEU L 40 -55.76 -4.14 18.89
CA LEU L 40 -54.98 -3.34 19.82
C LEU L 40 -55.40 -1.88 19.75
N SER L 41 -55.52 -1.26 20.93
CA SER L 41 -55.75 0.17 21.03
C SER L 41 -54.44 0.94 20.88
N ARG L 42 -54.44 2.21 21.29
CA ARG L 42 -53.22 3.00 21.30
C ARG L 42 -52.19 2.39 22.24
N THR L 43 -52.52 2.29 23.53
CA THR L 43 -51.57 1.92 24.58
C THR L 43 -52.16 0.86 25.50
N ASP L 44 -52.70 -0.23 24.96
CA ASP L 44 -53.10 -1.31 25.86
C ASP L 44 -51.90 -2.13 26.31
N ALA L 45 -51.32 -2.90 25.37
CA ALA L 45 -50.25 -3.86 25.61
C ALA L 45 -49.87 -4.53 24.31
N VAL L 46 -48.84 -5.38 24.34
CA VAL L 46 -48.67 -6.42 23.34
C VAL L 46 -48.98 -7.79 23.93
N ARG L 47 -49.50 -7.83 25.15
CA ARG L 47 -49.92 -9.07 25.76
C ARG L 47 -51.08 -9.69 25.00
N CYS L 48 -51.00 -10.98 24.72
CA CYS L 48 -52.16 -11.73 24.28
C CYS L 48 -53.02 -11.99 25.51
N LYS L 49 -54.12 -11.28 25.63
CA LYS L 49 -55.05 -11.54 26.72
C LYS L 49 -55.69 -12.90 26.52
N ASP L 50 -55.65 -13.72 27.57
CA ASP L 50 -55.81 -15.18 27.80
C ASP L 50 -54.51 -15.98 27.58
N CYS L 51 -53.43 -15.35 27.17
CA CYS L 51 -52.20 -16.13 27.03
C CYS L 51 -51.01 -15.50 27.72
N GLY L 52 -50.90 -14.17 27.69
CA GLY L 52 -49.77 -13.48 28.26
C GLY L 52 -48.53 -13.47 27.40
N HIS L 53 -48.57 -14.10 26.23
CA HIS L 53 -47.41 -14.13 25.35
C HIS L 53 -47.29 -12.83 24.60
N ARG L 54 -46.05 -12.44 24.29
CA ARG L 54 -45.76 -11.08 23.87
C ARG L 54 -45.19 -10.99 22.45
N ILE L 55 -45.59 -11.89 21.57
CA ILE L 55 -45.33 -11.78 20.14
C ILE L 55 -46.67 -11.82 19.44
N LEU L 56 -46.95 -10.82 18.61
CA LEU L 56 -48.21 -10.72 17.89
C LEU L 56 -47.92 -10.60 16.41
N LEU L 57 -48.47 -11.52 15.63
CA LEU L 57 -48.31 -11.48 14.18
C LEU L 57 -49.53 -10.77 13.61
N LYS L 58 -49.29 -9.79 12.73
CA LYS L 58 -50.41 -9.12 12.09
C LYS L 58 -51.01 -10.03 11.04
N ALA L 59 -52.34 -10.10 11.01
CA ALA L 59 -53.01 -11.04 10.15
C ALA L 59 -53.02 -10.57 8.69
N ARG L 60 -53.51 -11.43 7.82
CA ARG L 60 -53.55 -11.12 6.40
C ARG L 60 -54.61 -10.08 6.12
N THR L 61 -54.33 -9.21 5.14
CA THR L 61 -55.26 -8.18 4.71
C THR L 61 -56.50 -8.77 4.07
N LYS L 62 -57.54 -7.95 3.96
CA LYS L 62 -58.75 -8.34 3.26
C LYS L 62 -58.79 -7.80 1.83
N ARG L 63 -57.73 -7.16 1.37
CA ARG L 63 -57.71 -6.63 0.03
C ARG L 63 -57.43 -7.74 -0.98
N LEU L 64 -57.83 -7.48 -2.22
CA LEU L 64 -57.50 -8.35 -3.32
C LEU L 64 -56.06 -8.13 -3.78
N VAL L 65 -55.34 -9.21 -4.01
CA VAL L 65 -53.96 -9.15 -4.47
C VAL L 65 -53.91 -9.89 -5.80
N GLN L 66 -53.42 -9.24 -6.83
CA GLN L 66 -53.36 -9.85 -8.15
C GLN L 66 -52.03 -10.54 -8.32
N PHE L 67 -52.05 -11.72 -8.91
CA PHE L 67 -50.85 -12.38 -9.34
C PHE L 67 -51.04 -12.89 -10.75
N GLU L 68 -50.02 -12.76 -11.57
CA GLU L 68 -49.99 -13.49 -12.82
C GLU L 68 -49.40 -14.86 -12.56
N ALA L 69 -49.85 -15.83 -13.36
CA ALA L 69 -49.55 -17.24 -13.12
C ALA L 69 -48.32 -17.68 -13.88
N ARG L 70 -47.35 -16.80 -14.03
CA ARG L 70 -46.15 -17.06 -14.79
C ARG L 70 -44.98 -17.38 -13.88
N PRO M 69 6.30 -74.03 35.80
CA PRO M 69 7.14 -75.05 36.45
C PRO M 69 8.37 -74.45 37.11
N VAL M 70 8.40 -74.51 38.44
CA VAL M 70 9.44 -73.88 39.23
C VAL M 70 10.37 -74.94 39.78
N ILE M 71 11.47 -74.48 40.38
CA ILE M 71 12.43 -75.35 41.03
C ILE M 71 12.44 -75.07 42.52
N GLU M 72 12.80 -73.84 42.89
CA GLU M 72 12.97 -73.46 44.28
C GLU M 72 12.25 -72.16 44.57
N GLU M 73 12.07 -71.90 45.87
CA GLU M 73 11.35 -70.73 46.34
C GLU M 73 12.16 -70.06 47.43
N PHE M 74 12.35 -68.75 47.31
CA PHE M 74 13.09 -68.00 48.30
C PHE M 74 12.11 -67.29 49.21
N PRO M 75 12.17 -67.51 50.52
CA PRO M 75 11.16 -66.93 51.42
C PRO M 75 11.27 -65.43 51.56
N LEU M 76 10.63 -64.72 50.65
CA LEU M 76 10.58 -63.25 50.70
C LEU M 76 9.84 -62.80 51.95
N LYS M 77 10.58 -62.18 52.87
CA LYS M 77 10.05 -61.78 54.15
C LYS M 77 10.21 -60.28 54.29
N ILE M 78 9.47 -59.69 55.22
CA ILE M 78 9.49 -58.25 55.42
C ILE M 78 9.90 -57.98 56.87
N SER M 79 10.43 -56.80 57.11
CA SER M 79 10.78 -56.34 58.44
C SER M 79 9.79 -55.27 58.90
N GLY M 80 10.06 -54.70 60.07
CA GLY M 80 9.16 -53.74 60.67
C GLY M 80 9.29 -52.35 60.07
N GLU M 81 8.89 -51.36 60.87
CA GLU M 81 8.83 -49.98 60.40
C GLU M 81 9.35 -48.98 61.41
N GLU M 82 9.88 -49.43 62.53
CA GLU M 82 10.30 -48.55 63.63
C GLU M 82 11.70 -47.99 63.43
N GLU M 83 12.26 -48.04 62.23
CA GLU M 83 13.65 -47.67 62.01
C GLU M 83 13.83 -46.32 61.33
N SER M 84 13.01 -46.02 60.32
CA SER M 84 13.12 -44.81 59.48
C SER M 84 14.53 -44.63 58.92
N LEU M 85 15.09 -45.71 58.39
CA LEU M 85 16.44 -45.67 57.86
C LEU M 85 16.46 -45.04 56.48
N HIS M 86 17.57 -44.39 56.16
CA HIS M 86 17.74 -43.67 54.91
C HIS M 86 18.81 -44.35 54.07
N VAL M 87 18.97 -43.88 52.83
CA VAL M 87 19.99 -44.40 51.94
C VAL M 87 20.70 -43.20 51.32
N PHE M 88 21.97 -43.41 50.95
CA PHE M 88 22.83 -42.35 50.46
C PHE M 88 23.29 -42.65 49.05
N GLN M 89 23.43 -41.60 48.25
CA GLN M 89 23.87 -41.72 46.87
C GLN M 89 24.94 -40.68 46.61
N TYR M 90 26.20 -41.09 46.67
CA TYR M 90 27.31 -40.19 46.44
C TYR M 90 27.44 -39.95 44.95
N ALA M 91 27.06 -38.75 44.50
CA ALA M 91 27.02 -38.48 43.07
C ALA M 91 28.40 -38.37 42.45
N ASN M 92 29.46 -38.20 43.24
CA ASN M 92 30.79 -38.02 42.70
C ASN M 92 31.61 -39.30 42.66
N ARG M 93 31.54 -40.13 43.69
CA ARG M 93 32.43 -41.28 43.78
C ARG M 93 31.88 -42.43 42.96
N PRO M 94 32.64 -42.96 42.00
CA PRO M 94 32.18 -44.13 41.25
C PRO M 94 32.19 -45.39 42.09
N ARG M 95 31.45 -46.39 41.61
CA ARG M 95 31.38 -47.65 42.33
C ARG M 95 32.60 -48.52 42.09
N LEU M 96 33.16 -48.48 40.90
CA LEU M 96 34.23 -49.39 40.51
C LEU M 96 35.50 -48.60 40.23
N VAL M 97 36.64 -49.29 40.37
CA VAL M 97 37.93 -48.72 40.05
C VAL M 97 38.68 -49.62 39.07
N GLY M 98 38.75 -50.92 39.36
CA GLY M 98 39.48 -51.87 38.55
C GLY M 98 38.72 -53.16 38.38
N ARG M 99 37.40 -53.05 38.25
CA ARG M 99 36.32 -54.06 38.26
C ARG M 99 36.03 -54.52 39.71
N LYS M 100 36.87 -54.18 40.66
CA LYS M 100 36.55 -54.35 42.07
C LYS M 100 35.76 -53.14 42.56
N PRO M 101 34.96 -53.30 43.63
CA PRO M 101 34.25 -52.14 44.18
C PRO M 101 35.21 -51.14 44.79
N ALA M 102 34.93 -49.86 44.55
CA ALA M 102 35.77 -48.80 45.09
C ALA M 102 35.59 -48.71 46.61
N GLU M 103 36.59 -48.12 47.26
CA GLU M 103 36.63 -48.11 48.71
C GLU M 103 35.80 -46.96 49.25
N HIS M 104 35.18 -47.20 50.40
CA HIS M 104 34.24 -46.26 50.98
C HIS M 104 34.96 -45.02 51.49
N PRO M 105 34.39 -43.83 51.31
CA PRO M 105 34.97 -42.64 51.95
C PRO M 105 34.92 -42.76 53.46
N PHE M 106 36.10 -42.95 54.05
CA PHE M 106 36.24 -43.73 55.27
C PHE M 106 35.63 -43.10 56.51
N ILE M 107 36.16 -41.97 56.95
CA ILE M 107 35.75 -41.38 58.21
C ILE M 107 34.93 -40.13 57.89
N SER M 108 33.94 -39.86 58.75
CA SER M 108 32.99 -38.81 58.46
C SER M 108 32.63 -38.08 59.75
N ALA M 109 32.25 -36.82 59.60
CA ALA M 109 31.64 -36.05 60.68
C ALA M 109 30.25 -35.65 60.20
N ALA M 110 29.30 -36.57 60.37
CA ALA M 110 27.97 -36.41 59.80
C ALA M 110 27.10 -35.55 60.69
N ARG M 111 26.09 -34.92 60.07
CA ARG M 111 25.11 -34.15 60.79
C ARG M 111 23.83 -34.14 59.98
N TYR M 112 22.71 -33.90 60.66
CA TYR M 112 21.40 -34.02 60.06
C TYR M 112 20.54 -32.83 60.49
N LYS M 113 19.57 -32.48 59.67
CA LYS M 113 18.64 -31.41 59.99
C LYS M 113 17.23 -31.96 59.84
N PRO M 114 16.52 -32.24 60.93
CA PRO M 114 15.10 -32.59 60.81
C PRO M 114 14.29 -31.39 60.37
N LYS M 115 13.09 -31.68 59.82
CA LYS M 115 12.10 -30.76 59.26
C LYS M 115 12.57 -30.17 57.92
N SER M 116 13.81 -30.46 57.55
CA SER M 116 14.40 -30.04 56.29
C SER M 116 15.14 -31.18 55.61
N HIS M 117 15.43 -32.27 56.34
CA HIS M 117 15.88 -33.55 55.81
C HIS M 117 17.22 -33.44 55.07
N LEU M 118 18.08 -32.54 55.52
CA LEU M 118 19.37 -32.32 54.90
C LEU M 118 20.42 -33.21 55.55
N TRP M 119 21.21 -33.88 54.73
CA TRP M 119 22.36 -34.65 55.19
C TRP M 119 23.64 -33.93 54.79
N GLU M 120 24.53 -33.75 55.76
CA GLU M 120 25.84 -33.18 55.49
C GLU M 120 26.90 -34.12 56.05
N ILE M 121 27.61 -34.79 55.15
CA ILE M 121 28.71 -35.67 55.51
C ILE M 121 30.01 -34.90 55.32
N ASP M 122 30.87 -34.94 56.32
CA ASP M 122 32.15 -34.25 56.28
C ASP M 122 33.24 -35.30 56.10
N ILE M 123 33.63 -35.53 54.85
CA ILE M 123 34.70 -36.46 54.51
C ILE M 123 36.00 -35.69 54.37
N PRO M 124 36.99 -35.93 55.24
CA PRO M 124 38.27 -35.24 55.10
C PRO M 124 39.13 -35.87 54.02
N LEU M 125 39.68 -35.04 53.16
CA LEU M 125 40.54 -35.51 52.08
C LEU M 125 42.00 -35.42 52.50
N ASP M 126 42.83 -36.22 51.84
CA ASP M 126 44.22 -36.34 52.22
C ASP M 126 45.02 -35.13 51.76
N GLU M 127 45.98 -34.72 52.57
CA GLU M 127 46.95 -33.71 52.19
C GLU M 127 48.09 -34.38 51.44
N GLN M 128 49.17 -33.64 51.18
CA GLN M 128 50.51 -34.08 50.74
C GLN M 128 50.55 -34.96 49.49
N ALA M 129 49.44 -35.12 48.79
CA ALA M 129 49.41 -35.90 47.56
C ALA M 129 49.05 -35.06 46.35
N PHE M 130 47.88 -34.40 46.38
CA PHE M 130 47.46 -33.51 45.31
C PHE M 130 46.77 -32.29 45.88
N TYR M 131 47.15 -31.90 47.10
CA TYR M 131 46.47 -30.88 47.88
C TYR M 131 47.41 -29.71 48.10
N ASN M 132 47.10 -28.56 47.52
CA ASN M 132 47.93 -27.40 47.78
C ASN M 132 47.54 -26.78 49.13
N LYS M 133 48.46 -25.98 49.66
CA LYS M 133 48.33 -25.45 51.00
C LYS M 133 48.12 -23.94 51.02
N ASP M 134 48.76 -23.22 50.11
CA ASP M 134 48.59 -21.77 50.05
C ASP M 134 47.20 -21.38 49.56
N LYS M 135 46.58 -22.21 48.73
CA LYS M 135 45.27 -21.89 48.19
C LYS M 135 44.19 -22.01 49.26
N ALA M 136 44.21 -23.11 50.02
CA ALA M 136 43.15 -23.37 50.98
C ALA M 136 43.28 -22.46 52.20
N GLU M 137 44.51 -22.16 52.63
CA GLU M 137 44.71 -21.46 53.88
C GLU M 137 44.57 -19.95 53.74
N SER M 138 44.77 -19.40 52.54
CA SER M 138 44.77 -17.95 52.42
C SER M 138 43.35 -17.39 52.40
N GLU M 139 42.49 -17.91 51.52
CA GLU M 139 41.16 -17.35 51.38
C GLU M 139 40.04 -18.28 51.82
N TRP M 140 40.29 -19.57 52.01
CA TRP M 140 39.21 -20.46 52.41
C TRP M 140 39.35 -20.92 53.85
N ASN M 141 40.15 -20.20 54.65
CA ASN M 141 40.35 -20.44 56.08
C ASN M 141 40.89 -21.83 56.39
N GLY M 142 41.67 -22.39 55.48
CA GLY M 142 42.39 -23.63 55.73
C GLY M 142 41.55 -24.88 55.87
N VAL M 143 40.63 -25.09 54.96
CA VAL M 143 39.77 -26.26 55.02
C VAL M 143 40.52 -27.47 54.48
N ASN M 144 40.21 -28.63 55.05
CA ASN M 144 40.75 -29.90 54.61
C ASN M 144 39.68 -30.98 54.51
N VAL M 145 38.43 -30.65 54.79
CA VAL M 145 37.33 -31.60 54.85
C VAL M 145 36.27 -31.15 53.84
N GLN M 146 35.62 -32.12 53.21
CA GLN M 146 34.62 -31.83 52.19
C GLN M 146 33.23 -32.12 52.73
N THR M 147 32.34 -31.15 52.60
CA THR M 147 30.95 -31.33 52.98
C THR M 147 30.10 -31.72 51.77
N LEU M 148 29.32 -32.78 51.93
CA LEU M 148 28.44 -33.29 50.89
C LEU M 148 27.00 -33.05 51.33
N LYS M 149 26.28 -32.22 50.60
CA LYS M 149 24.92 -31.87 50.96
C LYS M 149 23.93 -32.59 50.05
N GLY M 150 22.88 -33.14 50.66
CA GLY M 150 21.82 -33.78 49.90
C GLY M 150 20.51 -33.67 50.64
N VAL M 151 19.42 -33.79 49.90
CA VAL M 151 18.07 -33.71 50.43
C VAL M 151 17.48 -35.11 50.45
N GLY M 152 16.85 -35.48 51.55
CA GLY M 152 16.18 -36.75 51.61
C GLY M 152 14.71 -36.64 51.23
N VAL M 153 14.39 -36.94 49.99
CA VAL M 153 13.00 -36.96 49.54
C VAL M 153 12.49 -38.38 49.63
N GLU M 154 11.23 -38.53 49.98
CA GLU M 154 10.67 -39.86 50.12
C GLU M 154 10.36 -40.45 48.77
N ASN M 155 10.52 -41.77 48.66
CA ASN M 155 10.18 -42.52 47.46
C ASN M 155 9.62 -43.85 47.92
N ASN M 156 8.34 -44.09 47.66
CA ASN M 156 7.69 -45.28 48.18
C ASN M 156 8.07 -46.52 47.37
N GLY M 157 7.87 -47.67 47.98
CA GLY M 157 8.16 -48.92 47.31
C GLY M 157 9.62 -49.28 47.25
N GLN M 158 10.46 -48.66 48.07
CA GLN M 158 11.88 -48.96 48.13
C GLN M 158 12.14 -49.87 49.32
N TYR M 159 12.97 -50.89 49.10
CA TYR M 159 13.23 -51.87 50.15
C TYR M 159 14.67 -52.35 50.06
N ALA M 160 15.40 -52.23 51.17
CA ALA M 160 16.70 -52.86 51.28
C ALA M 160 16.55 -54.37 51.44
N ALA M 161 17.58 -55.11 51.06
CA ALA M 161 17.51 -56.57 51.06
C ALA M 161 18.87 -57.15 51.36
N PHE M 162 19.08 -57.59 52.60
CA PHE M 162 20.14 -58.52 52.91
C PHE M 162 19.56 -59.93 52.89
N VAL M 163 20.38 -60.87 52.44
CA VAL M 163 19.94 -62.24 52.30
C VAL M 163 20.74 -63.13 53.25
N LYS M 164 20.04 -63.78 54.17
CA LYS M 164 20.59 -64.78 55.05
C LYS M 164 19.93 -66.11 54.71
N ASP M 165 20.76 -67.15 54.60
CA ASP M 165 20.50 -68.56 54.23
C ASP M 165 19.36 -68.74 53.22
N MET M 166 19.51 -68.07 52.06
CA MET M 166 18.55 -68.07 50.95
C MET M 166 17.18 -67.54 51.39
N GLN M 167 17.19 -66.48 52.19
CA GLN M 167 15.97 -65.77 52.57
C GLN M 167 16.26 -64.28 52.53
N VAL M 168 15.54 -63.56 51.69
CA VAL M 168 15.69 -62.10 51.66
C VAL M 168 14.83 -61.50 52.76
N TYR M 169 15.14 -60.25 53.11
CA TYR M 169 14.48 -59.56 54.21
C TYR M 169 14.28 -58.10 53.82
N LEU M 170 13.06 -57.75 53.45
CA LEU M 170 12.76 -56.39 53.02
C LEU M 170 12.68 -55.47 54.21
N VAL M 171 13.39 -54.35 54.14
CA VAL M 171 13.33 -53.30 55.14
C VAL M 171 12.92 -52.02 54.43
N PRO M 172 11.89 -51.32 54.88
CA PRO M 172 11.40 -50.15 54.13
C PRO M 172 12.34 -48.95 54.20
N ILE M 173 12.94 -48.61 53.08
CA ILE M 173 13.83 -47.45 53.00
C ILE M 173 12.97 -46.19 52.96
N GLU M 174 13.20 -45.30 53.91
CA GLU M 174 12.26 -44.22 54.17
C GLU M 174 12.51 -43.02 53.27
N ARG M 175 13.75 -42.58 53.13
CA ARG M 175 14.09 -41.46 52.26
C ARG M 175 15.39 -41.76 51.54
N VAL M 176 15.55 -41.12 50.39
CA VAL M 176 16.73 -41.29 49.55
C VAL M 176 17.42 -39.93 49.42
N ALA M 177 18.72 -39.90 49.65
CA ALA M 177 19.50 -38.67 49.62
C ALA M 177 20.41 -38.67 48.41
N GLN M 178 20.39 -37.57 47.66
CA GLN M 178 21.17 -37.43 46.43
C GLN M 178 22.39 -36.58 46.77
N LEU M 179 23.42 -37.22 47.29
CA LEU M 179 24.54 -36.49 47.92
C LEU M 179 25.45 -35.90 46.85
N LYS M 180 25.51 -34.58 46.82
CA LYS M 180 26.27 -33.79 45.89
C LYS M 180 27.32 -32.99 46.65
N PRO M 181 28.39 -32.53 45.99
CA PRO M 181 29.37 -31.68 46.68
C PRO M 181 28.79 -30.36 47.13
N PHE M 182 29.38 -29.80 48.19
CA PHE M 182 28.94 -28.55 48.76
C PHE M 182 30.16 -27.80 49.27
N PHE M 183 30.04 -26.47 49.31
CA PHE M 183 31.18 -25.60 49.62
C PHE M 183 30.75 -24.60 50.69
N LYS M 184 30.97 -24.95 51.95
CA LYS M 184 30.67 -24.03 53.05
C LYS M 184 31.61 -22.85 53.07
N TYR M 185 32.84 -23.05 52.61
CA TYR M 185 33.85 -22.01 52.74
C TYR M 185 33.69 -20.89 51.72
N ILE M 186 32.90 -21.09 50.67
CA ILE M 186 32.57 -19.95 49.83
C ILE M 186 31.57 -19.05 50.52
N ASP M 187 30.68 -19.64 51.34
CA ASP M 187 29.77 -18.83 52.13
C ASP M 187 30.51 -18.07 53.23
N ASP M 188 31.60 -18.64 53.75
CA ASP M 188 32.45 -17.92 54.69
C ASP M 188 33.13 -16.76 53.99
N ALA M 189 33.66 -17.00 52.79
CA ALA M 189 34.30 -15.95 52.04
C ALA M 189 33.32 -15.04 51.32
N ASN M 190 32.02 -15.25 51.50
CA ASN M 190 31.03 -14.31 50.98
C ASN M 190 30.68 -13.26 52.03
N VAL M 191 30.42 -13.69 53.27
CA VAL M 191 30.06 -12.75 54.33
C VAL M 191 31.28 -11.95 54.77
N THR M 192 32.42 -12.63 54.95
CA THR M 192 33.62 -12.00 55.49
C THR M 192 34.40 -11.21 54.45
N ARG M 193 33.89 -11.07 53.23
CA ARG M 193 34.56 -10.27 52.22
C ARG M 193 33.68 -9.13 51.71
N LYS M 194 32.50 -8.95 52.29
CA LYS M 194 31.67 -7.79 52.00
C LYS M 194 31.53 -6.83 53.18
N GLN M 195 31.91 -7.25 54.38
CA GLN M 195 31.72 -6.43 55.57
C GLN M 195 32.82 -5.39 55.77
N GLU M 196 33.80 -5.29 54.86
CA GLU M 196 34.83 -4.28 55.00
C GLU M 196 34.32 -2.91 54.55
N ASP M 197 33.73 -2.84 53.36
CA ASP M 197 33.19 -1.59 52.86
C ASP M 197 31.76 -1.33 53.34
N ALA M 198 31.13 -2.30 53.99
CA ALA M 198 29.78 -2.11 54.52
C ALA M 198 29.82 -1.67 55.97
N GLY M 229 5.67 -19.89 49.93
CA GLY M 229 5.75 -21.08 49.08
C GLY M 229 6.95 -21.93 49.40
N SER M 230 7.84 -22.09 48.43
CA SER M 230 9.11 -22.75 48.64
C SER M 230 10.16 -21.79 49.17
N LEU M 231 9.87 -20.49 49.21
CA LEU M 231 10.72 -19.54 49.90
C LEU M 231 10.77 -19.84 51.39
N LEU M 232 9.61 -20.17 51.95
CA LEU M 232 9.54 -20.55 53.36
C LEU M 232 10.26 -21.86 53.62
N ALA M 233 10.29 -22.76 52.64
CA ALA M 233 10.95 -24.04 52.82
C ALA M 233 12.46 -23.91 52.87
N HIS M 234 13.02 -22.81 52.39
CA HIS M 234 14.41 -22.49 52.63
C HIS M 234 14.60 -21.63 53.87
N LYS M 235 13.60 -20.82 54.24
CA LYS M 235 13.69 -20.04 55.48
C LYS M 235 13.57 -20.93 56.70
N VAL M 236 12.81 -22.02 56.61
CA VAL M 236 12.78 -22.99 57.70
C VAL M 236 14.12 -23.75 57.76
N ALA M 237 14.79 -23.89 56.61
CA ALA M 237 16.03 -24.67 56.56
C ALA M 237 17.16 -23.95 57.29
N ASP M 238 17.50 -22.73 56.87
CA ASP M 238 18.65 -22.05 57.41
C ASP M 238 18.45 -21.52 58.83
N GLU M 239 17.21 -21.48 59.32
CA GLU M 239 16.93 -21.02 60.68
C GLU M 239 16.86 -22.16 61.69
N GLU M 240 17.29 -23.36 61.32
CA GLU M 240 17.22 -24.50 62.22
C GLU M 240 18.61 -25.07 62.44
N ALA M 241 18.91 -25.40 63.70
CA ALA M 241 20.22 -25.93 64.05
C ALA M 241 20.34 -27.37 63.57
N ASN M 242 21.38 -27.65 62.79
CA ASN M 242 21.67 -28.98 62.27
C ASN M 242 22.04 -29.92 63.40
N ILE M 243 21.15 -30.86 63.70
CA ILE M 243 21.33 -31.77 64.84
C ILE M 243 22.41 -32.78 64.49
N GLU M 244 23.52 -32.73 65.21
CA GLU M 244 24.67 -33.57 64.91
C GLU M 244 24.40 -35.01 65.31
N LEU M 245 24.86 -35.94 64.47
CA LEU M 245 24.73 -37.36 64.72
C LEU M 245 26.12 -37.97 64.82
N THR M 246 26.36 -38.72 65.89
CA THR M 246 27.62 -39.43 66.00
C THR M 246 27.68 -40.56 64.98
N TRP M 247 28.89 -40.95 64.63
CA TRP M 247 29.08 -41.93 63.57
C TRP M 247 29.19 -43.32 64.18
N ALA M 248 28.63 -44.30 63.49
CA ALA M 248 28.68 -45.69 63.91
C ALA M 248 28.85 -46.55 62.67
N GLU M 249 29.94 -47.32 62.63
CA GLU M 249 30.22 -48.20 61.51
C GLU M 249 30.19 -49.64 61.99
N GLY M 250 29.66 -50.53 61.14
CA GLY M 250 29.65 -51.95 61.43
C GLY M 250 28.68 -52.33 62.53
N THR M 251 27.39 -52.08 62.30
CA THR M 251 26.34 -52.40 63.26
C THR M 251 25.69 -53.71 62.85
N PHE M 252 25.96 -54.76 63.62
CA PHE M 252 25.44 -56.10 63.36
C PHE M 252 24.15 -56.38 64.14
N GLU M 253 23.79 -55.49 65.08
CA GLU M 253 22.57 -55.69 65.86
C GLU M 253 21.33 -55.55 65.00
N GLN M 254 21.40 -54.78 63.92
CA GLN M 254 20.25 -54.64 63.03
C GLN M 254 20.03 -55.90 62.21
N PHE M 255 21.10 -56.68 61.98
CA PHE M 255 20.98 -57.94 61.25
C PHE M 255 20.13 -58.95 62.01
N LYS M 256 20.10 -58.86 63.34
CA LYS M 256 19.23 -59.70 64.15
C LYS M 256 17.93 -59.00 64.51
N ASP M 257 17.89 -57.66 64.44
CA ASP M 257 16.72 -56.90 64.85
C ASP M 257 15.54 -57.12 63.91
N THR M 258 15.79 -57.45 62.65
CA THR M 258 14.71 -57.75 61.73
C THR M 258 14.10 -59.11 62.03
N ILE M 259 14.96 -60.08 62.35
CA ILE M 259 14.52 -61.47 62.47
C ILE M 259 13.70 -61.67 63.74
N VAL M 260 14.01 -60.94 64.82
CA VAL M 260 13.26 -61.08 66.05
C VAL M 260 11.85 -60.51 65.94
N LYS M 261 11.59 -59.65 64.96
CA LYS M 261 10.24 -59.24 64.64
C LYS M 261 9.71 -59.84 63.35
N GLU M 262 10.50 -60.69 62.69
CA GLU M 262 9.97 -61.56 61.64
C GLU M 262 9.32 -62.82 62.22
N ALA M 263 9.82 -63.27 63.38
CA ALA M 263 9.50 -64.60 63.89
C ALA M 263 8.02 -64.78 64.25
N GLU M 264 7.30 -63.69 64.50
CA GLU M 264 5.87 -63.77 64.74
C GLU M 264 5.08 -63.90 63.43
N LYS N 274 11.43 -56.63 15.83
CA LYS N 274 12.59 -57.34 16.36
C LYS N 274 12.90 -56.89 17.78
N GLU N 275 12.43 -55.69 18.11
CA GLU N 275 12.88 -55.03 19.34
C GLU N 275 12.30 -55.69 20.57
N ALA N 276 11.10 -56.28 20.46
CA ALA N 276 10.53 -57.02 21.58
C ALA N 276 11.27 -58.33 21.81
N ALA N 277 11.93 -58.87 20.77
CA ALA N 277 12.76 -60.05 20.98
C ALA N 277 14.09 -59.67 21.64
N ALA N 278 14.60 -58.48 21.35
CA ALA N 278 15.85 -58.03 21.95
C ALA N 278 15.67 -57.74 23.43
N GLU N 279 14.50 -57.23 23.81
CA GLU N 279 14.23 -57.01 25.22
C GLU N 279 13.88 -58.31 25.93
N LEU N 280 13.48 -59.32 25.17
CA LEU N 280 13.20 -60.62 25.77
C LEU N 280 14.49 -61.31 26.18
N GLU N 281 15.48 -61.33 25.29
CA GLU N 281 16.73 -62.01 25.59
C GLU N 281 17.55 -61.24 26.62
N LEU N 282 17.40 -59.92 26.67
CA LEU N 282 18.11 -59.15 27.69
C LEU N 282 17.47 -59.34 29.05
N LEU N 283 16.15 -59.54 29.10
CA LEU N 283 15.54 -59.99 30.34
C LEU N 283 15.95 -61.41 30.68
N ASN N 284 16.12 -62.26 29.66
CA ASN N 284 16.66 -63.59 29.87
C ASN N 284 18.11 -63.52 30.31
N ALA N 285 18.85 -62.51 29.86
CA ALA N 285 20.21 -62.30 30.36
C ALA N 285 20.19 -61.75 31.77
N ASP N 286 19.18 -60.93 32.10
CA ASP N 286 19.09 -60.41 33.46
C ASP N 286 18.53 -61.41 34.45
N HIS N 287 18.04 -62.56 33.98
CA HIS N 287 17.51 -63.56 34.90
C HIS N 287 18.59 -64.50 35.42
N GLN N 288 19.62 -64.78 34.63
CA GLN N 288 20.78 -65.43 35.20
C GLN N 288 21.60 -64.44 36.01
N HIS N 289 21.57 -63.16 35.63
CA HIS N 289 22.37 -62.15 36.30
C HIS N 289 21.75 -61.72 37.61
N ILE N 290 20.47 -62.00 37.81
CA ILE N 290 19.84 -61.75 39.10
C ILE N 290 19.99 -62.95 40.02
N LEU N 291 20.27 -64.12 39.46
CA LEU N 291 20.39 -65.32 40.28
C LEU N 291 21.78 -65.45 40.87
N ARG N 292 22.80 -65.07 40.09
CA ARG N 292 24.17 -65.05 40.60
C ARG N 292 24.31 -64.00 41.69
N LYS N 293 23.86 -62.78 41.42
CA LYS N 293 24.03 -61.68 42.36
C LYS N 293 23.12 -61.78 43.58
N LEU N 294 22.18 -62.73 43.59
CA LEU N 294 21.42 -62.99 44.81
C LEU N 294 22.03 -64.13 45.61
N LYS N 295 22.57 -65.14 44.93
CA LYS N 295 23.19 -66.26 45.62
C LYS N 295 24.58 -65.92 46.14
N LYS N 296 25.35 -65.11 45.40
CA LYS N 296 26.65 -64.68 45.88
C LYS N 296 26.52 -63.72 47.05
N MET N 297 25.44 -62.95 47.10
CA MET N 297 25.22 -61.98 48.16
C MET N 297 24.82 -62.64 49.47
N ASN N 298 24.55 -63.95 49.47
CA ASN N 298 24.12 -64.64 50.69
C ASN N 298 25.27 -64.72 51.69
N ASN N 299 24.96 -64.37 52.94
CA ASN N 299 25.84 -64.50 54.11
C ASN N 299 27.14 -63.70 53.98
N LYS N 300 27.16 -62.67 53.15
CA LYS N 300 28.17 -61.64 53.25
C LYS N 300 27.57 -60.55 54.13
N PRO N 301 28.02 -60.40 55.37
CA PRO N 301 27.26 -59.59 56.33
C PRO N 301 27.36 -58.10 56.04
N GLU N 302 26.22 -57.43 56.24
CA GLU N 302 26.08 -55.97 56.13
C GLU N 302 26.44 -55.50 54.72
N ARG N 303 25.70 -56.04 53.75
CA ARG N 303 25.90 -55.72 52.34
C ARG N 303 24.55 -55.90 51.65
N PHE N 304 23.92 -54.79 51.29
CA PHE N 304 22.49 -54.79 51.01
C PHE N 304 22.21 -54.74 49.51
N MET N 305 20.94 -54.58 49.17
CA MET N 305 20.50 -54.36 47.80
C MET N 305 19.14 -53.67 47.87
N VAL N 306 19.09 -52.37 47.57
CA VAL N 306 17.82 -51.68 47.44
C VAL N 306 17.09 -52.23 46.23
N PHE N 307 15.79 -52.52 46.39
CA PHE N 307 15.07 -53.07 45.25
C PHE N 307 13.59 -52.71 45.37
N GLN N 308 12.99 -52.45 44.22
CA GLN N 308 11.79 -51.64 44.10
C GLN N 308 10.54 -52.51 43.98
N LEU N 309 9.61 -52.34 44.90
CA LEU N 309 8.29 -52.92 44.88
C LEU N 309 7.27 -51.87 44.49
N PRO N 310 6.07 -52.26 44.04
CA PRO N 310 5.00 -51.28 43.86
C PRO N 310 4.57 -50.67 45.18
N THR N 311 3.98 -49.48 45.08
CA THR N 311 3.61 -48.71 46.25
C THR N 311 2.49 -49.40 47.03
N ARG N 312 1.43 -49.81 46.33
CA ARG N 312 0.33 -50.50 46.98
C ARG N 312 0.56 -52.00 46.87
N LEU N 313 0.36 -52.69 47.99
CA LEU N 313 0.49 -54.13 48.07
C LEU N 313 -0.89 -54.75 48.27
N PRO N 314 -1.05 -56.05 47.98
CA PRO N 314 -2.29 -56.73 48.34
C PRO N 314 -2.48 -56.81 49.85
N ALA N 315 -3.73 -56.91 50.27
CA ALA N 315 -4.03 -57.05 51.68
C ALA N 315 -3.68 -58.46 52.14
N PHE N 316 -3.41 -58.59 53.45
CA PHE N 316 -3.04 -59.87 54.01
C PHE N 316 -3.84 -60.29 55.23
N GLU N 317 -4.59 -59.39 55.86
CA GLU N 317 -5.62 -59.84 56.79
C GLU N 317 -6.71 -60.60 56.05
N ARG N 318 -7.02 -60.19 54.83
CA ARG N 318 -7.80 -60.97 53.87
C ARG N 318 -7.04 -61.00 52.56
N PRO N 319 -7.00 -62.14 51.88
CA PRO N 319 -6.24 -62.23 50.62
C PRO N 319 -7.04 -61.62 49.48
N ALA N 320 -6.57 -60.49 48.97
CA ALA N 320 -7.12 -59.94 47.74
C ALA N 320 -6.67 -60.80 46.57
N VAL N 321 -7.63 -61.29 45.79
CA VAL N 321 -7.36 -62.24 44.71
C VAL N 321 -6.68 -61.49 43.58
N LYS N 322 -6.08 -62.23 42.64
CA LYS N 322 -5.15 -61.66 41.65
C LYS N 322 -5.84 -60.69 40.71
N GLU N 323 -7.04 -61.03 40.24
CA GLU N 323 -7.76 -60.13 39.34
C GLU N 323 -8.37 -58.94 40.08
N GLU N 324 -8.54 -59.03 41.40
CA GLU N 324 -9.07 -57.87 42.12
C GLU N 324 -7.99 -56.85 42.41
N LYS N 325 -6.78 -57.30 42.75
CA LYS N 325 -5.64 -56.41 42.87
C LYS N 325 -5.25 -55.84 41.52
N GLU N 326 -5.55 -56.58 40.44
CA GLU N 326 -5.34 -56.10 39.08
C GLU N 326 -6.13 -54.82 38.79
N ASP N 327 -7.27 -54.64 39.45
CA ASP N 327 -8.18 -53.58 39.06
C ASP N 327 -7.74 -52.22 39.59
N MET N 328 -7.70 -52.05 40.91
CA MET N 328 -7.53 -50.71 41.44
C MET N 328 -6.08 -50.23 41.43
N GLU N 329 -5.12 -51.15 41.42
CA GLU N 329 -3.68 -50.87 41.30
C GLU N 329 -3.12 -49.85 42.27
N ARG N 354 3.67 -49.00 55.45
CA ARG N 354 2.76 -50.13 55.66
C ARG N 354 3.31 -51.03 56.75
N GLU N 355 2.44 -51.55 57.60
CA GLU N 355 2.84 -52.48 58.65
C GLU N 355 2.52 -53.90 58.20
N LEU N 356 3.53 -54.75 58.19
CA LEU N 356 3.38 -56.15 57.83
C LEU N 356 4.27 -56.99 58.73
N ALA N 357 4.04 -58.30 58.72
CA ALA N 357 4.73 -59.20 59.63
C ALA N 357 5.97 -59.83 59.00
N GLY N 358 5.79 -60.60 57.94
CA GLY N 358 6.87 -61.35 57.36
C GLY N 358 6.36 -62.62 56.73
N LYS N 359 7.20 -63.20 55.87
CA LYS N 359 6.83 -64.27 54.92
C LYS N 359 5.56 -63.86 54.16
N VAL N 360 5.74 -62.81 53.36
CA VAL N 360 4.65 -62.25 52.58
C VAL N 360 4.71 -62.67 51.13
N GLY N 361 5.82 -63.24 50.69
CA GLY N 361 5.94 -63.62 49.32
C GLY N 361 6.93 -64.72 49.11
N SER N 362 7.39 -64.83 47.87
CA SER N 362 8.30 -65.90 47.46
C SER N 362 8.95 -65.49 46.16
N ILE N 363 10.25 -65.73 46.04
CA ILE N 363 10.93 -65.52 44.78
C ILE N 363 11.12 -66.89 44.13
N ARG N 364 10.26 -67.22 43.19
CA ARG N 364 10.25 -68.54 42.59
C ARG N 364 11.23 -68.58 41.43
N VAL N 365 12.00 -69.65 41.35
CA VAL N 365 12.94 -69.86 40.25
C VAL N 365 12.33 -70.90 39.33
N HIS N 366 11.99 -70.49 38.11
CA HIS N 366 11.41 -71.39 37.15
C HIS N 366 12.48 -72.29 36.53
N LYS N 367 12.03 -73.43 36.01
CA LYS N 367 12.96 -74.40 35.45
C LYS N 367 13.55 -73.93 34.13
N SER N 368 12.87 -73.05 33.40
CA SER N 368 13.30 -72.78 32.03
C SER N 368 14.47 -71.82 32.01
N GLY N 369 14.23 -70.55 32.32
CA GLY N 369 15.32 -69.63 32.58
C GLY N 369 14.97 -68.46 33.48
N LYS N 370 13.76 -68.42 34.02
CA LYS N 370 13.22 -67.16 34.49
C LYS N 370 12.87 -67.23 35.96
N LEU N 371 12.47 -66.07 36.48
CA LEU N 371 12.11 -65.89 37.88
C LEU N 371 10.83 -65.08 37.94
N SER N 372 10.08 -65.27 39.01
CA SER N 372 8.83 -64.54 39.17
C SER N 372 8.48 -64.49 40.65
N VAL N 373 8.47 -63.29 41.19
CA VAL N 373 8.01 -63.07 42.57
C VAL N 373 6.50 -63.23 42.60
N LYS N 374 6.02 -64.05 43.52
CA LYS N 374 4.60 -64.00 43.88
C LYS N 374 4.52 -63.60 45.34
N ILE N 375 3.63 -62.68 45.66
CA ILE N 375 3.34 -62.30 47.03
C ILE N 375 1.85 -62.56 47.28
N GLY N 376 1.54 -63.17 48.42
CA GLY N 376 0.18 -63.58 48.71
C GLY N 376 -0.28 -64.62 47.72
N ASN N 377 -1.14 -64.18 46.80
CA ASN N 377 -1.52 -64.98 45.64
C ASN N 377 -1.33 -64.29 44.31
N VAL N 378 -1.03 -62.98 44.29
CA VAL N 378 -0.76 -62.31 43.02
C VAL N 378 0.64 -62.70 42.56
N VAL N 379 0.85 -62.70 41.24
CA VAL N 379 2.10 -63.13 40.63
C VAL N 379 2.69 -61.95 39.87
N MET N 380 3.91 -61.57 40.25
CA MET N 380 4.63 -60.46 39.65
C MET N 380 5.80 -60.99 38.84
N ASP N 381 6.37 -60.12 38.01
CA ASP N 381 7.58 -60.46 37.27
C ASP N 381 8.73 -59.56 37.72
N ILE N 382 9.95 -59.99 37.45
CA ILE N 382 11.12 -59.42 38.07
C ILE N 382 12.22 -59.23 37.04
N GLY N 383 12.97 -58.15 37.21
CA GLY N 383 14.13 -57.91 36.37
C GLY N 383 15.10 -56.93 36.99
N LYS N 384 16.40 -57.12 36.76
CA LYS N 384 17.39 -56.15 37.18
C LYS N 384 17.22 -54.94 36.28
N GLY N 385 16.40 -53.99 36.70
CA GLY N 385 15.89 -53.04 35.75
C GLY N 385 16.13 -51.59 36.08
N ALA N 386 17.02 -51.29 37.03
CA ALA N 386 17.25 -49.88 37.29
C ALA N 386 18.23 -49.29 36.27
N GLU N 387 19.51 -49.65 36.41
CA GLU N 387 20.61 -49.25 35.55
C GLU N 387 21.84 -49.92 36.16
N THR N 388 22.92 -49.97 35.40
CA THR N 388 24.23 -50.23 36.00
C THR N 388 24.65 -48.93 36.66
N THR N 389 24.48 -48.86 37.98
CA THR N 389 24.65 -47.61 38.70
C THR N 389 26.13 -47.23 38.79
N PHE N 390 26.42 -45.94 38.65
CA PHE N 390 27.77 -45.44 38.81
C PHE N 390 27.98 -44.76 40.15
N LEU N 391 26.99 -44.01 40.62
CA LEU N 391 27.09 -43.38 41.94
C LEU N 391 27.07 -44.43 43.04
N GLN N 392 27.98 -44.26 44.00
CA GLN N 392 28.22 -45.25 45.04
C GLN N 392 27.21 -45.07 46.17
N ASP N 393 26.69 -46.18 46.68
CA ASP N 393 25.50 -46.15 47.54
C ASP N 393 25.75 -46.87 48.85
N VAL N 394 25.34 -46.23 49.96
CA VAL N 394 25.35 -46.84 51.29
C VAL N 394 24.05 -46.48 52.02
N ILE N 395 23.80 -47.18 53.12
CA ILE N 395 22.56 -47.09 53.88
C ILE N 395 22.89 -46.57 55.27
N ALA N 396 22.18 -45.53 55.71
CA ALA N 396 22.44 -44.90 56.99
C ALA N 396 21.15 -44.85 57.81
N LEU N 397 21.22 -45.35 59.04
CA LEU N 397 20.10 -45.32 59.98
C LEU N 397 20.14 -44.04 60.81
N SER N 398 19.01 -43.35 60.88
CA SER N 398 18.88 -42.17 61.70
C SER N 398 18.22 -42.51 63.03
N ILE N 399 18.66 -41.81 64.08
CA ILE N 399 18.11 -41.95 65.43
C ILE N 399 17.52 -40.61 65.83
N ALA N 400 16.35 -40.64 66.48
CA ALA N 400 15.48 -39.49 66.62
C ALA N 400 16.04 -38.31 67.42
N ASP N 401 16.23 -38.46 68.73
CA ASP N 401 16.42 -37.23 69.50
C ASP N 401 17.65 -37.20 70.39
N ASP N 402 17.96 -38.28 71.11
CA ASP N 402 18.96 -38.24 72.17
C ASP N 402 19.99 -39.34 72.11
N ALA N 403 19.72 -40.45 71.42
CA ALA N 403 20.72 -41.46 71.09
C ALA N 403 21.26 -41.23 69.68
N SER N 404 21.38 -39.95 69.33
CA SER N 404 21.52 -39.45 67.96
C SER N 404 22.75 -40.00 67.25
N SER N 405 22.53 -40.89 66.29
CA SER N 405 23.61 -41.62 65.65
C SER N 405 23.24 -41.93 64.21
N ALA N 406 24.25 -41.98 63.36
CA ALA N 406 24.11 -42.32 61.95
C ALA N 406 24.83 -43.65 61.74
N GLU N 407 24.11 -44.74 61.95
CA GLU N 407 24.69 -46.07 61.83
C GLU N 407 24.87 -46.41 60.36
N LEU N 408 26.09 -46.77 59.97
CA LEU N 408 26.38 -47.15 58.60
C LEU N 408 26.21 -48.65 58.47
N LEU N 409 25.16 -49.07 57.77
CA LEU N 409 24.84 -50.49 57.73
C LEU N 409 25.65 -51.22 56.67
N GLY N 410 25.45 -50.89 55.41
CA GLY N 410 26.08 -51.65 54.35
C GLY N 410 26.20 -50.90 53.05
N ARG N 411 26.38 -51.66 51.97
CA ARG N 411 26.61 -51.10 50.66
C ARG N 411 25.73 -51.80 49.64
N VAL N 412 25.15 -51.01 48.73
CA VAL N 412 24.19 -51.51 47.75
C VAL N 412 24.91 -52.28 46.66
N ASP N 413 24.46 -53.51 46.39
CA ASP N 413 24.95 -54.26 45.25
C ASP N 413 24.36 -53.71 43.95
N GLY N 414 23.05 -53.77 43.80
CA GLY N 414 22.37 -53.30 42.60
C GLY N 414 20.93 -52.94 42.89
N LYS N 415 20.07 -52.97 41.88
CA LYS N 415 18.65 -52.68 42.11
C LYS N 415 17.80 -53.46 41.13
N ILE N 416 16.91 -54.28 41.66
CA ILE N 416 15.99 -55.07 40.84
C ILE N 416 14.58 -54.57 41.09
N VAL N 417 13.72 -54.74 40.10
CA VAL N 417 12.36 -54.21 40.18
C VAL N 417 11.38 -55.34 39.99
N VAL N 418 10.23 -55.22 40.65
CA VAL N 418 9.11 -56.13 40.46
C VAL N 418 7.89 -55.31 40.06
N THR N 419 7.21 -55.75 39.01
CA THR N 419 6.01 -55.13 38.49
C THR N 419 4.87 -56.14 38.52
N PRO N 420 3.64 -55.71 38.70
CA PRO N 420 2.50 -56.62 38.52
C PRO N 420 2.43 -57.07 37.08
N GLN N 421 2.00 -58.32 36.88
CA GLN N 421 2.02 -58.92 35.56
C GLN N 421 0.72 -58.56 34.85
N ILE N 422 0.65 -57.31 34.41
CA ILE N 422 -0.49 -56.82 33.64
C ILE N 422 -0.48 -57.46 32.25
N ILE O 34 -2.81 46.15 12.51
CA ILE O 34 -2.45 47.42 13.11
C ILE O 34 -1.17 47.22 13.93
N SER O 35 -0.91 45.98 14.34
CA SER O 35 0.28 45.64 15.10
C SER O 35 1.30 45.03 14.15
N SER O 36 2.52 45.56 14.20
CA SER O 36 3.53 45.25 13.21
C SER O 36 4.09 43.85 13.39
N LEU O 37 3.41 42.84 12.84
CA LEU O 37 3.84 41.46 13.07
C LEU O 37 4.67 40.92 11.92
N GLU O 38 4.59 41.52 10.73
CA GLU O 38 5.49 41.12 9.66
C GLU O 38 6.93 41.47 9.99
N GLN O 39 7.13 42.60 10.66
CA GLN O 39 8.45 43.03 11.07
C GLN O 39 8.95 42.32 12.31
N ARG O 40 8.09 41.59 13.03
CA ARG O 40 8.57 40.77 14.12
C ARG O 40 9.30 39.53 13.64
N THR O 41 9.20 39.19 12.37
CA THR O 41 9.84 37.98 11.85
C THR O 41 11.07 38.29 11.00
N LEU O 42 11.50 39.54 10.96
CA LEU O 42 12.69 39.90 10.22
C LEU O 42 13.94 39.65 11.06
N ASN O 43 15.03 39.32 10.38
CA ASN O 43 16.37 39.28 10.96
C ASN O 43 16.70 40.69 11.39
N PRO O 44 16.87 40.96 12.69
CA PRO O 44 17.00 42.36 13.14
C PRO O 44 18.28 43.06 12.73
N ASP O 45 19.27 42.35 12.19
CA ASP O 45 20.35 43.09 11.52
C ASP O 45 20.09 43.25 10.02
N LEU O 46 19.39 42.31 9.39
CA LEU O 46 18.94 42.54 8.03
C LEU O 46 17.86 43.61 8.00
N PHE O 47 16.97 43.60 8.98
CA PHE O 47 15.95 44.64 9.07
C PHE O 47 16.55 45.99 9.46
N LEU O 48 17.70 46.01 10.14
CA LEU O 48 18.33 47.29 10.41
C LEU O 48 19.06 47.83 9.20
N TYR O 49 19.93 47.01 8.62
CA TYR O 49 20.83 47.45 7.56
C TYR O 49 20.09 47.75 6.27
N LYS O 50 18.90 47.19 6.08
CA LYS O 50 18.09 47.56 4.94
C LYS O 50 17.34 48.84 5.20
N GLU O 51 17.27 49.31 6.44
CA GLU O 51 16.61 50.57 6.73
C GLU O 51 17.55 51.75 6.89
N LEU O 52 18.80 51.51 7.26
CA LEU O 52 19.75 52.60 7.33
C LEU O 52 20.26 53.04 5.97
N VAL O 53 19.91 52.31 4.91
CA VAL O 53 20.25 52.74 3.55
C VAL O 53 19.03 53.02 2.71
N LYS O 54 17.84 52.53 3.05
CA LYS O 54 16.67 52.88 2.26
C LYS O 54 16.20 54.29 2.57
N ALA O 55 16.45 54.76 3.79
CA ALA O 55 16.09 56.13 4.10
C ALA O 55 17.14 57.11 3.60
N HIS O 56 18.42 56.75 3.71
CA HIS O 56 19.49 57.67 3.34
C HIS O 56 19.77 57.62 1.84
N LEU O 57 20.14 56.45 1.34
CA LEU O 57 20.23 56.25 -0.09
C LEU O 57 18.84 55.87 -0.60
N GLY O 58 18.74 55.50 -1.87
CA GLY O 58 17.46 55.14 -2.44
C GLY O 58 17.11 53.70 -2.16
N GLU O 59 16.01 53.27 -2.78
CA GLU O 59 15.47 51.95 -2.60
C GLU O 59 16.13 50.92 -3.51
N ARG O 60 17.19 51.32 -4.21
CA ARG O 60 18.00 50.42 -5.02
C ARG O 60 19.27 49.99 -4.29
N ALA O 61 19.83 50.87 -3.45
CA ALA O 61 20.96 50.49 -2.62
C ALA O 61 20.55 49.51 -1.54
N ALA O 62 19.30 49.58 -1.08
CA ALA O 62 18.82 48.66 -0.06
C ALA O 62 18.64 47.26 -0.64
N SER O 63 18.26 47.18 -1.92
CA SER O 63 18.06 45.88 -2.55
C SER O 63 19.38 45.15 -2.74
N VAL O 64 20.45 45.89 -3.03
CA VAL O 64 21.77 45.28 -3.16
C VAL O 64 22.28 44.81 -1.81
N ILE O 65 22.30 45.72 -0.83
CA ILE O 65 22.84 45.38 0.48
C ILE O 65 21.90 44.48 1.27
N GLY O 66 20.65 44.34 0.81
CA GLY O 66 19.80 43.31 1.39
C GLY O 66 20.28 41.92 1.04
N MET O 67 20.74 41.71 -0.19
CA MET O 67 21.25 40.40 -0.56
C MET O 67 22.62 40.14 0.03
N LEU O 68 23.41 41.19 0.25
CA LEU O 68 24.74 40.99 0.82
C LEU O 68 24.66 40.52 2.26
N VAL O 69 23.68 41.03 3.01
CA VAL O 69 23.45 40.51 4.35
C VAL O 69 22.82 39.13 4.27
N ALA O 70 21.83 38.96 3.39
CA ALA O 70 21.09 37.70 3.36
C ALA O 70 21.81 36.59 2.61
N LEU O 71 22.91 36.86 1.90
CA LEU O 71 23.61 35.80 1.21
C LEU O 71 25.13 35.83 1.37
N GLY O 72 25.69 36.70 2.19
CA GLY O 72 27.12 36.63 2.47
C GLY O 72 27.93 37.35 1.43
N ARG O 73 28.90 36.65 0.85
CA ARG O 73 29.77 37.21 -0.18
C ARG O 73 29.16 36.98 -1.57
N LEU O 74 29.27 37.99 -2.42
CA LEU O 74 28.59 37.96 -3.70
C LEU O 74 29.45 38.63 -4.76
N SER O 75 29.34 38.12 -5.98
CA SER O 75 29.96 38.73 -7.15
C SER O 75 29.01 39.75 -7.76
N VAL O 76 29.32 40.22 -8.96
CA VAL O 76 28.38 41.03 -9.71
C VAL O 76 27.47 40.17 -10.56
N ARG O 77 28.02 39.14 -11.18
CA ARG O 77 27.22 38.21 -11.97
C ARG O 77 26.31 37.34 -11.11
N GLU O 78 26.55 37.30 -9.81
CA GLU O 78 25.63 36.66 -8.88
C GLU O 78 24.52 37.59 -8.42
N LEU O 79 24.82 38.88 -8.24
CA LEU O 79 23.79 39.84 -7.87
C LEU O 79 22.76 40.05 -8.97
N VAL O 80 23.15 39.90 -10.23
CA VAL O 80 22.18 40.07 -11.30
C VAL O 80 21.29 38.85 -11.48
N GLU O 81 21.60 37.74 -10.83
CA GLU O 81 20.73 36.59 -10.81
C GLU O 81 19.83 36.53 -9.58
N LYS O 82 20.19 37.26 -8.53
CA LYS O 82 19.40 37.28 -7.31
C LYS O 82 18.39 38.42 -7.28
N ILE O 83 18.75 39.58 -7.79
CA ILE O 83 17.87 40.75 -7.67
C ILE O 83 16.66 40.61 -8.58
N ASP O 84 16.90 40.37 -9.88
CA ASP O 84 15.87 40.14 -10.90
C ASP O 84 14.94 41.34 -11.00
N GLY O 85 15.41 42.42 -11.63
CA GLY O 85 14.71 43.69 -11.58
C GLY O 85 15.67 44.86 -11.70
N MET O 86 16.95 44.55 -11.84
CA MET O 86 17.94 45.52 -12.30
C MET O 86 19.04 44.75 -13.03
N ASP O 87 19.60 45.39 -14.04
CA ASP O 87 20.51 44.73 -14.95
C ASP O 87 21.95 44.87 -14.45
N VAL O 88 22.91 44.52 -15.31
CA VAL O 88 24.31 44.39 -14.88
C VAL O 88 24.99 45.73 -14.65
N ASP O 89 24.47 46.82 -15.21
CA ASP O 89 25.12 48.11 -15.07
C ASP O 89 24.45 49.01 -14.05
N SER O 90 23.14 48.87 -13.85
CA SER O 90 22.46 49.68 -12.84
C SER O 90 22.83 49.24 -11.43
N VAL O 91 23.21 47.97 -11.26
CA VAL O 91 23.79 47.57 -9.98
C VAL O 91 25.19 48.16 -9.84
N LYS O 92 25.92 48.32 -10.95
CA LYS O 92 27.24 48.94 -10.90
C LYS O 92 27.17 50.44 -10.72
N THR O 93 26.00 51.06 -10.92
CA THR O 93 25.80 52.42 -10.45
C THR O 93 25.83 52.46 -8.94
N THR O 94 25.21 51.49 -8.29
CA THR O 94 25.13 51.47 -6.84
C THR O 94 26.43 51.01 -6.19
N LEU O 95 27.13 50.06 -6.82
CA LEU O 95 28.35 49.53 -6.21
C LEU O 95 29.46 50.56 -6.17
N VAL O 96 29.54 51.44 -7.16
CA VAL O 96 30.50 52.54 -7.11
C VAL O 96 30.03 53.67 -6.23
N SER O 97 28.81 53.60 -5.71
CA SER O 97 28.32 54.60 -4.78
C SER O 97 28.28 54.11 -3.35
N LEU O 98 28.02 52.82 -3.13
CA LEU O 98 28.09 52.26 -1.78
C LEU O 98 29.53 52.23 -1.27
N THR O 99 30.49 51.95 -2.15
CA THR O 99 31.89 52.02 -1.76
C THR O 99 32.35 53.44 -1.51
N GLN O 100 31.64 54.43 -2.04
CA GLN O 100 31.96 55.82 -1.70
C GLN O 100 31.61 56.10 -0.25
N LEU O 101 30.49 55.55 0.24
CA LEU O 101 30.03 55.77 1.60
C LEU O 101 30.49 54.68 2.55
N ARG O 102 31.54 53.93 2.19
CA ARG O 102 32.20 52.91 3.00
C ARG O 102 31.27 51.77 3.40
N CYS O 103 30.15 51.58 2.72
CA CYS O 103 29.17 50.57 3.08
C CYS O 103 29.45 49.22 2.43
N VAL O 104 30.49 49.10 1.63
CA VAL O 104 30.87 47.84 1.00
C VAL O 104 32.36 47.63 1.22
N LYS O 105 32.71 46.47 1.77
CA LYS O 105 34.09 46.12 2.05
C LYS O 105 34.45 44.96 1.11
N TYR O 106 34.89 45.31 -0.09
CA TYR O 106 35.04 44.34 -1.17
C TYR O 106 36.34 43.54 -1.00
N LEU O 107 36.66 42.72 -2.01
CA LEU O 107 37.99 42.16 -2.15
C LEU O 107 38.13 41.76 -3.60
N GLN O 108 39.27 42.11 -4.21
CA GLN O 108 39.53 41.80 -5.61
C GLN O 108 40.53 40.64 -5.63
N GLU O 109 40.02 39.43 -5.62
CA GLU O 109 40.89 38.26 -5.68
C GLU O 109 40.51 37.39 -6.87
N THR O 110 41.38 36.44 -7.16
CA THR O 110 41.25 35.57 -8.32
C THR O 110 41.31 34.12 -7.89
N ALA O 111 40.91 33.25 -8.80
CA ALA O 111 41.02 31.82 -8.61
C ALA O 111 42.38 31.35 -9.11
N ILE O 112 42.56 30.03 -9.23
CA ILE O 112 43.81 29.50 -9.77
C ILE O 112 43.80 29.55 -11.29
N SER O 113 42.62 29.66 -11.91
CA SER O 113 42.55 29.74 -13.37
C SER O 113 42.97 31.12 -13.86
N GLY O 114 42.81 32.15 -13.04
CA GLY O 114 43.30 33.47 -13.37
C GLY O 114 42.25 34.54 -13.63
N LYS O 115 40.98 34.27 -13.35
CA LYS O 115 39.93 35.26 -13.53
C LYS O 115 39.76 36.04 -12.24
N LYS O 116 39.96 37.36 -12.30
CA LYS O 116 39.86 38.22 -11.13
C LYS O 116 38.40 38.60 -10.95
N THR O 117 37.74 38.00 -9.97
CA THR O 117 36.33 38.25 -9.68
C THR O 117 36.23 38.90 -8.32
N THR O 118 35.66 40.11 -8.28
CA THR O 118 35.53 40.84 -7.03
C THR O 118 34.33 40.33 -6.26
N TYR O 119 34.57 39.84 -5.05
CA TYR O 119 33.50 39.43 -4.14
C TYR O 119 33.25 40.58 -3.19
N TYR O 120 32.22 41.37 -3.49
CA TYR O 120 31.81 42.45 -2.61
C TYR O 120 31.22 41.87 -1.34
N TYR O 121 31.50 42.52 -0.21
CA TYR O 121 30.89 42.15 1.06
C TYR O 121 30.09 43.35 1.56
N TYR O 122 29.61 43.25 2.79
CA TYR O 122 29.12 44.40 3.53
C TYR O 122 30.05 44.66 4.70
N ASN O 123 29.93 45.83 5.29
CA ASN O 123 30.58 46.08 6.56
C ASN O 123 29.66 46.87 7.46
N GLU O 124 29.79 46.66 8.76
CA GLU O 124 28.86 47.29 9.67
C GLU O 124 29.26 48.73 9.99
N GLU O 125 30.56 49.02 10.04
CA GLU O 125 30.98 50.36 10.48
C GLU O 125 30.77 51.39 9.38
N GLY O 126 30.62 50.97 8.13
CA GLY O 126 30.12 51.89 7.13
C GLY O 126 28.64 52.16 7.26
N ILE O 127 27.93 51.34 8.02
CA ILE O 127 26.50 51.52 8.21
C ILE O 127 26.30 52.21 9.56
N HIS O 128 27.21 51.97 10.51
CA HIS O 128 27.09 52.61 11.81
C HIS O 128 27.34 54.11 11.72
N ILE O 129 28.15 54.56 10.76
CA ILE O 129 28.33 56.00 10.58
C ILE O 129 27.06 56.62 10.03
N LEU O 130 26.23 55.84 9.35
CA LEU O 130 24.88 56.30 9.05
C LEU O 130 23.99 56.21 10.28
N LEU O 131 24.31 55.31 11.21
CA LEU O 131 23.48 55.16 12.39
C LEU O 131 23.83 56.19 13.45
N TYR O 132 25.12 56.46 13.65
CA TYR O 132 25.58 57.39 14.66
C TYR O 132 25.68 58.82 14.14
N SER O 133 25.05 59.13 13.00
CA SER O 133 25.45 60.31 12.23
C SER O 133 25.07 61.63 12.89
N GLY O 134 24.12 61.62 13.81
CA GLY O 134 23.79 62.83 14.53
C GLY O 134 24.62 62.93 15.80
N LEU O 135 25.07 61.77 16.29
CA LEU O 135 25.89 61.76 17.49
C LEU O 135 27.33 62.10 17.16
N ILE O 136 27.80 61.77 15.96
CA ILE O 136 29.18 62.07 15.57
C ILE O 136 29.41 63.57 15.48
N ILE O 137 28.44 64.28 14.91
CA ILE O 137 28.57 65.73 14.77
C ILE O 137 28.51 66.41 16.12
N ASP O 138 27.55 66.04 16.96
CA ASP O 138 27.47 66.64 18.30
C ASP O 138 28.47 66.03 19.28
N GLU O 139 29.33 65.11 18.86
CA GLU O 139 30.48 64.76 19.66
C GLU O 139 31.67 65.64 19.34
N ILE O 140 31.92 65.85 18.05
CA ILE O 140 33.06 66.65 17.61
C ILE O 140 32.82 68.13 17.90
N ILE O 141 31.55 68.55 17.99
CA ILE O 141 31.24 69.88 18.50
C ILE O 141 31.67 70.00 19.95
N THR O 142 31.25 69.06 20.81
CA THR O 142 31.55 69.15 22.22
C THR O 142 33.01 68.87 22.54
N GLN O 143 33.74 68.19 21.65
CA GLN O 143 35.16 67.99 21.88
C GLN O 143 36.00 69.15 21.38
N MET O 144 35.48 69.96 20.45
CA MET O 144 36.19 71.14 19.97
C MET O 144 35.67 72.42 20.61
N ARG O 145 35.22 72.35 21.86
CA ARG O 145 34.97 73.52 22.68
C ARG O 145 36.07 73.76 23.69
N VAL O 146 37.12 72.94 23.65
CA VAL O 146 38.25 73.07 24.58
C VAL O 146 39.45 73.74 23.92
N ASN O 147 39.36 74.10 22.64
CA ASN O 147 40.47 74.68 21.90
C ASN O 147 40.22 76.11 21.46
N ASP O 148 38.99 76.48 21.13
CA ASP O 148 38.71 77.83 20.64
C ASP O 148 37.29 78.22 21.05
N GLU O 149 37.17 79.34 21.76
CA GLU O 149 35.87 79.94 22.06
C GLU O 149 35.47 80.77 20.86
N GLU O 150 34.72 80.15 19.96
CA GLU O 150 34.45 80.68 18.63
C GLU O 150 33.23 79.93 18.11
N GLU O 151 32.75 80.32 16.93
CA GLU O 151 31.63 79.66 16.26
C GLU O 151 32.04 78.40 15.50
N HIS O 152 33.17 77.78 15.87
CA HIS O 152 33.57 76.51 15.28
C HIS O 152 32.55 75.41 15.51
N LYS O 153 31.78 75.50 16.60
CA LYS O 153 30.66 74.59 16.84
C LYS O 153 29.58 74.67 15.76
N GLN O 154 29.54 75.74 14.98
CA GLN O 154 28.82 75.75 13.71
C GLN O 154 29.73 75.39 12.55
N LEU O 155 31.03 75.68 12.66
CA LEU O 155 31.94 75.61 11.53
C LEU O 155 32.62 74.24 11.40
N VAL O 156 33.06 73.65 12.50
CA VAL O 156 33.65 72.31 12.39
C VAL O 156 32.56 71.26 12.26
N ALA O 157 31.32 71.60 12.60
CA ALA O 157 30.21 70.72 12.31
C ALA O 157 29.89 70.68 10.83
N GLU O 158 30.19 71.77 10.12
CA GLU O 158 29.90 71.82 8.71
C GLU O 158 30.93 71.04 7.91
N ILE O 159 32.18 70.99 8.38
CA ILE O 159 33.19 70.26 7.63
C ILE O 159 33.03 68.75 7.85
N VAL O 160 32.54 68.36 9.02
CA VAL O 160 32.34 66.93 9.27
C VAL O 160 31.03 66.47 8.64
N GLN O 161 30.14 67.40 8.29
CA GLN O 161 28.87 67.04 7.69
C GLN O 161 29.04 66.50 6.29
N ASN O 162 30.11 66.88 5.59
CA ASN O 162 30.33 66.35 4.25
C ASN O 162 31.61 65.52 4.14
N VAL O 163 32.24 65.15 5.26
CA VAL O 163 33.15 64.02 5.20
C VAL O 163 32.40 62.71 5.34
N ILE O 164 31.17 62.76 5.83
CA ILE O 164 30.34 61.57 5.95
C ILE O 164 29.44 61.42 4.75
N SER O 165 28.84 62.52 4.28
CA SER O 165 27.91 62.46 3.16
C SER O 165 28.60 62.20 1.84
N LEU O 166 29.92 62.42 1.76
CA LEU O 166 30.68 62.01 0.61
C LEU O 166 31.64 60.87 0.92
N GLY O 167 31.79 60.50 2.19
CA GLY O 167 32.60 59.36 2.57
C GLY O 167 34.08 59.60 2.48
N SER O 168 34.61 59.70 1.26
CA SER O 168 36.03 59.87 1.01
C SER O 168 36.25 61.12 0.18
N LEU O 169 37.19 61.95 0.61
CA LEU O 169 37.47 63.21 -0.07
C LEU O 169 38.84 63.69 0.37
N THR O 170 39.46 64.49 -0.50
CA THR O 170 40.70 65.18 -0.17
C THR O 170 40.35 66.52 0.48
N VAL O 171 41.33 67.39 0.63
CA VAL O 171 41.07 68.65 1.32
C VAL O 171 40.89 69.80 0.33
N GLU O 172 41.60 69.75 -0.79
CA GLU O 172 41.62 70.90 -1.68
C GLU O 172 40.34 71.05 -2.50
N ASP O 173 39.60 69.97 -2.71
CA ASP O 173 38.29 70.10 -3.34
C ASP O 173 37.30 70.77 -2.40
N TYR O 174 37.42 70.51 -1.11
CA TYR O 174 36.66 71.30 -0.15
C TYR O 174 37.22 72.70 -0.01
N LEU O 175 38.53 72.86 -0.17
CA LEU O 175 39.13 74.19 -0.20
C LEU O 175 38.84 74.91 -1.51
N SER O 176 38.42 74.19 -2.55
CA SER O 176 38.08 74.83 -3.80
C SER O 176 36.73 75.55 -3.72
N SER O 177 35.81 75.06 -2.90
CA SER O 177 34.50 75.66 -2.81
C SER O 177 34.51 76.95 -1.99
N VAL O 178 35.40 77.05 -1.02
CA VAL O 178 35.49 78.26 -0.21
C VAL O 178 36.36 79.27 -0.93
N THR O 179 36.10 80.55 -0.66
CA THR O 179 36.79 81.64 -1.35
C THR O 179 37.61 82.51 -0.43
N SER O 180 37.07 82.91 0.72
CA SER O 180 37.75 83.85 1.62
C SER O 180 38.90 83.15 2.32
N ASP O 181 40.12 83.68 2.14
CA ASP O 181 41.30 83.09 2.74
C ASP O 181 41.35 83.30 4.25
N SER O 182 40.59 84.28 4.76
CA SER O 182 40.44 84.42 6.21
C SER O 182 39.75 83.22 6.83
N MET O 183 38.85 82.58 6.07
CA MET O 183 38.22 81.36 6.51
C MET O 183 38.86 80.11 5.90
N LYS O 184 39.47 80.23 4.73
CA LYS O 184 40.15 79.10 4.10
C LYS O 184 41.37 78.68 4.92
N TYR O 185 42.10 79.65 5.46
CA TYR O 185 43.17 79.30 6.39
C TYR O 185 42.62 78.79 7.71
N THR O 186 41.41 79.25 8.09
CA THR O 186 40.82 78.81 9.35
C THR O 186 40.39 77.34 9.28
N ILE O 187 39.78 76.94 8.16
CA ILE O 187 39.34 75.55 8.04
C ILE O 187 40.52 74.63 7.80
N SER O 188 41.59 75.13 7.16
CA SER O 188 42.77 74.30 6.97
C SER O 188 43.55 74.16 8.26
N SER O 189 43.43 75.13 9.16
CA SER O 189 44.09 75.03 10.46
C SER O 189 43.40 73.99 11.33
N LEU O 190 42.06 73.97 11.34
CA LEU O 190 41.35 73.04 12.19
C LEU O 190 41.32 71.63 11.60
N PHE O 191 41.57 71.47 10.30
CA PHE O 191 41.69 70.14 9.72
C PHE O 191 42.86 69.39 10.34
N VAL O 192 44.05 69.99 10.32
CA VAL O 192 45.20 69.35 10.92
C VAL O 192 45.12 69.37 12.44
N GLN O 193 44.36 70.31 13.03
CA GLN O 193 44.20 70.33 14.48
C GLN O 193 43.29 69.20 14.95
N LEU O 194 42.21 68.94 14.21
CA LEU O 194 41.30 67.86 14.58
C LEU O 194 41.93 66.51 14.30
N CYS O 195 42.59 66.37 13.14
CA CYS O 195 43.26 65.13 12.77
C CYS O 195 44.48 64.85 13.65
N GLU O 196 45.01 65.88 14.32
CA GLU O 196 46.10 65.70 15.28
C GLU O 196 45.67 64.78 16.42
N MET O 197 44.51 65.06 17.00
CA MET O 197 44.01 64.28 18.13
C MET O 197 43.04 63.19 17.70
N GLY O 198 43.07 62.78 16.44
CA GLY O 198 42.27 61.66 16.00
C GLY O 198 41.11 62.02 15.10
N TYR O 199 40.06 61.20 15.14
CA TYR O 199 38.76 61.37 14.46
C TYR O 199 38.80 61.31 12.94
N LEU O 200 39.98 61.31 12.32
CA LEU O 200 40.05 61.30 10.87
C LEU O 200 41.38 60.67 10.46
N ILE O 201 41.33 59.68 9.59
CA ILE O 201 42.51 59.11 8.96
C ILE O 201 42.24 58.96 7.48
N GLN O 202 43.30 58.68 6.73
CA GLN O 202 43.15 58.54 5.29
C GLN O 202 42.48 57.22 4.95
N ILE O 203 41.97 57.13 3.74
CA ILE O 203 41.39 55.88 3.28
C ILE O 203 42.50 54.96 2.80
N SER O 204 42.23 53.66 2.81
CA SER O 204 43.19 52.66 2.37
C SER O 204 42.42 51.45 1.86
N LYS O 205 43.17 50.48 1.32
CA LYS O 205 42.53 49.22 0.96
C LYS O 205 42.17 48.41 2.19
N LEU O 206 42.89 48.60 3.30
CA LEU O 206 42.55 47.90 4.53
C LEU O 206 41.23 48.36 5.12
N HIS O 207 40.80 49.59 4.79
CA HIS O 207 39.44 49.99 5.14
C HIS O 207 38.41 49.25 4.29
N TYR O 208 38.78 48.80 3.10
CA TYR O 208 37.86 48.14 2.20
C TYR O 208 38.25 46.69 1.95
N THR O 209 38.93 46.05 2.89
CA THR O 209 39.14 44.61 2.78
C THR O 209 38.73 43.94 4.08
N PRO O 210 38.10 42.77 4.00
CA PRO O 210 37.64 42.09 5.22
C PRO O 210 38.80 41.60 6.07
N ILE O 211 38.65 41.78 7.38
CA ILE O 211 39.74 41.55 8.31
C ILE O 211 40.12 40.08 8.37
N GLU O 212 39.14 39.19 8.27
CA GLU O 212 39.46 37.76 8.33
C GLU O 212 40.12 37.28 7.04
N ASP O 213 39.82 37.91 5.91
CA ASP O 213 40.53 37.58 4.69
C ASP O 213 41.80 38.40 4.50
N LEU O 214 41.92 39.54 5.17
CA LEU O 214 43.20 40.23 5.22
C LEU O 214 44.18 39.47 6.10
N TRP O 215 43.67 38.74 7.10
CA TRP O 215 44.54 38.03 8.02
C TRP O 215 45.13 36.79 7.38
N GLN O 216 44.30 36.01 6.69
CA GLN O 216 44.77 34.70 6.25
C GLN O 216 45.74 34.81 5.07
N PHE O 217 45.60 35.82 4.23
CA PHE O 217 46.61 36.09 3.21
C PHE O 217 47.91 36.54 3.86
N LEU O 218 47.81 37.38 4.88
CA LEU O 218 48.96 37.75 5.68
C LEU O 218 49.48 36.57 6.49
N TYR O 219 48.60 35.62 6.83
CA TYR O 219 49.05 34.39 7.46
C TYR O 219 49.79 33.50 6.48
N GLU O 220 49.44 33.57 5.19
CA GLU O 220 50.13 32.76 4.20
C GLU O 220 51.36 33.42 3.64
N LYS O 221 51.61 34.68 3.97
CA LYS O 221 52.92 35.26 3.69
C LYS O 221 53.99 34.60 4.54
N HIS O 222 53.65 34.26 5.78
CA HIS O 222 54.60 33.69 6.71
C HIS O 222 54.57 32.17 6.74
N TYR O 223 53.98 31.55 5.73
CA TYR O 223 53.99 30.11 5.60
C TYR O 223 54.83 29.63 4.42
N LYS O 224 54.70 30.29 3.27
CA LYS O 224 55.47 29.92 2.08
C LYS O 224 56.82 30.63 2.02
N ASN O 225 57.17 31.42 3.03
CA ASN O 225 58.51 32.00 3.11
C ASN O 225 59.51 31.06 3.77
N ILE O 226 59.09 29.83 4.08
CA ILE O 226 59.92 28.85 4.77
C ILE O 226 60.93 28.31 3.78
N PRO O 227 62.10 27.84 4.21
CA PRO O 227 62.92 27.00 3.33
C PRO O 227 62.18 25.72 2.97
N ARG O 228 62.34 25.30 1.71
CA ARG O 228 61.67 24.11 1.23
C ARG O 228 62.26 22.86 1.89
N ASN O 229 61.38 21.97 2.32
CA ASN O 229 61.69 20.78 3.14
C ASN O 229 62.46 21.19 4.40
N SER O 230 61.89 22.16 5.12
CA SER O 230 62.44 22.54 6.40
C SER O 230 62.18 21.45 7.43
N PRO O 231 63.14 21.17 8.31
CA PRO O 231 62.96 20.08 9.30
C PRO O 231 62.11 20.45 10.50
N LEU O 232 61.45 21.60 10.50
CA LEU O 232 60.61 22.01 11.63
C LEU O 232 59.33 21.18 11.66
N SER O 233 58.88 20.84 12.87
CA SER O 233 57.65 20.09 13.04
C SER O 233 56.45 20.96 12.65
N ASP O 234 55.36 20.28 12.27
CA ASP O 234 54.25 20.95 11.60
C ASP O 234 53.45 21.83 12.55
N LEU O 235 53.36 21.46 13.83
CA LEU O 235 52.73 22.35 14.80
C LEU O 235 53.61 23.57 15.06
N LYS O 236 54.93 23.37 15.07
CA LYS O 236 55.83 24.52 15.18
C LYS O 236 55.91 25.28 13.86
N LYS O 237 55.73 24.58 12.74
CA LYS O 237 55.58 25.25 11.44
C LYS O 237 54.33 26.12 11.42
N ARG O 238 53.26 25.65 12.04
CA ARG O 238 52.04 26.45 12.18
C ARG O 238 52.30 27.68 13.05
N SER O 239 52.98 27.48 14.18
CA SER O 239 53.21 28.59 15.11
C SER O 239 54.25 29.57 14.58
N GLN O 240 55.15 29.10 13.71
CA GLN O 240 56.09 30.00 13.06
C GLN O 240 55.37 30.98 12.14
N ALA O 241 54.33 30.51 11.46
CA ALA O 241 53.54 31.40 10.63
C ALA O 241 52.70 32.35 11.48
N LYS O 242 52.32 31.92 12.68
CA LYS O 242 51.29 32.64 13.43
C LYS O 242 51.85 33.87 14.12
N MET O 243 52.79 33.67 15.06
CA MET O 243 53.27 34.79 15.86
C MET O 243 54.11 35.78 15.06
N ASN O 244 54.65 35.35 13.92
CA ASN O 244 55.25 36.32 13.00
C ASN O 244 54.17 37.21 12.40
N ALA O 245 52.99 36.65 12.15
CA ALA O 245 51.90 37.43 11.57
C ALA O 245 51.13 38.24 12.60
N LYS O 246 51.20 37.85 13.88
CA LYS O 246 50.43 38.53 14.93
C LYS O 246 50.92 39.96 15.14
N THR O 247 52.24 40.15 15.24
CA THR O 247 52.77 41.51 15.26
C THR O 247 52.71 42.15 13.88
N ASP O 248 52.64 41.33 12.83
CA ASP O 248 52.52 41.88 11.48
C ASP O 248 51.10 42.38 11.24
N PHE O 249 50.10 41.67 11.79
CA PHE O 249 48.73 42.11 11.65
C PHE O 249 48.47 43.37 12.47
N ALA O 250 49.06 43.48 13.64
CA ALA O 250 48.93 44.69 14.44
C ALA O 250 49.68 45.85 13.81
N LYS O 251 50.68 45.54 12.97
CA LYS O 251 51.42 46.59 12.28
C LYS O 251 50.55 47.25 11.21
N ILE O 252 49.82 46.45 10.42
CA ILE O 252 49.06 46.96 9.29
C ILE O 252 47.90 47.83 9.77
N ILE O 253 47.28 47.45 10.88
CA ILE O 253 46.14 48.20 11.42
C ILE O 253 46.59 49.56 11.92
N ASN O 254 47.76 49.62 12.54
CA ASN O 254 48.24 50.91 13.04
C ASN O 254 48.97 51.73 11.98
N LYS O 255 49.06 51.24 10.74
CA LYS O 255 49.65 52.06 9.68
C LYS O 255 48.79 53.29 9.31
N PRO O 256 47.46 53.23 9.24
CA PRO O 256 46.72 54.51 9.16
C PRO O 256 46.65 55.22 10.49
N ASN O 257 46.79 54.49 11.61
CA ASN O 257 46.85 55.16 12.90
C ASN O 257 48.16 55.89 13.11
N GLU O 258 49.21 55.49 12.41
CA GLU O 258 50.45 56.26 12.39
C GLU O 258 50.22 57.56 11.64
N LEU O 259 50.66 58.67 12.24
CA LEU O 259 50.40 60.00 11.68
C LEU O 259 51.50 60.34 10.68
N SER O 260 51.38 59.75 9.49
CA SER O 260 52.18 60.18 8.34
C SER O 260 51.39 61.11 7.44
N GLN O 261 50.08 61.20 7.62
CA GLN O 261 49.25 62.09 6.83
C GLN O 261 49.41 63.53 7.26
N ILE O 262 49.86 63.76 8.50
CA ILE O 262 50.07 65.09 9.04
C ILE O 262 51.32 65.75 8.46
N LEU O 263 52.19 64.97 7.81
CA LEU O 263 53.49 65.45 7.33
C LEU O 263 53.30 66.35 6.10
N THR O 264 52.97 67.61 6.38
CA THR O 264 53.14 68.70 5.42
C THR O 264 53.59 69.88 6.28
N VAL O 265 54.89 70.03 6.42
CA VAL O 265 55.50 70.90 7.42
C VAL O 265 56.02 72.15 6.73
N ASP O 266 55.45 73.30 7.12
CA ASP O 266 55.74 74.72 6.82
C ASP O 266 56.36 75.01 5.45
N PRO O 267 55.63 74.80 4.35
CA PRO O 267 56.18 75.19 3.04
C PRO O 267 56.35 76.69 2.90
N LYS O 268 55.44 77.48 3.45
CA LYS O 268 55.70 78.90 3.66
C LYS O 268 55.49 79.33 5.11
N THR O 269 54.42 78.86 5.76
CA THR O 269 54.07 79.15 7.15
C THR O 269 53.34 77.92 7.69
N SER O 270 52.78 78.07 8.90
CA SER O 270 51.80 77.14 9.50
C SER O 270 52.38 75.73 9.62
N LEU O 271 53.30 75.60 10.59
CA LEU O 271 54.26 74.51 10.79
C LEU O 271 53.74 73.08 10.62
N ARG O 272 52.44 72.86 10.78
CA ARG O 272 51.85 71.60 10.32
C ARG O 272 50.50 71.87 9.69
N ILE O 273 50.29 71.32 8.50
CA ILE O 273 48.99 71.31 7.83
C ILE O 273 48.76 69.89 7.32
N VAL O 274 47.62 69.71 6.67
CA VAL O 274 47.25 68.39 6.16
C VAL O 274 47.99 68.12 4.86
N LYS O 275 48.04 66.84 4.51
CA LYS O 275 48.53 66.45 3.20
C LYS O 275 47.42 66.63 2.17
N PRO O 276 47.67 67.31 1.06
CA PRO O 276 46.59 67.52 0.09
C PRO O 276 46.26 66.29 -0.73
N THR O 277 47.24 65.47 -1.08
CA THR O 277 47.01 64.41 -2.05
C THR O 277 46.34 63.17 -1.45
N VAL O 278 46.06 63.14 -0.15
CA VAL O 278 45.42 61.98 0.45
C VAL O 278 43.92 62.18 0.47
N SER O 279 43.19 61.06 0.45
CA SER O 279 41.73 61.08 0.57
C SER O 279 41.39 60.84 2.03
N LEU O 280 40.84 61.85 2.69
CA LEU O 280 40.69 61.87 4.13
C LEU O 280 39.27 61.47 4.51
N THR O 281 39.16 60.38 5.27
CA THR O 281 37.90 59.84 5.74
C THR O 281 37.79 60.02 7.25
N ILE O 282 36.75 59.42 7.82
CA ILE O 282 36.52 59.42 9.26
C ILE O 282 36.64 57.98 9.76
N ASN O 283 37.28 57.82 10.92
CA ASN O 283 37.29 56.53 11.57
C ASN O 283 36.21 56.45 12.63
N LEU O 284 35.84 55.23 12.98
CA LEU O 284 34.85 54.99 14.01
C LEU O 284 35.44 54.48 15.30
N ASP O 285 36.57 53.78 15.23
CA ASP O 285 37.21 53.19 16.40
C ASP O 285 37.73 54.23 17.37
N ARG O 286 37.93 55.46 16.93
CA ARG O 286 38.21 56.53 17.89
C ARG O 286 36.92 57.14 18.40
N PHE O 287 35.87 57.15 17.57
CA PHE O 287 34.58 57.68 18.02
C PHE O 287 33.95 56.77 19.05
N MET O 288 33.91 55.47 18.78
CA MET O 288 33.33 54.51 19.72
C MET O 288 34.13 54.44 21.01
N LYS O 289 35.44 54.63 20.92
CA LYS O 289 36.29 54.70 22.10
C LYS O 289 35.95 55.93 22.93
N GLY O 290 35.71 57.06 22.27
CA GLY O 290 35.19 58.22 22.97
C GLY O 290 33.75 58.02 23.42
N ARG O 291 33.03 57.15 22.73
CA ARG O 291 31.65 56.88 23.13
C ARG O 291 31.59 55.95 24.33
N ARG O 292 32.54 55.00 24.41
CA ARG O 292 32.69 54.17 25.60
C ARG O 292 33.01 54.99 26.82
N SER O 293 33.89 55.98 26.66
CA SER O 293 34.26 56.85 27.76
C SER O 293 33.10 57.73 28.21
N LYS O 294 32.13 57.98 27.32
CA LYS O 294 30.91 58.66 27.72
C LYS O 294 30.04 57.79 28.59
N GLN O 295 30.09 56.47 28.39
CA GLN O 295 29.32 55.57 29.23
C GLN O 295 29.91 55.44 30.62
N LEU O 296 31.24 55.42 30.73
CA LEU O 296 31.87 55.13 32.01
C LEU O 296 31.72 56.27 33.00
N ILE O 297 31.61 57.50 32.52
CA ILE O 297 31.34 58.60 33.44
C ILE O 297 29.91 58.53 33.93
N ASN O 298 29.03 57.89 33.16
CA ASN O 298 27.64 57.81 33.56
C ASN O 298 27.44 56.73 34.62
N LEU O 299 28.24 55.66 34.55
CA LEU O 299 28.27 54.67 35.62
C LEU O 299 28.78 55.30 36.92
N ALA O 300 29.77 56.18 36.81
CA ALA O 300 30.41 56.73 38.01
C ALA O 300 29.51 57.71 38.73
N LYS O 301 28.59 58.37 38.03
CA LYS O 301 27.73 59.37 38.67
C LYS O 301 26.69 58.75 39.60
N THR O 302 26.52 57.43 39.59
CA THR O 302 25.55 56.75 40.44
C THR O 302 26.20 55.91 41.51
N ARG O 303 27.50 55.89 41.58
CA ARG O 303 28.18 55.04 42.54
C ARG O 303 29.16 55.80 43.42
N VAL O 304 29.90 56.75 42.85
CA VAL O 304 31.02 57.39 43.55
C VAL O 304 30.87 58.90 43.39
N GLY O 305 30.20 59.55 44.35
CA GLY O 305 30.02 60.98 44.47
C GLY O 305 29.40 61.66 43.27
N SER O 306 29.48 62.97 43.28
CA SER O 306 29.05 63.77 42.14
C SER O 306 30.12 64.73 41.65
N VAL O 307 30.91 65.31 42.55
CA VAL O 307 31.96 66.22 42.12
C VAL O 307 33.22 65.45 41.74
N THR O 308 33.45 64.29 42.34
CA THR O 308 34.64 63.51 42.00
C THR O 308 34.48 62.74 40.71
N ALA O 309 33.24 62.60 40.22
CA ALA O 309 33.06 61.99 38.91
C ALA O 309 33.51 62.93 37.81
N GLN O 310 33.42 64.24 38.04
CA GLN O 310 33.95 65.22 37.10
C GLN O 310 35.46 65.11 37.01
N VAL O 311 36.11 64.83 38.14
CA VAL O 311 37.54 64.56 38.13
C VAL O 311 37.83 63.29 37.34
N TYR O 312 36.93 62.31 37.44
CA TYR O 312 37.09 61.08 36.67
C TYR O 312 36.88 61.32 35.18
N LYS O 313 36.09 62.34 34.83
CA LYS O 313 35.80 62.62 33.42
C LYS O 313 37.03 63.14 32.69
N ILE O 314 37.69 64.15 33.27
CA ILE O 314 38.91 64.70 32.67
C ILE O 314 40.04 63.68 32.72
N ALA O 315 40.00 62.76 33.69
CA ALA O 315 41.01 61.71 33.81
C ALA O 315 41.02 60.79 32.59
N LEU O 316 39.86 60.27 32.22
CA LEU O 316 39.79 59.44 31.02
C LEU O 316 39.86 60.25 29.74
N ARG O 317 39.54 61.55 29.80
CA ARG O 317 39.57 62.37 28.60
C ARG O 317 41.00 62.62 28.14
N LEU O 318 41.95 62.67 29.07
CA LEU O 318 43.34 62.85 28.69
C LEU O 318 43.90 61.58 28.07
N THR O 319 43.85 60.47 28.81
CA THR O 319 44.35 59.18 28.33
C THR O 319 43.26 58.51 27.49
N GLU O 320 43.03 59.09 26.31
CA GLU O 320 41.88 58.70 25.51
C GLU O 320 42.26 58.15 24.15
N GLN O 321 43.14 58.84 23.42
CA GLN O 321 43.43 58.40 22.06
C GLN O 321 44.36 57.20 22.04
N LYS O 322 45.26 57.09 23.00
CA LYS O 322 46.18 55.96 23.08
C LYS O 322 45.54 54.73 23.68
N SER O 323 44.27 54.82 24.09
CA SER O 323 43.53 53.70 24.64
C SER O 323 43.37 52.58 23.61
N PRO O 324 43.28 51.33 24.05
CA PRO O 324 42.96 50.25 23.12
C PRO O 324 41.53 50.36 22.62
N LYS O 325 41.25 49.64 21.55
CA LYS O 325 39.97 49.71 20.87
C LYS O 325 38.85 49.15 21.74
N ILE O 326 37.61 49.35 21.28
CA ILE O 326 36.49 48.71 21.95
C ILE O 326 36.43 47.22 21.61
N ARG O 327 37.15 46.80 20.58
CA ARG O 327 37.09 45.43 20.08
C ARG O 327 38.37 45.18 19.30
N ASP O 328 39.13 44.18 19.71
CA ASP O 328 40.35 43.80 19.00
C ASP O 328 39.97 43.21 17.66
N PRO O 329 40.47 43.73 16.54
CA PRO O 329 40.22 43.08 15.25
C PRO O 329 40.97 41.76 15.08
N LEU O 330 41.88 41.41 15.98
CA LEU O 330 42.55 40.12 15.94
C LEU O 330 41.64 38.99 16.42
N THR O 331 40.55 39.33 17.13
CA THR O 331 39.62 38.31 17.57
C THR O 331 38.82 37.73 16.42
N GLN O 332 38.41 38.59 15.48
CA GLN O 332 37.55 38.19 14.37
C GLN O 332 38.33 37.71 13.16
N THR O 333 39.54 37.21 13.36
CA THR O 333 40.33 36.60 12.30
C THR O 333 40.30 35.09 12.36
N GLY O 334 39.40 34.52 13.15
CA GLY O 334 39.53 33.14 13.57
C GLY O 334 40.20 33.11 14.93
N LEU O 335 41.25 32.29 15.04
CA LEU O 335 42.19 32.26 16.17
C LEU O 335 41.56 31.92 17.50
N LEU O 336 40.35 31.34 17.52
CA LEU O 336 39.80 30.86 18.78
C LEU O 336 39.41 29.40 18.66
N GLN O 337 40.01 28.68 17.70
CA GLN O 337 39.80 27.24 17.61
C GLN O 337 40.40 26.53 18.82
N ASP O 338 41.49 27.06 19.37
CA ASP O 338 42.11 26.55 20.57
C ASP O 338 41.83 27.46 21.76
N LEU O 339 42.15 26.96 22.94
CA LEU O 339 41.89 27.70 24.17
C LEU O 339 42.98 28.72 24.48
N GLU O 340 44.23 28.42 24.07
CA GLU O 340 45.37 29.21 24.52
C GLU O 340 45.46 30.57 23.83
N GLU O 341 44.97 30.68 22.60
CA GLU O 341 45.08 31.96 21.89
C GLU O 341 44.14 33.00 22.47
N ALA O 342 43.01 32.58 23.05
CA ALA O 342 42.18 33.50 23.80
C ALA O 342 42.90 33.98 25.06
N LYS O 343 43.65 33.08 25.70
CA LYS O 343 44.51 33.48 26.80
C LYS O 343 45.65 34.38 26.31
N SER O 344 46.16 34.08 25.10
CA SER O 344 47.14 34.96 24.48
C SER O 344 46.55 36.32 24.15
N PHE O 345 45.25 36.38 23.85
CA PHE O 345 44.61 37.66 23.63
C PHE O 345 44.43 38.42 24.94
N GLN O 346 44.16 37.69 26.02
CA GLN O 346 44.00 38.33 27.33
C GLN O 346 45.35 38.72 27.92
N ASP O 347 46.45 38.23 27.36
CA ASP O 347 47.76 38.72 27.76
C ASP O 347 47.94 40.17 27.33
N GLU O 348 47.77 40.44 26.03
CA GLU O 348 48.00 41.78 25.52
C GLU O 348 46.85 42.72 25.85
N ALA O 349 45.68 42.18 26.21
CA ALA O 349 44.55 43.02 26.57
C ALA O 349 44.78 43.69 27.92
N GLU O 350 45.26 42.93 28.91
CA GLU O 350 45.59 43.51 30.20
C GLU O 350 46.95 44.19 30.19
N LEU O 351 47.76 43.94 29.16
CA LEU O 351 49.05 44.60 29.05
C LEU O 351 48.88 46.08 28.73
N VAL O 352 48.01 46.39 27.76
CA VAL O 352 47.93 47.75 27.25
C VAL O 352 47.21 48.69 28.19
N GLU O 353 46.39 48.19 29.10
CA GLU O 353 45.63 49.08 29.98
C GLU O 353 46.48 49.66 31.10
N GLU O 354 47.68 49.13 31.34
CA GLU O 354 48.54 49.68 32.37
C GLU O 354 50.02 49.73 32.00
N LYS O 355 50.42 49.26 30.82
CA LYS O 355 51.79 49.34 30.33
C LYS O 355 51.84 50.00 28.98
N THR O 356 51.16 51.14 28.86
CA THR O 356 51.19 51.98 27.68
C THR O 356 51.65 53.37 28.12
N PRO O 357 52.62 53.98 27.43
CA PRO O 357 53.20 55.25 27.93
C PRO O 357 52.24 56.42 27.93
N GLY O 358 51.11 56.34 27.24
CA GLY O 358 50.10 57.36 27.39
C GLY O 358 49.13 57.02 28.51
N LEU O 359 48.91 55.72 28.73
CA LEU O 359 47.84 55.25 29.60
C LEU O 359 48.29 55.05 31.04
N THR O 360 49.46 55.54 31.41
CA THR O 360 49.92 55.55 32.80
C THR O 360 49.98 57.01 33.24
N PHE O 361 49.12 57.39 34.17
CA PHE O 361 49.05 58.77 34.59
C PHE O 361 49.03 58.85 36.11
N ASN O 362 49.36 60.03 36.63
CA ASN O 362 49.32 60.30 38.05
C ASN O 362 48.40 61.48 38.34
N ALA O 363 48.20 61.76 39.63
CA ALA O 363 47.40 62.91 40.05
C ALA O 363 48.07 64.23 39.75
N ILE O 364 49.35 64.22 39.39
CA ILE O 364 50.06 65.45 39.03
C ILE O 364 49.56 65.96 37.68
N ASP O 365 49.33 65.07 36.72
CA ASP O 365 49.08 65.47 35.35
C ASP O 365 47.65 65.94 35.10
N LEU O 366 46.71 65.72 36.02
CA LEU O 366 45.33 66.09 35.77
C LEU O 366 45.10 67.58 35.86
N ALA O 367 45.81 68.28 36.75
CA ALA O 367 45.63 69.72 36.93
C ALA O 367 46.11 70.53 35.74
N ARG O 368 46.91 69.95 34.85
CA ARG O 368 47.40 70.65 33.68
C ARG O 368 46.27 70.88 32.67
N HIS O 369 45.28 69.98 32.66
CA HIS O 369 44.13 70.11 31.79
C HIS O 369 42.84 70.25 32.58
N LEU O 370 42.90 70.24 33.90
CA LEU O 370 41.73 70.52 34.72
C LEU O 370 41.36 71.99 34.57
N PRO O 371 40.17 72.32 34.10
CA PRO O 371 39.81 73.72 33.87
C PRO O 371 39.48 74.47 35.16
N ALA O 372 38.98 75.69 35.03
CA ALA O 372 38.56 76.45 36.19
C ALA O 372 37.17 75.98 36.63
N GLU O 373 36.59 76.71 37.61
CA GLU O 373 35.26 76.50 38.22
C GLU O 373 34.98 75.04 38.64
N LEU O 374 36.04 74.30 38.99
CA LEU O 374 35.83 72.98 39.58
C LEU O 374 35.33 73.09 41.01
N ASP O 375 35.98 73.95 41.81
CA ASP O 375 35.61 74.29 43.18
C ASP O 375 35.57 73.04 44.08
N LEU O 376 36.75 72.44 44.26
CA LEU O 376 36.93 71.29 45.13
C LEU O 376 37.29 71.69 46.57
N ARG O 377 36.86 72.88 47.00
CA ARG O 377 37.19 73.59 48.25
C ARG O 377 38.67 73.52 48.73
N PRO O 447 40.78 77.05 45.12
CA PRO O 447 41.92 76.57 44.34
C PRO O 447 41.97 75.05 44.28
N HIS O 448 42.70 74.50 43.31
CA HIS O 448 42.86 73.06 43.19
C HIS O 448 44.33 72.70 43.37
N SER O 449 44.57 71.60 44.09
CA SER O 449 45.91 71.12 44.35
C SER O 449 45.92 69.61 44.20
N ALA O 450 47.08 69.08 43.79
CA ALA O 450 47.18 67.68 43.41
C ALA O 450 47.07 66.73 44.59
N SER O 451 47.26 67.21 45.82
CA SER O 451 47.07 66.37 46.99
C SER O 451 45.59 66.05 47.20
N LEU O 452 44.71 67.05 47.04
CA LEU O 452 43.29 66.81 47.15
C LEU O 452 42.76 66.08 45.93
N ILE O 453 43.47 66.19 44.79
CA ILE O 453 43.19 65.35 43.64
C ILE O 453 43.42 63.89 43.97
N ASN O 454 44.54 63.60 44.64
CA ASN O 454 44.84 62.23 45.03
C ASN O 454 43.92 61.74 46.14
N SER O 455 43.29 62.67 46.87
CA SER O 455 42.26 62.30 47.83
C SER O 455 41.03 61.73 47.13
N HIS O 456 40.58 62.40 46.07
CA HIS O 456 39.44 61.92 45.30
C HIS O 456 39.84 60.99 44.16
N LEU O 457 41.14 60.75 43.99
CA LEU O 457 41.61 59.63 43.17
C LEU O 457 41.71 58.34 43.97
N LYS O 458 41.80 58.44 45.29
CA LYS O 458 41.80 57.25 46.12
C LYS O 458 40.40 56.64 46.21
N ILE O 459 39.36 57.50 46.21
CA ILE O 459 38.00 57.01 46.36
C ILE O 459 37.52 56.29 45.11
N LEU O 460 38.17 56.52 43.97
CA LEU O 460 37.88 55.78 42.74
C LEU O 460 38.64 54.46 42.67
N ALA O 461 39.20 54.01 43.79
CA ALA O 461 39.81 52.69 43.92
C ALA O 461 39.07 51.78 44.88
N SER O 462 38.44 52.34 45.91
CA SER O 462 37.84 51.55 46.97
C SER O 462 36.44 51.08 46.64
N SER O 463 35.83 51.58 45.57
CA SER O 463 34.51 51.12 45.18
C SER O 463 34.58 49.70 44.63
N ASN O 464 33.43 49.02 44.65
CA ASN O 464 33.39 47.64 44.17
C ASN O 464 33.54 47.56 42.66
N PHE O 465 33.11 48.59 41.95
CA PHE O 465 33.44 48.66 40.54
C PHE O 465 34.88 49.09 40.37
N PRO O 466 35.67 48.39 39.59
CA PRO O 466 37.05 48.81 39.35
C PRO O 466 37.14 50.06 38.49
N PHE O 467 36.87 51.22 39.07
CA PHE O 467 37.02 52.46 38.32
C PHE O 467 38.49 52.75 38.03
N LEU O 468 39.28 52.94 39.10
CA LEU O 468 40.69 53.33 38.97
C LEU O 468 41.51 52.58 40.01
N ASN O 469 42.09 51.46 39.61
CA ASN O 469 43.11 50.83 40.43
C ASN O 469 44.46 51.53 40.19
N GLU O 470 45.51 51.00 40.82
CA GLU O 470 46.80 51.66 40.78
C GLU O 470 47.92 50.65 40.89
N THR O 471 49.04 50.96 40.22
CA THR O 471 50.29 50.22 40.40
C THR O 471 51.14 50.86 41.50
N LYS O 472 51.49 52.11 41.31
CA LYS O 472 52.13 53.00 42.26
C LYS O 472 51.07 53.88 42.90
N PRO O 473 51.27 54.33 44.16
CA PRO O 473 50.19 55.06 44.86
C PRO O 473 49.80 56.38 44.25
N GLY O 474 50.68 57.00 43.47
CA GLY O 474 50.30 58.16 42.70
C GLY O 474 49.81 57.78 41.31
N VAL O 475 50.35 56.69 40.77
CA VAL O 475 50.12 56.32 39.37
C VAL O 475 48.83 55.51 39.32
N TYR O 476 47.76 56.13 38.83
CA TYR O 476 46.48 55.47 38.65
C TYR O 476 46.25 55.11 37.19
N TYR O 477 45.39 54.11 36.98
CA TYR O 477 44.99 53.73 35.64
C TYR O 477 43.59 53.12 35.72
N VAL O 478 42.86 53.19 34.62
CA VAL O 478 41.54 52.60 34.51
C VAL O 478 41.65 51.24 33.84
N PRO O 479 41.04 50.19 34.38
CA PRO O 479 41.09 48.89 33.73
C PRO O 479 39.97 48.76 32.70
N TYR O 480 40.29 48.04 31.63
CA TYR O 480 39.37 47.85 30.53
C TYR O 480 38.92 46.42 30.35
N SER O 481 39.83 45.46 30.52
CA SER O 481 39.41 44.06 30.50
C SER O 481 38.67 43.65 31.75
N LYS O 482 38.68 44.48 32.79
CA LYS O 482 38.06 44.16 34.06
C LYS O 482 36.80 44.97 34.33
N LEU O 483 36.67 46.15 33.73
CA LEU O 483 35.48 46.99 33.93
C LEU O 483 34.46 46.83 32.81
N MET O 484 34.88 46.67 31.57
CA MET O 484 33.93 46.49 30.48
C MET O 484 33.11 45.20 30.56
N PRO O 485 33.62 44.07 31.06
CA PRO O 485 32.71 42.97 31.40
C PRO O 485 31.94 43.14 32.69
N VAL O 486 31.92 44.32 33.32
CA VAL O 486 31.02 44.53 34.45
C VAL O 486 30.26 45.83 34.20
N LEU O 487 30.65 46.57 33.16
CA LEU O 487 29.83 47.69 32.72
C LEU O 487 28.49 47.21 32.16
N LYS O 488 28.55 46.26 31.23
CA LYS O 488 27.34 45.77 30.60
C LYS O 488 26.48 44.96 31.55
N SER O 489 27.09 44.35 32.56
CA SER O 489 26.33 43.60 33.55
C SER O 489 25.55 44.51 34.47
N SER O 490 25.95 45.77 34.59
CA SER O 490 25.25 46.69 35.49
C SER O 490 24.07 47.36 34.79
N VAL O 491 24.22 47.70 33.51
CA VAL O 491 23.13 48.36 32.81
C VAL O 491 22.07 47.34 32.40
N TYR O 492 22.45 46.06 32.30
CA TYR O 492 21.49 45.02 32.00
C TYR O 492 20.57 44.76 33.18
N GLU O 493 21.06 45.02 34.39
CA GLU O 493 20.24 44.79 35.57
C GLU O 493 19.20 45.88 35.76
N TYR O 494 19.42 47.06 35.18
CA TYR O 494 18.45 48.12 35.38
C TYR O 494 17.48 48.28 34.23
N VAL O 495 17.81 47.78 33.04
CA VAL O 495 16.79 47.69 32.01
C VAL O 495 15.77 46.63 32.38
N ILE O 496 16.19 45.58 33.09
CA ILE O 496 15.24 44.64 33.67
C ILE O 496 14.49 45.29 34.82
N ALA O 497 15.17 46.10 35.63
CA ALA O 497 14.54 46.71 36.79
C ALA O 497 13.54 47.78 36.39
N SER O 498 13.82 48.53 35.32
CA SER O 498 12.91 49.56 34.88
C SER O 498 11.66 48.97 34.25
N THR O 499 11.81 47.88 33.49
CA THR O 499 10.73 47.37 32.68
C THR O 499 9.98 46.24 33.38
N LEU O 500 10.71 45.22 33.83
CA LEU O 500 10.11 44.06 34.49
C LEU O 500 9.94 44.25 35.99
N GLY O 501 10.00 45.48 36.49
CA GLY O 501 9.83 45.74 37.89
C GLY O 501 11.13 45.59 38.66
N PRO O 502 11.18 46.18 39.85
CA PRO O 502 12.42 46.12 40.65
C PRO O 502 12.65 44.77 41.27
N SER O 503 11.60 43.97 41.46
CA SER O 503 11.75 42.64 42.01
C SER O 503 12.46 41.70 41.06
N ALA O 504 12.35 41.96 39.75
CA ALA O 504 13.04 41.14 38.77
C ALA O 504 14.54 41.42 38.78
N MET O 505 14.95 42.58 39.27
CA MET O 505 16.36 42.85 39.45
C MET O 505 16.94 42.01 40.58
N ARG O 506 16.12 41.73 41.60
CA ARG O 506 16.60 41.03 42.79
C ARG O 506 16.95 39.58 42.48
N LEU O 507 16.09 38.90 41.71
CA LEU O 507 16.35 37.52 41.36
C LEU O 507 17.51 37.40 40.38
N SER O 508 17.61 38.35 39.45
CA SER O 508 18.61 38.30 38.39
C SER O 508 20.03 38.45 38.93
N ARG O 509 20.19 38.99 40.14
CA ARG O 509 21.48 38.99 40.80
C ARG O 509 21.63 37.84 41.78
N CYS O 510 20.54 37.45 42.45
CA CYS O 510 20.57 36.32 43.35
C CYS O 510 20.84 35.02 42.62
N ILE O 511 20.35 34.92 41.38
CA ILE O 511 20.70 33.78 40.54
C ILE O 511 22.14 33.94 40.03
N ARG O 512 22.63 35.16 39.95
CA ARG O 512 23.94 35.39 39.33
C ARG O 512 25.08 34.93 40.23
N ASP O 513 25.02 35.22 41.52
CA ASP O 513 26.12 34.80 42.40
C ASP O 513 26.00 33.36 42.87
N ASN O 514 24.77 32.91 43.16
CA ASN O 514 24.59 31.52 43.61
C ASN O 514 24.82 30.55 42.47
N LYS O 515 24.51 30.97 41.24
CA LYS O 515 24.92 30.44 39.93
C LYS O 515 24.56 28.98 39.65
N LEU O 516 23.88 28.28 40.58
CA LEU O 516 23.16 27.07 40.22
C LEU O 516 21.91 26.94 41.11
N VAL O 517 21.32 28.06 41.51
CA VAL O 517 20.36 28.10 42.59
C VAL O 517 19.05 27.42 42.20
N SER O 518 18.32 26.93 43.20
CA SER O 518 16.98 26.37 43.04
C SER O 518 15.97 27.20 43.82
N GLU O 519 14.69 26.92 43.58
CA GLU O 519 13.62 27.75 44.16
C GLU O 519 13.45 27.52 45.65
N LYS O 520 13.97 26.42 46.19
CA LYS O 520 14.03 26.28 47.65
C LYS O 520 15.07 27.22 48.24
N ILE O 521 16.06 27.60 47.44
CA ILE O 521 17.13 28.47 47.92
C ILE O 521 16.80 29.92 47.60
N ILE O 522 15.90 30.17 46.65
CA ILE O 522 15.51 31.53 46.30
C ILE O 522 14.79 32.20 47.47
N ASN O 523 13.68 31.62 47.92
CA ASN O 523 12.89 32.18 48.99
C ASN O 523 13.59 32.16 50.35
N SER O 524 14.72 31.49 50.47
CA SER O 524 15.59 31.70 51.62
C SER O 524 16.42 32.97 51.44
N THR O 525 16.99 33.15 50.25
CA THR O 525 17.81 34.32 49.96
C THR O 525 17.04 35.46 49.30
N ALA O 526 15.74 35.31 49.13
CA ALA O 526 14.85 36.41 48.77
C ALA O 526 13.74 36.46 49.80
N LEU O 527 13.00 37.57 49.80
CA LEU O 527 12.04 37.85 50.86
C LEU O 527 10.70 38.28 50.28
N MET O 528 10.20 37.51 49.32
CA MET O 528 8.88 37.75 48.77
C MET O 528 7.99 36.53 48.94
N LYS O 529 6.70 36.74 48.71
CA LYS O 529 5.74 35.66 48.71
C LYS O 529 6.01 34.73 47.54
N GLU O 530 5.71 33.44 47.72
CA GLU O 530 6.24 32.43 46.83
C GLU O 530 5.52 32.43 45.48
N LYS O 531 4.25 32.80 45.44
CA LYS O 531 3.61 32.97 44.13
C LYS O 531 4.10 34.23 43.44
N ASP O 532 4.56 35.23 44.21
CA ASP O 532 5.17 36.39 43.57
C ASP O 532 6.56 36.07 43.06
N ILE O 533 7.26 35.16 43.75
CA ILE O 533 8.53 34.65 43.24
C ILE O 533 8.31 33.85 41.97
N ARG O 534 7.32 32.96 42.00
CA ARG O 534 7.04 32.10 40.86
C ARG O 534 6.33 32.81 39.72
N SER O 535 5.94 34.08 39.91
CA SER O 535 5.47 34.87 38.79
C SER O 535 6.60 35.68 38.16
N THR O 536 7.37 36.41 38.97
CA THR O 536 8.42 37.25 38.40
C THR O 536 9.61 36.44 37.92
N LEU O 537 9.75 35.20 38.35
CA LEU O 537 10.70 34.32 37.69
C LEU O 537 10.14 33.85 36.37
N ALA O 538 8.83 33.60 36.32
CA ALA O 538 8.19 33.13 35.10
C ALA O 538 8.22 34.17 33.99
N SER O 539 8.11 35.44 34.35
CA SER O 539 8.24 36.55 33.40
C SER O 539 9.68 36.95 33.15
N LEU O 540 10.62 36.06 33.44
CA LEU O 540 12.03 36.31 33.29
C LEU O 540 12.75 35.15 32.64
N ILE O 541 12.10 33.98 32.55
CA ILE O 541 12.58 32.89 31.71
C ILE O 541 12.18 33.12 30.26
N ARG O 542 11.14 33.95 30.03
CA ARG O 542 10.71 34.30 28.68
C ARG O 542 11.79 35.03 27.90
N TYR O 543 12.67 35.71 28.60
CA TYR O 543 13.88 36.28 28.05
C TYR O 543 15.04 35.40 28.50
N ASN O 544 16.18 35.53 27.85
CA ASN O 544 17.30 34.63 28.16
C ASN O 544 18.08 35.06 29.38
N SER O 545 17.50 35.88 30.26
CA SER O 545 18.17 36.31 31.48
C SER O 545 18.54 35.14 32.39
N VAL O 546 17.72 34.10 32.43
CA VAL O 546 18.10 32.85 33.08
C VAL O 546 17.81 31.69 32.16
N GLU O 547 18.60 30.64 32.33
CA GLU O 547 18.30 29.33 31.77
C GLU O 547 17.66 28.48 32.86
N ILE O 548 17.37 27.23 32.53
CA ILE O 548 16.85 26.27 33.49
C ILE O 548 17.65 24.99 33.35
N GLN O 549 18.24 24.55 34.46
CA GLN O 549 19.04 23.34 34.49
C GLN O 549 18.23 22.23 35.13
N GLU O 550 17.83 21.25 34.33
CA GLU O 550 17.02 20.13 34.80
C GLU O 550 17.91 19.04 35.38
N VAL O 551 17.34 18.24 36.25
CA VAL O 551 17.97 17.01 36.72
C VAL O 551 17.13 15.84 36.23
N PRO O 552 17.71 14.83 35.66
CA PRO O 552 16.99 13.58 35.34
C PRO O 552 17.03 12.55 36.48
N ARG O 553 16.11 12.71 37.43
CA ARG O 553 16.00 11.77 38.55
C ARG O 553 15.64 10.36 38.08
N THR O 554 14.88 10.23 37.00
CA THR O 554 14.63 8.94 36.41
C THR O 554 15.56 8.74 35.22
N ALA O 555 15.34 7.64 34.47
CA ALA O 555 16.23 7.29 33.37
C ALA O 555 16.10 8.27 32.21
N ASP O 556 14.89 8.38 31.65
CA ASP O 556 14.61 9.45 30.73
C ASP O 556 14.53 10.79 31.47
N ARG O 557 14.48 11.88 30.70
CA ARG O 557 14.63 13.21 31.29
C ARG O 557 13.26 13.79 31.63
N SER O 558 12.51 13.03 32.43
CA SER O 558 11.11 13.34 32.69
C SER O 558 10.98 14.48 33.68
N ALA O 559 9.98 15.34 33.43
CA ALA O 559 9.71 16.50 34.26
C ALA O 559 8.67 16.22 35.33
N SER O 560 8.28 14.96 35.53
CA SER O 560 7.29 14.64 36.54
C SER O 560 7.88 14.80 37.93
N ARG O 561 8.90 14.01 38.24
CA ARG O 561 9.60 14.09 39.52
C ARG O 561 11.03 14.50 39.21
N ALA O 562 11.26 15.81 39.20
CA ALA O 562 12.57 16.38 38.90
C ALA O 562 12.59 17.81 39.42
N VAL O 563 13.71 18.21 39.98
CA VAL O 563 13.90 19.59 40.44
C VAL O 563 14.75 20.31 39.40
N PHE O 564 14.49 21.60 39.22
CA PHE O 564 15.15 22.37 38.19
C PHE O 564 16.06 23.41 38.83
N LEU O 565 17.18 23.68 38.19
CA LEU O 565 18.17 24.62 38.69
C LEU O 565 18.27 25.79 37.74
N PHE O 566 18.79 26.91 38.22
CA PHE O 566 18.71 28.18 37.50
C PHE O 566 20.10 28.77 37.30
N ARG O 567 20.62 28.65 36.09
CA ARG O 567 21.87 29.32 35.76
C ARG O 567 21.58 30.78 35.40
N CYS O 568 22.64 31.53 35.12
CA CYS O 568 22.51 32.87 34.56
C CYS O 568 23.67 33.03 33.58
N LYS O 569 23.42 32.66 32.33
CA LYS O 569 24.47 32.77 31.32
C LYS O 569 24.63 34.22 30.90
N GLU O 570 25.89 34.63 30.72
CA GLU O 570 26.16 36.01 30.32
C GLU O 570 25.75 36.23 28.86
N THR O 571 26.35 35.48 27.94
CA THR O 571 26.28 35.83 26.53
C THR O 571 24.93 35.50 25.90
N HIS O 572 24.21 34.49 26.39
CA HIS O 572 22.87 34.26 25.89
C HIS O 572 21.92 35.35 26.36
N SER O 573 22.10 35.83 27.59
CA SER O 573 21.28 36.93 28.08
C SER O 573 21.64 38.25 27.44
N TYR O 574 22.84 38.39 26.89
CA TYR O 574 23.25 39.67 26.33
C TYR O 574 22.96 39.77 24.86
N ASN O 575 23.25 38.69 24.11
CA ASN O 575 23.00 38.70 22.67
C ASN O 575 21.53 38.83 22.35
N PHE O 576 20.66 38.33 23.22
CA PHE O 576 19.25 38.58 23.06
C PHE O 576 18.90 40.04 23.35
N MET O 577 19.47 40.60 24.41
CA MET O 577 19.22 42.00 24.71
C MET O 577 19.95 42.91 23.73
N ARG O 578 21.00 42.41 23.09
CA ARG O 578 21.67 43.17 22.04
C ARG O 578 20.76 43.39 20.85
N GLN O 579 20.00 42.38 20.47
CA GLN O 579 19.21 42.49 19.25
C GLN O 579 17.73 42.72 19.51
N ASN O 580 17.27 42.57 20.75
CA ASN O 580 15.96 43.12 21.09
C ASN O 580 15.98 44.63 20.96
N LEU O 581 17.10 45.25 21.31
CA LEU O 581 17.24 46.69 21.09
C LEU O 581 17.45 46.98 19.62
N GLU O 582 18.24 46.16 18.93
CA GLU O 582 18.56 46.39 17.53
C GLU O 582 17.34 46.27 16.64
N TRP O 583 16.43 45.33 16.98
CA TRP O 583 15.17 45.29 16.27
C TRP O 583 14.33 46.51 16.58
N ASN O 584 14.25 46.89 17.86
CA ASN O 584 13.47 48.07 18.25
C ASN O 584 14.06 49.34 17.66
N MET O 585 15.38 49.34 17.46
CA MET O 585 16.07 50.45 16.81
C MET O 585 15.69 50.54 15.34
N ALA O 586 15.44 49.40 14.71
CA ALA O 586 15.14 49.40 13.28
C ALA O 586 13.65 49.56 13.02
N ASN O 587 12.82 49.02 13.92
CA ASN O 587 11.38 49.26 13.88
C ASN O 587 11.07 50.73 13.95
N LEU O 588 11.84 51.46 14.73
CA LEU O 588 11.55 52.86 15.00
C LEU O 588 11.85 53.70 13.77
N LEU O 589 12.84 53.31 12.98
CA LEU O 589 13.11 54.00 11.73
C LEU O 589 12.17 53.55 10.63
N PHE O 590 11.65 52.34 10.73
CA PHE O 590 10.65 51.88 9.78
C PHE O 590 9.38 52.72 9.89
N LYS O 591 8.96 53.02 11.11
CA LYS O 591 7.78 53.86 11.29
C LYS O 591 8.08 55.32 11.05
N LYS O 592 9.35 55.71 11.09
CA LYS O 592 9.72 57.06 10.67
C LYS O 592 9.52 57.23 9.17
N GLU O 593 10.09 56.30 8.39
CA GLU O 593 10.08 56.43 6.94
C GLU O 593 8.68 56.20 6.38
N LYS O 594 7.92 55.29 6.99
CA LYS O 594 6.56 55.06 6.56
C LYS O 594 5.68 56.28 6.79
N LEU O 595 5.98 57.05 7.84
CA LEU O 595 5.22 58.27 8.12
C LEU O 595 5.58 59.39 7.16
N LYS O 596 6.86 59.50 6.78
CA LYS O 596 7.25 60.53 5.83
C LYS O 596 6.79 60.20 4.43
N GLN O 597 6.64 58.92 4.10
CA GLN O 597 6.26 58.53 2.75
C GLN O 597 4.76 58.62 2.55
N GLU O 598 3.95 58.48 3.60
CA GLU O 598 2.52 58.66 3.45
C GLU O 598 2.13 60.12 3.52
N ASN O 599 2.97 60.98 4.11
CA ASN O 599 2.76 62.42 4.09
C ASN O 599 3.61 63.09 3.02
N SER O 600 3.80 62.41 1.89
CA SER O 600 4.69 62.91 0.86
C SER O 600 4.12 64.13 0.15
N THR O 601 2.80 64.16 -0.09
CA THR O 601 2.21 65.31 -0.76
C THR O 601 2.14 66.52 0.17
N LEU O 602 2.21 66.31 1.48
CA LEU O 602 2.42 67.42 2.39
C LEU O 602 3.84 67.94 2.28
N LEU O 603 4.82 67.03 2.37
CA LEU O 603 6.23 67.42 2.38
C LEU O 603 6.69 67.95 1.04
N LYS O 604 6.06 67.48 -0.05
CA LYS O 604 6.36 68.06 -1.36
C LYS O 604 5.81 69.48 -1.46
N LYS O 605 4.62 69.70 -0.90
CA LYS O 605 4.09 71.05 -0.81
C LYS O 605 4.88 71.90 0.18
N ALA O 606 5.42 71.27 1.22
CA ALA O 606 6.23 71.97 2.22
C ALA O 606 7.63 72.31 1.72
N ASN O 607 8.03 71.83 0.55
CA ASN O 607 9.33 72.16 0.00
C ASN O 607 9.25 73.09 -1.21
N ARG O 608 8.16 73.03 -1.96
CA ARG O 608 8.09 73.70 -3.25
C ARG O 608 7.40 75.07 -3.18
N ASP O 609 6.18 75.11 -2.65
CA ASP O 609 5.40 76.34 -2.68
C ASP O 609 5.94 77.38 -1.69
N ASP O 610 6.56 76.92 -0.61
CA ASP O 610 6.96 77.76 0.50
C ASP O 610 8.46 77.59 0.78
N VAL O 611 9.27 77.77 -0.27
CA VAL O 611 10.72 77.80 -0.13
C VAL O 611 11.13 78.89 0.87
N LYS O 612 10.50 80.05 0.79
CA LYS O 612 10.69 81.11 1.77
C LYS O 612 9.41 81.53 2.47
N GLY O 613 8.30 81.62 1.73
CA GLY O 613 7.06 82.12 2.28
C GLY O 613 6.36 81.14 3.21
N ARG O 614 6.92 80.92 4.39
CA ARG O 614 6.36 80.02 5.38
C ARG O 614 5.69 80.75 6.53
N GLU O 615 5.60 82.08 6.47
CA GLU O 615 4.84 82.82 7.46
C GLU O 615 3.34 82.61 7.30
N ASN O 616 2.90 82.24 6.10
CA ASN O 616 1.52 81.86 5.84
C ASN O 616 1.44 80.52 5.14
N GLU O 617 2.59 79.95 4.74
CA GLU O 617 2.82 78.69 4.02
C GLU O 617 2.40 78.80 2.56
N LEU O 618 1.77 79.92 2.19
CA LEU O 618 0.90 80.08 1.02
C LEU O 618 -0.20 79.01 1.01
N LEU O 619 -0.65 78.61 2.19
CA LEU O 619 -1.60 77.53 2.39
C LEU O 619 -2.54 77.92 3.54
N LEU O 620 -3.30 76.95 4.03
CA LEU O 620 -4.34 76.89 5.04
C LEU O 620 -3.73 76.50 6.39
N PRO O 621 -4.29 77.00 7.50
CA PRO O 621 -3.79 76.57 8.82
C PRO O 621 -4.31 75.22 9.30
N SER O 622 -5.08 74.50 8.48
CA SER O 622 -5.57 73.19 8.86
C SER O 622 -4.58 72.07 8.61
N GLU O 623 -3.39 72.38 8.09
CA GLU O 623 -2.38 71.38 7.83
C GLU O 623 -0.99 71.74 8.32
N LEU O 624 -0.71 73.02 8.58
CA LEU O 624 0.56 73.36 9.22
C LEU O 624 0.60 72.87 10.66
N ASN O 625 -0.55 72.86 11.34
CA ASN O 625 -0.63 72.15 12.61
C ASN O 625 -0.48 70.65 12.41
N GLN O 626 -1.03 70.13 11.31
CA GLN O 626 -0.82 68.73 10.97
C GLN O 626 0.62 68.50 10.54
N LEU O 627 1.24 69.48 9.90
CA LEU O 627 2.67 69.39 9.64
C LEU O 627 3.48 69.56 10.92
N LYS O 628 2.93 70.29 11.90
CA LYS O 628 3.62 70.46 13.18
C LYS O 628 3.68 69.14 13.93
N MET O 629 2.61 68.35 13.86
CA MET O 629 2.63 67.06 14.53
C MET O 629 3.25 65.97 13.67
N VAL O 630 3.72 66.29 12.47
CA VAL O 630 4.56 65.37 11.72
C VAL O 630 6.02 65.57 12.08
N ASN O 631 6.52 66.79 11.92
CA ASN O 631 7.94 67.02 12.15
C ASN O 631 8.31 67.06 13.63
N GLU O 632 7.33 67.17 14.53
CA GLU O 632 7.60 66.89 15.94
C GLU O 632 7.87 65.41 16.15
N ARG O 633 6.98 64.56 15.63
CA ARG O 633 7.20 63.13 15.70
C ARG O 633 8.38 62.71 14.85
N GLU O 634 8.72 63.46 13.81
CA GLU O 634 9.90 63.18 13.03
C GLU O 634 11.17 63.55 13.78
N LEU O 635 11.09 64.50 14.72
CA LEU O 635 12.26 64.74 15.58
C LEU O 635 12.17 63.95 16.87
N ASN O 636 10.98 63.54 17.28
CA ASN O 636 10.86 62.74 18.49
C ASN O 636 11.32 61.32 18.25
N VAL O 637 11.27 60.86 16.99
CA VAL O 637 11.72 59.51 16.69
C VAL O 637 13.24 59.43 16.72
N PHE O 638 13.94 60.49 16.31
CA PHE O 638 15.39 60.49 16.43
C PHE O 638 15.84 60.76 17.85
N ALA O 639 14.98 61.37 18.65
CA ALA O 639 15.24 61.48 20.08
C ALA O 639 15.28 60.11 20.71
N ARG O 640 14.26 59.29 20.43
CA ARG O 640 14.23 57.93 20.95
C ARG O 640 15.29 57.06 20.31
N LEU O 641 15.79 57.44 19.13
CA LEU O 641 16.86 56.68 18.51
C LEU O 641 18.17 56.85 19.27
N SER O 642 18.53 58.09 19.59
CA SER O 642 19.79 58.34 20.30
C SER O 642 19.72 57.85 21.74
N ARG O 643 18.52 57.89 22.34
CA ARG O 643 18.34 57.32 23.67
C ARG O 643 18.52 55.81 23.64
N LEU O 644 18.01 55.16 22.61
CA LEU O 644 18.15 53.72 22.50
C LEU O 644 19.57 53.34 22.12
N LEU O 645 20.24 54.18 21.34
CA LEU O 645 21.52 53.82 20.77
C LEU O 645 22.61 53.77 21.83
N SER O 646 22.43 54.54 22.92
CA SER O 646 23.37 54.45 24.04
C SER O 646 23.24 53.11 24.75
N LEU O 647 22.02 52.58 24.86
CA LEU O 647 21.82 51.27 25.45
C LEU O 647 22.34 50.16 24.55
N TRP O 648 22.28 50.36 23.25
CA TRP O 648 22.65 49.30 22.31
C TRP O 648 24.15 49.14 22.21
N GLU O 649 24.89 50.25 22.20
CA GLU O 649 26.32 50.25 21.99
C GLU O 649 27.09 49.69 23.17
N VAL O 650 26.45 49.50 24.32
CA VAL O 650 27.10 48.90 25.47
C VAL O 650 27.49 47.46 25.16
N PHE O 651 26.55 46.70 24.62
CA PHE O 651 26.77 45.28 24.34
C PHE O 651 27.59 45.04 23.09
N GLN O 652 27.98 46.10 22.38
CA GLN O 652 28.87 45.98 21.23
C GLN O 652 30.34 45.88 21.63
N MET O 653 30.64 45.97 22.92
CA MET O 653 32.02 46.08 23.38
C MET O 653 32.43 44.88 24.22
N GLU P 89 2.65 -2.75 64.42
CA GLU P 89 2.51 -1.76 63.35
C GLU P 89 2.71 -0.34 63.89
N GLU P 90 2.50 -0.17 65.19
CA GLU P 90 2.65 1.13 65.82
C GLU P 90 4.10 1.43 66.19
N ALA P 91 4.99 0.44 66.08
CA ALA P 91 6.39 0.64 66.41
C ALA P 91 7.22 1.05 65.20
N LEU P 92 6.84 0.58 64.00
CA LEU P 92 7.58 0.97 62.80
C LEU P 92 7.31 2.42 62.42
N VAL P 93 6.12 2.94 62.74
CA VAL P 93 5.84 4.33 62.49
C VAL P 93 6.55 5.22 63.51
N TYR P 94 6.93 4.65 64.66
CA TYR P 94 7.75 5.41 65.60
C TYR P 94 9.15 5.62 65.05
N SER P 95 9.74 4.57 64.47
CA SER P 95 11.06 4.69 63.86
C SER P 95 11.04 5.56 62.61
N TYR P 96 9.89 5.63 61.93
CA TYR P 96 9.79 6.47 60.75
C TYR P 96 9.64 7.95 61.13
N ILE P 97 9.08 8.22 62.30
CA ILE P 97 9.20 9.56 62.88
C ILE P 97 10.66 9.80 63.28
N GLU P 98 11.32 8.78 63.82
CA GLU P 98 12.74 8.90 64.15
C GLU P 98 13.59 8.92 62.89
N ALA P 99 13.08 8.40 61.77
CA ALA P 99 13.75 8.61 60.49
C ALA P 99 13.68 10.06 60.08
N SER P 100 12.56 10.74 60.36
CA SER P 100 12.51 12.18 60.22
C SER P 100 13.29 12.85 61.33
N GLY P 101 13.02 12.47 62.57
CA GLY P 101 13.83 12.89 63.71
C GLY P 101 13.67 14.30 64.25
N ARG P 102 13.65 15.29 63.36
CA ARG P 102 13.66 16.68 63.77
C ARG P 102 12.47 17.50 63.26
N GLU P 103 12.00 17.24 62.04
CA GLU P 103 10.94 18.04 61.44
C GLU P 103 9.57 17.40 61.56
N GLY P 104 9.39 16.21 61.00
CA GLY P 104 8.08 15.57 61.00
C GLY P 104 7.89 14.76 59.74
N ILE P 105 6.70 14.16 59.63
CA ILE P 105 6.39 13.24 58.55
C ILE P 105 4.99 13.53 58.03
N TRP P 106 4.80 13.37 56.72
CA TRP P 106 3.50 13.48 56.09
C TRP P 106 2.94 12.09 55.84
N SER P 107 1.60 11.98 55.92
CA SER P 107 0.95 10.68 56.08
C SER P 107 0.96 9.83 54.82
N LYS P 108 1.13 10.42 53.64
CA LYS P 108 1.23 9.61 52.44
C LYS P 108 2.66 9.34 52.03
N THR P 109 3.63 9.91 52.74
CA THR P 109 5.00 9.43 52.67
C THR P 109 5.22 8.19 53.53
N ILE P 110 4.22 7.81 54.33
CA ILE P 110 4.27 6.56 55.07
C ILE P 110 4.27 5.38 54.10
N LYS P 111 3.50 5.49 53.02
CA LYS P 111 3.36 4.42 52.04
C LYS P 111 4.57 4.25 51.13
N ALA P 112 5.61 5.09 51.28
CA ALA P 112 6.82 4.93 50.49
C ALA P 112 7.60 3.68 50.89
N ARG P 113 7.49 3.26 52.15
CA ARG P 113 8.11 2.04 52.62
C ARG P 113 7.11 1.04 53.20
N THR P 114 6.03 1.50 53.81
CA THR P 114 5.06 0.60 54.42
C THR P 114 4.19 -0.08 53.37
N ASN P 115 3.52 0.74 52.55
CA ASN P 115 2.37 0.42 51.67
C ASN P 115 1.42 -0.63 52.28
N LEU P 116 1.06 -0.38 53.54
CA LEU P 116 0.09 -1.19 54.26
C LEU P 116 -1.33 -0.81 53.86
N HIS P 117 -2.31 -1.27 54.64
CA HIS P 117 -3.69 -0.89 54.42
C HIS P 117 -3.87 0.60 54.73
N GLN P 118 -4.51 1.31 53.78
CA GLN P 118 -4.63 2.76 53.86
C GLN P 118 -5.56 3.22 54.98
N HIS P 119 -6.45 2.35 55.44
CA HIS P 119 -7.38 2.72 56.50
C HIS P 119 -6.91 2.28 57.88
N VAL P 120 -6.10 1.22 57.94
CA VAL P 120 -5.56 0.79 59.24
C VAL P 120 -4.58 1.84 59.77
N VAL P 121 -3.70 2.35 58.91
CA VAL P 121 -2.83 3.44 59.31
C VAL P 121 -3.55 4.77 59.39
N LEU P 122 -4.76 4.86 58.83
CA LEU P 122 -5.54 6.08 58.96
C LEU P 122 -6.09 6.23 60.37
N LYS P 123 -6.59 5.15 60.95
CA LYS P 123 -7.14 5.20 62.29
C LYS P 123 -6.11 4.91 63.37
N CYS P 124 -4.93 4.42 63.00
CA CYS P 124 -3.88 4.21 63.98
C CYS P 124 -3.34 5.54 64.50
N LEU P 125 -3.19 6.52 63.60
CA LEU P 125 -2.68 7.82 64.01
C LEU P 125 -3.70 8.63 64.79
N LYS P 126 -4.99 8.34 64.64
CA LYS P 126 -5.98 9.01 65.47
C LYS P 126 -5.91 8.52 66.91
N SER P 127 -5.70 7.21 67.10
CA SER P 127 -5.48 6.69 68.45
C SER P 127 -4.10 7.07 68.95
N LEU P 128 -3.13 7.23 68.05
CA LEU P 128 -1.80 7.68 68.46
C LEU P 128 -1.83 9.15 68.85
N GLU P 129 -2.74 9.93 68.28
CA GLU P 129 -3.03 11.26 68.80
C GLU P 129 -3.63 11.17 70.20
N SER P 130 -4.49 10.17 70.42
CA SER P 130 -5.05 9.96 71.75
C SER P 130 -4.05 9.29 72.69
N GLN P 131 -2.97 8.72 72.15
CA GLN P 131 -1.91 8.12 72.95
C GLN P 131 -1.03 9.18 73.63
N ARG P 132 -1.15 10.44 73.20
CA ARG P 132 -0.33 11.57 73.66
C ARG P 132 1.15 11.31 73.45
N TYR P 133 1.48 10.84 72.25
CA TYR P 133 2.85 10.76 71.75
C TYR P 133 3.09 11.72 70.61
N VAL P 134 2.27 11.65 69.58
CA VAL P 134 2.46 12.39 68.36
C VAL P 134 1.55 13.61 68.40
N LYS P 135 1.81 14.59 67.54
CA LYS P 135 0.96 15.76 67.44
C LYS P 135 0.93 16.23 65.99
N SER P 136 -0.13 16.97 65.67
CA SER P 136 -0.37 17.43 64.30
C SER P 136 0.09 18.88 64.19
N VAL P 137 1.35 19.06 63.83
CA VAL P 137 1.91 20.37 63.58
C VAL P 137 1.71 20.72 62.11
N LYS P 138 1.90 22.00 61.79
CA LYS P 138 1.71 22.48 60.43
C LYS P 138 3.05 22.68 59.74
N SER P 139 2.98 22.73 58.41
CA SER P 139 4.19 22.59 57.59
C SER P 139 4.97 23.89 57.55
N VAL P 140 6.26 23.81 57.93
CA VAL P 140 7.20 24.88 57.64
C VAL P 140 7.43 24.97 56.14
N LYS P 141 7.36 23.83 55.45
CA LYS P 141 7.46 23.71 54.00
C LYS P 141 6.13 24.09 53.35
N PHE P 142 5.93 23.66 52.10
CA PHE P 142 4.68 23.90 51.38
C PHE P 142 3.48 23.39 52.17
N PRO P 143 2.48 24.23 52.41
CA PRO P 143 1.47 23.91 53.43
C PRO P 143 0.39 22.95 52.97
N THR P 144 -0.64 22.82 53.82
CA THR P 144 -1.87 22.07 53.57
C THR P 144 -1.55 20.59 53.33
N ARG P 145 -0.94 19.99 54.36
CA ARG P 145 -0.65 18.57 54.39
C ARG P 145 -0.47 18.18 55.85
N LYS P 146 -0.89 16.96 56.18
CA LYS P 146 -0.92 16.52 57.58
C LYS P 146 0.48 16.13 58.03
N ILE P 147 1.10 16.97 58.84
CA ILE P 147 2.45 16.76 59.34
C ILE P 147 2.36 16.27 60.77
N TYR P 148 2.96 15.11 61.02
CA TYR P 148 2.95 14.52 62.35
C TYR P 148 4.37 14.35 62.88
N MET P 149 4.52 14.59 64.17
CA MET P 149 5.81 14.53 64.84
C MET P 149 5.56 14.27 66.32
N LEU P 150 6.45 13.52 66.96
CA LEU P 150 6.37 13.29 68.39
C LEU P 150 6.64 14.58 69.15
N TYR P 151 6.47 14.52 70.47
CA TYR P 151 6.54 15.72 71.32
C TYR P 151 7.98 16.20 71.43
N SER P 152 8.43 16.87 70.36
CA SER P 152 9.75 17.46 70.29
C SER P 152 9.72 18.98 70.29
N LEU P 153 8.60 19.57 69.83
CA LEU P 153 8.36 21.02 69.81
C LEU P 153 9.42 21.76 69.00
N GLN P 154 9.87 21.14 67.91
CA GLN P 154 11.04 21.59 67.17
C GLN P 154 10.70 21.81 65.70
N PRO P 155 10.14 22.99 65.34
CA PRO P 155 10.01 23.32 63.92
C PRO P 155 11.22 24.09 63.41
N SER P 156 11.16 24.52 62.14
CA SER P 156 12.16 25.43 61.59
C SER P 156 11.46 26.65 60.99
N VAL P 157 12.22 27.47 60.27
CA VAL P 157 11.62 28.60 59.54
C VAL P 157 11.93 28.44 58.06
N GLU P 169 9.18 34.14 58.91
CA GLU P 169 8.39 33.02 59.40
C GLU P 169 7.18 32.77 58.50
N LEU P 170 7.44 32.08 57.38
CA LEU P 170 6.47 31.85 56.30
C LEU P 170 5.92 33.17 55.75
N ASP P 171 6.81 34.17 55.68
CA ASP P 171 6.62 35.43 54.96
C ASP P 171 5.41 36.22 55.46
N ILE P 172 5.52 36.68 56.70
CA ILE P 172 4.73 37.83 57.12
C ILE P 172 5.20 39.02 56.30
N GLU P 173 4.25 39.83 55.81
CA GLU P 173 4.60 41.03 55.06
C GLU P 173 4.76 42.25 55.95
N PHE P 174 5.18 42.05 57.19
CA PHE P 174 5.70 43.13 58.02
C PHE P 174 7.19 43.35 57.80
N ILE P 175 7.89 42.31 57.33
CA ILE P 175 9.34 42.38 57.16
C ILE P 175 9.78 43.30 56.04
N ASN P 176 8.85 43.73 55.19
CA ASN P 176 9.13 44.76 54.18
C ASN P 176 9.39 46.12 54.81
N SER P 177 8.97 46.33 56.05
CA SER P 177 9.16 47.59 56.74
C SER P 177 10.39 47.61 57.63
N LEU P 178 10.79 46.47 58.17
CA LEU P 178 11.91 46.47 59.12
C LEU P 178 13.25 46.66 58.42
N LEU P 179 13.41 46.15 57.21
CA LEU P 179 14.70 46.28 56.55
C LEU P 179 14.89 47.67 55.96
N THR P 180 13.82 48.46 55.85
CA THR P 180 13.96 49.84 55.40
C THR P 180 14.65 50.69 56.45
N ILE P 181 14.24 50.57 57.72
CA ILE P 181 14.94 51.31 58.77
C ILE P 181 16.28 50.68 59.08
N VAL P 182 16.49 49.42 58.71
CA VAL P 182 17.84 48.89 58.65
C VAL P 182 18.64 49.59 57.56
N TRP P 183 18.03 49.75 56.38
CA TRP P 183 18.68 50.44 55.27
C TRP P 183 18.90 51.91 55.58
N ARG P 184 17.96 52.53 56.29
CA ARG P 184 18.11 53.93 56.64
C ARG P 184 19.24 54.13 57.65
N PHE P 185 19.41 53.19 58.58
CA PHE P 185 20.42 53.35 59.61
C PHE P 185 21.82 53.10 59.08
N ILE P 186 21.98 52.13 58.17
CA ILE P 186 23.29 51.88 57.58
C ILE P 186 23.65 53.00 56.59
N SER P 187 22.67 53.75 56.11
CA SER P 187 22.96 54.95 55.34
C SER P 187 23.45 56.09 56.21
N GLU P 188 23.09 56.10 57.50
CA GLU P 188 23.47 57.21 58.37
C GLU P 188 24.95 57.23 58.69
N ASN P 189 25.65 56.10 58.55
CA ASN P 189 27.07 56.09 58.84
C ASN P 189 27.90 56.63 57.68
N THR P 190 27.32 56.75 56.48
CA THR P 190 28.10 57.21 55.33
C THR P 190 28.38 58.70 55.40
N PHE P 191 27.33 59.51 55.43
CA PHE P 191 27.45 60.96 55.47
C PHE P 191 26.21 61.51 56.13
N PRO P 192 26.27 62.74 56.67
CA PRO P 192 25.04 63.40 57.13
C PRO P 192 24.12 63.68 55.96
N ASN P 193 22.92 63.10 56.02
CA ASN P 193 21.99 63.04 54.89
C ASN P 193 21.32 64.37 54.55
N GLY P 194 21.69 65.48 55.20
CA GLY P 194 21.18 66.77 54.76
C GLY P 194 21.85 67.34 53.54
N PHE P 195 22.90 66.69 53.04
CA PHE P 195 23.65 67.17 51.89
C PHE P 195 23.19 66.57 50.58
N LYS P 196 22.20 65.69 50.59
CA LYS P 196 21.74 65.07 49.36
C LYS P 196 20.91 65.99 48.49
N ASN P 197 20.46 67.13 49.02
CA ASN P 197 19.65 68.08 48.26
C ASN P 197 20.49 69.05 47.43
N ASN P 205 26.44 68.22 49.25
CA ASN P 205 26.99 66.99 48.70
C ASN P 205 28.44 66.81 49.12
N VAL P 206 28.68 66.85 50.41
CA VAL P 206 30.04 66.79 50.96
C VAL P 206 30.40 65.33 51.20
N PHE P 207 31.57 64.93 50.71
CA PHE P 207 32.10 63.60 50.95
C PHE P 207 33.56 63.72 51.35
N TYR P 208 34.13 62.63 51.85
CA TYR P 208 35.46 62.65 52.42
C TYR P 208 36.33 61.56 51.81
N ALA P 209 37.61 61.63 52.16
CA ALA P 209 38.61 60.67 51.73
C ALA P 209 38.36 59.32 52.38
N PRO P 210 39.05 58.24 51.92
CA PRO P 210 38.96 56.98 52.66
C PRO P 210 39.74 56.95 53.98
N ASN P 211 39.51 57.93 54.84
CA ASN P 211 39.91 57.91 56.24
C ASN P 211 38.73 57.89 57.19
N VAL P 212 37.60 58.47 56.78
CA VAL P 212 36.37 58.29 57.54
C VAL P 212 35.84 56.87 57.34
N LYS P 213 35.06 56.41 58.30
CA LYS P 213 34.48 55.08 58.25
C LYS P 213 33.01 55.24 57.89
N ASN P 214 32.74 55.27 56.59
CA ASN P 214 31.38 55.39 56.08
C ASN P 214 30.55 54.14 56.33
N TYR P 215 31.20 53.01 56.61
CA TYR P 215 30.55 51.73 56.75
C TYR P 215 30.32 51.39 58.23
N SER P 216 29.42 50.43 58.45
CA SER P 216 29.14 49.91 59.79
C SER P 216 28.90 48.42 59.66
N THR P 217 29.66 47.63 60.42
CA THR P 217 29.59 46.18 60.29
C THR P 217 28.28 45.67 60.86
N THR P 218 27.94 44.43 60.47
CA THR P 218 26.67 43.82 60.88
C THR P 218 26.61 43.55 62.37
N GLN P 219 27.75 43.50 63.06
CA GLN P 219 27.83 43.36 64.50
C GLN P 219 27.63 44.68 65.24
N GLU P 220 27.04 45.68 64.58
CA GLU P 220 26.62 46.93 65.18
C GLU P 220 25.14 47.19 64.99
N ILE P 221 24.58 46.78 63.84
CA ILE P 221 23.16 46.97 63.57
C ILE P 221 22.34 45.94 64.32
N LEU P 222 22.89 44.74 64.55
CA LEU P 222 22.16 43.71 65.29
C LEU P 222 21.93 44.08 66.74
N GLU P 223 22.76 44.95 67.30
CA GLU P 223 22.46 45.56 68.59
C GLU P 223 21.49 46.72 68.43
N PHE P 224 21.57 47.44 67.31
CA PHE P 224 20.68 48.57 67.08
C PHE P 224 19.25 48.11 66.82
N ILE P 225 19.10 46.95 66.16
CA ILE P 225 17.75 46.43 65.92
C ILE P 225 17.16 45.89 67.21
N THR P 226 17.99 45.52 68.19
CA THR P 226 17.48 45.23 69.51
C THR P 226 17.30 46.51 70.32
N ALA P 227 18.07 47.56 70.00
CA ALA P 227 17.89 48.84 70.66
C ALA P 227 16.58 49.49 70.23
N ALA P 228 16.32 49.50 68.92
CA ALA P 228 15.00 49.87 68.40
C ALA P 228 14.26 48.57 68.15
N GLN P 229 13.77 47.99 69.24
CA GLN P 229 13.31 46.60 69.22
C GLN P 229 11.97 46.47 68.51
N VAL P 230 11.77 45.30 67.91
CA VAL P 230 10.52 44.90 67.28
C VAL P 230 9.95 43.77 68.14
N ALA P 231 8.62 43.63 68.14
CA ALA P 231 7.92 42.67 68.98
C ALA P 231 7.98 41.22 68.44
N ASN P 232 8.91 40.91 67.56
CA ASN P 232 9.08 39.56 67.04
C ASN P 232 9.71 38.64 68.10
N VAL P 233 9.99 37.41 67.68
CA VAL P 233 10.36 36.36 68.63
C VAL P 233 11.85 36.08 68.71
N GLU P 234 12.64 36.46 67.70
CA GLU P 234 14.04 36.07 67.66
C GLU P 234 15.02 37.22 67.88
N LEU P 235 14.96 38.28 67.05
CA LEU P 235 15.97 39.36 66.99
C LEU P 235 17.40 38.80 66.90
N THR P 236 17.55 37.74 66.14
CA THR P 236 18.77 36.96 66.25
C THR P 236 19.80 37.40 65.21
N PRO P 237 21.09 37.24 65.50
CA PRO P 237 22.11 37.41 64.45
C PRO P 237 22.21 36.19 63.55
N SER P 238 23.21 36.21 62.66
CA SER P 238 23.57 35.16 61.69
C SER P 238 22.50 34.91 60.63
N ASN P 239 21.44 35.71 60.63
CA ASN P 239 20.51 35.80 59.52
C ASN P 239 20.15 37.23 59.15
N ILE P 240 20.42 38.20 60.02
CA ILE P 240 20.39 39.60 59.61
C ILE P 240 21.55 39.87 58.66
N ARG P 241 22.64 39.12 58.80
CA ARG P 241 23.72 39.14 57.82
C ARG P 241 23.27 38.63 56.46
N SER P 242 22.20 37.84 56.39
CA SER P 242 21.56 37.49 55.14
C SER P 242 20.31 38.31 54.87
N LEU P 243 19.75 38.99 55.87
CA LEU P 243 18.63 39.88 55.62
C LEU P 243 19.07 41.17 54.94
N CYS P 244 20.34 41.54 55.08
CA CYS P 244 20.90 42.62 54.28
C CYS P 244 21.44 42.13 52.94
N GLU P 245 21.55 40.82 52.76
CA GLU P 245 21.94 40.29 51.46
C GLU P 245 20.86 40.46 50.41
N VAL P 246 19.61 40.66 50.80
CA VAL P 246 18.63 41.03 49.78
C VAL P 246 18.80 42.49 49.39
N LEU P 247 19.41 43.30 50.25
CA LEU P 247 19.68 44.70 49.94
C LEU P 247 21.01 44.89 49.22
N VAL P 248 21.82 43.84 49.10
CA VAL P 248 22.88 43.82 48.11
C VAL P 248 22.43 43.15 46.83
N TYR P 249 21.24 42.56 46.84
CA TYR P 249 20.59 42.08 45.63
C TYR P 249 19.64 43.12 45.05
N ASP P 250 18.99 43.90 45.91
CA ASP P 250 18.17 45.02 45.48
C ASP P 250 19.01 46.25 45.15
N ASP P 251 20.33 46.16 45.34
CA ASP P 251 21.31 47.21 45.06
C ASP P 251 20.98 48.49 45.84
N LYS P 252 20.53 48.33 47.07
CA LYS P 252 20.34 49.46 47.95
C LYS P 252 21.52 49.65 48.89
N LEU P 253 22.43 48.69 48.95
CA LEU P 253 23.69 48.81 49.67
C LEU P 253 24.67 47.81 49.07
N GLU P 254 25.95 48.15 49.13
CA GLU P 254 27.01 47.30 48.62
C GLU P 254 27.82 46.72 49.78
N LYS P 255 28.54 45.65 49.49
CA LYS P 255 29.41 45.06 50.49
C LYS P 255 30.78 45.73 50.46
N VAL P 256 31.46 45.69 51.60
CA VAL P 256 32.77 46.30 51.73
C VAL P 256 33.50 45.57 52.85
N THR P 257 34.84 45.46 52.70
CA THR P 257 35.78 44.89 53.69
C THR P 257 35.43 43.45 54.06
N HIS P 258 34.82 42.70 53.14
CA HIS P 258 34.64 41.25 53.13
C HIS P 258 33.63 40.74 54.16
N ASP P 259 33.22 41.60 55.10
CA ASP P 259 32.25 41.22 56.14
C ASP P 259 31.28 42.33 56.47
N CYS P 260 31.31 43.45 55.74
CA CYS P 260 30.55 44.63 56.09
C CYS P 260 29.79 45.16 54.88
N TYR P 261 28.93 46.13 55.13
CA TYR P 261 27.99 46.63 54.13
C TYR P 261 27.83 48.13 54.28
N ARG P 262 27.62 48.81 53.15
CA ARG P 262 27.41 50.26 53.13
C ARG P 262 26.53 50.63 51.95
N VAL P 263 25.79 51.72 52.12
CA VAL P 263 24.72 52.09 51.17
C VAL P 263 25.34 52.70 49.92
N THR P 264 24.90 52.23 48.76
CA THR P 264 25.33 52.74 47.47
C THR P 264 24.81 54.16 47.26
N LEU P 265 25.39 54.82 46.26
CA LEU P 265 24.99 56.19 45.95
C LEU P 265 23.64 56.23 45.24
N GLU P 266 23.34 55.22 44.42
CA GLU P 266 22.20 55.30 43.53
C GLU P 266 20.89 55.14 44.28
N SER P 267 20.91 54.39 45.39
CA SER P 267 19.69 54.21 46.17
C SER P 267 19.32 55.43 46.99
N ILE P 268 20.23 56.38 47.15
CA ILE P 268 19.93 57.62 47.85
C ILE P 268 18.98 58.48 47.04
N LEU P 269 18.91 58.26 45.73
CA LEU P 269 18.19 59.09 44.79
C LEU P 269 16.69 58.79 44.73
N GLN P 270 16.14 58.20 45.78
CA GLN P 270 14.72 57.87 45.87
C GLN P 270 13.88 59.03 46.41
N MET P 271 14.41 60.25 46.46
CA MET P 271 13.66 61.36 47.02
C MET P 271 12.53 61.84 46.12
N ASN P 272 12.49 61.42 44.87
CA ASN P 272 11.41 61.81 43.96
C ASN P 272 10.75 60.59 43.33
N LYS P 283 17.64 72.80 36.99
CA LYS P 283 18.54 71.67 36.83
C LYS P 283 18.42 71.08 35.43
N ALA P 284 19.47 71.23 34.63
CA ALA P 284 19.51 70.67 33.28
C ALA P 284 19.65 69.16 33.38
N LEU P 285 18.62 68.44 32.94
CA LEU P 285 18.63 66.99 33.02
C LEU P 285 19.60 66.42 31.99
N GLU P 286 20.31 65.36 32.39
CA GLU P 286 21.34 64.79 31.54
C GLU P 286 20.72 64.03 30.36
N ASP P 287 21.59 63.73 29.38
CA ASP P 287 21.16 63.21 28.09
C ASP P 287 20.99 61.69 28.15
N GLU P 288 19.91 61.28 28.82
CA GLU P 288 19.48 59.87 28.94
C GLU P 288 20.58 59.03 29.59
N GLU P 289 20.76 59.27 30.88
CA GLU P 289 21.36 58.23 31.69
C GLU P 289 20.37 57.09 31.82
N GLU P 290 20.87 55.86 31.73
CA GLU P 290 19.97 54.73 31.89
C GLU P 290 19.64 54.50 33.35
N PHE P 291 20.51 54.96 34.24
CA PHE P 291 20.46 54.59 35.65
C PHE P 291 19.43 55.38 36.43
N SER P 292 18.82 56.41 35.84
CA SER P 292 17.72 57.11 36.49
C SER P 292 16.43 56.57 35.88
N ILE P 293 16.06 55.36 36.31
CA ILE P 293 14.84 54.72 35.84
C ILE P 293 13.60 55.28 36.51
N PHE P 294 13.77 56.07 37.56
CA PHE P 294 12.67 56.47 38.43
C PHE P 294 11.97 57.74 37.97
N ASN P 295 12.66 58.62 37.26
CA ASN P 295 12.15 59.93 36.93
C ASN P 295 11.77 60.09 35.46
N TYR P 296 11.99 59.07 34.64
CA TYR P 296 11.57 59.14 33.25
C TYR P 296 10.06 59.00 33.15
N PHE P 297 9.45 59.88 32.40
CA PHE P 297 8.01 60.05 32.44
C PHE P 297 7.32 59.11 31.45
N LYS P 298 6.04 59.35 31.21
CA LYS P 298 5.20 58.53 30.37
C LYS P 298 4.72 59.38 29.20
N MET P 299 3.79 58.83 28.43
CA MET P 299 3.21 59.57 27.32
C MET P 299 1.80 59.05 27.04
N PHE P 300 0.86 60.00 26.87
CA PHE P 300 -0.47 59.68 26.37
C PHE P 300 -0.33 59.05 24.99
N PRO P 301 -1.20 58.07 24.63
CA PRO P 301 -0.85 57.11 23.57
C PRO P 301 -0.64 57.68 22.18
N ALA P 302 0.62 57.66 21.75
CA ALA P 302 1.04 57.95 20.39
C ALA P 302 1.48 56.65 19.73
N SER P 303 1.99 56.76 18.51
CA SER P 303 2.31 55.57 17.73
C SER P 303 3.79 55.23 17.72
N LYS P 304 4.66 56.17 18.04
CA LYS P 304 6.10 56.02 17.82
C LYS P 304 6.82 55.58 19.08
N HIS P 305 6.20 54.74 19.89
CA HIS P 305 6.82 54.25 21.11
C HIS P 305 7.48 52.91 20.87
N ASP P 306 8.34 52.53 21.80
CA ASP P 306 9.01 51.24 21.72
C ASP P 306 8.91 50.54 23.06
N LYS P 307 8.54 49.27 23.03
CA LYS P 307 8.40 48.47 24.23
C LYS P 307 9.39 47.33 24.17
N GLU P 308 9.68 46.75 25.33
CA GLU P 308 10.68 45.69 25.35
C GLU P 308 10.12 44.41 24.76
N VAL P 309 8.82 44.16 24.94
CA VAL P 309 8.30 42.84 24.62
C VAL P 309 8.15 42.62 23.12
N VAL P 310 8.03 43.69 22.31
CA VAL P 310 7.44 43.66 20.97
C VAL P 310 8.16 42.69 20.04
N TYR P 311 9.44 42.45 20.29
CA TYR P 311 10.16 41.39 19.60
C TYR P 311 9.90 40.06 20.32
N PHE P 312 8.63 39.64 20.27
CA PHE P 312 8.22 38.35 20.82
C PHE P 312 7.61 37.49 19.72
N PHE Q 36 -1.66 45.97 21.88
CA PHE Q 36 -1.42 44.60 22.35
C PHE Q 36 -0.11 44.33 23.14
N PRO Q 37 1.04 44.94 22.81
CA PRO Q 37 2.19 44.79 23.70
C PRO Q 37 2.05 45.67 24.95
N SER Q 38 3.00 45.47 25.86
CA SER Q 38 3.13 46.30 27.05
C SER Q 38 4.60 46.32 27.44
N ILE Q 39 4.89 46.73 28.68
CA ILE Q 39 6.23 46.78 29.28
C ILE Q 39 7.15 47.68 28.46
N PRO Q 40 7.00 49.00 28.51
CA PRO Q 40 7.82 49.86 27.66
C PRO Q 40 9.19 50.10 28.25
N LEU Q 41 10.15 50.29 27.34
CA LEU Q 41 11.43 50.86 27.73
C LEU Q 41 11.20 52.30 28.18
N PRO Q 42 11.95 52.81 29.15
CA PRO Q 42 11.68 54.15 29.68
C PRO Q 42 12.16 55.29 28.81
N ILE Q 43 12.60 55.04 27.58
CA ILE Q 43 13.18 56.09 26.74
C ILE Q 43 12.02 56.76 26.01
N ASN Q 44 11.31 57.60 26.75
CA ASN Q 44 10.09 58.24 26.25
C ASN Q 44 9.93 59.57 26.98
N GLY Q 45 8.91 60.32 26.57
CA GLY Q 45 8.51 61.50 27.28
C GLY Q 45 9.07 62.78 26.69
N PRO Q 46 9.89 63.49 27.48
CA PRO Q 46 10.35 64.83 27.07
C PRO Q 46 11.42 64.82 25.99
N ILE Q 47 11.94 66.01 25.68
CA ILE Q 47 12.93 66.17 24.63
C ILE Q 47 14.25 66.65 25.25
N THR Q 48 14.16 67.34 26.39
CA THR Q 48 15.30 67.81 27.20
C THR Q 48 16.29 68.68 26.42
N ASN Q 49 15.80 69.36 25.36
CA ASN Q 49 16.41 70.42 24.55
C ASN Q 49 17.88 70.22 24.16
N LYS Q 50 18.33 68.99 24.15
CA LYS Q 50 19.64 68.54 23.71
C LYS Q 50 19.52 67.37 22.75
N GLU Q 51 18.55 66.48 22.99
CA GLU Q 51 18.09 65.56 21.96
C GLU Q 51 17.52 66.34 20.78
N ARG Q 52 16.88 67.47 21.05
CA ARG Q 52 16.45 68.38 20.00
C ARG Q 52 17.64 68.90 19.20
N SER Q 53 18.77 69.16 19.86
CA SER Q 53 19.98 69.48 19.13
C SER Q 53 20.51 68.28 18.38
N LEU Q 54 20.29 67.07 18.89
CA LEU Q 54 20.77 65.87 18.23
C LEU Q 54 19.94 65.56 16.98
N ALA Q 55 18.61 65.69 17.08
CA ALA Q 55 17.73 65.20 16.03
C ALA Q 55 17.84 66.02 14.76
N VAL Q 56 18.11 67.32 14.89
CA VAL Q 56 18.27 68.19 13.73
C VAL Q 56 19.56 67.84 12.98
N LYS Q 57 20.56 67.32 13.69
CA LYS Q 57 21.76 66.83 13.02
C LYS Q 57 21.46 65.59 12.18
N TYR Q 58 20.51 64.75 12.63
CA TYR Q 58 20.11 63.60 11.85
C TYR Q 58 19.32 64.00 10.61
N ILE Q 59 18.39 64.94 10.77
CA ILE Q 59 17.47 65.29 9.70
C ILE Q 59 18.20 66.00 8.58
N ASN Q 60 19.07 66.94 8.92
CA ASN Q 60 19.84 67.62 7.89
C ASN Q 60 20.94 66.75 7.30
N PHE Q 61 21.40 65.73 8.03
CA PHE Q 61 22.18 64.70 7.37
C PHE Q 61 21.28 63.84 6.49
N GLY Q 62 20.05 63.59 6.95
CA GLY Q 62 19.12 62.78 6.20
C GLY Q 62 18.65 63.43 4.92
N LYS Q 63 18.79 64.74 4.79
CA LYS Q 63 18.48 65.45 3.56
C LYS Q 63 19.73 65.89 2.82
N THR Q 64 20.87 65.27 3.09
CA THR Q 64 22.12 65.60 2.41
C THR Q 64 22.56 64.50 1.48
N VAL Q 65 22.51 63.23 1.90
CA VAL Q 65 22.71 62.15 0.96
C VAL Q 65 21.45 61.90 0.14
N LYS Q 66 20.29 62.05 0.77
CA LYS Q 66 19.03 62.07 0.04
C LYS Q 66 18.86 63.44 -0.60
N ASP Q 67 18.56 63.44 -1.89
CA ASP Q 67 18.62 64.62 -2.76
C ASP Q 67 19.99 65.29 -2.62
N GLY Q 68 21.01 64.55 -3.02
CA GLY Q 68 22.38 65.00 -2.89
C GLY Q 68 23.24 64.58 -4.05
N PRO Q 69 24.45 64.09 -3.76
CA PRO Q 69 25.39 63.77 -4.84
C PRO Q 69 25.01 62.53 -5.62
N PHE Q 70 24.32 61.60 -4.99
CA PHE Q 70 23.88 60.34 -5.57
C PHE Q 70 22.86 59.73 -4.62
N TYR Q 71 21.81 59.15 -5.19
CA TYR Q 71 20.74 58.66 -4.35
C TYR Q 71 20.43 57.21 -4.67
N THR Q 72 20.55 56.84 -5.94
CA THR Q 72 20.20 55.52 -6.50
C THR Q 72 18.74 55.18 -6.17
N GLY Q 73 17.85 55.96 -6.77
CA GLY Q 73 16.45 55.94 -6.43
C GLY Q 73 15.71 54.66 -6.82
N SER Q 74 14.40 54.74 -6.67
CA SER Q 74 13.54 53.56 -6.77
C SER Q 74 13.40 53.13 -8.23
N MET Q 75 13.74 51.88 -8.50
CA MET Q 75 13.65 51.30 -9.83
C MET Q 75 12.20 51.13 -10.29
N SER Q 76 30.79 63.49 -9.12
CA SER Q 76 31.50 64.63 -8.56
C SER Q 76 33.00 64.53 -8.82
N LEU Q 77 33.70 63.83 -7.93
CA LEU Q 77 35.14 63.66 -8.05
C LEU Q 77 35.56 62.35 -7.41
N ILE Q 78 35.72 61.31 -8.21
CA ILE Q 78 36.07 59.99 -7.71
C ILE Q 78 37.53 59.93 -7.25
N ILE Q 79 37.88 58.90 -6.50
CA ILE Q 79 39.22 58.77 -5.97
C ILE Q 79 40.01 57.69 -6.70
N ASP Q 80 39.45 57.19 -7.80
CA ASP Q 80 40.07 56.20 -8.71
C ASP Q 80 40.53 54.92 -8.00
N GLN Q 81 41.63 55.03 -7.25
CA GLN Q 81 42.07 53.93 -6.39
C GLN Q 81 41.12 53.83 -5.22
N GLN Q 82 41.11 52.66 -4.58
CA GLN Q 82 40.17 52.29 -3.50
C GLN Q 82 38.73 52.48 -3.94
N GLU Q 83 38.41 51.92 -5.11
CA GLU Q 83 37.06 51.93 -5.63
C GLU Q 83 36.90 50.78 -6.61
N ASN Q 84 37.84 49.83 -6.54
CA ASN Q 84 37.90 48.62 -7.36
C ASN Q 84 37.88 48.92 -8.85
N SER Q 85 39.07 49.02 -9.45
CA SER Q 85 39.23 49.46 -10.83
C SER Q 85 38.71 48.48 -11.88
N LYS Q 86 38.35 47.27 -11.46
CA LYS Q 86 37.74 46.29 -12.34
C LYS Q 86 36.33 46.74 -12.73
N SER Q 87 35.69 47.49 -11.85
CA SER Q 87 34.37 48.03 -12.13
C SER Q 87 34.41 49.54 -12.25
N GLY Q 88 35.44 50.04 -12.91
CA GLY Q 88 35.66 51.49 -13.02
C GLY Q 88 35.14 52.03 -14.33
N LYS Q 89 34.31 51.23 -15.01
CA LYS Q 89 33.75 51.64 -16.29
C LYS Q 89 32.69 52.70 -16.12
N ARG Q 90 31.73 52.44 -15.24
CA ARG Q 90 30.62 53.35 -15.03
C ARG Q 90 31.02 54.57 -14.21
N LYS Q 91 32.02 54.40 -13.35
CA LYS Q 91 32.42 55.45 -12.43
C LYS Q 91 33.30 56.48 -13.12
N PRO Q 92 33.86 56.12 -14.26
CA PRO Q 92 34.82 56.97 -14.98
C PRO Q 92 34.14 58.21 -15.59
N ASN Q 93 32.86 58.10 -15.87
CA ASN Q 93 32.09 59.23 -16.40
C ASN Q 93 31.03 59.68 -15.41
N ILE Q 94 31.08 59.13 -14.19
CA ILE Q 94 30.11 59.47 -13.16
C ILE Q 94 30.54 60.72 -12.39
N ILE Q 95 31.72 61.25 -12.72
CA ILE Q 95 32.22 62.46 -12.09
C ILE Q 95 31.63 63.71 -12.75
N LEU Q 96 32.10 64.87 -12.31
CA LEU Q 96 31.68 66.18 -12.80
C LEU Q 96 30.17 66.41 -12.74
N ASP Q 97 18.58 71.76 -13.32
CA ASP Q 97 18.28 73.01 -14.01
C ASP Q 97 17.33 72.78 -15.16
N GLU Q 98 16.58 71.68 -15.10
CA GLU Q 98 15.66 71.31 -16.17
C GLU Q 98 14.40 72.18 -16.16
N ASP Q 99 14.12 72.78 -15.01
CA ASP Q 99 12.94 73.63 -14.86
C ASP Q 99 13.13 74.94 -15.61
N ASP Q 100 14.39 75.36 -15.75
CA ASP Q 100 14.71 76.56 -16.51
C ASP Q 100 14.56 76.28 -18.00
N THR Q 101 14.91 75.06 -18.40
CA THR Q 101 14.82 74.66 -19.80
C THR Q 101 13.37 74.48 -20.23
N ASN Q 102 12.56 73.94 -19.31
CA ASN Q 102 11.15 73.68 -19.60
C ASN Q 102 10.32 74.95 -19.56
N ASP Q 103 10.86 76.01 -18.95
CA ASP Q 103 10.19 77.29 -18.88
C ASP Q 103 10.27 77.99 -20.23
N GLY Q 104 11.29 77.65 -21.01
CA GLY Q 104 11.46 78.22 -22.33
C GLY Q 104 10.92 77.27 -23.41
N ILE Q 105 10.85 75.98 -23.06
CA ILE Q 105 10.35 74.97 -23.98
C ILE Q 105 8.83 74.84 -23.86
N GLU Q 106 8.26 75.58 -22.91
CA GLU Q 106 6.81 75.68 -22.79
C GLU Q 106 6.27 76.54 -23.92
N ARG Q 107 7.12 77.43 -24.42
CA ARG Q 107 6.82 78.22 -25.60
C ARG Q 107 6.80 77.32 -26.84
N TYR Q 108 7.58 76.25 -26.79
CA TYR Q 108 7.59 75.28 -27.88
C TYR Q 108 6.37 74.36 -27.80
N SER Q 109 5.77 74.26 -26.61
CA SER Q 109 4.58 73.45 -26.33
C SER Q 109 4.73 71.99 -26.74
N ASP Q 110 5.50 71.23 -25.96
CA ASP Q 110 5.81 69.86 -26.29
C ASP Q 110 4.60 68.94 -26.13
N LYS Q 111 4.54 67.90 -26.96
CA LYS Q 111 3.45 66.94 -26.91
C LYS Q 111 3.95 65.61 -26.38
N TYR Q 112 5.16 65.60 -25.84
CA TYR Q 112 5.73 64.39 -25.27
C TYR Q 112 5.03 64.05 -23.96
N LEU Q 113 5.14 62.79 -23.56
CA LEU Q 113 4.40 62.29 -22.40
C LEU Q 113 4.91 62.84 -21.08
N LYS Q 114 6.05 62.34 -20.63
CA LYS Q 114 6.62 62.72 -19.34
C LYS Q 114 7.11 64.17 -19.35
N GLU R 9 -25.95 3.60 44.54
CA GLU R 9 -26.90 2.74 43.84
C GLU R 9 -26.34 2.28 42.51
N LEU R 10 -27.22 1.75 41.66
CA LEU R 10 -26.78 1.28 40.35
C LEU R 10 -26.57 2.45 39.39
N ASP R 11 -27.48 3.41 39.40
CA ASP R 11 -27.36 4.56 38.50
C ASP R 11 -26.20 5.46 38.89
N ILE R 12 -25.97 5.61 40.20
CA ILE R 12 -24.80 6.32 40.68
C ILE R 12 -23.54 5.56 40.28
N GLU R 13 -23.59 4.23 40.28
CA GLU R 13 -22.45 3.45 39.81
C GLU R 13 -22.23 3.63 38.32
N ARG R 14 -23.30 3.81 37.55
CA ARG R 14 -23.17 4.06 36.11
C ARG R 14 -22.54 5.42 35.84
N VAL R 15 -23.02 6.45 36.52
CA VAL R 15 -22.47 7.79 36.29
C VAL R 15 -21.08 7.92 36.87
N ASN R 16 -20.70 7.04 37.80
CA ASN R 16 -19.29 7.01 38.19
C ASN R 16 -18.45 6.21 37.21
N GLN R 17 -19.02 5.19 36.56
CA GLN R 17 -18.32 4.52 35.48
C GLN R 17 -18.13 5.43 34.27
N THR R 18 -18.96 6.46 34.14
CA THR R 18 -18.73 7.46 33.09
C THR R 18 -17.46 8.26 33.37
N LEU R 19 -17.31 8.75 34.60
CA LEU R 19 -16.34 9.80 34.91
C LEU R 19 -14.97 9.27 35.30
N ASN R 20 -14.65 8.02 35.03
CA ASN R 20 -13.35 7.46 35.36
C ASN R 20 -12.78 6.79 34.13
N PHE R 21 -11.80 7.42 33.48
CA PHE R 21 -11.26 6.83 32.27
C PHE R 21 -9.86 7.37 32.02
N GLU R 22 -9.28 6.95 30.89
CA GLU R 22 -7.91 7.29 30.56
C GLU R 22 -7.74 7.20 29.06
N THR R 23 -7.22 8.24 28.46
CA THR R 23 -7.02 8.30 27.03
C THR R 23 -5.51 8.16 26.79
N ASN R 24 -5.05 8.40 25.57
CA ASN R 24 -3.62 8.37 25.27
C ASN R 24 -2.92 9.50 26.02
N ASP R 25 -2.16 9.12 27.05
CA ASP R 25 -1.34 10.01 27.89
C ASP R 25 -2.18 11.04 28.64
N CYS R 26 -3.29 10.60 29.21
CA CYS R 26 -3.99 11.34 30.25
C CYS R 26 -4.88 10.35 31.00
N LYS R 27 -5.05 10.60 32.29
CA LYS R 27 -5.81 9.72 33.18
C LYS R 27 -6.71 10.57 34.04
N ILE R 28 -8.01 10.54 33.77
CA ILE R 28 -8.97 11.33 34.51
C ILE R 28 -9.71 10.44 35.50
N VAL R 29 -9.66 10.83 36.76
CA VAL R 29 -10.34 10.12 37.83
C VAL R 29 -11.18 11.11 38.62
N GLY R 30 -12.48 10.95 38.54
CA GLY R 30 -13.40 11.79 39.29
C GLY R 30 -14.72 11.05 39.37
N SER R 31 -15.57 11.52 40.26
CA SER R 31 -16.87 10.89 40.46
C SER R 31 -17.80 11.89 41.10
N CYS R 32 -19.05 11.45 41.27
CA CYS R 32 -20.08 12.18 41.98
C CYS R 32 -20.59 11.33 43.13
N ASP R 33 -20.96 11.98 44.22
CA ASP R 33 -21.57 11.28 45.34
C ASP R 33 -22.50 12.24 46.08
N ILE R 34 -23.56 11.67 46.64
CA ILE R 34 -24.65 12.41 47.27
C ILE R 34 -24.86 11.84 48.66
N PHE R 35 -24.82 12.71 49.68
CA PHE R 35 -24.95 12.26 51.04
C PHE R 35 -25.40 13.42 51.91
N THR R 36 -26.20 13.12 52.92
CA THR R 36 -26.68 14.14 53.85
C THR R 36 -25.76 14.32 55.06
N THR R 37 -24.80 13.44 55.26
CA THR R 37 -23.90 13.53 56.40
C THR R 37 -22.63 14.32 56.05
N SER R 103 -24.94 31.68 54.61
CA SER R 103 -23.80 30.91 54.11
C SER R 103 -22.66 30.92 55.12
N ARG R 104 -22.98 31.20 56.38
CA ARG R 104 -21.95 31.28 57.41
C ARG R 104 -21.65 29.91 58.00
N LYS R 105 -22.67 29.08 58.18
CA LYS R 105 -22.49 27.78 58.81
C LYS R 105 -22.02 26.71 57.84
N ILE R 106 -22.16 26.94 56.53
CA ILE R 106 -21.77 25.92 55.55
C ILE R 106 -20.29 25.93 55.24
N PHE R 107 -19.55 26.94 55.71
CA PHE R 107 -18.11 27.00 55.45
C PHE R 107 -17.37 25.86 56.11
N ALA R 108 -17.85 25.38 57.26
CA ALA R 108 -17.29 24.19 57.87
C ALA R 108 -17.93 22.91 57.35
N TYR R 109 -19.12 23.02 56.75
CA TYR R 109 -19.83 21.82 56.31
C TYR R 109 -19.21 21.22 55.06
N LEU R 110 -18.43 21.98 54.32
CA LEU R 110 -17.78 21.50 53.11
C LEU R 110 -16.33 21.11 53.33
N ILE R 111 -15.65 21.72 54.30
CA ILE R 111 -14.27 21.33 54.54
C ILE R 111 -14.18 19.96 55.19
N ALA R 112 -15.24 19.50 55.85
CA ALA R 112 -15.27 18.12 56.30
C ALA R 112 -15.41 17.16 55.12
N ILE R 113 -16.16 17.56 54.10
CA ILE R 113 -16.26 16.77 52.88
C ILE R 113 -14.90 16.73 52.19
N LEU R 114 -14.17 17.84 52.25
CA LEU R 114 -12.84 17.87 51.66
C LEU R 114 -11.84 17.03 52.45
N ASN R 115 -11.97 17.03 53.78
CA ASN R 115 -11.10 16.21 54.62
C ASN R 115 -11.36 14.73 54.40
N ALA R 116 -12.63 14.33 54.35
CA ALA R 116 -12.96 12.94 54.09
C ALA R 116 -12.66 12.55 52.65
N SER R 117 -12.68 13.52 51.74
CA SER R 117 -12.37 13.24 50.35
C SER R 117 -10.87 13.03 50.15
N TYR R 118 -10.05 13.71 50.95
CA TYR R 118 -8.60 13.59 50.87
C TYR R 118 -8.04 13.61 52.27
N PRO R 119 -7.89 12.43 52.90
CA PRO R 119 -7.47 12.36 54.31
C PRO R 119 -5.96 12.47 54.51
N ASP R 120 -5.35 13.41 53.81
CA ASP R 120 -3.94 13.71 53.98
C ASP R 120 -3.64 15.20 53.92
N HIS R 121 -4.66 16.04 53.78
CA HIS R 121 -4.49 17.49 53.79
C HIS R 121 -5.54 18.07 54.72
N ASP R 122 -5.13 18.97 55.59
CA ASP R 122 -6.08 19.67 56.44
C ASP R 122 -6.81 20.72 55.61
N PHE R 123 -8.10 20.86 55.84
CA PHE R 123 -8.87 21.89 55.17
C PHE R 123 -9.56 22.84 56.13
N SER R 124 -9.20 22.75 57.41
CA SER R 124 -9.53 23.79 58.38
C SER R 124 -8.61 25.00 58.27
N SER R 125 -7.55 24.91 57.46
CA SER R 125 -6.61 26.01 57.33
C SER R 125 -7.19 27.13 56.48
N VAL R 126 -7.56 26.83 55.25
CA VAL R 126 -8.01 27.86 54.30
C VAL R 126 -9.51 28.02 54.53
N GLU R 127 -9.86 28.86 55.51
CA GLU R 127 -11.25 29.16 55.80
C GLU R 127 -11.84 30.21 54.86
N PRO R 128 -11.20 31.40 54.61
CA PRO R 128 -11.87 32.31 53.65
C PRO R 128 -11.47 32.00 52.20
N THR R 129 -11.87 30.81 51.74
CA THR R 129 -11.42 30.33 50.44
C THR R 129 -12.21 30.97 49.31
N ASP R 130 -11.93 30.50 48.10
CA ASP R 130 -12.56 31.01 46.89
C ASP R 130 -13.67 30.06 46.49
N PHE R 131 -14.84 30.26 47.07
CA PHE R 131 -16.06 29.58 46.65
C PHE R 131 -16.77 30.50 45.66
N VAL R 132 -16.50 30.29 44.39
CA VAL R 132 -17.11 31.10 43.35
C VAL R 132 -18.57 30.68 43.19
N LYS R 133 -19.46 31.46 43.79
CA LYS R 133 -20.87 31.13 43.83
C LYS R 133 -21.50 31.39 42.48
N THR R 134 -21.21 30.55 41.49
CA THR R 134 -21.61 30.77 40.11
C THR R 134 -22.90 30.02 39.81
N SER R 135 -23.45 30.30 38.64
CA SER R 135 -24.66 29.61 38.21
C SER R 135 -24.36 28.17 37.87
N LEU R 136 -25.28 27.29 38.25
CA LEU R 136 -25.11 25.87 37.98
C LEU R 136 -25.22 25.57 36.50
N LYS R 137 -25.97 26.38 35.76
CA LYS R 137 -26.06 26.20 34.32
C LYS R 137 -24.74 26.53 33.65
N THR R 138 -24.08 27.58 34.13
CA THR R 138 -22.74 27.93 33.65
C THR R 138 -21.74 26.85 34.02
N PHE R 139 -21.93 26.19 35.17
CA PHE R 139 -21.01 25.13 35.56
C PHE R 139 -21.21 23.89 34.70
N ILE R 140 -22.45 23.47 34.51
CA ILE R 140 -22.68 22.26 33.72
C ILE R 140 -22.41 22.51 32.25
N SER R 141 -22.40 23.77 31.81
CA SER R 141 -22.00 24.11 30.46
C SER R 141 -20.57 23.65 30.19
N LYS R 142 -19.59 24.18 30.93
CA LYS R 142 -18.22 23.75 30.68
C LYS R 142 -17.94 22.37 31.24
N PHE R 143 -18.78 21.87 32.15
CA PHE R 143 -18.66 20.48 32.55
C PHE R 143 -19.05 19.54 31.42
N GLU R 144 -19.96 19.97 30.56
CA GLU R 144 -20.28 19.21 29.37
C GLU R 144 -19.26 19.47 28.26
N ASN R 145 -18.74 20.70 28.21
CA ASN R 145 -17.75 21.07 27.20
C ASN R 145 -16.45 20.31 27.38
N THR R 146 -16.04 20.05 28.62
CA THR R 146 -14.83 19.27 28.80
C THR R 146 -15.01 17.80 28.46
N LEU R 147 -16.23 17.27 28.52
CA LEU R 147 -16.46 15.92 28.05
C LEU R 147 -16.54 15.86 26.53
N TYR R 148 -16.98 16.93 25.88
CA TYR R 148 -16.74 17.02 24.45
C TYR R 148 -15.24 17.10 24.17
N SER R 149 -14.52 17.86 24.98
CA SER R 149 -13.09 18.10 24.81
C SER R 149 -12.21 16.93 25.17
N LEU R 150 -12.77 15.86 25.75
CA LEU R 150 -12.01 14.67 26.05
C LEU R 150 -12.50 13.46 25.25
N GLY R 151 -13.21 13.68 24.15
CA GLY R 151 -13.65 12.61 23.30
C GLY R 151 -14.66 11.66 23.92
N ARG R 152 -15.54 12.18 24.77
CA ARG R 152 -16.43 11.32 25.53
C ARG R 152 -17.84 11.24 24.93
N GLN R 153 -18.31 12.31 24.25
CA GLN R 153 -19.70 12.47 23.79
C GLN R 153 -20.61 12.31 25.00
N PRO R 154 -20.72 13.35 25.82
CA PRO R 154 -21.38 13.23 27.13
C PRO R 154 -22.84 12.84 27.05
N GLU R 155 -23.20 11.83 27.82
CA GLU R 155 -24.52 11.22 27.74
C GLU R 155 -25.48 11.94 28.67
N GLU R 156 -26.63 12.34 28.12
CA GLU R 156 -27.49 13.32 28.76
C GLU R 156 -28.22 12.77 29.98
N TRP R 157 -28.53 11.47 30.01
CA TRP R 157 -29.29 10.85 31.08
C TRP R 157 -28.63 11.01 32.44
N VAL R 158 -27.31 11.12 32.46
CA VAL R 158 -26.54 11.44 33.67
C VAL R 158 -27.11 12.66 34.37
N TRP R 159 -27.37 13.73 33.61
CA TRP R 159 -27.87 14.95 34.23
C TRP R 159 -29.32 14.83 34.68
N GLU R 160 -30.05 13.82 34.26
CA GLU R 160 -31.32 13.56 34.94
C GLU R 160 -31.13 12.71 36.19
N VAL R 161 -30.17 11.79 36.16
CA VAL R 161 -29.96 10.88 37.28
C VAL R 161 -29.52 11.64 38.51
N ILE R 162 -28.54 12.54 38.35
CA ILE R 162 -28.15 13.42 39.43
C ILE R 162 -29.25 14.41 39.76
N ASN R 163 -30.17 14.67 38.82
CA ASN R 163 -31.37 15.39 39.15
C ASN R 163 -32.29 14.53 40.00
N SER R 164 -32.45 13.25 39.62
CA SER R 164 -33.48 12.38 40.19
C SER R 164 -33.23 12.05 41.65
N HIS R 165 -32.00 12.19 42.12
CA HIS R 165 -31.70 11.98 43.52
C HIS R 165 -31.70 13.26 44.32
N MET R 166 -31.64 14.42 43.66
CA MET R 166 -31.21 15.63 44.35
C MET R 166 -32.07 16.85 44.02
N THR R 167 -32.95 16.78 43.02
CA THR R 167 -33.77 17.90 42.52
C THR R 167 -32.89 19.08 42.12
N LEU R 168 -32.15 18.83 41.02
CA LEU R 168 -31.10 19.71 40.52
C LEU R 168 -31.56 21.13 40.22
N SER R 169 -32.85 21.35 40.00
CA SER R 169 -33.34 22.64 39.52
C SER R 169 -33.20 23.73 40.57
N ASP R 170 -33.77 23.52 41.75
CA ASP R 170 -33.93 24.57 42.75
C ASP R 170 -32.78 24.64 43.75
N CYS R 171 -31.56 24.31 43.35
CA CYS R 171 -30.45 24.22 44.28
C CYS R 171 -29.29 25.09 43.83
N VAL R 172 -28.40 25.40 44.77
CA VAL R 172 -27.32 26.34 44.56
C VAL R 172 -26.01 25.54 44.46
N LEU R 173 -25.05 26.12 43.72
CA LEU R 173 -23.78 25.47 43.43
C LEU R 173 -22.63 26.27 44.03
N PHE R 174 -21.60 25.55 44.43
CA PHE R 174 -20.37 26.11 44.96
C PHE R 174 -19.19 25.43 44.28
N GLN R 175 -18.01 26.03 44.43
CA GLN R 175 -16.83 25.51 43.74
C GLN R 175 -15.58 25.93 44.49
N TYR R 176 -14.86 24.96 45.03
CA TYR R 176 -13.55 25.22 45.63
C TYR R 176 -12.54 25.36 44.51
N SER R 177 -12.25 26.61 44.14
CA SER R 177 -11.20 26.90 43.16
C SER R 177 -10.39 28.08 43.69
N PRO R 178 -9.43 27.83 44.57
CA PRO R 178 -8.61 28.92 45.09
C PRO R 178 -7.51 29.30 44.11
N SER R 179 -6.60 30.17 44.53
CA SER R 179 -5.46 30.53 43.70
C SER R 179 -4.57 29.34 43.43
N ASN R 180 -4.05 28.72 44.48
CA ASN R 180 -3.22 27.52 44.37
C ASN R 180 -3.91 26.40 45.13
N SER R 181 -4.49 25.46 44.39
CA SER R 181 -5.15 24.31 45.01
C SER R 181 -4.12 23.34 45.57
N PHE R 182 -4.62 22.36 46.31
CA PHE R 182 -3.77 21.43 47.05
C PHE R 182 -3.31 20.25 46.21
N LEU R 183 -3.52 20.28 44.91
CA LEU R 183 -3.08 19.20 44.05
C LEU R 183 -1.91 19.61 43.15
N GLU R 184 -1.48 20.87 43.23
CA GLU R 184 -0.38 21.33 42.40
C GLU R 184 0.93 20.64 42.78
N ASP R 185 1.04 20.18 44.02
CA ASP R 185 2.21 19.46 44.48
C ASP R 185 2.13 17.97 44.18
N GLU R 186 0.97 17.48 43.74
CA GLU R 186 0.85 16.10 43.31
C GLU R 186 1.51 15.97 41.94
N PRO R 187 2.46 15.06 41.77
CA PRO R 187 3.15 14.95 40.49
C PRO R 187 2.26 14.35 39.42
N GLY R 188 2.33 14.92 38.22
CA GLY R 188 1.45 14.52 37.15
C GLY R 188 0.13 15.26 37.11
N TYR R 189 -0.05 16.27 37.95
CA TYR R 189 -1.29 17.03 37.96
C TYR R 189 -1.42 17.90 36.73
N LEU R 190 -2.61 17.91 36.14
CA LEU R 190 -2.88 18.79 35.01
C LEU R 190 -3.97 19.82 35.31
N TRP R 191 -5.18 19.40 35.65
CA TRP R 191 -6.25 20.35 35.94
C TRP R 191 -7.35 19.62 36.71
N ASN R 192 -8.24 20.40 37.31
CA ASN R 192 -9.34 19.83 38.06
C ASN R 192 -10.66 20.50 37.71
N LEU R 193 -11.74 19.90 38.19
CA LEU R 193 -13.05 20.52 38.11
C LEU R 193 -13.85 19.97 39.28
N ILE R 194 -14.06 20.79 40.30
CA ILE R 194 -14.68 20.34 41.54
C ILE R 194 -15.99 21.09 41.72
N GLY R 195 -17.08 20.35 41.86
CA GLY R 195 -18.39 20.93 41.99
C GLY R 195 -19.06 20.53 43.29
N PHE R 196 -19.56 21.52 44.02
CA PHE R 196 -20.42 21.31 45.16
C PHE R 196 -21.82 21.72 44.77
N LEU R 197 -22.82 20.96 45.20
CA LEU R 197 -24.20 21.27 44.87
C LEU R 197 -24.99 21.16 46.17
N TYR R 198 -25.18 22.30 46.85
CA TYR R 198 -25.88 22.27 48.11
C TYR R 198 -27.37 22.17 47.88
N ASN R 199 -28.03 21.35 48.71
CA ASN R 199 -29.48 21.27 48.72
C ASN R 199 -29.98 21.69 50.10
N ARG R 200 -31.15 22.31 50.10
CA ARG R 200 -31.75 22.85 51.32
C ARG R 200 -32.85 21.94 51.87
N LYS R 201 -33.78 21.53 51.03
CA LYS R 201 -34.90 20.73 51.50
C LYS R 201 -34.51 19.28 51.76
N ARG R 202 -33.47 18.79 51.09
CA ARG R 202 -33.05 17.40 51.24
C ARG R 202 -31.68 17.27 51.87
N LYS R 203 -30.95 18.38 52.01
CA LYS R 203 -29.59 18.44 52.58
C LYS R 203 -28.62 17.53 51.84
N ARG R 204 -28.83 17.38 50.54
CA ARG R 204 -28.08 16.42 49.73
C ARG R 204 -27.02 17.19 48.95
N VAL R 205 -25.78 17.11 49.43
CA VAL R 205 -24.66 17.74 48.77
C VAL R 205 -23.95 16.71 47.90
N ALA R 206 -23.87 16.98 46.60
CA ALA R 206 -23.07 16.16 45.72
C ALA R 206 -21.67 16.75 45.62
N TYR R 207 -20.68 15.87 45.60
CA TYR R 207 -19.29 16.30 45.47
C TYR R 207 -18.80 15.79 44.13
N LEU R 208 -19.09 16.57 43.10
CA LEU R 208 -18.71 16.22 41.73
C LEU R 208 -17.29 16.71 41.49
N TYR R 209 -16.37 15.78 41.24
CA TYR R 209 -14.98 16.14 41.10
C TYR R 209 -14.35 15.38 39.95
N LEU R 210 -13.48 16.08 39.23
CA LEU R 210 -12.76 15.52 38.10
C LEU R 210 -11.31 15.91 38.23
N ILE R 211 -10.43 14.93 38.31
CA ILE R 211 -9.00 15.16 38.46
C ILE R 211 -8.32 14.55 37.25
N CYS R 212 -7.80 15.39 36.37
CA CYS R 212 -7.07 14.92 35.21
C CYS R 212 -5.60 14.85 35.56
N SER R 213 -5.02 13.68 35.40
CA SER R 213 -3.61 13.46 35.68
C SER R 213 -2.92 13.06 34.38
N ARG R 214 -1.65 12.69 34.49
CA ARG R 214 -0.87 12.36 33.30
C ARG R 214 -0.05 11.13 33.61
N LEU R 215 -0.29 10.04 32.87
CA LEU R 215 0.58 8.88 32.87
C LEU R 215 0.37 8.11 31.56
#